data_9E0Z
#
_entry.id   9E0Z
#
_cell.length_a   1.00
_cell.length_b   1.00
_cell.length_c   1.00
_cell.angle_alpha   90.00
_cell.angle_beta   90.00
_cell.angle_gamma   90.00
#
_symmetry.space_group_name_H-M   'P 1'
#
loop_
_entity.id
_entity.type
_entity.pdbx_description
1 polymer 'Cytoplasmic dynein 1 heavy chain 1'
2 polymer 'Platelet-activating factor acetylhydrolase IB subunit beta'
3 non-polymer "ADENOSINE-5'-DIPHOSPHATE"
4 non-polymer "ADENOSINE-5'-TRIPHOSPHATE"
5 non-polymer 'MAGNESIUM ION'
#
loop_
_entity_poly.entity_id
_entity_poly.type
_entity_poly.pdbx_seq_one_letter_code
_entity_poly.pdbx_strand_id
1 'polypeptide(L)'
;MSEPGGGGGEDGSAGLEVSAVQNVADVSVLQKHLRKLVPLLLEDGGEAPAALEAALEEKSALEQMRKFLSDPQVHTVLVE
RSTLKEDVGDEGEEEKEFISYNINIDIHYGVKSNSLAFIKRTPVIDADKPVSSQLRVLTLSEDSPYETLHSFISNAVAPF
FKSYIRESGKADRDGDKMAPSVEKKIAELEMGLLHLQQNIEIPEISLPIHPMITNVAKQCYERGEKPKVTDFGDKVEDPT
FLNQLQSGVNRWIREIQKVTKLDRDPASGTALQEISFWLNLERALYRIQEKRESPEVLLTLDILKHGKRFHATVSFDTDT
GLKQALETVNDYNPLMKDFPLNDLLSATELDKIRQALVAIFTHLRKIRNTKYPIQRALRLVEAISRDLSSQLLKVLGTRK
LMHVAYEEFEKVMVACFEVFQTWDDEYEKLQVLLRDIVKRKREENLKMVWRINPAHRKLQARLDQMRKFRRQHEQLRAVI
VRVLRPQVTAVAQQNQGEVPEPQDMKVAEVLFDAADANAIEEVNLAYENVKEVDGLDVSKEGTEAWEAAMKRYDERIDRV
ETRITARLRDQLGTAKNANEMFRIFSRFNALFVRPHIRGAIREYQTQLIQRVKDDIESLHDKFKVQYPQSQACKMSHVRD
LPPVSGSIIWAKQIDRQLTAYMKRVEDVLGKGWENHVEGQKLKQDGDSFRMKLNTQEIFDDWARKVQQRNLGVSGRIFTI
ESTRVRGRTGNVLKLKVNFLPEIITLSKEVRNLKWLGFRVPLAIVNKAHQANQLYPFAISLIESVRTYERTCEKVEERNT
ISLLVAGLKKEVQALIAEGIALVWESYKLDPYVQRLAETVFNFQEKVDDLLIIEEKIDLEVRSLETCMYDHKTFSEILNR
VQKAVDDLNLHSYSNLPIWVNKLDMEIERILGVRLQAGLRAWTQVLLGQAEDKAEVDMDTDAPQVSHKPGGEPKIKNVVH
ELRITNQVIYLNPPIEECRYKLYQEMFAWKMVVLSLPRIQSQRYQVGVHYELTEEEKFYRNALTRMPDGPVALEESYSAV
MGIVSEVEQYVKVWLQYQCLWDMQAENIYNRLGEDLNKWQALLVQIRKARGTFDNAETKKEFGPVVIDYGKVQSKVNLKY
DSWHKEVLSKFGQMLGSNMTEFHSQISKSRQELEQHSVDTASTSDAVTFITYVQSLKRKIKQFEKQVELYRNGQRLLEKQ
RFQFPPSWLYIDNIEGEWGAFNDIMRRKDSAIQQQVANLQMKIVQEDRAVESRTTDLLTDWEKTKPVTGNLRPEEALQAL
TIYEGKFGRLKDDREKCAKAKEALELTDTGLLSGSEERVQVALEELQDLKGVWSELSKVWEQIDQMKEQPWVSVQPRKLR
QNLDALLNQLKSFPARLRQYASYEFVQRLLKGYMKINMLVIELKSEALKDRHWKQLMKRLHVNWVVSELTLGQIWDVDLQ
KNEAIVKDVLLVAQGEMALEEFLKQIREVWNTYELDLVNYQNKCRLIRGWDDLFNKVKEHINSVSAMKLSPYYKVFEEDA
LSWEDKLNRIMALFDVWIDVQRRWVYLEGIFTGSADIKHLLPVETQRFQSISTEFLALMKKVSKSPLVMDVLNIQGVQRS
LERLADLLGKIQKALGEYLERERSSFPRFYFVGDEDLLEIIGNSKNVAKLQKHFKKMFAGVSSIILNEDNSVVLGISSRE
GEEVMFKTPVSITEHPKINEWLTLVEKEMRVTLAKLLAESVTEVEIFGKATSIDPNTYITWIDKYQAQLVVLSAQIAWSE
NVETALSSMGGGGDAAPLHSVLSNVEVTLNVLADSVLMEQPPLRRRKLEHLITELVHQRDVTRSLIKSKIDNAKSFEWLS
QMRFYFDPKQTDVLQQLSIQMANAKFNYGFEYLGVQDKLVQTPLTDRCYLTMTQALEARLGGSPFGPAGTGKTESVKALG
HQLGRFVLVFNCDETFDFQAMGRIFVGLCQVGAWGCFDEFNRLEERMLSAVSQQVQCIQEALREHSNPNYDKTSAPITCE
LLNKQVKVSPDMAIFITMNPGYAGRSNLPDNLKKLFRSLAMTKPDRQLIAQVMLYSQGFRTAEVLANKIVPFFKLCDEQL
SSQSHYDFGLRALKSVLVSAGNVKRERIQKIKREKEERGEAVDEGEIAENLPEQEILIQSVCETMVPKLVAEDIPLLFSL
LSDVFPGVQYHRGEMTALREELKKVCQEMYLTYGDGEEVGGMWVEKVLQLYQITQINHGLMMVGPSGSGKSMAWRVLLKA
LERLEGVEGVAHIIDPKAISKDHLYGTLDPNTREWTDGLFTHVLRKIIDSVRGELQKRQWIVFDGDVDPEWVENLNSVLD
DNKLLTLPNGERLSLPPNVRIMFEVQDLKYATLATVSRCGMVWFSEDVLSTDMIFNNFLARLRSIPLDEGEDEAQRRRKG
KEDEGEEAASPMLQIQRDAATIMQPYFTSNGLVTKALEHAFQLEHIMDLTRLRCLGSLFSMLHQACRNVAQYNANHPDFP
MQIEQLERYIQRYLVYAILWSLSGDSRLKMRAELGEYIRRITTVPLPTAPNIPIIDYEVSISGEWSPWQAKVPQIEVETH
KVAAPDVVVPTLDTVRHEALLYTWLAEHKPLVLCGPPGSGKTMTLFSALRALPDMEVVGLNFSSATTPELLLKTFDHYCE
YRRTPNGVVLAPVQLGKWLVLFCDEINLPDMDKYGTQRVISFIRQMVEHGGFYRTSDQTWVKLERIQFVGACNPPTDPGR
KPLSHRFLRHVPVVYVDYPGPASLTQIYGTFNRAMLRLIPSLRTYAEPLTAAMVEFYTMSQERFTQDTQPHYIYSPREMT
RWVRGIFEALRPLETLPVEGLIRIWAHEALRLFQDRLVEDEERRWTDENIDTVALKHFPNIDREKAMSRPILYSNWLSKD
YIPVDQEELRDYVKARLKVFYEEELDVPLVLFNEVLDHVLRIDRIFRQPQGHLLLIGVSGAGKTTLSRFVAWMNGLSVYQ
IKVHRKYTGEDFDEDLRTVLRRSGCKNEKIAFIMDESNVLDSGFLERMNTLLANGEVPGLFEGDEYATLMTQCKEGAQKE
GLMLDSHEELYKWFTSQVIRNLHVVFTMNPSSEGLKDRAATSPALFNRCVLNWFGDWSTEALYQVGKEFTSKMDLEKPNY
IVPDYMPVVYDKLPQPPSHREAIVNSCVFVHQTLHQANARLAKRGGRTMAITPRHYLDFINHYANLFHEKRSELEEQQMH
LNVGLRKIKETVDQVEELRRDLRIKSQELEVKNAAANDKLKKMVKDQQEAEKKKVMSQEIQEQLHKQQEVIADKQMSVKE
DLDKVEPAVIEAQNAVKSIKKQHLVEVRSMANPPAAVKLALESICLLLGESTTDWKQIRSIIMRENFIPTIVNFSAEEIS
DAIREKMKKNYMSNPSYNYEIVNRASLACGPMVKWAIAQLNYADMLKRVEPLRNELQKLEDDAKDNQQKANEVEQMIRDL
EASIARYKEEYAVLISEAQAIKADLAAVEAKVNRSTALLKSLSAERERWEKTSETFKNQMSTIAGDCLLSAAFIAYAGYF
DQQMRQNLFTTWSHHLQQANIQFRTDIARTEYLSNADERLRWQASSLPADDLCTENAIMLKRFNRYPLIIDPSGQATEFI
MNEYKDRKITRTSFLDDAFRKNLESALRFGNPLLVQDVESYDPVLNPVLNREVRRTGGRVLITLGDQDIDLSPSFVIFLS
TRDPTVEFPPDLCSRVTFVNFTVTRSSLQSQCLNEVLKAERPDVDEKRSDLLKLQGEFQLRLRQLEKSLLQALNEVKGRI
LDDDTIITTLENLKREAAEVTRKVEETDIVMQEVETVSQQYLPLSTACSSIYFTMESLKQIHFLYQYSLQFFLDIYHNVL
YENPNLKGVTDHTQRLSIITKDLFQVAFNRVARGMLHQDHITFAMLLARIKLKGTVGEPTYDAEFQHFLRGNEIVLSAGS
TPRIQGLTVEQAEAVVRLSCLPAFKDLIAKVQADEQFGIWLDSSSPEQTVPYLWSEETPATPIGQAIHRLLLIQAFRPDR
LLAMAHMFVSTNLGESFMSIMEQPLDLTHIVGTEVKPNTPVLMCSVPGYDASGHVEDLAAEQNTQITSIAIGSAEGFNQA
DKAINTAVKSGRWVMLKNVHLAPGWLMQLEKKLHSLQPHACFRLFLTMEINPKVPVNLLRAGRIFVFEPPPGVKANMLRT
FSSIPVSRICKSPNERARLYFLLAWFHAIIQERLRYAPLGWSKKYEFGESDLRSACDTVDTWLDDTAKGRQNISPDKIPW
SALKTLMAQSIYGGRVDNEFDQRLLNTFLERLFTTRSFDSEFKLACKVDGHKDIQMPDGIRREEFVQWVELLPDTQTPSW
LGLPNNAERVLLTTQGVDMISKMLKMQMLEDEDDLAYAETEKKTRTDSTSDGRPAWMRTLHTTASNWLHLIPQTLSHLKR
TVENIKDPLFRFFEREVKMGAKLLQDVRQDLADVVQVCEGKKKQTNYLRTLINELVKGILPRSWSHYTVPAGMTVIQWVS
DFSERIKQLQNISLAAASGGAKELKNIHVCLGGLFVPEAYITATRQYVAQANSWSLEELCLEVNVTTSQGATLDACSFGV
TGLKLQGATCNNNKLSLSNAISTALPLTQLRWVKQTNTEKKASVVTLPVYLNFTRADLIFTVDFEIATKEDPRSFYERGV
AVLCTE
;
A,B
2 'polypeptide(L)'
;MVLSQRQRDELNRAIADYLRSNGYEEAYSVFKKEAELDVNEELDKKYAGLLEKKWTSVIRLQKKVMELESKLNEAKEEFT
SGGPLGQKRDPKEWIPRPPEKYALSGHRSPVTRVIFHPVFSVMVSASEDATIKVWDYETGDFERTLKGHTDSVQDISFDH
SGKLLASCSADMTIKLWDFQGFECIRTMHGHDHNVSSVAIMPNGDHIVSASRDKTIKMWEVQTGYCVKTFTGHREWVRMV
RPNQDGTLIASCSNDQTVRVWVVATKECKAELREHEHVVECISWAPESSYSSISEATGSETKKSGKPGPFLLSGSRDKTI
KMWDVSTGMCLMTLVGHDNWVRGVLFHSGGKFILSCADDKTLRVWDYKNKRCMKTLNAHEHFVTSLDFHKTAPYVVTGSV
DQTVKVWECR
;
C,D
#
loop_
_chem_comp.id
_chem_comp.type
_chem_comp.name
_chem_comp.formula
ADP non-polymer ADENOSINE-5'-DIPHOSPHATE 'C10 H15 N5 O10 P2'
ATP non-polymer ADENOSINE-5'-TRIPHOSPHATE 'C10 H16 N5 O13 P3'
MG non-polymer 'MAGNESIUM ION' 'Mg 2'
#
# COMPACT_ATOMS: atom_id res chain seq x y z
N MET A 1457 39.07 37.73 -44.79
CA MET A 1457 38.18 36.87 -44.02
C MET A 1457 36.79 36.90 -44.66
N ALA A 1458 36.29 35.72 -45.02
CA ALA A 1458 35.04 35.62 -45.77
C ALA A 1458 33.80 35.46 -44.91
N LEU A 1459 33.94 35.34 -43.59
CA LEU A 1459 32.78 35.19 -42.73
C LEU A 1459 32.17 36.55 -42.41
N GLU A 1460 31.89 37.34 -43.44
CA GLU A 1460 31.32 38.67 -43.27
C GLU A 1460 29.82 38.65 -43.53
N GLU A 1461 29.42 38.10 -44.66
CA GLU A 1461 28.04 38.26 -45.12
C GLU A 1461 27.20 36.99 -45.02
N PHE A 1462 27.75 35.88 -44.53
CA PHE A 1462 26.92 34.69 -44.36
C PHE A 1462 25.85 34.92 -43.31
N LEU A 1463 26.24 35.47 -42.16
CA LEU A 1463 25.28 35.80 -41.10
C LEU A 1463 24.33 36.92 -41.51
N LYS A 1464 24.74 37.79 -42.44
CA LYS A 1464 23.83 38.79 -42.96
C LYS A 1464 22.83 38.18 -43.94
N GLN A 1465 23.28 37.23 -44.76
CA GLN A 1465 22.38 36.53 -45.65
C GLN A 1465 21.32 35.76 -44.86
N ILE A 1466 21.74 35.06 -43.82
CA ILE A 1466 20.79 34.33 -42.98
C ILE A 1466 19.75 35.30 -42.42
N ARG A 1467 20.23 36.41 -41.85
CA ARG A 1467 19.32 37.38 -41.23
C ARG A 1467 18.34 37.95 -42.25
N GLU A 1468 18.82 38.27 -43.45
CA GLU A 1468 17.95 38.93 -44.41
C GLU A 1468 16.96 37.95 -45.05
N VAL A 1469 17.40 36.73 -45.33
CA VAL A 1469 16.48 35.73 -45.88
C VAL A 1469 15.43 35.38 -44.83
N TRP A 1470 15.76 35.52 -43.54
CA TRP A 1470 14.78 35.13 -42.53
C TRP A 1470 13.86 36.28 -42.14
N ASN A 1471 14.34 37.52 -42.12
CA ASN A 1471 13.44 38.63 -41.84
C ASN A 1471 12.61 39.00 -43.07
N THR A 1472 13.06 38.65 -44.27
CA THR A 1472 12.25 38.83 -45.47
C THR A 1472 11.46 37.59 -45.85
N TYR A 1473 11.62 36.48 -45.11
CA TYR A 1473 10.87 35.28 -45.43
C TYR A 1473 9.40 35.44 -45.08
N GLU A 1474 8.54 34.89 -45.93
CA GLU A 1474 7.11 34.99 -45.76
C GLU A 1474 6.49 33.60 -45.82
N LEU A 1475 5.66 33.28 -44.83
CA LEU A 1475 4.91 32.03 -44.84
C LEU A 1475 3.79 32.15 -45.87
N ASP A 1476 3.76 31.23 -46.82
CA ASP A 1476 2.74 31.26 -47.86
C ASP A 1476 1.44 30.67 -47.32
N LEU A 1477 0.32 31.34 -47.59
CA LEU A 1477 -0.98 30.91 -47.10
C LEU A 1477 -1.98 30.87 -48.25
N VAL A 1478 -2.85 29.86 -48.24
CA VAL A 1478 -3.93 29.71 -49.21
C VAL A 1478 -5.23 29.44 -48.45
N ASN A 1479 -6.29 30.13 -48.85
CA ASN A 1479 -7.61 29.89 -48.26
C ASN A 1479 -8.04 28.45 -48.49
N TYR A 1480 -8.55 27.81 -47.45
CA TYR A 1480 -8.97 26.41 -47.49
C TYR A 1480 -10.50 26.37 -47.33
N GLN A 1481 -11.19 26.37 -48.46
CA GLN A 1481 -12.65 26.23 -48.50
C GLN A 1481 -13.35 27.28 -47.64
N ASN A 1482 -12.80 28.50 -47.66
CA ASN A 1482 -13.40 29.65 -46.98
C ASN A 1482 -13.56 29.42 -45.48
N LYS A 1483 -12.62 28.71 -44.87
CA LYS A 1483 -12.59 28.55 -43.41
C LYS A 1483 -11.32 29.10 -42.77
N CYS A 1484 -10.16 28.88 -43.38
CA CYS A 1484 -8.89 29.37 -42.83
C CYS A 1484 -7.86 29.41 -43.94
N ARG A 1485 -6.61 29.64 -43.55
CA ARG A 1485 -5.48 29.74 -44.46
C ARG A 1485 -4.47 28.65 -44.11
N LEU A 1486 -3.92 27.98 -45.11
CA LEU A 1486 -2.99 26.89 -44.88
C LEU A 1486 -1.65 27.17 -45.54
N ILE A 1487 -0.59 26.60 -44.97
CA ILE A 1487 0.77 26.82 -45.45
C ILE A 1487 1.14 25.72 -46.43
N ARG A 1488 1.70 26.13 -47.58
CA ARG A 1488 2.31 25.19 -48.50
C ARG A 1488 3.79 25.50 -48.66
N GLY A 1489 4.47 24.83 -49.58
CA GLY A 1489 5.87 25.10 -49.86
C GLY A 1489 6.79 24.70 -48.73
N TRP A 1490 6.86 23.40 -48.45
CA TRP A 1490 7.70 22.87 -47.38
C TRP A 1490 9.07 22.42 -47.85
N ASP A 1491 9.19 21.91 -49.08
CA ASP A 1491 10.47 21.41 -49.57
C ASP A 1491 11.51 22.51 -49.63
N ASP A 1492 11.14 23.67 -50.20
CA ASP A 1492 12.08 24.77 -50.31
C ASP A 1492 12.50 25.29 -48.94
N LEU A 1493 11.54 25.40 -48.02
CA LEU A 1493 11.84 25.89 -46.67
C LEU A 1493 12.78 24.93 -45.95
N PHE A 1494 12.51 23.63 -46.03
CA PHE A 1494 13.37 22.65 -45.37
C PHE A 1494 14.77 22.64 -45.98
N ASN A 1495 14.85 22.73 -47.31
CA ASN A 1495 16.17 22.78 -47.95
C ASN A 1495 16.93 24.03 -47.53
N LYS A 1496 16.24 25.17 -47.43
CA LYS A 1496 16.88 26.40 -47.00
C LYS A 1496 17.39 26.28 -45.57
N VAL A 1497 16.58 25.73 -44.67
CA VAL A 1497 17.01 25.60 -43.28
C VAL A 1497 18.21 24.66 -43.19
N LYS A 1498 18.17 23.55 -43.94
CA LYS A 1498 19.29 22.60 -43.90
C LYS A 1498 20.56 23.21 -44.49
N GLU A 1499 20.45 24.00 -45.55
CA GLU A 1499 21.66 24.61 -46.11
C GLU A 1499 22.21 25.70 -45.20
N HIS A 1500 21.35 26.41 -44.47
CA HIS A 1500 21.87 27.33 -43.45
C HIS A 1500 22.56 26.56 -42.32
N ILE A 1501 22.03 25.40 -41.94
CA ILE A 1501 22.73 24.58 -40.96
C ILE A 1501 24.10 24.17 -41.47
N ASN A 1502 24.18 23.76 -42.74
CA ASN A 1502 25.46 23.37 -43.32
C ASN A 1502 26.42 24.55 -43.36
N SER A 1503 25.94 25.74 -43.72
CA SER A 1503 26.78 26.92 -43.75
C SER A 1503 27.27 27.28 -42.35
N VAL A 1504 26.40 27.17 -41.35
CA VAL A 1504 26.81 27.45 -39.98
C VAL A 1504 27.88 26.47 -39.54
N SER A 1505 27.72 25.19 -39.86
CA SER A 1505 28.74 24.19 -39.49
C SER A 1505 30.07 24.47 -40.19
N ALA A 1506 30.02 24.83 -41.48
CA ALA A 1506 31.25 25.16 -42.20
C ALA A 1506 31.93 26.38 -41.60
N MET A 1507 31.16 27.37 -41.16
CA MET A 1507 31.74 28.49 -40.44
C MET A 1507 32.34 28.02 -39.11
N LYS A 1508 31.69 27.08 -38.44
CA LYS A 1508 32.21 26.57 -37.17
C LYS A 1508 33.59 25.94 -37.35
N LEU A 1509 33.76 25.14 -38.41
CA LEU A 1509 35.05 24.50 -38.62
C LEU A 1509 36.11 25.48 -39.12
N SER A 1510 35.71 26.67 -39.54
CA SER A 1510 36.68 27.68 -39.98
C SER A 1510 37.43 28.25 -38.78
N PRO A 1511 38.70 28.63 -38.96
CA PRO A 1511 39.46 29.17 -37.83
C PRO A 1511 38.99 30.54 -37.37
N TYR A 1512 38.32 31.31 -38.24
CA TYR A 1512 37.87 32.65 -37.90
C TYR A 1512 36.53 32.67 -37.18
N TYR A 1513 36.09 31.53 -36.65
CA TYR A 1513 34.78 31.43 -36.00
C TYR A 1513 34.77 31.96 -34.57
N LYS A 1514 35.95 32.12 -33.96
CA LYS A 1514 36.01 32.50 -32.55
C LYS A 1514 35.38 33.86 -32.31
N VAL A 1515 35.63 34.83 -33.19
CA VAL A 1515 35.07 36.16 -33.04
C VAL A 1515 33.56 36.13 -33.24
N PHE A 1516 33.05 35.21 -34.07
CA PHE A 1516 31.64 35.13 -34.40
C PHE A 1516 30.94 33.96 -33.71
N GLU A 1517 31.42 33.54 -32.54
CA GLU A 1517 30.84 32.39 -31.86
C GLU A 1517 29.41 32.67 -31.39
N GLU A 1518 29.20 33.83 -30.74
CA GLU A 1518 27.93 34.08 -30.07
C GLU A 1518 26.76 34.12 -31.04
N ASP A 1519 26.88 34.94 -32.09
CA ASP A 1519 25.76 35.11 -33.02
C ASP A 1519 25.56 33.89 -33.90
N ALA A 1520 26.65 33.19 -34.25
CA ALA A 1520 26.50 31.93 -34.98
C ALA A 1520 25.77 30.89 -34.14
N LEU A 1521 26.09 30.81 -32.84
CA LEU A 1521 25.37 29.89 -31.97
C LEU A 1521 23.91 30.30 -31.82
N SER A 1522 23.64 31.61 -31.74
CA SER A 1522 22.26 32.07 -31.66
C SER A 1522 21.48 31.68 -32.92
N TRP A 1523 22.09 31.86 -34.08
CA TRP A 1523 21.42 31.47 -35.32
C TRP A 1523 21.22 29.97 -35.41
N GLU A 1524 22.19 29.18 -34.95
CA GLU A 1524 22.01 27.74 -34.89
C GLU A 1524 20.83 27.37 -34.01
N ASP A 1525 20.72 28.02 -32.84
CA ASP A 1525 19.61 27.74 -31.95
C ASP A 1525 18.27 28.08 -32.60
N LYS A 1526 18.20 29.24 -33.25
CA LYS A 1526 16.93 29.65 -33.86
C LYS A 1526 16.56 28.75 -35.03
N LEU A 1527 17.54 28.33 -35.83
CA LEU A 1527 17.27 27.40 -36.92
C LEU A 1527 16.81 26.05 -36.40
N ASN A 1528 17.45 25.54 -35.34
CA ASN A 1528 17.02 24.29 -34.74
C ASN A 1528 15.59 24.40 -34.22
N ARG A 1529 15.26 25.54 -33.60
CA ARG A 1529 13.93 25.70 -33.04
C ARG A 1529 12.88 25.82 -34.14
N ILE A 1530 13.17 26.51 -35.24
CA ILE A 1530 12.19 26.61 -36.31
C ILE A 1530 12.00 25.26 -36.99
N MET A 1531 13.08 24.48 -37.14
CA MET A 1531 12.93 23.13 -37.66
C MET A 1531 12.07 22.27 -36.74
N ALA A 1532 12.32 22.34 -35.43
CA ALA A 1532 11.56 21.53 -34.49
C ALA A 1532 10.09 21.94 -34.48
N LEU A 1533 9.81 23.23 -34.64
CA LEU A 1533 8.43 23.69 -34.69
C LEU A 1533 7.74 23.23 -35.95
N PHE A 1534 8.38 23.42 -37.11
CA PHE A 1534 7.71 23.14 -38.37
C PHE A 1534 7.60 21.65 -38.66
N ASP A 1535 8.49 20.82 -38.11
CA ASP A 1535 8.38 19.39 -38.30
C ASP A 1535 7.08 18.85 -37.72
N VAL A 1536 6.67 19.34 -36.56
CA VAL A 1536 5.38 18.93 -36.01
C VAL A 1536 4.26 19.75 -36.63
N TRP A 1537 4.55 20.98 -37.08
CA TRP A 1537 3.52 21.80 -37.69
C TRP A 1537 2.97 21.16 -38.96
N ILE A 1538 3.85 20.64 -39.82
CA ILE A 1538 3.39 20.07 -41.08
C ILE A 1538 2.50 18.86 -40.83
N ASP A 1539 2.90 17.99 -39.89
CA ASP A 1539 2.10 16.83 -39.57
C ASP A 1539 0.76 17.23 -38.97
N VAL A 1540 0.76 18.22 -38.05
CA VAL A 1540 -0.49 18.66 -37.45
C VAL A 1540 -1.43 19.22 -38.51
N GLN A 1541 -0.88 20.01 -39.45
CA GLN A 1541 -1.70 20.56 -40.52
C GLN A 1541 -2.30 19.45 -41.37
N ARG A 1542 -1.51 18.44 -41.73
CA ARG A 1542 -2.02 17.35 -42.55
C ARG A 1542 -3.12 16.58 -41.82
N ARG A 1543 -2.91 16.27 -40.54
CA ARG A 1543 -3.93 15.55 -39.79
C ARG A 1543 -5.21 16.37 -39.67
N TRP A 1544 -5.10 17.67 -39.39
CA TRP A 1544 -6.30 18.48 -39.32
C TRP A 1544 -7.01 18.52 -40.68
N VAL A 1545 -6.23 18.56 -41.76
CA VAL A 1545 -6.81 18.63 -43.10
C VAL A 1545 -7.63 17.38 -43.39
N TYR A 1546 -7.10 16.20 -43.07
CA TYR A 1546 -7.89 15.02 -43.41
C TYR A 1546 -8.77 14.52 -42.27
N LEU A 1547 -8.81 15.23 -41.15
CA LEU A 1547 -9.85 14.99 -40.14
C LEU A 1547 -11.05 15.93 -40.27
N GLU A 1548 -10.82 17.18 -40.72
CA GLU A 1548 -11.95 18.09 -40.90
C GLU A 1548 -12.91 17.57 -41.96
N GLY A 1549 -12.38 16.99 -43.03
CA GLY A 1549 -13.23 16.39 -44.04
C GLY A 1549 -14.05 15.24 -43.48
N ILE A 1550 -13.44 14.41 -42.65
CA ILE A 1550 -14.16 13.30 -42.02
C ILE A 1550 -15.30 13.84 -41.15
N PHE A 1551 -15.01 14.86 -40.36
CA PHE A 1551 -15.99 15.31 -39.37
C PHE A 1551 -16.99 16.31 -39.92
N THR A 1552 -16.80 16.82 -41.14
CA THR A 1552 -17.77 17.72 -41.75
C THR A 1552 -18.54 17.08 -42.90
N GLY A 1553 -17.88 16.33 -43.78
CA GLY A 1553 -18.56 15.72 -44.89
C GLY A 1553 -19.42 14.53 -44.53
N SER A 1554 -19.30 14.01 -43.31
CA SER A 1554 -20.10 12.90 -42.83
C SER A 1554 -21.20 13.44 -41.92
N ALA A 1555 -22.45 13.14 -42.27
CA ALA A 1555 -23.59 13.62 -41.49
C ALA A 1555 -23.92 12.71 -40.32
N ASP A 1556 -23.61 11.42 -40.42
CA ASP A 1556 -23.94 10.48 -39.36
C ASP A 1556 -22.79 10.23 -38.39
N ILE A 1557 -21.63 10.86 -38.60
CA ILE A 1557 -20.54 10.71 -37.65
C ILE A 1557 -20.89 11.39 -36.34
N LYS A 1558 -21.72 12.43 -36.38
CA LYS A 1558 -22.17 13.07 -35.15
C LYS A 1558 -22.96 12.13 -34.27
N HIS A 1559 -23.85 11.33 -34.87
CA HIS A 1559 -24.63 10.35 -34.14
C HIS A 1559 -23.83 9.11 -33.77
N LEU A 1560 -22.91 8.68 -34.63
CA LEU A 1560 -22.09 7.50 -34.33
C LEU A 1560 -21.07 7.80 -33.23
N LEU A 1561 -20.37 8.92 -33.32
CA LEU A 1561 -19.31 9.28 -32.37
C LEU A 1561 -19.55 10.69 -31.85
N PRO A 1562 -20.51 10.87 -30.93
CA PRO A 1562 -20.80 12.21 -30.41
C PRO A 1562 -19.66 12.86 -29.65
N VAL A 1563 -19.10 12.14 -28.68
CA VAL A 1563 -18.07 12.72 -27.81
C VAL A 1563 -16.84 13.09 -28.61
N GLU A 1564 -16.40 12.21 -29.51
CA GLU A 1564 -15.26 12.52 -30.36
C GLU A 1564 -15.58 13.65 -31.32
N THR A 1565 -16.82 13.77 -31.77
CA THR A 1565 -17.21 14.88 -32.64
C THR A 1565 -17.09 16.20 -31.89
N GLN A 1566 -17.57 16.25 -30.64
CA GLN A 1566 -17.45 17.47 -29.85
C GLN A 1566 -15.99 17.81 -29.56
N ARG A 1567 -15.20 16.78 -29.22
CA ARG A 1567 -13.78 17.00 -28.98
C ARG A 1567 -13.09 17.57 -30.22
N PHE A 1568 -13.38 17.01 -31.40
CA PHE A 1568 -12.74 17.50 -32.60
C PHE A 1568 -13.24 18.90 -32.96
N GLN A 1569 -14.50 19.20 -32.69
CA GLN A 1569 -15.00 20.55 -32.96
C GLN A 1569 -14.26 21.58 -32.10
N SER A 1570 -14.06 21.26 -30.83
CA SER A 1570 -13.28 22.13 -29.95
C SER A 1570 -11.83 22.25 -30.41
N ILE A 1571 -11.22 21.12 -30.79
CA ILE A 1571 -9.83 21.13 -31.25
C ILE A 1571 -9.69 21.96 -32.52
N SER A 1572 -10.64 21.81 -33.44
CA SER A 1572 -10.62 22.58 -34.67
C SER A 1572 -10.83 24.07 -34.39
N THR A 1573 -11.68 24.40 -33.42
CA THR A 1573 -11.84 25.81 -33.06
C THR A 1573 -10.53 26.39 -32.53
N GLU A 1574 -9.83 25.64 -31.68
CA GLU A 1574 -8.54 26.11 -31.18
C GLU A 1574 -7.53 26.24 -32.34
N PHE A 1575 -7.54 25.28 -33.26
CA PHE A 1575 -6.62 25.32 -34.39
C PHE A 1575 -6.90 26.51 -35.30
N LEU A 1576 -8.19 26.81 -35.52
CA LEU A 1576 -8.53 27.98 -36.31
C LEU A 1576 -8.15 29.28 -35.61
N ALA A 1577 -8.29 29.32 -34.29
CA ALA A 1577 -7.83 30.50 -33.55
C ALA A 1577 -6.33 30.69 -33.72
N LEU A 1578 -5.57 29.60 -33.59
CA LEU A 1578 -4.12 29.68 -33.79
C LEU A 1578 -3.79 30.08 -35.22
N MET A 1579 -4.54 29.56 -36.19
CA MET A 1579 -4.29 29.88 -37.59
C MET A 1579 -4.58 31.34 -37.87
N LYS A 1580 -5.65 31.89 -37.27
CA LYS A 1580 -5.93 33.32 -37.39
C LYS A 1580 -4.83 34.15 -36.76
N LYS A 1581 -4.32 33.72 -35.61
CA LYS A 1581 -3.20 34.43 -34.99
C LYS A 1581 -1.98 34.41 -35.91
N VAL A 1582 -1.73 33.27 -36.58
CA VAL A 1582 -0.65 33.19 -37.54
C VAL A 1582 -0.88 34.16 -38.70
N SER A 1583 -2.10 34.18 -39.23
CA SER A 1583 -2.40 35.02 -40.39
C SER A 1583 -2.33 36.49 -40.04
N LYS A 1584 -2.55 36.86 -38.77
CA LYS A 1584 -2.42 38.24 -38.36
C LYS A 1584 -1.00 38.74 -38.54
N SER A 1585 -0.02 37.94 -38.12
CA SER A 1585 1.39 38.25 -38.26
C SER A 1585 2.08 37.06 -38.92
N PRO A 1586 2.03 36.98 -40.25
CA PRO A 1586 2.49 35.76 -40.93
C PRO A 1586 4.01 35.69 -41.08
N LEU A 1587 4.74 36.53 -40.35
CA LEU A 1587 6.19 36.42 -40.33
C LEU A 1587 6.61 35.14 -39.60
N VAL A 1588 7.66 34.50 -40.13
CA VAL A 1588 8.11 33.24 -39.54
C VAL A 1588 8.63 33.46 -38.11
N MET A 1589 9.33 34.57 -37.88
CA MET A 1589 9.82 34.86 -36.54
C MET A 1589 8.68 35.24 -35.60
N ASP A 1590 7.65 35.91 -36.11
CA ASP A 1590 6.51 36.28 -35.27
C ASP A 1590 5.78 35.04 -34.77
N VAL A 1591 5.49 34.10 -35.67
CA VAL A 1591 4.81 32.87 -35.26
C VAL A 1591 5.76 31.99 -34.45
N LEU A 1592 7.06 32.08 -34.70
CA LEU A 1592 8.03 31.36 -33.87
C LEU A 1592 8.00 31.88 -32.44
N ASN A 1593 7.93 33.20 -32.27
CA ASN A 1593 7.97 33.84 -30.97
C ASN A 1593 6.62 33.85 -30.27
N ILE A 1594 5.61 33.18 -30.84
CA ILE A 1594 4.31 33.09 -30.20
C ILE A 1594 4.45 32.36 -28.87
N GLN A 1595 3.83 32.91 -27.83
CA GLN A 1595 3.94 32.34 -26.49
C GLN A 1595 3.37 30.92 -26.47
N GLY A 1596 4.24 29.94 -26.24
CA GLY A 1596 3.83 28.55 -26.19
C GLY A 1596 3.35 27.99 -27.51
N VAL A 1597 3.96 28.39 -28.62
CA VAL A 1597 3.57 27.86 -29.92
C VAL A 1597 3.99 26.39 -30.05
N GLN A 1598 5.20 26.06 -29.58
CA GLN A 1598 5.66 24.67 -29.63
C GLN A 1598 4.78 23.77 -28.77
N ARG A 1599 4.45 24.22 -27.56
CA ARG A 1599 3.63 23.42 -26.66
C ARG A 1599 2.23 23.25 -27.22
N SER A 1600 1.68 24.31 -27.82
CA SER A 1600 0.38 24.21 -28.46
C SER A 1600 0.42 23.22 -29.62
N LEU A 1601 1.50 23.23 -30.40
CA LEU A 1601 1.61 22.26 -31.49
C LEU A 1601 1.69 20.84 -30.97
N GLU A 1602 2.45 20.62 -29.88
CA GLU A 1602 2.54 19.28 -29.30
C GLU A 1602 1.19 18.79 -28.79
N ARG A 1603 0.45 19.65 -28.08
CA ARG A 1603 -0.84 19.22 -27.58
C ARG A 1603 -1.84 19.01 -28.72
N LEU A 1604 -1.74 19.82 -29.77
CA LEU A 1604 -2.57 19.60 -30.95
C LEU A 1604 -2.27 18.27 -31.61
N ALA A 1605 -0.98 17.93 -31.75
CA ALA A 1605 -0.62 16.65 -32.34
C ALA A 1605 -1.13 15.48 -31.49
N ASP A 1606 -0.98 15.60 -30.16
CA ASP A 1606 -1.47 14.55 -29.28
C ASP A 1606 -2.99 14.39 -29.39
N LEU A 1607 -3.72 15.50 -29.40
CA LEU A 1607 -5.17 15.44 -29.49
C LEU A 1607 -5.63 14.88 -30.82
N LEU A 1608 -4.99 15.31 -31.92
CA LEU A 1608 -5.37 14.80 -33.23
C LEU A 1608 -5.06 13.31 -33.34
N GLY A 1609 -3.93 12.87 -32.79
CA GLY A 1609 -3.66 11.44 -32.74
C GLY A 1609 -4.70 10.67 -31.94
N LYS A 1610 -5.12 11.23 -30.80
CA LYS A 1610 -6.14 10.58 -30.00
C LYS A 1610 -7.45 10.48 -30.76
N ILE A 1611 -7.83 11.53 -31.49
CA ILE A 1611 -9.04 11.49 -32.30
C ILE A 1611 -8.89 10.49 -33.44
N GLN A 1612 -7.70 10.45 -34.07
CA GLN A 1612 -7.50 9.59 -35.22
C GLN A 1612 -7.65 8.11 -34.86
N LYS A 1613 -7.10 7.70 -33.72
CA LYS A 1613 -7.24 6.32 -33.28
C LYS A 1613 -8.67 5.97 -32.89
N ALA A 1614 -9.53 6.95 -32.67
CA ALA A 1614 -10.92 6.71 -32.33
C ALA A 1614 -11.83 6.60 -33.54
N LEU A 1615 -11.28 6.71 -34.76
CA LEU A 1615 -12.05 6.57 -35.98
C LEU A 1615 -11.83 5.22 -36.66
N GLY A 1616 -11.58 4.18 -35.89
CA GLY A 1616 -11.37 2.86 -36.46
C GLY A 1616 -12.64 2.26 -37.03
N GLU A 1617 -13.68 2.12 -36.19
CA GLU A 1617 -14.90 1.47 -36.63
C GLU A 1617 -15.57 2.24 -37.77
N TYR A 1618 -15.45 3.58 -37.78
CA TYR A 1618 -15.99 4.35 -38.88
C TYR A 1618 -15.35 3.95 -40.20
N LEU A 1619 -14.02 3.77 -40.19
CA LEU A 1619 -13.32 3.34 -41.40
C LEU A 1619 -13.70 1.92 -41.78
N GLU A 1620 -13.77 1.03 -40.79
CA GLU A 1620 -14.09 -0.37 -41.06
C GLU A 1620 -15.51 -0.51 -41.57
N ARG A 1621 -16.35 0.48 -41.30
CA ARG A 1621 -17.69 0.54 -41.87
C ARG A 1621 -17.75 1.19 -43.23
N GLU A 1622 -16.94 2.24 -43.47
CA GLU A 1622 -16.87 2.82 -44.81
C GLU A 1622 -16.28 1.85 -45.82
N ARG A 1623 -15.45 0.90 -45.36
CA ARG A 1623 -14.92 -0.10 -46.28
C ARG A 1623 -16.03 -0.90 -46.94
N SER A 1624 -17.18 -1.03 -46.27
CA SER A 1624 -18.31 -1.76 -46.84
C SER A 1624 -18.90 -1.06 -48.06
N SER A 1625 -18.78 0.26 -48.15
CA SER A 1625 -19.33 0.98 -49.30
C SER A 1625 -18.53 0.68 -50.56
N PHE A 1626 -17.23 1.00 -50.55
CA PHE A 1626 -16.35 0.66 -51.66
C PHE A 1626 -15.53 -0.55 -51.26
N PRO A 1627 -15.75 -1.72 -51.86
CA PRO A 1627 -15.09 -2.95 -51.38
C PRO A 1627 -13.58 -2.91 -51.45
N ARG A 1628 -13.01 -2.17 -52.40
CA ARG A 1628 -11.56 -2.12 -52.55
C ARG A 1628 -10.86 -1.38 -51.43
N PHE A 1629 -11.60 -0.69 -50.56
CA PHE A 1629 -11.01 -0.02 -49.41
C PHE A 1629 -10.47 -1.01 -48.38
N TYR A 1630 -10.82 -2.30 -48.50
CA TYR A 1630 -10.32 -3.29 -47.55
C TYR A 1630 -8.82 -3.51 -47.68
N PHE A 1631 -8.22 -3.13 -48.80
CA PHE A 1631 -6.79 -3.28 -49.04
C PHE A 1631 -6.03 -1.98 -48.82
N VAL A 1632 -6.59 -1.05 -48.04
CA VAL A 1632 -6.02 0.26 -47.81
C VAL A 1632 -5.88 0.46 -46.31
N GLY A 1633 -4.72 0.96 -45.88
CA GLY A 1633 -4.48 1.17 -44.46
C GLY A 1633 -5.37 2.24 -43.87
N ASP A 1634 -5.42 2.26 -42.53
CA ASP A 1634 -6.31 3.18 -41.84
C ASP A 1634 -5.92 4.63 -42.08
N GLU A 1635 -4.61 4.94 -42.01
CA GLU A 1635 -4.17 6.31 -42.27
C GLU A 1635 -4.42 6.69 -43.73
N ASP A 1636 -4.11 5.77 -44.65
CA ASP A 1636 -4.39 6.01 -46.06
C ASP A 1636 -5.89 6.15 -46.32
N LEU A 1637 -6.72 5.33 -45.66
CA LEU A 1637 -8.16 5.46 -45.84
C LEU A 1637 -8.67 6.79 -45.32
N LEU A 1638 -8.16 7.24 -44.17
CA LEU A 1638 -8.55 8.54 -43.64
C LEU A 1638 -8.13 9.65 -44.60
N GLU A 1639 -6.93 9.55 -45.15
CA GLU A 1639 -6.50 10.55 -46.13
C GLU A 1639 -7.38 10.54 -47.36
N ILE A 1640 -7.80 9.36 -47.81
CA ILE A 1640 -8.65 9.26 -48.99
C ILE A 1640 -10.02 9.88 -48.74
N ILE A 1641 -10.66 9.50 -47.63
CA ILE A 1641 -12.02 9.95 -47.38
C ILE A 1641 -12.04 11.44 -47.04
N GLY A 1642 -11.14 11.89 -46.17
CA GLY A 1642 -11.16 13.29 -45.76
C GLY A 1642 -10.80 14.23 -46.89
N ASN A 1643 -9.86 13.83 -47.74
CA ASN A 1643 -9.37 14.68 -48.83
C ASN A 1643 -10.01 14.32 -50.17
N SER A 1644 -11.29 13.94 -50.15
CA SER A 1644 -11.99 13.65 -51.39
C SER A 1644 -12.14 14.89 -52.26
N LYS A 1645 -12.25 16.07 -51.65
CA LYS A 1645 -12.40 17.30 -52.44
C LYS A 1645 -11.17 17.55 -53.29
N ASN A 1646 -9.99 17.43 -52.71
CA ASN A 1646 -8.73 17.68 -53.42
C ASN A 1646 -8.28 16.35 -53.99
N VAL A 1647 -8.68 16.07 -55.23
CA VAL A 1647 -8.36 14.81 -55.89
C VAL A 1647 -6.95 14.78 -56.47
N ALA A 1648 -6.21 15.89 -56.37
CA ALA A 1648 -4.84 15.91 -56.87
C ALA A 1648 -3.93 14.99 -56.08
N LYS A 1649 -4.12 14.92 -54.76
CA LYS A 1649 -3.28 14.11 -53.90
C LYS A 1649 -3.78 12.67 -53.74
N LEU A 1650 -4.89 12.32 -54.38
CA LEU A 1650 -5.40 10.96 -54.34
C LEU A 1650 -4.76 10.06 -55.39
N GLN A 1651 -3.84 10.59 -56.21
CA GLN A 1651 -3.26 9.81 -57.28
C GLN A 1651 -2.30 8.73 -56.78
N LYS A 1652 -1.80 8.86 -55.55
CA LYS A 1652 -0.86 7.89 -55.00
C LYS A 1652 -1.53 6.71 -54.33
N HIS A 1653 -2.86 6.72 -54.20
CA HIS A 1653 -3.58 5.64 -53.54
C HIS A 1653 -4.30 4.71 -54.51
N PHE A 1654 -4.31 5.04 -55.80
CA PHE A 1654 -5.00 4.19 -56.77
C PHE A 1654 -4.24 2.91 -57.09
N LYS A 1655 -2.93 2.88 -56.85
CA LYS A 1655 -2.17 1.66 -57.10
C LYS A 1655 -2.43 0.59 -56.06
N LYS A 1656 -2.91 0.96 -54.87
CA LYS A 1656 -3.21 -0.01 -53.83
C LYS A 1656 -4.61 -0.59 -53.95
N MET A 1657 -5.46 -0.04 -54.82
CA MET A 1657 -6.82 -0.52 -54.97
C MET A 1657 -7.11 -1.17 -56.31
N PHE A 1658 -6.28 -0.91 -57.33
CA PHE A 1658 -6.52 -1.43 -58.67
C PHE A 1658 -5.29 -2.17 -59.16
N ALA A 1659 -5.51 -3.10 -60.10
CA ALA A 1659 -4.41 -3.92 -60.62
C ALA A 1659 -3.37 -3.07 -61.34
N GLY A 1660 -3.82 -2.12 -62.17
CA GLY A 1660 -2.90 -1.35 -62.96
C GLY A 1660 -3.25 0.12 -63.12
N VAL A 1661 -4.25 0.58 -62.37
CA VAL A 1661 -4.66 1.99 -62.41
C VAL A 1661 -3.76 2.71 -61.42
N SER A 1662 -2.64 3.22 -61.93
CA SER A 1662 -1.72 3.99 -61.09
C SER A 1662 -2.23 5.39 -60.82
N SER A 1663 -2.94 5.98 -61.78
CA SER A 1663 -3.48 7.32 -61.62
C SER A 1663 -4.69 7.48 -62.53
N ILE A 1664 -5.48 8.51 -62.27
CA ILE A 1664 -6.67 8.80 -63.04
C ILE A 1664 -6.45 10.08 -63.83
N ILE A 1665 -7.22 10.22 -64.90
CA ILE A 1665 -7.16 11.38 -65.78
C ILE A 1665 -8.34 12.29 -65.46
N LEU A 1666 -8.06 13.58 -65.30
CA LEU A 1666 -9.06 14.55 -64.90
C LEU A 1666 -8.97 15.79 -65.78
N ASN A 1667 -10.08 16.53 -65.86
CA ASN A 1667 -10.14 17.73 -66.66
C ASN A 1667 -9.43 18.87 -65.92
N GLU A 1668 -9.48 20.07 -66.49
CA GLU A 1668 -8.85 21.22 -65.85
C GLU A 1668 -9.52 21.56 -64.53
N ASP A 1669 -10.85 21.47 -64.47
CA ASP A 1669 -11.60 21.77 -63.26
C ASP A 1669 -11.44 20.72 -62.18
N ASN A 1670 -10.87 19.55 -62.52
CA ASN A 1670 -10.73 18.43 -61.58
C ASN A 1670 -12.09 18.03 -61.00
N SER A 1671 -13.11 18.04 -61.85
CA SER A 1671 -14.46 17.69 -61.43
C SER A 1671 -15.07 16.55 -62.24
N VAL A 1672 -14.43 16.13 -63.34
CA VAL A 1672 -14.90 15.02 -64.16
C VAL A 1672 -13.72 14.10 -64.44
N VAL A 1673 -13.89 12.81 -64.17
CA VAL A 1673 -12.88 11.81 -64.47
C VAL A 1673 -12.96 11.48 -65.96
N LEU A 1674 -11.89 11.76 -66.70
CA LEU A 1674 -11.86 11.49 -68.13
C LEU A 1674 -11.27 10.13 -68.46
N GLY A 1675 -10.56 9.50 -67.52
CA GLY A 1675 -9.96 8.21 -67.78
C GLY A 1675 -9.02 7.81 -66.65
N ILE A 1676 -8.25 6.75 -66.93
CA ILE A 1676 -7.32 6.18 -65.97
C ILE A 1676 -5.96 6.01 -66.64
N SER A 1677 -4.93 5.91 -65.82
CA SER A 1677 -3.56 5.78 -66.30
C SER A 1677 -2.84 4.70 -65.52
N SER A 1678 -1.81 4.14 -66.14
CA SER A 1678 -0.98 3.10 -65.55
C SER A 1678 0.38 3.68 -65.16
N ARG A 1679 1.26 2.80 -64.67
CA ARG A 1679 2.57 3.25 -64.21
C ARG A 1679 3.47 3.59 -65.40
N GLU A 1680 3.24 2.97 -66.55
CA GLU A 1680 4.04 3.23 -67.74
C GLU A 1680 3.54 4.40 -68.56
N GLY A 1681 2.49 5.08 -68.12
CA GLY A 1681 1.91 6.18 -68.86
C GLY A 1681 0.78 5.78 -69.79
N GLU A 1682 0.53 4.47 -69.94
CA GLU A 1682 -0.60 4.03 -70.75
C GLU A 1682 -1.91 4.53 -70.15
N GLU A 1683 -2.78 5.05 -71.00
CA GLU A 1683 -4.02 5.66 -70.56
C GLU A 1683 -5.22 5.00 -71.24
N VAL A 1684 -6.32 4.93 -70.50
CA VAL A 1684 -7.59 4.44 -71.01
C VAL A 1684 -8.59 5.57 -70.90
N MET A 1685 -9.19 5.95 -72.03
CA MET A 1685 -10.13 7.07 -72.08
C MET A 1685 -11.55 6.54 -71.93
N PHE A 1686 -12.25 6.99 -70.89
CA PHE A 1686 -13.60 6.52 -70.65
C PHE A 1686 -14.54 7.00 -71.76
N LYS A 1687 -15.41 6.10 -72.23
CA LYS A 1687 -16.38 6.48 -73.24
C LYS A 1687 -17.39 7.47 -72.67
N THR A 1688 -17.83 7.25 -71.43
CA THR A 1688 -18.72 8.20 -70.73
C THR A 1688 -18.01 8.68 -69.48
N PRO A 1689 -17.40 9.86 -69.50
CA PRO A 1689 -16.64 10.32 -68.33
C PRO A 1689 -17.52 10.47 -67.09
N VAL A 1690 -16.92 10.19 -65.95
CA VAL A 1690 -17.62 10.22 -64.66
C VAL A 1690 -17.43 11.59 -64.02
N SER A 1691 -18.53 12.19 -63.58
CA SER A 1691 -18.50 13.52 -62.97
C SER A 1691 -18.53 13.39 -61.46
N ILE A 1692 -17.59 14.06 -60.78
CA ILE A 1692 -17.58 14.05 -59.32
C ILE A 1692 -18.64 15.00 -58.77
N THR A 1693 -18.99 16.05 -59.51
CA THR A 1693 -19.97 17.01 -59.03
C THR A 1693 -21.33 16.36 -58.82
N GLU A 1694 -21.74 15.48 -59.73
CA GLU A 1694 -23.03 14.82 -59.60
C GLU A 1694 -23.01 13.74 -58.53
N HIS A 1695 -21.84 13.19 -58.21
CA HIS A 1695 -21.69 12.18 -57.16
C HIS A 1695 -20.58 12.64 -56.22
N PRO A 1696 -20.87 13.58 -55.31
CA PRO A 1696 -19.81 14.16 -54.48
C PRO A 1696 -19.11 13.15 -53.58
N LYS A 1697 -19.82 12.13 -53.09
CA LYS A 1697 -19.22 11.18 -52.17
C LYS A 1697 -18.15 10.35 -52.87
N ILE A 1698 -17.09 10.04 -52.14
CA ILE A 1698 -15.93 9.38 -52.72
C ILE A 1698 -16.29 8.00 -53.27
N ASN A 1699 -17.07 7.23 -52.50
CA ASN A 1699 -17.31 5.84 -52.86
C ASN A 1699 -18.18 5.70 -54.11
N GLU A 1700 -19.23 6.53 -54.24
CA GLU A 1700 -20.10 6.41 -55.40
C GLU A 1700 -19.35 6.71 -56.69
N TRP A 1701 -18.58 7.80 -56.71
CA TRP A 1701 -17.90 8.13 -57.96
C TRP A 1701 -16.73 7.18 -58.22
N LEU A 1702 -16.11 6.63 -57.17
CA LEU A 1702 -15.11 5.59 -57.39
C LEU A 1702 -15.74 4.34 -58.02
N THR A 1703 -16.93 3.95 -57.54
CA THR A 1703 -17.63 2.82 -58.13
C THR A 1703 -18.01 3.09 -59.58
N LEU A 1704 -18.49 4.31 -59.86
CA LEU A 1704 -18.77 4.69 -61.25
C LEU A 1704 -17.51 4.63 -62.11
N VAL A 1705 -16.36 5.05 -61.56
CA VAL A 1705 -15.11 4.98 -62.31
C VAL A 1705 -14.75 3.53 -62.63
N GLU A 1706 -14.87 2.63 -61.66
CA GLU A 1706 -14.49 1.25 -61.94
C GLU A 1706 -15.46 0.59 -62.93
N LYS A 1707 -16.75 0.87 -62.80
CA LYS A 1707 -17.72 0.32 -63.76
C LYS A 1707 -17.48 0.87 -65.15
N GLU A 1708 -17.18 2.17 -65.25
CA GLU A 1708 -16.87 2.77 -66.54
C GLU A 1708 -15.60 2.18 -67.12
N MET A 1709 -14.60 1.90 -66.28
CA MET A 1709 -13.39 1.25 -66.76
C MET A 1709 -13.70 -0.13 -67.34
N ARG A 1710 -14.54 -0.90 -66.65
CA ARG A 1710 -14.88 -2.23 -67.15
C ARG A 1710 -15.60 -2.15 -68.49
N VAL A 1711 -16.62 -1.29 -68.59
CA VAL A 1711 -17.38 -1.21 -69.83
C VAL A 1711 -16.53 -0.63 -70.95
N THR A 1712 -15.62 0.30 -70.62
CA THR A 1712 -14.75 0.89 -71.62
C THR A 1712 -13.77 -0.13 -72.18
N LEU A 1713 -13.17 -0.95 -71.30
CA LEU A 1713 -12.31 -2.02 -71.79
C LEU A 1713 -13.10 -3.03 -72.63
N ALA A 1714 -14.35 -3.31 -72.25
CA ALA A 1714 -15.16 -4.22 -73.07
C ALA A 1714 -15.40 -3.64 -74.47
N LYS A 1715 -15.80 -2.37 -74.54
CA LYS A 1715 -16.06 -1.75 -75.83
C LYS A 1715 -14.79 -1.65 -76.68
N LEU A 1716 -13.68 -1.30 -76.06
CA LEU A 1716 -12.42 -1.20 -76.79
C LEU A 1716 -11.96 -2.59 -77.26
N LEU A 1717 -12.23 -3.63 -76.47
CA LEU A 1717 -11.94 -4.99 -76.92
C LEU A 1717 -12.78 -5.34 -78.14
N ALA A 1718 -14.06 -4.96 -78.14
CA ALA A 1718 -14.90 -5.21 -79.31
C ALA A 1718 -14.36 -4.50 -80.53
N GLU A 1719 -13.98 -3.23 -80.38
CA GLU A 1719 -13.43 -2.48 -81.52
C GLU A 1719 -12.12 -3.09 -82.00
N SER A 1720 -11.25 -3.49 -81.08
CA SER A 1720 -9.97 -4.08 -81.46
C SER A 1720 -10.17 -5.42 -82.16
N VAL A 1721 -11.15 -6.21 -81.71
CA VAL A 1721 -11.47 -7.46 -82.39
C VAL A 1721 -11.95 -7.18 -83.81
N THR A 1722 -12.83 -6.19 -83.96
CA THR A 1722 -13.31 -5.83 -85.30
C THR A 1722 -12.15 -5.41 -86.19
N GLU A 1723 -11.20 -4.64 -85.64
CA GLU A 1723 -10.05 -4.21 -86.42
C GLU A 1723 -9.10 -5.35 -86.76
N VAL A 1724 -8.96 -6.33 -85.88
CA VAL A 1724 -7.96 -7.39 -86.07
C VAL A 1724 -8.48 -8.55 -86.91
N GLU A 1725 -9.81 -8.72 -87.00
CA GLU A 1725 -10.34 -9.77 -87.88
C GLU A 1725 -9.89 -9.58 -89.32
N ILE A 1726 -9.58 -8.34 -89.73
CA ILE A 1726 -9.02 -8.12 -91.05
C ILE A 1726 -7.65 -8.77 -91.17
N PHE A 1727 -6.83 -8.68 -90.11
CA PHE A 1727 -5.50 -9.26 -90.14
C PHE A 1727 -5.56 -10.78 -90.19
N GLY A 1728 -6.60 -11.37 -89.59
CA GLY A 1728 -6.78 -12.80 -89.69
C GLY A 1728 -7.17 -13.21 -91.10
N LYS A 1729 -7.07 -14.52 -91.35
CA LYS A 1729 -7.39 -15.13 -92.65
C LYS A 1729 -6.80 -14.33 -93.82
N ALA A 1730 -5.63 -13.74 -93.60
CA ALA A 1730 -4.95 -12.93 -94.60
C ALA A 1730 -3.60 -13.57 -94.93
N THR A 1731 -3.35 -13.77 -96.22
CA THR A 1731 -2.09 -14.41 -96.63
C THR A 1731 -0.89 -13.55 -96.27
N SER A 1732 -0.99 -12.23 -96.47
CA SER A 1732 0.09 -11.31 -96.18
C SER A 1732 -0.45 -10.14 -95.37
N ILE A 1733 0.35 -9.69 -94.40
CA ILE A 1733 0.01 -8.55 -93.56
C ILE A 1733 1.12 -7.52 -93.69
N ASP A 1734 0.72 -6.27 -93.93
CA ASP A 1734 1.71 -5.20 -94.05
C ASP A 1734 2.17 -4.77 -92.65
N PRO A 1735 3.39 -4.25 -92.50
CA PRO A 1735 3.85 -3.88 -91.16
C PRO A 1735 3.15 -2.68 -90.56
N ASN A 1736 2.97 -1.61 -91.34
CA ASN A 1736 2.59 -0.31 -90.76
C ASN A 1736 1.22 -0.36 -90.10
N THR A 1737 0.24 -1.00 -90.75
CA THR A 1737 -1.09 -1.09 -90.15
C THR A 1737 -1.06 -1.92 -88.88
N TYR A 1738 -0.26 -2.99 -88.86
CA TYR A 1738 -0.13 -3.79 -87.66
C TYR A 1738 0.48 -2.97 -86.52
N ILE A 1739 1.50 -2.17 -86.82
CA ILE A 1739 2.13 -1.37 -85.78
C ILE A 1739 1.18 -0.31 -85.26
N THR A 1740 0.43 0.34 -86.13
CA THR A 1740 -0.48 1.39 -85.66
C THR A 1740 -1.66 0.79 -84.89
N TRP A 1741 -2.08 -0.43 -85.25
CA TRP A 1741 -3.11 -1.10 -84.48
C TRP A 1741 -2.58 -1.49 -83.10
N ILE A 1742 -1.32 -1.93 -83.03
CA ILE A 1742 -0.71 -2.23 -81.74
C ILE A 1742 -0.62 -0.99 -80.88
N ASP A 1743 -0.21 0.14 -81.48
CA ASP A 1743 -0.11 1.38 -80.72
C ASP A 1743 -1.48 1.91 -80.30
N LYS A 1744 -2.52 1.65 -81.10
CA LYS A 1744 -3.82 2.23 -80.82
C LYS A 1744 -4.44 1.66 -79.55
N TYR A 1745 -4.36 0.35 -79.37
CA TYR A 1745 -5.04 -0.33 -78.27
C TYR A 1745 -4.05 -0.71 -77.17
N GLN A 1746 -4.59 -0.99 -75.99
CA GLN A 1746 -3.78 -1.35 -74.84
C GLN A 1746 -3.14 -2.73 -75.03
N ALA A 1747 -2.07 -2.97 -74.27
CA ALA A 1747 -1.29 -4.20 -74.44
C ALA A 1747 -2.15 -5.43 -74.18
N GLN A 1748 -2.85 -5.44 -73.04
CA GLN A 1748 -3.69 -6.59 -72.72
C GLN A 1748 -4.79 -6.76 -73.76
N LEU A 1749 -5.33 -5.65 -74.26
CA LEU A 1749 -6.41 -5.72 -75.24
C LEU A 1749 -5.90 -6.22 -76.58
N VAL A 1750 -4.70 -5.79 -76.98
CA VAL A 1750 -4.11 -6.28 -78.23
C VAL A 1750 -3.84 -7.78 -78.14
N VAL A 1751 -3.28 -8.22 -77.01
CA VAL A 1751 -3.02 -9.65 -76.83
C VAL A 1751 -4.32 -10.43 -76.85
N LEU A 1752 -5.35 -9.92 -76.17
CA LEU A 1752 -6.64 -10.60 -76.15
C LEU A 1752 -7.25 -10.67 -77.54
N SER A 1753 -7.15 -9.59 -78.33
CA SER A 1753 -7.70 -9.58 -79.67
C SER A 1753 -6.98 -10.58 -80.57
N ALA A 1754 -5.65 -10.65 -80.49
CA ALA A 1754 -4.92 -11.64 -81.27
C ALA A 1754 -5.29 -13.05 -80.84
N GLN A 1755 -5.46 -13.26 -79.54
CA GLN A 1755 -5.87 -14.56 -79.01
C GLN A 1755 -7.23 -14.97 -79.54
N ILE A 1756 -8.19 -14.05 -79.52
CA ILE A 1756 -9.54 -14.33 -80.00
C ILE A 1756 -9.52 -14.63 -81.49
N ALA A 1757 -8.75 -13.83 -82.25
CA ALA A 1757 -8.66 -14.04 -83.69
C ALA A 1757 -8.10 -15.42 -84.01
N TRP A 1758 -7.02 -15.81 -83.32
CA TRP A 1758 -6.44 -17.14 -83.56
C TRP A 1758 -7.42 -18.24 -83.17
N SER A 1759 -8.10 -18.09 -82.04
CA SER A 1759 -9.05 -19.11 -81.62
C SER A 1759 -10.19 -19.27 -82.62
N GLU A 1760 -10.72 -18.14 -83.11
CA GLU A 1760 -11.79 -18.19 -84.10
C GLU A 1760 -11.31 -18.81 -85.40
N ASN A 1761 -10.10 -18.47 -85.83
CA ASN A 1761 -9.56 -19.05 -87.05
C ASN A 1761 -9.40 -20.56 -86.91
N VAL A 1762 -8.89 -21.01 -85.77
CA VAL A 1762 -8.70 -22.45 -85.55
C VAL A 1762 -10.04 -23.16 -85.50
N GLU A 1763 -11.03 -22.56 -84.84
CA GLU A 1763 -12.36 -23.17 -84.80
C GLU A 1763 -12.97 -23.28 -86.18
N THR A 1764 -12.87 -22.21 -86.98
CA THR A 1764 -13.41 -22.24 -88.34
C THR A 1764 -12.69 -23.29 -89.18
N ALA A 1765 -11.37 -23.38 -89.06
CA ALA A 1765 -10.63 -24.40 -89.79
C ALA A 1765 -11.05 -25.81 -89.36
N LEU A 1766 -11.21 -26.03 -88.05
CA LEU A 1766 -11.63 -27.34 -87.56
C LEU A 1766 -13.02 -27.69 -88.05
N SER A 1767 -13.87 -26.69 -88.26
CA SER A 1767 -15.18 -26.95 -88.84
C SER A 1767 -15.07 -27.40 -90.29
N SER A 1768 -13.93 -27.15 -90.94
CA SER A 1768 -13.77 -27.53 -92.33
C SER A 1768 -13.58 -29.03 -92.51
N MET A 1769 -12.84 -29.68 -91.59
CA MET A 1769 -12.71 -31.13 -91.66
C MET A 1769 -13.84 -31.86 -90.95
N GLY A 1770 -15.02 -31.24 -90.82
CA GLY A 1770 -16.16 -31.92 -90.25
C GLY A 1770 -16.53 -33.20 -90.99
N GLY A 1771 -16.19 -33.29 -92.27
CA GLY A 1771 -16.37 -34.50 -93.05
C GLY A 1771 -15.29 -35.54 -92.86
N GLY A 1772 -14.25 -35.23 -92.08
CA GLY A 1772 -13.21 -36.20 -91.80
C GLY A 1772 -12.11 -36.24 -92.83
N GLY A 1773 -12.43 -36.64 -94.05
CA GLY A 1773 -11.48 -36.79 -95.12
C GLY A 1773 -11.19 -35.55 -95.93
N ASP A 1774 -11.73 -34.40 -95.52
CA ASP A 1774 -11.52 -33.16 -96.25
C ASP A 1774 -10.08 -32.68 -96.09
N ALA A 1775 -9.70 -31.71 -96.92
CA ALA A 1775 -8.39 -31.10 -96.83
C ALA A 1775 -8.26 -30.31 -95.52
N ALA A 1776 -7.01 -29.94 -95.20
CA ALA A 1776 -6.73 -29.29 -93.93
C ALA A 1776 -6.29 -27.85 -94.13
N PRO A 1777 -7.17 -26.87 -93.90
CA PRO A 1777 -6.74 -25.47 -93.87
C PRO A 1777 -6.05 -25.05 -92.59
N LEU A 1778 -5.75 -25.98 -91.68
CA LEU A 1778 -4.95 -25.66 -90.51
C LEU A 1778 -3.56 -25.17 -90.92
N HIS A 1779 -3.06 -25.65 -92.07
CA HIS A 1779 -1.82 -25.12 -92.59
C HIS A 1779 -1.94 -23.64 -92.93
N SER A 1780 -3.12 -23.19 -93.37
CA SER A 1780 -3.29 -21.77 -93.69
C SER A 1780 -3.19 -20.91 -92.44
N VAL A 1781 -3.86 -21.31 -91.35
CA VAL A 1781 -3.77 -20.52 -90.12
C VAL A 1781 -2.38 -20.62 -89.53
N LEU A 1782 -1.72 -21.77 -89.66
CA LEU A 1782 -0.33 -21.88 -89.21
C LEU A 1782 0.57 -20.93 -89.98
N SER A 1783 0.38 -20.84 -91.30
CA SER A 1783 1.17 -19.92 -92.11
C SER A 1783 0.88 -18.48 -91.74
N ASN A 1784 -0.39 -18.15 -91.44
CA ASN A 1784 -0.71 -16.80 -91.01
C ASN A 1784 -0.02 -16.47 -89.69
N VAL A 1785 -0.02 -17.41 -88.75
CA VAL A 1785 0.66 -17.20 -87.47
C VAL A 1785 2.15 -17.02 -87.68
N GLU A 1786 2.76 -17.83 -88.56
CA GLU A 1786 4.17 -17.68 -88.85
C GLU A 1786 4.49 -16.35 -89.51
N VAL A 1787 3.61 -15.87 -90.39
CA VAL A 1787 3.79 -14.57 -91.02
C VAL A 1787 3.73 -13.47 -89.95
N THR A 1788 2.78 -13.58 -89.03
CA THR A 1788 2.70 -12.61 -87.94
C THR A 1788 3.96 -12.63 -87.09
N LEU A 1789 4.48 -13.83 -86.80
CA LEU A 1789 5.74 -13.93 -86.05
C LEU A 1789 6.89 -13.29 -86.80
N ASN A 1790 6.96 -13.50 -88.12
CA ASN A 1790 8.03 -12.89 -88.90
C ASN A 1790 7.93 -11.38 -88.86
N VAL A 1791 6.72 -10.85 -88.99
CA VAL A 1791 6.53 -9.39 -88.95
C VAL A 1791 6.95 -8.85 -87.59
N LEU A 1792 6.52 -9.51 -86.51
CA LEU A 1792 6.86 -9.04 -85.17
C LEU A 1792 8.35 -9.13 -84.90
N ALA A 1793 8.99 -10.21 -85.35
CA ALA A 1793 10.43 -10.38 -85.15
C ALA A 1793 11.22 -9.34 -85.93
N ASP A 1794 10.76 -9.00 -87.13
CA ASP A 1794 11.36 -7.89 -87.85
C ASP A 1794 11.16 -6.58 -87.12
N SER A 1795 9.98 -6.39 -86.53
CA SER A 1795 9.68 -5.13 -85.83
C SER A 1795 10.58 -4.95 -84.62
N VAL A 1796 10.80 -6.01 -83.84
CA VAL A 1796 11.60 -5.87 -82.63
C VAL A 1796 13.09 -5.76 -82.94
N LEU A 1797 13.51 -6.07 -84.16
CA LEU A 1797 14.93 -5.97 -84.51
C LEU A 1797 15.39 -4.52 -84.65
N MET A 1798 14.47 -3.58 -84.82
CA MET A 1798 14.79 -2.17 -84.92
C MET A 1798 14.35 -1.44 -83.65
N GLU A 1799 14.74 -0.17 -83.57
CA GLU A 1799 14.40 0.64 -82.39
C GLU A 1799 12.90 0.88 -82.32
N GLN A 1800 12.33 0.68 -81.15
CA GLN A 1800 10.90 0.85 -80.89
C GLN A 1800 10.70 1.62 -79.60
N PRO A 1801 9.57 2.30 -79.46
CA PRO A 1801 9.25 2.92 -78.17
C PRO A 1801 9.11 1.85 -77.10
N PRO A 1802 9.41 2.18 -75.84
CA PRO A 1802 9.35 1.15 -74.79
C PRO A 1802 8.00 0.48 -74.66
N LEU A 1803 6.91 1.25 -74.66
CA LEU A 1803 5.58 0.67 -74.55
C LEU A 1803 5.30 -0.26 -75.73
N ARG A 1804 5.58 0.21 -76.94
CA ARG A 1804 5.39 -0.63 -78.12
C ARG A 1804 6.31 -1.84 -78.08
N ARG A 1805 7.51 -1.69 -77.51
CA ARG A 1805 8.43 -2.82 -77.43
C ARG A 1805 7.89 -3.90 -76.50
N ARG A 1806 7.35 -3.51 -75.35
CA ARG A 1806 6.72 -4.49 -74.46
C ARG A 1806 5.52 -5.14 -75.12
N LYS A 1807 4.70 -4.35 -75.83
CA LYS A 1807 3.57 -4.93 -76.55
C LYS A 1807 4.04 -5.95 -77.58
N LEU A 1808 5.09 -5.61 -78.33
CA LEU A 1808 5.61 -6.54 -79.33
C LEU A 1808 6.14 -7.81 -78.69
N GLU A 1809 6.82 -7.69 -77.54
CA GLU A 1809 7.32 -8.88 -76.86
C GLU A 1809 6.18 -9.78 -76.42
N HIS A 1810 5.12 -9.19 -75.85
CA HIS A 1810 3.96 -9.99 -75.45
C HIS A 1810 3.33 -10.68 -76.65
N LEU A 1811 3.19 -9.96 -77.76
CA LEU A 1811 2.62 -10.55 -78.97
C LEU A 1811 3.48 -11.69 -79.49
N ILE A 1812 4.80 -11.50 -79.49
CA ILE A 1812 5.69 -12.57 -79.97
C ILE A 1812 5.55 -13.80 -79.10
N THR A 1813 5.54 -13.64 -77.78
CA THR A 1813 5.42 -14.80 -76.90
C THR A 1813 4.10 -15.52 -77.15
N GLU A 1814 3.00 -14.78 -77.19
CA GLU A 1814 1.70 -15.42 -77.31
C GLU A 1814 1.52 -16.07 -78.68
N LEU A 1815 2.02 -15.42 -79.74
CA LEU A 1815 1.93 -15.98 -81.07
C LEU A 1815 2.83 -17.20 -81.23
N VAL A 1816 3.98 -17.23 -80.55
CA VAL A 1816 4.81 -18.43 -80.55
C VAL A 1816 4.06 -19.58 -79.88
N HIS A 1817 3.36 -19.29 -78.77
CA HIS A 1817 2.54 -20.32 -78.14
C HIS A 1817 1.46 -20.83 -79.10
N GLN A 1818 0.80 -19.91 -79.83
CA GLN A 1818 -0.21 -20.33 -80.79
C GLN A 1818 0.39 -21.17 -81.91
N ARG A 1819 1.57 -20.80 -82.39
CA ARG A 1819 2.24 -21.58 -83.43
C ARG A 1819 2.56 -22.99 -82.94
N ASP A 1820 3.06 -23.11 -81.71
CA ASP A 1820 3.33 -24.44 -81.17
C ASP A 1820 2.05 -25.26 -81.05
N VAL A 1821 0.97 -24.63 -80.58
CA VAL A 1821 -0.31 -25.33 -80.47
C VAL A 1821 -0.80 -25.79 -81.83
N THR A 1822 -0.67 -24.93 -82.84
CA THR A 1822 -1.11 -25.30 -84.18
C THR A 1822 -0.28 -26.44 -84.76
N ARG A 1823 1.04 -26.41 -84.55
CA ARG A 1823 1.85 -27.53 -85.00
C ARG A 1823 1.47 -28.82 -84.29
N SER A 1824 1.19 -28.76 -82.99
CA SER A 1824 0.78 -29.96 -82.28
C SER A 1824 -0.54 -30.48 -82.81
N LEU A 1825 -1.49 -29.58 -83.12
CA LEU A 1825 -2.77 -30.01 -83.66
C LEU A 1825 -2.61 -30.65 -85.04
N ILE A 1826 -1.78 -30.05 -85.90
CA ILE A 1826 -1.57 -30.61 -87.23
C ILE A 1826 -0.88 -31.96 -87.15
N LYS A 1827 0.12 -32.08 -86.27
CA LYS A 1827 0.85 -33.34 -86.12
C LYS A 1827 -0.06 -34.44 -85.62
N SER A 1828 -0.94 -34.14 -84.66
CA SER A 1828 -1.87 -35.12 -84.14
C SER A 1828 -3.00 -35.45 -85.11
N LYS A 1829 -3.12 -34.70 -86.20
CA LYS A 1829 -4.15 -34.91 -87.22
C LYS A 1829 -5.55 -34.83 -86.61
N ILE A 1830 -5.86 -33.66 -86.06
CA ILE A 1830 -7.15 -33.38 -85.45
C ILE A 1830 -8.09 -32.85 -86.53
N ASP A 1831 -9.25 -33.49 -86.67
CA ASP A 1831 -10.24 -33.11 -87.66
C ASP A 1831 -11.57 -32.63 -87.06
N ASN A 1832 -11.80 -32.84 -85.77
CA ASN A 1832 -13.04 -32.48 -85.12
C ASN A 1832 -12.80 -31.36 -84.12
N ALA A 1833 -13.71 -30.38 -84.10
CA ALA A 1833 -13.62 -29.29 -83.14
C ALA A 1833 -13.93 -29.75 -81.72
N LYS A 1834 -14.57 -30.91 -81.57
CA LYS A 1834 -14.90 -31.44 -80.25
C LYS A 1834 -13.86 -32.42 -79.73
N SER A 1835 -12.79 -32.66 -80.48
CA SER A 1835 -11.72 -33.53 -79.99
C SER A 1835 -11.05 -32.91 -78.77
N PHE A 1836 -10.68 -33.75 -77.81
CA PHE A 1836 -10.10 -33.24 -76.57
C PHE A 1836 -8.73 -32.62 -76.77
N GLU A 1837 -8.06 -32.93 -77.88
CA GLU A 1837 -6.78 -32.26 -78.16
C GLU A 1837 -6.99 -30.76 -78.34
N TRP A 1838 -8.06 -30.36 -79.03
CA TRP A 1838 -8.39 -28.96 -79.13
C TRP A 1838 -9.15 -28.45 -77.91
N LEU A 1839 -9.97 -29.30 -77.29
CA LEU A 1839 -10.72 -28.88 -76.11
C LEU A 1839 -9.80 -28.59 -74.93
N SER A 1840 -8.75 -29.39 -74.77
CA SER A 1840 -7.81 -29.17 -73.67
C SER A 1840 -7.07 -27.84 -73.79
N GLN A 1841 -6.95 -27.30 -75.00
CA GLN A 1841 -6.36 -25.99 -75.16
C GLN A 1841 -7.29 -24.90 -74.65
N MET A 1842 -6.70 -23.76 -74.29
CA MET A 1842 -7.46 -22.63 -73.78
C MET A 1842 -8.00 -21.83 -74.96
N ARG A 1843 -9.33 -21.80 -75.10
CA ARG A 1843 -9.99 -21.22 -76.27
C ARG A 1843 -10.79 -20.00 -75.87
N PHE A 1844 -10.82 -19.00 -76.75
CA PHE A 1844 -11.54 -17.77 -76.53
C PHE A 1844 -12.58 -17.56 -77.62
N TYR A 1845 -13.81 -17.29 -77.22
CA TYR A 1845 -14.91 -17.09 -78.14
C TYR A 1845 -15.51 -15.71 -77.92
N PHE A 1846 -15.70 -14.97 -79.00
CA PHE A 1846 -16.24 -13.62 -78.94
C PHE A 1846 -17.65 -13.62 -79.53
N ASP A 1847 -18.57 -12.94 -78.84
CA ASP A 1847 -19.96 -12.82 -79.27
C ASP A 1847 -20.26 -11.35 -79.52
N PRO A 1848 -20.12 -10.86 -80.76
CA PRO A 1848 -20.38 -9.43 -81.02
C PRO A 1848 -21.83 -9.03 -80.85
N LYS A 1849 -22.77 -9.97 -80.91
CA LYS A 1849 -24.19 -9.66 -80.82
C LYS A 1849 -24.72 -9.66 -79.40
N GLN A 1850 -23.88 -9.97 -78.41
CA GLN A 1850 -24.32 -9.96 -77.02
C GLN A 1850 -24.64 -8.54 -76.59
N THR A 1851 -25.80 -8.36 -75.94
CA THR A 1851 -26.20 -7.03 -75.49
C THR A 1851 -25.27 -6.49 -74.42
N ASP A 1852 -24.89 -7.33 -73.47
CA ASP A 1852 -24.00 -6.91 -72.39
C ASP A 1852 -22.55 -6.96 -72.87
N VAL A 1853 -21.87 -5.82 -72.81
CA VAL A 1853 -20.49 -5.75 -73.30
C VAL A 1853 -19.57 -6.57 -72.42
N LEU A 1854 -19.89 -6.71 -71.13
CA LEU A 1854 -19.03 -7.47 -70.23
C LEU A 1854 -19.13 -8.97 -70.44
N GLN A 1855 -20.18 -9.44 -71.11
CA GLN A 1855 -20.39 -10.87 -71.34
C GLN A 1855 -20.14 -11.27 -72.78
N GLN A 1856 -19.64 -10.35 -73.61
CA GLN A 1856 -19.39 -10.67 -75.01
C GLN A 1856 -18.30 -11.74 -75.17
N LEU A 1857 -17.24 -11.65 -74.38
CA LEU A 1857 -16.12 -12.59 -74.47
C LEU A 1857 -16.29 -13.70 -73.45
N SER A 1858 -16.22 -14.94 -73.91
CA SER A 1858 -16.28 -16.12 -73.06
C SER A 1858 -14.98 -16.89 -73.21
N ILE A 1859 -14.35 -17.20 -72.09
CA ILE A 1859 -13.09 -17.94 -72.06
C ILE A 1859 -13.38 -19.37 -71.60
N GLN A 1860 -12.97 -20.34 -72.40
CA GLN A 1860 -13.23 -21.75 -72.13
C GLN A 1860 -11.94 -22.54 -72.26
N MET A 1861 -11.80 -23.56 -71.43
CA MET A 1861 -10.70 -24.51 -71.54
C MET A 1861 -11.14 -25.81 -70.90
N ALA A 1862 -11.06 -26.91 -71.66
CA ALA A 1862 -11.63 -28.21 -71.28
C ALA A 1862 -13.13 -27.98 -71.10
N ASN A 1863 -13.73 -28.39 -69.98
CA ASN A 1863 -15.15 -28.20 -69.76
C ASN A 1863 -15.47 -26.94 -68.96
N ALA A 1864 -14.47 -26.16 -68.58
CA ALA A 1864 -14.68 -24.98 -67.76
C ALA A 1864 -14.97 -23.76 -68.65
N LYS A 1865 -15.86 -22.90 -68.16
CA LYS A 1865 -16.24 -21.68 -68.86
C LYS A 1865 -16.01 -20.49 -67.95
N PHE A 1866 -15.37 -19.45 -68.49
CA PHE A 1866 -15.09 -18.24 -67.73
C PHE A 1866 -15.43 -17.02 -68.56
N ASN A 1867 -15.57 -15.89 -67.87
CA ASN A 1867 -15.80 -14.60 -68.49
C ASN A 1867 -14.68 -13.64 -68.09
N TYR A 1868 -14.22 -12.85 -69.06
CA TYR A 1868 -13.17 -11.89 -68.79
C TYR A 1868 -13.64 -10.86 -67.76
N GLY A 1869 -12.82 -10.61 -66.74
CA GLY A 1869 -13.17 -9.65 -65.71
C GLY A 1869 -13.05 -8.21 -66.14
N PHE A 1870 -12.30 -7.94 -67.21
CA PHE A 1870 -12.13 -6.60 -67.74
C PHE A 1870 -11.58 -5.64 -66.70
N GLU A 1871 -10.65 -6.14 -65.88
CA GLU A 1871 -9.91 -5.30 -64.95
C GLU A 1871 -8.66 -4.78 -65.65
N TYR A 1872 -8.45 -3.47 -65.61
CA TYR A 1872 -7.31 -2.87 -66.28
C TYR A 1872 -6.02 -3.31 -65.58
N LEU A 1873 -5.30 -4.24 -66.21
CA LEU A 1873 -4.05 -4.73 -65.65
C LEU A 1873 -2.85 -3.89 -66.03
N GLY A 1874 -3.02 -2.89 -66.89
CA GLY A 1874 -1.88 -2.12 -67.34
C GLY A 1874 -0.96 -2.97 -68.21
N VAL A 1875 0.32 -2.65 -68.17
CA VAL A 1875 1.34 -3.39 -68.89
C VAL A 1875 2.09 -4.23 -67.86
N GLN A 1876 1.95 -5.54 -67.96
CA GLN A 1876 2.55 -6.47 -67.01
C GLN A 1876 3.28 -7.57 -67.77
N ASP A 1877 4.39 -8.04 -67.18
CA ASP A 1877 5.20 -9.06 -67.83
C ASP A 1877 4.38 -10.31 -68.10
N LYS A 1878 4.47 -10.82 -69.32
CA LYS A 1878 3.71 -11.98 -69.74
C LYS A 1878 4.60 -13.22 -69.67
N LEU A 1879 4.07 -14.28 -69.08
CA LEU A 1879 4.84 -15.50 -68.90
C LEU A 1879 4.95 -16.27 -70.20
N VAL A 1880 6.07 -16.97 -70.36
CA VAL A 1880 6.25 -17.84 -71.51
C VAL A 1880 5.42 -19.10 -71.31
N GLN A 1881 4.58 -19.41 -72.30
CA GLN A 1881 3.64 -20.53 -72.19
C GLN A 1881 4.38 -21.83 -72.48
N THR A 1882 4.77 -22.53 -71.43
CA THR A 1882 5.44 -23.81 -71.48
C THR A 1882 4.46 -24.92 -71.11
N PRO A 1883 4.73 -26.17 -71.51
CA PRO A 1883 3.79 -27.25 -71.16
C PRO A 1883 3.50 -27.36 -69.67
N LEU A 1884 4.46 -27.00 -68.81
CA LEU A 1884 4.16 -26.94 -67.38
C LEU A 1884 3.09 -25.90 -67.09
N THR A 1885 3.16 -24.75 -67.75
CA THR A 1885 2.13 -23.74 -67.56
C THR A 1885 0.80 -24.20 -68.14
N ASP A 1886 0.82 -24.97 -69.23
CA ASP A 1886 -0.43 -25.52 -69.75
C ASP A 1886 -1.06 -26.49 -68.77
N ARG A 1887 -0.24 -27.36 -68.16
CA ARG A 1887 -0.75 -28.27 -67.15
C ARG A 1887 -1.30 -27.52 -65.95
N CYS A 1888 -0.59 -26.46 -65.53
CA CYS A 1888 -1.07 -25.65 -64.42
C CYS A 1888 -2.40 -24.99 -64.75
N TYR A 1889 -2.53 -24.45 -65.96
CA TYR A 1889 -3.78 -23.83 -66.37
C TYR A 1889 -4.91 -24.84 -66.39
N LEU A 1890 -4.65 -26.04 -66.91
CA LEU A 1890 -5.69 -27.07 -66.95
C LEU A 1890 -6.15 -27.44 -65.54
N THR A 1891 -5.20 -27.70 -64.64
CA THR A 1891 -5.56 -28.10 -63.29
C THR A 1891 -6.29 -26.99 -62.55
N MET A 1892 -5.81 -25.75 -62.66
CA MET A 1892 -6.46 -24.65 -61.94
C MET A 1892 -7.83 -24.34 -62.52
N THR A 1893 -8.00 -24.45 -63.84
CA THR A 1893 -9.33 -24.25 -64.42
C THR A 1893 -10.29 -25.36 -64.01
N GLN A 1894 -9.81 -26.61 -63.92
CA GLN A 1894 -10.65 -27.69 -63.42
C GLN A 1894 -11.05 -27.43 -61.96
N ALA A 1895 -10.11 -26.93 -61.16
CA ALA A 1895 -10.45 -26.58 -59.77
C ALA A 1895 -11.46 -25.45 -59.70
N LEU A 1896 -11.30 -24.43 -60.55
CA LEU A 1896 -12.22 -23.30 -60.56
C LEU A 1896 -13.62 -23.73 -60.99
N GLU A 1897 -13.71 -24.60 -61.99
CA GLU A 1897 -15.02 -25.05 -62.46
C GLU A 1897 -15.75 -25.80 -61.37
N ALA A 1898 -15.04 -26.61 -60.58
CA ALA A 1898 -15.61 -27.31 -59.44
C ALA A 1898 -15.77 -26.41 -58.22
N ARG A 1899 -15.54 -25.10 -58.36
CA ARG A 1899 -15.60 -24.16 -57.26
C ARG A 1899 -14.65 -24.57 -56.13
N LEU A 1900 -13.47 -25.06 -56.52
CA LEU A 1900 -12.42 -25.45 -55.59
C LEU A 1900 -11.21 -24.53 -55.78
N GLY A 1901 -10.39 -24.47 -54.74
CA GLY A 1901 -9.17 -23.68 -54.82
C GLY A 1901 -8.07 -24.42 -55.57
N GLY A 1902 -7.00 -23.69 -55.86
CA GLY A 1902 -5.83 -24.24 -56.51
C GLY A 1902 -4.64 -24.19 -55.58
N SER A 1903 -3.92 -25.30 -55.49
CA SER A 1903 -2.80 -25.46 -54.58
C SER A 1903 -1.59 -26.02 -55.32
N PRO A 1904 -0.94 -25.20 -56.16
CA PRO A 1904 0.31 -25.66 -56.79
C PRO A 1904 1.42 -25.71 -55.75
N PHE A 1905 2.16 -26.82 -55.75
CA PHE A 1905 3.22 -27.05 -54.78
C PHE A 1905 4.48 -27.55 -55.48
N GLY A 1906 5.61 -27.32 -54.83
CA GLY A 1906 6.89 -27.74 -55.34
C GLY A 1906 8.02 -26.91 -54.79
N PRO A 1907 9.25 -27.22 -55.20
CA PRO A 1907 10.40 -26.44 -54.71
C PRO A 1907 10.35 -25.01 -55.19
N ALA A 1908 10.95 -24.11 -54.40
CA ALA A 1908 10.93 -22.70 -54.71
C ALA A 1908 11.65 -22.41 -56.03
N GLY A 1909 11.09 -21.49 -56.80
CA GLY A 1909 11.68 -21.10 -58.06
C GLY A 1909 11.12 -21.78 -59.29
N THR A 1910 10.04 -22.53 -59.16
CA THR A 1910 9.44 -23.24 -60.30
C THR A 1910 8.33 -22.46 -60.98
N GLY A 1911 8.04 -21.25 -60.49
CA GLY A 1911 7.05 -20.41 -61.14
C GLY A 1911 5.61 -20.76 -60.80
N LYS A 1912 5.32 -20.99 -59.52
CA LYS A 1912 3.97 -21.30 -59.08
C LYS A 1912 3.15 -20.03 -58.88
N THR A 1913 3.68 -19.09 -58.09
CA THR A 1913 2.99 -17.81 -57.90
C THR A 1913 2.86 -17.07 -59.21
N GLU A 1914 3.91 -17.08 -60.03
CA GLU A 1914 3.86 -16.42 -61.33
C GLU A 1914 2.84 -17.08 -62.25
N SER A 1915 2.74 -18.41 -62.21
CA SER A 1915 1.74 -19.09 -63.02
C SER A 1915 0.33 -18.73 -62.57
N VAL A 1916 0.10 -18.67 -61.26
CA VAL A 1916 -1.22 -18.28 -60.76
C VAL A 1916 -1.55 -16.87 -61.20
N LYS A 1917 -0.60 -15.94 -61.07
CA LYS A 1917 -0.84 -14.56 -61.49
C LYS A 1917 -1.09 -14.47 -62.98
N ALA A 1918 -0.34 -15.23 -63.78
CA ALA A 1918 -0.52 -15.22 -65.22
C ALA A 1918 -1.89 -15.75 -65.62
N LEU A 1919 -2.34 -16.81 -64.95
CA LEU A 1919 -3.69 -17.32 -65.21
C LEU A 1919 -4.75 -16.29 -64.83
N GLY A 1920 -4.58 -15.64 -63.69
CA GLY A 1920 -5.55 -14.63 -63.28
C GLY A 1920 -5.59 -13.45 -64.22
N HIS A 1921 -4.43 -13.04 -64.74
CA HIS A 1921 -4.38 -11.95 -65.70
C HIS A 1921 -4.90 -12.38 -67.07
N GLN A 1922 -4.79 -13.67 -67.39
CA GLN A 1922 -5.35 -14.17 -68.65
C GLN A 1922 -6.86 -14.05 -68.67
N LEU A 1923 -7.51 -14.24 -67.51
CA LEU A 1923 -8.95 -14.09 -67.37
C LEU A 1923 -9.35 -12.66 -67.01
N GLY A 1924 -8.38 -11.75 -66.95
CA GLY A 1924 -8.68 -10.37 -66.59
C GLY A 1924 -9.16 -10.19 -65.17
N ARG A 1925 -8.57 -10.93 -64.24
CA ARG A 1925 -8.95 -10.89 -62.83
C ARG A 1925 -7.95 -10.09 -62.03
N PHE A 1926 -8.42 -9.53 -60.92
CA PHE A 1926 -7.57 -8.80 -59.97
C PHE A 1926 -6.92 -9.83 -59.05
N VAL A 1927 -5.63 -10.07 -59.25
CA VAL A 1927 -4.90 -11.08 -58.51
C VAL A 1927 -4.10 -10.39 -57.40
N LEU A 1928 -4.39 -10.75 -56.15
CA LEU A 1928 -3.69 -10.21 -55.00
C LEU A 1928 -2.74 -11.26 -54.44
N VAL A 1929 -1.49 -10.87 -54.24
CA VAL A 1929 -0.46 -11.73 -53.69
C VAL A 1929 -0.27 -11.38 -52.23
N PHE A 1930 -0.40 -12.38 -51.36
CA PHE A 1930 -0.20 -12.21 -49.92
C PHE A 1930 0.93 -13.12 -49.47
N ASN A 1931 1.89 -12.55 -48.77
CA ASN A 1931 3.00 -13.31 -48.19
C ASN A 1931 2.58 -13.73 -46.79
N CYS A 1932 2.16 -14.99 -46.66
CA CYS A 1932 1.59 -15.47 -45.41
C CYS A 1932 2.70 -15.81 -44.41
N ASP A 1933 2.40 -15.63 -43.13
CA ASP A 1933 3.28 -16.05 -42.05
C ASP A 1933 2.42 -16.46 -40.86
N GLU A 1934 3.05 -16.65 -39.71
CA GLU A 1934 2.32 -17.08 -38.52
C GLU A 1934 1.39 -16.02 -37.96
N THR A 1935 1.54 -14.76 -38.39
CA THR A 1935 0.69 -13.68 -37.88
C THR A 1935 -0.65 -13.59 -38.60
N PHE A 1936 -0.85 -14.33 -39.69
CA PHE A 1936 -2.11 -14.31 -40.43
C PHE A 1936 -3.09 -15.23 -39.71
N ASP A 1937 -3.71 -14.70 -38.67
CA ASP A 1937 -4.58 -15.49 -37.82
C ASP A 1937 -5.97 -15.64 -38.45
N PHE A 1938 -6.92 -16.15 -37.68
CA PHE A 1938 -8.27 -16.37 -38.20
C PHE A 1938 -8.95 -15.07 -38.57
N GLN A 1939 -8.79 -14.04 -37.75
CA GLN A 1939 -9.46 -12.76 -38.00
C GLN A 1939 -8.91 -12.08 -39.25
N ALA A 1940 -7.59 -12.09 -39.42
CA ALA A 1940 -6.98 -11.48 -40.60
C ALA A 1940 -7.40 -12.21 -41.87
N MET A 1941 -7.40 -13.54 -41.83
CA MET A 1941 -7.87 -14.31 -42.98
C MET A 1941 -9.34 -14.03 -43.28
N GLY A 1942 -10.16 -13.91 -42.24
CA GLY A 1942 -11.56 -13.59 -42.46
C GLY A 1942 -11.75 -12.23 -43.11
N ARG A 1943 -11.01 -11.23 -42.64
CA ARG A 1943 -11.13 -9.89 -43.22
C ARG A 1943 -10.63 -9.86 -44.66
N ILE A 1944 -9.51 -10.54 -44.94
CA ILE A 1944 -9.01 -10.61 -46.30
C ILE A 1944 -10.01 -11.33 -47.21
N PHE A 1945 -10.63 -12.40 -46.71
CA PHE A 1945 -11.60 -13.13 -47.50
C PHE A 1945 -12.84 -12.28 -47.77
N VAL A 1946 -13.27 -11.49 -46.78
CA VAL A 1946 -14.39 -10.58 -46.97
C VAL A 1946 -14.05 -9.57 -48.06
N GLY A 1947 -12.84 -9.00 -48.00
CA GLY A 1947 -12.44 -8.06 -49.03
C GLY A 1947 -12.40 -8.69 -50.41
N LEU A 1948 -11.86 -9.91 -50.52
CA LEU A 1948 -11.81 -10.58 -51.81
C LEU A 1948 -13.20 -10.90 -52.33
N CYS A 1949 -14.11 -11.35 -51.46
CA CYS A 1949 -15.46 -11.69 -51.89
C CYS A 1949 -16.20 -10.45 -52.37
N GLN A 1950 -16.06 -9.34 -51.65
CA GLN A 1950 -16.76 -8.12 -52.04
C GLN A 1950 -16.19 -7.54 -53.33
N VAL A 1951 -14.85 -7.50 -53.43
CA VAL A 1951 -14.23 -6.96 -54.64
C VAL A 1951 -14.43 -7.91 -55.81
N GLY A 1952 -14.26 -9.22 -55.58
CA GLY A 1952 -14.27 -10.18 -56.65
C GLY A 1952 -12.88 -10.37 -57.21
N ALA A 1953 -11.90 -10.46 -56.32
CA ALA A 1953 -10.49 -10.52 -56.68
C ALA A 1953 -9.91 -11.87 -56.31
N TRP A 1954 -8.92 -12.31 -57.08
CA TRP A 1954 -8.24 -13.58 -56.85
C TRP A 1954 -7.25 -13.43 -55.71
N GLY A 1955 -7.27 -14.37 -54.77
CA GLY A 1955 -6.33 -14.35 -53.67
C GLY A 1955 -5.30 -15.45 -53.75
N CYS A 1956 -4.07 -15.08 -54.09
CA CYS A 1956 -2.95 -16.03 -54.11
C CYS A 1956 -2.19 -15.89 -52.79
N PHE A 1957 -2.24 -16.93 -51.97
CA PHE A 1957 -1.64 -16.91 -50.63
C PHE A 1957 -0.38 -17.76 -50.69
N ASP A 1958 0.75 -17.13 -50.97
CA ASP A 1958 2.01 -17.84 -51.02
C ASP A 1958 2.47 -18.22 -49.63
N GLU A 1959 3.24 -19.31 -49.55
CA GLU A 1959 3.75 -19.83 -48.28
C GLU A 1959 2.61 -20.07 -47.29
N PHE A 1960 1.52 -20.65 -47.79
CA PHE A 1960 0.33 -20.84 -46.97
C PHE A 1960 0.59 -21.78 -45.79
N ASN A 1961 1.61 -22.63 -45.87
CA ASN A 1961 1.92 -23.54 -44.77
C ASN A 1961 2.72 -22.87 -43.67
N ARG A 1962 3.08 -21.60 -43.82
CA ARG A 1962 3.74 -20.87 -42.74
C ARG A 1962 2.79 -20.47 -41.63
N LEU A 1963 1.48 -20.60 -41.85
CA LEU A 1963 0.51 -20.39 -40.78
C LEU A 1963 0.61 -21.52 -39.76
N GLU A 1964 0.06 -21.27 -38.57
CA GLU A 1964 -0.04 -22.33 -37.58
C GLU A 1964 -1.09 -23.36 -38.00
N GLU A 1965 -0.90 -24.59 -37.53
CA GLU A 1965 -1.82 -25.67 -37.90
C GLU A 1965 -3.24 -25.37 -37.43
N ARG A 1966 -3.37 -24.85 -36.20
CA ARG A 1966 -4.68 -24.48 -35.69
C ARG A 1966 -5.30 -23.37 -36.53
N MET A 1967 -4.50 -22.39 -36.95
CA MET A 1967 -5.03 -21.32 -37.80
C MET A 1967 -5.46 -21.85 -39.16
N LEU A 1968 -4.68 -22.79 -39.74
CA LEU A 1968 -5.09 -23.40 -40.99
C LEU A 1968 -6.40 -24.15 -40.84
N SER A 1969 -6.55 -24.91 -39.75
CA SER A 1969 -7.79 -25.63 -39.50
C SER A 1969 -8.97 -24.66 -39.38
N ALA A 1970 -8.78 -23.56 -38.66
CA ALA A 1970 -9.85 -22.57 -38.52
C ALA A 1970 -10.18 -21.92 -39.85
N VAL A 1971 -9.16 -21.62 -40.66
CA VAL A 1971 -9.37 -20.97 -41.95
C VAL A 1971 -10.09 -21.90 -42.92
N SER A 1972 -9.92 -23.22 -42.74
CA SER A 1972 -10.64 -24.17 -43.58
C SER A 1972 -12.14 -23.94 -43.54
N GLN A 1973 -12.69 -23.54 -42.39
CA GLN A 1973 -14.12 -23.30 -42.29
C GLN A 1973 -14.56 -22.14 -43.18
N GLN A 1974 -13.83 -21.02 -43.13
CA GLN A 1974 -14.15 -19.89 -43.98
C GLN A 1974 -14.00 -20.24 -45.46
N VAL A 1975 -12.95 -20.98 -45.80
CA VAL A 1975 -12.75 -21.39 -47.19
C VAL A 1975 -13.91 -22.26 -47.65
N GLN A 1976 -14.35 -23.19 -46.81
CA GLN A 1976 -15.46 -24.06 -47.17
C GLN A 1976 -16.76 -23.28 -47.34
N CYS A 1977 -17.01 -22.31 -46.45
CA CYS A 1977 -18.21 -21.48 -46.60
C CYS A 1977 -18.17 -20.68 -47.90
N ILE A 1978 -17.01 -20.11 -48.22
CA ILE A 1978 -16.89 -19.35 -49.47
C ILE A 1978 -17.12 -20.25 -50.68
N GLN A 1979 -16.55 -21.47 -50.64
CA GLN A 1979 -16.71 -22.39 -51.76
C GLN A 1979 -18.16 -22.83 -51.91
N GLU A 1980 -18.85 -23.07 -50.80
CA GLU A 1980 -20.27 -23.42 -50.88
C GLU A 1980 -21.10 -22.26 -51.44
N ALA A 1981 -20.79 -21.03 -51.02
CA ALA A 1981 -21.50 -19.87 -51.55
C ALA A 1981 -21.26 -19.74 -53.05
N LEU A 1982 -20.02 -19.99 -53.50
CA LEU A 1982 -19.74 -19.96 -54.93
C LEU A 1982 -20.49 -21.06 -55.67
N ARG A 1983 -20.56 -22.25 -55.06
CA ARG A 1983 -21.24 -23.37 -55.71
C ARG A 1983 -22.73 -23.11 -55.88
N GLU A 1984 -23.38 -22.60 -54.84
CA GLU A 1984 -24.81 -22.29 -54.96
C GLU A 1984 -25.05 -21.09 -55.87
N HIS A 1985 -24.03 -20.28 -56.12
CA HIS A 1985 -24.15 -19.19 -57.09
C HIS A 1985 -24.23 -19.72 -58.52
N SER A 1986 -23.64 -20.89 -58.79
CA SER A 1986 -23.48 -21.38 -60.14
C SER A 1986 -24.66 -22.22 -60.64
N ASN A 1987 -25.61 -22.56 -59.77
CA ASN A 1987 -26.72 -23.39 -60.22
C ASN A 1987 -27.62 -22.60 -61.17
N PRO A 1988 -28.22 -23.26 -62.16
CA PRO A 1988 -29.03 -22.52 -63.16
C PRO A 1988 -30.25 -21.83 -62.57
N ASN A 1989 -30.85 -22.38 -61.51
CA ASN A 1989 -32.07 -21.81 -60.96
C ASN A 1989 -31.86 -20.44 -60.32
N TYR A 1990 -30.63 -20.07 -60.01
CA TYR A 1990 -30.36 -18.76 -59.44
C TYR A 1990 -30.60 -17.67 -60.48
N ASP A 1991 -31.25 -16.59 -60.07
CA ASP A 1991 -31.53 -15.45 -60.93
C ASP A 1991 -30.94 -14.19 -60.30
N LYS A 1992 -30.34 -13.34 -61.14
CA LYS A 1992 -29.71 -12.12 -60.65
C LYS A 1992 -30.73 -11.11 -60.12
N THR A 1993 -32.01 -11.26 -60.49
CA THR A 1993 -33.04 -10.37 -59.96
C THR A 1993 -33.40 -10.71 -58.52
N SER A 1994 -33.01 -11.88 -58.03
CA SER A 1994 -33.31 -12.28 -56.66
C SER A 1994 -32.24 -11.72 -55.72
N ALA A 1995 -32.26 -12.19 -54.48
CA ALA A 1995 -31.28 -11.72 -53.50
C ALA A 1995 -29.89 -12.21 -53.88
N PRO A 1996 -28.86 -11.37 -53.70
CA PRO A 1996 -27.50 -11.81 -54.01
C PRO A 1996 -27.04 -12.91 -53.05
N ILE A 1997 -26.14 -13.76 -53.55
CA ILE A 1997 -25.62 -14.85 -52.74
C ILE A 1997 -24.65 -14.30 -51.72
N THR A 1998 -24.84 -14.66 -50.45
CA THR A 1998 -24.00 -14.21 -49.36
C THR A 1998 -23.53 -15.41 -48.55
N CYS A 1999 -22.41 -15.22 -47.85
CA CYS A 1999 -21.83 -16.25 -47.01
C CYS A 1999 -21.52 -15.66 -45.64
N GLU A 2000 -21.48 -16.54 -44.64
CA GLU A 2000 -21.24 -16.13 -43.26
C GLU A 2000 -19.74 -16.04 -43.02
N LEU A 2001 -19.22 -14.80 -42.95
CA LEU A 2001 -17.82 -14.54 -42.66
C LEU A 2001 -17.73 -13.56 -41.51
N LEU A 2002 -16.99 -13.93 -40.47
CA LEU A 2002 -16.77 -13.08 -39.30
C LEU A 2002 -18.10 -12.63 -38.69
N ASN A 2003 -19.05 -13.57 -38.58
CA ASN A 2003 -20.36 -13.33 -37.99
C ASN A 2003 -21.13 -12.23 -38.74
N LYS A 2004 -20.89 -12.13 -40.04
CA LYS A 2004 -21.57 -11.14 -40.87
C LYS A 2004 -21.98 -11.78 -42.19
N GLN A 2005 -23.01 -11.20 -42.80
CA GLN A 2005 -23.45 -11.62 -44.13
C GLN A 2005 -22.75 -10.77 -45.17
N VAL A 2006 -21.88 -11.38 -45.95
CA VAL A 2006 -21.05 -10.68 -46.93
C VAL A 2006 -21.35 -11.23 -48.31
N LYS A 2007 -21.54 -10.33 -49.28
CA LYS A 2007 -21.83 -10.74 -50.65
C LYS A 2007 -20.58 -11.36 -51.28
N VAL A 2008 -20.78 -12.46 -52.00
CA VAL A 2008 -19.71 -13.19 -52.64
C VAL A 2008 -19.82 -12.97 -54.15
N SER A 2009 -18.82 -12.33 -54.74
CA SER A 2009 -18.79 -12.17 -56.18
C SER A 2009 -18.37 -13.48 -56.85
N PRO A 2010 -18.98 -13.82 -57.99
CA PRO A 2010 -18.58 -15.07 -58.67
C PRO A 2010 -17.17 -15.03 -59.23
N ASP A 2011 -16.56 -13.84 -59.37
CA ASP A 2011 -15.26 -13.71 -60.00
C ASP A 2011 -14.09 -14.06 -59.07
N MET A 2012 -14.31 -14.13 -57.77
CA MET A 2012 -13.18 -14.30 -56.86
C MET A 2012 -12.75 -15.76 -56.80
N ALA A 2013 -11.53 -15.97 -56.33
CA ALA A 2013 -10.97 -17.31 -56.18
C ALA A 2013 -9.88 -17.27 -55.13
N ILE A 2014 -9.59 -18.43 -54.56
CA ILE A 2014 -8.56 -18.58 -53.54
C ILE A 2014 -7.53 -19.58 -54.04
N PHE A 2015 -6.28 -19.15 -54.09
CA PHE A 2015 -5.15 -20.00 -54.47
C PHE A 2015 -4.11 -19.95 -53.37
N ILE A 2016 -3.52 -21.11 -53.06
CA ILE A 2016 -2.46 -21.21 -52.08
C ILE A 2016 -1.23 -21.80 -52.75
N THR A 2017 -0.08 -21.17 -52.54
CA THR A 2017 1.18 -21.61 -53.11
C THR A 2017 2.07 -22.08 -51.97
N MET A 2018 2.63 -23.28 -52.10
CA MET A 2018 3.29 -23.93 -50.98
C MET A 2018 4.51 -24.70 -51.45
N ASN A 2019 5.42 -24.93 -50.51
CA ASN A 2019 6.57 -25.82 -50.71
C ASN A 2019 6.63 -26.78 -49.54
N PRO A 2020 6.10 -28.00 -49.67
CA PRO A 2020 6.08 -28.92 -48.52
C PRO A 2020 7.43 -29.51 -48.17
N GLY A 2021 8.48 -29.20 -48.93
CA GLY A 2021 9.79 -29.76 -48.66
C GLY A 2021 10.54 -29.14 -47.49
N TYR A 2022 10.15 -27.95 -47.05
CA TYR A 2022 10.82 -27.28 -45.95
C TYR A 2022 10.37 -27.87 -44.62
N ALA A 2023 11.32 -28.37 -43.83
CA ALA A 2023 11.02 -28.87 -42.50
C ALA A 2023 10.66 -27.72 -41.56
N GLY A 2024 9.74 -27.98 -40.65
CA GLY A 2024 9.24 -26.98 -39.74
C GLY A 2024 7.97 -26.27 -40.19
N ARG A 2025 7.64 -26.38 -41.47
CA ARG A 2025 6.38 -25.81 -41.96
C ARG A 2025 5.20 -26.64 -41.46
N SER A 2026 4.05 -25.97 -41.32
CA SER A 2026 2.88 -26.63 -40.79
C SER A 2026 2.31 -27.65 -41.79
N ASN A 2027 1.64 -28.66 -41.26
CA ASN A 2027 0.95 -29.65 -42.07
C ASN A 2027 -0.52 -29.30 -42.12
N LEU A 2028 -1.05 -29.11 -43.33
CA LEU A 2028 -2.42 -28.70 -43.49
C LEU A 2028 -3.37 -29.83 -43.06
N PRO A 2029 -4.44 -29.51 -42.34
CA PRO A 2029 -5.41 -30.53 -41.96
C PRO A 2029 -6.11 -31.11 -43.18
N ASP A 2030 -6.59 -32.34 -43.04
CA ASP A 2030 -7.19 -33.05 -44.16
C ASP A 2030 -8.42 -32.34 -44.69
N ASN A 2031 -9.25 -31.81 -43.78
CA ASN A 2031 -10.44 -31.09 -44.22
C ASN A 2031 -10.10 -29.83 -44.99
N LEU A 2032 -8.94 -29.23 -44.73
CA LEU A 2032 -8.51 -28.08 -45.52
C LEU A 2032 -7.96 -28.51 -46.87
N LYS A 2033 -7.25 -29.64 -46.92
CA LYS A 2033 -6.60 -30.06 -48.17
C LYS A 2033 -7.62 -30.51 -49.20
N LYS A 2034 -8.79 -31.00 -48.78
CA LYS A 2034 -9.81 -31.42 -49.73
C LYS A 2034 -10.47 -30.23 -50.43
N LEU A 2035 -10.27 -29.02 -49.93
CA LEU A 2035 -10.85 -27.82 -50.53
C LEU A 2035 -9.99 -27.26 -51.65
N PHE A 2036 -8.84 -27.84 -51.94
CA PHE A 2036 -7.93 -27.35 -52.96
C PHE A 2036 -7.50 -28.49 -53.86
N ARG A 2037 -7.29 -28.17 -55.13
CA ARG A 2037 -6.75 -29.12 -56.11
C ARG A 2037 -5.25 -28.88 -56.22
N SER A 2038 -4.46 -29.89 -55.88
CA SER A 2038 -3.02 -29.74 -55.79
C SER A 2038 -2.35 -30.17 -57.10
N LEU A 2039 -1.34 -29.39 -57.52
CA LEU A 2039 -0.55 -29.71 -58.69
C LEU A 2039 0.93 -29.63 -58.32
N ALA A 2040 1.72 -30.60 -58.78
CA ALA A 2040 3.14 -30.64 -58.53
C ALA A 2040 3.87 -29.89 -59.64
N MET A 2041 4.48 -28.76 -59.29
CA MET A 2041 5.26 -27.96 -60.22
C MET A 2041 6.71 -28.05 -59.77
N THR A 2042 7.42 -29.07 -60.27
CA THR A 2042 8.77 -29.39 -59.81
C THR A 2042 9.84 -29.00 -60.81
N LYS A 2043 9.67 -29.33 -62.08
CA LYS A 2043 10.69 -29.07 -63.09
C LYS A 2043 10.16 -28.11 -64.15
N PRO A 2044 10.44 -26.81 -64.07
CA PRO A 2044 10.10 -25.91 -65.16
C PRO A 2044 10.94 -26.20 -66.39
N ASP A 2045 10.35 -25.95 -67.56
CA ASP A 2045 11.05 -26.14 -68.83
C ASP A 2045 11.91 -24.91 -69.10
N ARG A 2046 13.12 -24.94 -68.55
CA ARG A 2046 14.00 -23.78 -68.62
C ARG A 2046 14.44 -23.47 -70.05
N GLN A 2047 14.65 -24.52 -70.85
CA GLN A 2047 15.12 -24.32 -72.22
C GLN A 2047 14.10 -23.56 -73.06
N LEU A 2048 12.83 -23.96 -73.01
CA LEU A 2048 11.80 -23.27 -73.77
C LEU A 2048 11.63 -21.84 -73.30
N ILE A 2049 11.68 -21.62 -71.98
CA ILE A 2049 11.56 -20.27 -71.45
C ILE A 2049 12.69 -19.39 -71.99
N ALA A 2050 13.93 -19.88 -71.91
CA ALA A 2050 15.06 -19.11 -72.40
C ALA A 2050 14.94 -18.83 -73.89
N GLN A 2051 14.56 -19.85 -74.67
CA GLN A 2051 14.45 -19.68 -76.12
C GLN A 2051 13.42 -18.63 -76.47
N VAL A 2052 12.22 -18.73 -75.89
CA VAL A 2052 11.15 -17.80 -76.22
C VAL A 2052 11.49 -16.39 -75.75
N MET A 2053 12.05 -16.25 -74.55
CA MET A 2053 12.35 -14.92 -74.04
C MET A 2053 13.53 -14.27 -74.75
N LEU A 2054 14.47 -15.05 -75.29
CA LEU A 2054 15.52 -14.47 -76.12
C LEU A 2054 15.00 -14.12 -77.51
N TYR A 2055 14.08 -14.94 -78.05
CA TYR A 2055 13.49 -14.63 -79.35
C TYR A 2055 12.67 -13.34 -79.29
N SER A 2056 11.93 -13.14 -78.19
CA SER A 2056 11.09 -11.96 -78.06
C SER A 2056 11.92 -10.68 -77.96
N GLN A 2057 13.05 -10.74 -77.27
CA GLN A 2057 13.87 -9.55 -77.06
C GLN A 2057 14.62 -9.09 -78.31
N GLY A 2058 14.58 -9.88 -79.39
CA GLY A 2058 15.22 -9.50 -80.64
C GLY A 2058 16.51 -10.23 -80.95
N PHE A 2059 16.87 -11.25 -80.19
CA PHE A 2059 18.09 -12.01 -80.46
C PHE A 2059 17.87 -12.90 -81.68
N ARG A 2060 18.67 -12.67 -82.73
CA ARG A 2060 18.55 -13.48 -83.94
C ARG A 2060 18.96 -14.92 -83.70
N THR A 2061 19.93 -15.15 -82.81
CA THR A 2061 20.46 -16.48 -82.51
C THR A 2061 19.86 -17.05 -81.24
N ALA A 2062 18.56 -16.83 -81.01
CA ALA A 2062 17.95 -17.18 -79.74
C ALA A 2062 18.03 -18.68 -79.46
N GLU A 2063 17.85 -19.51 -80.49
CA GLU A 2063 17.83 -20.95 -80.28
C GLU A 2063 19.17 -21.45 -79.76
N VAL A 2064 20.26 -21.11 -80.45
CA VAL A 2064 21.58 -21.58 -80.03
C VAL A 2064 21.98 -20.93 -78.72
N LEU A 2065 21.60 -19.66 -78.52
CA LEU A 2065 21.92 -19.00 -77.25
C LEU A 2065 21.25 -19.70 -76.07
N ALA A 2066 19.99 -20.09 -76.22
CA ALA A 2066 19.30 -20.80 -75.15
C ALA A 2066 19.91 -22.18 -74.94
N ASN A 2067 20.18 -22.90 -76.03
CA ASN A 2067 20.77 -24.24 -75.92
C ASN A 2067 22.20 -24.19 -75.41
N LYS A 2068 22.82 -23.01 -75.40
CA LYS A 2068 24.13 -22.87 -74.79
C LYS A 2068 24.07 -22.33 -73.36
N ILE A 2069 23.00 -21.61 -73.01
CA ILE A 2069 22.93 -20.99 -71.70
C ILE A 2069 22.26 -21.88 -70.66
N VAL A 2070 21.30 -22.70 -71.04
CA VAL A 2070 20.63 -23.57 -70.07
C VAL A 2070 21.58 -24.69 -69.63
N PRO A 2071 22.19 -25.43 -70.57
CA PRO A 2071 23.22 -26.39 -70.15
C PRO A 2071 24.39 -25.73 -69.44
N PHE A 2072 24.66 -24.46 -69.72
CA PHE A 2072 25.69 -23.74 -68.97
C PHE A 2072 25.31 -23.62 -67.50
N PHE A 2073 24.05 -23.30 -67.21
CA PHE A 2073 23.62 -23.21 -65.82
C PHE A 2073 23.63 -24.58 -65.16
N LYS A 2074 23.25 -25.63 -65.90
CA LYS A 2074 23.35 -26.98 -65.34
C LYS A 2074 24.80 -27.34 -65.03
N LEU A 2075 25.72 -26.98 -65.93
CA LEU A 2075 27.14 -27.24 -65.70
C LEU A 2075 27.64 -26.49 -64.48
N CYS A 2076 27.22 -25.23 -64.33
CA CYS A 2076 27.60 -24.47 -63.15
C CYS A 2076 27.07 -25.13 -61.88
N ASP A 2077 25.83 -25.62 -61.92
CA ASP A 2077 25.25 -26.27 -60.74
C ASP A 2077 26.01 -27.53 -60.37
N GLU A 2078 26.40 -28.33 -61.37
CA GLU A 2078 26.95 -29.65 -61.12
C GLU A 2078 28.47 -29.70 -61.27
N GLN A 2079 29.14 -28.55 -61.37
CA GLN A 2079 30.60 -28.50 -61.48
C GLN A 2079 31.26 -27.54 -60.49
N LEU A 2080 30.58 -26.48 -60.07
CA LEU A 2080 31.18 -25.55 -59.13
C LEU A 2080 31.08 -26.10 -57.70
N SER A 2081 31.89 -25.51 -56.82
CA SER A 2081 31.89 -25.93 -55.41
C SER A 2081 30.55 -25.61 -54.76
N SER A 2082 30.14 -26.50 -53.86
CA SER A 2082 28.86 -26.34 -53.17
C SER A 2082 28.98 -25.28 -52.09
N GLN A 2083 28.21 -24.21 -52.22
CA GLN A 2083 28.18 -23.13 -51.24
C GLN A 2083 26.73 -22.80 -50.90
N SER A 2084 26.52 -22.36 -49.67
CA SER A 2084 25.18 -22.04 -49.19
C SER A 2084 24.60 -20.79 -49.84
N HIS A 2085 25.40 -20.02 -50.58
CA HIS A 2085 24.97 -18.78 -51.20
C HIS A 2085 24.94 -18.88 -52.72
N TYR A 2086 24.85 -20.09 -53.25
CA TYR A 2086 24.85 -20.32 -54.69
C TYR A 2086 23.44 -20.66 -55.15
N ASP A 2087 22.94 -19.94 -56.14
CA ASP A 2087 21.71 -20.35 -56.79
C ASP A 2087 21.86 -20.25 -58.30
N PHE A 2088 21.51 -21.33 -58.99
CA PHE A 2088 21.61 -21.48 -60.44
C PHE A 2088 20.27 -21.93 -60.99
N GLY A 2089 19.18 -21.45 -60.39
CA GLY A 2089 17.84 -21.87 -60.75
C GLY A 2089 17.18 -20.97 -61.78
N LEU A 2090 15.86 -21.00 -61.78
CA LEU A 2090 15.10 -20.26 -62.79
C LEU A 2090 15.17 -18.76 -62.57
N ARG A 2091 15.21 -18.30 -61.32
CA ARG A 2091 15.31 -16.87 -61.06
C ARG A 2091 16.62 -16.31 -61.58
N ALA A 2092 17.72 -17.03 -61.37
CA ALA A 2092 19.00 -16.58 -61.90
C ALA A 2092 18.99 -16.50 -63.41
N LEU A 2093 18.41 -17.52 -64.06
CA LEU A 2093 18.33 -17.50 -65.52
C LEU A 2093 17.47 -16.35 -66.03
N LYS A 2094 16.35 -16.08 -65.35
CA LYS A 2094 15.51 -14.95 -65.72
C LYS A 2094 16.26 -13.63 -65.58
N SER A 2095 16.99 -13.46 -64.48
CA SER A 2095 17.76 -12.24 -64.29
C SER A 2095 18.83 -12.11 -65.37
N VAL A 2096 19.50 -13.21 -65.73
CA VAL A 2096 20.52 -13.18 -66.77
C VAL A 2096 19.91 -12.78 -68.10
N LEU A 2097 18.76 -13.35 -68.45
CA LEU A 2097 18.14 -13.02 -69.74
C LEU A 2097 17.68 -11.56 -69.77
N VAL A 2098 17.07 -11.07 -68.69
CA VAL A 2098 16.61 -9.69 -68.66
C VAL A 2098 17.79 -8.73 -68.75
N SER A 2099 18.86 -9.01 -68.01
CA SER A 2099 20.05 -8.17 -68.07
C SER A 2099 20.71 -8.23 -69.43
N ALA A 2100 20.72 -9.41 -70.07
CA ALA A 2100 21.27 -9.52 -71.40
C ALA A 2100 20.49 -8.68 -72.39
N GLY A 2101 19.16 -8.72 -72.31
CA GLY A 2101 18.36 -7.84 -73.14
C GLY A 2101 18.67 -6.37 -72.90
N ASN A 2102 18.73 -5.97 -71.62
CA ASN A 2102 18.98 -4.57 -71.31
C ASN A 2102 20.34 -4.12 -71.86
N VAL A 2103 21.38 -4.92 -71.65
CA VAL A 2103 22.70 -4.52 -72.13
C VAL A 2103 22.75 -4.57 -73.65
N LYS A 2104 21.91 -5.41 -74.28
CA LYS A 2104 21.82 -5.37 -75.74
C LYS A 2104 21.25 -4.05 -76.22
N ARG A 2105 20.19 -3.55 -75.57
CA ARG A 2105 19.67 -2.23 -75.91
C ARG A 2105 20.72 -1.15 -75.67
N GLU A 2106 21.46 -1.23 -74.57
CA GLU A 2106 22.51 -0.25 -74.32
C GLU A 2106 23.60 -0.31 -75.39
N ARG A 2107 23.96 -1.52 -75.84
CA ARG A 2107 24.97 -1.64 -76.88
C ARG A 2107 24.47 -1.07 -78.21
N ILE A 2108 23.19 -1.29 -78.53
CA ILE A 2108 22.62 -0.67 -79.71
C ILE A 2108 22.69 0.85 -79.60
N GLN A 2109 22.36 1.39 -78.42
CA GLN A 2109 22.41 2.84 -78.23
C GLN A 2109 23.83 3.38 -78.35
N LYS A 2110 24.82 2.66 -77.81
CA LYS A 2110 26.19 3.14 -77.88
C LYS A 2110 26.70 3.08 -79.32
N ILE A 2111 26.32 2.04 -80.06
CA ILE A 2111 26.67 1.99 -81.48
C ILE A 2111 26.03 3.15 -82.21
N LYS A 2112 24.77 3.46 -81.90
CA LYS A 2112 24.11 4.60 -82.53
C LYS A 2112 24.87 5.89 -82.29
N ARG A 2113 25.18 6.21 -81.03
CA ARG A 2113 25.81 7.50 -80.78
C ARG A 2113 27.24 7.54 -81.31
N GLU A 2114 27.98 6.44 -81.19
CA GLU A 2114 29.34 6.41 -81.71
C GLU A 2114 29.36 6.57 -83.22
N LYS A 2115 28.44 5.92 -83.94
CA LYS A 2115 28.37 6.10 -85.38
C LYS A 2115 27.95 7.53 -85.73
N GLU A 2116 27.02 8.10 -84.97
CA GLU A 2116 26.57 9.46 -85.24
C GLU A 2116 27.70 10.47 -85.08
N GLU A 2117 28.51 10.33 -84.04
CA GLU A 2117 29.62 11.25 -83.80
C GLU A 2117 30.82 10.97 -84.68
N ARG A 2118 30.80 9.87 -85.45
CA ARG A 2118 31.93 9.49 -86.28
C ARG A 2118 31.59 9.56 -87.77
N GLY A 2119 30.30 9.66 -88.11
CA GLY A 2119 29.86 9.75 -89.48
C GLY A 2119 28.36 9.67 -89.57
N GLU A 2120 27.86 9.44 -90.79
CA GLU A 2120 26.43 9.28 -91.03
C GLU A 2120 26.23 7.99 -91.84
N ALA A 2121 26.11 6.87 -91.12
CA ALA A 2121 25.84 5.59 -91.77
C ALA A 2121 24.90 4.72 -90.93
N VAL A 2122 24.06 5.32 -90.10
CA VAL A 2122 23.25 4.57 -89.14
C VAL A 2122 22.08 3.93 -89.85
N ASP A 2123 21.96 2.61 -89.71
CA ASP A 2123 20.79 1.88 -90.19
C ASP A 2123 20.62 0.64 -89.32
N GLU A 2124 19.37 0.27 -89.07
CA GLU A 2124 19.08 -0.79 -88.10
C GLU A 2124 19.53 -2.15 -88.61
N GLY A 2125 19.50 -2.38 -89.92
CA GLY A 2125 19.74 -3.71 -90.45
C GLY A 2125 21.13 -4.22 -90.13
N GLU A 2126 22.17 -3.48 -90.56
CA GLU A 2126 23.53 -3.96 -90.36
C GLU A 2126 23.92 -3.93 -88.89
N ILE A 2127 23.40 -2.97 -88.13
CA ILE A 2127 23.75 -2.87 -86.72
C ILE A 2127 23.17 -4.04 -85.94
N ALA A 2128 21.93 -4.43 -86.26
CA ALA A 2128 21.36 -5.64 -85.67
C ALA A 2128 22.13 -6.87 -86.15
N GLU A 2129 22.51 -6.89 -87.43
CA GLU A 2129 23.27 -8.03 -87.96
C GLU A 2129 24.68 -8.08 -87.37
N ASN A 2130 25.37 -6.95 -87.32
CA ASN A 2130 26.73 -6.90 -86.78
C ASN A 2130 26.67 -6.52 -85.29
N LEU A 2131 26.19 -7.48 -84.51
CA LEU A 2131 26.03 -7.31 -83.07
C LEU A 2131 26.52 -8.57 -82.37
N PRO A 2132 27.45 -8.46 -81.43
CA PRO A 2132 27.93 -9.63 -80.68
C PRO A 2132 26.94 -10.08 -79.61
N GLU A 2133 25.93 -10.83 -80.04
CA GLU A 2133 24.90 -11.32 -79.12
C GLU A 2133 25.50 -12.27 -78.10
N GLN A 2134 26.41 -13.14 -78.54
CA GLN A 2134 27.06 -14.07 -77.61
C GLN A 2134 27.88 -13.32 -76.57
N GLU A 2135 28.60 -12.28 -77.00
CA GLU A 2135 29.34 -11.45 -76.05
C GLU A 2135 28.39 -10.76 -75.09
N ILE A 2136 27.21 -10.36 -75.57
CA ILE A 2136 26.21 -9.75 -74.69
C ILE A 2136 25.76 -10.74 -73.62
N LEU A 2137 25.48 -11.97 -74.03
CA LEU A 2137 25.05 -12.98 -73.07
C LEU A 2137 26.14 -13.28 -72.05
N ILE A 2138 27.39 -13.38 -72.50
CA ILE A 2138 28.49 -13.63 -71.59
C ILE A 2138 28.68 -12.45 -70.63
N GLN A 2139 28.50 -11.23 -71.13
CA GLN A 2139 28.60 -10.06 -70.26
C GLN A 2139 27.53 -10.09 -69.18
N SER A 2140 26.29 -10.43 -69.55
CA SER A 2140 25.23 -10.54 -68.56
C SER A 2140 25.54 -11.63 -67.53
N VAL A 2141 26.03 -12.78 -67.99
CA VAL A 2141 26.37 -13.87 -67.08
C VAL A 2141 27.45 -13.43 -66.10
N CYS A 2142 28.50 -12.78 -66.60
CA CYS A 2142 29.61 -12.37 -65.73
C CYS A 2142 29.19 -11.26 -64.78
N GLU A 2143 28.27 -10.38 -65.20
CA GLU A 2143 27.80 -9.34 -64.30
C GLU A 2143 26.90 -9.92 -63.21
N THR A 2144 26.15 -10.99 -63.52
CA THR A 2144 25.21 -11.53 -62.55
C THR A 2144 25.80 -12.62 -61.66
N MET A 2145 26.69 -13.45 -62.20
CA MET A 2145 27.12 -14.66 -61.49
C MET A 2145 28.49 -14.54 -60.83
N VAL A 2146 29.39 -13.72 -61.39
CA VAL A 2146 30.76 -13.64 -60.85
C VAL A 2146 30.79 -13.13 -59.41
N PRO A 2147 30.10 -12.04 -59.04
CA PRO A 2147 30.32 -11.46 -57.70
C PRO A 2147 30.02 -12.43 -56.56
N LYS A 2148 29.14 -13.40 -56.76
CA LYS A 2148 28.79 -14.35 -55.73
C LYS A 2148 29.72 -15.55 -55.64
N LEU A 2149 30.63 -15.71 -56.59
CA LEU A 2149 31.52 -16.86 -56.58
C LEU A 2149 32.62 -16.68 -55.54
N VAL A 2150 33.14 -17.80 -55.05
CA VAL A 2150 34.30 -17.80 -54.18
C VAL A 2150 35.54 -17.54 -55.04
N ALA A 2151 36.67 -17.28 -54.40
CA ALA A 2151 37.89 -16.94 -55.14
C ALA A 2151 38.32 -18.08 -56.04
N GLU A 2152 38.20 -19.33 -55.56
CA GLU A 2152 38.66 -20.47 -56.32
C GLU A 2152 37.73 -20.87 -57.47
N ASP A 2153 36.46 -20.46 -57.44
CA ASP A 2153 35.51 -20.85 -58.48
C ASP A 2153 35.52 -19.95 -59.70
N ILE A 2154 36.19 -18.78 -59.61
CA ILE A 2154 36.26 -17.89 -60.78
C ILE A 2154 36.98 -18.55 -61.95
N PRO A 2155 38.16 -19.16 -61.78
CA PRO A 2155 38.74 -19.91 -62.92
C PRO A 2155 37.83 -21.02 -63.40
N LEU A 2156 37.10 -21.67 -62.48
CA LEU A 2156 36.16 -22.71 -62.87
C LEU A 2156 35.07 -22.15 -63.79
N LEU A 2157 34.49 -21.00 -63.41
CA LEU A 2157 33.45 -20.39 -64.22
C LEU A 2157 34.00 -19.95 -65.58
N PHE A 2158 35.20 -19.38 -65.61
CA PHE A 2158 35.76 -18.95 -66.88
C PHE A 2158 36.11 -20.13 -67.78
N SER A 2159 36.56 -21.24 -67.19
CA SER A 2159 36.77 -22.45 -67.98
C SER A 2159 35.47 -22.98 -68.56
N LEU A 2160 34.39 -22.95 -67.76
CA LEU A 2160 33.10 -23.36 -68.28
C LEU A 2160 32.64 -22.44 -69.42
N LEU A 2161 32.86 -21.13 -69.27
CA LEU A 2161 32.51 -20.19 -70.33
C LEU A 2161 33.30 -20.49 -71.60
N SER A 2162 34.60 -20.76 -71.46
CA SER A 2162 35.40 -21.08 -72.64
C SER A 2162 34.91 -22.38 -73.29
N ASP A 2163 34.56 -23.38 -72.48
CA ASP A 2163 34.11 -24.65 -73.03
C ASP A 2163 32.79 -24.49 -73.78
N VAL A 2164 31.84 -23.78 -73.18
CA VAL A 2164 30.52 -23.67 -73.78
C VAL A 2164 30.41 -22.52 -74.79
N PHE A 2165 31.16 -21.44 -74.58
CA PHE A 2165 31.13 -20.27 -75.45
C PHE A 2165 32.55 -19.98 -75.92
N PRO A 2166 33.06 -20.76 -76.87
CA PRO A 2166 34.45 -20.57 -77.31
C PRO A 2166 34.66 -19.23 -77.99
N GLY A 2167 35.87 -18.68 -77.82
CA GLY A 2167 36.25 -17.45 -78.47
C GLY A 2167 35.72 -16.18 -77.83
N VAL A 2168 34.63 -16.26 -77.06
CA VAL A 2168 34.04 -15.07 -76.47
C VAL A 2168 34.78 -14.74 -75.18
N GLN A 2169 35.17 -13.47 -75.05
CA GLN A 2169 35.90 -12.99 -73.88
C GLN A 2169 35.08 -11.92 -73.18
N TYR A 2170 35.23 -11.84 -71.86
CA TYR A 2170 34.59 -10.82 -71.04
C TYR A 2170 35.59 -9.75 -70.68
N HIS A 2171 35.32 -8.52 -71.08
CA HIS A 2171 36.14 -7.35 -70.75
C HIS A 2171 35.24 -6.36 -70.01
N ARG A 2172 35.32 -6.37 -68.68
CA ARG A 2172 34.47 -5.52 -67.87
C ARG A 2172 34.81 -4.05 -68.09
N GLY A 2173 33.79 -3.21 -68.08
CA GLY A 2173 34.02 -1.78 -68.25
C GLY A 2173 34.76 -1.20 -67.05
N GLU A 2174 35.51 -0.14 -67.30
CA GLU A 2174 36.24 0.57 -66.25
C GLU A 2174 35.52 1.88 -65.97
N MET A 2175 34.66 1.88 -64.96
CA MET A 2175 33.90 3.07 -64.60
C MET A 2175 34.87 4.07 -63.99
N THR A 2176 35.34 5.01 -64.80
CA THR A 2176 36.42 5.90 -64.37
C THR A 2176 35.97 6.83 -63.26
N ALA A 2177 35.00 7.71 -63.56
CA ALA A 2177 34.58 8.72 -62.59
C ALA A 2177 34.20 8.09 -61.27
N LEU A 2178 33.56 6.91 -61.32
CA LEU A 2178 33.27 6.18 -60.10
C LEU A 2178 34.55 5.81 -59.37
N ARG A 2179 35.61 5.48 -60.11
CA ARG A 2179 36.87 5.10 -59.46
C ARG A 2179 37.55 6.30 -58.79
N GLU A 2180 37.59 7.46 -59.47
CA GLU A 2180 38.14 8.62 -58.77
C GLU A 2180 37.27 9.04 -57.59
N GLU A 2181 35.95 8.85 -57.68
CA GLU A 2181 35.11 9.19 -56.54
C GLU A 2181 35.36 8.22 -55.39
N LEU A 2182 35.59 6.95 -55.69
CA LEU A 2182 35.98 5.99 -54.67
C LEU A 2182 37.31 6.39 -54.04
N LYS A 2183 38.26 6.85 -54.86
CA LYS A 2183 39.53 7.34 -54.34
C LYS A 2183 39.31 8.47 -53.36
N LYS A 2184 38.49 9.46 -53.74
CA LYS A 2184 38.25 10.61 -52.86
C LYS A 2184 37.57 10.19 -51.58
N VAL A 2185 36.56 9.31 -51.67
CA VAL A 2185 35.86 8.87 -50.47
C VAL A 2185 36.78 8.09 -49.55
N CYS A 2186 37.61 7.21 -50.11
CA CYS A 2186 38.56 6.45 -49.29
C CYS A 2186 39.56 7.39 -48.62
N GLN A 2187 40.06 8.39 -49.35
CA GLN A 2187 41.00 9.34 -48.76
C GLN A 2187 40.36 10.13 -47.63
N GLU A 2188 39.10 10.55 -47.81
CA GLU A 2188 38.44 11.35 -46.78
C GLU A 2188 38.22 10.55 -45.50
N MET A 2189 37.89 9.26 -45.61
CA MET A 2189 37.59 8.43 -44.45
C MET A 2189 38.72 7.49 -44.06
N TYR A 2190 39.94 7.79 -44.52
CA TYR A 2190 41.16 7.06 -44.11
C TYR A 2190 41.13 5.60 -44.54
N LEU A 2191 40.57 5.33 -45.72
CA LEU A 2191 40.49 3.97 -46.23
C LEU A 2191 41.51 3.78 -47.35
N THR A 2192 41.98 2.53 -47.48
CA THR A 2192 43.06 2.21 -48.41
C THR A 2192 42.47 1.84 -49.76
N TYR A 2193 42.49 2.78 -50.70
CA TYR A 2193 42.04 2.49 -52.05
C TYR A 2193 43.10 1.66 -52.77
N GLY A 2194 42.64 0.88 -53.74
CA GLY A 2194 43.56 0.12 -54.59
C GLY A 2194 43.04 -0.07 -55.99
N ASP A 2195 43.87 -0.64 -56.86
CA ASP A 2195 43.50 -0.89 -58.24
C ASP A 2195 44.37 -2.01 -58.79
N GLY A 2196 43.76 -2.86 -59.62
CA GLY A 2196 44.51 -3.97 -60.18
C GLY A 2196 44.97 -4.92 -59.10
N GLU A 2197 46.27 -5.21 -59.08
CA GLU A 2197 46.87 -6.09 -58.08
C GLU A 2197 47.44 -5.33 -56.89
N GLU A 2198 47.29 -4.01 -56.85
CA GLU A 2198 47.79 -3.24 -55.71
C GLU A 2198 47.00 -3.57 -54.45
N VAL A 2199 47.57 -3.18 -53.31
CA VAL A 2199 46.86 -3.35 -52.05
C VAL A 2199 45.59 -2.51 -52.07
N GLY A 2200 44.45 -3.18 -52.02
CA GLY A 2200 43.17 -2.52 -52.16
C GLY A 2200 42.42 -2.84 -53.44
N GLY A 2201 43.05 -3.55 -54.39
CA GLY A 2201 42.40 -3.83 -55.65
C GLY A 2201 41.19 -4.74 -55.51
N MET A 2202 41.31 -5.78 -54.70
CA MET A 2202 40.21 -6.75 -54.55
C MET A 2202 38.99 -6.10 -53.92
N TRP A 2203 39.20 -5.26 -52.90
CA TRP A 2203 38.07 -4.62 -52.23
C TRP A 2203 37.37 -3.63 -53.16
N VAL A 2204 38.14 -2.91 -53.97
CA VAL A 2204 37.55 -1.99 -54.94
C VAL A 2204 36.80 -2.76 -56.02
N GLU A 2205 37.33 -3.90 -56.44
CA GLU A 2205 36.62 -4.75 -57.39
C GLU A 2205 35.30 -5.23 -56.80
N LYS A 2206 35.32 -5.60 -55.52
CA LYS A 2206 34.09 -6.02 -54.85
C LYS A 2206 33.08 -4.87 -54.76
N VAL A 2207 33.57 -3.66 -54.50
CA VAL A 2207 32.68 -2.49 -54.47
C VAL A 2207 32.05 -2.28 -55.84
N LEU A 2208 32.84 -2.41 -56.92
CA LEU A 2208 32.30 -2.23 -58.26
C LEU A 2208 31.27 -3.30 -58.59
N GLN A 2209 31.54 -4.56 -58.20
CA GLN A 2209 30.57 -5.63 -58.42
C GLN A 2209 29.29 -5.37 -57.63
N LEU A 2210 29.42 -4.88 -56.40
CA LEU A 2210 28.24 -4.54 -55.61
C LEU A 2210 27.44 -3.44 -56.28
N TYR A 2211 28.12 -2.45 -56.86
CA TYR A 2211 27.43 -1.39 -57.60
C TYR A 2211 26.66 -1.98 -58.79
N GLN A 2212 27.30 -2.88 -59.53
CA GLN A 2212 26.63 -3.50 -60.67
C GLN A 2212 25.40 -4.28 -60.22
N ILE A 2213 25.52 -5.05 -59.14
CA ILE A 2213 24.39 -5.85 -58.69
C ILE A 2213 23.27 -4.96 -58.16
N THR A 2214 23.61 -3.84 -57.51
CA THR A 2214 22.58 -2.90 -57.09
C THR A 2214 21.84 -2.32 -58.28
N GLN A 2215 22.56 -2.03 -59.36
CA GLN A 2215 21.88 -1.61 -60.59
C GLN A 2215 20.97 -2.71 -61.12
N ILE A 2216 21.44 -3.96 -61.08
CA ILE A 2216 20.66 -5.06 -61.67
C ILE A 2216 19.50 -5.44 -60.75
N ASN A 2217 19.78 -5.65 -59.47
CA ASN A 2217 18.81 -6.22 -58.55
C ASN A 2217 18.43 -5.21 -57.46
N HIS A 2218 17.19 -5.33 -56.99
CA HIS A 2218 16.73 -4.56 -55.83
C HIS A 2218 16.90 -5.33 -54.53
N GLY A 2219 17.38 -6.57 -54.58
CA GLY A 2219 17.66 -7.35 -53.39
C GLY A 2219 19.11 -7.76 -53.33
N LEU A 2220 19.81 -7.33 -52.28
CA LEU A 2220 21.25 -7.49 -52.17
C LEU A 2220 21.61 -8.26 -50.92
N MET A 2221 22.55 -9.21 -51.05
CA MET A 2221 23.19 -9.83 -49.90
C MET A 2221 24.69 -9.82 -50.10
N MET A 2222 25.41 -9.30 -49.10
CA MET A 2222 26.86 -9.31 -49.06
C MET A 2222 27.28 -10.41 -48.09
N VAL A 2223 27.72 -11.54 -48.64
CA VAL A 2223 28.03 -12.73 -47.85
C VAL A 2223 29.55 -12.85 -47.74
N GLY A 2224 30.02 -13.07 -46.52
CA GLY A 2224 31.44 -13.21 -46.28
C GLY A 2224 31.76 -13.22 -44.79
N PRO A 2225 32.88 -13.84 -44.42
CA PRO A 2225 33.23 -13.96 -43.01
C PRO A 2225 33.34 -12.61 -42.33
N SER A 2226 33.31 -12.65 -40.99
CA SER A 2226 33.32 -11.44 -40.20
C SER A 2226 34.53 -10.58 -40.52
N GLY A 2227 34.31 -9.29 -40.70
CA GLY A 2227 35.38 -8.36 -41.00
C GLY A 2227 36.05 -8.58 -42.35
N SER A 2228 35.25 -8.78 -43.39
CA SER A 2228 35.76 -8.91 -44.74
C SER A 2228 35.63 -7.62 -45.55
N GLY A 2229 35.23 -6.52 -44.92
CA GLY A 2229 35.13 -5.25 -45.58
C GLY A 2229 33.78 -4.91 -46.18
N LYS A 2230 32.73 -5.67 -45.86
CA LYS A 2230 31.42 -5.47 -46.47
C LYS A 2230 30.84 -4.12 -46.07
N SER A 2231 30.85 -3.81 -44.77
CA SER A 2231 30.26 -2.56 -44.29
C SER A 2231 30.95 -1.36 -44.91
N MET A 2232 32.27 -1.33 -44.87
CA MET A 2232 33.01 -0.23 -45.47
C MET A 2232 32.79 -0.19 -46.98
N ALA A 2233 32.69 -1.36 -47.62
CA ALA A 2233 32.45 -1.39 -49.06
C ALA A 2233 31.15 -0.68 -49.42
N TRP A 2234 30.05 -1.03 -48.74
CA TRP A 2234 28.79 -0.42 -49.11
C TRP A 2234 28.69 1.03 -48.65
N ARG A 2235 29.32 1.39 -47.52
CA ARG A 2235 29.36 2.79 -47.13
C ARG A 2235 30.11 3.63 -48.15
N VAL A 2236 31.26 3.13 -48.61
CA VAL A 2236 32.05 3.87 -49.60
C VAL A 2236 31.29 3.98 -50.91
N LEU A 2237 30.61 2.91 -51.31
CA LEU A 2237 29.81 2.97 -52.53
C LEU A 2237 28.69 3.99 -52.41
N LEU A 2238 28.02 4.03 -51.25
CA LEU A 2238 26.94 4.99 -51.05
C LEU A 2238 27.46 6.41 -51.12
N LYS A 2239 28.59 6.69 -50.47
CA LYS A 2239 29.14 8.04 -50.49
C LYS A 2239 29.64 8.41 -51.88
N ALA A 2240 30.21 7.45 -52.61
CA ALA A 2240 30.66 7.72 -53.97
C ALA A 2240 29.48 8.06 -54.88
N LEU A 2241 28.37 7.32 -54.75
CA LEU A 2241 27.19 7.64 -55.53
C LEU A 2241 26.62 9.00 -55.13
N GLU A 2242 26.62 9.29 -53.83
CA GLU A 2242 26.28 10.64 -53.35
C GLU A 2242 27.08 11.71 -54.07
N ARG A 2243 28.40 11.56 -54.13
CA ARG A 2243 29.23 12.63 -54.65
C ARG A 2243 29.30 12.61 -56.17
N LEU A 2244 28.85 11.53 -56.81
CA LEU A 2244 28.89 11.45 -58.26
C LEU A 2244 27.56 11.88 -58.88
N GLU A 2245 26.47 11.19 -58.52
CA GLU A 2245 25.17 11.47 -59.15
C GLU A 2245 24.48 12.70 -58.58
N GLY A 2246 24.91 13.19 -57.42
CA GLY A 2246 24.33 14.37 -56.83
C GLY A 2246 23.07 14.14 -56.02
N VAL A 2247 22.56 12.92 -55.97
CA VAL A 2247 21.41 12.57 -55.16
C VAL A 2247 21.91 12.06 -53.81
N GLU A 2248 21.22 12.42 -52.74
CA GLU A 2248 21.71 12.07 -51.41
C GLU A 2248 21.21 10.69 -51.01
N GLY A 2249 22.13 9.88 -50.47
CA GLY A 2249 21.82 8.52 -50.07
C GLY A 2249 21.63 8.43 -48.56
N VAL A 2250 20.51 7.84 -48.17
CA VAL A 2250 20.18 7.62 -46.78
C VAL A 2250 20.18 6.12 -46.52
N ALA A 2251 20.96 5.69 -45.53
CA ALA A 2251 21.11 4.28 -45.20
C ALA A 2251 20.43 3.99 -43.87
N HIS A 2252 19.52 3.04 -43.87
CA HIS A 2252 18.86 2.57 -42.65
C HIS A 2252 19.41 1.19 -42.31
N ILE A 2253 20.16 1.10 -41.23
CA ILE A 2253 20.77 -0.14 -40.78
C ILE A 2253 19.88 -0.74 -39.70
N ILE A 2254 19.38 -1.94 -39.96
CA ILE A 2254 18.46 -2.63 -39.06
C ILE A 2254 19.07 -3.97 -38.68
N ASP A 2255 19.10 -4.26 -37.38
CA ASP A 2255 19.51 -5.57 -36.91
C ASP A 2255 18.28 -6.43 -36.76
N PRO A 2256 18.01 -7.33 -37.71
CA PRO A 2256 16.74 -8.08 -37.68
C PRO A 2256 16.60 -9.00 -36.48
N LYS A 2257 17.69 -9.45 -35.87
CA LYS A 2257 17.64 -10.39 -34.77
C LYS A 2257 17.84 -9.74 -33.41
N ALA A 2258 18.26 -8.47 -33.37
CA ALA A 2258 18.35 -7.76 -32.10
C ALA A 2258 16.98 -7.40 -31.53
N ILE A 2259 15.92 -7.51 -32.33
CA ILE A 2259 14.56 -7.23 -31.90
C ILE A 2259 13.68 -8.39 -32.36
N SER A 2260 12.54 -8.53 -31.69
CA SER A 2260 11.60 -9.57 -32.05
C SER A 2260 10.97 -9.28 -33.42
N LYS A 2261 10.47 -10.34 -34.06
CA LYS A 2261 9.84 -10.18 -35.36
C LYS A 2261 8.62 -9.29 -35.28
N ASP A 2262 7.92 -9.31 -34.14
CA ASP A 2262 6.78 -8.41 -33.97
C ASP A 2262 7.21 -6.96 -34.00
N HIS A 2263 8.34 -6.64 -33.37
CA HIS A 2263 8.88 -5.28 -33.43
C HIS A 2263 9.52 -4.96 -34.77
N LEU A 2264 9.92 -5.97 -35.54
CA LEU A 2264 10.56 -5.73 -36.83
C LEU A 2264 9.54 -5.46 -37.91
N TYR A 2265 8.41 -6.16 -37.90
CA TYR A 2265 7.40 -6.02 -38.94
C TYR A 2265 6.11 -5.36 -38.47
N GLY A 2266 5.68 -5.63 -37.24
CA GLY A 2266 4.46 -5.03 -36.75
C GLY A 2266 3.54 -6.01 -36.06
N THR A 2267 2.57 -5.50 -35.30
CA THR A 2267 1.64 -6.31 -34.54
C THR A 2267 0.21 -5.94 -34.90
N LEU A 2268 -0.66 -6.94 -34.96
CA LEU A 2268 -2.09 -6.74 -35.07
C LEU A 2268 -2.71 -6.98 -33.70
N ASP A 2269 -3.41 -5.99 -33.19
CA ASP A 2269 -3.94 -6.06 -31.83
C ASP A 2269 -5.01 -7.13 -31.76
N PRO A 2270 -4.86 -8.16 -30.92
CA PRO A 2270 -5.90 -9.20 -30.85
C PRO A 2270 -7.24 -8.70 -30.35
N ASN A 2271 -7.26 -7.58 -29.62
CA ASN A 2271 -8.51 -7.07 -29.05
C ASN A 2271 -9.16 -6.03 -29.94
N THR A 2272 -8.45 -4.94 -30.23
CA THR A 2272 -9.00 -3.82 -30.98
C THR A 2272 -8.78 -3.94 -32.48
N ARG A 2273 -8.07 -4.98 -32.93
CA ARG A 2273 -7.78 -5.18 -34.35
C ARG A 2273 -7.08 -3.98 -34.97
N GLU A 2274 -6.21 -3.33 -34.21
CA GLU A 2274 -5.47 -2.17 -34.66
C GLU A 2274 -4.04 -2.57 -35.01
N TRP A 2275 -3.49 -1.94 -36.05
CA TRP A 2275 -2.19 -2.27 -36.58
C TRP A 2275 -1.14 -1.26 -36.10
N THR A 2276 -0.05 -1.77 -35.55
CA THR A 2276 1.09 -0.96 -35.14
C THR A 2276 2.28 -1.35 -36.00
N ASP A 2277 2.87 -0.37 -36.68
CA ASP A 2277 3.96 -0.64 -37.61
C ASP A 2277 5.23 -1.06 -36.86
N GLY A 2278 5.94 -2.02 -37.43
CA GLY A 2278 7.24 -2.41 -36.94
C GLY A 2278 8.32 -1.50 -37.48
N LEU A 2279 9.57 -1.84 -37.15
CA LEU A 2279 10.69 -1.00 -37.54
C LEU A 2279 10.84 -0.92 -39.05
N PHE A 2280 10.92 -2.08 -39.71
CA PHE A 2280 11.06 -2.10 -41.16
C PHE A 2280 9.81 -1.54 -41.83
N THR A 2281 8.63 -1.89 -41.32
CA THR A 2281 7.38 -1.36 -41.88
C THR A 2281 7.32 0.15 -41.72
N HIS A 2282 7.71 0.67 -40.56
CA HIS A 2282 7.69 2.11 -40.34
C HIS A 2282 8.66 2.82 -41.29
N VAL A 2283 9.87 2.26 -41.45
CA VAL A 2283 10.85 2.87 -42.33
C VAL A 2283 10.35 2.89 -43.77
N LEU A 2284 9.82 1.75 -44.24
CA LEU A 2284 9.34 1.68 -45.61
C LEU A 2284 8.15 2.60 -45.84
N ARG A 2285 7.23 2.67 -44.87
CA ARG A 2285 6.07 3.54 -45.00
C ARG A 2285 6.48 5.01 -45.00
N LYS A 2286 7.45 5.38 -44.16
CA LYS A 2286 7.93 6.75 -44.16
C LYS A 2286 8.59 7.10 -45.48
N ILE A 2287 9.34 6.15 -46.07
CA ILE A 2287 9.94 6.39 -47.38
C ILE A 2287 8.86 6.55 -48.44
N ILE A 2288 7.84 5.69 -48.40
CA ILE A 2288 6.79 5.72 -49.41
C ILE A 2288 5.99 7.01 -49.33
N ASP A 2289 5.66 7.46 -48.11
CA ASP A 2289 4.86 8.66 -47.96
C ASP A 2289 5.59 9.89 -48.51
N SER A 2290 6.90 9.98 -48.27
CA SER A 2290 7.73 11.06 -48.79
C SER A 2290 7.20 12.42 -48.35
N VAL A 2291 6.86 12.51 -47.06
CA VAL A 2291 6.41 13.79 -46.50
C VAL A 2291 7.53 14.81 -46.55
N ARG A 2292 8.77 14.37 -46.32
CA ARG A 2292 9.95 15.22 -46.36
C ARG A 2292 10.85 14.86 -47.53
N GLY A 2293 10.26 14.51 -48.66
CA GLY A 2293 11.03 14.23 -49.88
C GLY A 2293 11.90 12.99 -49.78
N GLU A 2294 11.40 11.92 -49.19
CA GLU A 2294 12.18 10.69 -49.06
C GLU A 2294 12.36 9.99 -50.41
N LEU A 2295 11.35 10.08 -51.28
CA LEU A 2295 11.41 9.40 -52.56
C LEU A 2295 12.49 9.94 -53.49
N GLN A 2296 12.88 11.20 -53.33
CA GLN A 2296 13.88 11.81 -54.20
C GLN A 2296 15.31 11.47 -53.81
N LYS A 2297 15.51 10.77 -52.69
CA LYS A 2297 16.83 10.38 -52.23
C LYS A 2297 17.12 8.95 -52.67
N ARG A 2298 18.30 8.45 -52.30
CA ARG A 2298 18.66 7.05 -52.47
C ARG A 2298 18.52 6.37 -51.11
N GLN A 2299 17.43 5.63 -50.93
CA GLN A 2299 17.17 4.96 -49.66
C GLN A 2299 17.66 3.52 -49.73
N TRP A 2300 18.55 3.16 -48.81
CA TRP A 2300 19.08 1.82 -48.69
C TRP A 2300 18.76 1.27 -47.31
N ILE A 2301 18.12 0.10 -47.27
CA ILE A 2301 17.79 -0.58 -46.03
C ILE A 2301 18.72 -1.77 -45.92
N VAL A 2302 19.63 -1.74 -44.94
CA VAL A 2302 20.64 -2.77 -44.76
C VAL A 2302 20.26 -3.60 -43.54
N PHE A 2303 20.16 -4.91 -43.74
CA PHE A 2303 19.82 -5.85 -42.67
C PHE A 2303 21.13 -6.46 -42.17
N ASP A 2304 21.77 -5.76 -41.22
CA ASP A 2304 23.04 -6.19 -40.66
C ASP A 2304 22.76 -7.13 -39.50
N GLY A 2305 22.83 -8.43 -39.76
CA GLY A 2305 22.58 -9.41 -38.72
C GLY A 2305 22.44 -10.80 -39.34
N ASP A 2306 21.93 -11.72 -38.52
CA ASP A 2306 21.74 -13.09 -38.95
C ASP A 2306 20.43 -13.24 -39.74
N VAL A 2307 20.42 -14.22 -40.63
CA VAL A 2307 19.27 -14.48 -41.50
C VAL A 2307 18.77 -15.88 -41.21
N ASP A 2308 17.49 -15.99 -40.87
CA ASP A 2308 16.81 -17.27 -40.71
C ASP A 2308 15.42 -17.15 -41.31
N PRO A 2309 14.81 -18.26 -41.73
CA PRO A 2309 13.53 -18.18 -42.46
C PRO A 2309 12.39 -17.58 -41.64
N GLU A 2310 12.53 -17.43 -40.33
CA GLU A 2310 11.43 -16.88 -39.54
C GLU A 2310 11.10 -15.45 -39.94
N TRP A 2311 12.11 -14.61 -40.15
CA TRP A 2311 11.89 -13.22 -40.48
C TRP A 2311 12.14 -12.88 -41.93
N VAL A 2312 13.06 -13.57 -42.61
CA VAL A 2312 13.43 -13.18 -43.96
C VAL A 2312 12.42 -13.67 -44.99
N GLU A 2313 11.68 -14.74 -44.68
CA GLU A 2313 10.67 -15.22 -45.62
C GLU A 2313 9.49 -14.27 -45.74
N ASN A 2314 9.31 -13.36 -44.78
CA ASN A 2314 8.32 -12.31 -44.92
C ASN A 2314 8.68 -11.30 -46.00
N LEU A 2315 9.94 -11.29 -46.44
CA LEU A 2315 10.40 -10.43 -47.52
C LEU A 2315 10.37 -11.14 -48.87
N ASN A 2316 9.72 -12.31 -48.95
CA ASN A 2316 9.68 -13.05 -50.21
C ASN A 2316 8.98 -12.23 -51.30
N SER A 2317 7.86 -11.58 -50.95
CA SER A 2317 7.18 -10.74 -51.93
C SER A 2317 7.94 -9.45 -52.18
N VAL A 2318 8.68 -8.96 -51.19
CA VAL A 2318 9.45 -7.73 -51.36
C VAL A 2318 10.62 -7.97 -52.31
N LEU A 2319 11.34 -9.07 -52.13
CA LEU A 2319 12.52 -9.37 -52.94
C LEU A 2319 12.18 -10.02 -54.27
N ASP A 2320 10.92 -10.41 -54.48
CA ASP A 2320 10.51 -10.97 -55.75
C ASP A 2320 10.12 -9.84 -56.71
N ASP A 2321 9.59 -10.19 -57.87
CA ASP A 2321 9.13 -9.18 -58.82
C ASP A 2321 7.84 -8.51 -58.38
N ASN A 2322 7.17 -9.04 -57.35
CA ASN A 2322 5.97 -8.38 -56.82
C ASN A 2322 6.32 -7.03 -56.21
N LYS A 2323 7.44 -6.95 -55.50
CA LYS A 2323 7.90 -5.72 -54.86
C LYS A 2323 6.84 -5.17 -53.91
N LEU A 2324 6.24 -6.07 -53.11
CA LEU A 2324 5.17 -5.70 -52.20
C LEU A 2324 5.48 -6.26 -50.81
N LEU A 2325 5.18 -5.48 -49.79
CA LEU A 2325 5.28 -5.92 -48.40
C LEU A 2325 3.85 -6.12 -47.89
N THR A 2326 3.38 -7.36 -47.90
CA THR A 2326 2.02 -7.69 -47.51
C THR A 2326 1.95 -7.90 -46.01
N LEU A 2327 1.06 -7.17 -45.36
CA LEU A 2327 0.85 -7.24 -43.93
C LEU A 2327 -0.42 -8.01 -43.61
N PRO A 2328 -0.53 -8.57 -42.40
CA PRO A 2328 -1.74 -9.34 -42.06
C PRO A 2328 -3.02 -8.53 -42.11
N ASN A 2329 -2.95 -7.21 -41.91
CA ASN A 2329 -4.14 -6.37 -41.95
C ASN A 2329 -4.61 -6.08 -43.37
N GLY A 2330 -4.06 -6.78 -44.37
CA GLY A 2330 -4.47 -6.59 -45.75
C GLY A 2330 -3.75 -5.48 -46.49
N GLU A 2331 -2.91 -4.71 -45.80
CA GLU A 2331 -2.20 -3.61 -46.44
C GLU A 2331 -0.99 -4.13 -47.21
N ARG A 2332 -0.78 -3.56 -48.39
CA ARG A 2332 0.34 -3.93 -49.25
C ARG A 2332 1.13 -2.68 -49.58
N LEU A 2333 2.43 -2.71 -49.29
CA LEU A 2333 3.31 -1.56 -49.50
C LEU A 2333 4.21 -1.85 -50.70
N SER A 2334 4.05 -1.06 -51.76
CA SER A 2334 4.89 -1.22 -52.94
C SER A 2334 6.29 -0.72 -52.68
N LEU A 2335 7.28 -1.44 -53.20
CA LEU A 2335 8.67 -1.03 -53.05
C LEU A 2335 8.99 0.08 -54.05
N PRO A 2336 9.39 1.26 -53.58
CA PRO A 2336 9.74 2.33 -54.52
C PRO A 2336 10.97 1.96 -55.34
N PRO A 2337 11.10 2.46 -56.57
CA PRO A 2337 12.26 2.12 -57.39
C PRO A 2337 13.58 2.59 -56.84
N ASN A 2338 13.58 3.58 -55.94
CA ASN A 2338 14.80 4.12 -55.36
C ASN A 2338 15.20 3.44 -54.06
N VAL A 2339 14.50 2.38 -53.66
CA VAL A 2339 14.78 1.69 -52.40
C VAL A 2339 15.43 0.35 -52.71
N ARG A 2340 16.54 0.07 -52.03
CA ARG A 2340 17.27 -1.19 -52.17
C ARG A 2340 17.25 -1.92 -50.84
N ILE A 2341 16.93 -3.21 -50.87
CA ILE A 2341 16.95 -4.04 -49.67
C ILE A 2341 18.31 -4.71 -49.60
N MET A 2342 19.02 -4.47 -48.50
CA MET A 2342 20.38 -4.95 -48.33
C MET A 2342 20.46 -5.89 -47.14
N PHE A 2343 21.19 -6.99 -47.31
CA PHE A 2343 21.52 -7.89 -46.22
C PHE A 2343 23.04 -8.01 -46.13
N GLU A 2344 23.57 -7.82 -44.93
CA GLU A 2344 24.99 -7.97 -44.67
C GLU A 2344 25.15 -9.12 -43.68
N VAL A 2345 25.55 -10.29 -44.17
CA VAL A 2345 25.57 -11.50 -43.37
C VAL A 2345 26.96 -12.13 -43.44
N GLN A 2346 27.28 -12.90 -42.42
CA GLN A 2346 28.54 -13.64 -42.37
C GLN A 2346 28.40 -15.08 -42.82
N ASP A 2347 27.20 -15.64 -42.75
CA ASP A 2347 26.95 -17.00 -43.21
C ASP A 2347 25.50 -17.14 -43.63
N LEU A 2348 25.23 -18.15 -44.44
CA LEU A 2348 23.88 -18.47 -44.92
C LEU A 2348 23.56 -19.93 -44.67
N LYS A 2349 24.01 -20.45 -43.53
CA LYS A 2349 23.81 -21.87 -43.20
C LYS A 2349 22.41 -22.17 -42.70
N TYR A 2350 21.57 -21.15 -42.48
CA TYR A 2350 20.19 -21.37 -42.07
C TYR A 2350 19.18 -20.78 -43.04
N ALA A 2351 19.59 -19.94 -43.97
CA ALA A 2351 18.67 -19.41 -44.97
C ALA A 2351 18.26 -20.51 -45.94
N THR A 2352 16.98 -20.49 -46.34
CA THR A 2352 16.46 -21.49 -47.24
C THR A 2352 16.78 -21.12 -48.69
N LEU A 2353 16.33 -21.97 -49.63
CA LEU A 2353 16.59 -21.70 -51.03
C LEU A 2353 15.73 -20.56 -51.57
N ALA A 2354 14.53 -20.37 -51.01
CA ALA A 2354 13.68 -19.28 -51.46
C ALA A 2354 14.33 -17.93 -51.19
N THR A 2355 14.97 -17.79 -50.02
CA THR A 2355 15.65 -16.55 -49.69
C THR A 2355 16.86 -16.32 -50.58
N VAL A 2356 17.66 -17.37 -50.81
CA VAL A 2356 18.86 -17.23 -51.64
C VAL A 2356 18.49 -16.91 -53.08
N SER A 2357 17.37 -17.47 -53.56
CA SER A 2357 16.97 -17.33 -54.95
C SER A 2357 16.56 -15.91 -55.31
N ARG A 2358 16.10 -15.12 -54.34
CA ARG A 2358 15.45 -13.86 -54.62
C ARG A 2358 16.41 -12.67 -54.59
N CYS A 2359 17.69 -12.89 -54.34
CA CYS A 2359 18.64 -11.80 -54.19
C CYS A 2359 19.91 -12.10 -54.97
N GLY A 2360 20.63 -11.02 -55.32
CA GLY A 2360 21.92 -11.14 -55.96
C GLY A 2360 23.02 -11.12 -54.90
N MET A 2361 23.88 -12.13 -54.94
CA MET A 2361 24.88 -12.33 -53.91
C MET A 2361 26.21 -11.70 -54.34
N VAL A 2362 26.85 -11.02 -53.42
CA VAL A 2362 28.22 -10.53 -53.60
C VAL A 2362 29.06 -11.14 -52.48
N TRP A 2363 30.06 -11.94 -52.84
CA TRP A 2363 30.81 -12.74 -51.89
C TRP A 2363 32.08 -12.00 -51.50
N PHE A 2364 32.21 -11.70 -50.20
CA PHE A 2364 33.38 -11.00 -49.66
C PHE A 2364 34.24 -12.02 -48.91
N SER A 2365 35.21 -12.59 -49.61
CA SER A 2365 36.14 -13.51 -48.95
C SER A 2365 37.04 -12.73 -47.98
N GLU A 2366 37.62 -13.46 -47.02
CA GLU A 2366 38.51 -12.83 -46.07
C GLU A 2366 39.79 -12.32 -46.72
N ASP A 2367 40.17 -12.88 -47.87
CA ASP A 2367 41.32 -12.39 -48.62
C ASP A 2367 41.06 -11.02 -49.25
N VAL A 2368 39.80 -10.59 -49.33
CA VAL A 2368 39.50 -9.27 -49.86
C VAL A 2368 40.11 -8.19 -48.97
N LEU A 2369 40.12 -8.41 -47.66
CA LEU A 2369 40.67 -7.45 -46.70
C LEU A 2369 41.94 -8.04 -46.10
N SER A 2370 43.09 -7.63 -46.64
CA SER A 2370 44.37 -8.08 -46.11
C SER A 2370 44.74 -7.29 -44.87
N THR A 2371 45.70 -7.83 -44.11
CA THR A 2371 46.14 -7.17 -42.88
C THR A 2371 46.81 -5.83 -43.17
N ASP A 2372 47.43 -5.70 -44.35
CA ASP A 2372 48.08 -4.45 -44.72
C ASP A 2372 47.07 -3.32 -44.78
N MET A 2373 45.86 -3.60 -45.28
CA MET A 2373 44.81 -2.59 -45.34
C MET A 2373 44.47 -2.08 -43.94
N ILE A 2374 44.30 -3.00 -43.00
CA ILE A 2374 43.94 -2.63 -41.63
C ILE A 2374 45.08 -1.86 -40.97
N PHE A 2375 46.31 -2.27 -41.22
CA PHE A 2375 47.46 -1.57 -40.66
C PHE A 2375 47.53 -0.14 -41.19
N ASN A 2376 47.31 0.04 -42.50
CA ASN A 2376 47.31 1.37 -43.08
C ASN A 2376 46.19 2.23 -42.51
N ASN A 2377 45.01 1.64 -42.34
CA ASN A 2377 43.90 2.38 -41.74
C ASN A 2377 44.23 2.83 -40.32
N PHE A 2378 44.81 1.93 -39.52
CA PHE A 2378 45.15 2.28 -38.14
C PHE A 2378 46.20 3.39 -38.10
N LEU A 2379 47.22 3.27 -38.97
CA LEU A 2379 48.27 4.29 -39.00
C LEU A 2379 47.71 5.65 -39.44
N ALA A 2380 46.83 5.65 -40.44
CA ALA A 2380 46.24 6.91 -40.89
C ALA A 2380 45.39 7.54 -39.80
N ARG A 2381 44.59 6.74 -39.10
CA ARG A 2381 43.78 7.28 -38.02
C ARG A 2381 44.66 7.80 -36.87
N LEU A 2382 45.76 7.10 -36.58
CA LEU A 2382 46.66 7.57 -35.54
C LEU A 2382 47.30 8.90 -35.93
N ARG A 2383 47.71 9.03 -37.19
CA ARG A 2383 48.34 10.26 -37.65
C ARG A 2383 47.35 11.38 -37.90
N SER A 2384 46.05 11.10 -37.92
CA SER A 2384 45.05 12.11 -38.24
C SER A 2384 44.20 12.53 -37.04
N ILE A 2385 43.56 11.58 -36.36
CA ILE A 2385 42.58 11.89 -35.32
C ILE A 2385 43.33 12.01 -33.99
N PRO A 2386 43.26 13.15 -33.31
CA PRO A 2386 43.77 13.23 -31.93
C PRO A 2386 42.96 12.37 -30.99
N LEU A 2387 43.64 11.82 -29.99
CA LEU A 2387 42.95 11.00 -28.99
C LEU A 2387 42.12 11.85 -28.03
N ASP A 2388 42.58 13.07 -27.73
CA ASP A 2388 41.84 13.94 -26.81
C ASP A 2388 40.48 14.32 -27.41
N GLU A 2389 40.45 14.64 -28.69
CA GLU A 2389 39.21 15.00 -29.37
C GLU A 2389 39.32 14.75 -30.87
N SER A 2410 48.95 20.45 -32.30
CA SER A 2410 48.71 19.93 -30.95
C SER A 2410 49.78 18.92 -30.56
N PRO A 2411 50.25 19.00 -29.31
CA PRO A 2411 51.29 18.05 -28.85
C PRO A 2411 50.84 16.60 -28.92
N MET A 2412 49.57 16.32 -28.65
CA MET A 2412 49.08 14.95 -28.66
C MET A 2412 49.20 14.35 -30.06
N LEU A 2413 48.81 15.11 -31.08
CA LEU A 2413 48.89 14.60 -32.44
C LEU A 2413 50.34 14.48 -32.91
N GLN A 2414 51.22 15.35 -32.43
CA GLN A 2414 52.64 15.21 -32.72
C GLN A 2414 53.19 13.92 -32.12
N ILE A 2415 52.82 13.62 -30.87
CA ILE A 2415 53.22 12.35 -30.26
C ILE A 2415 52.66 11.19 -31.07
N GLN A 2416 51.42 11.32 -31.54
CA GLN A 2416 50.82 10.27 -32.36
C GLN A 2416 51.61 10.04 -33.64
N ARG A 2417 52.00 11.11 -34.32
CA ARG A 2417 52.78 10.98 -35.55
C ARG A 2417 54.14 10.34 -35.27
N ASP A 2418 54.80 10.74 -34.18
CA ASP A 2418 56.10 10.15 -33.86
C ASP A 2418 55.95 8.66 -33.56
N ALA A 2419 54.93 8.28 -32.78
CA ALA A 2419 54.73 6.87 -32.47
C ALA A 2419 54.40 6.07 -33.72
N ALA A 2420 53.58 6.63 -34.61
CA ALA A 2420 53.24 5.94 -35.85
C ALA A 2420 54.47 5.77 -36.73
N THR A 2421 55.34 6.78 -36.77
CA THR A 2421 56.59 6.66 -37.53
C THR A 2421 57.48 5.57 -36.94
N ILE A 2422 57.56 5.49 -35.61
CA ILE A 2422 58.37 4.46 -34.99
C ILE A 2422 57.80 3.07 -35.25
N MET A 2423 56.46 2.94 -35.21
CA MET A 2423 55.81 1.65 -35.42
C MET A 2423 55.67 1.28 -36.88
N GLN A 2424 56.03 2.18 -37.80
CA GLN A 2424 55.84 1.91 -39.23
C GLN A 2424 56.57 0.65 -39.71
N PRO A 2425 57.86 0.44 -39.42
CA PRO A 2425 58.52 -0.77 -39.96
C PRO A 2425 57.92 -2.07 -39.46
N TYR A 2426 57.33 -2.09 -38.26
CA TYR A 2426 56.72 -3.31 -37.76
C TYR A 2426 55.36 -3.57 -38.39
N PHE A 2427 54.60 -2.53 -38.71
CA PHE A 2427 53.29 -2.68 -39.34
C PHE A 2427 53.44 -2.76 -40.86
N THR A 2428 54.02 -3.88 -41.30
CA THR A 2428 54.23 -4.13 -42.71
C THR A 2428 53.97 -5.60 -43.00
N SER A 2429 53.79 -5.91 -44.27
CA SER A 2429 53.63 -7.30 -44.69
C SER A 2429 54.89 -8.08 -44.35
N ASN A 2430 54.69 -9.29 -43.83
CA ASN A 2430 55.78 -10.14 -43.33
C ASN A 2430 56.59 -9.44 -42.24
N GLY A 2431 55.92 -8.57 -41.46
CA GLY A 2431 56.55 -7.91 -40.34
C GLY A 2431 56.46 -8.75 -39.07
N LEU A 2432 56.87 -8.14 -37.97
CA LEU A 2432 56.77 -8.80 -36.68
C LEU A 2432 55.32 -9.11 -36.33
N VAL A 2433 54.43 -8.14 -36.55
CA VAL A 2433 53.03 -8.31 -36.19
C VAL A 2433 52.37 -9.37 -37.05
N THR A 2434 52.67 -9.37 -38.36
CA THR A 2434 52.06 -10.34 -39.25
C THR A 2434 52.48 -11.76 -38.90
N LYS A 2435 53.78 -11.98 -38.68
CA LYS A 2435 54.25 -13.31 -38.32
C LYS A 2435 53.71 -13.73 -36.97
N ALA A 2436 53.66 -12.82 -36.00
CA ALA A 2436 53.11 -13.15 -34.69
C ALA A 2436 51.64 -13.53 -34.79
N LEU A 2437 50.87 -12.79 -35.56
CA LEU A 2437 49.45 -13.09 -35.74
C LEU A 2437 49.27 -14.43 -36.44
N GLU A 2438 50.12 -14.73 -37.42
CA GLU A 2438 50.06 -16.03 -38.09
C GLU A 2438 50.35 -17.15 -37.09
N HIS A 2439 51.35 -16.96 -36.23
CA HIS A 2439 51.67 -17.97 -35.23
C HIS A 2439 50.57 -18.08 -34.17
N ALA A 2440 49.88 -16.98 -33.88
CA ALA A 2440 48.84 -17.01 -32.86
C ALA A 2440 47.68 -17.91 -33.27
N PHE A 2441 47.44 -18.06 -34.58
CA PHE A 2441 46.37 -18.93 -35.05
C PHE A 2441 46.65 -20.40 -34.76
N GLN A 2442 47.91 -20.78 -34.59
CA GLN A 2442 48.26 -22.15 -34.31
C GLN A 2442 48.11 -22.53 -32.85
N LEU A 2443 48.00 -21.55 -31.96
CA LEU A 2443 47.80 -21.83 -30.54
C LEU A 2443 46.33 -22.09 -30.24
N GLU A 2444 46.08 -22.65 -29.07
CA GLU A 2444 44.73 -22.89 -28.59
C GLU A 2444 44.30 -21.75 -27.67
N HIS A 2445 43.06 -21.30 -27.83
CA HIS A 2445 42.53 -20.18 -27.09
C HIS A 2445 41.19 -20.55 -26.46
N ILE A 2446 40.84 -19.83 -25.40
CA ILE A 2446 39.62 -20.14 -24.65
C ILE A 2446 38.39 -19.90 -25.52
N MET A 2447 38.46 -18.99 -26.48
CA MET A 2447 37.41 -18.80 -27.47
C MET A 2447 38.03 -18.79 -28.86
N ASP A 2448 37.18 -18.93 -29.87
CA ASP A 2448 37.65 -18.97 -31.24
C ASP A 2448 38.36 -17.67 -31.57
N LEU A 2449 39.49 -17.77 -32.27
CA LEU A 2449 40.36 -16.63 -32.50
C LEU A 2449 39.96 -15.90 -33.78
N THR A 2450 39.75 -14.60 -33.65
CA THR A 2450 39.42 -13.73 -34.77
C THR A 2450 40.54 -12.71 -34.94
N ARG A 2451 40.94 -12.47 -36.19
CA ARG A 2451 42.05 -11.55 -36.45
C ARG A 2451 41.74 -10.14 -35.96
N LEU A 2452 40.52 -9.66 -36.24
CA LEU A 2452 40.18 -8.30 -35.86
C LEU A 2452 40.07 -8.10 -34.36
N ARG A 2453 39.76 -9.14 -33.59
CA ARG A 2453 39.75 -9.00 -32.14
C ARG A 2453 41.15 -8.65 -31.63
N CYS A 2454 42.15 -9.43 -32.03
CA CYS A 2454 43.53 -9.13 -31.65
C CYS A 2454 43.98 -7.79 -32.20
N LEU A 2455 43.63 -7.49 -33.45
CA LEU A 2455 44.06 -6.21 -34.02
C LEU A 2455 43.45 -5.03 -33.27
N GLY A 2456 42.18 -5.12 -32.91
CA GLY A 2456 41.55 -4.05 -32.15
C GLY A 2456 42.13 -3.89 -30.76
N SER A 2457 42.40 -5.01 -30.09
CA SER A 2457 43.05 -4.93 -28.78
C SER A 2457 44.43 -4.28 -28.89
N LEU A 2458 45.21 -4.68 -29.89
CA LEU A 2458 46.53 -4.12 -30.09
C LEU A 2458 46.46 -2.62 -30.36
N PHE A 2459 45.56 -2.21 -31.25
CA PHE A 2459 45.42 -0.79 -31.57
C PHE A 2459 44.97 0.01 -30.36
N SER A 2460 44.04 -0.55 -29.58
CA SER A 2460 43.56 0.15 -28.39
C SER A 2460 44.69 0.39 -27.40
N MET A 2461 45.47 -0.66 -27.11
CA MET A 2461 46.54 -0.45 -26.14
C MET A 2461 47.72 0.34 -26.71
N LEU A 2462 47.88 0.39 -28.04
CA LEU A 2462 48.83 1.34 -28.61
C LEU A 2462 48.36 2.78 -28.40
N HIS A 2463 47.05 3.02 -28.58
CA HIS A 2463 46.50 4.32 -28.22
C HIS A 2463 46.75 4.64 -26.76
N GLN A 2464 46.60 3.65 -25.88
CA GLN A 2464 46.87 3.87 -24.47
C GLN A 2464 48.34 4.17 -24.21
N ALA A 2465 49.24 3.56 -24.98
CA ALA A 2465 50.65 3.91 -24.90
C ALA A 2465 50.88 5.37 -25.28
N CYS A 2466 50.18 5.83 -26.32
CA CYS A 2466 50.25 7.25 -26.67
C CYS A 2466 49.76 8.13 -25.54
N ARG A 2467 48.65 7.74 -24.89
CA ARG A 2467 48.17 8.48 -23.73
C ARG A 2467 49.21 8.49 -22.61
N ASN A 2468 49.90 7.37 -22.39
CA ASN A 2468 50.93 7.30 -21.37
C ASN A 2468 52.08 8.25 -21.68
N VAL A 2469 52.50 8.32 -22.95
CA VAL A 2469 53.54 9.25 -23.33
C VAL A 2469 53.09 10.69 -23.11
N ALA A 2470 51.83 10.99 -23.44
CA ALA A 2470 51.29 12.33 -23.22
C ALA A 2470 51.29 12.68 -21.74
N GLN A 2471 50.89 11.73 -20.89
CA GLN A 2471 50.89 11.96 -19.44
C GLN A 2471 52.31 12.17 -18.92
N TYR A 2472 53.27 11.40 -19.44
CA TYR A 2472 54.66 11.58 -19.04
C TYR A 2472 55.17 12.96 -19.43
N ASN A 2473 54.77 13.45 -20.60
CA ASN A 2473 55.10 14.83 -20.96
C ASN A 2473 54.43 15.82 -20.01
N ALA A 2474 53.18 15.55 -19.64
CA ALA A 2474 52.43 16.49 -18.82
C ALA A 2474 53.02 16.62 -17.42
N ASN A 2475 53.40 15.50 -16.80
CA ASN A 2475 53.88 15.57 -15.42
C ASN A 2475 55.30 16.13 -15.31
N HIS A 2476 56.01 16.25 -16.42
CA HIS A 2476 57.33 16.88 -16.46
C HIS A 2476 57.33 17.95 -17.55
N PRO A 2477 56.69 19.10 -17.29
CA PRO A 2477 56.65 20.15 -18.32
C PRO A 2477 58.02 20.67 -18.70
N ASP A 2478 58.95 20.74 -17.75
CA ASP A 2478 60.29 21.22 -18.05
C ASP A 2478 61.04 20.28 -18.98
N PHE A 2479 60.93 18.96 -18.77
CA PHE A 2479 61.67 17.96 -19.52
C PHE A 2479 60.68 17.01 -20.19
N PRO A 2480 60.26 17.32 -21.41
CA PRO A 2480 59.39 16.39 -22.15
C PRO A 2480 60.19 15.20 -22.66
N MET A 2481 59.45 14.13 -22.95
CA MET A 2481 60.07 12.87 -23.32
C MET A 2481 60.78 12.98 -24.66
N GLN A 2482 62.00 12.45 -24.73
CA GLN A 2482 62.87 12.66 -25.88
C GLN A 2482 62.65 11.57 -26.93
N ILE A 2483 63.53 11.51 -27.93
CA ILE A 2483 63.27 10.69 -29.11
C ILE A 2483 63.74 9.25 -28.91
N GLU A 2484 64.95 9.06 -28.38
CA GLU A 2484 65.46 7.70 -28.17
C GLU A 2484 64.66 6.97 -27.09
N GLN A 2485 64.33 7.68 -26.00
CA GLN A 2485 63.44 7.11 -25.00
C GLN A 2485 62.10 6.77 -25.63
N LEU A 2486 61.60 7.62 -26.53
CA LEU A 2486 60.33 7.37 -27.19
C LEU A 2486 60.38 6.09 -28.02
N GLU A 2487 61.44 5.91 -28.82
CA GLU A 2487 61.51 4.72 -29.66
C GLU A 2487 61.68 3.46 -28.82
N ARG A 2488 62.50 3.53 -27.75
CA ARG A 2488 62.66 2.38 -26.88
C ARG A 2488 61.33 1.99 -26.23
N TYR A 2489 60.63 2.97 -25.65
CA TYR A 2489 59.35 2.71 -25.02
C TYR A 2489 58.34 2.17 -26.03
N ILE A 2490 58.29 2.76 -27.22
CA ILE A 2490 57.30 2.34 -28.21
C ILE A 2490 57.56 0.92 -28.66
N GLN A 2491 58.81 0.57 -28.94
CA GLN A 2491 59.12 -0.79 -29.38
C GLN A 2491 58.82 -1.82 -28.29
N ARG A 2492 59.25 -1.53 -27.05
CA ARG A 2492 58.99 -2.48 -25.96
C ARG A 2492 57.50 -2.61 -25.71
N TYR A 2493 56.75 -1.50 -25.71
CA TYR A 2493 55.32 -1.57 -25.49
C TYR A 2493 54.61 -2.26 -26.64
N LEU A 2494 55.13 -2.13 -27.87
CA LEU A 2494 54.55 -2.84 -29.00
C LEU A 2494 54.74 -4.35 -28.86
N VAL A 2495 55.93 -4.79 -28.44
CA VAL A 2495 56.13 -6.22 -28.20
C VAL A 2495 55.22 -6.71 -27.08
N TYR A 2496 55.13 -5.94 -26.00
CA TYR A 2496 54.24 -6.30 -24.89
C TYR A 2496 52.79 -6.36 -25.35
N ALA A 2497 52.40 -5.43 -26.22
CA ALA A 2497 51.03 -5.39 -26.72
C ALA A 2497 50.72 -6.59 -27.59
N ILE A 2498 51.63 -6.97 -28.47
CA ILE A 2498 51.42 -8.18 -29.27
C ILE A 2498 51.29 -9.38 -28.36
N LEU A 2499 52.19 -9.50 -27.38
CA LEU A 2499 52.18 -10.69 -26.53
C LEU A 2499 50.90 -10.78 -25.71
N TRP A 2500 50.40 -9.66 -25.19
CA TRP A 2500 49.19 -9.68 -24.38
C TRP A 2500 47.90 -9.64 -25.20
N SER A 2501 47.97 -9.31 -26.49
CA SER A 2501 46.77 -9.29 -27.31
C SER A 2501 46.55 -10.59 -28.06
N LEU A 2502 47.63 -11.24 -28.50
CA LEU A 2502 47.50 -12.49 -29.25
C LEU A 2502 47.41 -13.72 -28.36
N SER A 2503 47.70 -13.58 -27.05
CA SER A 2503 47.58 -14.71 -26.14
C SER A 2503 46.98 -14.30 -24.80
N GLY A 2504 46.31 -13.17 -24.73
CA GLY A 2504 45.65 -12.79 -23.49
C GLY A 2504 44.44 -13.64 -23.15
N ASP A 2505 44.00 -14.48 -24.08
CA ASP A 2505 42.84 -15.35 -23.91
C ASP A 2505 43.23 -16.82 -23.95
N SER A 2506 44.45 -17.13 -23.51
CA SER A 2506 44.95 -18.49 -23.53
C SER A 2506 45.65 -18.78 -22.22
N ARG A 2507 46.01 -20.05 -22.03
CA ARG A 2507 46.67 -20.48 -20.81
C ARG A 2507 48.11 -19.95 -20.77
N LEU A 2508 48.74 -20.11 -19.62
CA LEU A 2508 50.11 -19.63 -19.44
C LEU A 2508 51.08 -20.32 -20.39
N LYS A 2509 50.82 -21.58 -20.73
CA LYS A 2509 51.70 -22.30 -21.64
C LYS A 2509 51.70 -21.67 -23.03
N MET A 2510 50.51 -21.31 -23.54
CA MET A 2510 50.45 -20.66 -24.85
C MET A 2510 51.05 -19.27 -24.82
N ARG A 2511 50.87 -18.53 -23.72
CA ARG A 2511 51.52 -17.23 -23.59
C ARG A 2511 53.04 -17.37 -23.62
N ALA A 2512 53.57 -18.36 -22.92
CA ALA A 2512 55.02 -18.60 -22.94
C ALA A 2512 55.48 -19.02 -24.32
N GLU A 2513 54.70 -19.84 -25.02
CA GLU A 2513 55.08 -20.25 -26.36
C GLU A 2513 55.11 -19.07 -27.33
N LEU A 2514 54.11 -18.18 -27.24
CA LEU A 2514 54.13 -16.98 -28.07
C LEU A 2514 55.30 -16.09 -27.73
N GLY A 2515 55.62 -15.96 -26.43
CA GLY A 2515 56.79 -15.19 -26.05
C GLY A 2515 58.08 -15.77 -26.61
N GLU A 2516 58.21 -17.10 -26.57
CA GLU A 2516 59.40 -17.73 -27.13
C GLU A 2516 59.48 -17.51 -28.64
N TYR A 2517 58.35 -17.62 -29.34
CA TYR A 2517 58.36 -17.38 -30.79
C TYR A 2517 58.75 -15.94 -31.10
N ILE A 2518 58.20 -14.99 -30.35
CA ILE A 2518 58.55 -13.59 -30.55
C ILE A 2518 60.04 -13.37 -30.32
N ARG A 2519 60.56 -13.92 -29.21
CA ARG A 2519 61.99 -13.82 -28.93
C ARG A 2519 62.81 -14.40 -30.08
N ARG A 2520 62.32 -15.48 -30.69
CA ARG A 2520 63.01 -16.07 -31.83
C ARG A 2520 63.00 -15.13 -33.03
N ILE A 2521 61.90 -14.42 -33.26
CA ILE A 2521 61.74 -13.66 -34.50
C ILE A 2521 61.92 -12.15 -34.35
N THR A 2522 61.82 -11.60 -33.13
CA THR A 2522 61.85 -10.15 -33.01
C THR A 2522 63.29 -9.62 -33.00
N THR A 2523 63.41 -8.32 -33.24
CA THR A 2523 64.67 -7.60 -33.09
C THR A 2523 64.62 -6.56 -31.98
N VAL A 2524 63.45 -6.29 -31.42
CA VAL A 2524 63.35 -5.35 -30.29
C VAL A 2524 64.09 -5.93 -29.10
N PRO A 2525 64.82 -5.12 -28.32
CA PRO A 2525 65.46 -5.66 -27.11
C PRO A 2525 64.45 -6.27 -26.17
N LEU A 2526 64.82 -7.38 -25.56
CA LEU A 2526 63.96 -8.17 -24.70
C LEU A 2526 64.67 -8.45 -23.39
N PRO A 2527 63.91 -8.76 -22.32
CA PRO A 2527 64.55 -9.12 -21.06
C PRO A 2527 65.46 -10.33 -21.22
N THR A 2528 66.59 -10.30 -20.51
CA THR A 2528 67.61 -11.33 -20.63
C THR A 2528 67.48 -12.41 -19.55
N ALA A 2529 66.29 -12.56 -18.97
CA ALA A 2529 66.08 -13.60 -17.97
C ALA A 2529 66.18 -14.98 -18.62
N PRO A 2530 67.01 -15.88 -18.09
CA PRO A 2530 67.19 -17.19 -18.74
C PRO A 2530 65.91 -18.01 -18.83
N ASN A 2531 65.01 -17.90 -17.86
CA ASN A 2531 63.84 -18.78 -17.84
C ASN A 2531 62.53 -18.01 -17.71
N ILE A 2532 62.58 -16.82 -17.13
CA ILE A 2532 61.37 -16.03 -16.90
C ILE A 2532 60.79 -15.58 -18.24
N PRO A 2533 59.51 -15.85 -18.51
CA PRO A 2533 58.93 -15.48 -19.80
C PRO A 2533 58.75 -13.97 -19.92
N ILE A 2534 58.60 -13.53 -21.17
CA ILE A 2534 58.42 -12.10 -21.46
C ILE A 2534 57.13 -11.59 -20.84
N ILE A 2535 56.12 -12.45 -20.71
CA ILE A 2535 54.82 -12.04 -20.19
C ILE A 2535 54.93 -11.50 -18.76
N ASP A 2536 56.00 -11.82 -18.05
CA ASP A 2536 56.21 -11.36 -16.70
C ASP A 2536 56.74 -9.93 -16.65
N TYR A 2537 57.26 -9.41 -17.76
CA TYR A 2537 57.96 -8.14 -17.78
C TYR A 2537 57.05 -7.03 -18.33
N GLU A 2538 56.96 -5.94 -17.60
CA GLU A 2538 56.23 -4.74 -18.00
C GLU A 2538 57.19 -3.82 -18.77
N VAL A 2539 56.62 -2.82 -19.44
CA VAL A 2539 57.38 -1.75 -20.06
C VAL A 2539 57.19 -0.51 -19.19
N SER A 2540 58.26 -0.07 -18.54
CA SER A 2540 58.20 1.14 -17.74
C SER A 2540 58.14 2.37 -18.63
N ILE A 2541 57.62 3.47 -18.06
CA ILE A 2541 57.50 4.71 -18.82
C ILE A 2541 58.86 5.24 -19.24
N SER A 2542 59.93 4.85 -18.54
CA SER A 2542 61.27 5.25 -18.93
C SER A 2542 61.77 4.52 -20.17
N GLY A 2543 61.08 3.47 -20.61
CA GLY A 2543 61.46 2.75 -21.80
C GLY A 2543 62.39 1.58 -21.53
N GLU A 2544 62.17 0.89 -20.41
CA GLU A 2544 62.98 -0.26 -20.04
C GLU A 2544 62.09 -1.37 -19.53
N TRP A 2545 62.48 -2.60 -19.82
CA TRP A 2545 61.75 -3.76 -19.32
C TRP A 2545 61.88 -3.85 -17.81
N SER A 2546 60.74 -4.04 -17.13
CA SER A 2546 60.72 -4.17 -15.68
C SER A 2546 59.82 -5.33 -15.30
N PRO A 2547 60.29 -6.21 -14.41
CA PRO A 2547 59.46 -7.36 -14.00
C PRO A 2547 58.23 -6.90 -13.23
N TRP A 2548 57.14 -7.67 -13.41
CA TRP A 2548 55.90 -7.37 -12.71
C TRP A 2548 55.99 -7.67 -11.22
N GLN A 2549 56.97 -8.48 -10.80
CA GLN A 2549 57.13 -8.79 -9.39
C GLN A 2549 57.52 -7.57 -8.57
N ALA A 2550 58.04 -6.52 -9.21
CA ALA A 2550 58.39 -5.31 -8.48
C ALA A 2550 57.16 -4.63 -7.90
N LYS A 2551 56.01 -4.81 -8.54
CA LYS A 2551 54.75 -4.22 -8.07
C LYS A 2551 53.93 -5.20 -7.24
N VAL A 2552 54.52 -6.30 -6.80
CA VAL A 2552 53.82 -7.28 -5.97
C VAL A 2552 54.48 -7.31 -4.60
N PRO A 2553 53.98 -6.54 -3.64
CA PRO A 2553 54.59 -6.51 -2.31
C PRO A 2553 53.96 -7.52 -1.36
N GLN A 2554 54.69 -7.79 -0.27
CA GLN A 2554 54.20 -8.68 0.79
C GLN A 2554 53.43 -7.82 1.79
N ILE A 2555 52.19 -7.50 1.42
CA ILE A 2555 51.36 -6.62 2.21
C ILE A 2555 50.76 -7.38 3.39
N GLU A 2556 50.52 -6.66 4.49
CA GLU A 2556 49.88 -7.20 5.67
C GLU A 2556 48.48 -6.62 5.77
N VAL A 2557 47.48 -7.49 5.83
CA VAL A 2557 46.09 -7.07 5.86
C VAL A 2557 45.70 -6.72 7.29
N GLU A 2558 44.84 -5.72 7.44
CA GLU A 2558 44.38 -5.30 8.76
C GLU A 2558 43.52 -6.39 9.39
N THR A 2559 43.33 -6.29 10.71
CA THR A 2559 42.63 -7.32 11.45
C THR A 2559 41.16 -7.43 11.01
N HIS A 2560 40.48 -6.30 10.84
CA HIS A 2560 39.06 -6.32 10.57
C HIS A 2560 38.73 -6.39 9.08
N LYS A 2561 39.72 -6.44 8.20
CA LYS A 2561 39.51 -6.53 6.76
C LYS A 2561 40.11 -7.80 6.17
N VAL A 2562 40.15 -8.87 6.97
CA VAL A 2562 40.71 -10.13 6.50
C VAL A 2562 39.69 -10.82 5.59
N ALA A 2563 40.16 -11.28 4.43
CA ALA A 2563 39.33 -11.96 3.43
C ALA A 2563 38.05 -11.20 3.11
N ALA A 2564 38.09 -9.87 3.25
CA ALA A 2564 36.94 -9.06 2.94
C ALA A 2564 36.71 -9.03 1.44
N PRO A 2565 35.46 -8.78 1.00
CA PRO A 2565 35.21 -8.70 -0.45
C PRO A 2565 35.99 -7.59 -1.13
N ASP A 2566 36.34 -6.52 -0.41
CA ASP A 2566 37.02 -5.39 -1.02
C ASP A 2566 38.52 -5.66 -1.16
N VAL A 2567 39.14 -6.23 -0.12
CA VAL A 2567 40.59 -6.37 -0.11
C VAL A 2567 41.03 -7.38 -1.17
N VAL A 2568 42.12 -7.06 -1.86
CA VAL A 2568 42.69 -7.92 -2.89
C VAL A 2568 44.18 -8.07 -2.58
N VAL A 2569 44.63 -9.32 -2.47
CA VAL A 2569 46.05 -9.60 -2.24
C VAL A 2569 46.78 -9.48 -3.57
N PRO A 2570 47.79 -8.63 -3.68
CA PRO A 2570 48.51 -8.48 -4.95
C PRO A 2570 49.18 -9.78 -5.37
N THR A 2571 49.14 -10.05 -6.67
CA THR A 2571 49.70 -11.26 -7.23
C THR A 2571 50.13 -10.96 -8.67
N LEU A 2572 51.02 -11.80 -9.21
CA LEU A 2572 51.52 -11.59 -10.56
C LEU A 2572 50.38 -11.53 -11.57
N ASP A 2573 49.53 -12.56 -11.58
CA ASP A 2573 48.38 -12.56 -12.48
C ASP A 2573 47.45 -11.40 -12.16
N THR A 2574 47.28 -11.10 -10.87
CA THR A 2574 46.41 -10.00 -10.47
C THR A 2574 46.88 -8.69 -11.07
N VAL A 2575 48.16 -8.34 -10.88
CA VAL A 2575 48.64 -7.05 -11.36
C VAL A 2575 48.67 -7.01 -12.89
N ARG A 2576 49.02 -8.12 -13.53
CA ARG A 2576 49.00 -8.15 -15.00
C ARG A 2576 47.60 -7.90 -15.53
N HIS A 2577 46.59 -8.55 -14.95
CA HIS A 2577 45.22 -8.34 -15.39
C HIS A 2577 44.73 -6.95 -15.02
N GLU A 2578 45.20 -6.38 -13.91
CA GLU A 2578 44.86 -5.00 -13.59
C GLU A 2578 45.37 -4.05 -14.66
N ALA A 2579 46.62 -4.25 -15.09
CA ALA A 2579 47.17 -3.40 -16.14
C ALA A 2579 46.40 -3.56 -17.44
N LEU A 2580 46.08 -4.80 -17.82
CA LEU A 2580 45.33 -5.02 -19.06
C LEU A 2580 43.94 -4.39 -18.98
N LEU A 2581 43.26 -4.56 -17.85
CA LEU A 2581 41.92 -4.01 -17.71
C LEU A 2581 41.95 -2.48 -17.74
N TYR A 2582 42.97 -1.88 -17.13
CA TYR A 2582 43.07 -0.43 -17.17
C TYR A 2582 43.33 0.05 -18.60
N THR A 2583 44.28 -0.57 -19.29
CA THR A 2583 44.61 -0.16 -20.65
C THR A 2583 43.51 -0.49 -21.64
N TRP A 2584 42.52 -1.30 -21.26
CA TRP A 2584 41.36 -1.55 -22.12
C TRP A 2584 40.17 -0.67 -21.79
N LEU A 2585 39.87 -0.45 -20.51
CA LEU A 2585 38.74 0.41 -20.15
C LEU A 2585 39.05 1.89 -20.24
N ALA A 2586 40.33 2.27 -20.32
CA ALA A 2586 40.66 3.70 -20.38
C ALA A 2586 40.06 4.37 -21.61
N GLU A 2587 40.05 3.66 -22.73
CA GLU A 2587 39.52 4.18 -23.99
C GLU A 2587 38.08 3.75 -24.25
N HIS A 2588 37.38 3.24 -23.24
CA HIS A 2588 35.98 2.87 -23.34
C HIS A 2588 35.76 1.72 -24.32
N LYS A 2589 36.73 0.83 -24.43
CA LYS A 2589 36.60 -0.32 -25.31
C LYS A 2589 35.91 -1.47 -24.57
N PRO A 2590 34.88 -2.08 -25.15
CA PRO A 2590 34.25 -3.24 -24.50
C PRO A 2590 35.20 -4.43 -24.46
N LEU A 2591 35.00 -5.28 -23.45
CA LEU A 2591 35.83 -6.46 -23.31
C LEU A 2591 35.05 -7.53 -22.54
N VAL A 2592 35.59 -8.74 -22.57
CA VAL A 2592 35.02 -9.89 -21.84
C VAL A 2592 36.14 -10.57 -21.06
N LEU A 2593 35.89 -10.83 -19.79
CA LEU A 2593 36.78 -11.64 -18.96
C LEU A 2593 36.25 -13.08 -18.98
N CYS A 2594 37.09 -14.01 -19.44
CA CYS A 2594 36.72 -15.40 -19.57
C CYS A 2594 37.53 -16.25 -18.61
N GLY A 2595 36.85 -17.19 -17.94
CA GLY A 2595 37.51 -18.06 -17.01
C GLY A 2595 36.53 -18.88 -16.18
N PRO A 2596 37.05 -19.87 -15.46
CA PRO A 2596 36.18 -20.71 -14.63
C PRO A 2596 35.55 -19.90 -13.51
N PRO A 2597 34.40 -20.32 -13.01
CA PRO A 2597 33.74 -19.58 -11.93
C PRO A 2597 34.62 -19.50 -10.69
N GLY A 2598 34.60 -18.34 -10.04
CA GLY A 2598 35.42 -18.11 -8.87
C GLY A 2598 36.87 -17.80 -9.15
N SER A 2599 37.24 -17.60 -10.42
CA SER A 2599 38.63 -17.32 -10.75
C SER A 2599 39.06 -15.93 -10.29
N GLY A 2600 38.14 -14.99 -10.19
CA GLY A 2600 38.47 -13.65 -9.77
C GLY A 2600 38.26 -12.61 -10.84
N LYS A 2601 37.38 -12.90 -11.80
CA LYS A 2601 37.14 -11.97 -12.90
C LYS A 2601 36.49 -10.68 -12.40
N THR A 2602 35.41 -10.79 -11.63
CA THR A 2602 34.73 -9.60 -11.14
C THR A 2602 35.56 -8.88 -10.09
N MET A 2603 36.32 -9.61 -9.28
CA MET A 2603 37.24 -8.96 -8.33
C MET A 2603 38.31 -8.17 -9.07
N THR A 2604 38.87 -8.76 -10.13
CA THR A 2604 39.86 -8.06 -10.92
C THR A 2604 39.27 -6.83 -11.59
N LEU A 2605 38.03 -6.93 -12.09
CA LEU A 2605 37.39 -5.78 -12.71
C LEU A 2605 37.15 -4.66 -11.70
N PHE A 2606 36.56 -4.99 -10.55
CA PHE A 2606 36.24 -3.96 -9.56
C PHE A 2606 37.51 -3.33 -9.01
N SER A 2607 38.57 -4.12 -8.81
CA SER A 2607 39.84 -3.56 -8.38
C SER A 2607 40.48 -2.70 -9.46
N ALA A 2608 40.11 -2.88 -10.72
CA ALA A 2608 40.57 -1.99 -11.77
C ALA A 2608 39.71 -0.74 -11.85
N LEU A 2609 38.45 -0.84 -11.41
CA LEU A 2609 37.57 0.32 -11.41
C LEU A 2609 37.88 1.29 -10.28
N ARG A 2610 38.47 0.81 -9.18
CA ARG A 2610 38.85 1.72 -8.10
C ARG A 2610 39.96 2.67 -8.52
N ALA A 2611 40.70 2.35 -9.58
CA ALA A 2611 41.69 3.26 -10.14
C ALA A 2611 41.10 4.23 -11.16
N LEU A 2612 39.80 4.13 -11.43
CA LEU A 2612 39.09 5.01 -12.36
C LEU A 2612 37.90 5.60 -11.63
N PRO A 2613 38.08 6.69 -10.88
CA PRO A 2613 37.00 7.20 -10.03
C PRO A 2613 35.82 7.78 -10.79
N ASP A 2614 35.99 8.15 -12.06
CA ASP A 2614 34.91 8.73 -12.86
C ASP A 2614 34.00 7.67 -13.47
N MET A 2615 34.16 6.41 -13.08
CA MET A 2615 33.48 5.30 -13.73
C MET A 2615 32.56 4.60 -12.74
N GLU A 2616 31.27 4.58 -13.05
CA GLU A 2616 30.28 3.92 -12.20
C GLU A 2616 29.80 2.65 -12.88
N VAL A 2617 29.86 1.55 -12.14
CA VAL A 2617 29.54 0.23 -12.67
C VAL A 2617 28.25 -0.26 -12.03
N VAL A 2618 27.39 -0.87 -12.86
CA VAL A 2618 26.17 -1.52 -12.40
C VAL A 2618 26.25 -2.98 -12.81
N GLY A 2619 25.67 -3.85 -11.99
CA GLY A 2619 25.77 -5.28 -12.19
C GLY A 2619 24.60 -5.82 -12.99
N LEU A 2620 24.92 -6.60 -14.02
CA LEU A 2620 23.93 -7.31 -14.81
C LEU A 2620 24.26 -8.79 -14.79
N ASN A 2621 23.24 -9.62 -14.60
CA ASN A 2621 23.42 -11.05 -14.39
C ASN A 2621 22.55 -11.79 -15.40
N PHE A 2622 23.16 -12.14 -16.53
CA PHE A 2622 22.44 -12.81 -17.60
C PHE A 2622 22.05 -14.23 -17.19
N SER A 2623 20.90 -14.67 -17.70
CA SER A 2623 20.42 -16.03 -17.48
C SER A 2623 20.11 -16.64 -18.84
N SER A 2624 19.57 -17.87 -18.82
CA SER A 2624 19.21 -18.52 -20.07
C SER A 2624 18.08 -17.79 -20.78
N ALA A 2625 17.21 -17.12 -20.03
CA ALA A 2625 16.07 -16.40 -20.58
C ALA A 2625 16.28 -14.89 -20.54
N THR A 2626 17.50 -14.43 -20.79
CA THR A 2626 17.81 -13.01 -20.76
C THR A 2626 17.54 -12.40 -22.13
N THR A 2627 16.82 -11.28 -22.13
CA THR A 2627 16.45 -10.54 -23.33
C THR A 2627 16.93 -9.10 -23.19
N PRO A 2628 17.04 -8.37 -24.30
CA PRO A 2628 17.44 -6.95 -24.22
C PRO A 2628 16.54 -6.10 -23.33
N GLU A 2629 15.41 -6.67 -22.90
CA GLU A 2629 14.53 -5.95 -21.99
C GLU A 2629 15.23 -5.63 -20.68
N LEU A 2630 16.12 -6.52 -20.22
CA LEU A 2630 16.89 -6.24 -19.01
C LEU A 2630 17.78 -5.02 -19.20
N LEU A 2631 18.47 -4.94 -20.35
CA LEU A 2631 19.30 -3.78 -20.64
C LEU A 2631 18.46 -2.51 -20.73
N LEU A 2632 17.29 -2.61 -21.36
CA LEU A 2632 16.43 -1.43 -21.48
C LEU A 2632 15.93 -0.96 -20.12
N LYS A 2633 15.55 -1.88 -19.24
CA LYS A 2633 15.13 -1.51 -17.90
C LYS A 2633 16.28 -0.88 -17.12
N THR A 2634 17.49 -1.42 -17.26
CA THR A 2634 18.65 -0.82 -16.61
C THR A 2634 18.89 0.59 -17.12
N PHE A 2635 18.73 0.80 -18.44
CA PHE A 2635 18.87 2.13 -19.00
C PHE A 2635 17.82 3.08 -18.45
N ASP A 2636 16.57 2.63 -18.36
CA ASP A 2636 15.51 3.48 -17.82
C ASP A 2636 15.80 3.84 -16.37
N HIS A 2637 16.37 2.91 -15.60
CA HIS A 2637 16.66 3.22 -14.21
C HIS A 2637 17.85 4.16 -14.06
N TYR A 2638 18.90 3.97 -14.86
CA TYR A 2638 20.16 4.66 -14.66
C TYR A 2638 20.43 5.76 -15.69
N CYS A 2639 19.77 5.75 -16.83
CA CYS A 2639 20.00 6.73 -17.88
C CYS A 2639 18.72 7.49 -18.15
N GLU A 2640 18.79 8.47 -19.05
CA GLU A 2640 17.64 9.29 -19.40
C GLU A 2640 17.69 9.64 -20.88
N TYR A 2641 16.52 9.67 -21.51
CA TYR A 2641 16.40 10.03 -22.92
C TYR A 2641 16.19 11.53 -23.03
N ARG A 2642 17.02 12.20 -23.83
CA ARG A 2642 16.88 13.62 -24.07
C ARG A 2642 16.84 13.88 -25.57
N ARG A 2643 16.08 14.89 -25.96
CA ARG A 2643 15.95 15.25 -27.36
C ARG A 2643 17.14 16.12 -27.79
N THR A 2644 17.65 15.84 -28.98
CA THR A 2644 18.84 16.49 -29.51
C THR A 2644 18.57 16.87 -30.96
N PRO A 2645 19.10 18.00 -31.43
CA PRO A 2645 18.93 18.34 -32.86
C PRO A 2645 19.55 17.33 -33.81
N ASN A 2646 20.48 16.51 -33.33
CA ASN A 2646 21.02 15.42 -34.13
C ASN A 2646 20.26 14.11 -33.97
N GLY A 2647 19.26 14.07 -33.11
CA GLY A 2647 18.46 12.87 -32.92
C GLY A 2647 18.12 12.69 -31.45
N VAL A 2648 18.19 11.44 -31.00
CA VAL A 2648 17.94 11.08 -29.60
C VAL A 2648 19.19 10.42 -29.05
N VAL A 2649 19.69 10.94 -27.94
CA VAL A 2649 20.90 10.43 -27.30
C VAL A 2649 20.56 10.04 -25.87
N LEU A 2650 20.94 8.82 -25.48
CA LEU A 2650 20.70 8.31 -24.14
C LEU A 2650 22.01 8.39 -23.36
N ALA A 2651 21.97 9.04 -22.21
CA ALA A 2651 23.16 9.28 -21.40
C ALA A 2651 22.85 8.99 -19.94
N PRO A 2652 23.87 8.64 -19.14
CA PRO A 2652 23.63 8.43 -17.71
C PRO A 2652 23.16 9.69 -17.02
N VAL A 2653 22.37 9.50 -15.96
CA VAL A 2653 21.83 10.65 -15.23
C VAL A 2653 22.95 11.44 -14.56
N GLN A 2654 24.01 10.75 -14.12
CA GLN A 2654 25.16 11.43 -13.54
C GLN A 2654 25.98 12.11 -14.64
N LEU A 2655 26.32 13.37 -14.43
CA LEU A 2655 27.08 14.14 -15.40
C LEU A 2655 28.58 13.92 -15.21
N GLY A 2656 29.29 13.72 -16.32
CA GLY A 2656 30.71 13.50 -16.28
C GLY A 2656 31.13 12.12 -15.85
N LYS A 2657 30.19 11.20 -15.66
CA LYS A 2657 30.47 9.84 -15.23
C LYS A 2657 30.19 8.87 -16.36
N TRP A 2658 31.06 7.88 -16.50
CA TRP A 2658 30.88 6.81 -17.46
C TRP A 2658 30.24 5.61 -16.79
N LEU A 2659 29.11 5.16 -17.35
CA LEU A 2659 28.35 4.05 -16.78
C LEU A 2659 28.81 2.76 -17.43
N VAL A 2660 29.27 1.82 -16.60
CA VAL A 2660 29.80 0.55 -17.07
C VAL A 2660 28.79 -0.54 -16.79
N LEU A 2661 28.38 -1.26 -17.84
CA LEU A 2661 27.46 -2.37 -17.71
C LEU A 2661 28.27 -3.65 -17.57
N PHE A 2662 28.25 -4.23 -16.38
CA PHE A 2662 28.94 -5.50 -16.13
C PHE A 2662 27.95 -6.65 -16.31
N CYS A 2663 28.12 -7.40 -17.39
CA CYS A 2663 27.26 -8.54 -17.69
C CYS A 2663 28.00 -9.81 -17.29
N ASP A 2664 27.51 -10.47 -16.24
CA ASP A 2664 28.29 -11.53 -15.59
C ASP A 2664 28.26 -12.84 -16.37
N GLU A 2665 27.20 -13.11 -17.12
CA GLU A 2665 26.97 -14.42 -17.72
C GLU A 2665 26.57 -14.30 -19.19
N ILE A 2666 27.35 -13.56 -19.96
CA ILE A 2666 26.95 -13.16 -21.31
C ILE A 2666 26.63 -14.35 -22.21
N ASN A 2667 27.23 -15.51 -21.97
CA ASN A 2667 27.11 -16.63 -22.89
C ASN A 2667 26.04 -17.64 -22.48
N LEU A 2668 25.29 -17.36 -21.42
CA LEU A 2668 24.17 -18.23 -21.05
C LEU A 2668 22.91 -18.01 -21.89
N PRO A 2669 22.51 -16.75 -22.24
CA PRO A 2669 21.24 -16.54 -22.97
C PRO A 2669 20.99 -17.54 -24.09
N ASP A 2670 19.73 -17.99 -24.19
CA ASP A 2670 19.38 -19.08 -25.08
C ASP A 2670 19.71 -18.74 -26.53
N MET A 2671 20.33 -19.68 -27.23
CA MET A 2671 20.56 -19.60 -28.66
C MET A 2671 19.43 -20.35 -29.36
N ASP A 2672 18.69 -19.64 -30.21
CA ASP A 2672 17.56 -20.26 -30.90
C ASP A 2672 18.05 -21.32 -31.87
N LYS A 2673 17.11 -21.96 -32.55
CA LYS A 2673 17.44 -23.05 -33.46
C LYS A 2673 18.15 -22.57 -34.73
N TYR A 2674 18.53 -21.30 -34.78
CA TYR A 2674 19.27 -20.75 -35.91
C TYR A 2674 20.59 -20.12 -35.48
N GLY A 2675 21.09 -20.49 -34.31
CA GLY A 2675 22.40 -20.04 -33.85
C GLY A 2675 22.54 -18.55 -33.63
N THR A 2676 21.58 -17.93 -32.96
CA THR A 2676 21.64 -16.50 -32.68
C THR A 2676 21.09 -16.23 -31.29
N GLN A 2677 21.81 -15.40 -30.54
CA GLN A 2677 21.35 -14.91 -29.23
C GLN A 2677 20.89 -13.47 -29.40
N ARG A 2678 19.65 -13.20 -28.99
CA ARG A 2678 19.09 -11.88 -29.24
C ARG A 2678 19.82 -10.79 -28.47
N VAL A 2679 20.16 -11.05 -27.20
CA VAL A 2679 20.85 -10.05 -26.40
C VAL A 2679 22.27 -9.84 -26.92
N ILE A 2680 22.91 -10.89 -27.42
CA ILE A 2680 24.26 -10.74 -27.95
C ILE A 2680 24.24 -9.89 -29.22
N SER A 2681 23.27 -10.13 -30.11
CA SER A 2681 23.14 -9.28 -31.29
C SER A 2681 22.80 -7.85 -30.91
N PHE A 2682 21.98 -7.68 -29.87
CA PHE A 2682 21.67 -6.34 -29.38
C PHE A 2682 22.93 -5.61 -28.93
N ILE A 2683 23.74 -6.27 -28.10
CA ILE A 2683 24.97 -5.65 -27.60
C ILE A 2683 25.93 -5.38 -28.75
N ARG A 2684 26.00 -6.28 -29.72
CA ARG A 2684 26.85 -6.05 -30.89
C ARG A 2684 26.40 -4.82 -31.67
N GLN A 2685 25.08 -4.66 -31.82
CA GLN A 2685 24.56 -3.48 -32.49
C GLN A 2685 24.89 -2.20 -31.73
N MET A 2686 24.76 -2.22 -30.41
CA MET A 2686 25.09 -1.03 -29.62
C MET A 2686 26.58 -0.72 -29.67
N VAL A 2687 27.43 -1.74 -29.77
CA VAL A 2687 28.86 -1.50 -29.80
C VAL A 2687 29.30 -0.98 -31.16
N GLU A 2688 28.92 -1.68 -32.23
CA GLU A 2688 29.39 -1.30 -33.56
C GLU A 2688 28.75 -0.01 -34.03
N HIS A 2689 27.43 0.10 -33.92
CA HIS A 2689 26.71 1.25 -34.47
C HIS A 2689 26.44 2.33 -33.44
N GLY A 2690 26.87 2.14 -32.19
CA GLY A 2690 26.75 3.18 -31.20
C GLY A 2690 25.35 3.46 -30.71
N GLY A 2691 24.43 2.52 -30.87
CA GLY A 2691 23.09 2.73 -30.37
C GLY A 2691 22.14 1.63 -30.83
N PHE A 2692 20.86 1.85 -30.57
CA PHE A 2692 19.82 0.88 -30.84
C PHE A 2692 18.57 1.62 -31.31
N TYR A 2693 17.44 0.91 -31.33
CA TYR A 2693 16.15 1.44 -31.76
C TYR A 2693 15.15 1.32 -30.62
N ARG A 2694 14.35 2.36 -30.42
CA ARG A 2694 13.22 2.28 -29.50
C ARG A 2694 12.03 1.70 -30.24
N THR A 2695 11.61 0.50 -29.85
CA THR A 2695 10.45 -0.12 -30.48
C THR A 2695 9.16 0.64 -30.20
N SER A 2696 9.16 1.53 -29.21
CA SER A 2696 7.96 2.31 -28.91
C SER A 2696 7.61 3.26 -30.05
N ASP A 2697 8.62 3.92 -30.63
CA ASP A 2697 8.37 4.86 -31.71
C ASP A 2697 9.34 4.74 -32.88
N GLN A 2698 10.12 3.66 -32.95
CA GLN A 2698 11.01 3.38 -34.08
C GLN A 2698 11.99 4.53 -34.32
N THR A 2699 12.60 5.01 -33.24
CA THR A 2699 13.53 6.12 -33.28
C THR A 2699 14.92 5.62 -32.91
N TRP A 2700 15.89 5.89 -33.77
CA TRP A 2700 17.28 5.52 -33.50
C TRP A 2700 17.83 6.36 -32.35
N VAL A 2701 18.58 5.73 -31.46
CA VAL A 2701 19.13 6.37 -30.27
C VAL A 2701 20.64 6.13 -30.24
N LYS A 2702 21.39 7.18 -29.93
CA LYS A 2702 22.85 7.09 -29.82
C LYS A 2702 23.25 6.91 -28.36
N LEU A 2703 24.43 6.32 -28.17
CA LEU A 2703 24.98 6.10 -26.83
C LEU A 2703 26.16 7.04 -26.59
N GLU A 2704 26.19 7.64 -25.40
CA GLU A 2704 27.36 8.38 -24.95
C GLU A 2704 27.62 8.05 -23.49
N ARG A 2705 28.91 8.00 -23.13
CA ARG A 2705 29.35 7.75 -21.75
C ARG A 2705 28.79 6.43 -21.21
N ILE A 2706 28.82 5.37 -22.02
CA ILE A 2706 28.33 4.05 -21.62
C ILE A 2706 29.29 2.99 -22.14
N GLN A 2707 29.60 2.00 -21.32
CA GLN A 2707 30.48 0.90 -21.69
C GLN A 2707 29.77 -0.43 -21.48
N PHE A 2708 30.26 -1.45 -22.18
CA PHE A 2708 29.81 -2.83 -21.98
C PHE A 2708 31.02 -3.67 -21.59
N VAL A 2709 30.97 -4.26 -20.39
CA VAL A 2709 32.01 -5.16 -19.92
C VAL A 2709 31.37 -6.48 -19.56
N GLY A 2710 31.91 -7.57 -20.09
CA GLY A 2710 31.31 -8.87 -19.88
C GLY A 2710 32.19 -9.86 -19.16
N ALA A 2711 31.57 -10.86 -18.55
CA ALA A 2711 32.27 -11.98 -17.95
C ALA A 2711 31.57 -13.26 -18.38
N CYS A 2712 32.33 -14.35 -18.43
CA CYS A 2712 31.73 -15.61 -18.85
C CYS A 2712 32.62 -16.77 -18.45
N ASN A 2713 32.01 -17.91 -18.24
CA ASN A 2713 32.73 -19.17 -18.13
C ASN A 2713 33.16 -19.62 -19.52
N PRO A 2714 34.12 -20.55 -19.61
CA PRO A 2714 34.55 -21.03 -20.92
C PRO A 2714 33.38 -21.61 -21.70
N PRO A 2715 33.35 -21.39 -23.02
CA PRO A 2715 32.22 -21.88 -23.82
C PRO A 2715 32.08 -23.39 -23.82
N THR A 2716 33.13 -24.13 -23.47
CA THR A 2716 33.03 -25.58 -23.38
C THR A 2716 32.29 -26.05 -22.14
N ASP A 2717 32.04 -25.16 -21.18
CA ASP A 2717 31.27 -25.54 -20.01
C ASP A 2717 29.80 -25.77 -20.39
N PRO A 2718 29.14 -26.71 -19.73
CA PRO A 2718 27.74 -26.99 -20.08
C PRO A 2718 26.84 -25.80 -19.81
N GLY A 2719 25.88 -25.58 -20.70
CA GLY A 2719 25.01 -24.43 -20.63
C GLY A 2719 25.58 -23.17 -21.24
N ARG A 2720 26.82 -23.20 -21.71
CA ARG A 2720 27.46 -22.04 -22.29
C ARG A 2720 27.49 -22.16 -23.81
N LYS A 2721 27.21 -21.06 -24.49
CA LYS A 2721 27.18 -21.03 -25.94
C LYS A 2721 28.31 -20.15 -26.47
N PRO A 2722 29.03 -20.60 -27.50
CA PRO A 2722 30.10 -19.76 -28.06
C PRO A 2722 29.52 -18.48 -28.64
N LEU A 2723 30.25 -17.39 -28.45
CA LEU A 2723 29.79 -16.10 -28.93
C LEU A 2723 30.00 -15.98 -30.44
N SER A 2724 29.18 -15.12 -31.05
CA SER A 2724 29.29 -14.90 -32.49
C SER A 2724 30.61 -14.23 -32.84
N HIS A 2725 31.17 -14.59 -34.00
CA HIS A 2725 32.41 -13.98 -34.44
C HIS A 2725 32.24 -12.48 -34.69
N ARG A 2726 31.07 -12.06 -35.18
CA ARG A 2726 30.83 -10.65 -35.41
C ARG A 2726 30.84 -9.86 -34.11
N PHE A 2727 30.42 -10.47 -33.01
CA PHE A 2727 30.50 -9.81 -31.72
C PHE A 2727 31.92 -9.78 -31.16
N LEU A 2728 32.71 -10.80 -31.45
CA LEU A 2728 34.04 -10.90 -30.87
C LEU A 2728 35.04 -9.95 -31.50
N ARG A 2729 34.79 -9.47 -32.72
CA ARG A 2729 35.77 -8.60 -33.38
C ARG A 2729 35.89 -7.26 -32.67
N HIS A 2730 34.84 -6.79 -32.02
CA HIS A 2730 34.89 -5.55 -31.26
C HIS A 2730 35.33 -5.76 -29.82
N VAL A 2731 35.46 -6.99 -29.37
CA VAL A 2731 35.60 -7.29 -27.95
C VAL A 2731 36.84 -8.13 -27.68
N PRO A 2732 37.92 -7.54 -27.19
CA PRO A 2732 39.05 -8.35 -26.72
C PRO A 2732 38.67 -9.18 -25.51
N VAL A 2733 39.30 -10.35 -25.39
CA VAL A 2733 38.99 -11.32 -24.34
C VAL A 2733 40.27 -11.60 -23.56
N VAL A 2734 40.16 -11.55 -22.23
CA VAL A 2734 41.26 -11.88 -21.33
C VAL A 2734 40.87 -13.14 -20.56
N TYR A 2735 41.82 -14.06 -20.41
CA TYR A 2735 41.58 -15.33 -19.75
C TYR A 2735 42.11 -15.26 -18.32
N VAL A 2736 41.23 -15.43 -17.35
CA VAL A 2736 41.57 -15.39 -15.94
C VAL A 2736 41.41 -16.80 -15.41
N ASP A 2737 42.53 -17.49 -15.21
CA ASP A 2737 42.52 -18.87 -14.73
C ASP A 2737 42.59 -18.90 -13.21
N TYR A 2738 42.36 -20.09 -12.66
CA TYR A 2738 42.49 -20.28 -11.21
C TYR A 2738 43.93 -20.02 -10.78
N PRO A 2739 44.14 -19.36 -9.64
CA PRO A 2739 45.50 -19.22 -9.11
C PRO A 2739 46.09 -20.58 -8.80
N GLY A 2740 47.40 -20.71 -9.06
CA GLY A 2740 48.08 -21.95 -8.81
C GLY A 2740 48.28 -22.20 -7.34
N PRO A 2741 48.84 -23.37 -7.02
CA PRO A 2741 49.11 -23.68 -5.60
C PRO A 2741 50.00 -22.65 -4.92
N ALA A 2742 51.00 -22.12 -5.64
CA ALA A 2742 51.86 -21.10 -5.06
C ALA A 2742 51.09 -19.80 -4.81
N SER A 2743 50.28 -19.37 -5.78
CA SER A 2743 49.52 -18.14 -5.61
C SER A 2743 48.49 -18.28 -4.50
N LEU A 2744 47.76 -19.40 -4.47
CA LEU A 2744 46.80 -19.63 -3.40
C LEU A 2744 47.50 -19.68 -2.05
N THR A 2745 48.65 -20.35 -1.99
CA THR A 2745 49.42 -20.42 -0.74
C THR A 2745 49.79 -19.03 -0.27
N GLN A 2746 50.31 -18.20 -1.17
CA GLN A 2746 50.71 -16.84 -0.79
C GLN A 2746 49.52 -16.03 -0.30
N ILE A 2747 48.44 -16.01 -1.08
CA ILE A 2747 47.28 -15.18 -0.75
C ILE A 2747 46.69 -15.59 0.59
N TYR A 2748 46.43 -16.88 0.76
CA TYR A 2748 45.74 -17.30 1.97
C TYR A 2748 46.68 -17.45 3.16
N GLY A 2749 47.99 -17.54 2.94
CA GLY A 2749 48.92 -17.38 4.04
C GLY A 2749 48.95 -15.95 4.54
N THR A 2750 48.89 -14.99 3.63
CA THR A 2750 48.75 -13.60 4.04
C THR A 2750 47.47 -13.39 4.84
N PHE A 2751 46.36 -13.97 4.35
CA PHE A 2751 45.10 -13.83 5.06
C PHE A 2751 45.16 -14.49 6.44
N ASN A 2752 45.75 -15.68 6.54
CA ASN A 2752 45.86 -16.35 7.83
C ASN A 2752 46.75 -15.58 8.78
N ARG A 2753 47.85 -15.01 8.28
CA ARG A 2753 48.72 -14.19 9.11
C ARG A 2753 47.97 -12.98 9.64
N ALA A 2754 47.18 -12.33 8.79
CA ALA A 2754 46.38 -11.20 9.24
C ALA A 2754 45.30 -11.64 10.22
N MET A 2755 44.84 -12.89 10.12
CA MET A 2755 43.70 -13.33 10.92
C MET A 2755 44.14 -13.85 12.29
N LEU A 2756 45.30 -14.50 12.35
CA LEU A 2756 45.72 -15.18 13.58
C LEU A 2756 46.50 -14.28 14.53
N ARG A 2757 46.51 -12.97 14.33
CA ARG A 2757 47.21 -12.06 15.23
C ARG A 2757 46.35 -11.58 16.39
N LEU A 2758 45.06 -11.93 16.40
CA LEU A 2758 44.23 -11.60 17.56
C LEU A 2758 44.70 -12.34 18.80
N ILE A 2759 45.08 -13.61 18.65
CA ILE A 2759 45.63 -14.41 19.74
C ILE A 2759 47.08 -14.75 19.37
N PRO A 2760 48.04 -14.57 20.29
CA PRO A 2760 49.45 -14.74 19.90
C PRO A 2760 49.93 -16.18 19.92
N SER A 2761 49.25 -17.06 20.64
CA SER A 2761 49.76 -18.42 20.79
C SER A 2761 49.63 -19.25 19.52
N LEU A 2762 48.88 -18.77 18.53
CA LEU A 2762 48.68 -19.49 17.28
C LEU A 2762 49.35 -18.82 16.09
N ARG A 2763 50.27 -17.87 16.33
CA ARG A 2763 50.98 -17.24 15.22
C ARG A 2763 51.86 -18.23 14.48
N THR A 2764 52.51 -19.14 15.21
CA THR A 2764 53.43 -20.10 14.59
C THR A 2764 52.71 -21.14 13.73
N TYR A 2765 51.38 -21.23 13.81
CA TYR A 2765 50.62 -22.24 13.09
C TYR A 2765 49.94 -21.69 11.84
N ALA A 2766 50.30 -20.48 11.39
CA ALA A 2766 49.66 -19.92 10.21
C ALA A 2766 50.03 -20.67 8.95
N GLU A 2767 51.33 -20.93 8.75
CA GLU A 2767 51.78 -21.61 7.55
C GLU A 2767 51.23 -23.03 7.43
N PRO A 2768 51.30 -23.89 8.45
CA PRO A 2768 50.69 -25.22 8.30
C PRO A 2768 49.18 -25.16 8.09
N LEU A 2769 48.49 -24.21 8.72
CA LEU A 2769 47.05 -24.08 8.51
C LEU A 2769 46.75 -23.72 7.06
N THR A 2770 47.49 -22.77 6.51
CA THR A 2770 47.29 -22.39 5.10
C THR A 2770 47.62 -23.56 4.18
N ALA A 2771 48.69 -24.29 4.47
CA ALA A 2771 49.04 -25.45 3.64
C ALA A 2771 47.95 -26.50 3.67
N ALA A 2772 47.41 -26.77 4.86
CA ALA A 2772 46.33 -27.75 4.97
C ALA A 2772 45.10 -27.29 4.21
N MET A 2773 44.74 -26.01 4.34
CA MET A 2773 43.60 -25.48 3.60
C MET A 2773 43.79 -25.66 2.10
N VAL A 2774 44.95 -25.26 1.59
CA VAL A 2774 45.19 -25.31 0.14
C VAL A 2774 45.19 -26.75 -0.35
N GLU A 2775 45.82 -27.66 0.40
CA GLU A 2775 45.95 -29.04 -0.07
C GLU A 2775 44.62 -29.76 -0.01
N PHE A 2776 43.83 -29.53 1.05
CA PHE A 2776 42.49 -30.10 1.11
C PHE A 2776 41.61 -29.54 0.00
N TYR A 2777 41.71 -28.25 -0.29
CA TYR A 2777 40.92 -27.68 -1.37
C TYR A 2777 41.30 -28.29 -2.71
N THR A 2778 42.59 -28.50 -2.93
CA THR A 2778 43.03 -29.15 -4.17
C THR A 2778 42.49 -30.57 -4.27
N MET A 2779 42.55 -31.34 -3.18
CA MET A 2779 42.02 -32.69 -3.20
C MET A 2779 40.52 -32.70 -3.46
N SER A 2780 39.77 -31.80 -2.82
CA SER A 2780 38.33 -31.75 -3.03
C SER A 2780 38.00 -31.35 -4.47
N GLN A 2781 38.73 -30.38 -5.01
CA GLN A 2781 38.50 -29.96 -6.39
C GLN A 2781 38.78 -31.10 -7.38
N GLU A 2782 39.85 -31.85 -7.14
CA GLU A 2782 40.19 -32.94 -8.04
C GLU A 2782 39.20 -34.09 -7.91
N ARG A 2783 38.79 -34.42 -6.69
CA ARG A 2783 37.90 -35.56 -6.47
C ARG A 2783 36.50 -35.30 -7.02
N PHE A 2784 35.94 -34.13 -6.69
CA PHE A 2784 34.58 -33.80 -7.10
C PHE A 2784 34.62 -32.84 -8.27
N THR A 2785 34.09 -33.27 -9.40
CA THR A 2785 34.01 -32.47 -10.61
C THR A 2785 32.57 -32.37 -11.05
N GLN A 2786 32.32 -31.53 -12.05
CA GLN A 2786 30.97 -31.34 -12.54
C GLN A 2786 30.49 -32.51 -13.40
N ASP A 2787 31.39 -33.45 -13.71
CA ASP A 2787 30.96 -34.66 -14.44
C ASP A 2787 29.94 -35.45 -13.63
N THR A 2788 30.12 -35.52 -12.31
CA THR A 2788 29.18 -36.27 -11.48
C THR A 2788 27.91 -35.47 -11.21
N GLN A 2789 28.06 -34.30 -10.61
CA GLN A 2789 26.94 -33.43 -10.30
C GLN A 2789 27.20 -32.02 -10.80
N PRO A 2790 26.16 -31.33 -11.26
CA PRO A 2790 26.36 -29.97 -11.79
C PRO A 2790 26.87 -28.97 -10.77
N HIS A 2791 26.49 -29.10 -9.51
CA HIS A 2791 26.80 -28.11 -8.49
C HIS A 2791 28.15 -28.33 -7.81
N TYR A 2792 28.92 -29.33 -8.25
CA TYR A 2792 30.21 -29.63 -7.64
C TYR A 2792 31.26 -28.67 -8.19
N ILE A 2793 31.11 -27.40 -7.82
CA ILE A 2793 32.00 -26.33 -8.23
C ILE A 2793 32.79 -25.88 -7.02
N TYR A 2794 34.12 -25.95 -7.12
CA TYR A 2794 35.02 -25.54 -6.05
C TYR A 2794 35.99 -24.51 -6.59
N SER A 2795 36.13 -23.41 -5.86
CA SER A 2795 36.87 -22.24 -6.34
C SER A 2795 37.53 -21.52 -5.18
N PRO A 2796 38.33 -20.48 -5.43
CA PRO A 2796 38.83 -19.66 -4.31
C PRO A 2796 37.73 -19.02 -3.48
N ARG A 2797 36.49 -18.98 -3.95
CA ARG A 2797 35.39 -18.45 -3.13
C ARG A 2797 35.18 -19.29 -1.89
N GLU A 2798 35.29 -20.63 -2.02
CA GLU A 2798 35.21 -21.49 -0.85
C GLU A 2798 36.35 -21.21 0.13
N MET A 2799 37.55 -20.93 -0.38
CA MET A 2799 38.66 -20.57 0.51
C MET A 2799 38.39 -19.25 1.22
N THR A 2800 37.84 -18.26 0.50
CA THR A 2800 37.51 -16.99 1.14
C THR A 2800 36.47 -17.18 2.24
N ARG A 2801 35.44 -17.99 1.97
CA ARG A 2801 34.45 -18.27 3.00
C ARG A 2801 35.06 -19.07 4.16
N TRP A 2802 36.03 -19.94 3.86
CA TRP A 2802 36.76 -20.64 4.92
C TRP A 2802 37.45 -19.66 5.85
N VAL A 2803 38.18 -18.70 5.27
CA VAL A 2803 38.90 -17.73 6.07
C VAL A 2803 37.93 -16.87 6.86
N ARG A 2804 36.83 -16.44 6.23
CA ARG A 2804 35.84 -15.64 6.95
C ARG A 2804 35.21 -16.40 8.10
N GLY A 2805 34.88 -17.68 7.90
CA GLY A 2805 34.30 -18.47 8.97
C GLY A 2805 35.25 -18.67 10.13
N ILE A 2806 36.51 -18.99 9.82
CA ILE A 2806 37.50 -19.17 10.89
C ILE A 2806 37.71 -17.86 11.64
N PHE A 2807 37.78 -16.74 10.91
CA PHE A 2807 37.99 -15.45 11.55
C PHE A 2807 36.81 -15.07 12.44
N GLU A 2808 35.58 -15.31 11.96
CA GLU A 2808 34.40 -14.99 12.77
C GLU A 2808 34.34 -15.88 14.01
N ALA A 2809 34.75 -17.14 13.89
CA ALA A 2809 34.83 -18.01 15.05
C ALA A 2809 35.97 -17.60 15.99
N LEU A 2810 36.95 -16.87 15.49
CA LEU A 2810 38.10 -16.47 16.28
C LEU A 2810 38.01 -15.05 16.84
N ARG A 2811 37.18 -14.19 16.24
CA ARG A 2811 37.13 -12.80 16.68
C ARG A 2811 36.68 -12.62 18.13
N PRO A 2812 35.58 -13.20 18.61
CA PRO A 2812 35.14 -12.90 19.98
C PRO A 2812 35.97 -13.60 21.05
N LEU A 2813 36.75 -14.62 20.70
CA LEU A 2813 37.55 -15.32 21.69
C LEU A 2813 38.79 -14.52 22.07
N GLU A 2814 39.24 -14.71 23.30
CA GLU A 2814 40.48 -14.10 23.78
C GLU A 2814 41.66 -15.04 23.72
N THR A 2815 41.45 -16.34 23.88
CA THR A 2815 42.51 -17.33 23.77
C THR A 2815 41.90 -18.66 23.34
N LEU A 2816 42.73 -19.51 22.77
CA LEU A 2816 42.29 -20.80 22.25
C LEU A 2816 43.50 -21.68 21.99
N PRO A 2817 43.45 -22.96 22.36
CA PRO A 2817 44.56 -23.87 22.06
C PRO A 2817 44.56 -24.28 20.59
N VAL A 2818 45.59 -25.04 20.21
CA VAL A 2818 45.72 -25.49 18.82
C VAL A 2818 44.61 -26.46 18.47
N GLU A 2819 44.21 -27.31 19.42
CA GLU A 2819 43.12 -28.24 19.17
C GLU A 2819 41.83 -27.50 18.83
N GLY A 2820 41.57 -26.39 19.51
CA GLY A 2820 40.41 -25.58 19.17
C GLY A 2820 40.48 -25.05 17.76
N LEU A 2821 41.64 -24.51 17.35
CA LEU A 2821 41.78 -23.99 16.00
C LEU A 2821 41.55 -25.09 14.98
N ILE A 2822 42.08 -26.29 15.24
CA ILE A 2822 41.83 -27.41 14.33
C ILE A 2822 40.35 -27.75 14.29
N ARG A 2823 39.66 -27.61 15.43
CA ARG A 2823 38.23 -27.90 15.45
C ARG A 2823 37.44 -26.92 14.60
N ILE A 2824 37.71 -25.62 14.72
CA ILE A 2824 37.06 -24.66 13.82
C ILE A 2824 37.43 -24.93 12.37
N TRP A 2825 38.69 -25.28 12.10
CA TRP A 2825 39.10 -25.55 10.73
C TRP A 2825 38.31 -26.72 10.15
N ALA A 2826 38.17 -27.80 10.91
CA ALA A 2826 37.41 -28.96 10.46
C ALA A 2826 35.93 -28.63 10.31
N HIS A 2827 35.38 -27.84 11.23
CA HIS A 2827 33.97 -27.47 11.12
C HIS A 2827 33.70 -26.67 9.86
N GLU A 2828 34.56 -25.70 9.56
CA GLU A 2828 34.41 -24.91 8.34
C GLU A 2828 34.58 -25.78 7.11
N ALA A 2829 35.55 -26.71 7.13
CA ALA A 2829 35.73 -27.61 6.00
C ALA A 2829 34.48 -28.45 5.78
N LEU A 2830 33.89 -28.97 6.86
CA LEU A 2830 32.66 -29.75 6.73
C LEU A 2830 31.52 -28.90 6.16
N ARG A 2831 31.35 -27.69 6.70
CA ARG A 2831 30.24 -26.85 6.26
C ARG A 2831 30.41 -26.34 4.82
N LEU A 2832 31.64 -26.27 4.32
CA LEU A 2832 31.85 -25.76 2.97
C LEU A 2832 32.02 -26.85 1.91
N PHE A 2833 32.43 -28.05 2.30
CA PHE A 2833 32.74 -29.09 1.32
C PHE A 2833 31.85 -30.32 1.43
N GLN A 2834 31.20 -30.54 2.57
CA GLN A 2834 30.37 -31.72 2.77
C GLN A 2834 28.88 -31.44 2.70
N ASP A 2835 28.46 -30.19 2.89
CA ASP A 2835 27.03 -29.87 2.88
C ASP A 2835 26.41 -30.13 1.51
N ARG A 2836 27.13 -29.79 0.44
CA ARG A 2836 26.59 -29.92 -0.91
C ARG A 2836 26.68 -31.34 -1.47
N LEU A 2837 27.46 -32.22 -0.84
CA LEU A 2837 27.63 -33.56 -1.36
C LEU A 2837 26.33 -34.35 -1.28
N VAL A 2838 26.12 -35.22 -2.27
CA VAL A 2838 24.86 -35.95 -2.40
C VAL A 2838 24.95 -37.34 -1.78
N GLU A 2839 25.90 -38.15 -2.23
CA GLU A 2839 26.04 -39.51 -1.72
C GLU A 2839 26.69 -39.51 -0.34
N ASP A 2840 26.48 -40.62 0.38
CA ASP A 2840 27.14 -40.80 1.67
C ASP A 2840 28.61 -41.17 1.51
N GLU A 2841 28.96 -41.84 0.41
CA GLU A 2841 30.35 -42.18 0.16
C GLU A 2841 31.21 -40.93 0.03
N GLU A 2842 30.70 -39.91 -0.66
CA GLU A 2842 31.44 -38.66 -0.79
C GLU A 2842 31.62 -37.98 0.56
N ARG A 2843 30.59 -38.01 1.41
CA ARG A 2843 30.70 -37.42 2.73
C ARG A 2843 31.73 -38.15 3.59
N ARG A 2844 31.74 -39.48 3.53
CA ARG A 2844 32.74 -40.24 4.27
C ARG A 2844 34.14 -39.99 3.72
N TRP A 2845 34.27 -39.83 2.40
CA TRP A 2845 35.55 -39.46 1.81
C TRP A 2845 36.03 -38.12 2.35
N THR A 2846 35.13 -37.14 2.41
CA THR A 2846 35.50 -35.83 2.95
C THR A 2846 35.90 -35.93 4.42
N ASP A 2847 35.17 -36.73 5.20
CA ASP A 2847 35.53 -36.93 6.61
C ASP A 2847 36.93 -37.52 6.74
N GLU A 2848 37.19 -38.62 6.02
CA GLU A 2848 38.48 -39.29 6.13
C GLU A 2848 39.62 -38.39 5.69
N ASN A 2849 39.42 -37.64 4.60
CA ASN A 2849 40.50 -36.79 4.12
C ASN A 2849 40.70 -35.56 4.99
N ILE A 2850 39.64 -35.02 5.61
CA ILE A 2850 39.83 -33.98 6.60
C ILE A 2850 40.68 -34.50 7.74
N ASP A 2851 40.37 -35.69 8.23
CA ASP A 2851 41.15 -36.28 9.31
C ASP A 2851 42.61 -36.45 8.91
N THR A 2852 42.85 -37.02 7.72
CA THR A 2852 44.21 -37.26 7.28
C THR A 2852 44.98 -35.96 7.08
N VAL A 2853 44.34 -34.95 6.49
CA VAL A 2853 45.01 -33.67 6.26
C VAL A 2853 45.39 -33.03 7.59
N ALA A 2854 44.45 -33.04 8.54
CA ALA A 2854 44.72 -32.42 9.83
C ALA A 2854 45.82 -33.16 10.59
N LEU A 2855 45.85 -34.49 10.51
CA LEU A 2855 46.90 -35.22 11.23
C LEU A 2855 48.24 -35.07 10.53
N LYS A 2856 48.25 -34.91 9.21
CA LYS A 2856 49.51 -34.76 8.49
C LYS A 2856 50.11 -33.37 8.69
N HIS A 2857 49.28 -32.32 8.68
CA HIS A 2857 49.79 -30.96 8.76
C HIS A 2857 49.96 -30.46 10.18
N PHE A 2858 49.26 -31.05 11.15
CA PHE A 2858 49.39 -30.70 12.56
C PHE A 2858 49.65 -31.97 13.37
N PRO A 2859 50.88 -32.46 13.37
CA PRO A 2859 51.21 -33.62 14.20
C PRO A 2859 51.35 -33.23 15.67
N ASN A 2860 51.30 -34.25 16.52
CA ASN A 2860 51.48 -34.09 17.97
C ASN A 2860 50.44 -33.16 18.56
N ILE A 2861 49.16 -33.46 18.29
CA ILE A 2861 48.04 -32.76 18.90
C ILE A 2861 47.07 -33.79 19.44
N ASP A 2862 46.26 -33.38 20.40
CA ASP A 2862 45.29 -34.28 21.02
C ASP A 2862 44.18 -34.60 20.03
N ARG A 2863 44.16 -35.83 19.54
CA ARG A 2863 43.23 -36.21 18.47
C ARG A 2863 41.77 -36.14 18.93
N GLU A 2864 41.49 -36.63 20.14
CA GLU A 2864 40.09 -36.67 20.61
C GLU A 2864 39.54 -35.28 20.88
N LYS A 2865 40.36 -34.37 21.42
CA LYS A 2865 39.86 -33.06 21.78
C LYS A 2865 39.56 -32.20 20.55
N ALA A 2866 40.02 -32.63 19.37
CA ALA A 2866 39.77 -31.89 18.15
C ALA A 2866 38.84 -32.61 17.18
N MET A 2867 38.79 -33.94 17.21
CA MET A 2867 38.00 -34.71 16.26
C MET A 2867 36.83 -35.43 16.94
N SER A 2868 36.24 -34.81 17.95
CA SER A 2868 34.96 -35.31 18.44
C SER A 2868 33.98 -35.22 17.29
N ARG A 2869 33.55 -36.37 16.77
CA ARG A 2869 32.97 -36.42 15.43
C ARG A 2869 31.74 -35.52 15.29
N PRO A 2870 30.75 -35.50 16.22
CA PRO A 2870 29.65 -34.54 16.07
C PRO A 2870 30.12 -33.11 16.27
N ILE A 2871 30.82 -32.58 15.27
CA ILE A 2871 31.35 -31.22 15.33
C ILE A 2871 30.20 -30.25 15.15
N LEU A 2872 29.72 -29.67 16.25
CA LEU A 2872 28.59 -28.76 16.23
C LEU A 2872 29.01 -27.43 16.86
N TYR A 2873 28.76 -26.34 16.15
CA TYR A 2873 29.05 -25.00 16.63
C TYR A 2873 27.76 -24.19 16.66
N SER A 2874 27.54 -23.46 17.74
CA SER A 2874 26.34 -22.68 17.89
C SER A 2874 26.58 -21.55 18.88
N ASN A 2875 25.95 -20.41 18.62
CA ASN A 2875 25.99 -19.27 19.52
C ASN A 2875 24.66 -19.09 20.26
N TRP A 2876 23.85 -20.15 20.34
CA TRP A 2876 22.56 -20.05 21.00
C TRP A 2876 22.68 -20.05 22.52
N LEU A 2877 23.62 -20.83 23.07
CA LEU A 2877 23.74 -20.92 24.52
C LEU A 2877 24.37 -19.66 25.11
N SER A 2878 25.42 -19.14 24.48
CA SER A 2878 26.18 -18.03 25.03
C SER A 2878 26.22 -16.89 24.00
N LYS A 2879 27.00 -15.86 24.32
CA LYS A 2879 27.15 -14.72 23.43
C LYS A 2879 28.15 -14.96 22.31
N ASP A 2880 28.91 -16.05 22.37
CA ASP A 2880 29.99 -16.30 21.42
C ASP A 2880 29.71 -17.58 20.65
N TYR A 2881 30.40 -17.72 19.51
CA TYR A 2881 30.26 -18.88 18.64
C TYR A 2881 31.24 -19.94 19.11
N ILE A 2882 30.76 -20.87 19.91
CA ILE A 2882 31.62 -21.88 20.53
C ILE A 2882 31.02 -23.26 20.26
N PRO A 2883 31.84 -24.31 20.30
CA PRO A 2883 31.32 -25.66 20.11
C PRO A 2883 30.30 -26.03 21.17
N VAL A 2884 29.31 -26.83 20.77
CA VAL A 2884 28.19 -27.18 21.62
C VAL A 2884 28.05 -28.71 21.68
N ASP A 2885 27.73 -29.22 22.85
CA ASP A 2885 27.45 -30.64 22.99
C ASP A 2885 26.13 -31.00 22.32
N GLN A 2886 26.04 -32.22 21.82
CA GLN A 2886 24.84 -32.64 21.11
C GLN A 2886 23.62 -32.68 22.02
N GLU A 2887 23.78 -33.20 23.24
CA GLU A 2887 22.62 -33.42 24.11
C GLU A 2887 22.05 -32.12 24.65
N GLU A 2888 22.92 -31.21 25.11
CA GLU A 2888 22.42 -29.94 25.63
C GLU A 2888 21.81 -29.10 24.51
N LEU A 2889 22.39 -29.16 23.31
CA LEU A 2889 21.78 -28.49 22.16
C LEU A 2889 20.42 -29.09 21.85
N ARG A 2890 20.31 -30.42 21.94
CA ARG A 2890 19.03 -31.07 21.69
C ARG A 2890 17.97 -30.62 22.70
N ASP A 2891 18.34 -30.54 23.97
CA ASP A 2891 17.39 -30.09 24.98
C ASP A 2891 16.98 -28.63 24.75
N TYR A 2892 17.94 -27.78 24.38
CA TYR A 2892 17.62 -26.39 24.10
C TYR A 2892 16.68 -26.28 22.91
N VAL A 2893 16.92 -27.07 21.86
CA VAL A 2893 16.04 -27.06 20.69
C VAL A 2893 14.67 -27.59 21.04
N LYS A 2894 14.60 -28.58 21.94
CA LYS A 2894 13.30 -29.07 22.39
C LYS A 2894 12.52 -27.97 23.10
N ALA A 2895 13.17 -27.21 23.98
CA ALA A 2895 12.49 -26.11 24.66
C ALA A 2895 12.04 -25.04 23.66
N ARG A 2896 12.92 -24.71 22.70
CA ARG A 2896 12.57 -23.71 21.70
C ARG A 2896 11.39 -24.16 20.86
N LEU A 2897 11.36 -25.44 20.47
CA LEU A 2897 10.20 -25.98 19.76
C LEU A 2897 8.95 -25.94 20.63
N LYS A 2898 9.10 -26.22 21.93
CA LYS A 2898 7.94 -26.20 22.82
C LYS A 2898 7.30 -24.82 22.85
N VAL A 2899 8.10 -23.77 22.97
CA VAL A 2899 7.52 -22.43 22.97
C VAL A 2899 7.07 -22.03 21.55
N PHE A 2900 7.77 -22.51 20.54
CA PHE A 2900 7.43 -22.23 19.14
C PHE A 2900 6.08 -22.81 18.78
N TYR A 2901 5.68 -23.90 19.42
CA TYR A 2901 4.41 -24.54 19.09
C TYR A 2901 3.23 -23.61 19.36
N GLU A 2902 3.24 -22.95 20.51
CA GLU A 2902 2.18 -21.99 20.82
C GLU A 2902 2.46 -20.59 20.31
N GLU A 2903 3.68 -20.29 19.88
CA GLU A 2903 3.91 -18.95 19.34
C GLU A 2903 3.58 -18.86 17.85
N GLU A 2904 4.22 -19.69 17.02
CA GLU A 2904 4.15 -19.51 15.58
C GLU A 2904 3.53 -20.69 14.85
N LEU A 2905 3.92 -21.92 15.15
CA LEU A 2905 3.45 -23.08 14.39
C LEU A 2905 3.27 -24.26 15.34
N ASP A 2906 2.03 -24.74 15.46
CA ASP A 2906 1.72 -25.86 16.34
C ASP A 2906 1.65 -27.15 15.52
N VAL A 2907 2.84 -27.65 15.17
CA VAL A 2907 2.99 -28.95 14.53
C VAL A 2907 4.09 -29.70 15.27
N PRO A 2908 3.83 -30.91 15.78
CA PRO A 2908 4.87 -31.65 16.49
C PRO A 2908 6.01 -32.04 15.56
N LEU A 2909 7.22 -32.02 16.10
CA LEU A 2909 8.42 -32.41 15.38
C LEU A 2909 9.26 -33.34 16.24
N VAL A 2910 9.73 -34.43 15.65
CA VAL A 2910 10.66 -35.34 16.31
C VAL A 2910 12.07 -34.92 15.93
N LEU A 2911 12.94 -34.85 16.93
CA LEU A 2911 14.29 -34.33 16.75
C LEU A 2911 15.31 -35.47 16.74
N PHE A 2912 16.14 -35.50 15.70
CA PHE A 2912 17.27 -36.40 15.62
C PHE A 2912 18.51 -35.58 15.26
N ASN A 2913 19.64 -36.27 15.07
CA ASN A 2913 20.91 -35.60 14.87
C ASN A 2913 20.89 -34.76 13.58
N GLU A 2914 20.30 -35.30 12.52
CA GLU A 2914 20.28 -34.58 11.25
C GLU A 2914 19.48 -33.30 11.34
N VAL A 2915 18.39 -33.29 12.11
CA VAL A 2915 17.61 -32.06 12.27
C VAL A 2915 18.44 -31.00 12.98
N LEU A 2916 19.17 -31.40 14.02
CA LEU A 2916 20.03 -30.44 14.73
C LEU A 2916 21.11 -29.89 13.80
N ASP A 2917 21.75 -30.76 13.02
CA ASP A 2917 22.76 -30.28 12.08
C ASP A 2917 22.16 -29.34 11.06
N HIS A 2918 20.98 -29.67 10.53
CA HIS A 2918 20.36 -28.83 9.52
C HIS A 2918 19.95 -27.47 10.07
N VAL A 2919 19.38 -27.44 11.28
CA VAL A 2919 19.00 -26.15 11.85
C VAL A 2919 20.24 -25.33 12.17
N LEU A 2920 21.34 -25.96 12.59
CA LEU A 2920 22.57 -25.21 12.78
C LEU A 2920 23.07 -24.62 11.47
N ARG A 2921 23.04 -25.41 10.40
CA ARG A 2921 23.48 -24.93 9.10
C ARG A 2921 22.63 -23.74 8.63
N ILE A 2922 21.31 -23.85 8.80
CA ILE A 2922 20.41 -22.78 8.38
C ILE A 2922 20.65 -21.53 9.24
N ASP A 2923 20.84 -21.72 10.54
CA ASP A 2923 21.07 -20.58 11.43
C ASP A 2923 22.37 -19.87 11.09
N ARG A 2924 23.38 -20.61 10.62
CA ARG A 2924 24.62 -19.98 10.22
C ARG A 2924 24.41 -18.99 9.09
N ILE A 2925 23.69 -19.40 8.04
CA ILE A 2925 23.53 -18.55 6.87
C ILE A 2925 22.65 -17.36 7.19
N PHE A 2926 21.59 -17.58 7.98
CA PHE A 2926 20.66 -16.50 8.31
C PHE A 2926 21.31 -15.36 9.07
N ARG A 2927 22.47 -15.60 9.68
CA ARG A 2927 23.20 -14.56 10.39
C ARG A 2927 24.21 -13.83 9.51
N GLN A 2928 24.30 -14.19 8.23
CA GLN A 2928 25.24 -13.57 7.30
C GLN A 2928 24.51 -12.59 6.39
N PRO A 2929 25.18 -11.51 5.96
CA PRO A 2929 24.55 -10.61 5.01
C PRO A 2929 24.42 -11.23 3.63
N GLN A 2930 23.28 -11.00 2.99
CA GLN A 2930 22.97 -11.55 1.68
C GLN A 2930 23.10 -13.07 1.67
N GLY A 2931 22.59 -13.70 2.73
CA GLY A 2931 22.65 -15.13 2.86
C GLY A 2931 21.42 -15.84 2.32
N HIS A 2932 21.58 -16.55 1.21
CA HIS A 2932 20.49 -17.29 0.58
C HIS A 2932 20.71 -18.79 0.71
N LEU A 2933 19.62 -19.52 0.89
CA LEU A 2933 19.66 -20.96 1.04
C LEU A 2933 19.19 -21.63 -0.23
N LEU A 2934 19.74 -22.81 -0.50
CA LEU A 2934 19.26 -23.69 -1.58
C LEU A 2934 19.11 -25.08 -0.95
N LEU A 2935 17.95 -25.35 -0.36
CA LEU A 2935 17.69 -26.62 0.29
C LEU A 2935 17.15 -27.61 -0.72
N ILE A 2936 17.84 -28.75 -0.85
CA ILE A 2936 17.48 -29.78 -1.82
C ILE A 2936 17.19 -31.06 -1.07
N GLY A 2937 16.02 -31.64 -1.32
CA GLY A 2937 15.65 -32.88 -0.67
C GLY A 2937 14.23 -33.25 -1.03
N VAL A 2938 13.86 -34.47 -0.64
CA VAL A 2938 12.52 -34.96 -0.92
C VAL A 2938 11.49 -34.11 -0.19
N SER A 2939 10.33 -33.92 -0.81
CA SER A 2939 9.27 -33.15 -0.20
C SER A 2939 8.78 -33.82 1.07
N GLY A 2940 8.39 -32.99 2.05
CA GLY A 2940 7.97 -33.50 3.34
C GLY A 2940 9.09 -33.83 4.30
N ALA A 2941 10.33 -33.48 3.96
CA ALA A 2941 11.47 -33.75 4.83
C ALA A 2941 11.66 -32.69 5.91
N GLY A 2942 10.82 -31.66 5.93
CA GLY A 2942 10.91 -30.62 6.94
C GLY A 2942 11.69 -29.40 6.56
N LYS A 2943 12.02 -29.21 5.28
CA LYS A 2943 12.82 -28.07 4.87
C LYS A 2943 12.13 -26.76 5.21
N THR A 2944 10.88 -26.61 4.80
CA THR A 2944 10.14 -25.37 5.08
C THR A 2944 9.91 -25.17 6.56
N THR A 2945 9.56 -26.25 7.28
CA THR A 2945 9.32 -26.13 8.71
C THR A 2945 10.60 -25.75 9.46
N LEU A 2946 11.72 -26.38 9.12
CA LEU A 2946 12.99 -26.03 9.76
C LEU A 2946 13.39 -24.60 9.43
N SER A 2947 13.19 -24.18 8.18
CA SER A 2947 13.52 -22.81 7.81
C SER A 2947 12.68 -21.81 8.59
N ARG A 2948 11.38 -22.08 8.73
CA ARG A 2948 10.52 -21.18 9.50
C ARG A 2948 10.92 -21.15 10.97
N PHE A 2949 11.26 -22.31 11.54
CA PHE A 2949 11.67 -22.37 12.93
C PHE A 2949 12.95 -21.56 13.16
N VAL A 2950 13.93 -21.73 12.28
CA VAL A 2950 15.18 -20.99 12.42
C VAL A 2950 14.96 -19.49 12.21
N ALA A 2951 14.09 -19.14 11.25
CA ALA A 2951 13.78 -17.72 11.04
C ALA A 2951 13.12 -17.12 12.26
N TRP A 2952 12.22 -17.87 12.91
CA TRP A 2952 11.63 -17.40 14.16
C TRP A 2952 12.69 -17.24 15.25
N MET A 2953 13.66 -18.17 15.33
CA MET A 2953 14.70 -18.05 16.33
C MET A 2953 15.52 -16.78 16.12
N ASN A 2954 15.83 -16.45 14.87
CA ASN A 2954 16.64 -15.29 14.55
C ASN A 2954 15.84 -14.01 14.38
N GLY A 2955 14.53 -14.05 14.60
CA GLY A 2955 13.70 -12.88 14.46
C GLY A 2955 13.26 -12.57 13.04
N LEU A 2956 13.61 -13.41 12.07
CA LEU A 2956 13.21 -13.18 10.70
C LEU A 2956 11.70 -13.35 10.53
N SER A 2957 11.15 -12.61 9.57
CA SER A 2957 9.74 -12.72 9.23
C SER A 2957 9.59 -13.59 7.99
N VAL A 2958 8.89 -14.71 8.14
CA VAL A 2958 8.75 -15.67 7.05
C VAL A 2958 7.72 -15.15 6.06
N TYR A 2959 8.12 -15.06 4.79
CA TYR A 2959 7.24 -14.61 3.72
C TYR A 2959 7.19 -15.69 2.64
N GLN A 2960 5.98 -16.13 2.29
CA GLN A 2960 5.76 -17.08 1.22
C GLN A 2960 4.68 -16.54 0.30
N ILE A 2961 4.91 -16.65 -1.01
CA ILE A 2961 3.93 -16.19 -1.99
C ILE A 2961 2.77 -17.17 -2.04
N LYS A 2962 1.55 -16.63 -2.01
CA LYS A 2962 0.34 -17.46 -2.00
C LYS A 2962 -0.08 -17.72 -3.44
N VAL A 2963 0.63 -18.65 -4.08
CA VAL A 2963 0.36 -18.98 -5.47
C VAL A 2963 -0.96 -19.74 -5.58
N HIS A 2964 -1.67 -19.52 -6.68
CA HIS A 2964 -2.90 -20.23 -6.96
C HIS A 2964 -2.95 -20.54 -8.45
N ARG A 2965 -4.10 -21.00 -8.93
CA ARG A 2965 -4.26 -21.34 -10.34
C ARG A 2965 -4.13 -20.10 -11.22
N LYS A 2966 -4.69 -18.97 -10.79
CA LYS A 2966 -4.69 -17.75 -11.58
C LYS A 2966 -3.45 -16.88 -11.34
N TYR A 2967 -2.50 -17.36 -10.54
CA TYR A 2967 -1.29 -16.58 -10.26
C TYR A 2967 -0.52 -16.34 -11.55
N THR A 2968 -0.08 -15.11 -11.74
CA THR A 2968 0.63 -14.71 -12.96
C THR A 2968 1.84 -13.86 -12.58
N GLY A 2969 2.52 -13.35 -13.61
CA GLY A 2969 3.75 -12.60 -13.38
C GLY A 2969 3.53 -11.30 -12.62
N GLU A 2970 2.41 -10.62 -12.87
CA GLU A 2970 2.15 -9.37 -12.16
C GLU A 2970 1.94 -9.60 -10.67
N ASP A 2971 1.30 -10.69 -10.29
CA ASP A 2971 1.16 -11.02 -8.87
C ASP A 2971 2.52 -11.28 -8.23
N PHE A 2972 3.40 -11.99 -8.95
CA PHE A 2972 4.74 -12.22 -8.44
C PHE A 2972 5.50 -10.91 -8.28
N ASP A 2973 5.35 -10.00 -9.25
CA ASP A 2973 6.01 -8.71 -9.17
C ASP A 2973 5.49 -7.89 -8.00
N GLU A 2974 4.18 -7.92 -7.75
CA GLU A 2974 3.64 -7.16 -6.62
C GLU A 2974 4.07 -7.77 -5.29
N ASP A 2975 4.16 -9.10 -5.21
CA ASP A 2975 4.69 -9.72 -4.00
C ASP A 2975 6.15 -9.35 -3.78
N LEU A 2976 6.94 -9.32 -4.85
CA LEU A 2976 8.33 -8.91 -4.73
C LEU A 2976 8.43 -7.46 -4.29
N ARG A 2977 7.59 -6.58 -4.83
CA ARG A 2977 7.58 -5.19 -4.40
C ARG A 2977 7.24 -5.08 -2.92
N THR A 2978 6.24 -5.85 -2.46
CA THR A 2978 5.86 -5.81 -1.05
C THR A 2978 7.01 -6.26 -0.16
N VAL A 2979 7.65 -7.38 -0.50
CA VAL A 2979 8.71 -7.91 0.36
C VAL A 2979 9.92 -6.99 0.34
N LEU A 2980 10.25 -6.41 -0.81
CA LEU A 2980 11.37 -5.48 -0.87
C LEU A 2980 11.08 -4.20 -0.10
N ARG A 2981 9.85 -3.69 -0.18
CA ARG A 2981 9.49 -2.50 0.59
C ARG A 2981 9.59 -2.78 2.08
N ARG A 2982 9.12 -3.95 2.52
CA ARG A 2982 9.23 -4.28 3.93
C ARG A 2982 10.67 -4.46 4.38
N SER A 2983 11.49 -5.10 3.54
CA SER A 2983 12.86 -5.42 3.94
C SER A 2983 13.75 -4.19 3.92
N GLY A 2984 13.62 -3.34 2.91
CA GLY A 2984 14.52 -2.20 2.76
C GLY A 2984 14.03 -0.92 3.42
N CYS A 2985 12.81 -0.51 3.09
CA CYS A 2985 12.29 0.76 3.63
C CYS A 2985 11.99 0.65 5.11
N LYS A 2986 11.37 -0.45 5.55
CA LYS A 2986 10.98 -0.63 6.93
C LYS A 2986 12.04 -1.29 7.79
N ASN A 2987 13.17 -1.69 7.19
CA ASN A 2987 14.26 -2.34 7.91
C ASN A 2987 13.76 -3.57 8.68
N GLU A 2988 13.16 -4.48 7.92
CA GLU A 2988 12.59 -5.70 8.46
C GLU A 2988 13.38 -6.90 7.96
N LYS A 2989 13.79 -7.76 8.88
CA LYS A 2989 14.51 -8.98 8.52
C LYS A 2989 13.51 -10.02 8.04
N ILE A 2990 13.61 -10.40 6.77
CA ILE A 2990 12.61 -11.25 6.11
C ILE A 2990 13.32 -12.48 5.56
N ALA A 2991 12.76 -13.64 5.86
CA ALA A 2991 13.19 -14.91 5.27
C ALA A 2991 12.20 -15.26 4.16
N PHE A 2992 12.60 -15.06 2.91
CA PHE A 2992 11.72 -15.29 1.77
C PHE A 2992 11.84 -16.75 1.35
N ILE A 2993 10.98 -17.60 1.93
CA ILE A 2993 10.98 -19.01 1.62
C ILE A 2993 10.12 -19.25 0.39
N MET A 2994 10.75 -19.70 -0.70
CA MET A 2994 10.06 -19.93 -1.96
C MET A 2994 10.40 -21.32 -2.48
N ASP A 2995 9.38 -22.04 -2.91
CA ASP A 2995 9.50 -23.42 -3.36
C ASP A 2995 9.58 -23.45 -4.88
N GLU A 2996 10.10 -24.57 -5.40
CA GLU A 2996 10.16 -24.75 -6.85
C GLU A 2996 8.78 -24.75 -7.48
N SER A 2997 7.79 -25.36 -6.82
CA SER A 2997 6.44 -25.41 -7.35
C SER A 2997 5.81 -24.03 -7.47
N ASN A 2998 6.35 -23.03 -6.78
CA ASN A 2998 5.86 -21.66 -6.90
C ASN A 2998 6.29 -20.99 -8.20
N VAL A 2999 7.20 -21.61 -8.96
CA VAL A 2999 7.71 -21.03 -10.20
C VAL A 2999 6.83 -21.52 -11.34
N LEU A 3000 5.92 -20.66 -11.80
CA LEU A 3000 5.04 -20.98 -12.91
C LEU A 3000 5.56 -20.48 -14.25
N ASP A 3001 6.67 -19.74 -14.27
CA ASP A 3001 7.17 -19.16 -15.50
C ASP A 3001 8.66 -18.88 -15.35
N SER A 3002 9.33 -18.72 -16.49
CA SER A 3002 10.75 -18.38 -16.47
C SER A 3002 11.00 -16.95 -16.03
N GLY A 3003 10.00 -16.07 -16.15
CA GLY A 3003 10.15 -14.73 -15.60
C GLY A 3003 10.33 -14.73 -14.10
N PHE A 3004 9.69 -15.67 -13.40
CA PHE A 3004 9.93 -15.84 -11.98
C PHE A 3004 11.40 -16.09 -11.71
N LEU A 3005 12.00 -17.01 -12.48
CA LEU A 3005 13.42 -17.32 -12.31
C LEU A 3005 14.31 -16.14 -12.67
N GLU A 3006 13.94 -15.36 -13.70
CA GLU A 3006 14.74 -14.19 -14.04
C GLU A 3006 14.72 -13.16 -12.91
N ARG A 3007 13.54 -12.86 -12.38
CA ARG A 3007 13.44 -11.92 -11.27
C ARG A 3007 14.20 -12.43 -10.06
N MET A 3008 14.06 -13.72 -9.75
CA MET A 3008 14.77 -14.29 -8.61
C MET A 3008 16.27 -14.23 -8.81
N ASN A 3009 16.75 -14.53 -10.01
CA ASN A 3009 18.17 -14.46 -10.30
C ASN A 3009 18.71 -13.05 -10.07
N THR A 3010 18.02 -12.06 -10.62
CA THR A 3010 18.46 -10.67 -10.43
C THR A 3010 18.46 -10.29 -8.96
N LEU A 3011 17.41 -10.70 -8.22
CA LEU A 3011 17.30 -10.32 -6.82
C LEU A 3011 18.39 -10.97 -5.97
N LEU A 3012 18.65 -12.26 -6.17
CA LEU A 3012 19.72 -12.91 -5.42
C LEU A 3012 21.08 -12.33 -5.76
N ALA A 3013 21.32 -12.04 -7.03
CA ALA A 3013 22.67 -11.62 -7.42
C ALA A 3013 22.94 -10.17 -7.04
N ASN A 3014 22.12 -9.24 -7.53
CA ASN A 3014 22.39 -7.82 -7.30
C ASN A 3014 21.76 -7.31 -6.00
N GLY A 3015 20.69 -7.94 -5.53
CA GLY A 3015 19.95 -7.43 -4.40
C GLY A 3015 18.85 -6.44 -4.76
N GLU A 3016 18.69 -6.13 -6.04
CA GLU A 3016 17.63 -5.23 -6.48
C GLU A 3016 17.31 -5.54 -7.94
N VAL A 3017 16.03 -5.37 -8.28
CA VAL A 3017 15.54 -5.58 -9.64
C VAL A 3017 15.42 -4.21 -10.30
N PRO A 3018 16.16 -3.95 -11.38
CA PRO A 3018 16.15 -2.60 -11.96
C PRO A 3018 14.79 -2.12 -12.44
N GLY A 3019 13.98 -3.01 -13.00
CA GLY A 3019 12.70 -2.64 -13.57
C GLY A 3019 11.49 -2.98 -12.74
N LEU A 3020 11.66 -3.36 -11.47
CA LEU A 3020 10.51 -3.78 -10.66
C LEU A 3020 9.68 -2.58 -10.23
N PHE A 3021 10.33 -1.48 -9.85
CA PHE A 3021 9.64 -0.27 -9.41
C PHE A 3021 9.69 0.77 -10.53
N GLU A 3022 8.51 1.25 -10.93
CA GLU A 3022 8.41 2.25 -11.98
C GLU A 3022 7.15 3.08 -11.77
N GLY A 3023 7.17 4.30 -12.31
CA GLY A 3023 5.99 5.16 -12.23
C GLY A 3023 5.65 5.53 -10.80
N ASP A 3024 4.37 5.34 -10.44
CA ASP A 3024 3.92 5.68 -9.10
C ASP A 3024 4.60 4.82 -8.05
N GLU A 3025 4.83 3.54 -8.37
CA GLU A 3025 5.50 2.65 -7.43
C GLU A 3025 6.90 3.15 -7.12
N TYR A 3026 7.61 3.65 -8.13
CA TYR A 3026 8.97 4.16 -7.90
C TYR A 3026 8.95 5.37 -6.98
N ALA A 3027 8.00 6.29 -7.19
CA ALA A 3027 7.91 7.46 -6.32
C ALA A 3027 7.54 7.08 -4.89
N THR A 3028 6.59 6.14 -4.73
CA THR A 3028 6.23 5.69 -3.39
C THR A 3028 7.43 5.03 -2.71
N LEU A 3029 8.16 4.20 -3.44
CA LEU A 3029 9.36 3.57 -2.89
C LEU A 3029 10.38 4.62 -2.47
N MET A 3030 10.53 5.67 -3.28
CA MET A 3030 11.52 6.69 -2.96
C MET A 3030 11.13 7.49 -1.72
N THR A 3031 9.85 7.82 -1.58
CA THR A 3031 9.40 8.50 -0.37
C THR A 3031 9.58 7.63 0.86
N GLN A 3032 9.25 6.34 0.74
CA GLN A 3032 9.44 5.43 1.87
C GLN A 3032 10.92 5.27 2.21
N CYS A 3033 11.78 5.26 1.20
CA CYS A 3033 13.22 5.17 1.44
C CYS A 3033 13.73 6.43 2.12
N LYS A 3034 13.22 7.60 1.74
CA LYS A 3034 13.59 8.84 2.43
C LYS A 3034 13.17 8.78 3.89
N GLU A 3035 11.94 8.31 4.16
CA GLU A 3035 11.49 8.18 5.54
C GLU A 3035 12.37 7.22 6.33
N GLY A 3036 12.73 6.08 5.71
CA GLY A 3036 13.59 5.13 6.40
C GLY A 3036 14.98 5.67 6.66
N ALA A 3037 15.54 6.42 5.71
CA ALA A 3037 16.85 7.03 5.91
C ALA A 3037 16.79 8.07 7.02
N GLN A 3038 15.72 8.86 7.08
CA GLN A 3038 15.56 9.80 8.18
C GLN A 3038 15.45 9.07 9.51
N LYS A 3039 14.73 7.95 9.54
CA LYS A 3039 14.63 7.16 10.77
C LYS A 3039 15.99 6.63 11.20
N GLU A 3040 16.78 6.13 10.24
CA GLU A 3040 18.10 5.60 10.55
C GLU A 3040 19.09 6.68 10.94
N GLY A 3041 18.85 7.93 10.57
CA GLY A 3041 19.74 9.03 10.87
C GLY A 3041 20.59 9.52 9.71
N LEU A 3042 20.37 8.99 8.51
CA LEU A 3042 21.10 9.44 7.33
C LEU A 3042 20.35 10.55 6.63
N MET A 3043 21.12 11.48 6.04
CA MET A 3043 20.56 12.62 5.31
C MET A 3043 20.76 12.34 3.83
N LEU A 3044 19.67 11.96 3.15
CA LEU A 3044 19.69 11.69 1.72
C LEU A 3044 18.55 12.44 1.06
N ASP A 3045 18.84 13.13 -0.03
CA ASP A 3045 17.83 13.91 -0.76
C ASP A 3045 17.65 13.43 -2.18
N SER A 3046 18.73 13.25 -2.94
CA SER A 3046 18.62 12.81 -4.31
C SER A 3046 18.21 11.34 -4.37
N HIS A 3047 17.70 10.93 -5.55
CA HIS A 3047 17.15 9.58 -5.68
C HIS A 3047 18.24 8.52 -5.76
N GLU A 3048 19.41 8.86 -6.30
CA GLU A 3048 20.42 7.84 -6.56
C GLU A 3048 20.96 7.24 -5.26
N GLU A 3049 21.36 8.08 -4.31
CA GLU A 3049 21.86 7.54 -3.05
C GLU A 3049 20.73 6.91 -2.23
N LEU A 3050 19.50 7.39 -2.40
CA LEU A 3050 18.37 6.74 -1.75
C LEU A 3050 18.19 5.31 -2.26
N TYR A 3051 18.29 5.12 -3.58
CA TYR A 3051 18.20 3.77 -4.14
C TYR A 3051 19.38 2.92 -3.70
N LYS A 3052 20.57 3.51 -3.61
CA LYS A 3052 21.72 2.75 -3.13
C LYS A 3052 21.52 2.30 -1.69
N TRP A 3053 20.99 3.17 -0.84
CA TRP A 3053 20.69 2.80 0.54
C TRP A 3053 19.62 1.71 0.60
N PHE A 3054 18.61 1.80 -0.26
CA PHE A 3054 17.58 0.77 -0.32
C PHE A 3054 18.17 -0.56 -0.71
N THR A 3055 19.05 -0.58 -1.72
CA THR A 3055 19.69 -1.82 -2.13
C THR A 3055 20.55 -2.40 -1.01
N SER A 3056 21.30 -1.54 -0.31
CA SER A 3056 22.12 -2.01 0.80
C SER A 3056 21.24 -2.60 1.91
N GLN A 3057 20.13 -1.94 2.23
CA GLN A 3057 19.23 -2.46 3.25
C GLN A 3057 18.63 -3.80 2.84
N VAL A 3058 18.25 -3.93 1.57
CA VAL A 3058 17.72 -5.21 1.10
C VAL A 3058 18.77 -6.30 1.19
N ILE A 3059 20.01 -5.98 0.81
CA ILE A 3059 21.10 -6.96 0.89
C ILE A 3059 21.31 -7.40 2.33
N ARG A 3060 21.29 -6.44 3.27
CA ARG A 3060 21.56 -6.78 4.66
C ARG A 3060 20.39 -7.52 5.32
N ASN A 3061 19.17 -7.25 4.88
CA ASN A 3061 17.99 -7.75 5.58
C ASN A 3061 17.34 -8.96 4.89
N LEU A 3062 17.22 -8.95 3.58
CA LEU A 3062 16.45 -9.97 2.87
C LEU A 3062 17.26 -11.26 2.73
N HIS A 3063 16.67 -12.37 3.16
CA HIS A 3063 17.22 -13.70 2.95
C HIS A 3063 16.21 -14.53 2.19
N VAL A 3064 16.68 -15.29 1.20
CA VAL A 3064 15.81 -16.08 0.33
C VAL A 3064 16.15 -17.55 0.52
N VAL A 3065 15.13 -18.36 0.77
CA VAL A 3065 15.27 -19.80 0.96
C VAL A 3065 14.61 -20.51 -0.21
N PHE A 3066 15.36 -21.37 -0.89
CA PHE A 3066 14.88 -22.13 -2.03
C PHE A 3066 14.81 -23.60 -1.66
N THR A 3067 13.64 -24.20 -1.83
CA THR A 3067 13.43 -25.62 -1.57
C THR A 3067 12.99 -26.30 -2.85
N MET A 3068 13.64 -27.41 -3.19
CA MET A 3068 13.25 -28.17 -4.37
C MET A 3068 13.71 -29.62 -4.21
N ASN A 3069 13.04 -30.50 -4.95
CA ASN A 3069 13.33 -31.92 -4.93
C ASN A 3069 14.58 -32.23 -5.74
N PRO A 3070 15.32 -33.29 -5.38
CA PRO A 3070 16.57 -33.64 -6.10
C PRO A 3070 16.33 -34.30 -7.45
N SER A 3071 16.06 -33.48 -8.45
CA SER A 3071 15.92 -33.93 -9.83
C SER A 3071 17.20 -33.61 -10.58
N SER A 3072 17.87 -34.64 -11.10
CA SER A 3072 19.17 -34.45 -11.75
C SER A 3072 19.04 -33.56 -12.98
N GLU A 3073 18.12 -33.89 -13.89
CA GLU A 3073 17.92 -33.06 -15.07
C GLU A 3073 17.40 -31.69 -14.69
N GLY A 3074 16.49 -31.62 -13.70
CA GLY A 3074 16.02 -30.33 -13.22
C GLY A 3074 17.13 -29.50 -12.62
N LEU A 3075 18.02 -30.14 -11.86
CA LEU A 3075 19.16 -29.42 -11.28
C LEU A 3075 20.08 -28.90 -12.37
N LYS A 3076 20.35 -29.72 -13.39
CA LYS A 3076 21.20 -29.27 -14.49
C LYS A 3076 20.56 -28.11 -15.25
N ASP A 3077 19.25 -28.17 -15.48
CA ASP A 3077 18.55 -27.08 -16.15
C ASP A 3077 18.60 -25.80 -15.32
N ARG A 3078 18.38 -25.93 -14.01
CA ARG A 3078 18.41 -24.74 -13.15
C ARG A 3078 19.82 -24.17 -13.03
N ALA A 3079 20.84 -25.01 -13.23
CA ALA A 3079 22.22 -24.51 -13.19
C ALA A 3079 22.49 -23.51 -14.31
N ALA A 3080 21.70 -23.53 -15.37
CA ALA A 3080 21.84 -22.58 -16.46
C ALA A 3080 20.74 -21.54 -16.52
N THR A 3081 19.51 -21.91 -16.12
CA THR A 3081 18.41 -20.95 -16.14
C THR A 3081 18.56 -19.91 -15.04
N SER A 3082 19.12 -20.29 -13.89
CA SER A 3082 19.32 -19.39 -12.76
C SER A 3082 20.75 -19.53 -12.27
N PRO A 3083 21.70 -18.86 -12.92
CA PRO A 3083 23.11 -18.99 -12.48
C PRO A 3083 23.35 -18.51 -11.06
N ALA A 3084 22.63 -17.49 -10.59
CA ALA A 3084 22.83 -17.01 -9.22
C ALA A 3084 22.28 -17.99 -8.20
N LEU A 3085 21.42 -18.94 -8.62
CA LEU A 3085 20.92 -19.95 -7.70
C LEU A 3085 22.03 -20.88 -7.24
N PHE A 3086 23.15 -20.96 -7.96
CA PHE A 3086 24.26 -21.82 -7.60
C PHE A 3086 25.51 -21.05 -7.20
N ASN A 3087 25.52 -19.72 -7.36
CA ASN A 3087 26.65 -18.90 -6.97
C ASN A 3087 26.36 -18.00 -5.77
N ARG A 3088 25.17 -17.42 -5.70
CA ARG A 3088 24.78 -16.56 -4.59
C ARG A 3088 24.00 -17.31 -3.52
N CYS A 3089 23.82 -18.61 -3.66
CA CYS A 3089 23.05 -19.42 -2.72
C CYS A 3089 23.94 -20.53 -2.18
N VAL A 3090 23.83 -20.78 -0.88
CA VAL A 3090 24.55 -21.88 -0.25
C VAL A 3090 23.72 -23.14 -0.38
N LEU A 3091 24.24 -24.13 -1.10
CA LEU A 3091 23.49 -25.34 -1.41
C LEU A 3091 23.62 -26.32 -0.25
N ASN A 3092 22.48 -26.67 0.35
CA ASN A 3092 22.42 -27.68 1.41
C ASN A 3092 21.63 -28.86 0.88
N TRP A 3093 22.25 -30.04 0.88
CA TRP A 3093 21.61 -31.24 0.36
C TRP A 3093 21.01 -32.00 1.52
N PHE A 3094 19.75 -31.67 1.84
CA PHE A 3094 19.03 -32.43 2.87
C PHE A 3094 18.80 -33.86 2.44
N GLY A 3095 18.38 -34.06 1.19
CA GLY A 3095 18.12 -35.40 0.69
C GLY A 3095 16.93 -36.04 1.39
N ASP A 3096 16.85 -37.36 1.25
CA ASP A 3096 15.85 -38.12 1.97
C ASP A 3096 16.36 -38.48 3.36
N TRP A 3097 15.43 -38.91 4.22
CA TRP A 3097 15.81 -39.35 5.55
C TRP A 3097 16.61 -40.65 5.45
N SER A 3098 17.77 -40.67 6.10
CA SER A 3098 18.63 -41.84 6.04
C SER A 3098 18.08 -42.94 6.96
N THR A 3099 18.76 -44.10 6.92
CA THR A 3099 18.34 -45.21 7.77
C THR A 3099 18.46 -44.85 9.24
N GLU A 3100 19.53 -44.15 9.62
CA GLU A 3100 19.69 -43.73 11.01
C GLU A 3100 18.58 -42.76 11.42
N ALA A 3101 18.24 -41.81 10.54
CA ALA A 3101 17.17 -40.87 10.86
C ALA A 3101 15.84 -41.59 11.04
N LEU A 3102 15.53 -42.53 10.14
CA LEU A 3102 14.29 -43.29 10.27
C LEU A 3102 14.28 -44.11 11.56
N TYR A 3103 15.41 -44.73 11.90
CA TYR A 3103 15.48 -45.52 13.12
C TYR A 3103 15.27 -44.65 14.35
N GLN A 3104 15.88 -43.46 14.37
CA GLN A 3104 15.71 -42.56 15.49
C GLN A 3104 14.27 -42.07 15.61
N VAL A 3105 13.65 -41.76 14.47
CA VAL A 3105 12.25 -41.32 14.49
C VAL A 3105 11.35 -42.42 15.02
N GLY A 3106 11.58 -43.66 14.57
CA GLY A 3106 10.80 -44.78 15.08
C GLY A 3106 10.99 -44.98 16.57
N LYS A 3107 12.23 -44.91 17.05
CA LYS A 3107 12.49 -45.10 18.48
C LYS A 3107 11.84 -44.00 19.31
N GLU A 3108 11.92 -42.75 18.85
CA GLU A 3108 11.37 -41.65 19.64
C GLU A 3108 9.85 -41.70 19.67
N PHE A 3109 9.22 -42.01 18.54
CA PHE A 3109 7.76 -41.97 18.49
C PHE A 3109 7.13 -43.14 19.23
N THR A 3110 7.69 -44.34 19.05
CA THR A 3110 7.16 -45.54 19.68
C THR A 3110 7.68 -45.74 21.11
N SER A 3111 8.25 -44.70 21.71
CA SER A 3111 8.70 -44.81 23.10
C SER A 3111 7.52 -44.97 24.06
N LYS A 3112 6.42 -44.28 23.78
CA LYS A 3112 5.25 -44.35 24.66
C LYS A 3112 4.61 -45.72 24.66
N MET A 3113 4.59 -46.40 23.52
CA MET A 3113 4.01 -47.74 23.47
C MET A 3113 4.87 -48.72 24.26
N ASP A 3114 4.22 -49.77 24.77
CA ASP A 3114 4.89 -50.74 25.63
C ASP A 3114 6.01 -51.42 24.86
N LEU A 3115 5.66 -52.22 23.85
CA LEU A 3115 6.62 -52.85 22.95
C LEU A 3115 7.70 -53.63 23.70
N GLU A 3116 7.38 -54.10 24.90
CA GLU A 3116 8.33 -54.82 25.75
C GLU A 3116 7.96 -56.30 25.79
N LYS A 3117 8.94 -57.15 25.51
CA LYS A 3117 8.76 -58.60 25.52
C LYS A 3117 9.97 -59.24 26.15
N PRO A 3118 9.93 -59.51 27.46
CA PRO A 3118 11.10 -60.09 28.13
C PRO A 3118 11.52 -61.43 27.58
N ASN A 3119 10.58 -62.26 27.12
CA ASN A 3119 10.88 -63.58 26.57
C ASN A 3119 11.10 -63.56 25.07
N TYR A 3120 11.53 -62.44 24.51
CA TYR A 3120 11.82 -62.35 23.08
C TYR A 3120 13.11 -63.09 22.77
N ILE A 3121 13.08 -63.94 21.74
CA ILE A 3121 14.24 -64.71 21.30
C ILE A 3121 14.86 -64.01 20.11
N VAL A 3122 16.14 -63.71 20.20
CA VAL A 3122 16.84 -63.06 19.09
C VAL A 3122 17.15 -64.11 18.02
N PRO A 3123 16.72 -63.89 16.77
CA PRO A 3123 17.00 -64.88 15.73
C PRO A 3123 18.49 -64.97 15.42
N ASP A 3124 18.92 -66.16 14.98
CA ASP A 3124 20.31 -66.36 14.63
C ASP A 3124 20.72 -65.48 13.45
N TYR A 3125 19.85 -65.36 12.45
CA TYR A 3125 20.09 -64.50 11.30
C TYR A 3125 19.16 -63.30 11.41
N MET A 3126 19.61 -62.28 12.13
CA MET A 3126 18.80 -61.08 12.36
C MET A 3126 18.80 -60.24 11.09
N PRO A 3127 17.63 -59.95 10.50
CA PRO A 3127 17.60 -59.07 9.32
C PRO A 3127 17.97 -57.64 9.68
N VAL A 3128 19.26 -57.39 9.87
CA VAL A 3128 19.71 -56.07 10.30
C VAL A 3128 19.56 -55.09 9.13
N VAL A 3129 18.80 -54.03 9.37
CA VAL A 3129 18.61 -52.95 8.41
C VAL A 3129 19.38 -51.70 8.82
N TYR A 3130 19.26 -51.31 10.08
CA TYR A 3130 20.06 -50.21 10.60
C TYR A 3130 21.44 -50.74 11.00
N ASP A 3131 22.49 -50.14 10.46
CA ASP A 3131 23.84 -50.67 10.65
C ASP A 3131 24.25 -50.65 12.12
N LYS A 3132 23.91 -49.58 12.84
CA LYS A 3132 24.31 -49.42 14.24
C LYS A 3132 23.31 -50.05 15.21
N LEU A 3133 22.52 -51.00 14.76
CA LEU A 3133 21.62 -51.72 15.67
C LEU A 3133 22.44 -52.53 16.67
N PRO A 3134 22.11 -52.50 17.96
CA PRO A 3134 22.87 -53.29 18.94
C PRO A 3134 22.83 -54.77 18.62
N GLN A 3135 23.96 -55.44 18.87
CA GLN A 3135 24.08 -56.86 18.52
C GLN A 3135 23.06 -57.73 19.24
N PRO A 3136 22.82 -57.60 20.54
CA PRO A 3136 21.67 -58.26 21.16
C PRO A 3136 20.45 -57.35 21.17
N PRO A 3137 19.72 -57.23 20.07
CA PRO A 3137 18.64 -56.23 20.01
C PRO A 3137 17.48 -56.62 20.92
N SER A 3138 16.79 -55.60 21.41
CA SER A 3138 15.59 -55.79 22.21
C SER A 3138 14.36 -55.86 21.29
N HIS A 3139 13.19 -56.11 21.89
CA HIS A 3139 11.96 -56.18 21.11
C HIS A 3139 11.65 -54.84 20.46
N ARG A 3140 11.82 -53.74 21.20
CA ARG A 3140 11.56 -52.41 20.65
C ARG A 3140 12.49 -52.10 19.49
N GLU A 3141 13.77 -52.43 19.63
CA GLU A 3141 14.73 -52.19 18.56
C GLU A 3141 14.39 -53.02 17.33
N ALA A 3142 13.97 -54.26 17.53
CA ALA A 3142 13.54 -55.10 16.40
C ALA A 3142 12.32 -54.50 15.71
N ILE A 3143 11.38 -53.96 16.49
CA ILE A 3143 10.19 -53.36 15.90
C ILE A 3143 10.56 -52.14 15.06
N VAL A 3144 11.43 -51.29 15.59
CA VAL A 3144 11.83 -50.09 14.84
C VAL A 3144 12.62 -50.48 13.59
N ASN A 3145 13.45 -51.52 13.69
CA ASN A 3145 14.16 -52.03 12.52
C ASN A 3145 13.18 -52.53 11.47
N SER A 3146 12.11 -53.21 11.90
CA SER A 3146 11.09 -53.66 10.97
C SER A 3146 10.40 -52.49 10.29
N CYS A 3147 10.14 -51.41 11.04
CA CYS A 3147 9.54 -50.21 10.45
C CYS A 3147 10.44 -49.62 9.36
N VAL A 3148 11.74 -49.51 9.68
CA VAL A 3148 12.69 -49.01 8.68
C VAL A 3148 12.71 -49.91 7.46
N PHE A 3149 12.67 -51.23 7.68
CA PHE A 3149 12.64 -52.16 6.55
C PHE A 3149 11.39 -51.97 5.72
N VAL A 3150 10.26 -51.67 6.36
CA VAL A 3150 9.02 -51.43 5.63
C VAL A 3150 9.17 -50.22 4.71
N HIS A 3151 9.76 -49.15 5.24
CA HIS A 3151 9.97 -47.96 4.41
C HIS A 3151 10.88 -48.27 3.22
N GLN A 3152 11.98 -48.98 3.48
CA GLN A 3152 12.87 -49.36 2.38
C GLN A 3152 12.19 -50.31 1.40
N THR A 3153 11.26 -51.13 1.89
CA THR A 3153 10.51 -52.03 1.01
C THR A 3153 9.63 -51.24 0.06
N LEU A 3154 8.98 -50.19 0.56
CA LEU A 3154 8.23 -49.31 -0.35
C LEU A 3154 9.14 -48.64 -1.37
N HIS A 3155 10.32 -48.20 -0.94
CA HIS A 3155 11.27 -47.62 -1.89
C HIS A 3155 11.61 -48.62 -2.99
N GLN A 3156 11.95 -49.85 -2.62
CA GLN A 3156 12.29 -50.87 -3.61
C GLN A 3156 11.09 -51.22 -4.49
N ALA A 3157 9.88 -51.24 -3.92
CA ALA A 3157 8.70 -51.55 -4.71
C ALA A 3157 8.47 -50.50 -5.79
N ASN A 3158 8.60 -49.22 -5.44
CA ASN A 3158 8.48 -48.18 -6.46
C ASN A 3158 9.61 -48.26 -7.48
N ALA A 3159 10.83 -48.61 -7.04
CA ALA A 3159 11.91 -48.78 -7.99
C ALA A 3159 11.57 -49.86 -9.02
N ARG A 3160 11.08 -51.01 -8.55
CA ARG A 3160 10.70 -52.09 -9.46
C ARG A 3160 9.53 -51.69 -10.34
N LEU A 3161 8.54 -50.99 -9.78
CA LEU A 3161 7.36 -50.62 -10.57
C LEU A 3161 7.71 -49.61 -11.64
N ALA A 3162 8.65 -48.71 -11.36
CA ALA A 3162 9.13 -47.79 -12.39
C ALA A 3162 9.97 -48.51 -13.42
N LYS A 3163 10.72 -49.53 -12.99
CA LYS A 3163 11.54 -50.29 -13.94
C LYS A 3163 10.67 -51.02 -14.96
N ARG A 3164 9.56 -51.61 -14.51
CA ARG A 3164 8.70 -52.35 -15.43
C ARG A 3164 7.94 -51.42 -16.37
N GLY A 3165 7.81 -50.14 -16.02
CA GLY A 3165 7.11 -49.19 -16.86
C GLY A 3165 5.84 -48.64 -16.25
N GLY A 3166 5.57 -49.02 -15.00
CA GLY A 3166 4.38 -48.54 -14.33
C GLY A 3166 4.52 -47.12 -13.81
N ARG A 3167 3.43 -46.63 -13.23
CA ARG A 3167 3.40 -45.29 -12.66
C ARG A 3167 3.57 -45.38 -11.15
N THR A 3168 4.51 -44.59 -10.62
CA THR A 3168 4.87 -44.66 -9.22
C THR A 3168 4.65 -43.33 -8.53
N MET A 3169 4.28 -43.38 -7.26
CA MET A 3169 4.18 -42.22 -6.39
C MET A 3169 5.30 -42.25 -5.37
N ALA A 3170 6.00 -41.13 -5.24
CA ALA A 3170 7.19 -41.08 -4.39
C ALA A 3170 6.82 -41.22 -2.91
N ILE A 3171 7.61 -42.01 -2.20
CA ILE A 3171 7.50 -42.12 -0.74
C ILE A 3171 8.30 -41.01 -0.10
N THR A 3172 7.70 -40.34 0.87
CA THR A 3172 8.32 -39.22 1.56
C THR A 3172 8.41 -39.55 3.05
N PRO A 3173 9.17 -38.80 3.84
CA PRO A 3173 9.17 -39.03 5.29
C PRO A 3173 7.79 -38.90 5.92
N ARG A 3174 6.88 -38.13 5.29
CA ARG A 3174 5.52 -38.04 5.79
C ARG A 3174 4.83 -39.40 5.76
N HIS A 3175 5.16 -40.25 4.78
CA HIS A 3175 4.63 -41.61 4.78
C HIS A 3175 5.09 -42.37 6.01
N TYR A 3176 6.36 -42.23 6.38
CA TYR A 3176 6.87 -42.89 7.59
C TYR A 3176 6.19 -42.35 8.84
N LEU A 3177 5.96 -41.04 8.90
CA LEU A 3177 5.28 -40.46 10.04
C LEU A 3177 3.85 -40.99 10.15
N ASP A 3178 3.15 -41.08 9.03
CA ASP A 3178 1.82 -41.67 9.03
C ASP A 3178 1.87 -43.12 9.48
N PHE A 3179 2.88 -43.85 9.03
CA PHE A 3179 3.00 -45.26 9.41
C PHE A 3179 3.17 -45.42 10.92
N ILE A 3180 4.06 -44.63 11.51
CA ILE A 3180 4.29 -44.76 12.95
C ILE A 3180 3.07 -44.27 13.73
N ASN A 3181 2.41 -43.22 13.25
CA ASN A 3181 1.19 -42.75 13.93
C ASN A 3181 0.10 -43.82 13.89
N HIS A 3182 -0.08 -44.45 12.73
CA HIS A 3182 -1.06 -45.53 12.62
C HIS A 3182 -0.69 -46.70 13.52
N TYR A 3183 0.61 -47.01 13.60
CA TYR A 3183 1.05 -48.08 14.49
C TYR A 3183 0.69 -47.78 15.94
N ALA A 3184 0.98 -46.56 16.39
CA ALA A 3184 0.69 -46.19 17.77
C ALA A 3184 -0.82 -46.25 18.04
N ASN A 3185 -1.61 -45.67 17.14
CA ASN A 3185 -3.06 -45.65 17.34
C ASN A 3185 -3.64 -47.06 17.35
N LEU A 3186 -3.23 -47.90 16.40
CA LEU A 3186 -3.74 -49.26 16.33
C LEU A 3186 -3.32 -50.06 17.56
N PHE A 3187 -2.07 -49.90 18.01
CA PHE A 3187 -1.61 -50.59 19.21
C PHE A 3187 -2.47 -50.22 20.41
N HIS A 3188 -2.68 -48.91 20.62
CA HIS A 3188 -3.46 -48.47 21.76
C HIS A 3188 -4.90 -48.99 21.68
N GLU A 3189 -5.51 -48.89 20.49
CA GLU A 3189 -6.90 -49.29 20.34
C GLU A 3189 -7.06 -50.79 20.55
N LYS A 3190 -6.18 -51.60 19.96
CA LYS A 3190 -6.28 -53.05 20.12
C LYS A 3190 -6.04 -53.47 21.57
N ARG A 3191 -5.06 -52.85 22.24
CA ARG A 3191 -4.83 -53.18 23.64
C ARG A 3191 -6.06 -52.85 24.48
N SER A 3192 -6.63 -51.66 24.28
CA SER A 3192 -7.80 -51.26 25.06
C SER A 3192 -8.97 -52.19 24.82
N GLU A 3193 -9.23 -52.54 23.55
CA GLU A 3193 -10.35 -53.41 23.23
C GLU A 3193 -10.15 -54.80 23.81
N LEU A 3194 -8.94 -55.34 23.71
CA LEU A 3194 -8.68 -56.67 24.26
C LEU A 3194 -8.84 -56.69 25.77
N GLU A 3195 -8.33 -55.67 26.46
CA GLU A 3195 -8.48 -55.62 27.91
C GLU A 3195 -9.94 -55.47 28.32
N GLU A 3196 -10.69 -54.64 27.59
CA GLU A 3196 -12.10 -54.46 27.91
C GLU A 3196 -12.88 -55.76 27.71
N GLN A 3197 -12.63 -56.46 26.61
CA GLN A 3197 -13.30 -57.72 26.38
C GLN A 3197 -12.91 -58.75 27.44
N GLN A 3198 -11.64 -58.78 27.84
CA GLN A 3198 -11.21 -59.72 28.88
C GLN A 3198 -11.89 -59.44 30.21
N MET A 3199 -12.01 -58.16 30.60
CA MET A 3199 -12.65 -57.88 31.88
C MET A 3199 -14.14 -58.21 31.83
N HIS A 3200 -14.80 -57.95 30.69
CA HIS A 3200 -16.20 -58.36 30.55
C HIS A 3200 -16.35 -59.88 30.67
N LEU A 3201 -15.49 -60.65 29.99
CA LEU A 3201 -15.59 -62.10 30.06
C LEU A 3201 -15.31 -62.61 31.48
N ASN A 3202 -14.34 -62.00 32.16
CA ASN A 3202 -14.05 -62.41 33.54
C ASN A 3202 -15.24 -62.15 34.45
N VAL A 3203 -15.88 -60.99 34.30
CA VAL A 3203 -17.06 -60.69 35.12
C VAL A 3203 -18.17 -61.66 34.80
N GLY A 3204 -18.35 -62.01 33.52
CA GLY A 3204 -19.38 -62.97 33.16
C GLY A 3204 -19.15 -64.34 33.77
N LEU A 3205 -17.91 -64.83 33.72
CA LEU A 3205 -17.59 -66.12 34.33
C LEU A 3205 -17.80 -66.08 35.84
N ARG A 3206 -17.40 -64.99 36.49
CA ARG A 3206 -17.63 -64.88 37.93
C ARG A 3206 -19.11 -64.89 38.25
N LYS A 3207 -19.92 -64.20 37.45
CA LYS A 3207 -21.37 -64.19 37.67
C LYS A 3207 -21.96 -65.58 37.50
N ILE A 3208 -21.50 -66.32 36.48
CA ILE A 3208 -22.03 -67.67 36.26
C ILE A 3208 -21.65 -68.59 37.41
N LYS A 3209 -20.41 -68.47 37.90
CA LYS A 3209 -19.99 -69.30 39.03
C LYS A 3209 -20.80 -68.97 40.28
N GLU A 3210 -21.02 -67.68 40.55
CA GLU A 3210 -21.84 -67.30 41.69
C GLU A 3210 -23.26 -67.83 41.53
N THR A 3211 -23.79 -67.82 40.29
CA THR A 3211 -25.14 -68.30 40.06
C THR A 3211 -25.27 -69.80 40.28
N VAL A 3212 -24.27 -70.58 39.82
CA VAL A 3212 -24.35 -72.02 40.05
C VAL A 3212 -24.17 -72.34 41.53
N ASP A 3213 -23.35 -71.55 42.24
CA ASP A 3213 -23.28 -71.69 43.69
C ASP A 3213 -24.63 -71.40 44.33
N GLN A 3214 -25.33 -70.37 43.83
CA GLN A 3214 -26.68 -70.09 44.32
C GLN A 3214 -27.61 -71.25 44.06
N VAL A 3215 -27.52 -71.88 42.89
CA VAL A 3215 -28.41 -73.00 42.59
C VAL A 3215 -28.16 -74.15 43.56
N GLU A 3216 -26.89 -74.44 43.84
CA GLU A 3216 -26.57 -75.51 44.79
C GLU A 3216 -27.10 -75.19 46.18
N GLU A 3217 -26.84 -73.97 46.66
CA GLU A 3217 -27.28 -73.62 48.01
C GLU A 3217 -28.80 -73.51 48.10
N LEU A 3218 -29.48 -73.15 47.01
CA LEU A 3218 -30.92 -73.14 47.00
C LEU A 3218 -31.52 -74.55 46.96
N ARG A 3219 -30.85 -75.51 46.32
CA ARG A 3219 -31.29 -76.89 46.49
C ARG A 3219 -31.08 -77.37 47.91
N ARG A 3220 -29.98 -76.95 48.55
CA ARG A 3220 -29.79 -77.23 49.97
C ARG A 3220 -30.96 -76.70 50.80
N ASP A 3221 -31.30 -75.42 50.58
CA ASP A 3221 -32.43 -74.84 51.31
C ASP A 3221 -33.75 -75.51 50.93
N LEU A 3222 -33.87 -76.00 49.70
CA LEU A 3222 -35.06 -76.73 49.29
C LEU A 3222 -35.24 -77.97 50.14
N ARG A 3223 -34.17 -78.76 50.29
CA ARG A 3223 -34.26 -79.95 51.13
C ARG A 3223 -34.48 -79.60 52.60
N ILE A 3224 -33.84 -78.54 53.09
CA ILE A 3224 -34.04 -78.13 54.48
C ILE A 3224 -35.51 -77.74 54.71
N LYS A 3225 -36.09 -76.97 53.79
CA LYS A 3225 -37.47 -76.56 53.92
C LYS A 3225 -38.42 -77.75 53.78
N SER A 3226 -38.06 -78.74 52.96
CA SER A 3226 -38.85 -79.96 52.89
C SER A 3226 -38.84 -80.69 54.23
N GLN A 3227 -37.68 -80.77 54.87
CA GLN A 3227 -37.60 -81.41 56.19
C GLN A 3227 -38.42 -80.63 57.22
N GLU A 3228 -38.34 -79.31 57.18
CA GLU A 3228 -39.14 -78.49 58.10
C GLU A 3228 -40.64 -78.68 57.85
N LEU A 3229 -41.03 -78.78 56.58
CA LEU A 3229 -42.43 -79.06 56.24
C LEU A 3229 -42.87 -80.38 56.82
N GLU A 3230 -42.05 -81.42 56.66
CA GLU A 3230 -42.42 -82.73 57.19
C GLU A 3230 -42.54 -82.70 58.70
N VAL A 3231 -41.61 -82.02 59.38
CA VAL A 3231 -41.67 -81.92 60.83
C VAL A 3231 -42.92 -81.17 61.26
N LYS A 3232 -43.24 -80.06 60.59
CA LYS A 3232 -44.41 -79.28 60.96
C LYS A 3232 -45.70 -80.05 60.74
N ASN A 3233 -45.79 -80.77 59.62
CA ASN A 3233 -46.99 -81.56 59.34
C ASN A 3233 -47.14 -82.71 60.34
N ALA A 3234 -46.04 -83.36 60.70
CA ALA A 3234 -46.10 -84.41 61.71
C ALA A 3234 -46.54 -83.86 63.05
N ALA A 3235 -46.03 -82.68 63.43
CA ALA A 3235 -46.45 -82.05 64.67
C ALA A 3235 -47.94 -81.71 64.64
N ALA A 3236 -48.41 -81.18 63.50
CA ALA A 3236 -49.83 -80.85 63.37
C ALA A 3236 -50.69 -82.09 63.52
N ASN A 3237 -50.30 -83.19 62.87
CA ASN A 3237 -51.07 -84.42 62.96
C ASN A 3237 -51.05 -84.99 64.38
N ASP A 3238 -49.90 -84.94 65.05
CA ASP A 3238 -49.79 -85.52 66.38
C ASP A 3238 -50.47 -84.65 67.43
N LYS A 3239 -50.63 -83.36 67.15
CA LYS A 3239 -51.23 -82.47 68.12
C LYS A 3239 -52.73 -82.28 67.89
N LEU A 3240 -53.19 -82.52 66.66
CA LEU A 3240 -54.62 -82.42 66.36
C LEU A 3240 -55.40 -83.66 66.77
N LYS A 3241 -54.73 -84.76 67.11
CA LYS A 3241 -55.39 -86.00 67.47
C LYS A 3241 -55.77 -86.07 68.94
N LYS A 3242 -55.43 -85.06 69.74
CA LYS A 3242 -55.70 -85.08 71.17
C LYS A 3242 -57.21 -85.09 71.44
N GLU A 3449 -57.91 -73.78 68.15
CA GLU A 3449 -57.74 -72.36 67.86
C GLU A 3449 -56.33 -72.08 67.36
N GLU A 3450 -55.33 -72.33 68.21
CA GLU A 3450 -53.94 -72.28 67.77
C GLU A 3450 -53.63 -73.39 66.77
N TYR A 3451 -54.45 -74.45 66.74
CA TYR A 3451 -54.23 -75.55 65.81
C TYR A 3451 -54.36 -75.09 64.36
N ALA A 3452 -55.38 -74.29 64.08
CA ALA A 3452 -55.54 -73.72 62.74
C ALA A 3452 -54.37 -72.80 62.42
N VAL A 3453 -53.86 -72.08 63.42
CA VAL A 3453 -52.70 -71.22 63.19
C VAL A 3453 -51.49 -72.05 62.80
N LEU A 3454 -51.30 -73.20 63.46
CA LEU A 3454 -50.14 -74.03 63.15
C LEU A 3454 -50.28 -74.67 61.77
N ILE A 3455 -51.49 -75.11 61.39
CA ILE A 3455 -51.66 -75.66 60.06
C ILE A 3455 -51.52 -74.55 59.01
N SER A 3456 -51.89 -73.31 59.34
CA SER A 3456 -51.64 -72.20 58.44
C SER A 3456 -50.16 -71.92 58.30
N GLU A 3457 -49.39 -72.08 59.37
CA GLU A 3457 -47.93 -71.96 59.28
C GLU A 3457 -47.37 -73.06 58.38
N ALA A 3458 -47.92 -74.27 58.47
CA ALA A 3458 -47.52 -75.33 57.55
C ALA A 3458 -47.85 -74.98 56.11
N GLN A 3459 -49.01 -74.38 55.88
CA GLN A 3459 -49.36 -73.94 54.53
C GLN A 3459 -48.42 -72.85 54.03
N ALA A 3460 -48.01 -71.95 54.93
CA ALA A 3460 -47.01 -70.94 54.57
C ALA A 3460 -45.70 -71.60 54.18
N ILE A 3461 -45.26 -72.60 54.94
CA ILE A 3461 -43.99 -73.23 54.65
C ILE A 3461 -44.07 -74.01 53.33
N LYS A 3462 -45.23 -74.59 53.02
CA LYS A 3462 -45.34 -75.29 51.74
C LYS A 3462 -45.43 -74.33 50.57
N ALA A 3463 -46.06 -73.17 50.76
CA ALA A 3463 -46.05 -72.15 49.71
C ALA A 3463 -44.62 -71.66 49.45
N ASP A 3464 -43.87 -71.43 50.53
CA ASP A 3464 -42.47 -71.03 50.37
C ASP A 3464 -41.66 -72.13 49.69
N LEU A 3465 -41.93 -73.38 50.04
CA LEU A 3465 -41.25 -74.50 49.38
C LEU A 3465 -41.56 -74.54 47.89
N ALA A 3466 -42.81 -74.32 47.52
CA ALA A 3466 -43.19 -74.30 46.11
C ALA A 3466 -42.49 -73.15 45.39
N ALA A 3467 -42.44 -71.98 46.00
CA ALA A 3467 -41.74 -70.84 45.39
C ALA A 3467 -40.26 -71.13 45.20
N VAL A 3468 -39.63 -71.72 46.22
CA VAL A 3468 -38.21 -72.06 46.12
C VAL A 3468 -37.96 -73.08 45.03
N GLU A 3469 -38.83 -74.10 44.95
CA GLU A 3469 -38.68 -75.13 43.92
C GLU A 3469 -38.86 -74.54 42.53
N ALA A 3470 -39.83 -73.64 42.35
CA ALA A 3470 -40.02 -72.98 41.07
C ALA A 3470 -38.80 -72.14 40.70
N LYS A 3471 -38.25 -71.41 41.66
CA LYS A 3471 -37.04 -70.62 41.40
C LYS A 3471 -35.87 -71.53 41.02
N VAL A 3472 -35.73 -72.67 41.70
CA VAL A 3472 -34.63 -73.58 41.40
C VAL A 3472 -34.78 -74.13 39.99
N ASN A 3473 -35.99 -74.54 39.61
CA ASN A 3473 -36.20 -75.04 38.26
C ASN A 3473 -35.93 -73.97 37.21
N ARG A 3474 -36.40 -72.75 37.46
CA ARG A 3474 -36.19 -71.66 36.51
C ARG A 3474 -34.70 -71.36 36.35
N SER A 3475 -33.96 -71.31 37.45
CA SER A 3475 -32.54 -71.03 37.36
C SER A 3475 -31.78 -72.18 36.72
N THR A 3476 -32.21 -73.42 36.96
CA THR A 3476 -31.58 -74.55 36.29
C THR A 3476 -31.79 -74.47 34.79
N ALA A 3477 -33.00 -74.09 34.36
CA ALA A 3477 -33.25 -73.87 32.93
C ALA A 3477 -32.38 -72.74 32.40
N LEU A 3478 -32.18 -71.68 33.19
CA LEU A 3478 -31.34 -70.57 32.76
C LEU A 3478 -29.90 -71.01 32.54
N LEU A 3479 -29.32 -71.73 33.51
CA LEU A 3479 -27.94 -72.20 33.34
C LEU A 3479 -27.82 -73.20 32.21
N LYS A 3480 -28.81 -74.08 32.04
CA LYS A 3480 -28.77 -75.02 30.91
C LYS A 3480 -28.76 -74.29 29.58
N SER A 3481 -29.35 -73.10 29.52
CA SER A 3481 -29.35 -72.32 28.29
C SER A 3481 -28.01 -71.61 28.07
N LEU A 3482 -27.23 -71.39 29.12
CA LEU A 3482 -26.00 -70.60 29.03
C LEU A 3482 -24.75 -71.47 28.97
N SER A 3483 -24.89 -72.77 28.68
CA SER A 3483 -23.71 -73.64 28.62
C SER A 3483 -22.80 -73.26 27.47
N ALA A 3484 -23.38 -72.95 26.30
CA ALA A 3484 -22.56 -72.58 25.14
C ALA A 3484 -21.83 -71.27 25.38
N GLU A 3485 -22.49 -70.31 26.03
CA GLU A 3485 -21.84 -69.04 26.34
C GLU A 3485 -20.63 -69.26 27.24
N ARG A 3486 -20.77 -70.13 28.24
CA ARG A 3486 -19.67 -70.41 29.16
C ARG A 3486 -18.47 -70.98 28.43
N GLU A 3487 -18.70 -71.97 27.56
CA GLU A 3487 -17.58 -72.61 26.87
C GLU A 3487 -16.93 -71.66 25.87
N ARG A 3488 -17.73 -70.87 25.16
CA ARG A 3488 -17.14 -69.90 24.22
C ARG A 3488 -16.33 -68.85 24.96
N TRP A 3489 -16.82 -68.39 26.12
CA TRP A 3489 -16.10 -67.38 26.88
C TRP A 3489 -14.83 -67.95 27.48
N GLU A 3490 -14.85 -69.19 27.98
CA GLU A 3490 -13.64 -69.78 28.52
C GLU A 3490 -12.61 -70.03 27.42
N LYS A 3491 -13.07 -70.43 26.23
CA LYS A 3491 -12.13 -70.58 25.12
C LYS A 3491 -11.51 -69.25 24.73
N THR A 3492 -12.31 -68.18 24.67
CA THR A 3492 -11.76 -66.87 24.36
C THR A 3492 -10.76 -66.42 25.42
N SER A 3493 -11.09 -66.62 26.70
CA SER A 3493 -10.18 -66.23 27.76
C SER A 3493 -8.89 -67.03 27.72
N GLU A 3494 -8.97 -68.32 27.41
CA GLU A 3494 -7.75 -69.13 27.26
C GLU A 3494 -6.90 -68.62 26.10
N THR A 3495 -7.54 -68.27 24.99
CA THR A 3495 -6.81 -67.77 23.83
C THR A 3495 -6.33 -66.33 24.01
N PHE A 3496 -6.78 -65.64 25.05
CA PHE A 3496 -6.36 -64.25 25.27
C PHE A 3496 -4.84 -64.14 25.39
N LYS A 3497 -4.20 -65.09 26.06
CA LYS A 3497 -2.75 -64.99 26.27
C LYS A 3497 -2.00 -64.99 24.94
N ASN A 3498 -2.52 -65.70 23.94
CA ASN A 3498 -1.86 -65.72 22.64
C ASN A 3498 -2.09 -64.42 21.88
N GLN A 3499 -3.30 -63.85 21.98
CA GLN A 3499 -3.61 -62.64 21.22
C GLN A 3499 -2.76 -61.45 21.68
N MET A 3500 -2.56 -61.31 23.00
CA MET A 3500 -1.79 -60.18 23.50
C MET A 3500 -0.35 -60.19 23.01
N SER A 3501 0.21 -61.39 22.78
CA SER A 3501 1.59 -61.46 22.31
C SER A 3501 1.73 -61.02 20.85
N THR A 3502 0.69 -61.21 20.04
CA THR A 3502 0.74 -60.93 18.62
C THR A 3502 0.16 -59.57 18.26
N ILE A 3503 -0.16 -58.73 19.25
CA ILE A 3503 -0.74 -57.42 18.96
C ILE A 3503 0.27 -56.54 18.23
N ALA A 3504 1.54 -56.59 18.64
CA ALA A 3504 2.54 -55.69 18.07
C ALA A 3504 2.73 -55.93 16.58
N GLY A 3505 2.95 -57.18 16.18
CA GLY A 3505 3.18 -57.48 14.77
C GLY A 3505 1.96 -57.21 13.92
N ASP A 3506 0.78 -57.61 14.40
CA ASP A 3506 -0.45 -57.37 13.65
C ASP A 3506 -0.70 -55.88 13.47
N CYS A 3507 -0.49 -55.10 14.53
CA CYS A 3507 -0.68 -53.65 14.42
C CYS A 3507 0.34 -53.04 13.48
N LEU A 3508 1.59 -53.51 13.50
CA LEU A 3508 2.59 -53.00 12.58
C LEU A 3508 2.20 -53.29 11.13
N LEU A 3509 1.76 -54.51 10.87
CA LEU A 3509 1.35 -54.87 9.51
C LEU A 3509 0.16 -54.04 9.05
N SER A 3510 -0.85 -53.88 9.92
CA SER A 3510 -2.03 -53.11 9.54
C SER A 3510 -1.68 -51.66 9.31
N ALA A 3511 -0.82 -51.08 10.15
CA ALA A 3511 -0.42 -49.69 9.97
C ALA A 3511 0.36 -49.51 8.67
N ALA A 3512 1.26 -50.44 8.36
CA ALA A 3512 2.00 -50.36 7.10
C ALA A 3512 1.05 -50.45 5.91
N PHE A 3513 0.08 -51.37 5.97
CA PHE A 3513 -0.88 -51.51 4.87
C PHE A 3513 -1.70 -50.24 4.70
N ILE A 3514 -2.14 -49.64 5.80
CA ILE A 3514 -2.95 -48.42 5.70
C ILE A 3514 -2.13 -47.27 5.15
N ALA A 3515 -0.91 -47.08 5.66
CA ALA A 3515 -0.14 -45.90 5.32
C ALA A 3515 0.50 -45.99 3.94
N TYR A 3516 0.81 -47.19 3.46
CA TYR A 3516 1.63 -47.34 2.25
C TYR A 3516 0.89 -47.94 1.06
N ALA A 3517 0.10 -48.98 1.26
CA ALA A 3517 -0.46 -49.76 0.17
C ALA A 3517 -1.69 -49.12 -0.47
N GLY A 3518 -1.94 -47.83 -0.22
CA GLY A 3518 -3.13 -47.20 -0.76
C GLY A 3518 -3.11 -47.08 -2.27
N TYR A 3519 -1.99 -46.66 -2.84
CA TYR A 3519 -1.93 -46.36 -4.27
C TYR A 3519 -1.87 -47.61 -5.14
N PHE A 3520 -1.24 -48.68 -4.64
CA PHE A 3520 -0.97 -49.85 -5.47
C PHE A 3520 -2.22 -50.68 -5.68
N ASP A 3521 -2.14 -51.62 -6.62
CA ASP A 3521 -3.24 -52.49 -6.97
C ASP A 3521 -3.21 -53.74 -6.07
N GLN A 3522 -4.10 -54.69 -6.34
CA GLN A 3522 -4.26 -55.85 -5.48
C GLN A 3522 -2.98 -56.68 -5.41
N GLN A 3523 -2.38 -56.96 -6.58
CA GLN A 3523 -1.21 -57.83 -6.61
C GLN A 3523 -0.03 -57.19 -5.87
N MET A 3524 0.20 -55.90 -6.08
CA MET A 3524 1.32 -55.24 -5.41
C MET A 3524 1.07 -55.10 -3.91
N ARG A 3525 -0.19 -54.87 -3.51
CA ARG A 3525 -0.50 -54.86 -2.09
C ARG A 3525 -0.22 -56.22 -1.45
N GLN A 3526 -0.61 -57.30 -2.14
CA GLN A 3526 -0.34 -58.64 -1.62
C GLN A 3526 1.17 -58.89 -1.53
N ASN A 3527 1.92 -58.46 -2.54
CA ASN A 3527 3.37 -58.64 -2.52
C ASN A 3527 4.01 -57.88 -1.36
N LEU A 3528 3.58 -56.63 -1.14
CA LEU A 3528 4.13 -55.86 -0.03
C LEU A 3528 3.80 -56.50 1.31
N PHE A 3529 2.56 -56.95 1.48
CA PHE A 3529 2.20 -57.60 2.74
C PHE A 3529 2.98 -58.90 2.94
N THR A 3530 3.19 -59.66 1.86
CA THR A 3530 3.98 -60.87 1.96
C THR A 3530 5.42 -60.57 2.36
N THR A 3531 6.02 -59.53 1.79
CA THR A 3531 7.37 -59.14 2.15
C THR A 3531 7.46 -58.73 3.61
N TRP A 3532 6.50 -57.92 4.08
CA TRP A 3532 6.51 -57.51 5.48
C TRP A 3532 6.33 -58.69 6.41
N SER A 3533 5.44 -59.62 6.06
CA SER A 3533 5.22 -60.80 6.89
C SER A 3533 6.47 -61.67 6.95
N HIS A 3534 7.15 -61.84 5.80
CA HIS A 3534 8.38 -62.62 5.80
C HIS A 3534 9.45 -61.96 6.67
N HIS A 3535 9.57 -60.63 6.59
CA HIS A 3535 10.55 -59.95 7.44
C HIS A 3535 10.20 -60.11 8.91
N LEU A 3536 8.93 -60.00 9.27
CA LEU A 3536 8.53 -60.17 10.67
C LEU A 3536 8.80 -61.60 11.14
N GLN A 3537 8.57 -62.59 10.28
CA GLN A 3537 8.90 -63.97 10.63
C GLN A 3537 10.39 -64.13 10.85
N GLN A 3538 11.21 -63.52 9.98
CA GLN A 3538 12.66 -63.62 10.12
C GLN A 3538 13.18 -62.89 11.36
N ALA A 3539 12.42 -61.94 11.89
CA ALA A 3539 12.81 -61.21 13.09
C ALA A 3539 12.20 -61.78 14.36
N ASN A 3540 11.53 -62.93 14.26
CA ASN A 3540 10.89 -63.59 15.41
C ASN A 3540 9.90 -62.65 16.10
N ILE A 3541 9.11 -61.93 15.30
CA ILE A 3541 8.07 -61.05 15.82
C ILE A 3541 6.72 -61.73 15.60
N GLN A 3542 5.97 -61.88 16.68
CA GLN A 3542 4.71 -62.64 16.62
C GLN A 3542 3.63 -61.84 15.92
N PHE A 3543 2.93 -62.49 14.99
CA PHE A 3543 1.79 -61.90 14.32
C PHE A 3543 0.92 -63.02 13.77
N ARG A 3544 -0.40 -62.85 13.86
CA ARG A 3544 -1.32 -63.87 13.36
C ARG A 3544 -1.31 -63.87 11.85
N THR A 3545 -1.18 -65.07 11.27
CA THR A 3545 -1.18 -65.25 9.83
C THR A 3545 -2.50 -65.77 9.29
N ASP A 3546 -3.53 -65.87 10.14
CA ASP A 3546 -4.82 -66.39 9.73
C ASP A 3546 -5.89 -65.31 9.59
N ILE A 3547 -5.85 -64.27 10.42
CA ILE A 3547 -6.86 -63.21 10.35
C ILE A 3547 -6.58 -62.33 9.12
N ALA A 3548 -7.66 -61.89 8.49
CA ALA A 3548 -7.56 -61.01 7.33
C ALA A 3548 -7.44 -59.57 7.79
N ARG A 3549 -6.70 -58.77 7.00
CA ARG A 3549 -6.50 -57.37 7.35
C ARG A 3549 -7.81 -56.60 7.32
N THR A 3550 -8.69 -56.93 6.36
CA THR A 3550 -9.99 -56.27 6.28
C THR A 3550 -10.81 -56.56 7.53
N GLU A 3551 -10.81 -57.81 8.00
CA GLU A 3551 -11.55 -58.15 9.20
C GLU A 3551 -10.87 -57.64 10.45
N TYR A 3552 -9.54 -57.52 10.43
CA TYR A 3552 -8.81 -57.04 11.59
C TYR A 3552 -8.95 -55.53 11.79
N LEU A 3553 -9.05 -54.77 10.70
CA LEU A 3553 -9.06 -53.32 10.78
C LEU A 3553 -10.46 -52.73 10.83
N SER A 3554 -11.51 -53.55 10.79
CA SER A 3554 -12.88 -53.06 10.84
C SER A 3554 -13.77 -54.12 11.44
N ASN A 3555 -14.94 -53.68 11.91
CA ASN A 3555 -15.94 -54.57 12.47
C ASN A 3555 -17.03 -54.84 11.44
N ALA A 3556 -17.82 -55.89 11.71
CA ALA A 3556 -18.87 -56.28 10.78
C ALA A 3556 -19.95 -55.22 10.65
N ASP A 3557 -20.24 -54.49 11.74
CA ASP A 3557 -21.25 -53.44 11.68
C ASP A 3557 -20.83 -52.32 10.74
N GLU A 3558 -19.57 -51.91 10.81
CA GLU A 3558 -19.08 -50.85 9.93
C GLU A 3558 -19.08 -51.32 8.47
N ARG A 3559 -18.71 -52.58 8.23
CA ARG A 3559 -18.76 -53.11 6.88
C ARG A 3559 -20.18 -53.14 6.35
N LEU A 3560 -21.14 -53.55 7.19
CA LEU A 3560 -22.54 -53.56 6.77
C LEU A 3560 -23.03 -52.16 6.44
N ARG A 3561 -22.64 -51.17 7.26
CA ARG A 3561 -22.98 -49.79 6.95
C ARG A 3561 -22.36 -49.35 5.63
N TRP A 3562 -21.13 -49.78 5.37
CA TRP A 3562 -20.48 -49.45 4.10
C TRP A 3562 -21.24 -50.03 2.91
N GLN A 3563 -21.62 -51.31 3.00
CA GLN A 3563 -22.43 -51.89 1.94
C GLN A 3563 -23.78 -51.20 1.81
N ALA A 3564 -24.29 -50.63 2.91
CA ALA A 3564 -25.51 -49.84 2.82
C ALA A 3564 -25.29 -48.54 2.04
N SER A 3565 -24.05 -48.10 1.87
CA SER A 3565 -23.71 -46.89 1.14
C SER A 3565 -23.18 -47.18 -0.25
N SER A 3566 -23.65 -48.24 -0.89
CA SER A 3566 -23.31 -48.60 -2.27
C SER A 3566 -21.82 -48.86 -2.45
N LEU A 3567 -21.13 -49.27 -1.39
CA LEU A 3567 -19.73 -49.67 -1.52
C LEU A 3567 -19.65 -51.06 -2.14
N PRO A 3568 -18.84 -51.26 -3.17
CA PRO A 3568 -18.75 -52.59 -3.78
C PRO A 3568 -18.26 -53.64 -2.79
N ALA A 3569 -18.82 -54.85 -2.93
CA ALA A 3569 -18.49 -55.96 -2.04
C ALA A 3569 -17.20 -56.63 -2.52
N ASP A 3570 -16.09 -55.91 -2.35
CA ASP A 3570 -14.78 -56.39 -2.75
C ASP A 3570 -13.79 -56.16 -1.62
N ASP A 3571 -12.80 -57.04 -1.54
CA ASP A 3571 -11.77 -56.92 -0.51
C ASP A 3571 -10.97 -55.63 -0.68
N LEU A 3572 -10.60 -55.32 -1.93
CA LEU A 3572 -9.87 -54.08 -2.19
C LEU A 3572 -10.71 -52.85 -1.84
N CYS A 3573 -12.00 -52.89 -2.15
CA CYS A 3573 -12.88 -51.79 -1.78
C CYS A 3573 -13.01 -51.67 -0.27
N THR A 3574 -13.05 -52.79 0.44
CA THR A 3574 -13.07 -52.74 1.90
C THR A 3574 -11.79 -52.13 2.45
N GLU A 3575 -10.64 -52.49 1.88
CA GLU A 3575 -9.37 -51.89 2.30
C GLU A 3575 -9.36 -50.39 2.03
N ASN A 3576 -9.89 -49.98 0.88
CA ASN A 3576 -9.96 -48.56 0.56
C ASN A 3576 -10.87 -47.82 1.54
N ALA A 3577 -12.00 -48.44 1.91
CA ALA A 3577 -12.88 -47.82 2.89
C ALA A 3577 -12.20 -47.70 4.26
N ILE A 3578 -11.46 -48.73 4.66
CA ILE A 3578 -10.70 -48.66 5.91
C ILE A 3578 -9.69 -47.53 5.87
N MET A 3579 -8.99 -47.38 4.73
CA MET A 3579 -8.04 -46.28 4.58
C MET A 3579 -8.75 -44.93 4.64
N LEU A 3580 -9.92 -44.82 4.02
CA LEU A 3580 -10.69 -43.58 4.08
C LEU A 3580 -11.24 -43.31 5.48
N LYS A 3581 -11.29 -44.34 6.34
CA LYS A 3581 -11.75 -44.13 7.70
C LYS A 3581 -10.61 -43.86 8.69
N ARG A 3582 -9.45 -44.47 8.47
CA ARG A 3582 -8.33 -44.41 9.40
C ARG A 3582 -7.15 -43.62 8.83
N PHE A 3583 -7.43 -42.52 8.14
CA PHE A 3583 -6.37 -41.74 7.52
C PHE A 3583 -5.82 -40.69 8.48
N ASN A 3584 -4.51 -40.42 8.33
CA ASN A 3584 -3.91 -39.27 9.00
C ASN A 3584 -3.89 -38.06 8.06
N ARG A 3585 -3.22 -38.18 6.92
CA ARG A 3585 -3.29 -37.16 5.89
C ARG A 3585 -4.59 -37.27 5.12
N TYR A 3586 -5.09 -36.13 4.65
CA TYR A 3586 -6.38 -36.10 3.98
C TYR A 3586 -6.33 -36.93 2.71
N PRO A 3587 -7.32 -37.80 2.48
CA PRO A 3587 -7.21 -38.76 1.38
C PRO A 3587 -7.35 -38.10 0.01
N LEU A 3588 -6.77 -38.77 -0.99
CA LEU A 3588 -6.96 -38.43 -2.40
C LEU A 3588 -7.47 -39.68 -3.09
N ILE A 3589 -8.72 -39.63 -3.56
CA ILE A 3589 -9.40 -40.79 -4.10
C ILE A 3589 -9.22 -40.82 -5.62
N ILE A 3590 -8.80 -41.98 -6.13
CA ILE A 3590 -8.68 -42.21 -7.56
C ILE A 3590 -9.72 -43.25 -7.94
N ASP A 3591 -10.77 -42.83 -8.63
CA ASP A 3591 -11.84 -43.74 -9.06
C ASP A 3591 -12.40 -43.37 -10.44
N PRO A 3592 -11.96 -44.06 -11.48
CA PRO A 3592 -12.52 -43.81 -12.82
C PRO A 3592 -14.01 -44.08 -12.91
N SER A 3593 -14.51 -45.08 -12.18
CA SER A 3593 -15.91 -45.44 -12.26
C SER A 3593 -16.81 -44.47 -11.52
N GLY A 3594 -16.29 -43.75 -10.53
CA GLY A 3594 -17.08 -42.82 -9.77
C GLY A 3594 -17.87 -43.41 -8.63
N GLN A 3595 -17.69 -44.70 -8.33
CA GLN A 3595 -18.42 -45.32 -7.23
C GLN A 3595 -17.93 -44.81 -5.88
N ALA A 3596 -16.62 -44.58 -5.75
CA ALA A 3596 -16.07 -44.13 -4.47
C ALA A 3596 -16.57 -42.74 -4.10
N THR A 3597 -16.77 -41.88 -5.10
CA THR A 3597 -17.32 -40.55 -4.83
C THR A 3597 -18.71 -40.66 -4.24
N GLU A 3598 -19.56 -41.50 -4.82
CA GLU A 3598 -20.90 -41.70 -4.28
C GLU A 3598 -20.86 -42.35 -2.91
N PHE A 3599 -19.92 -43.27 -2.69
CA PHE A 3599 -19.77 -43.87 -1.36
C PHE A 3599 -19.43 -42.81 -0.32
N ILE A 3600 -18.50 -41.90 -0.66
CA ILE A 3600 -18.13 -40.83 0.26
C ILE A 3600 -19.30 -39.90 0.52
N MET A 3601 -20.03 -39.54 -0.53
CA MET A 3601 -21.19 -38.66 -0.35
C MET A 3601 -22.28 -39.33 0.48
N ASN A 3602 -22.41 -40.65 0.39
CA ASN A 3602 -23.41 -41.35 1.20
C ASN A 3602 -22.98 -41.47 2.66
N GLU A 3603 -21.69 -41.72 2.91
CA GLU A 3603 -21.22 -41.82 4.28
C GLU A 3603 -21.40 -40.50 5.03
N TYR A 3604 -21.08 -39.38 4.38
CA TYR A 3604 -21.11 -38.07 5.03
C TYR A 3604 -22.36 -37.28 4.68
N LYS A 3605 -23.39 -37.95 4.15
CA LYS A 3605 -24.64 -37.26 3.85
C LYS A 3605 -25.28 -36.71 5.11
N ASP A 3606 -25.25 -37.48 6.20
CA ASP A 3606 -25.82 -37.02 7.46
C ASP A 3606 -25.05 -35.85 8.06
N ARG A 3607 -23.79 -35.67 7.67
CA ARG A 3607 -22.97 -34.57 8.15
C ARG A 3607 -22.99 -33.36 7.22
N LYS A 3608 -23.85 -33.37 6.20
CA LYS A 3608 -23.99 -32.27 5.25
C LYS A 3608 -22.69 -32.01 4.51
N ILE A 3609 -22.24 -33.04 3.79
CA ILE A 3609 -21.03 -32.92 2.97
C ILE A 3609 -21.35 -32.11 1.72
N THR A 3610 -20.39 -31.27 1.31
CA THR A 3610 -20.54 -30.42 0.14
C THR A 3610 -19.54 -30.86 -0.92
N ARG A 3611 -20.03 -31.06 -2.14
CA ARG A 3611 -19.20 -31.47 -3.26
C ARG A 3611 -18.86 -30.26 -4.10
N THR A 3612 -17.57 -29.99 -4.26
CA THR A 3612 -17.11 -28.87 -5.08
C THR A 3612 -15.96 -29.29 -5.97
N SER A 3613 -15.29 -28.34 -6.61
CA SER A 3613 -14.21 -28.66 -7.53
C SER A 3613 -13.19 -27.52 -7.53
N PHE A 3614 -11.97 -27.86 -7.93
CA PHE A 3614 -10.94 -26.84 -8.09
C PHE A 3614 -11.21 -25.93 -9.29
N LEU A 3615 -11.94 -26.42 -10.29
CA LEU A 3615 -12.29 -25.60 -11.45
C LEU A 3615 -13.28 -24.51 -11.11
N ASP A 3616 -14.03 -24.64 -10.02
CA ASP A 3616 -14.95 -23.61 -9.60
C ASP A 3616 -14.18 -22.38 -9.15
N ASP A 3617 -14.57 -21.21 -9.66
CA ASP A 3617 -13.92 -19.96 -9.25
C ASP A 3617 -14.17 -19.70 -7.77
N ALA A 3618 -15.36 -20.02 -7.26
CA ALA A 3618 -15.72 -19.75 -5.87
C ALA A 3618 -15.31 -20.88 -4.94
N PHE A 3619 -14.29 -21.66 -5.31
CA PHE A 3619 -13.80 -22.73 -4.44
C PHE A 3619 -13.31 -22.18 -3.10
N ARG A 3620 -12.75 -20.97 -3.10
CA ARG A 3620 -12.28 -20.38 -1.86
C ARG A 3620 -13.43 -20.20 -0.86
N LYS A 3621 -14.59 -19.76 -1.32
CA LYS A 3621 -15.70 -19.50 -0.41
C LYS A 3621 -16.20 -20.79 0.21
N ASN A 3622 -16.36 -21.84 -0.59
CA ASN A 3622 -16.78 -23.13 -0.03
C ASN A 3622 -15.74 -23.68 0.93
N LEU A 3623 -14.45 -23.55 0.59
CA LEU A 3623 -13.40 -24.03 1.48
C LEU A 3623 -13.43 -23.29 2.81
N GLU A 3624 -13.58 -21.97 2.78
CA GLU A 3624 -13.65 -21.18 4.00
C GLU A 3624 -14.88 -21.52 4.83
N SER A 3625 -16.03 -21.70 4.17
CA SER A 3625 -17.24 -22.08 4.90
C SER A 3625 -17.08 -23.43 5.58
N ALA A 3626 -16.50 -24.40 4.86
CA ALA A 3626 -16.28 -25.72 5.45
C ALA A 3626 -15.30 -25.64 6.61
N LEU A 3627 -14.25 -24.84 6.48
CA LEU A 3627 -13.28 -24.71 7.57
C LEU A 3627 -13.92 -24.05 8.79
N ARG A 3628 -14.75 -23.04 8.58
CA ARG A 3628 -15.35 -22.32 9.71
C ARG A 3628 -16.41 -23.16 10.40
N PHE A 3629 -17.28 -23.79 9.63
CA PHE A 3629 -18.41 -24.53 10.19
C PHE A 3629 -18.12 -26.02 10.38
N GLY A 3630 -16.90 -26.47 10.06
CA GLY A 3630 -16.54 -27.86 10.25
C GLY A 3630 -17.37 -28.82 9.41
N ASN A 3631 -17.60 -28.47 8.16
CA ASN A 3631 -18.40 -29.34 7.31
C ASN A 3631 -17.49 -30.20 6.44
N PRO A 3632 -17.84 -31.47 6.25
CA PRO A 3632 -17.07 -32.31 5.33
C PRO A 3632 -17.13 -31.76 3.91
N LEU A 3633 -16.01 -31.87 3.20
CA LEU A 3633 -15.88 -31.31 1.86
C LEU A 3633 -15.28 -32.36 0.93
N LEU A 3634 -15.88 -32.51 -0.24
CA LEU A 3634 -15.34 -33.37 -1.29
C LEU A 3634 -15.02 -32.50 -2.49
N VAL A 3635 -13.77 -32.54 -2.94
CA VAL A 3635 -13.29 -31.68 -4.01
C VAL A 3635 -12.85 -32.57 -5.17
N GLN A 3636 -13.36 -32.28 -6.36
CA GLN A 3636 -13.05 -33.04 -7.56
C GLN A 3636 -12.00 -32.29 -8.39
N ASP A 3637 -11.54 -32.95 -9.45
CA ASP A 3637 -10.55 -32.40 -10.37
C ASP A 3637 -9.29 -31.94 -9.64
N VAL A 3638 -8.69 -32.88 -8.91
CA VAL A 3638 -7.49 -32.58 -8.13
C VAL A 3638 -6.28 -32.34 -9.03
N GLU A 3639 -6.36 -32.73 -10.30
CA GLU A 3639 -5.28 -32.43 -11.24
C GLU A 3639 -5.09 -30.93 -11.42
N SER A 3640 -6.09 -30.13 -11.08
CA SER A 3640 -5.99 -28.67 -11.06
C SER A 3640 -5.84 -28.15 -9.63
N TYR A 3641 -5.04 -28.85 -8.82
CA TYR A 3641 -4.96 -28.59 -7.39
C TYR A 3641 -4.59 -27.14 -7.12
N ASP A 3642 -5.31 -26.53 -6.18
CA ASP A 3642 -5.06 -25.14 -5.79
C ASP A 3642 -4.09 -25.10 -4.62
N PRO A 3643 -2.94 -24.44 -4.75
CA PRO A 3643 -1.97 -24.42 -3.65
C PRO A 3643 -2.46 -23.72 -2.39
N VAL A 3644 -3.66 -23.15 -2.42
CA VAL A 3644 -4.24 -22.56 -1.23
C VAL A 3644 -4.52 -23.61 -0.16
N LEU A 3645 -4.63 -24.87 -0.55
CA LEU A 3645 -4.91 -25.96 0.37
C LEU A 3645 -3.68 -26.48 1.09
N ASN A 3646 -2.49 -25.95 0.78
CA ASN A 3646 -1.27 -26.46 1.38
C ASN A 3646 -1.26 -26.35 2.91
N PRO A 3647 -1.56 -25.20 3.52
CA PRO A 3647 -1.63 -25.18 5.00
C PRO A 3647 -2.71 -26.09 5.56
N VAL A 3648 -3.83 -26.25 4.85
CA VAL A 3648 -4.89 -27.13 5.33
C VAL A 3648 -4.43 -28.58 5.30
N LEU A 3649 -3.79 -29.00 4.21
CA LEU A 3649 -3.30 -30.37 4.10
C LEU A 3649 -2.16 -30.63 5.08
N ASN A 3650 -1.32 -29.62 5.31
CA ASN A 3650 -0.18 -29.77 6.22
C ASN A 3650 -0.56 -29.60 7.68
N ARG A 3651 -1.81 -29.22 7.97
CA ARG A 3651 -2.27 -28.98 9.34
C ARG A 3651 -1.39 -27.93 10.04
N GLU A 3652 -1.11 -26.85 9.32
CA GLU A 3652 -0.30 -25.75 9.85
C GLU A 3652 -1.21 -24.82 10.67
N VAL A 3653 -1.59 -25.29 11.84
CA VAL A 3653 -2.54 -24.60 12.70
C VAL A 3653 -1.80 -23.82 13.77
N ARG A 3654 -2.45 -22.78 14.28
CA ARG A 3654 -1.89 -21.94 15.34
C ARG A 3654 -2.91 -21.86 16.46
N ARG A 3655 -2.64 -22.55 17.56
CA ARG A 3655 -3.53 -22.53 18.71
C ARG A 3655 -3.25 -21.32 19.58
N THR A 3656 -4.30 -20.56 19.89
CA THR A 3656 -4.15 -19.34 20.68
C THR A 3656 -5.50 -19.00 21.32
N GLY A 3657 -5.52 -18.98 22.64
CA GLY A 3657 -6.74 -18.62 23.36
C GLY A 3657 -7.88 -19.59 23.18
N GLY A 3658 -7.60 -20.88 23.10
CA GLY A 3658 -8.63 -21.88 22.91
C GLY A 3658 -9.09 -22.06 21.49
N ARG A 3659 -8.66 -21.21 20.57
CA ARG A 3659 -9.04 -21.32 19.17
C ARG A 3659 -7.92 -21.98 18.37
N VAL A 3660 -8.31 -22.64 17.28
CA VAL A 3660 -7.37 -23.26 16.36
C VAL A 3660 -7.43 -22.47 15.06
N LEU A 3661 -6.36 -21.74 14.76
CA LEU A 3661 -6.33 -20.81 13.64
C LEU A 3661 -5.60 -21.43 12.46
N ILE A 3662 -6.20 -21.35 11.28
CA ILE A 3662 -5.59 -21.77 10.03
C ILE A 3662 -5.50 -20.56 9.11
N THR A 3663 -4.32 -20.34 8.54
CA THR A 3663 -4.04 -19.13 7.76
C THR A 3663 -4.24 -19.41 6.27
N LEU A 3664 -5.50 -19.59 5.89
CA LEU A 3664 -5.86 -19.75 4.48
C LEU A 3664 -5.64 -18.41 3.79
N GLY A 3665 -4.63 -18.36 2.91
CA GLY A 3665 -4.33 -17.14 2.18
C GLY A 3665 -3.76 -16.05 3.07
N ASP A 3666 -4.54 -14.99 3.29
CA ASP A 3666 -4.11 -13.87 4.10
C ASP A 3666 -4.97 -13.61 5.32
N GLN A 3667 -6.04 -14.38 5.51
CA GLN A 3667 -6.96 -14.19 6.63
C GLN A 3667 -6.95 -15.42 7.54
N ASP A 3668 -7.19 -15.19 8.82
CA ASP A 3668 -7.19 -16.25 9.81
C ASP A 3668 -8.59 -16.83 9.96
N ILE A 3669 -8.66 -18.16 10.06
CA ILE A 3669 -9.93 -18.88 10.11
C ILE A 3669 -9.90 -19.83 11.31
N ASP A 3670 -10.97 -19.83 12.09
CA ASP A 3670 -11.12 -20.78 13.19
C ASP A 3670 -11.41 -22.17 12.62
N LEU A 3671 -10.45 -23.08 12.75
CA LEU A 3671 -10.61 -24.43 12.21
C LEU A 3671 -11.42 -25.27 13.17
N SER A 3672 -12.63 -25.61 12.78
CA SER A 3672 -13.45 -26.51 13.59
C SER A 3672 -12.90 -27.93 13.53
N PRO A 3673 -12.90 -28.65 14.66
CA PRO A 3673 -12.33 -30.01 14.65
C PRO A 3673 -13.08 -30.99 13.76
N SER A 3674 -14.32 -30.71 13.41
CA SER A 3674 -15.12 -31.63 12.60
C SER A 3674 -14.85 -31.49 11.11
N PHE A 3675 -14.00 -30.54 10.70
CA PHE A 3675 -13.71 -30.35 9.29
C PHE A 3675 -12.93 -31.53 8.73
N VAL A 3676 -13.29 -31.94 7.51
CA VAL A 3676 -12.58 -32.98 6.80
C VAL A 3676 -12.74 -32.72 5.30
N ILE A 3677 -11.68 -32.99 4.55
CA ILE A 3677 -11.66 -32.75 3.11
C ILE A 3677 -11.21 -34.00 2.40
N PHE A 3678 -11.91 -34.36 1.33
CA PHE A 3678 -11.56 -35.48 0.47
C PHE A 3678 -11.30 -34.97 -0.94
N LEU A 3679 -10.17 -35.37 -1.52
CA LEU A 3679 -9.83 -35.01 -2.89
C LEU A 3679 -10.11 -36.21 -3.80
N SER A 3680 -10.69 -35.95 -4.96
CA SER A 3680 -11.11 -37.02 -5.85
C SER A 3680 -10.68 -36.69 -7.27
N THR A 3681 -10.49 -37.75 -8.07
CA THR A 3681 -10.18 -37.61 -9.48
C THR A 3681 -10.65 -38.87 -10.20
N ARG A 3682 -10.90 -38.73 -11.50
CA ARG A 3682 -11.36 -39.83 -12.33
C ARG A 3682 -10.29 -40.35 -13.28
N ASP A 3683 -9.07 -39.80 -13.22
CA ASP A 3683 -8.01 -40.20 -14.13
C ASP A 3683 -7.01 -41.08 -13.40
N PRO A 3684 -6.96 -42.39 -13.68
CA PRO A 3684 -5.94 -43.23 -13.02
C PRO A 3684 -4.54 -42.99 -13.53
N THR A 3685 -4.37 -42.31 -14.66
CA THR A 3685 -3.06 -42.13 -15.27
C THR A 3685 -2.49 -40.73 -15.04
N VAL A 3686 -3.12 -39.93 -14.18
CA VAL A 3686 -2.64 -38.57 -13.95
C VAL A 3686 -1.41 -38.60 -13.06
N GLU A 3687 -0.45 -37.74 -13.36
CA GLU A 3687 0.77 -37.60 -12.57
C GLU A 3687 0.62 -36.45 -11.58
N PHE A 3688 1.19 -36.64 -10.39
CA PHE A 3688 1.10 -35.63 -9.35
C PHE A 3688 2.50 -35.17 -8.93
N PRO A 3689 2.67 -33.89 -8.61
CA PRO A 3689 3.96 -33.43 -8.12
C PRO A 3689 4.29 -34.08 -6.79
N PRO A 3690 5.58 -34.23 -6.48
CA PRO A 3690 5.96 -34.95 -5.25
C PRO A 3690 5.41 -34.33 -3.97
N ASP A 3691 5.29 -33.00 -3.91
CA ASP A 3691 4.75 -32.37 -2.71
C ASP A 3691 3.29 -32.76 -2.49
N LEU A 3692 2.49 -32.79 -3.57
CA LEU A 3692 1.11 -33.23 -3.45
C LEU A 3692 1.04 -34.69 -3.02
N CYS A 3693 1.93 -35.52 -3.57
CA CYS A 3693 1.98 -36.93 -3.15
C CYS A 3693 2.30 -37.04 -1.67
N SER A 3694 3.18 -36.17 -1.16
CA SER A 3694 3.50 -36.19 0.26
C SER A 3694 2.35 -35.70 1.11
N ARG A 3695 1.56 -34.75 0.62
CA ARG A 3695 0.54 -34.10 1.44
C ARG A 3695 -0.76 -34.89 1.56
N VAL A 3696 -0.96 -35.93 0.74
CA VAL A 3696 -2.23 -36.64 0.73
C VAL A 3696 -1.99 -38.14 0.90
N THR A 3697 -3.05 -38.83 1.28
CA THR A 3697 -3.05 -40.29 1.39
C THR A 3697 -3.78 -40.84 0.17
N PHE A 3698 -3.01 -41.45 -0.74
CA PHE A 3698 -3.59 -41.96 -1.98
C PHE A 3698 -4.46 -43.18 -1.71
N VAL A 3699 -5.68 -43.15 -2.23
CA VAL A 3699 -6.61 -44.27 -2.15
C VAL A 3699 -7.05 -44.59 -3.57
N ASN A 3700 -6.55 -45.70 -4.10
CA ASN A 3700 -6.80 -46.08 -5.49
C ASN A 3700 -7.91 -47.12 -5.54
N PHE A 3701 -8.99 -46.80 -6.26
CA PHE A 3701 -10.12 -47.71 -6.45
C PHE A 3701 -9.94 -48.37 -7.82
N THR A 3702 -9.19 -49.47 -7.85
CA THR A 3702 -8.95 -50.21 -9.07
C THR A 3702 -9.88 -51.42 -9.14
N VAL A 3703 -10.23 -51.80 -10.37
CA VAL A 3703 -11.08 -52.96 -10.61
C VAL A 3703 -10.21 -54.21 -10.53
N THR A 3704 -10.72 -55.23 -9.85
CA THR A 3704 -10.00 -56.49 -9.68
C THR A 3704 -10.72 -57.62 -10.41
N ARG A 3705 -9.99 -58.72 -10.62
CA ARG A 3705 -10.55 -59.85 -11.35
C ARG A 3705 -11.72 -60.47 -10.59
N SER A 3706 -11.57 -60.62 -9.27
CA SER A 3706 -12.65 -61.22 -8.48
C SER A 3706 -13.88 -60.34 -8.47
N SER A 3707 -13.70 -59.03 -8.30
CA SER A 3707 -14.84 -58.11 -8.28
C SER A 3707 -15.56 -58.10 -9.63
N LEU A 3708 -14.79 -58.07 -10.71
CA LEU A 3708 -15.41 -58.09 -12.04
C LEU A 3708 -16.13 -59.41 -12.30
N GLN A 3709 -15.55 -60.52 -11.87
CA GLN A 3709 -16.22 -61.81 -12.02
C GLN A 3709 -17.53 -61.84 -11.25
N SER A 3710 -17.53 -61.32 -10.02
CA SER A 3710 -18.75 -61.27 -9.23
C SER A 3710 -19.80 -60.38 -9.89
N GLN A 3711 -19.38 -59.22 -10.40
CA GLN A 3711 -20.32 -58.32 -11.07
C GLN A 3711 -20.93 -58.97 -12.30
N CYS A 3712 -20.10 -59.62 -13.13
CA CYS A 3712 -20.62 -60.25 -14.34
C CYS A 3712 -21.53 -61.43 -14.00
N LEU A 3713 -21.18 -62.20 -12.97
CA LEU A 3713 -22.05 -63.30 -12.56
C LEU A 3713 -23.39 -62.78 -12.07
N ASN A 3714 -23.39 -61.72 -11.27
CA ASN A 3714 -24.66 -61.14 -10.82
C ASN A 3714 -25.47 -60.62 -12.00
N GLU A 3715 -24.80 -59.97 -12.96
CA GLU A 3715 -25.51 -59.45 -14.12
C GLU A 3715 -26.15 -60.56 -14.94
N VAL A 3716 -25.41 -61.65 -15.17
CA VAL A 3716 -25.98 -62.73 -15.97
C VAL A 3716 -27.08 -63.45 -15.21
N LEU A 3717 -26.96 -63.59 -13.89
CA LEU A 3717 -28.05 -64.18 -13.11
C LEU A 3717 -29.29 -63.31 -13.19
N LYS A 3718 -29.14 -61.99 -13.09
CA LYS A 3718 -30.29 -61.11 -13.20
C LYS A 3718 -30.91 -61.18 -14.59
N ALA A 3719 -30.08 -61.27 -15.63
CA ALA A 3719 -30.60 -61.27 -16.99
C ALA A 3719 -31.32 -62.58 -17.32
N GLU A 3720 -30.76 -63.71 -16.92
CA GLU A 3720 -31.29 -65.00 -17.34
C GLU A 3720 -32.20 -65.65 -16.30
N ARG A 3721 -31.90 -65.47 -15.02
CA ARG A 3721 -32.70 -66.06 -13.93
C ARG A 3721 -33.09 -64.96 -12.96
N PRO A 3722 -34.01 -64.07 -13.35
CA PRO A 3722 -34.37 -62.95 -12.48
C PRO A 3722 -34.92 -63.38 -11.13
N ASP A 3723 -35.68 -64.48 -11.08
CA ASP A 3723 -36.17 -64.98 -9.80
C ASP A 3723 -35.03 -65.40 -8.89
N VAL A 3724 -34.01 -66.07 -9.44
CA VAL A 3724 -32.87 -66.49 -8.65
C VAL A 3724 -32.11 -65.27 -8.14
N ASP A 3725 -31.96 -64.24 -8.97
CA ASP A 3725 -31.27 -63.03 -8.55
C ASP A 3725 -32.02 -62.32 -7.43
N GLU A 3726 -33.34 -62.21 -7.56
CA GLU A 3726 -34.16 -61.60 -6.51
C GLU A 3726 -34.05 -62.40 -5.22
N LYS A 3727 -34.10 -63.73 -5.32
CA LYS A 3727 -33.96 -64.58 -4.14
C LYS A 3727 -32.59 -64.38 -3.49
N ARG A 3728 -31.54 -64.30 -4.29
CA ARG A 3728 -30.19 -64.11 -3.75
C ARG A 3728 -30.08 -62.78 -3.02
N SER A 3729 -30.63 -61.71 -3.62
CA SER A 3729 -30.60 -60.41 -2.95
C SER A 3729 -31.37 -60.45 -1.63
N ASP A 3730 -32.55 -61.09 -1.64
CA ASP A 3730 -33.33 -61.20 -0.41
C ASP A 3730 -32.57 -61.96 0.66
N LEU A 3731 -31.94 -63.07 0.29
CA LEU A 3731 -31.17 -63.85 1.25
C LEU A 3731 -29.97 -63.08 1.79
N LEU A 3732 -29.27 -62.33 0.93
CA LEU A 3732 -28.16 -61.52 1.43
C LEU A 3732 -28.65 -60.49 2.46
N LYS A 3733 -29.78 -59.84 2.16
CA LYS A 3733 -30.34 -58.89 3.12
C LYS A 3733 -30.70 -59.58 4.43
N LEU A 3734 -31.35 -60.75 4.35
CA LEU A 3734 -31.74 -61.46 5.55
C LEU A 3734 -30.54 -61.92 6.37
N GLN A 3735 -29.48 -62.41 5.70
CA GLN A 3735 -28.29 -62.81 6.43
C GLN A 3735 -27.64 -61.62 7.11
N GLY A 3736 -27.59 -60.47 6.43
CA GLY A 3736 -27.06 -59.28 7.09
C GLY A 3736 -27.84 -58.91 8.32
N GLU A 3737 -29.18 -58.90 8.20
CA GLU A 3737 -30.02 -58.56 9.36
C GLU A 3737 -29.85 -59.58 10.47
N PHE A 3738 -29.76 -60.87 10.12
CA PHE A 3738 -29.65 -61.91 11.14
C PHE A 3738 -28.32 -61.83 11.88
N GLN A 3739 -27.23 -61.58 11.15
CA GLN A 3739 -25.94 -61.42 11.81
C GLN A 3739 -25.91 -60.17 12.69
N LEU A 3740 -26.54 -59.09 12.22
CA LEU A 3740 -26.68 -57.90 13.07
C LEU A 3740 -27.43 -58.24 14.35
N ARG A 3741 -28.53 -59.00 14.23
CA ARG A 3741 -29.31 -59.36 15.40
C ARG A 3741 -28.51 -60.24 16.35
N LEU A 3742 -27.77 -61.21 15.82
CA LEU A 3742 -26.96 -62.08 16.67
C LEU A 3742 -25.88 -61.29 17.41
N ARG A 3743 -25.21 -60.37 16.72
CA ARG A 3743 -24.20 -59.55 17.37
C ARG A 3743 -24.82 -58.68 18.45
N GLN A 3744 -25.98 -58.09 18.17
CA GLN A 3744 -26.65 -57.26 19.16
C GLN A 3744 -27.08 -58.08 20.37
N LEU A 3745 -27.59 -59.29 20.13
CA LEU A 3745 -28.01 -60.14 21.24
C LEU A 3745 -26.83 -60.56 22.10
N GLU A 3746 -25.71 -60.93 21.49
CA GLU A 3746 -24.52 -61.30 22.25
C GLU A 3746 -24.03 -60.12 23.08
N LYS A 3747 -23.97 -58.93 22.47
CA LYS A 3747 -23.52 -57.74 23.19
C LYS A 3747 -24.46 -57.41 24.33
N SER A 3748 -25.77 -57.53 24.11
CA SER A 3748 -26.74 -57.22 25.16
C SER A 3748 -26.65 -58.22 26.30
N LEU A 3749 -26.45 -59.50 25.99
CA LEU A 3749 -26.30 -60.51 27.05
C LEU A 3749 -25.06 -60.22 27.88
N LEU A 3750 -23.94 -59.91 27.23
CA LEU A 3750 -22.73 -59.57 27.98
C LEU A 3750 -22.93 -58.32 28.82
N GLN A 3751 -23.61 -57.31 28.26
CA GLN A 3751 -23.87 -56.08 28.99
C GLN A 3751 -24.73 -56.35 30.22
N ALA A 3752 -25.79 -57.16 30.06
CA ALA A 3752 -26.67 -57.48 31.18
C ALA A 3752 -25.92 -58.24 32.27
N LEU A 3753 -25.08 -59.20 31.89
CA LEU A 3753 -24.29 -59.90 32.90
C LEU A 3753 -23.28 -58.99 33.56
N ASN A 3754 -22.79 -57.97 32.86
CA ASN A 3754 -21.86 -57.01 33.45
C ASN A 3754 -22.53 -56.00 34.35
N GLU A 3755 -23.81 -55.70 34.14
CA GLU A 3755 -24.47 -54.56 34.77
C GLU A 3755 -25.22 -54.93 36.04
N VAL A 3756 -25.17 -56.19 36.48
CA VAL A 3756 -25.94 -56.60 37.64
C VAL A 3756 -25.36 -55.97 38.89
N LYS A 3757 -26.20 -55.23 39.62
CA LYS A 3757 -25.80 -54.63 40.90
C LYS A 3757 -26.04 -55.63 42.04
N GLY A 3758 -25.20 -56.65 42.07
CA GLY A 3758 -25.37 -57.73 43.02
C GLY A 3758 -25.19 -59.10 42.42
N ARG A 3759 -26.25 -59.91 42.45
CA ARG A 3759 -26.17 -61.31 42.06
C ARG A 3759 -27.43 -61.69 41.33
N ILE A 3760 -27.31 -62.68 40.43
CA ILE A 3760 -28.27 -62.83 39.34
C ILE A 3760 -29.67 -63.10 39.86
N LEU A 3761 -29.82 -64.08 40.75
CA LEU A 3761 -31.15 -64.49 41.16
C LEU A 3761 -31.81 -63.52 42.13
N ASP A 3762 -31.12 -62.47 42.55
CA ASP A 3762 -31.72 -61.48 43.45
C ASP A 3762 -32.89 -60.76 42.78
N ASP A 3763 -32.76 -60.44 41.50
CA ASP A 3763 -33.79 -59.73 40.75
C ASP A 3763 -34.24 -60.59 39.58
N ASP A 3764 -35.55 -60.82 39.47
CA ASP A 3764 -36.08 -61.72 38.46
C ASP A 3764 -36.03 -61.11 37.06
N THR A 3765 -36.01 -59.78 36.97
CA THR A 3765 -35.95 -59.13 35.66
C THR A 3765 -34.70 -59.52 34.89
N ILE A 3766 -33.59 -59.76 35.60
CA ILE A 3766 -32.37 -60.22 34.95
C ILE A 3766 -32.60 -61.57 34.29
N ILE A 3767 -33.27 -62.49 35.01
CA ILE A 3767 -33.56 -63.80 34.44
C ILE A 3767 -34.48 -63.66 33.23
N THR A 3768 -35.49 -62.78 33.32
CA THR A 3768 -36.38 -62.55 32.19
C THR A 3768 -35.59 -62.09 30.97
N THR A 3769 -34.70 -61.11 31.16
CA THR A 3769 -33.93 -60.57 30.04
C THR A 3769 -33.02 -61.64 29.44
N LEU A 3770 -32.34 -62.42 30.28
CA LEU A 3770 -31.46 -63.46 29.75
C LEU A 3770 -32.24 -64.52 28.98
N GLU A 3771 -33.39 -64.95 29.51
CA GLU A 3771 -34.21 -65.93 28.80
C GLU A 3771 -34.68 -65.37 27.45
N ASN A 3772 -35.12 -64.11 27.43
CA ASN A 3772 -35.57 -63.51 26.19
C ASN A 3772 -34.45 -63.45 25.16
N LEU A 3773 -33.26 -63.00 25.60
CA LEU A 3773 -32.13 -62.90 24.67
C LEU A 3773 -31.74 -64.26 24.13
N LYS A 3774 -31.69 -65.29 25.00
CA LYS A 3774 -31.32 -66.62 24.54
C LYS A 3774 -32.34 -67.17 23.56
N ARG A 3775 -33.64 -67.00 23.85
CA ARG A 3775 -34.64 -67.53 22.93
C ARG A 3775 -34.58 -66.80 21.59
N GLU A 3776 -34.39 -65.47 21.62
CA GLU A 3776 -34.26 -64.71 20.37
C GLU A 3776 -33.07 -65.20 19.56
N ALA A 3777 -31.93 -65.42 20.23
CA ALA A 3777 -30.79 -66.02 19.55
C ALA A 3777 -31.18 -67.37 18.94
N ALA A 3778 -32.05 -68.11 19.62
CA ALA A 3778 -32.46 -69.41 19.09
C ALA A 3778 -33.21 -69.28 17.76
N GLU A 3779 -34.25 -68.42 17.70
CA GLU A 3779 -34.97 -68.40 16.42
C GLU A 3779 -34.14 -67.72 15.34
N VAL A 3780 -33.32 -66.73 15.72
CA VAL A 3780 -32.45 -66.10 14.73
C VAL A 3780 -31.48 -67.13 14.16
N THR A 3781 -30.90 -67.98 15.00
CA THR A 3781 -30.01 -69.02 14.51
C THR A 3781 -30.74 -69.98 13.58
N ARG A 3782 -31.96 -70.40 13.95
CA ARG A 3782 -32.71 -71.30 13.07
C ARG A 3782 -32.96 -70.66 11.72
N LYS A 3783 -33.32 -69.37 11.73
CA LYS A 3783 -33.43 -68.62 10.48
C LYS A 3783 -32.12 -68.63 9.73
N VAL A 3784 -30.99 -68.59 10.44
CA VAL A 3784 -29.69 -68.64 9.80
C VAL A 3784 -29.51 -69.95 9.05
N GLU A 3785 -29.85 -71.09 9.67
CA GLU A 3785 -29.66 -72.34 8.94
C GLU A 3785 -30.61 -72.44 7.74
N GLU A 3786 -31.85 -71.98 7.89
CA GLU A 3786 -32.76 -72.10 6.73
C GLU A 3786 -32.31 -71.20 5.58
N THR A 3787 -31.91 -69.96 5.90
CA THR A 3787 -31.37 -69.09 4.86
C THR A 3787 -30.08 -69.65 4.29
N ASP A 3788 -29.30 -70.36 5.11
CA ASP A 3788 -28.05 -70.95 4.65
C ASP A 3788 -28.32 -72.04 3.62
N ILE A 3789 -29.31 -72.91 3.87
CA ILE A 3789 -29.59 -73.97 2.91
C ILE A 3789 -30.18 -73.38 1.62
N VAL A 3790 -31.01 -72.33 1.74
CA VAL A 3790 -31.52 -71.72 0.51
C VAL A 3790 -30.38 -71.04 -0.25
N MET A 3791 -29.43 -70.44 0.46
CA MET A 3791 -28.25 -69.88 -0.21
C MET A 3791 -27.40 -70.97 -0.83
N GLN A 3792 -27.38 -72.16 -0.23
CA GLN A 3792 -26.65 -73.28 -0.81
C GLN A 3792 -27.26 -73.69 -2.15
N GLU A 3793 -28.59 -73.79 -2.21
CA GLU A 3793 -29.20 -74.13 -3.49
C GLU A 3793 -29.03 -73.00 -4.50
N VAL A 3794 -29.05 -71.75 -4.04
CA VAL A 3794 -28.78 -70.62 -4.94
C VAL A 3794 -27.37 -70.70 -5.50
N GLU A 3795 -26.39 -71.04 -4.66
CA GLU A 3795 -25.03 -71.21 -5.13
C GLU A 3795 -24.94 -72.34 -6.15
N THR A 3796 -25.62 -73.45 -5.89
CA THR A 3796 -25.60 -74.57 -6.84
C THR A 3796 -26.19 -74.21 -8.18
N VAL A 3797 -27.32 -73.48 -8.22
CA VAL A 3797 -27.90 -73.14 -9.51
C VAL A 3797 -27.06 -72.11 -10.26
N SER A 3798 -26.25 -71.32 -9.56
CA SER A 3798 -25.44 -70.30 -10.19
C SER A 3798 -24.07 -70.79 -10.63
N GLN A 3799 -23.71 -72.04 -10.35
CA GLN A 3799 -22.41 -72.55 -10.75
C GLN A 3799 -22.28 -72.69 -12.27
N GLN A 3800 -23.40 -72.72 -12.99
CA GLN A 3800 -23.35 -72.93 -14.44
C GLN A 3800 -22.81 -71.71 -15.16
N TYR A 3801 -22.98 -70.52 -14.59
CA TYR A 3801 -22.58 -69.27 -15.23
C TYR A 3801 -21.20 -68.79 -14.83
N LEU A 3802 -20.49 -69.54 -13.98
CA LEU A 3802 -19.15 -69.12 -13.56
C LEU A 3802 -18.16 -69.01 -14.71
N PRO A 3803 -18.07 -69.96 -15.65
CA PRO A 3803 -17.14 -69.80 -16.77
C PRO A 3803 -17.40 -68.55 -17.59
N LEU A 3804 -18.66 -68.14 -17.73
CA LEU A 3804 -18.94 -66.89 -18.44
C LEU A 3804 -18.35 -65.69 -17.71
N SER A 3805 -18.47 -65.64 -16.39
CA SER A 3805 -17.87 -64.55 -15.63
C SER A 3805 -16.36 -64.56 -15.74
N THR A 3806 -15.75 -65.75 -15.70
CA THR A 3806 -14.30 -65.85 -15.86
C THR A 3806 -13.86 -65.35 -17.23
N ALA A 3807 -14.60 -65.74 -18.27
CA ALA A 3807 -14.30 -65.26 -19.62
C ALA A 3807 -14.47 -63.75 -19.72
N CYS A 3808 -15.49 -63.20 -19.04
CA CYS A 3808 -15.68 -61.76 -19.04
C CYS A 3808 -14.50 -61.04 -18.41
N SER A 3809 -14.03 -61.55 -17.27
CA SER A 3809 -12.87 -60.94 -16.62
C SER A 3809 -11.64 -61.01 -17.51
N SER A 3810 -11.41 -62.17 -18.13
CA SER A 3810 -10.26 -62.31 -19.02
C SER A 3810 -10.36 -61.36 -20.20
N ILE A 3811 -11.55 -61.24 -20.79
CA ILE A 3811 -11.74 -60.37 -21.95
C ILE A 3811 -11.48 -58.93 -21.56
N TYR A 3812 -12.03 -58.48 -20.44
CA TYR A 3812 -11.83 -57.10 -20.04
C TYR A 3812 -10.38 -56.80 -19.72
N PHE A 3813 -9.70 -57.71 -19.02
CA PHE A 3813 -8.30 -57.47 -18.70
C PHE A 3813 -7.39 -57.60 -19.91
N THR A 3814 -7.84 -58.29 -20.97
CA THR A 3814 -7.15 -58.17 -22.25
C THR A 3814 -7.41 -56.81 -22.88
N MET A 3815 -8.64 -56.31 -22.76
CA MET A 3815 -8.96 -54.97 -23.25
C MET A 3815 -8.13 -53.91 -22.55
N GLU A 3816 -7.99 -54.00 -21.23
CA GLU A 3816 -7.25 -52.99 -20.48
C GLU A 3816 -5.77 -53.01 -20.83
N SER A 3817 -5.21 -54.18 -21.14
CA SER A 3817 -3.80 -54.30 -21.47
C SER A 3817 -3.51 -53.99 -22.93
N LEU A 3818 -4.52 -53.66 -23.73
CA LEU A 3818 -4.30 -53.30 -25.13
C LEU A 3818 -3.60 -51.96 -25.28
N LYS A 3819 -3.55 -51.15 -24.22
CA LYS A 3819 -2.85 -49.87 -24.29
C LYS A 3819 -1.34 -50.02 -24.34
N GLN A 3820 -0.81 -51.22 -24.10
CA GLN A 3820 0.63 -51.42 -24.13
C GLN A 3820 1.17 -51.42 -25.56
N ILE A 3821 0.34 -51.74 -26.55
CA ILE A 3821 0.80 -51.82 -27.94
C ILE A 3821 0.48 -50.56 -28.73
N HIS A 3822 -0.42 -49.70 -28.24
CA HIS A 3822 -0.74 -48.46 -28.93
C HIS A 3822 -1.42 -47.53 -27.94
N PHE A 3823 -1.04 -46.26 -27.97
CA PHE A 3823 -1.59 -45.29 -27.03
C PHE A 3823 -3.07 -45.04 -27.25
N LEU A 3824 -3.58 -45.26 -28.47
CA LEU A 3824 -4.97 -45.00 -28.78
C LEU A 3824 -5.92 -46.03 -28.19
N TYR A 3825 -5.42 -47.19 -27.77
CA TYR A 3825 -6.28 -48.26 -27.28
C TYR A 3825 -6.58 -48.07 -25.78
N GLN A 3826 -7.32 -47.00 -25.51
CA GLN A 3826 -7.77 -46.68 -24.16
C GLN A 3826 -9.23 -47.07 -24.03
N TYR A 3827 -9.50 -48.10 -23.24
CA TYR A 3827 -10.85 -48.61 -23.04
C TYR A 3827 -11.18 -48.62 -21.56
N SER A 3828 -12.33 -48.06 -21.20
CA SER A 3828 -12.75 -48.00 -19.81
C SER A 3828 -13.64 -49.20 -19.48
N LEU A 3829 -13.94 -49.34 -18.19
CA LEU A 3829 -14.80 -50.43 -17.73
C LEU A 3829 -16.22 -50.26 -18.27
N GLN A 3830 -16.68 -49.02 -18.44
CA GLN A 3830 -18.02 -48.79 -18.96
C GLN A 3830 -18.18 -49.32 -20.37
N PHE A 3831 -17.11 -49.32 -21.17
CA PHE A 3831 -17.17 -49.87 -22.52
C PHE A 3831 -17.46 -51.37 -22.48
N PHE A 3832 -16.74 -52.10 -21.63
CA PHE A 3832 -16.98 -53.54 -21.52
C PHE A 3832 -18.34 -53.83 -20.90
N LEU A 3833 -18.77 -52.99 -19.96
CA LEU A 3833 -20.10 -53.16 -19.39
C LEU A 3833 -21.18 -52.94 -20.44
N ASP A 3834 -20.99 -51.96 -21.33
CA ASP A 3834 -21.91 -51.76 -22.44
C ASP A 3834 -21.93 -52.95 -23.39
N ILE A 3835 -20.75 -53.51 -23.66
CA ILE A 3835 -20.67 -54.70 -24.51
C ILE A 3835 -21.45 -55.85 -23.87
N TYR A 3836 -21.26 -56.05 -22.57
CA TYR A 3836 -21.96 -57.12 -21.87
C TYR A 3836 -23.47 -56.89 -21.86
N HIS A 3837 -23.90 -55.66 -21.63
CA HIS A 3837 -25.33 -55.36 -21.66
C HIS A 3837 -25.91 -55.61 -23.05
N ASN A 3838 -25.17 -55.23 -24.10
CA ASN A 3838 -25.64 -55.46 -25.46
C ASN A 3838 -25.76 -56.94 -25.77
N VAL A 3839 -24.77 -57.74 -25.35
CA VAL A 3839 -24.83 -59.17 -25.65
C VAL A 3839 -25.87 -59.88 -24.78
N LEU A 3840 -26.22 -59.32 -23.63
CA LEU A 3840 -27.22 -59.95 -22.78
C LEU A 3840 -28.64 -59.59 -23.21
N TYR A 3841 -28.96 -58.30 -23.24
CA TYR A 3841 -30.33 -57.84 -23.45
C TYR A 3841 -30.65 -57.54 -24.91
N GLU A 3842 -29.70 -56.99 -25.67
CA GLU A 3842 -29.92 -56.63 -27.06
C GLU A 3842 -29.36 -57.66 -28.03
N ASN A 3843 -29.41 -58.94 -27.67
CA ASN A 3843 -28.88 -60.00 -28.51
C ASN A 3843 -29.97 -60.50 -29.46
N PRO A 3844 -29.79 -60.37 -30.77
CA PRO A 3844 -30.82 -60.87 -31.69
C PRO A 3844 -30.90 -62.39 -31.76
N ASN A 3845 -29.89 -63.11 -31.30
CA ASN A 3845 -29.89 -64.56 -31.37
C ASN A 3845 -30.61 -65.22 -30.18
N LEU A 3846 -31.10 -64.43 -29.23
CA LEU A 3846 -31.85 -64.94 -28.09
C LEU A 3846 -33.34 -64.68 -28.22
N LYS A 3847 -33.83 -64.45 -29.45
CA LYS A 3847 -35.23 -64.11 -29.64
C LYS A 3847 -36.14 -65.31 -29.33
N GLY A 3848 -35.81 -66.48 -29.86
CA GLY A 3848 -36.67 -67.63 -29.73
C GLY A 3848 -36.08 -68.79 -28.94
N VAL A 3849 -34.88 -68.61 -28.41
CA VAL A 3849 -34.20 -69.66 -27.66
C VAL A 3849 -34.64 -69.59 -26.21
N THR A 3850 -35.06 -70.74 -25.66
CA THR A 3850 -35.52 -70.83 -24.29
C THR A 3850 -34.68 -71.73 -23.40
N ASP A 3851 -33.92 -72.67 -23.99
CA ASP A 3851 -33.09 -73.57 -23.18
C ASP A 3851 -31.94 -72.80 -22.55
N HIS A 3852 -31.73 -73.01 -21.25
CA HIS A 3852 -30.73 -72.24 -20.52
C HIS A 3852 -29.32 -72.52 -21.03
N THR A 3853 -28.99 -73.79 -21.29
CA THR A 3853 -27.66 -74.11 -21.79
C THR A 3853 -27.42 -73.52 -23.17
N GLN A 3854 -28.41 -73.62 -24.05
CA GLN A 3854 -28.29 -73.02 -25.37
C GLN A 3854 -28.14 -71.51 -25.28
N ARG A 3855 -28.93 -70.88 -24.41
CA ARG A 3855 -28.82 -69.44 -24.23
C ARG A 3855 -27.44 -69.04 -23.72
N LEU A 3856 -26.90 -69.82 -22.77
CA LEU A 3856 -25.56 -69.52 -22.24
C LEU A 3856 -24.49 -69.67 -23.32
N SER A 3857 -24.58 -70.73 -24.13
CA SER A 3857 -23.60 -70.91 -25.21
C SER A 3857 -23.69 -69.77 -26.21
N ILE A 3858 -24.91 -69.39 -26.60
CA ILE A 3858 -25.10 -68.27 -27.52
C ILE A 3858 -24.54 -66.99 -26.92
N ILE A 3859 -24.78 -66.78 -25.62
CA ILE A 3859 -24.28 -65.58 -24.95
C ILE A 3859 -22.76 -65.54 -24.97
N THR A 3860 -22.11 -66.67 -24.71
CA THR A 3860 -20.65 -66.69 -24.73
C THR A 3860 -20.11 -66.39 -26.13
N LYS A 3861 -20.66 -67.07 -27.14
CA LYS A 3861 -20.18 -66.87 -28.51
C LYS A 3861 -20.38 -65.44 -28.96
N ASP A 3862 -21.57 -64.88 -28.73
CA ASP A 3862 -21.84 -63.52 -29.12
C ASP A 3862 -21.10 -62.51 -28.26
N LEU A 3863 -20.75 -62.87 -27.02
CA LEU A 3863 -19.89 -62.02 -26.21
C LEU A 3863 -18.53 -61.86 -26.85
N PHE A 3864 -17.91 -62.98 -27.24
CA PHE A 3864 -16.62 -62.90 -27.92
C PHE A 3864 -16.75 -62.11 -29.22
N GLN A 3865 -17.80 -62.40 -30.00
CA GLN A 3865 -17.97 -61.74 -31.29
C GLN A 3865 -18.16 -60.23 -31.13
N VAL A 3866 -19.02 -59.82 -30.20
CA VAL A 3866 -19.30 -58.40 -30.01
C VAL A 3866 -18.10 -57.69 -29.42
N ALA A 3867 -17.37 -58.35 -28.51
CA ALA A 3867 -16.17 -57.73 -27.97
C ALA A 3867 -15.16 -57.46 -29.08
N PHE A 3868 -14.92 -58.44 -29.95
CA PHE A 3868 -14.02 -58.20 -31.06
C PHE A 3868 -14.55 -57.12 -32.00
N ASN A 3869 -15.85 -57.14 -32.28
CA ASN A 3869 -16.42 -56.19 -33.24
C ASN A 3869 -16.29 -54.77 -32.74
N ARG A 3870 -16.60 -54.53 -31.47
CA ARG A 3870 -16.55 -53.18 -30.93
C ARG A 3870 -15.12 -52.72 -30.68
N VAL A 3871 -14.26 -53.60 -30.16
CA VAL A 3871 -12.90 -53.18 -29.84
C VAL A 3871 -12.12 -52.90 -31.13
N ALA A 3872 -12.20 -53.79 -32.11
CA ALA A 3872 -11.36 -53.66 -33.29
C ALA A 3872 -11.83 -52.55 -34.23
N ARG A 3873 -13.04 -52.01 -34.01
CA ARG A 3873 -13.50 -50.90 -34.85
C ARG A 3873 -12.62 -49.67 -34.65
N GLY A 3874 -12.27 -49.36 -33.41
CA GLY A 3874 -11.37 -48.26 -33.12
C GLY A 3874 -9.95 -48.75 -32.89
N MET A 3875 -9.52 -49.70 -33.72
CA MET A 3875 -8.24 -50.36 -33.55
C MET A 3875 -7.64 -50.61 -34.92
N LEU A 3876 -6.33 -50.39 -35.04
CA LEU A 3876 -5.67 -50.49 -36.33
C LEU A 3876 -5.77 -51.91 -36.87
N HIS A 3877 -5.88 -52.01 -38.21
CA HIS A 3877 -6.09 -53.31 -38.83
C HIS A 3877 -4.91 -54.25 -38.60
N GLN A 3878 -3.71 -53.71 -38.39
CA GLN A 3878 -2.55 -54.55 -38.13
C GLN A 3878 -2.58 -55.17 -36.73
N ASP A 3879 -3.51 -54.74 -35.88
CA ASP A 3879 -3.65 -55.29 -34.53
C ASP A 3879 -4.92 -56.11 -34.37
N HIS A 3880 -5.77 -56.16 -35.39
CA HIS A 3880 -6.96 -57.00 -35.33
C HIS A 3880 -6.58 -58.47 -35.16
N ILE A 3881 -5.56 -58.92 -35.87
CA ILE A 3881 -5.13 -60.31 -35.73
C ILE A 3881 -4.60 -60.58 -34.33
N THR A 3882 -3.89 -59.62 -33.73
CA THR A 3882 -3.40 -59.81 -32.38
C THR A 3882 -4.55 -59.91 -31.38
N PHE A 3883 -5.53 -59.03 -31.50
CA PHE A 3883 -6.67 -59.09 -30.58
C PHE A 3883 -7.46 -60.38 -30.78
N ALA A 3884 -7.64 -60.81 -32.03
CA ALA A 3884 -8.36 -62.05 -32.28
C ALA A 3884 -7.59 -63.25 -31.75
N MET A 3885 -6.26 -63.22 -31.84
CA MET A 3885 -5.45 -64.29 -31.28
C MET A 3885 -5.60 -64.34 -29.76
N LEU A 3886 -5.61 -63.18 -29.11
CA LEU A 3886 -5.81 -63.15 -27.66
C LEU A 3886 -7.19 -63.69 -27.29
N LEU A 3887 -8.22 -63.32 -28.05
CA LEU A 3887 -9.57 -63.84 -27.79
C LEU A 3887 -9.63 -65.35 -27.99
N ALA A 3888 -8.95 -65.85 -29.03
CA ALA A 3888 -8.88 -67.29 -29.25
C ALA A 3888 -8.19 -67.99 -28.09
N ARG A 3889 -7.11 -67.39 -27.58
CA ARG A 3889 -6.46 -67.95 -26.39
C ARG A 3889 -7.41 -68.00 -25.21
N ILE A 3890 -8.17 -66.93 -24.99
CA ILE A 3890 -9.10 -66.89 -23.87
C ILE A 3890 -10.17 -67.97 -24.01
N LYS A 3891 -10.71 -68.13 -25.23
CA LYS A 3891 -11.72 -69.17 -25.44
C LYS A 3891 -11.12 -70.56 -25.26
N LEU A 3892 -9.90 -70.77 -25.73
CA LEU A 3892 -9.26 -72.07 -25.58
C LEU A 3892 -9.03 -72.42 -24.12
N LYS A 3893 -8.63 -71.44 -23.31
CA LYS A 3893 -8.42 -71.69 -21.89
C LYS A 3893 -9.71 -72.09 -21.19
N GLY A 3894 -10.86 -71.58 -21.64
CA GLY A 3894 -12.13 -71.88 -21.04
C GLY A 3894 -12.82 -73.13 -21.56
N THR A 3895 -12.16 -73.91 -22.41
CA THR A 3895 -12.73 -75.14 -22.95
C THR A 3895 -12.20 -76.33 -22.16
N VAL A 3896 -13.13 -77.12 -21.60
CA VAL A 3896 -12.74 -78.24 -20.76
C VAL A 3896 -12.10 -79.35 -21.59
N GLY A 3897 -12.63 -79.60 -22.77
CA GLY A 3897 -12.20 -80.72 -23.58
C GLY A 3897 -10.89 -80.54 -24.33
N GLU A 3898 -10.27 -79.38 -24.24
CA GLU A 3898 -9.03 -79.15 -24.97
C GLU A 3898 -7.85 -79.04 -24.00
N PRO A 3899 -6.66 -79.47 -24.41
CA PRO A 3899 -5.48 -79.31 -23.56
C PRO A 3899 -5.10 -77.85 -23.40
N THR A 3900 -4.22 -77.60 -22.42
CA THR A 3900 -3.81 -76.22 -22.15
C THR A 3900 -2.84 -75.69 -23.19
N TYR A 3901 -2.08 -76.57 -23.84
CA TYR A 3901 -1.11 -76.17 -24.87
C TYR A 3901 -0.14 -75.11 -24.36
N ASP A 3902 0.30 -75.26 -23.11
CA ASP A 3902 1.15 -74.26 -22.49
C ASP A 3902 2.54 -74.23 -23.15
N ALA A 3903 3.13 -75.40 -23.37
CA ALA A 3903 4.49 -75.45 -23.93
C ALA A 3903 4.51 -74.95 -25.37
N GLU A 3904 3.50 -75.31 -26.16
CA GLU A 3904 3.46 -74.89 -27.55
C GLU A 3904 3.37 -73.37 -27.67
N PHE A 3905 2.49 -72.75 -26.88
CA PHE A 3905 2.37 -71.30 -26.94
C PHE A 3905 3.57 -70.61 -26.30
N GLN A 3906 4.19 -71.23 -25.30
CA GLN A 3906 5.42 -70.69 -24.73
C GLN A 3906 6.51 -70.63 -25.77
N HIS A 3907 6.68 -71.70 -26.56
CA HIS A 3907 7.67 -71.68 -27.63
C HIS A 3907 7.25 -70.74 -28.76
N PHE A 3908 5.95 -70.61 -29.00
CA PHE A 3908 5.46 -69.68 -30.01
C PHE A 3908 5.83 -68.24 -29.67
N LEU A 3909 5.67 -67.86 -28.40
CA LEU A 3909 5.88 -66.47 -28.01
C LEU A 3909 7.34 -66.17 -27.70
N ARG A 3910 8.04 -67.11 -27.04
CA ARG A 3910 9.40 -66.88 -26.58
C ARG A 3910 10.33 -68.01 -27.03
N GLY A 3911 10.28 -68.36 -28.31
CA GLY A 3911 11.13 -69.42 -28.81
C GLY A 3911 12.42 -68.95 -29.45
N ASN A 3912 12.48 -67.68 -29.85
CA ASN A 3912 13.66 -67.16 -30.55
C ASN A 3912 14.81 -66.84 -29.61
N GLU A 3913 14.59 -66.81 -28.30
CA GLU A 3913 15.64 -66.49 -27.35
C GLU A 3913 16.35 -67.72 -26.81
N ILE A 3914 16.08 -68.91 -27.36
CA ILE A 3914 16.81 -70.09 -26.96
C ILE A 3914 18.24 -70.00 -27.48
N VAL A 3915 19.21 -70.15 -26.59
CA VAL A 3915 20.62 -69.96 -26.94
C VAL A 3915 21.13 -71.21 -27.63
N LEU A 3916 21.72 -71.03 -28.80
CA LEU A 3916 22.28 -72.11 -29.59
C LEU A 3916 23.74 -71.86 -29.89
N SER A 3917 24.56 -72.91 -29.81
CA SER A 3917 25.96 -72.80 -30.13
C SER A 3917 26.16 -72.85 -31.65
N ALA A 3918 27.36 -72.44 -32.08
CA ALA A 3918 27.67 -72.44 -33.51
C ALA A 3918 27.66 -73.85 -34.07
N GLY A 3919 28.24 -74.81 -33.35
CA GLY A 3919 28.25 -76.18 -33.81
C GLY A 3919 26.99 -76.97 -33.53
N SER A 3920 26.09 -76.43 -32.70
CA SER A 3920 24.85 -77.14 -32.39
C SER A 3920 23.97 -77.27 -33.63
N THR A 3921 23.88 -76.22 -34.44
CA THR A 3921 22.99 -76.23 -35.59
C THR A 3921 23.62 -77.00 -36.74
N PRO A 3922 22.99 -78.07 -37.23
CA PRO A 3922 23.50 -78.76 -38.41
C PRO A 3922 23.10 -78.03 -39.69
N ARG A 3923 23.76 -78.41 -40.78
CA ARG A 3923 23.50 -77.84 -42.10
C ARG A 3923 22.52 -78.76 -42.82
N ILE A 3924 21.27 -78.35 -42.88
CA ILE A 3924 20.21 -79.14 -43.50
C ILE A 3924 20.04 -78.70 -44.94
N GLN A 3925 20.06 -79.67 -45.86
CA GLN A 3925 19.93 -79.36 -47.27
C GLN A 3925 18.54 -78.83 -47.57
N GLY A 3926 18.49 -77.81 -48.43
CA GLY A 3926 17.23 -77.18 -48.81
C GLY A 3926 16.72 -76.13 -47.86
N LEU A 3927 17.41 -75.89 -46.75
CA LEU A 3927 17.01 -74.91 -45.75
C LEU A 3927 18.11 -73.86 -45.59
N THR A 3928 17.69 -72.61 -45.46
CA THR A 3928 18.64 -71.53 -45.25
C THR A 3928 19.20 -71.58 -43.82
N VAL A 3929 20.12 -70.65 -43.54
CA VAL A 3929 20.75 -70.63 -42.22
C VAL A 3929 19.72 -70.33 -41.14
N GLU A 3930 18.94 -69.26 -41.33
CA GLU A 3930 17.92 -68.91 -40.36
C GLU A 3930 16.84 -69.98 -40.27
N GLN A 3931 16.48 -70.60 -41.40
CA GLN A 3931 15.54 -71.70 -41.37
C GLN A 3931 16.10 -72.88 -40.57
N ALA A 3932 17.39 -73.17 -40.74
CA ALA A 3932 18.01 -74.24 -39.96
C ALA A 3932 18.01 -73.92 -38.47
N GLU A 3933 18.29 -72.67 -38.11
CA GLU A 3933 18.26 -72.29 -36.70
C GLU A 3933 16.85 -72.41 -36.14
N ALA A 3934 15.84 -72.03 -36.92
CA ALA A 3934 14.45 -72.19 -36.48
C ALA A 3934 14.09 -73.65 -36.30
N VAL A 3935 14.56 -74.51 -37.21
CA VAL A 3935 14.33 -75.94 -37.07
C VAL A 3935 14.97 -76.48 -35.81
N VAL A 3936 16.20 -76.06 -35.53
CA VAL A 3936 16.89 -76.51 -34.31
C VAL A 3936 16.13 -76.04 -33.07
N ARG A 3937 15.68 -74.79 -33.07
CA ARG A 3937 14.92 -74.27 -31.93
C ARG A 3937 13.61 -75.01 -31.76
N LEU A 3938 12.91 -75.29 -32.86
CA LEU A 3938 11.65 -76.02 -32.78
C LEU A 3938 11.85 -77.47 -32.34
N SER A 3939 13.04 -78.04 -32.57
CA SER A 3939 13.31 -79.41 -32.17
C SER A 3939 13.34 -79.57 -30.65
N CYS A 3940 13.45 -78.48 -29.90
CA CYS A 3940 13.44 -78.58 -28.44
C CYS A 3940 12.09 -79.07 -27.92
N LEU A 3941 11.01 -78.68 -28.58
CA LEU A 3941 9.69 -79.16 -28.16
C LEU A 3941 9.60 -80.66 -28.38
N PRO A 3942 9.11 -81.42 -27.40
CA PRO A 3942 9.05 -82.89 -27.57
C PRO A 3942 8.22 -83.34 -28.76
N ALA A 3943 7.20 -82.58 -29.14
CA ALA A 3943 6.39 -82.95 -30.29
C ALA A 3943 7.15 -82.85 -31.60
N PHE A 3944 8.32 -82.22 -31.61
CA PHE A 3944 9.15 -82.08 -32.80
C PHE A 3944 10.56 -82.59 -32.53
N LYS A 3945 10.68 -83.66 -31.75
CA LYS A 3945 12.00 -84.20 -31.42
C LYS A 3945 12.69 -84.78 -32.64
N ASP A 3946 11.94 -85.45 -33.51
CA ASP A 3946 12.47 -86.03 -34.75
C ASP A 3946 12.20 -85.12 -35.94
N LEU A 3947 12.24 -83.82 -35.72
CA LEU A 3947 11.95 -82.86 -36.78
C LEU A 3947 12.94 -82.95 -37.92
N ILE A 3948 14.24 -83.09 -37.60
CA ILE A 3948 15.26 -83.18 -38.63
C ILE A 3948 15.07 -84.45 -39.46
N ALA A 3949 14.78 -85.57 -38.80
CA ALA A 3949 14.61 -86.83 -39.52
C ALA A 3949 13.46 -86.75 -40.52
N LYS A 3950 12.34 -86.15 -40.11
CA LYS A 3950 11.18 -86.08 -41.00
C LYS A 3950 11.38 -85.05 -42.10
N VAL A 3951 12.03 -83.92 -41.80
CA VAL A 3951 12.26 -82.94 -42.85
C VAL A 3951 13.24 -83.47 -43.88
N GLN A 3952 14.23 -84.26 -43.46
CA GLN A 3952 15.15 -84.85 -44.41
C GLN A 3952 14.53 -86.02 -45.17
N ALA A 3953 13.63 -86.77 -44.54
CA ALA A 3953 13.07 -87.95 -45.19
C ALA A 3953 11.99 -87.60 -46.21
N ASP A 3954 11.46 -86.38 -46.18
CA ASP A 3954 10.40 -85.98 -47.08
C ASP A 3954 11.02 -85.31 -48.31
N GLU A 3955 10.97 -86.00 -49.45
CA GLU A 3955 11.47 -85.44 -50.70
C GLU A 3955 10.52 -84.41 -51.29
N GLN A 3956 9.25 -84.41 -50.87
CA GLN A 3956 8.27 -83.46 -51.36
C GLN A 3956 8.18 -82.21 -50.49
N PHE A 3957 9.08 -82.06 -49.52
CA PHE A 3957 9.07 -80.86 -48.68
C PHE A 3957 9.44 -79.62 -49.48
N GLY A 3958 10.31 -79.76 -50.47
CA GLY A 3958 10.77 -78.60 -51.21
C GLY A 3958 9.66 -77.91 -51.98
N ILE A 3959 8.77 -78.69 -52.61
CA ILE A 3959 7.69 -78.09 -53.38
C ILE A 3959 6.71 -77.37 -52.46
N TRP A 3960 6.56 -77.82 -51.21
CA TRP A 3960 5.71 -77.12 -50.26
C TRP A 3960 6.37 -75.84 -49.76
N LEU A 3961 7.70 -75.87 -49.57
CA LEU A 3961 8.41 -74.70 -49.08
C LEU A 3961 8.34 -73.52 -50.04
N ASP A 3962 8.32 -73.78 -51.35
CA ASP A 3962 8.28 -72.73 -52.35
C ASP A 3962 6.87 -72.50 -52.89
N SER A 3963 5.86 -73.11 -52.29
CA SER A 3963 4.50 -72.94 -52.76
C SER A 3963 3.99 -71.54 -52.43
N SER A 3964 3.00 -71.10 -53.21
CA SER A 3964 2.43 -69.77 -53.01
C SER A 3964 1.75 -69.65 -51.65
N SER A 3965 1.02 -70.70 -51.24
CA SER A 3965 0.30 -70.71 -49.98
C SER A 3965 0.66 -71.97 -49.20
N PRO A 3966 1.87 -72.03 -48.63
CA PRO A 3966 2.25 -73.19 -47.83
C PRO A 3966 1.38 -73.37 -46.59
N GLU A 3967 0.76 -72.31 -46.10
CA GLU A 3967 -0.04 -72.39 -44.89
C GLU A 3967 -1.28 -73.25 -45.07
N GLN A 3968 -1.76 -73.40 -46.32
CA GLN A 3968 -2.98 -74.15 -46.56
C GLN A 3968 -2.73 -75.65 -46.63
N THR A 3969 -1.51 -76.07 -46.97
CA THR A 3969 -1.19 -77.48 -47.21
C THR A 3969 0.05 -77.89 -46.41
N VAL A 3970 0.10 -77.50 -45.15
CA VAL A 3970 1.23 -77.87 -44.29
C VAL A 3970 1.25 -79.38 -44.12
N PRO A 3971 2.36 -80.05 -44.39
CA PRO A 3971 2.39 -81.51 -44.25
C PRO A 3971 2.26 -81.96 -42.81
N TYR A 3972 1.66 -83.13 -42.63
CA TYR A 3972 1.55 -83.76 -41.32
C TYR A 3972 2.92 -84.27 -40.92
N LEU A 3973 3.64 -83.48 -40.12
CA LEU A 3973 5.06 -83.72 -39.89
C LEU A 3973 5.43 -83.82 -38.42
N TRP A 3974 4.47 -83.68 -37.50
CA TRP A 3974 4.74 -83.85 -36.08
C TRP A 3974 4.27 -85.24 -35.65
N SER A 3975 4.98 -85.81 -34.67
CA SER A 3975 4.71 -87.15 -34.16
C SER A 3975 4.12 -87.06 -32.77
N GLU A 3976 3.04 -87.80 -32.53
CA GLU A 3976 2.36 -87.79 -31.24
C GLU A 3976 1.82 -89.18 -30.96
N GLU A 3977 1.21 -89.33 -29.78
CA GLU A 3977 0.66 -90.62 -29.36
C GLU A 3977 -0.83 -90.74 -29.66
N THR A 3978 -1.58 -89.65 -29.50
CA THR A 3978 -3.02 -89.65 -29.72
C THR A 3978 -3.37 -88.62 -30.79
N PRO A 3979 -4.34 -88.91 -31.65
CA PRO A 3979 -4.69 -87.94 -32.71
C PRO A 3979 -5.16 -86.62 -32.12
N ALA A 3980 -4.41 -85.56 -32.43
CA ALA A 3980 -4.64 -84.27 -31.80
C ALA A 3980 -5.95 -83.65 -32.27
N THR A 3981 -6.49 -82.78 -31.42
CA THR A 3981 -7.70 -82.05 -31.75
C THR A 3981 -7.40 -81.05 -32.87
N PRO A 3982 -8.44 -80.61 -33.60
CA PRO A 3982 -8.20 -79.63 -34.67
C PRO A 3982 -7.53 -78.36 -34.18
N ILE A 3983 -7.80 -77.93 -32.94
CA ILE A 3983 -7.10 -76.78 -32.39
C ILE A 3983 -5.62 -77.09 -32.20
N GLY A 3984 -5.30 -78.28 -31.68
CA GLY A 3984 -3.91 -78.67 -31.54
C GLY A 3984 -3.21 -78.81 -32.90
N GLN A 3985 -3.93 -79.32 -33.89
CA GLN A 3985 -3.38 -79.38 -35.24
C GLN A 3985 -3.09 -77.99 -35.77
N ALA A 3986 -4.00 -77.05 -35.53
CA ALA A 3986 -3.76 -75.67 -35.95
C ALA A 3986 -2.55 -75.08 -35.26
N ILE A 3987 -2.38 -75.39 -33.97
CA ILE A 3987 -1.21 -74.90 -33.24
C ILE A 3987 0.07 -75.47 -33.83
N HIS A 3988 0.06 -76.76 -34.16
CA HIS A 3988 1.25 -77.39 -34.73
C HIS A 3988 1.57 -76.81 -36.10
N ARG A 3989 0.55 -76.58 -36.94
CA ARG A 3989 0.77 -75.90 -38.20
C ARG A 3989 1.33 -74.50 -38.00
N LEU A 3990 0.83 -73.79 -36.98
CA LEU A 3990 1.32 -72.45 -36.68
C LEU A 3990 2.79 -72.47 -36.34
N LEU A 3991 3.20 -73.42 -35.49
CA LEU A 3991 4.61 -73.55 -35.13
C LEU A 3991 5.46 -73.89 -36.35
N LEU A 3992 4.96 -74.80 -37.20
CA LEU A 3992 5.70 -75.18 -38.40
C LEU A 3992 5.87 -73.99 -39.34
N ILE A 3993 4.82 -73.18 -39.51
CA ILE A 3993 4.90 -72.01 -40.37
C ILE A 3993 5.88 -71.00 -39.79
N GLN A 3994 5.85 -70.80 -38.47
CA GLN A 3994 6.82 -69.89 -37.86
C GLN A 3994 8.25 -70.38 -38.11
N ALA A 3995 8.48 -71.68 -37.99
CA ALA A 3995 9.82 -72.22 -38.18
C ALA A 3995 10.28 -72.10 -39.63
N PHE A 3996 9.40 -72.38 -40.59
CA PHE A 3996 9.80 -72.50 -41.98
C PHE A 3996 9.48 -71.27 -42.82
N ARG A 3997 8.24 -70.78 -42.77
CA ARG A 3997 7.80 -69.69 -43.64
C ARG A 3997 7.22 -68.57 -42.78
N PRO A 3998 8.09 -67.76 -42.17
CA PRO A 3998 7.58 -66.65 -41.33
C PRO A 3998 6.77 -65.63 -42.11
N ASP A 3999 6.93 -65.54 -43.43
CA ASP A 3999 6.17 -64.59 -44.22
C ASP A 3999 4.70 -64.99 -44.37
N ARG A 4000 4.35 -66.23 -44.05
CA ARG A 4000 2.98 -66.70 -44.09
C ARG A 4000 2.38 -66.84 -42.70
N LEU A 4001 2.97 -66.20 -41.69
CA LEU A 4001 2.49 -66.35 -40.33
C LEU A 4001 1.13 -65.69 -40.12
N LEU A 4002 0.86 -64.59 -40.82
CA LEU A 4002 -0.42 -63.91 -40.65
C LEU A 4002 -1.58 -64.77 -41.13
N ALA A 4003 -1.43 -65.43 -42.28
CA ALA A 4003 -2.50 -66.28 -42.79
C ALA A 4003 -2.76 -67.46 -41.87
N MET A 4004 -1.70 -68.06 -41.33
CA MET A 4004 -1.89 -69.18 -40.42
C MET A 4004 -2.52 -68.73 -39.11
N ALA A 4005 -2.16 -67.54 -38.63
CA ALA A 4005 -2.84 -66.99 -37.46
C ALA A 4005 -4.32 -66.76 -37.75
N HIS A 4006 -4.63 -66.29 -38.96
CA HIS A 4006 -6.02 -66.11 -39.36
C HIS A 4006 -6.77 -67.44 -39.32
N MET A 4007 -6.17 -68.50 -39.87
CA MET A 4007 -6.83 -69.80 -39.86
C MET A 4007 -6.97 -70.35 -38.46
N PHE A 4008 -5.97 -70.12 -37.59
CA PHE A 4008 -6.06 -70.58 -36.21
C PHE A 4008 -7.19 -69.87 -35.47
N VAL A 4009 -7.32 -68.55 -35.69
CA VAL A 4009 -8.43 -67.81 -35.09
C VAL A 4009 -9.76 -68.32 -35.62
N SER A 4010 -9.83 -68.60 -36.92
CA SER A 4010 -11.08 -69.12 -37.49
C SER A 4010 -11.42 -70.48 -36.90
N THR A 4011 -10.41 -71.32 -36.70
CA THR A 4011 -10.65 -72.64 -36.09
C THR A 4011 -11.17 -72.49 -34.67
N ASN A 4012 -10.60 -71.57 -33.89
CA ASN A 4012 -11.02 -71.42 -32.50
C ASN A 4012 -12.41 -70.80 -32.40
N LEU A 4013 -12.69 -69.77 -33.20
CA LEU A 4013 -13.88 -68.95 -33.02
C LEU A 4013 -14.90 -69.06 -34.14
N GLY A 4014 -14.47 -69.36 -35.36
CA GLY A 4014 -15.38 -69.41 -36.49
C GLY A 4014 -14.78 -68.70 -37.69
N GLU A 4015 -15.14 -69.17 -38.89
CA GLU A 4015 -14.57 -68.61 -40.11
C GLU A 4015 -15.01 -67.17 -40.33
N SER A 4016 -16.24 -66.82 -39.96
CA SER A 4016 -16.78 -65.48 -40.15
C SER A 4016 -16.55 -64.59 -38.94
N PHE A 4017 -15.62 -64.95 -38.06
CA PHE A 4017 -15.36 -64.15 -36.87
C PHE A 4017 -14.83 -62.77 -37.22
N MET A 4018 -13.90 -62.70 -38.17
CA MET A 4018 -13.26 -61.44 -38.52
C MET A 4018 -13.77 -60.88 -39.85
N SER A 4019 -14.73 -61.53 -40.49
CA SER A 4019 -15.20 -61.09 -41.79
C SER A 4019 -15.99 -59.79 -41.72
N ILE A 4020 -16.45 -59.39 -40.54
CA ILE A 4020 -17.27 -58.18 -40.42
C ILE A 4020 -16.43 -56.94 -40.68
N MET A 4021 -15.12 -57.00 -40.39
CA MET A 4021 -14.27 -55.82 -40.56
C MET A 4021 -13.78 -55.61 -41.98
N GLU A 4022 -13.97 -56.60 -42.86
CA GLU A 4022 -13.66 -56.39 -44.27
C GLU A 4022 -14.72 -55.57 -44.98
N GLN A 4023 -15.91 -55.45 -44.40
CA GLN A 4023 -16.99 -54.65 -44.95
C GLN A 4023 -16.83 -53.19 -44.56
N PRO A 4024 -17.41 -52.26 -45.32
CA PRO A 4024 -17.37 -50.85 -44.93
C PRO A 4024 -18.08 -50.63 -43.60
N LEU A 4025 -17.60 -49.63 -42.85
CA LEU A 4025 -18.17 -49.33 -41.55
C LEU A 4025 -19.60 -48.84 -41.69
N ASP A 4026 -20.49 -49.35 -40.83
CA ASP A 4026 -21.90 -48.96 -40.84
C ASP A 4026 -22.12 -47.95 -39.72
N LEU A 4027 -21.88 -46.68 -40.03
CA LEU A 4027 -21.98 -45.63 -39.03
C LEU A 4027 -23.41 -45.40 -38.58
N THR A 4028 -24.39 -45.63 -39.46
CA THR A 4028 -25.78 -45.33 -39.13
C THR A 4028 -26.25 -46.14 -37.94
N HIS A 4029 -26.09 -47.47 -38.00
CA HIS A 4029 -26.57 -48.33 -36.94
C HIS A 4029 -25.83 -48.06 -35.63
N ILE A 4030 -24.51 -47.88 -35.70
CA ILE A 4030 -23.72 -47.69 -34.48
C ILE A 4030 -24.11 -46.37 -33.81
N VAL A 4031 -24.24 -45.30 -34.60
CA VAL A 4031 -24.62 -44.01 -34.04
C VAL A 4031 -26.04 -44.08 -33.47
N GLY A 4032 -26.95 -44.74 -34.17
CA GLY A 4032 -28.33 -44.79 -33.72
C GLY A 4032 -28.51 -45.59 -32.44
N THR A 4033 -27.82 -46.71 -32.31
CA THR A 4033 -28.07 -47.64 -31.21
C THR A 4033 -26.91 -47.75 -30.23
N GLU A 4034 -25.70 -48.03 -30.72
CA GLU A 4034 -24.61 -48.44 -29.86
C GLU A 4034 -23.90 -47.29 -29.17
N VAL A 4035 -24.26 -46.03 -29.48
CA VAL A 4035 -23.59 -44.86 -28.92
C VAL A 4035 -24.59 -44.08 -28.09
N LYS A 4036 -24.28 -43.87 -26.82
CA LYS A 4036 -25.08 -43.04 -25.95
C LYS A 4036 -24.84 -41.56 -26.24
N PRO A 4037 -25.84 -40.70 -25.98
CA PRO A 4037 -25.62 -39.26 -26.22
C PRO A 4037 -24.49 -38.67 -25.39
N ASN A 4038 -24.27 -39.19 -24.18
CA ASN A 4038 -23.21 -38.66 -23.33
C ASN A 4038 -21.81 -39.06 -23.81
N THR A 4039 -21.72 -40.07 -24.66
CA THR A 4039 -20.43 -40.56 -25.12
C THR A 4039 -20.05 -39.90 -26.43
N PRO A 4040 -18.98 -39.11 -26.50
CA PRO A 4040 -18.57 -38.54 -27.77
C PRO A 4040 -18.07 -39.61 -28.73
N VAL A 4041 -18.25 -39.35 -30.02
CA VAL A 4041 -17.84 -40.28 -31.07
C VAL A 4041 -16.47 -39.80 -31.55
N LEU A 4042 -15.41 -40.33 -30.94
CA LEU A 4042 -14.05 -40.05 -31.38
C LEU A 4042 -13.79 -40.85 -32.65
N MET A 4043 -13.36 -40.16 -33.71
CA MET A 4043 -13.13 -40.76 -35.01
C MET A 4043 -11.70 -40.43 -35.43
N CYS A 4044 -10.76 -41.26 -35.00
CA CYS A 4044 -9.36 -41.04 -35.33
C CYS A 4044 -9.08 -41.53 -36.75
N SER A 4045 -8.16 -40.85 -37.43
CA SER A 4045 -7.82 -41.20 -38.80
C SER A 4045 -6.32 -41.06 -39.00
N VAL A 4046 -5.73 -41.97 -39.75
CA VAL A 4046 -4.33 -41.89 -40.13
C VAL A 4046 -4.19 -40.71 -41.09
N PRO A 4047 -3.00 -40.13 -41.23
CA PRO A 4047 -2.85 -39.00 -42.15
C PRO A 4047 -3.25 -39.38 -43.57
N GLY A 4048 -3.95 -38.46 -44.23
CA GLY A 4048 -4.49 -38.71 -45.55
C GLY A 4048 -5.95 -39.13 -45.57
N TYR A 4049 -6.58 -39.28 -44.42
CA TYR A 4049 -7.99 -39.67 -44.33
C TYR A 4049 -8.71 -38.76 -43.34
N ASP A 4050 -9.97 -38.45 -43.66
CA ASP A 4050 -10.80 -37.63 -42.80
C ASP A 4050 -12.18 -38.26 -42.68
N ALA A 4051 -12.78 -38.09 -41.50
CA ALA A 4051 -14.10 -38.64 -41.23
C ALA A 4051 -15.21 -37.58 -41.26
N SER A 4052 -14.87 -36.33 -41.62
CA SER A 4052 -15.89 -35.28 -41.67
C SER A 4052 -16.92 -35.57 -42.74
N GLY A 4053 -16.48 -36.00 -43.92
CA GLY A 4053 -17.42 -36.28 -44.99
C GLY A 4053 -18.38 -37.40 -44.66
N HIS A 4054 -17.88 -38.44 -43.98
CA HIS A 4054 -18.76 -39.55 -43.60
C HIS A 4054 -19.88 -39.08 -42.69
N VAL A 4055 -19.56 -38.26 -41.69
CA VAL A 4055 -20.58 -37.79 -40.76
C VAL A 4055 -21.51 -36.80 -41.42
N GLU A 4056 -21.00 -35.95 -42.32
CA GLU A 4056 -21.89 -35.06 -43.03
C GLU A 4056 -22.88 -35.85 -43.89
N ASP A 4057 -22.40 -36.90 -44.56
CA ASP A 4057 -23.30 -37.76 -45.33
C ASP A 4057 -24.31 -38.45 -44.42
N LEU A 4058 -23.85 -38.92 -43.26
CA LEU A 4058 -24.75 -39.58 -42.31
C LEU A 4058 -25.84 -38.65 -41.83
N ALA A 4059 -25.50 -37.40 -41.54
CA ALA A 4059 -26.49 -36.42 -41.14
C ALA A 4059 -27.44 -36.11 -42.30
N ALA A 4060 -26.91 -36.04 -43.53
CA ALA A 4060 -27.75 -35.76 -44.68
C ALA A 4060 -28.77 -36.86 -44.91
N GLU A 4061 -28.35 -38.13 -44.80
CA GLU A 4061 -29.29 -39.22 -45.03
C GLU A 4061 -30.27 -39.39 -43.87
N GLN A 4062 -29.86 -39.04 -42.66
CA GLN A 4062 -30.72 -39.08 -41.49
C GLN A 4062 -31.42 -37.75 -41.24
N ASN A 4063 -31.50 -36.88 -42.25
CA ASN A 4063 -32.14 -35.56 -42.20
C ASN A 4063 -32.00 -34.89 -40.83
N THR A 4064 -30.78 -34.90 -40.29
CA THR A 4064 -30.50 -34.36 -38.97
C THR A 4064 -29.56 -33.18 -39.12
N GLN A 4065 -29.96 -32.03 -38.58
CA GLN A 4065 -29.13 -30.84 -38.67
C GLN A 4065 -27.88 -31.01 -37.82
N ILE A 4066 -26.74 -30.60 -38.36
CA ILE A 4066 -25.45 -30.78 -37.70
C ILE A 4066 -24.67 -29.48 -37.80
N THR A 4067 -23.99 -29.12 -36.71
CA THR A 4067 -23.14 -27.94 -36.67
C THR A 4067 -21.68 -28.38 -36.73
N SER A 4068 -20.96 -27.93 -37.75
CA SER A 4068 -19.56 -28.27 -37.93
C SER A 4068 -18.70 -27.07 -37.58
N ILE A 4069 -17.75 -27.27 -36.66
CA ILE A 4069 -16.87 -26.21 -36.19
C ILE A 4069 -15.44 -26.71 -36.28
N ALA A 4070 -14.55 -25.89 -36.84
CA ALA A 4070 -13.14 -26.24 -36.97
C ALA A 4070 -12.37 -25.67 -35.77
N ILE A 4071 -11.76 -26.57 -35.00
CA ILE A 4071 -11.06 -26.17 -33.80
C ILE A 4071 -9.72 -25.52 -34.17
N GLY A 4072 -9.32 -24.53 -33.39
CA GLY A 4072 -8.06 -23.85 -33.63
C GLY A 4072 -8.04 -22.37 -33.30
N SER A 4073 -9.20 -21.81 -32.98
CA SER A 4073 -9.30 -20.40 -32.61
C SER A 4073 -10.11 -20.26 -31.33
N ALA A 4074 -9.86 -19.18 -30.60
CA ALA A 4074 -10.57 -18.94 -29.34
C ALA A 4074 -12.06 -18.78 -29.59
N GLU A 4075 -12.43 -17.96 -30.58
CA GLU A 4075 -13.83 -17.89 -30.98
C GLU A 4075 -14.32 -19.22 -31.54
N GLY A 4076 -13.41 -20.05 -32.07
CA GLY A 4076 -13.79 -21.41 -32.41
C GLY A 4076 -14.23 -22.21 -31.20
N PHE A 4077 -13.49 -22.09 -30.10
CA PHE A 4077 -13.90 -22.72 -28.86
C PHE A 4077 -15.21 -22.16 -28.36
N ASN A 4078 -15.43 -20.85 -28.55
CA ASN A 4078 -16.68 -20.23 -28.13
C ASN A 4078 -17.86 -20.81 -28.90
N GLN A 4079 -17.74 -20.90 -30.23
CA GLN A 4079 -18.82 -21.50 -31.01
C GLN A 4079 -19.00 -22.96 -30.66
N ALA A 4080 -17.91 -23.67 -30.36
CA ALA A 4080 -18.04 -25.06 -29.95
C ALA A 4080 -18.85 -25.19 -28.67
N ASP A 4081 -18.56 -24.35 -27.68
CA ASP A 4081 -19.28 -24.40 -26.42
C ASP A 4081 -20.76 -24.05 -26.63
N LYS A 4082 -21.03 -23.01 -27.41
CA LYS A 4082 -22.42 -22.62 -27.64
C LYS A 4082 -23.18 -23.69 -28.41
N ALA A 4083 -22.55 -24.30 -29.41
CA ALA A 4083 -23.22 -25.34 -30.18
C ALA A 4083 -23.51 -26.56 -29.31
N ILE A 4084 -22.56 -26.95 -28.46
CA ILE A 4084 -22.80 -28.08 -27.58
C ILE A 4084 -23.93 -27.78 -26.60
N ASN A 4085 -23.93 -26.56 -26.03
CA ASN A 4085 -24.97 -26.19 -25.09
C ASN A 4085 -26.34 -26.18 -25.74
N THR A 4086 -26.41 -25.72 -26.99
CA THR A 4086 -27.70 -25.72 -27.69
C THR A 4086 -28.13 -27.13 -28.06
N ALA A 4087 -27.19 -27.97 -28.51
CA ALA A 4087 -27.54 -29.28 -29.03
C ALA A 4087 -27.90 -30.27 -27.93
N VAL A 4088 -27.30 -30.15 -26.73
CA VAL A 4088 -27.66 -31.07 -25.66
C VAL A 4088 -29.12 -30.90 -25.25
N LYS A 4089 -29.71 -29.74 -25.51
CA LYS A 4089 -31.12 -29.50 -25.22
C LYS A 4089 -32.02 -29.70 -26.43
N SER A 4090 -31.56 -29.30 -27.62
CA SER A 4090 -32.38 -29.43 -28.83
C SER A 4090 -32.23 -30.77 -29.53
N GLY A 4091 -31.27 -31.61 -29.11
CA GLY A 4091 -31.11 -32.91 -29.73
C GLY A 4091 -30.43 -32.92 -31.07
N ARG A 4092 -29.67 -31.87 -31.40
CA ARG A 4092 -29.01 -31.78 -32.69
C ARG A 4092 -27.64 -32.46 -32.62
N TRP A 4093 -26.91 -32.44 -33.74
CA TRP A 4093 -25.58 -33.01 -33.81
C TRP A 4093 -24.53 -31.92 -33.89
N VAL A 4094 -23.34 -32.19 -33.36
CA VAL A 4094 -22.25 -31.24 -33.34
C VAL A 4094 -20.99 -31.93 -33.87
N MET A 4095 -20.29 -31.28 -34.80
CA MET A 4095 -19.01 -31.72 -35.28
C MET A 4095 -17.92 -30.75 -34.82
N LEU A 4096 -16.82 -31.30 -34.31
CA LEU A 4096 -15.64 -30.52 -33.97
C LEU A 4096 -14.44 -31.19 -34.64
N LYS A 4097 -13.93 -30.58 -35.70
CA LYS A 4097 -12.86 -31.16 -36.49
C LYS A 4097 -11.50 -30.73 -35.96
N ASN A 4098 -10.51 -31.61 -36.16
CA ASN A 4098 -9.12 -31.32 -35.80
C ASN A 4098 -8.99 -30.94 -34.33
N VAL A 4099 -9.67 -31.69 -33.46
CA VAL A 4099 -9.61 -31.43 -32.03
C VAL A 4099 -8.27 -31.81 -31.42
N HIS A 4100 -7.42 -32.52 -32.16
CA HIS A 4100 -6.10 -32.90 -31.65
C HIS A 4100 -5.16 -31.71 -31.53
N LEU A 4101 -5.53 -30.55 -32.07
CA LEU A 4101 -4.70 -29.36 -31.95
C LEU A 4101 -4.89 -28.62 -30.65
N ALA A 4102 -5.86 -29.01 -29.82
CA ALA A 4102 -6.14 -28.36 -28.53
C ALA A 4102 -6.28 -29.43 -27.46
N PRO A 4103 -5.17 -29.98 -26.98
CA PRO A 4103 -5.28 -31.03 -25.94
C PRO A 4103 -5.83 -30.53 -24.63
N GLY A 4104 -5.42 -29.34 -24.18
CA GLY A 4104 -5.97 -28.80 -22.94
C GLY A 4104 -7.45 -28.51 -23.03
N TRP A 4105 -7.88 -27.92 -24.15
CA TRP A 4105 -9.31 -27.72 -24.35
C TRP A 4105 -10.03 -29.05 -24.49
N LEU A 4106 -9.35 -30.08 -25.02
CA LEU A 4106 -9.94 -31.41 -25.05
C LEU A 4106 -10.18 -31.94 -23.64
N MET A 4107 -9.22 -31.74 -22.74
CA MET A 4107 -9.40 -32.15 -21.36
C MET A 4107 -10.56 -31.39 -20.70
N GLN A 4108 -10.63 -30.08 -20.95
CA GLN A 4108 -11.74 -29.29 -20.41
C GLN A 4108 -13.08 -29.78 -20.95
N LEU A 4109 -13.14 -30.09 -22.24
CA LEU A 4109 -14.37 -30.60 -22.84
C LEU A 4109 -14.76 -31.95 -22.25
N GLU A 4110 -13.77 -32.83 -22.03
CA GLU A 4110 -14.06 -34.12 -21.41
C GLU A 4110 -14.61 -33.94 -20.01
N LYS A 4111 -14.03 -33.01 -19.24
CA LYS A 4111 -14.56 -32.73 -17.91
C LYS A 4111 -15.97 -32.18 -17.99
N LYS A 4112 -16.24 -31.33 -18.97
CA LYS A 4112 -17.59 -30.79 -19.13
C LYS A 4112 -18.59 -31.88 -19.51
N LEU A 4113 -18.20 -32.79 -20.40
CA LEU A 4113 -19.13 -33.80 -20.89
C LEU A 4113 -19.56 -34.76 -19.79
N HIS A 4114 -18.69 -35.01 -18.81
CA HIS A 4114 -19.01 -36.00 -17.78
C HIS A 4114 -20.24 -35.60 -16.99
N SER A 4115 -20.33 -34.33 -16.59
CA SER A 4115 -21.47 -33.82 -15.83
C SER A 4115 -22.45 -33.20 -16.82
N LEU A 4116 -23.16 -34.06 -17.53
CA LEU A 4116 -24.05 -33.60 -18.58
C LEU A 4116 -25.14 -34.65 -18.81
N GLN A 4117 -26.37 -34.18 -19.01
CA GLN A 4117 -27.52 -35.04 -19.29
C GLN A 4117 -28.19 -34.53 -20.55
N PRO A 4118 -27.67 -34.91 -21.72
CA PRO A 4118 -28.13 -34.32 -22.98
C PRO A 4118 -29.40 -34.99 -23.47
N HIS A 4119 -29.90 -34.47 -24.59
CA HIS A 4119 -31.08 -35.03 -25.24
C HIS A 4119 -30.78 -36.41 -25.80
N ALA A 4120 -31.83 -37.22 -25.97
CA ALA A 4120 -31.66 -38.60 -26.42
C ALA A 4120 -31.07 -38.68 -27.82
N CYS A 4121 -31.38 -37.71 -28.68
CA CYS A 4121 -30.88 -37.70 -30.05
C CYS A 4121 -29.57 -36.93 -30.22
N PHE A 4122 -29.02 -36.38 -29.13
CA PHE A 4122 -27.80 -35.61 -29.23
C PHE A 4122 -26.61 -36.51 -29.53
N ARG A 4123 -25.73 -36.06 -30.41
CA ARG A 4123 -24.50 -36.76 -30.73
C ARG A 4123 -23.38 -35.75 -30.90
N LEU A 4124 -22.20 -36.08 -30.36
CA LEU A 4124 -21.02 -35.24 -30.49
C LEU A 4124 -19.95 -36.04 -31.20
N PHE A 4125 -19.48 -35.52 -32.35
CA PHE A 4125 -18.44 -36.15 -33.14
C PHE A 4125 -17.17 -35.33 -33.02
N LEU A 4126 -16.09 -35.97 -32.59
CA LEU A 4126 -14.78 -35.34 -32.48
C LEU A 4126 -13.89 -35.93 -33.56
N THR A 4127 -13.61 -35.14 -34.60
CA THR A 4127 -12.78 -35.58 -35.71
C THR A 4127 -11.35 -35.16 -35.44
N MET A 4128 -10.48 -36.14 -35.23
CA MET A 4128 -9.06 -35.90 -34.99
C MET A 4128 -8.25 -36.96 -35.73
N GLU A 4129 -6.96 -36.68 -35.88
CA GLU A 4129 -6.02 -37.67 -36.39
C GLU A 4129 -5.38 -38.41 -35.22
N ILE A 4130 -4.73 -39.53 -35.54
CA ILE A 4130 -4.12 -40.35 -34.50
C ILE A 4130 -2.85 -39.68 -34.04
N ASN A 4131 -2.94 -38.92 -32.95
CA ASN A 4131 -1.84 -38.15 -32.40
C ASN A 4131 -1.62 -38.52 -30.94
N PRO A 4132 -0.36 -38.63 -30.50
CA PRO A 4132 -0.09 -39.00 -29.10
C PRO A 4132 -0.47 -37.92 -28.10
N LYS A 4133 -0.76 -36.70 -28.54
CA LYS A 4133 -1.10 -35.62 -27.63
C LYS A 4133 -2.56 -35.61 -27.21
N VAL A 4134 -3.39 -36.47 -27.80
CA VAL A 4134 -4.81 -36.53 -27.41
C VAL A 4134 -4.91 -37.05 -25.98
N PRO A 4135 -5.66 -36.39 -25.10
CA PRO A 4135 -5.73 -36.83 -23.69
C PRO A 4135 -6.28 -38.24 -23.57
N VAL A 4136 -5.74 -38.98 -22.59
CA VAL A 4136 -6.16 -40.35 -22.38
C VAL A 4136 -7.59 -40.39 -21.82
N ASN A 4137 -7.93 -39.44 -20.96
CA ASN A 4137 -9.25 -39.42 -20.35
C ASN A 4137 -10.35 -39.24 -21.40
N LEU A 4138 -10.09 -38.38 -22.39
CA LEU A 4138 -11.05 -38.23 -23.49
C LEU A 4138 -11.18 -39.51 -24.29
N LEU A 4139 -10.07 -40.21 -24.51
CA LEU A 4139 -10.11 -41.47 -25.24
C LEU A 4139 -10.95 -42.50 -24.49
N ARG A 4140 -10.80 -42.56 -23.16
CA ARG A 4140 -11.61 -43.48 -22.37
C ARG A 4140 -13.07 -43.03 -22.30
N ALA A 4141 -13.33 -41.72 -22.39
CA ALA A 4141 -14.69 -41.23 -22.24
C ALA A 4141 -15.54 -41.57 -23.47
N GLY A 4142 -14.99 -41.43 -24.67
CA GLY A 4142 -15.72 -41.63 -25.89
C GLY A 4142 -15.43 -42.98 -26.54
N ARG A 4143 -16.14 -43.22 -27.64
CA ARG A 4143 -15.95 -44.42 -28.45
C ARG A 4143 -15.10 -44.08 -29.66
N ILE A 4144 -14.04 -44.85 -29.86
CA ILE A 4144 -13.05 -44.57 -30.89
C ILE A 4144 -13.39 -45.33 -32.16
N PHE A 4145 -13.27 -44.65 -33.30
CA PHE A 4145 -13.37 -45.26 -34.61
C PHE A 4145 -12.14 -44.87 -35.41
N VAL A 4146 -11.44 -45.85 -35.96
CA VAL A 4146 -10.20 -45.62 -36.68
C VAL A 4146 -10.51 -45.69 -38.17
N PHE A 4147 -10.14 -44.64 -38.90
CA PHE A 4147 -10.30 -44.59 -40.35
C PHE A 4147 -8.92 -44.64 -40.99
N GLU A 4148 -8.76 -45.52 -41.96
CA GLU A 4148 -7.45 -45.86 -42.51
C GLU A 4148 -7.66 -46.51 -43.88
N PRO A 4149 -6.59 -46.72 -44.64
CA PRO A 4149 -6.73 -47.41 -45.92
C PRO A 4149 -7.39 -48.76 -45.75
N PRO A 4150 -8.36 -49.09 -46.59
CA PRO A 4150 -9.01 -50.40 -46.47
C PRO A 4150 -8.01 -51.52 -46.69
N PRO A 4151 -8.17 -52.64 -45.99
CA PRO A 4151 -7.14 -53.69 -46.03
C PRO A 4151 -6.89 -54.29 -47.41
N GLY A 4152 -7.93 -54.42 -48.24
CA GLY A 4152 -7.80 -55.15 -49.48
C GLY A 4152 -8.39 -54.37 -50.64
N VAL A 4153 -8.09 -54.86 -51.85
CA VAL A 4153 -8.71 -54.32 -53.05
C VAL A 4153 -10.21 -54.53 -53.01
N LYS A 4154 -10.64 -55.72 -52.58
CA LYS A 4154 -12.06 -56.00 -52.44
C LYS A 4154 -12.72 -55.04 -51.45
N ALA A 4155 -12.09 -54.85 -50.28
CA ALA A 4155 -12.64 -53.95 -49.28
C ALA A 4155 -12.65 -52.51 -49.78
N ASN A 4156 -11.60 -52.10 -50.49
CA ASN A 4156 -11.54 -50.74 -51.00
C ASN A 4156 -12.63 -50.50 -52.03
N MET A 4157 -12.86 -51.47 -52.92
CA MET A 4157 -13.90 -51.30 -53.92
C MET A 4157 -15.29 -51.34 -53.29
N LEU A 4158 -15.46 -52.17 -52.25
CA LEU A 4158 -16.73 -52.16 -51.52
C LEU A 4158 -16.98 -50.81 -50.86
N ARG A 4159 -15.95 -50.22 -50.26
CA ARG A 4159 -16.10 -48.89 -49.67
C ARG A 4159 -16.43 -47.85 -50.73
N THR A 4160 -15.77 -47.94 -51.89
CA THR A 4160 -16.04 -46.99 -52.98
C THR A 4160 -17.48 -47.11 -53.46
N PHE A 4161 -17.98 -48.34 -53.62
CA PHE A 4161 -19.35 -48.52 -54.08
C PHE A 4161 -20.36 -48.09 -53.02
N SER A 4162 -20.06 -48.29 -51.74
CA SER A 4162 -20.96 -47.86 -50.69
C SER A 4162 -21.01 -46.35 -50.56
N SER A 4163 -19.87 -45.67 -50.73
CA SER A 4163 -19.84 -44.22 -50.60
C SER A 4163 -20.66 -43.54 -51.69
N ILE A 4164 -20.54 -44.02 -52.93
CA ILE A 4164 -21.24 -43.38 -54.04
C ILE A 4164 -22.73 -43.71 -53.94
N PRO A 4165 -23.62 -42.72 -54.03
CA PRO A 4165 -25.05 -43.01 -53.98
C PRO A 4165 -25.50 -43.86 -55.16
N VAL A 4166 -26.53 -44.68 -54.92
CA VAL A 4166 -27.03 -45.57 -55.97
C VAL A 4166 -27.63 -44.77 -57.11
N SER A 4167 -28.38 -43.71 -56.79
CA SER A 4167 -29.02 -42.92 -57.83
C SER A 4167 -28.00 -42.20 -58.70
N ARG A 4168 -26.82 -41.89 -58.15
CA ARG A 4168 -25.78 -41.23 -58.94
C ARG A 4168 -25.24 -42.16 -60.02
N ILE A 4169 -25.03 -43.43 -59.68
CA ILE A 4169 -24.51 -44.37 -60.66
C ILE A 4169 -25.55 -44.69 -61.73
N CYS A 4170 -26.79 -44.93 -61.32
CA CYS A 4170 -27.84 -45.38 -62.23
C CYS A 4170 -28.51 -44.17 -62.86
N LYS A 4171 -27.85 -43.60 -63.84
CA LYS A 4171 -28.37 -42.49 -64.62
C LYS A 4171 -28.87 -43.00 -65.97
N SER A 4172 -29.21 -42.07 -66.86
CA SER A 4172 -29.77 -42.46 -68.16
C SER A 4172 -28.84 -43.33 -68.98
N PRO A 4173 -27.54 -43.02 -69.14
CA PRO A 4173 -26.66 -43.93 -69.88
C PRO A 4173 -26.41 -45.21 -69.09
N ASN A 4174 -26.60 -46.36 -69.75
CA ASN A 4174 -26.34 -47.64 -69.11
C ASN A 4174 -24.86 -47.93 -68.99
N GLU A 4175 -24.00 -47.20 -69.70
CA GLU A 4175 -22.56 -47.40 -69.62
C GLU A 4175 -21.94 -46.66 -68.43
N ARG A 4176 -22.72 -45.86 -67.72
CA ARG A 4176 -22.17 -45.13 -66.57
C ARG A 4176 -21.76 -46.09 -65.45
N ALA A 4177 -22.52 -47.17 -65.27
CA ALA A 4177 -22.17 -48.14 -64.23
C ALA A 4177 -20.84 -48.81 -64.51
N ARG A 4178 -20.58 -49.16 -65.77
CA ARG A 4178 -19.30 -49.76 -66.14
C ARG A 4178 -18.16 -48.78 -65.93
N LEU A 4179 -18.36 -47.50 -66.28
CA LEU A 4179 -17.34 -46.50 -66.05
C LEU A 4179 -17.05 -46.33 -64.56
N TYR A 4180 -18.10 -46.33 -63.74
CA TYR A 4180 -17.90 -46.21 -62.30
C TYR A 4180 -17.16 -47.42 -61.75
N PHE A 4181 -17.49 -48.62 -62.24
CA PHE A 4181 -16.78 -49.82 -61.80
C PHE A 4181 -15.30 -49.76 -62.19
N LEU A 4182 -15.02 -49.32 -63.42
CA LEU A 4182 -13.63 -49.21 -63.86
C LEU A 4182 -12.88 -48.18 -63.01
N LEU A 4183 -13.53 -47.05 -62.70
CA LEU A 4183 -12.90 -46.04 -61.88
C LEU A 4183 -12.64 -46.56 -60.46
N ALA A 4184 -13.59 -47.33 -59.91
CA ALA A 4184 -13.40 -47.91 -58.59
C ALA A 4184 -12.23 -48.90 -58.58
N TRP A 4185 -12.15 -49.74 -59.62
CA TRP A 4185 -11.02 -50.67 -59.71
C TRP A 4185 -9.70 -49.93 -59.84
N PHE A 4186 -9.66 -48.88 -60.66
CA PHE A 4186 -8.45 -48.08 -60.81
C PHE A 4186 -8.05 -47.44 -59.49
N HIS A 4187 -9.03 -46.89 -58.77
CA HIS A 4187 -8.74 -46.28 -57.46
C HIS A 4187 -8.20 -47.31 -56.48
N ALA A 4188 -8.80 -48.50 -56.46
CA ALA A 4188 -8.33 -49.55 -55.55
C ALA A 4188 -6.90 -49.96 -55.90
N ILE A 4189 -6.61 -50.13 -57.20
CA ILE A 4189 -5.27 -50.54 -57.61
C ILE A 4189 -4.24 -49.48 -57.24
N ILE A 4190 -4.56 -48.21 -57.52
CA ILE A 4190 -3.62 -47.13 -57.24
C ILE A 4190 -3.40 -46.99 -55.74
N GLN A 4191 -4.48 -47.02 -54.95
CA GLN A 4191 -4.36 -46.79 -53.51
C GLN A 4191 -3.67 -47.97 -52.82
N GLU A 4192 -3.88 -49.19 -53.31
CA GLU A 4192 -3.24 -50.34 -52.70
C GLU A 4192 -1.75 -50.44 -53.01
N ARG A 4193 -1.31 -49.89 -54.13
CA ARG A 4193 0.12 -49.87 -54.44
C ARG A 4193 0.91 -49.00 -53.49
N LEU A 4194 0.24 -48.16 -52.69
CA LEU A 4194 0.94 -47.32 -51.73
C LEU A 4194 1.50 -48.10 -50.54
N ARG A 4195 0.96 -49.29 -50.27
CA ARG A 4195 1.49 -50.11 -49.18
C ARG A 4195 2.92 -50.52 -49.42
N TYR A 4196 3.37 -50.53 -50.67
CA TYR A 4196 4.74 -50.85 -51.04
C TYR A 4196 5.36 -49.55 -51.55
N ALA A 4197 5.92 -48.78 -50.62
CA ALA A 4197 6.34 -47.41 -50.93
C ALA A 4197 7.42 -47.34 -52.01
N PRO A 4198 8.50 -48.15 -51.99
CA PRO A 4198 9.51 -48.00 -53.05
C PRO A 4198 9.13 -48.68 -54.35
N LEU A 4199 8.32 -49.74 -54.27
CA LEU A 4199 7.98 -50.50 -55.47
C LEU A 4199 6.69 -50.02 -56.11
N GLY A 4200 5.61 -49.90 -55.33
CA GLY A 4200 4.35 -49.46 -55.89
C GLY A 4200 4.43 -48.05 -56.47
N TRP A 4201 5.14 -47.17 -55.79
CA TRP A 4201 5.35 -45.80 -56.24
C TRP A 4201 6.76 -45.39 -55.87
N SER A 4202 7.04 -44.09 -55.91
CA SER A 4202 8.31 -43.57 -55.41
C SER A 4202 8.18 -42.93 -54.03
N LYS A 4203 6.97 -42.57 -53.62
CA LYS A 4203 6.74 -41.97 -52.32
C LYS A 4203 5.27 -42.16 -51.96
N LYS A 4204 4.95 -41.93 -50.69
CA LYS A 4204 3.59 -42.07 -50.21
C LYS A 4204 2.71 -40.92 -50.69
N TYR A 4205 2.13 -41.07 -51.87
CA TYR A 4205 1.23 -40.05 -52.40
C TYR A 4205 -0.09 -40.04 -51.64
N GLU A 4206 -0.76 -38.90 -51.68
CA GLU A 4206 -2.02 -38.71 -50.97
C GLU A 4206 -3.22 -39.04 -51.83
N PHE A 4207 -3.22 -40.24 -52.42
CA PHE A 4207 -4.36 -40.69 -53.20
C PHE A 4207 -5.50 -41.05 -52.27
N GLY A 4208 -6.51 -40.18 -52.19
CA GLY A 4208 -7.58 -40.36 -51.24
C GLY A 4208 -8.97 -40.22 -51.81
N GLU A 4209 -9.93 -39.91 -50.94
CA GLU A 4209 -11.33 -39.85 -51.36
C GLU A 4209 -11.61 -38.64 -52.25
N SER A 4210 -10.89 -37.54 -52.04
CA SER A 4210 -11.11 -36.34 -52.84
C SER A 4210 -10.80 -36.59 -54.31
N ASP A 4211 -9.72 -37.33 -54.58
CA ASP A 4211 -9.40 -37.68 -55.97
C ASP A 4211 -10.51 -38.53 -56.58
N LEU A 4212 -11.05 -39.47 -55.81
CA LEU A 4212 -12.14 -40.31 -56.31
C LEU A 4212 -13.38 -39.47 -56.63
N ARG A 4213 -13.73 -38.53 -55.75
CA ARG A 4213 -14.88 -37.67 -56.01
C ARG A 4213 -14.65 -36.80 -57.25
N SER A 4214 -13.44 -36.24 -57.40
CA SER A 4214 -13.15 -35.43 -58.57
C SER A 4214 -13.24 -36.26 -59.85
N ALA A 4215 -12.73 -37.49 -59.80
CA ALA A 4215 -12.80 -38.37 -60.96
C ALA A 4215 -14.25 -38.73 -61.29
N CYS A 4216 -15.07 -39.01 -60.27
CA CYS A 4216 -16.47 -39.32 -60.51
C CYS A 4216 -17.21 -38.13 -61.12
N ASP A 4217 -16.92 -36.92 -60.63
CA ASP A 4217 -17.54 -35.73 -61.19
C ASP A 4217 -17.11 -35.52 -62.64
N THR A 4218 -15.83 -35.78 -62.94
CA THR A 4218 -15.36 -35.70 -64.32
C THR A 4218 -16.08 -36.70 -65.21
N VAL A 4219 -16.24 -37.94 -64.73
CA VAL A 4219 -16.94 -38.96 -65.50
C VAL A 4219 -18.37 -38.51 -65.78
N ASP A 4220 -19.07 -38.01 -64.75
CA ASP A 4220 -20.44 -37.58 -64.93
C ASP A 4220 -20.54 -36.44 -65.93
N THR A 4221 -19.67 -35.43 -65.77
CA THR A 4221 -19.73 -34.25 -66.64
C THR A 4221 -19.48 -34.63 -68.09
N TRP A 4222 -18.44 -35.43 -68.35
CA TRP A 4222 -18.11 -35.73 -69.74
C TRP A 4222 -19.09 -36.72 -70.35
N LEU A 4223 -19.62 -37.66 -69.56
CA LEU A 4223 -20.65 -38.56 -70.09
C LEU A 4223 -21.93 -37.80 -70.42
N ASP A 4224 -22.32 -36.84 -69.58
CA ASP A 4224 -23.48 -36.01 -69.89
C ASP A 4224 -23.23 -35.15 -71.12
N ASP A 4225 -22.01 -34.63 -71.27
CA ASP A 4225 -21.70 -33.82 -72.45
C ASP A 4225 -21.76 -34.66 -73.73
N THR A 4226 -21.19 -35.87 -73.70
CA THR A 4226 -21.15 -36.68 -74.92
C THR A 4226 -22.50 -37.34 -75.19
N ALA A 4227 -23.23 -37.72 -74.14
CA ALA A 4227 -24.52 -38.40 -74.29
C ALA A 4227 -25.62 -37.44 -73.89
N LYS A 4228 -26.38 -36.96 -74.88
CA LYS A 4228 -27.43 -35.96 -74.65
C LYS A 4228 -28.71 -36.64 -74.15
N GLY A 4229 -28.57 -37.33 -73.02
CA GLY A 4229 -29.70 -38.00 -72.40
C GLY A 4229 -30.07 -39.34 -73.02
N ARG A 4230 -29.28 -39.83 -73.97
CA ARG A 4230 -29.60 -41.10 -74.61
C ARG A 4230 -29.44 -42.26 -73.63
N GLN A 4231 -30.30 -43.27 -73.78
CA GLN A 4231 -30.27 -44.41 -72.88
C GLN A 4231 -28.97 -45.20 -73.01
N ASN A 4232 -28.47 -45.37 -74.23
CA ASN A 4232 -27.25 -46.13 -74.48
C ASN A 4232 -26.33 -45.35 -75.40
N ILE A 4233 -25.03 -45.54 -75.21
CA ILE A 4233 -24.01 -44.93 -76.05
C ILE A 4233 -23.02 -46.01 -76.47
N SER A 4234 -22.43 -45.81 -77.65
CA SER A 4234 -21.44 -46.76 -78.14
C SER A 4234 -20.15 -46.64 -77.32
N PRO A 4235 -19.47 -47.75 -77.07
CA PRO A 4235 -18.24 -47.70 -76.27
C PRO A 4235 -17.17 -46.79 -76.85
N ASP A 4236 -17.06 -46.72 -78.18
CA ASP A 4236 -16.07 -45.86 -78.80
C ASP A 4236 -16.45 -44.39 -78.80
N LYS A 4237 -17.74 -44.06 -78.64
CA LYS A 4237 -18.16 -42.68 -78.52
C LYS A 4237 -17.91 -42.09 -77.13
N ILE A 4238 -17.57 -42.93 -76.15
CA ILE A 4238 -17.24 -42.41 -74.81
C ILE A 4238 -15.94 -41.62 -74.89
N PRO A 4239 -15.87 -40.42 -74.31
CA PRO A 4239 -14.64 -39.63 -74.40
C PRO A 4239 -13.50 -40.25 -73.59
N TRP A 4240 -12.92 -41.33 -74.11
CA TRP A 4240 -11.83 -41.99 -73.42
C TRP A 4240 -10.62 -41.06 -73.29
N SER A 4241 -10.30 -40.34 -74.36
CA SER A 4241 -9.14 -39.45 -74.34
C SER A 4241 -9.32 -38.34 -73.30
N ALA A 4242 -10.53 -37.76 -73.24
CA ALA A 4242 -10.78 -36.69 -72.28
C ALA A 4242 -10.58 -37.17 -70.85
N LEU A 4243 -11.21 -38.29 -70.50
CA LEU A 4243 -11.11 -38.81 -69.14
C LEU A 4243 -9.68 -39.20 -68.80
N LYS A 4244 -9.00 -39.88 -69.74
CA LYS A 4244 -7.63 -40.30 -69.49
C LYS A 4244 -6.72 -39.10 -69.27
N THR A 4245 -6.81 -38.09 -70.14
CA THR A 4245 -5.96 -36.92 -70.02
C THR A 4245 -6.25 -36.17 -68.72
N LEU A 4246 -7.53 -35.99 -68.37
CA LEU A 4246 -7.85 -35.28 -67.15
C LEU A 4246 -7.34 -36.04 -65.92
N MET A 4247 -7.57 -37.35 -65.87
CA MET A 4247 -7.16 -38.11 -64.69
C MET A 4247 -5.65 -38.31 -64.65
N ALA A 4248 -4.95 -38.07 -65.76
CA ALA A 4248 -3.50 -38.14 -65.76
C ALA A 4248 -2.85 -36.79 -65.49
N GLN A 4249 -3.54 -35.69 -65.75
CA GLN A 4249 -2.95 -34.36 -65.60
C GLN A 4249 -3.39 -33.64 -64.33
N SER A 4250 -4.69 -33.64 -64.01
CA SER A 4250 -5.21 -32.81 -62.93
C SER A 4250 -5.66 -33.60 -61.72
N ILE A 4251 -6.43 -34.67 -61.91
CA ILE A 4251 -7.05 -35.36 -60.79
C ILE A 4251 -6.03 -36.19 -60.04
N TYR A 4252 -5.46 -37.19 -60.70
CA TYR A 4252 -4.49 -38.08 -60.06
C TYR A 4252 -3.04 -37.70 -60.34
N GLY A 4253 -2.76 -37.13 -61.51
CA GLY A 4253 -1.41 -36.72 -61.82
C GLY A 4253 -0.98 -35.40 -61.20
N GLY A 4254 -1.90 -34.69 -60.56
CA GLY A 4254 -1.52 -33.45 -59.91
C GLY A 4254 -0.58 -33.67 -58.74
N ARG A 4255 -0.84 -34.69 -57.92
CA ARG A 4255 0.02 -34.97 -56.79
C ARG A 4255 1.35 -35.59 -57.21
N VAL A 4256 1.42 -36.17 -58.40
CA VAL A 4256 2.62 -36.87 -58.84
C VAL A 4256 3.67 -35.85 -59.25
N ASP A 4257 4.86 -35.95 -58.66
CA ASP A 4257 5.97 -35.06 -58.98
C ASP A 4257 7.16 -35.80 -59.58
N ASN A 4258 6.98 -37.05 -59.98
CA ASN A 4258 8.04 -37.87 -60.56
C ASN A 4258 7.63 -38.31 -61.96
N GLU A 4259 8.58 -38.27 -62.89
CA GLU A 4259 8.26 -38.61 -64.27
C GLU A 4259 7.94 -40.10 -64.43
N PHE A 4260 8.60 -40.97 -63.66
CA PHE A 4260 8.30 -42.40 -63.75
C PHE A 4260 7.01 -42.76 -63.03
N ASP A 4261 6.68 -42.08 -61.94
CA ASP A 4261 5.36 -42.27 -61.34
C ASP A 4261 4.27 -41.82 -62.29
N GLN A 4262 4.48 -40.70 -62.99
CA GLN A 4262 3.53 -40.26 -64.00
C GLN A 4262 3.43 -41.27 -65.14
N ARG A 4263 4.57 -41.86 -65.53
CA ARG A 4263 4.55 -42.89 -66.57
C ARG A 4263 3.74 -44.11 -66.12
N LEU A 4264 3.91 -44.52 -64.87
CA LEU A 4264 3.15 -45.65 -64.34
C LEU A 4264 1.66 -45.34 -64.31
N LEU A 4265 1.30 -44.13 -63.88
CA LEU A 4265 -0.10 -43.74 -63.86
C LEU A 4265 -0.69 -43.72 -65.26
N ASN A 4266 0.07 -43.20 -66.24
CA ASN A 4266 -0.38 -43.21 -67.63
C ASN A 4266 -0.55 -44.63 -68.14
N THR A 4267 0.38 -45.53 -67.80
CA THR A 4267 0.27 -46.91 -68.22
C THR A 4267 -1.00 -47.54 -67.67
N PHE A 4268 -1.28 -47.31 -66.39
CA PHE A 4268 -2.51 -47.84 -65.80
C PHE A 4268 -3.74 -47.27 -66.48
N LEU A 4269 -3.71 -45.97 -66.80
CA LEU A 4269 -4.87 -45.32 -67.42
C LEU A 4269 -5.13 -45.86 -68.82
N GLU A 4270 -4.09 -46.00 -69.64
CA GLU A 4270 -4.27 -46.58 -70.96
C GLU A 4270 -4.62 -48.07 -70.90
N ARG A 4271 -4.22 -48.77 -69.84
CA ARG A 4271 -4.62 -50.17 -69.71
C ARG A 4271 -6.08 -50.30 -69.33
N LEU A 4272 -6.58 -49.43 -68.46
CA LEU A 4272 -7.95 -49.55 -67.97
C LEU A 4272 -8.96 -48.80 -68.82
N PHE A 4273 -8.76 -47.49 -69.01
CA PHE A 4273 -9.75 -46.64 -69.68
C PHE A 4273 -9.52 -46.70 -71.19
N THR A 4274 -10.18 -47.67 -71.81
CA THR A 4274 -10.14 -47.84 -73.25
C THR A 4274 -11.43 -48.51 -73.71
N THR A 4275 -11.67 -48.47 -75.02
CA THR A 4275 -12.88 -49.09 -75.57
C THR A 4275 -12.87 -50.60 -75.42
N ARG A 4276 -11.69 -51.21 -75.26
CA ARG A 4276 -11.62 -52.65 -75.06
C ARG A 4276 -12.16 -53.07 -73.70
N SER A 4277 -12.24 -52.13 -72.75
CA SER A 4277 -12.72 -52.46 -71.42
C SER A 4277 -14.18 -52.92 -71.42
N PHE A 4278 -14.94 -52.61 -72.47
CA PHE A 4278 -16.31 -53.06 -72.59
C PHE A 4278 -16.43 -54.44 -73.21
N ASP A 4279 -15.32 -55.05 -73.62
CA ASP A 4279 -15.37 -56.39 -74.18
C ASP A 4279 -15.63 -57.43 -73.09
N SER A 4280 -16.15 -58.58 -73.51
CA SER A 4280 -16.46 -59.64 -72.55
C SER A 4280 -15.20 -60.31 -72.02
N GLU A 4281 -14.13 -60.33 -72.81
CA GLU A 4281 -12.90 -61.02 -72.45
C GLU A 4281 -11.81 -60.07 -71.95
N PHE A 4282 -12.18 -58.84 -71.59
CA PHE A 4282 -11.22 -57.90 -71.04
C PHE A 4282 -10.64 -58.42 -69.74
N LYS A 4283 -9.34 -58.19 -69.53
CA LYS A 4283 -8.62 -58.69 -68.36
C LYS A 4283 -8.21 -57.51 -67.49
N LEU A 4284 -8.79 -57.42 -66.29
CA LEU A 4284 -8.38 -56.39 -65.34
C LEU A 4284 -6.95 -56.62 -64.87
N ALA A 4285 -6.59 -57.87 -64.60
CA ALA A 4285 -5.24 -58.26 -64.22
C ALA A 4285 -4.87 -59.54 -64.94
N CYS A 4286 -3.56 -59.78 -65.06
CA CYS A 4286 -3.05 -60.94 -65.81
C CYS A 4286 -2.14 -61.75 -64.90
N LYS A 4287 -2.34 -63.08 -64.91
CA LYS A 4287 -1.48 -64.05 -64.24
C LYS A 4287 -1.22 -63.68 -62.77
N VAL A 4288 -2.33 -63.40 -62.07
CA VAL A 4288 -2.24 -63.02 -60.66
C VAL A 4288 -1.62 -64.14 -59.84
N ASP A 4289 -1.99 -65.39 -60.13
CA ASP A 4289 -1.39 -66.54 -59.47
C ASP A 4289 -0.55 -67.39 -60.42
N GLY A 4290 -0.26 -66.88 -61.62
CA GLY A 4290 0.51 -67.59 -62.62
C GLY A 4290 -0.35 -68.21 -63.70
N HIS A 4291 -1.56 -68.67 -63.37
CA HIS A 4291 -2.46 -69.28 -64.33
C HIS A 4291 -3.76 -68.50 -64.47
N LYS A 4292 -4.44 -68.21 -63.36
CA LYS A 4292 -5.70 -67.50 -63.39
C LYS A 4292 -5.46 -66.00 -63.51
N ASP A 4293 -6.38 -65.31 -64.17
CA ASP A 4293 -6.32 -63.86 -64.29
C ASP A 4293 -7.69 -63.27 -63.99
N ILE A 4294 -7.69 -62.02 -63.55
CA ILE A 4294 -8.93 -61.33 -63.21
C ILE A 4294 -9.68 -60.98 -64.49
N GLN A 4295 -10.98 -61.28 -64.52
CA GLN A 4295 -11.81 -61.11 -65.70
C GLN A 4295 -12.79 -59.96 -65.51
N MET A 4296 -12.97 -59.17 -66.55
CA MET A 4296 -13.92 -58.06 -66.54
C MET A 4296 -15.34 -58.59 -66.43
N PRO A 4297 -16.13 -58.13 -65.45
CA PRO A 4297 -17.52 -58.59 -65.37
C PRO A 4297 -18.33 -58.18 -66.59
N ASP A 4298 -19.30 -59.02 -66.94
CA ASP A 4298 -20.14 -58.78 -68.10
C ASP A 4298 -21.42 -58.03 -67.76
N GLY A 4299 -21.61 -57.62 -66.51
CA GLY A 4299 -22.81 -56.92 -66.13
C GLY A 4299 -22.87 -55.52 -66.70
N ILE A 4300 -24.08 -54.95 -66.66
CA ILE A 4300 -24.32 -53.59 -67.15
C ILE A 4300 -24.96 -52.69 -66.10
N ARG A 4301 -25.15 -53.17 -64.88
CA ARG A 4301 -25.79 -52.40 -63.83
C ARG A 4301 -24.94 -52.44 -62.58
N ARG A 4302 -25.26 -51.55 -61.63
CA ARG A 4302 -24.51 -51.46 -60.38
C ARG A 4302 -24.58 -52.76 -59.60
N GLU A 4303 -25.75 -53.40 -59.57
CA GLU A 4303 -25.93 -54.58 -58.74
C GLU A 4303 -25.01 -55.71 -59.17
N GLU A 4304 -24.89 -55.93 -60.47
CA GLU A 4304 -24.01 -56.99 -60.96
C GLU A 4304 -22.56 -56.72 -60.59
N PHE A 4305 -22.12 -55.46 -60.72
CA PHE A 4305 -20.74 -55.13 -60.38
C PHE A 4305 -20.47 -55.31 -58.90
N VAL A 4306 -21.40 -54.90 -58.04
CA VAL A 4306 -21.14 -55.05 -56.60
C VAL A 4306 -21.18 -56.52 -56.20
N GLN A 4307 -22.04 -57.32 -56.83
CA GLN A 4307 -22.00 -58.76 -56.58
C GLN A 4307 -20.67 -59.36 -57.01
N TRP A 4308 -20.15 -58.94 -58.17
CA TRP A 4308 -18.84 -59.43 -58.60
C TRP A 4308 -17.75 -59.03 -57.62
N VAL A 4309 -17.82 -57.79 -57.11
CA VAL A 4309 -16.84 -57.33 -56.14
C VAL A 4309 -16.90 -58.18 -54.87
N GLU A 4310 -18.11 -58.48 -54.40
CA GLU A 4310 -18.27 -59.31 -53.22
C GLU A 4310 -17.78 -60.73 -53.48
N LEU A 4311 -17.83 -61.20 -54.72
CA LEU A 4311 -17.42 -62.55 -55.07
C LEU A 4311 -15.91 -62.68 -55.31
N LEU A 4312 -15.15 -61.62 -55.09
CA LEU A 4312 -13.71 -61.70 -55.28
C LEU A 4312 -13.10 -62.66 -54.27
N PRO A 4313 -12.07 -63.42 -54.65
CA PRO A 4313 -11.46 -64.36 -53.71
C PRO A 4313 -10.81 -63.64 -52.53
N ASP A 4314 -10.82 -64.31 -51.37
CA ASP A 4314 -10.22 -63.72 -50.19
C ASP A 4314 -8.70 -63.59 -50.34
N THR A 4315 -8.06 -64.55 -51.01
CA THR A 4315 -6.62 -64.51 -51.22
C THR A 4315 -6.29 -63.35 -52.15
N GLN A 4316 -5.33 -62.53 -51.74
CA GLN A 4316 -4.87 -61.40 -52.53
C GLN A 4316 -3.35 -61.35 -52.51
N THR A 4317 -2.77 -61.04 -53.67
CA THR A 4317 -1.33 -60.97 -53.86
C THR A 4317 -0.99 -59.67 -54.57
N PRO A 4318 0.25 -59.18 -54.43
CA PRO A 4318 0.65 -57.97 -55.15
C PRO A 4318 0.55 -58.09 -56.66
N SER A 4319 0.47 -59.32 -57.19
CA SER A 4319 0.27 -59.49 -58.63
C SER A 4319 -1.08 -58.95 -59.08
N TRP A 4320 -2.03 -58.79 -58.16
CA TRP A 4320 -3.27 -58.10 -58.51
C TRP A 4320 -3.00 -56.67 -58.94
N LEU A 4321 -2.06 -56.00 -58.28
CA LEU A 4321 -1.70 -54.62 -58.58
C LEU A 4321 -0.67 -54.51 -59.71
N GLY A 4322 -0.22 -55.64 -60.26
CA GLY A 4322 0.83 -55.65 -61.25
C GLY A 4322 2.22 -55.76 -60.68
N LEU A 4323 2.37 -55.78 -59.37
CA LEU A 4323 3.66 -55.89 -58.71
C LEU A 4323 4.11 -57.35 -58.64
N PRO A 4324 5.41 -57.59 -58.48
CA PRO A 4324 5.87 -58.98 -58.30
C PRO A 4324 5.32 -59.57 -57.01
N ASN A 4325 5.13 -60.89 -57.03
CA ASN A 4325 4.49 -61.58 -55.91
C ASN A 4325 5.33 -61.56 -54.64
N ASN A 4326 6.63 -61.30 -54.75
CA ASN A 4326 7.51 -61.27 -53.58
C ASN A 4326 7.62 -59.88 -52.96
N ALA A 4327 6.87 -58.90 -53.47
CA ALA A 4327 6.95 -57.54 -52.96
C ALA A 4327 6.42 -57.41 -51.54
N GLU A 4328 5.63 -58.38 -51.07
CA GLU A 4328 5.05 -58.33 -49.73
C GLU A 4328 5.65 -59.34 -48.78
N ARG A 4329 6.70 -60.06 -49.19
CA ARG A 4329 7.28 -61.09 -48.32
C ARG A 4329 7.93 -60.47 -47.09
N VAL A 4330 8.79 -59.48 -47.30
CA VAL A 4330 9.47 -58.84 -46.18
C VAL A 4330 8.46 -58.11 -45.29
N LEU A 4331 7.48 -57.45 -45.91
CA LEU A 4331 6.45 -56.75 -45.14
C LEU A 4331 5.64 -57.72 -44.29
N LEU A 4332 5.26 -58.86 -44.87
CA LEU A 4332 4.50 -59.85 -44.10
C LEU A 4332 5.33 -60.44 -42.97
N THR A 4333 6.61 -60.71 -43.22
CA THR A 4333 7.48 -61.21 -42.17
C THR A 4333 7.61 -60.19 -41.04
N THR A 4334 7.77 -58.92 -41.40
CA THR A 4334 7.88 -57.86 -40.38
C THR A 4334 6.59 -57.76 -39.57
N GLN A 4335 5.43 -57.84 -40.23
CA GLN A 4335 4.18 -57.78 -39.50
C GLN A 4335 3.99 -58.99 -38.60
N GLY A 4336 4.46 -60.16 -39.03
CA GLY A 4336 4.40 -61.33 -38.16
C GLY A 4336 5.27 -61.16 -36.93
N VAL A 4337 6.49 -60.64 -37.11
CA VAL A 4337 7.37 -60.40 -35.97
C VAL A 4337 6.76 -59.37 -35.03
N ASP A 4338 6.16 -58.32 -35.59
CA ASP A 4338 5.52 -57.31 -34.76
C ASP A 4338 4.33 -57.88 -34.00
N MET A 4339 3.56 -58.76 -34.64
CA MET A 4339 2.45 -59.40 -33.94
C MET A 4339 2.94 -60.26 -32.79
N ILE A 4340 4.02 -61.00 -33.01
CA ILE A 4340 4.59 -61.81 -31.93
C ILE A 4340 5.06 -60.91 -30.80
N SER A 4341 5.74 -59.81 -31.12
CA SER A 4341 6.22 -58.89 -30.09
C SER A 4341 5.06 -58.27 -29.32
N LYS A 4342 3.99 -57.90 -30.02
CA LYS A 4342 2.82 -57.32 -29.35
C LYS A 4342 2.16 -58.33 -28.42
N MET A 4343 2.04 -59.59 -28.86
CA MET A 4343 1.46 -60.61 -28.01
C MET A 4343 2.33 -60.86 -26.78
N LEU A 4344 3.65 -60.85 -26.96
CA LEU A 4344 4.58 -61.07 -25.85
C LEU A 4344 4.64 -59.87 -24.90
N LYS A 4345 4.41 -58.65 -25.38
CA LYS A 4345 4.52 -57.46 -24.57
C LYS A 4345 3.42 -57.30 -23.54
N MET A 4346 2.21 -57.78 -23.83
CA MET A 4346 1.06 -57.60 -22.95
C MET A 4346 0.47 -58.91 -22.48
N GLN A 4347 1.31 -59.93 -22.27
CA GLN A 4347 0.87 -61.21 -21.72
C GLN A 4347 0.33 -61.06 -20.31
N PRO A 4374 32.91 -46.45 -15.89
CA PRO A 4374 31.70 -47.22 -16.20
C PRO A 4374 31.87 -48.13 -17.41
N ALA A 4375 31.02 -49.16 -17.51
CA ALA A 4375 31.15 -50.14 -18.58
C ALA A 4375 30.92 -49.52 -19.95
N TRP A 4376 29.91 -48.63 -20.06
CA TRP A 4376 29.63 -48.00 -21.34
C TRP A 4376 30.84 -47.21 -21.82
N MET A 4377 31.60 -46.65 -20.87
CA MET A 4377 32.79 -45.87 -21.22
C MET A 4377 33.83 -46.74 -21.91
N ARG A 4378 34.14 -47.89 -21.32
CA ARG A 4378 35.14 -48.78 -21.90
C ARG A 4378 34.65 -49.38 -23.21
N THR A 4379 33.37 -49.76 -23.28
CA THR A 4379 32.84 -50.29 -24.53
C THR A 4379 32.91 -49.25 -25.65
N LEU A 4380 32.58 -48.00 -25.33
CA LEU A 4380 32.65 -46.96 -26.36
C LEU A 4380 34.10 -46.66 -26.74
N HIS A 4381 35.04 -46.74 -25.80
CA HIS A 4381 36.45 -46.58 -26.15
C HIS A 4381 36.89 -47.66 -27.13
N THR A 4382 36.55 -48.93 -26.83
CA THR A 4382 36.94 -50.01 -27.73
C THR A 4382 36.29 -49.84 -29.09
N THR A 4383 35.02 -49.43 -29.12
CA THR A 4383 34.33 -49.19 -30.39
C THR A 4383 34.99 -48.07 -31.19
N ALA A 4384 35.36 -46.98 -30.51
CA ALA A 4384 35.99 -45.86 -31.20
C ALA A 4384 37.36 -46.25 -31.76
N SER A 4385 38.14 -47.00 -30.98
CA SER A 4385 39.44 -47.47 -31.47
C SER A 4385 39.25 -48.40 -32.66
N ASN A 4386 38.22 -49.26 -32.61
CA ASN A 4386 37.92 -50.16 -33.71
C ASN A 4386 37.62 -49.38 -34.98
N TRP A 4387 36.72 -48.38 -34.88
CA TRP A 4387 36.41 -47.52 -36.02
C TRP A 4387 37.64 -46.80 -36.53
N LEU A 4388 38.47 -46.27 -35.63
CA LEU A 4388 39.70 -45.60 -36.05
C LEU A 4388 40.59 -46.56 -36.83
N HIS A 4389 40.62 -47.83 -36.43
CA HIS A 4389 41.45 -48.79 -37.14
C HIS A 4389 40.91 -49.05 -38.54
N LEU A 4390 39.58 -49.17 -38.69
CA LEU A 4390 39.05 -49.34 -40.05
C LEU A 4390 39.19 -48.09 -40.90
N ILE A 4391 38.81 -46.93 -40.37
CA ILE A 4391 38.77 -45.72 -41.21
C ILE A 4391 40.18 -45.37 -41.67
N PRO A 4392 40.39 -45.11 -42.95
CA PRO A 4392 41.74 -44.76 -43.43
C PRO A 4392 42.20 -43.45 -42.83
N GLN A 4393 43.49 -43.15 -43.04
CA GLN A 4393 44.15 -42.04 -42.38
C GLN A 4393 44.47 -40.87 -43.29
N THR A 4394 44.82 -41.11 -44.55
CA THR A 4394 45.32 -40.07 -45.43
C THR A 4394 44.48 -39.96 -46.69
N LEU A 4395 44.37 -38.73 -47.19
CA LEU A 4395 43.71 -38.47 -48.47
C LEU A 4395 44.32 -37.20 -49.04
N SER A 4396 45.09 -37.33 -50.13
CA SER A 4396 45.82 -36.21 -50.69
C SER A 4396 44.94 -35.42 -51.66
N HIS A 4397 45.10 -34.10 -51.64
CA HIS A 4397 44.34 -33.22 -52.52
C HIS A 4397 44.83 -33.34 -53.95
N LEU A 4398 43.94 -33.07 -54.89
CA LEU A 4398 44.33 -32.98 -56.29
C LEU A 4398 45.01 -31.66 -56.58
N LYS A 4399 46.02 -31.71 -57.44
CA LYS A 4399 46.79 -30.52 -57.78
C LYS A 4399 46.14 -29.81 -58.96
N ARG A 4400 46.09 -28.48 -58.89
CA ARG A 4400 45.50 -27.68 -59.96
C ARG A 4400 46.57 -27.35 -61.00
N THR A 4401 46.24 -27.61 -62.27
CA THR A 4401 47.15 -27.37 -63.38
C THR A 4401 46.38 -26.63 -64.48
N VAL A 4402 47.13 -25.90 -65.31
CA VAL A 4402 46.50 -25.03 -66.30
C VAL A 4402 45.72 -25.86 -67.32
N GLU A 4403 46.20 -27.05 -67.67
CA GLU A 4403 45.45 -27.92 -68.55
C GLU A 4403 44.48 -28.83 -67.81
N ASN A 4404 44.65 -28.99 -66.49
CA ASN A 4404 43.74 -29.84 -65.72
C ASN A 4404 42.41 -29.16 -65.46
N ILE A 4405 42.39 -27.83 -65.40
CA ILE A 4405 41.16 -27.11 -65.09
C ILE A 4405 40.13 -27.26 -66.19
N LYS A 4406 40.58 -27.46 -67.43
CA LYS A 4406 39.66 -27.59 -68.56
C LYS A 4406 38.95 -28.94 -68.60
N ASP A 4407 39.37 -29.91 -67.79
CA ASP A 4407 38.78 -31.24 -67.81
C ASP A 4407 37.64 -31.30 -66.81
N PRO A 4408 36.38 -31.45 -67.24
CA PRO A 4408 35.28 -31.54 -66.27
C PRO A 4408 35.40 -32.71 -65.31
N LEU A 4409 35.93 -33.84 -65.79
CA LEU A 4409 36.11 -35.00 -64.91
C LEU A 4409 37.08 -34.67 -63.78
N PHE A 4410 38.18 -33.97 -64.10
CA PHE A 4410 39.10 -33.55 -63.05
C PHE A 4410 38.44 -32.55 -62.10
N ARG A 4411 37.57 -31.68 -62.63
CA ARG A 4411 36.86 -30.74 -61.77
C ARG A 4411 35.99 -31.47 -60.75
N PHE A 4412 35.19 -32.42 -61.23
CA PHE A 4412 34.33 -33.20 -60.33
C PHE A 4412 35.17 -34.00 -59.33
N PHE A 4413 36.25 -34.63 -59.80
CA PHE A 4413 37.10 -35.41 -58.89
C PHE A 4413 37.76 -34.51 -57.85
N GLU A 4414 38.12 -33.29 -58.23
CA GLU A 4414 38.75 -32.36 -57.30
C GLU A 4414 37.76 -31.93 -56.21
N ARG A 4415 36.51 -31.66 -56.61
CA ARG A 4415 35.48 -31.39 -55.62
C ARG A 4415 35.29 -32.58 -54.68
N GLU A 4416 35.24 -33.79 -55.26
CA GLU A 4416 35.00 -34.98 -54.46
C GLU A 4416 36.12 -35.20 -53.45
N VAL A 4417 37.38 -35.03 -53.88
CA VAL A 4417 38.49 -35.24 -52.97
C VAL A 4417 38.53 -34.16 -51.90
N LYS A 4418 38.16 -32.92 -52.25
CA LYS A 4418 38.07 -31.89 -51.23
C LYS A 4418 37.07 -32.27 -50.14
N MET A 4419 35.85 -32.64 -50.55
CA MET A 4419 34.83 -32.99 -49.55
C MET A 4419 35.24 -34.21 -48.75
N GLY A 4420 35.80 -35.22 -49.42
CA GLY A 4420 36.22 -36.42 -48.71
C GLY A 4420 37.33 -36.15 -47.72
N ALA A 4421 38.32 -35.34 -48.10
CA ALA A 4421 39.41 -35.02 -47.19
C ALA A 4421 38.90 -34.23 -45.99
N LYS A 4422 38.04 -33.25 -46.23
CA LYS A 4422 37.50 -32.47 -45.11
C LYS A 4422 36.74 -33.35 -44.14
N LEU A 4423 35.86 -34.20 -44.67
CA LEU A 4423 35.08 -35.08 -43.80
C LEU A 4423 35.96 -36.10 -43.09
N LEU A 4424 36.98 -36.64 -43.77
CA LEU A 4424 37.87 -37.62 -43.15
C LEU A 4424 38.64 -36.98 -42.00
N GLN A 4425 39.18 -35.78 -42.21
CA GLN A 4425 39.89 -35.09 -41.13
C GLN A 4425 38.96 -34.80 -39.96
N ASP A 4426 37.74 -34.34 -40.25
CA ASP A 4426 36.78 -34.04 -39.18
C ASP A 4426 36.46 -35.29 -38.37
N VAL A 4427 36.17 -36.40 -39.05
CA VAL A 4427 35.80 -37.63 -38.36
C VAL A 4427 36.97 -38.16 -37.54
N ARG A 4428 38.18 -38.14 -38.12
CA ARG A 4428 39.33 -38.65 -37.39
C ARG A 4428 39.64 -37.79 -36.17
N GLN A 4429 39.53 -36.47 -36.30
CA GLN A 4429 39.76 -35.59 -35.16
C GLN A 4429 38.72 -35.83 -34.07
N ASP A 4430 37.46 -36.00 -34.46
CA ASP A 4430 36.41 -36.28 -33.47
C ASP A 4430 36.67 -37.59 -32.77
N LEU A 4431 37.06 -38.63 -33.51
CA LEU A 4431 37.31 -39.93 -32.90
C LEU A 4431 38.53 -39.88 -31.98
N ALA A 4432 39.56 -39.10 -32.36
CA ALA A 4432 40.70 -38.93 -31.48
C ALA A 4432 40.31 -38.23 -30.19
N ASP A 4433 39.48 -37.19 -30.29
CA ASP A 4433 38.99 -36.55 -29.07
C ASP A 4433 38.18 -37.52 -28.22
N VAL A 4434 37.37 -38.36 -28.86
CA VAL A 4434 36.59 -39.35 -28.13
C VAL A 4434 37.50 -40.30 -27.37
N VAL A 4435 38.53 -40.84 -28.03
CA VAL A 4435 39.37 -41.82 -27.37
C VAL A 4435 40.22 -41.17 -26.29
N GLN A 4436 40.61 -39.90 -26.46
CA GLN A 4436 41.31 -39.19 -25.40
C GLN A 4436 40.41 -38.96 -24.20
N VAL A 4437 39.14 -38.63 -24.44
CA VAL A 4437 38.19 -38.49 -23.34
C VAL A 4437 38.01 -39.82 -22.61
N CYS A 4438 37.96 -40.90 -23.38
CA CYS A 4438 37.70 -42.21 -22.79
C CYS A 4438 38.81 -42.65 -21.85
N GLU A 4439 40.04 -42.19 -22.08
CA GLU A 4439 41.12 -42.48 -21.15
C GLU A 4439 41.26 -41.44 -20.04
N GLY A 4440 40.39 -40.44 -20.00
CA GLY A 4440 40.47 -39.42 -18.99
C GLY A 4440 41.54 -38.37 -19.20
N LYS A 4441 42.21 -38.39 -20.36
CA LYS A 4441 43.30 -37.45 -20.60
C LYS A 4441 42.78 -36.02 -20.71
N LYS A 4442 41.63 -35.84 -21.35
CA LYS A 4442 41.07 -34.51 -21.57
C LYS A 4442 39.64 -34.44 -21.06
N LYS A 4443 39.24 -33.23 -20.65
CA LYS A 4443 37.89 -33.00 -20.14
C LYS A 4443 36.88 -33.04 -21.29
N GLN A 4444 35.65 -33.40 -20.94
CA GLN A 4444 34.57 -33.57 -21.91
C GLN A 4444 33.84 -32.23 -22.07
N THR A 4445 33.80 -31.73 -23.30
CA THR A 4445 33.20 -30.44 -23.62
C THR A 4445 31.77 -30.64 -24.10
N ASN A 4446 31.10 -29.52 -24.43
CA ASN A 4446 29.71 -29.57 -24.87
C ASN A 4446 29.57 -30.34 -26.17
N TYR A 4447 30.39 -29.99 -27.17
CA TYR A 4447 30.37 -30.71 -28.43
C TYR A 4447 30.77 -32.17 -28.21
N LEU A 4448 31.78 -32.41 -27.37
CA LEU A 4448 32.17 -33.77 -27.05
C LEU A 4448 31.07 -34.50 -26.29
N ARG A 4449 30.38 -33.80 -25.38
CA ARG A 4449 29.24 -34.40 -24.68
C ARG A 4449 28.17 -34.85 -25.66
N THR A 4450 27.80 -33.97 -26.60
CA THR A 4450 26.78 -34.33 -27.58
C THR A 4450 27.24 -35.48 -28.46
N LEU A 4451 28.51 -35.47 -28.88
CA LEU A 4451 29.02 -36.54 -29.73
C LEU A 4451 29.01 -37.88 -29.00
N ILE A 4452 29.43 -37.90 -27.73
CA ILE A 4452 29.40 -39.14 -26.96
C ILE A 4452 27.96 -39.61 -26.75
N ASN A 4453 27.05 -38.68 -26.47
CA ASN A 4453 25.65 -39.05 -26.26
C ASN A 4453 25.05 -39.64 -27.53
N GLU A 4454 25.43 -39.11 -28.70
CA GLU A 4454 24.92 -39.66 -29.95
C GLU A 4454 25.58 -40.99 -30.30
N LEU A 4455 26.86 -41.16 -29.98
CA LEU A 4455 27.55 -42.41 -30.31
C LEU A 4455 27.10 -43.55 -29.42
N VAL A 4456 26.85 -43.29 -28.14
CA VAL A 4456 26.44 -44.36 -27.23
C VAL A 4456 25.06 -44.88 -27.60
N LYS A 4457 24.21 -44.04 -28.17
CA LYS A 4457 22.88 -44.46 -28.61
C LYS A 4457 22.88 -45.05 -30.01
N GLY A 4458 24.03 -45.12 -30.67
CA GLY A 4458 24.09 -45.62 -32.03
C GLY A 4458 23.39 -44.74 -33.04
N ILE A 4459 23.52 -43.42 -32.90
CA ILE A 4459 22.89 -42.45 -33.80
C ILE A 4459 24.00 -41.73 -34.56
N LEU A 4460 23.84 -41.65 -35.87
CA LEU A 4460 24.84 -40.99 -36.71
C LEU A 4460 24.85 -39.49 -36.40
N PRO A 4461 26.00 -38.92 -36.02
CA PRO A 4461 26.03 -37.49 -35.71
C PRO A 4461 25.70 -36.63 -36.91
N ARG A 4462 25.04 -35.49 -36.64
CA ARG A 4462 24.68 -34.57 -37.71
C ARG A 4462 25.91 -33.92 -38.34
N SER A 4463 26.98 -33.75 -37.56
CA SER A 4463 28.20 -33.13 -38.09
C SER A 4463 28.81 -34.00 -39.18
N TRP A 4464 28.75 -35.33 -39.01
CA TRP A 4464 29.30 -36.25 -40.00
C TRP A 4464 28.39 -36.45 -41.20
N SER A 4465 27.15 -35.94 -41.15
CA SER A 4465 26.18 -36.14 -42.23
C SER A 4465 26.27 -34.97 -43.20
N HIS A 4466 27.04 -35.14 -44.26
CA HIS A 4466 27.14 -34.16 -45.32
C HIS A 4466 26.67 -34.69 -46.67
N TYR A 4467 27.19 -35.83 -47.11
CA TYR A 4467 26.67 -36.44 -48.33
C TYR A 4467 25.33 -37.10 -48.06
N THR A 4468 24.52 -37.18 -49.12
CA THR A 4468 23.19 -37.77 -48.98
C THR A 4468 23.30 -39.24 -48.57
N VAL A 4469 22.36 -39.67 -47.72
CA VAL A 4469 22.47 -40.95 -47.03
C VAL A 4469 21.06 -41.44 -46.70
N PRO A 4470 20.80 -42.75 -46.67
CA PRO A 4470 19.49 -43.22 -46.20
C PRO A 4470 19.19 -42.73 -44.79
N ALA A 4471 17.92 -42.41 -44.56
CA ALA A 4471 17.49 -41.79 -43.32
C ALA A 4471 17.71 -42.72 -42.12
N GLY A 4472 17.26 -43.97 -42.22
CA GLY A 4472 17.38 -44.90 -41.13
C GLY A 4472 18.63 -45.76 -41.18
N MET A 4473 19.80 -45.13 -41.12
CA MET A 4473 21.08 -45.83 -41.16
C MET A 4473 21.79 -45.66 -39.83
N THR A 4474 22.26 -46.78 -39.27
CA THR A 4474 22.98 -46.74 -38.01
C THR A 4474 24.38 -46.15 -38.21
N VAL A 4475 25.01 -45.82 -37.10
CA VAL A 4475 26.31 -45.16 -37.16
C VAL A 4475 27.38 -46.14 -37.65
N ILE A 4476 27.25 -47.42 -37.31
CA ILE A 4476 28.23 -48.41 -37.75
C ILE A 4476 28.18 -48.60 -39.27
N GLN A 4477 26.97 -48.63 -39.84
CA GLN A 4477 26.85 -48.74 -41.29
C GLN A 4477 27.44 -47.52 -41.98
N TRP A 4478 27.20 -46.33 -41.42
CA TRP A 4478 27.80 -45.13 -41.97
C TRP A 4478 29.32 -45.18 -41.90
N VAL A 4479 29.85 -45.68 -40.79
CA VAL A 4479 31.30 -45.77 -40.65
C VAL A 4479 31.88 -46.71 -41.70
N SER A 4480 31.25 -47.87 -41.91
CA SER A 4480 31.74 -48.80 -42.91
C SER A 4480 31.68 -48.19 -44.31
N ASP A 4481 30.53 -47.59 -44.65
CA ASP A 4481 30.38 -46.99 -45.98
C ASP A 4481 31.39 -45.87 -46.19
N PHE A 4482 31.62 -45.06 -45.15
CA PHE A 4482 32.64 -44.03 -45.21
C PHE A 4482 34.02 -44.65 -45.43
N SER A 4483 34.28 -45.80 -44.82
CA SER A 4483 35.56 -46.47 -45.01
C SER A 4483 35.77 -46.83 -46.48
N GLU A 4484 34.79 -47.50 -47.09
CA GLU A 4484 34.97 -47.83 -48.51
C GLU A 4484 35.00 -46.58 -49.39
N ARG A 4485 34.24 -45.54 -49.04
CA ARG A 4485 34.27 -44.32 -49.83
C ARG A 4485 35.65 -43.67 -49.79
N ILE A 4486 36.28 -43.64 -48.60
CA ILE A 4486 37.62 -43.08 -48.49
C ILE A 4486 38.64 -43.96 -49.20
N LYS A 4487 38.45 -45.28 -49.17
CA LYS A 4487 39.35 -46.15 -49.93
C LYS A 4487 39.28 -45.83 -51.42
N GLN A 4488 38.07 -45.70 -51.96
CA GLN A 4488 37.93 -45.34 -53.37
C GLN A 4488 38.52 -43.96 -53.64
N LEU A 4489 38.31 -43.02 -52.72
CA LEU A 4489 38.81 -41.66 -52.91
C LEU A 4489 40.35 -41.65 -52.94
N GLN A 4490 40.99 -42.40 -52.05
CA GLN A 4490 42.44 -42.42 -52.06
C GLN A 4490 42.98 -43.15 -53.28
N ASN A 4491 42.28 -44.20 -53.74
CA ASN A 4491 42.71 -44.87 -54.97
C ASN A 4491 42.63 -43.92 -56.17
N ILE A 4492 41.54 -43.17 -56.29
CA ILE A 4492 41.40 -42.29 -57.43
C ILE A 4492 42.36 -41.10 -57.32
N SER A 4493 42.64 -40.64 -56.11
CA SER A 4493 43.62 -39.58 -55.93
C SER A 4493 45.02 -40.05 -56.33
N LEU A 4494 45.39 -41.27 -55.93
CA LEU A 4494 46.67 -41.82 -56.35
C LEU A 4494 46.73 -41.99 -57.86
N ALA A 4495 45.62 -42.42 -58.47
CA ALA A 4495 45.57 -42.53 -59.92
C ALA A 4495 45.76 -41.19 -60.60
N ALA A 4496 45.13 -40.15 -60.06
CA ALA A 4496 45.27 -38.81 -60.63
C ALA A 4496 46.70 -38.30 -60.48
N ALA A 4497 47.32 -38.54 -59.32
CA ALA A 4497 48.67 -38.04 -59.08
C ALA A 4497 49.67 -38.66 -60.04
N SER A 4498 49.56 -39.96 -60.30
CA SER A 4498 50.50 -40.68 -61.17
C SER A 4498 49.73 -41.18 -62.39
N GLY A 4499 49.92 -40.50 -63.52
CA GLY A 4499 49.28 -40.90 -64.76
C GLY A 4499 48.46 -39.81 -65.41
N GLY A 4500 48.37 -38.66 -64.75
CA GLY A 4500 47.58 -37.56 -65.29
C GLY A 4500 46.09 -37.89 -65.32
N ALA A 4501 45.42 -37.38 -66.35
CA ALA A 4501 43.99 -37.60 -66.51
C ALA A 4501 43.65 -38.88 -67.25
N LYS A 4502 44.65 -39.56 -67.83
CA LYS A 4502 44.38 -40.79 -68.57
C LYS A 4502 43.83 -41.87 -67.66
N GLU A 4503 44.52 -42.14 -66.54
CA GLU A 4503 44.03 -43.15 -65.61
C GLU A 4503 42.73 -42.71 -64.94
N LEU A 4504 42.55 -41.40 -64.75
CA LEU A 4504 41.28 -40.90 -64.22
C LEU A 4504 40.13 -41.23 -65.17
N LYS A 4505 40.36 -41.07 -66.48
CA LYS A 4505 39.32 -41.42 -67.44
C LYS A 4505 39.14 -42.93 -67.54
N ASN A 4506 40.21 -43.70 -67.32
CA ASN A 4506 40.17 -45.13 -67.52
C ASN A 4506 39.89 -45.91 -66.24
N ILE A 4507 39.63 -45.25 -65.13
CA ILE A 4507 39.39 -45.95 -63.86
C ILE A 4507 37.91 -46.30 -63.75
N HIS A 4508 37.63 -47.46 -63.16
CA HIS A 4508 36.26 -47.93 -62.95
C HIS A 4508 35.79 -47.44 -61.59
N VAL A 4509 34.93 -46.44 -61.59
CA VAL A 4509 34.44 -45.84 -60.35
C VAL A 4509 33.14 -46.51 -59.94
N CYS A 4510 32.81 -46.43 -58.66
CA CYS A 4510 31.55 -46.93 -58.13
C CYS A 4510 30.67 -45.73 -57.81
N LEU A 4511 29.50 -45.67 -58.44
CA LEU A 4511 28.62 -44.52 -58.26
C LEU A 4511 28.06 -44.45 -56.85
N GLY A 4512 27.93 -45.59 -56.18
CA GLY A 4512 27.42 -45.58 -54.82
C GLY A 4512 28.33 -44.85 -53.84
N GLY A 4513 29.65 -45.06 -53.98
CA GLY A 4513 30.59 -44.41 -53.09
C GLY A 4513 30.78 -42.93 -53.35
N LEU A 4514 30.49 -42.47 -54.57
CA LEU A 4514 30.63 -41.06 -54.89
C LEU A 4514 29.59 -40.23 -54.13
N PHE A 4515 30.00 -39.04 -53.68
CA PHE A 4515 29.09 -38.19 -52.94
C PHE A 4515 27.97 -37.65 -53.84
N VAL A 4516 28.31 -37.19 -55.03
CA VAL A 4516 27.32 -36.65 -55.96
C VAL A 4516 27.50 -37.34 -57.30
N PRO A 4517 26.93 -38.54 -57.50
CA PRO A 4517 27.12 -39.25 -58.77
C PRO A 4517 26.57 -38.53 -59.99
N GLU A 4518 25.49 -37.75 -59.83
CA GLU A 4518 24.94 -37.04 -60.97
C GLU A 4518 25.96 -36.04 -61.54
N ALA A 4519 26.78 -35.45 -60.67
CA ALA A 4519 27.85 -34.60 -61.14
C ALA A 4519 28.87 -35.41 -61.94
N TYR A 4520 29.13 -36.66 -61.54
CA TYR A 4520 30.01 -37.51 -62.33
C TYR A 4520 29.43 -37.79 -63.70
N ILE A 4521 28.12 -38.07 -63.78
CA ILE A 4521 27.49 -38.32 -65.08
C ILE A 4521 27.61 -37.08 -65.96
N THR A 4522 27.35 -35.90 -65.39
CA THR A 4522 27.47 -34.67 -66.15
C THR A 4522 28.92 -34.43 -66.58
N ALA A 4523 29.88 -34.77 -65.72
CA ALA A 4523 31.28 -34.61 -66.08
C ALA A 4523 31.66 -35.51 -67.25
N THR A 4524 31.17 -36.75 -67.24
CA THR A 4524 31.42 -37.64 -68.38
C THR A 4524 30.78 -37.09 -69.65
N ARG A 4525 29.55 -36.56 -69.53
CA ARG A 4525 28.90 -35.96 -70.70
C ARG A 4525 29.73 -34.82 -71.25
N GLN A 4526 30.23 -33.94 -70.37
CA GLN A 4526 31.03 -32.81 -70.82
C GLN A 4526 32.37 -33.25 -71.40
N TYR A 4527 32.96 -34.31 -70.84
CA TYR A 4527 34.20 -34.84 -71.38
C TYR A 4527 34.02 -35.33 -72.80
N VAL A 4528 32.95 -36.10 -73.04
CA VAL A 4528 32.69 -36.58 -74.39
C VAL A 4528 32.35 -35.42 -75.32
N ALA A 4529 31.61 -34.42 -74.80
CA ALA A 4529 31.25 -33.27 -75.62
C ALA A 4529 32.49 -32.49 -76.06
N GLN A 4530 33.44 -32.28 -75.16
CA GLN A 4530 34.65 -31.56 -75.54
C GLN A 4530 35.55 -32.41 -76.42
N ALA A 4531 35.58 -33.74 -76.21
CA ALA A 4531 36.37 -34.60 -77.06
C ALA A 4531 35.86 -34.59 -78.49
N ASN A 4532 34.54 -34.64 -78.67
CA ASN A 4532 33.93 -34.63 -79.99
C ASN A 4532 33.60 -33.23 -80.49
N SER A 4533 33.77 -32.21 -79.65
CA SER A 4533 33.41 -30.82 -79.98
C SER A 4533 31.95 -30.73 -80.39
N TRP A 4534 31.08 -31.33 -79.57
CA TRP A 4534 29.64 -31.37 -79.81
C TRP A 4534 28.90 -30.63 -78.70
N SER A 4535 27.66 -30.27 -79.00
CA SER A 4535 26.78 -29.69 -77.98
C SER A 4535 26.42 -30.74 -76.94
N LEU A 4536 26.20 -30.27 -75.71
CA LEU A 4536 25.90 -31.19 -74.62
C LEU A 4536 24.59 -31.92 -74.84
N GLU A 4537 23.57 -31.24 -75.35
CA GLU A 4537 22.27 -31.86 -75.59
C GLU A 4537 22.32 -32.93 -76.67
N GLU A 4538 23.28 -32.87 -77.58
CA GLU A 4538 23.36 -33.77 -78.72
C GLU A 4538 23.91 -35.15 -78.35
N LEU A 4539 24.09 -35.44 -77.07
CA LEU A 4539 24.68 -36.69 -76.63
C LEU A 4539 23.61 -37.57 -75.99
N CYS A 4540 23.65 -38.86 -76.30
CA CYS A 4540 22.75 -39.85 -75.72
C CYS A 4540 23.54 -40.87 -74.93
N LEU A 4541 22.88 -41.47 -73.94
CA LEU A 4541 23.51 -42.47 -73.09
C LEU A 4541 22.94 -43.85 -73.45
N GLU A 4542 23.81 -44.73 -73.95
CA GLU A 4542 23.48 -46.14 -74.15
C GLU A 4542 24.35 -46.96 -73.23
N VAL A 4543 23.74 -47.92 -72.55
CA VAL A 4543 24.40 -48.66 -71.48
C VAL A 4543 24.80 -50.04 -71.98
N ASN A 4544 26.07 -50.39 -71.78
CA ASN A 4544 26.58 -51.71 -72.16
C ASN A 4544 26.98 -52.43 -70.87
N VAL A 4545 26.41 -53.61 -70.67
CA VAL A 4545 26.68 -54.42 -69.49
C VAL A 4545 27.45 -55.67 -69.91
N THR A 4546 28.61 -55.88 -69.31
CA THR A 4546 29.47 -57.01 -69.64
C THR A 4546 29.36 -58.11 -68.58
N THR A 4547 29.80 -59.31 -68.97
CA THR A 4547 29.78 -60.43 -68.05
C THR A 4547 30.73 -60.23 -66.88
N SER A 4548 31.90 -59.65 -67.15
CA SER A 4548 32.92 -59.46 -66.12
C SER A 4548 33.55 -58.08 -66.28
N GLN A 4549 34.22 -57.64 -65.22
CA GLN A 4549 34.90 -56.36 -65.22
C GLN A 4549 36.21 -56.45 -66.00
N GLY A 4550 36.85 -55.29 -66.17
CA GLY A 4550 38.11 -55.23 -66.88
C GLY A 4550 37.99 -55.10 -68.39
N ALA A 4551 36.79 -54.92 -68.92
CA ALA A 4551 36.63 -54.74 -70.36
C ALA A 4551 37.26 -53.44 -70.80
N THR A 4552 37.85 -53.45 -72.00
CA THR A 4552 38.52 -52.26 -72.51
C THR A 4552 37.50 -51.16 -72.80
N LEU A 4553 37.88 -49.93 -72.46
CA LEU A 4553 37.03 -48.77 -72.65
C LEU A 4553 37.54 -47.96 -73.83
N ASP A 4554 36.64 -47.57 -74.72
CA ASP A 4554 37.00 -46.80 -75.89
C ASP A 4554 37.13 -45.33 -75.52
N ALA A 4555 37.22 -44.45 -76.53
CA ALA A 4555 37.50 -43.04 -76.26
C ALA A 4555 36.37 -42.36 -75.50
N CYS A 4556 35.14 -42.86 -75.63
CA CYS A 4556 33.97 -42.24 -75.00
C CYS A 4556 33.18 -43.24 -74.16
N SER A 4557 33.88 -44.09 -73.41
CA SER A 4557 33.24 -45.06 -72.53
C SER A 4557 33.79 -44.92 -71.11
N PHE A 4558 32.91 -45.11 -70.13
CA PHE A 4558 33.28 -45.00 -68.72
C PHE A 4558 32.80 -46.24 -67.98
N GLY A 4559 33.66 -46.80 -67.14
CA GLY A 4559 33.33 -48.01 -66.40
C GLY A 4559 32.73 -47.69 -65.05
N VAL A 4560 31.58 -48.29 -64.76
CA VAL A 4560 30.86 -48.08 -63.51
C VAL A 4560 30.60 -49.44 -62.87
N THR A 4561 30.84 -49.54 -61.57
CA THR A 4561 30.63 -50.77 -60.82
C THR A 4561 29.72 -50.51 -59.64
N GLY A 4562 29.14 -51.60 -59.12
CA GLY A 4562 28.29 -51.53 -57.95
C GLY A 4562 26.82 -51.30 -58.22
N LEU A 4563 26.42 -51.15 -59.48
CA LEU A 4563 25.01 -50.95 -59.80
C LEU A 4563 24.21 -52.21 -59.51
N LYS A 4564 23.02 -52.04 -58.93
CA LYS A 4564 22.12 -53.14 -58.63
C LYS A 4564 20.82 -52.94 -59.38
N LEU A 4565 20.40 -53.97 -60.12
CA LEU A 4565 19.16 -53.93 -60.88
C LEU A 4565 18.06 -54.63 -60.07
N GLN A 4566 16.91 -53.98 -59.93
CA GLN A 4566 15.85 -54.43 -59.05
C GLN A 4566 14.75 -55.12 -59.84
N GLY A 4567 14.42 -56.35 -59.44
CA GLY A 4567 13.29 -57.05 -60.01
C GLY A 4567 13.45 -57.50 -61.44
N ALA A 4568 14.69 -57.65 -61.92
CA ALA A 4568 14.94 -58.09 -63.28
C ALA A 4568 16.36 -58.62 -63.37
N THR A 4569 16.69 -59.19 -64.52
CA THR A 4569 18.04 -59.68 -64.81
C THR A 4569 18.45 -59.22 -66.20
N CYS A 4570 19.77 -59.14 -66.40
CA CYS A 4570 20.34 -58.67 -67.66
C CYS A 4570 21.22 -59.76 -68.24
N ASN A 4571 20.80 -60.31 -69.37
CA ASN A 4571 21.55 -61.34 -70.09
C ASN A 4571 21.89 -60.83 -71.49
N ASN A 4572 23.18 -60.77 -71.80
CA ASN A 4572 23.66 -60.28 -73.09
C ASN A 4572 23.09 -58.89 -73.39
N ASN A 4573 23.14 -58.02 -72.37
CA ASN A 4573 22.62 -56.66 -72.46
C ASN A 4573 21.14 -56.66 -72.87
N LYS A 4574 20.39 -57.63 -72.36
CA LYS A 4574 18.96 -57.71 -72.60
C LYS A 4574 18.26 -58.06 -71.30
N LEU A 4575 17.13 -57.39 -71.04
CA LEU A 4575 16.44 -57.51 -69.77
C LEU A 4575 15.41 -58.63 -69.81
N SER A 4576 15.32 -59.36 -68.71
CA SER A 4576 14.29 -60.37 -68.51
C SER A 4576 13.73 -60.20 -67.10
N LEU A 4577 12.41 -60.24 -66.98
CA LEU A 4577 11.78 -60.10 -65.67
C LEU A 4577 12.17 -61.25 -64.77
N SER A 4578 12.54 -60.94 -63.53
CA SER A 4578 13.03 -61.93 -62.58
C SER A 4578 12.28 -61.80 -61.27
N ASN A 4579 12.26 -62.90 -60.52
CA ASN A 4579 11.63 -62.94 -59.21
C ASN A 4579 12.60 -62.59 -58.08
N ALA A 4580 13.85 -62.29 -58.40
CA ALA A 4580 14.83 -61.88 -57.40
C ALA A 4580 14.67 -60.39 -57.11
N ILE A 4581 14.82 -60.04 -55.83
CA ILE A 4581 14.65 -58.64 -55.42
C ILE A 4581 15.71 -57.76 -56.08
N SER A 4582 16.97 -58.22 -56.06
CA SER A 4582 18.07 -57.45 -56.62
C SER A 4582 18.96 -58.37 -57.44
N THR A 4583 19.63 -57.78 -58.43
CA THR A 4583 20.56 -58.50 -59.29
C THR A 4583 21.76 -57.61 -59.55
N ALA A 4584 22.93 -58.05 -59.12
CA ALA A 4584 24.14 -57.25 -59.26
C ALA A 4584 24.57 -57.16 -60.71
N LEU A 4585 25.03 -55.97 -61.10
CA LEU A 4585 25.57 -55.76 -62.44
C LEU A 4585 27.09 -55.76 -62.37
N PRO A 4586 27.77 -56.69 -63.05
CA PRO A 4586 29.22 -56.80 -62.91
C PRO A 4586 29.96 -55.52 -63.29
N LEU A 4587 29.77 -55.05 -64.52
CA LEU A 4587 30.40 -53.82 -64.99
C LEU A 4587 29.45 -53.10 -65.93
N THR A 4588 29.26 -51.81 -65.67
CA THR A 4588 28.37 -50.96 -66.48
C THR A 4588 29.22 -49.95 -67.23
N GLN A 4589 29.07 -49.93 -68.55
CA GLN A 4589 29.82 -49.02 -69.41
C GLN A 4589 28.88 -47.95 -69.95
N LEU A 4590 29.14 -46.71 -69.59
CA LEU A 4590 28.37 -45.57 -70.08
C LEU A 4590 29.12 -44.98 -71.28
N ARG A 4591 28.60 -45.21 -72.47
CA ARG A 4591 29.18 -44.69 -73.70
C ARG A 4591 28.23 -43.68 -74.32
N TRP A 4592 28.76 -42.50 -74.63
CA TRP A 4592 27.96 -41.38 -75.11
C TRP A 4592 27.98 -41.36 -76.64
N VAL A 4593 26.79 -41.22 -77.22
CA VAL A 4593 26.61 -41.31 -78.66
C VAL A 4593 25.85 -40.08 -79.17
N LYS A 4594 25.96 -39.84 -80.47
CA LYS A 4594 25.29 -38.72 -81.10
C LYS A 4594 23.78 -38.92 -81.13
N GLN A 4595 23.04 -37.83 -81.02
CA GLN A 4595 21.59 -37.89 -81.17
C GLN A 4595 21.22 -38.34 -82.58
N THR A 4596 20.29 -39.29 -82.67
CA THR A 4596 19.82 -39.80 -83.95
C THR A 4596 18.32 -39.64 -84.13
N ASN A 4597 17.61 -39.06 -83.15
CA ASN A 4597 16.17 -38.78 -83.18
C ASN A 4597 15.37 -39.88 -83.88
N THR A 4598 15.67 -41.12 -83.52
CA THR A 4598 15.01 -42.29 -84.08
C THR A 4598 13.92 -42.83 -83.16
N GLU A 4599 13.57 -42.10 -82.11
CA GLU A 4599 12.56 -42.51 -81.12
C GLU A 4599 13.03 -43.83 -80.49
N LYS A 4600 12.13 -44.75 -80.19
CA LYS A 4600 12.50 -46.03 -79.58
C LYS A 4600 12.15 -47.17 -80.52
N LYS A 4601 12.69 -48.35 -80.22
CA LYS A 4601 12.47 -49.54 -81.02
C LYS A 4601 11.26 -50.34 -80.57
N ALA A 4602 10.36 -49.72 -79.79
CA ALA A 4602 9.15 -50.34 -79.28
C ALA A 4602 9.46 -51.52 -78.36
N SER A 4603 10.74 -51.69 -78.01
CA SER A 4603 11.16 -52.73 -77.08
C SER A 4603 12.25 -52.22 -76.15
N VAL A 4604 12.25 -50.93 -75.87
CA VAL A 4604 13.26 -50.30 -75.03
C VAL A 4604 12.58 -49.67 -73.83
N VAL A 4605 13.06 -49.98 -72.63
CA VAL A 4605 12.51 -49.48 -71.38
C VAL A 4605 13.49 -48.47 -70.79
N THR A 4606 12.96 -47.33 -70.34
CA THR A 4606 13.75 -46.30 -69.68
C THR A 4606 13.66 -46.53 -68.19
N LEU A 4607 14.66 -47.20 -67.64
CA LEU A 4607 14.67 -47.54 -66.21
C LEU A 4607 15.30 -46.41 -65.41
N PRO A 4608 14.63 -45.90 -64.38
CA PRO A 4608 15.27 -44.92 -63.50
C PRO A 4608 16.45 -45.53 -62.77
N VAL A 4609 17.48 -44.71 -62.52
CA VAL A 4609 18.61 -45.15 -61.72
C VAL A 4609 18.59 -44.38 -60.40
N TYR A 4610 18.13 -45.04 -59.35
CA TYR A 4610 18.04 -44.40 -58.05
C TYR A 4610 19.34 -44.61 -57.26
N LEU A 4611 19.57 -43.74 -56.29
CA LEU A 4611 20.78 -43.85 -55.48
C LEU A 4611 20.71 -45.02 -54.53
N ASN A 4612 19.69 -45.05 -53.67
CA ASN A 4612 19.55 -46.06 -52.63
C ASN A 4612 18.18 -46.72 -52.77
N PHE A 4613 17.90 -47.63 -51.83
CA PHE A 4613 16.63 -48.37 -51.86
C PHE A 4613 15.43 -47.48 -51.58
N THR A 4614 15.64 -46.31 -50.99
CA THR A 4614 14.53 -45.40 -50.72
C THR A 4614 13.94 -44.81 -51.99
N ARG A 4615 14.69 -44.83 -53.10
CA ARG A 4615 14.23 -44.30 -54.39
C ARG A 4615 13.81 -42.84 -54.27
N ALA A 4616 14.56 -42.07 -53.49
CA ALA A 4616 14.26 -40.66 -53.28
C ALA A 4616 15.10 -39.73 -54.13
N ASP A 4617 16.26 -40.18 -54.60
CA ASP A 4617 17.16 -39.35 -55.41
C ASP A 4617 17.30 -39.99 -56.79
N LEU A 4618 17.07 -39.20 -57.82
CA LEU A 4618 17.26 -39.63 -59.21
C LEU A 4618 18.62 -39.15 -59.69
N ILE A 4619 19.41 -40.07 -60.25
CA ILE A 4619 20.77 -39.76 -60.68
C ILE A 4619 20.78 -39.58 -62.20
N PHE A 4620 20.37 -40.61 -62.92
CA PHE A 4620 20.28 -40.56 -64.38
C PHE A 4620 19.35 -41.68 -64.83
N THR A 4621 19.17 -41.79 -66.14
CA THR A 4621 18.29 -42.78 -66.74
C THR A 4621 19.06 -43.66 -67.71
N VAL A 4622 18.57 -44.89 -67.88
CA VAL A 4622 19.19 -45.88 -68.75
C VAL A 4622 18.16 -46.40 -69.73
N ASP A 4623 18.65 -46.99 -70.82
CA ASP A 4623 17.81 -47.59 -71.85
C ASP A 4623 18.32 -48.99 -72.14
N PHE A 4624 17.47 -49.98 -71.89
CA PHE A 4624 17.77 -51.38 -72.17
C PHE A 4624 16.73 -51.95 -73.13
N GLU A 4625 17.15 -52.98 -73.87
CA GLU A 4625 16.25 -53.67 -74.79
C GLU A 4625 15.74 -54.94 -74.14
N ILE A 4626 14.43 -55.14 -74.22
CA ILE A 4626 13.79 -56.28 -73.56
C ILE A 4626 14.04 -57.55 -74.36
N ALA A 4627 14.45 -58.60 -73.66
CA ALA A 4627 14.65 -59.90 -74.29
C ALA A 4627 13.31 -60.61 -74.48
N THR A 4628 13.33 -61.61 -75.35
CA THR A 4628 12.16 -62.45 -75.67
C THR A 4628 11.03 -61.52 -76.14
N LYS A 4629 9.78 -61.78 -75.74
CA LYS A 4629 8.63 -61.01 -76.18
C LYS A 4629 7.87 -60.44 -74.98
N GLU A 4630 8.60 -59.89 -74.01
CA GLU A 4630 7.95 -59.35 -72.83
C GLU A 4630 7.34 -57.98 -73.14
N ASP A 4631 6.68 -57.41 -72.13
CA ASP A 4631 5.91 -56.18 -72.29
C ASP A 4631 6.58 -55.07 -71.50
N PRO A 4632 6.94 -53.94 -72.14
CA PRO A 4632 7.49 -52.82 -71.35
C PRO A 4632 6.53 -52.30 -70.30
N ARG A 4633 5.23 -52.40 -70.53
CA ARG A 4633 4.27 -52.01 -69.51
C ARG A 4633 4.38 -52.89 -68.27
N SER A 4634 4.74 -54.16 -68.46
CA SER A 4634 5.00 -55.02 -67.31
C SER A 4634 6.22 -54.55 -66.54
N PHE A 4635 7.25 -54.09 -67.24
CA PHE A 4635 8.41 -53.52 -66.56
C PHE A 4635 8.04 -52.27 -65.78
N TYR A 4636 7.21 -51.40 -66.37
CA TYR A 4636 6.78 -50.19 -65.67
C TYR A 4636 5.94 -50.53 -64.44
N GLU A 4637 5.05 -51.53 -64.56
CA GLU A 4637 4.16 -51.87 -63.46
C GLU A 4637 4.90 -52.52 -62.30
N ARG A 4638 5.94 -53.31 -62.59
CA ARG A 4638 6.65 -54.06 -61.56
C ARG A 4638 7.70 -53.22 -60.84
N GLY A 4639 7.86 -51.96 -61.20
CA GLY A 4639 8.82 -51.09 -60.53
C GLY A 4639 10.26 -51.48 -60.71
N VAL A 4640 10.64 -51.86 -61.93
CA VAL A 4640 12.03 -52.23 -62.21
C VAL A 4640 12.87 -50.96 -62.26
N ALA A 4641 13.96 -50.95 -61.48
CA ALA A 4641 14.83 -49.79 -61.39
C ALA A 4641 16.24 -50.26 -61.06
N VAL A 4642 17.18 -49.33 -61.15
CA VAL A 4642 18.60 -49.61 -60.90
C VAL A 4642 19.04 -48.80 -59.68
N LEU A 4643 19.70 -49.48 -58.74
CA LEU A 4643 20.19 -48.85 -57.52
C LEU A 4643 21.72 -48.82 -57.56
N CYS A 4644 22.28 -47.67 -57.22
CA CYS A 4644 23.74 -47.52 -57.20
C CYS A 4644 24.37 -48.05 -55.92
N THR A 4645 23.57 -48.33 -54.88
CA THR A 4645 24.09 -48.86 -53.64
C THR A 4645 22.99 -49.52 -52.83
N MET B 1457 27.03 61.45 -30.40
CA MET B 1457 28.45 61.18 -30.55
C MET B 1457 29.06 60.67 -29.25
N ALA B 1458 28.48 61.08 -28.13
CA ALA B 1458 28.99 60.64 -26.83
C ALA B 1458 28.62 59.19 -26.55
N LEU B 1459 27.38 58.80 -26.86
CA LEU B 1459 26.90 57.48 -26.47
C LEU B 1459 27.67 56.36 -27.14
N GLU B 1460 27.95 56.49 -28.44
CA GLU B 1460 28.68 55.45 -29.13
C GLU B 1460 30.09 55.30 -28.59
N GLU B 1461 30.71 56.41 -28.18
CA GLU B 1461 32.07 56.33 -27.66
C GLU B 1461 32.10 55.60 -26.32
N PHE B 1462 31.00 55.68 -25.56
CA PHE B 1462 30.84 54.78 -24.42
C PHE B 1462 30.76 53.33 -24.88
N LEU B 1463 30.08 53.08 -25.99
CA LEU B 1463 29.97 51.71 -26.49
C LEU B 1463 31.32 51.17 -26.94
N LYS B 1464 32.10 51.99 -27.66
CA LYS B 1464 33.39 51.52 -28.13
C LYS B 1464 34.39 51.30 -27.00
N GLN B 1465 34.39 52.16 -25.98
CA GLN B 1465 35.31 51.95 -24.87
C GLN B 1465 34.96 50.66 -24.11
N ILE B 1466 33.67 50.40 -23.92
CA ILE B 1466 33.26 49.14 -23.30
C ILE B 1466 33.68 47.96 -24.17
N ARG B 1467 33.52 48.11 -25.48
CA ARG B 1467 33.91 47.04 -26.40
C ARG B 1467 35.40 46.73 -26.28
N GLU B 1468 36.23 47.77 -26.25
CA GLU B 1468 37.67 47.53 -26.23
C GLU B 1468 38.13 47.05 -24.85
N VAL B 1469 37.51 47.55 -23.78
CA VAL B 1469 37.83 47.03 -22.45
C VAL B 1469 37.51 45.54 -22.37
N TRP B 1470 36.34 45.14 -22.85
CA TRP B 1470 35.95 43.74 -22.69
C TRP B 1470 36.54 42.81 -23.74
N ASN B 1471 37.07 43.31 -24.85
CA ASN B 1471 37.81 42.43 -25.74
C ASN B 1471 39.31 42.47 -25.49
N THR B 1472 39.79 43.34 -24.60
CA THR B 1472 41.17 43.30 -24.15
C THR B 1472 41.32 42.95 -22.68
N TYR B 1473 40.22 42.79 -21.93
CA TYR B 1473 40.32 42.43 -20.52
C TYR B 1473 40.65 40.96 -20.38
N GLU B 1474 41.62 40.64 -19.52
CA GLU B 1474 41.98 39.27 -19.23
C GLU B 1474 41.91 39.03 -17.74
N LEU B 1475 41.47 37.83 -17.36
CA LEU B 1475 41.45 37.45 -15.96
C LEU B 1475 42.89 37.31 -15.45
N ASP B 1476 43.11 37.74 -14.22
CA ASP B 1476 44.46 37.73 -13.62
C ASP B 1476 44.68 36.36 -12.98
N LEU B 1477 45.39 35.48 -13.68
CA LEU B 1477 45.65 34.13 -13.21
C LEU B 1477 47.09 34.00 -12.73
N VAL B 1478 47.26 33.32 -11.59
CA VAL B 1478 48.58 33.03 -11.05
C VAL B 1478 48.64 31.58 -10.59
N ASN B 1479 49.86 31.07 -10.49
CA ASN B 1479 50.08 29.68 -10.07
C ASN B 1479 49.77 29.52 -8.59
N TYR B 1480 49.27 28.34 -8.24
CA TYR B 1480 48.93 27.99 -6.86
C TYR B 1480 49.59 26.65 -6.51
N GLN B 1481 50.77 26.71 -5.89
CA GLN B 1481 51.48 25.53 -5.40
C GLN B 1481 51.74 24.52 -6.52
N ASN B 1482 51.93 25.02 -7.74
CA ASN B 1482 52.24 24.18 -8.91
C ASN B 1482 51.16 23.13 -9.15
N LYS B 1483 49.93 23.39 -8.68
CA LYS B 1483 48.81 22.49 -8.88
C LYS B 1483 47.75 23.04 -9.82
N CYS B 1484 47.59 24.36 -9.88
CA CYS B 1484 46.55 24.97 -10.69
C CYS B 1484 46.93 26.42 -10.95
N ARG B 1485 46.03 27.13 -11.62
CA ARG B 1485 46.27 28.51 -12.06
C ARG B 1485 45.05 29.33 -11.64
N LEU B 1486 45.07 29.84 -10.41
CA LEU B 1486 43.91 30.49 -9.80
C LEU B 1486 43.83 31.96 -10.21
N ILE B 1487 42.68 32.57 -9.93
CA ILE B 1487 42.37 33.92 -10.37
C ILE B 1487 42.40 34.87 -9.18
N ARG B 1488 43.01 36.04 -9.36
CA ARG B 1488 42.94 37.11 -8.38
C ARG B 1488 42.28 38.33 -9.02
N GLY B 1489 42.32 39.46 -8.30
CA GLY B 1489 41.78 40.71 -8.80
C GLY B 1489 40.28 40.71 -8.93
N TRP B 1490 39.60 40.13 -7.95
CA TRP B 1490 38.14 40.11 -7.93
C TRP B 1490 37.56 41.51 -7.80
N ASP B 1491 38.16 42.34 -6.94
CA ASP B 1491 37.61 43.67 -6.67
C ASP B 1491 37.63 44.55 -7.92
N ASP B 1492 38.73 44.55 -8.65
CA ASP B 1492 38.83 45.39 -9.84
C ASP B 1492 37.84 44.96 -10.91
N LEU B 1493 37.71 43.65 -11.13
CA LEU B 1493 36.75 43.15 -12.12
C LEU B 1493 35.32 43.51 -11.72
N PHE B 1494 34.98 43.32 -10.45
CA PHE B 1494 33.64 43.63 -9.98
C PHE B 1494 33.35 45.13 -10.11
N ASN B 1495 34.30 45.98 -9.75
CA ASN B 1495 34.11 47.42 -9.89
C ASN B 1495 33.96 47.82 -11.35
N LYS B 1496 34.73 47.18 -12.24
CA LYS B 1496 34.58 47.46 -13.66
C LYS B 1496 33.18 47.09 -14.14
N VAL B 1497 32.67 45.94 -13.68
CA VAL B 1497 31.34 45.52 -14.11
C VAL B 1497 30.28 46.49 -13.59
N LYS B 1498 30.37 46.89 -12.32
CA LYS B 1498 29.43 47.87 -11.79
C LYS B 1498 29.49 49.19 -12.54
N GLU B 1499 30.69 49.70 -12.80
CA GLU B 1499 30.78 51.00 -13.46
C GLU B 1499 30.29 50.94 -14.90
N HIS B 1500 30.52 49.81 -15.59
CA HIS B 1500 30.02 49.68 -16.96
C HIS B 1500 28.50 49.55 -16.98
N ILE B 1501 27.93 48.81 -16.03
CA ILE B 1501 26.47 48.74 -15.95
C ILE B 1501 25.88 50.10 -15.64
N ASN B 1502 26.53 50.87 -14.76
CA ASN B 1502 26.05 52.22 -14.45
C ASN B 1502 26.16 53.13 -15.67
N SER B 1503 27.22 52.98 -16.46
CA SER B 1503 27.34 53.74 -17.70
C SER B 1503 26.22 53.38 -18.68
N VAL B 1504 25.89 52.09 -18.77
CA VAL B 1504 24.78 51.68 -19.63
C VAL B 1504 23.47 52.26 -19.12
N SER B 1505 23.29 52.30 -17.80
CA SER B 1505 22.07 52.90 -17.24
C SER B 1505 21.98 54.38 -17.57
N ALA B 1506 23.10 55.10 -17.45
CA ALA B 1506 23.11 56.52 -17.79
C ALA B 1506 22.82 56.72 -19.28
N MET B 1507 23.35 55.82 -20.12
CA MET B 1507 23.06 55.89 -21.55
C MET B 1507 21.58 55.64 -21.82
N LYS B 1508 20.97 54.71 -21.07
CA LYS B 1508 19.52 54.50 -21.19
C LYS B 1508 18.75 55.75 -20.79
N LEU B 1509 19.22 56.44 -19.75
CA LEU B 1509 18.56 57.68 -19.34
C LEU B 1509 18.72 58.80 -20.36
N SER B 1510 19.70 58.68 -21.27
CA SER B 1510 19.93 59.72 -22.26
C SER B 1510 18.82 59.72 -23.31
N PRO B 1511 18.57 60.87 -23.95
CA PRO B 1511 17.48 60.94 -24.95
C PRO B 1511 17.79 60.22 -26.24
N TYR B 1512 19.00 60.38 -26.78
CA TYR B 1512 19.34 59.80 -28.09
C TYR B 1512 19.70 58.32 -27.95
N TYR B 1513 18.76 57.58 -27.34
CA TYR B 1513 18.96 56.18 -26.98
C TYR B 1513 18.40 55.19 -28.00
N LYS B 1514 17.31 55.54 -28.70
CA LYS B 1514 16.68 54.58 -29.62
C LYS B 1514 17.61 54.13 -30.72
N VAL B 1515 18.57 54.97 -31.12
CA VAL B 1515 19.50 54.59 -32.17
C VAL B 1515 20.46 53.51 -31.67
N PHE B 1516 20.81 53.52 -30.39
CA PHE B 1516 21.61 52.48 -29.78
C PHE B 1516 20.82 51.65 -28.76
N GLU B 1517 19.61 51.24 -29.15
CA GLU B 1517 18.75 50.46 -28.28
C GLU B 1517 19.26 49.04 -28.12
N GLU B 1518 19.34 48.31 -29.23
CA GLU B 1518 19.58 46.87 -29.18
C GLU B 1518 21.01 46.56 -28.75
N ASP B 1519 21.98 47.36 -29.18
CA ASP B 1519 23.36 47.11 -28.77
C ASP B 1519 23.53 47.38 -27.28
N ALA B 1520 22.87 48.40 -26.76
CA ALA B 1520 22.91 48.66 -25.31
C ALA B 1520 22.30 47.50 -24.54
N LEU B 1521 21.16 46.98 -25.01
CA LEU B 1521 20.57 45.82 -24.33
C LEU B 1521 21.49 44.60 -24.41
N SER B 1522 22.14 44.38 -25.55
CA SER B 1522 23.05 43.25 -25.68
C SER B 1522 24.22 43.37 -24.71
N TRP B 1523 24.80 44.57 -24.60
CA TRP B 1523 25.90 44.77 -23.66
C TRP B 1523 25.44 44.63 -22.22
N GLU B 1524 24.23 45.12 -21.90
CA GLU B 1524 23.72 44.96 -20.55
C GLU B 1524 23.52 43.49 -20.21
N ASP B 1525 22.98 42.71 -21.15
CA ASP B 1525 22.79 41.28 -20.91
C ASP B 1525 24.14 40.58 -20.74
N LYS B 1526 25.12 40.93 -21.56
CA LYS B 1526 26.43 40.30 -21.44
C LYS B 1526 27.09 40.65 -20.11
N LEU B 1527 26.98 41.91 -19.67
CA LEU B 1527 27.51 42.30 -18.37
C LEU B 1527 26.81 41.55 -17.24
N ASN B 1528 25.49 41.40 -17.34
CA ASN B 1528 24.75 40.66 -16.32
C ASN B 1528 25.20 39.22 -16.26
N ARG B 1529 25.43 38.59 -17.42
CA ARG B 1529 25.91 37.22 -17.44
C ARG B 1529 27.31 37.11 -16.84
N ILE B 1530 28.19 38.07 -17.17
CA ILE B 1530 29.54 38.06 -16.60
C ILE B 1530 29.47 38.14 -15.08
N MET B 1531 28.64 39.04 -14.56
CA MET B 1531 28.54 39.19 -13.11
C MET B 1531 27.93 37.96 -12.45
N ALA B 1532 26.89 37.39 -13.06
CA ALA B 1532 26.28 36.18 -12.50
C ALA B 1532 27.27 35.04 -12.47
N LEU B 1533 28.12 34.94 -13.49
CA LEU B 1533 29.14 33.89 -13.53
C LEU B 1533 30.19 34.09 -12.45
N PHE B 1534 30.78 35.29 -12.39
CA PHE B 1534 31.90 35.52 -11.50
C PHE B 1534 31.48 35.81 -10.06
N ASP B 1535 30.18 35.95 -9.79
CA ASP B 1535 29.72 36.01 -8.41
C ASP B 1535 29.77 34.63 -7.76
N VAL B 1536 29.43 33.59 -8.50
CA VAL B 1536 29.54 32.23 -8.00
C VAL B 1536 30.97 31.70 -8.17
N TRP B 1537 31.72 32.23 -9.15
CA TRP B 1537 33.07 31.74 -9.38
C TRP B 1537 33.96 31.95 -8.16
N ILE B 1538 33.85 33.11 -7.50
CA ILE B 1538 34.73 33.40 -6.37
C ILE B 1538 34.43 32.45 -5.21
N ASP B 1539 33.15 32.19 -4.93
CA ASP B 1539 32.81 31.26 -3.87
C ASP B 1539 33.26 29.84 -4.20
N VAL B 1540 33.09 29.41 -5.45
CA VAL B 1540 33.55 28.09 -5.85
C VAL B 1540 35.06 27.96 -5.66
N GLN B 1541 35.79 28.98 -6.12
CA GLN B 1541 37.24 28.97 -5.99
C GLN B 1541 37.68 28.92 -4.53
N ARG B 1542 37.04 29.73 -3.68
CA ARG B 1542 37.42 29.75 -2.27
C ARG B 1542 37.14 28.40 -1.61
N ARG B 1543 35.96 27.83 -1.88
CA ARG B 1543 35.62 26.54 -1.27
C ARG B 1543 36.58 25.45 -1.73
N TRP B 1544 36.91 25.43 -3.03
CA TRP B 1544 37.88 24.44 -3.51
C TRP B 1544 39.24 24.67 -2.87
N VAL B 1545 39.62 25.94 -2.64
CA VAL B 1545 40.92 26.23 -2.07
C VAL B 1545 41.04 25.70 -0.66
N TYR B 1546 40.03 25.96 0.19
CA TYR B 1546 40.18 25.45 1.56
C TYR B 1546 39.65 24.04 1.72
N LEU B 1547 39.18 23.39 0.66
CA LEU B 1547 38.91 21.97 0.73
C LEU B 1547 40.06 21.12 0.22
N GLU B 1548 40.78 21.60 -0.81
CA GLU B 1548 41.92 20.84 -1.32
C GLU B 1548 42.99 20.68 -0.26
N GLY B 1549 43.27 21.74 0.50
CA GLY B 1549 44.25 21.63 1.56
C GLY B 1549 43.86 20.62 2.61
N ILE B 1550 42.61 20.69 3.09
CA ILE B 1550 42.18 19.82 4.17
C ILE B 1550 42.12 18.37 3.71
N PHE B 1551 41.85 18.14 2.42
CA PHE B 1551 41.79 16.76 1.93
C PHE B 1551 43.18 16.20 1.63
N THR B 1552 43.96 16.89 0.78
CA THR B 1552 45.24 16.36 0.35
C THR B 1552 46.28 16.41 1.46
N GLY B 1553 46.34 17.52 2.20
CA GLY B 1553 47.39 17.69 3.19
C GLY B 1553 47.32 16.66 4.30
N SER B 1554 46.11 16.35 4.76
CA SER B 1554 45.91 15.36 5.81
C SER B 1554 45.67 13.99 5.16
N ALA B 1555 46.55 13.03 5.45
CA ALA B 1555 46.42 11.69 4.92
C ALA B 1555 45.51 10.80 5.76
N ASP B 1556 45.13 11.24 6.97
CA ASP B 1556 44.26 10.43 7.80
C ASP B 1556 42.80 10.50 7.36
N ILE B 1557 42.43 11.54 6.61
CA ILE B 1557 41.05 11.68 6.18
C ILE B 1557 40.67 10.62 5.16
N LYS B 1558 41.65 10.02 4.47
CA LYS B 1558 41.35 8.92 3.56
C LYS B 1558 40.76 7.74 4.31
N HIS B 1559 41.32 7.41 5.47
CA HIS B 1559 40.81 6.29 6.26
C HIS B 1559 39.41 6.59 6.79
N LEU B 1560 39.21 7.80 7.32
CA LEU B 1560 37.93 8.13 7.94
C LEU B 1560 36.83 8.38 6.91
N LEU B 1561 37.15 9.10 5.84
CA LEU B 1561 36.17 9.53 4.85
C LEU B 1561 36.63 9.13 3.45
N PRO B 1562 36.51 7.84 3.09
CA PRO B 1562 36.92 7.40 1.75
C PRO B 1562 36.00 7.91 0.66
N VAL B 1563 34.68 7.80 0.88
CA VAL B 1563 33.72 8.22 -0.13
C VAL B 1563 33.73 9.74 -0.27
N GLU B 1564 33.89 10.47 0.84
CA GLU B 1564 34.01 11.92 0.76
C GLU B 1564 35.24 12.31 -0.02
N THR B 1565 36.37 11.62 0.22
CA THR B 1565 37.58 11.91 -0.53
C THR B 1565 37.41 11.63 -2.01
N GLN B 1566 36.73 10.53 -2.36
CA GLN B 1566 36.49 10.22 -3.77
C GLN B 1566 35.62 11.27 -4.44
N ARG B 1567 34.55 11.69 -3.76
CA ARG B 1567 33.68 12.72 -4.32
C ARG B 1567 34.45 14.02 -4.52
N PHE B 1568 35.24 14.42 -3.51
CA PHE B 1568 36.02 15.64 -3.66
C PHE B 1568 37.07 15.51 -4.76
N GLN B 1569 37.62 14.30 -4.94
CA GLN B 1569 38.58 14.10 -6.02
C GLN B 1569 37.92 14.29 -7.38
N SER B 1570 36.69 13.76 -7.54
CA SER B 1570 35.97 13.98 -8.79
C SER B 1570 35.71 15.46 -9.03
N ILE B 1571 35.24 16.16 -7.99
CA ILE B 1571 34.99 17.60 -8.13
C ILE B 1571 36.29 18.34 -8.42
N SER B 1572 37.40 17.90 -7.84
CA SER B 1572 38.69 18.54 -8.06
C SER B 1572 39.16 18.35 -9.49
N THR B 1573 39.00 17.15 -10.05
CA THR B 1573 39.35 16.95 -11.45
C THR B 1573 38.50 17.81 -12.37
N GLU B 1574 37.19 17.90 -12.09
CA GLU B 1574 36.34 18.76 -12.91
C GLU B 1574 36.77 20.22 -12.81
N PHE B 1575 37.06 20.68 -11.60
CA PHE B 1575 37.46 22.07 -11.38
C PHE B 1575 38.82 22.35 -12.04
N LEU B 1576 39.73 21.37 -12.02
CA LEU B 1576 41.02 21.56 -12.66
C LEU B 1576 40.90 21.57 -14.18
N ALA B 1577 39.98 20.77 -14.74
CA ALA B 1577 39.70 20.87 -16.16
C ALA B 1577 39.17 22.25 -16.52
N LEU B 1578 38.27 22.78 -15.67
CA LEU B 1578 37.77 24.14 -15.88
C LEU B 1578 38.90 25.16 -15.80
N MET B 1579 39.81 24.99 -14.84
CA MET B 1579 40.95 25.88 -14.70
C MET B 1579 41.85 25.83 -15.93
N LYS B 1580 42.11 24.65 -16.46
CA LYS B 1580 42.91 24.55 -17.68
C LYS B 1580 42.21 25.23 -18.86
N LYS B 1581 40.90 25.03 -18.98
CA LYS B 1581 40.16 25.67 -20.06
C LYS B 1581 40.21 27.19 -19.94
N VAL B 1582 40.17 27.70 -18.71
CA VAL B 1582 40.28 29.15 -18.50
C VAL B 1582 41.68 29.63 -18.80
N SER B 1583 42.70 28.86 -18.38
CA SER B 1583 44.09 29.28 -18.57
C SER B 1583 44.48 29.32 -20.04
N LYS B 1584 44.00 28.36 -20.84
CA LYS B 1584 44.36 28.38 -22.25
C LYS B 1584 43.76 29.59 -22.98
N SER B 1585 42.65 30.11 -22.49
CA SER B 1585 42.00 31.30 -23.07
C SER B 1585 41.71 32.27 -21.93
N PRO B 1586 42.70 33.06 -21.50
CA PRO B 1586 42.49 33.95 -20.35
C PRO B 1586 41.54 35.11 -20.62
N LEU B 1587 41.07 35.28 -21.86
CA LEU B 1587 40.13 36.35 -22.15
C LEU B 1587 38.83 36.13 -21.39
N VAL B 1588 38.25 37.23 -20.89
CA VAL B 1588 37.04 37.14 -20.08
C VAL B 1588 35.87 36.59 -20.90
N MET B 1589 35.70 37.11 -22.12
CA MET B 1589 34.60 36.63 -22.96
C MET B 1589 34.78 35.17 -23.35
N ASP B 1590 36.03 34.75 -23.60
CA ASP B 1590 36.26 33.35 -23.93
C ASP B 1590 35.82 32.44 -22.78
N VAL B 1591 36.07 32.85 -21.55
CA VAL B 1591 35.56 32.12 -20.40
C VAL B 1591 34.04 32.18 -20.37
N LEU B 1592 33.47 33.34 -20.69
CA LEU B 1592 32.02 33.49 -20.68
C LEU B 1592 31.35 32.61 -21.73
N ASN B 1593 31.97 32.43 -22.89
CA ASN B 1593 31.39 31.65 -23.97
C ASN B 1593 31.66 30.16 -23.85
N ILE B 1594 32.24 29.70 -22.74
CA ILE B 1594 32.36 28.27 -22.52
C ILE B 1594 30.98 27.66 -22.40
N GLN B 1595 30.77 26.55 -23.10
CA GLN B 1595 29.44 25.93 -23.16
C GLN B 1595 29.04 25.42 -21.79
N GLY B 1596 27.90 25.90 -21.28
CA GLY B 1596 27.39 25.48 -19.99
C GLY B 1596 28.29 25.81 -18.83
N VAL B 1597 28.98 26.96 -18.89
CA VAL B 1597 29.91 27.31 -17.83
C VAL B 1597 29.16 27.69 -16.56
N GLN B 1598 28.04 28.40 -16.70
CA GLN B 1598 27.29 28.85 -15.52
C GLN B 1598 26.67 27.68 -14.77
N ARG B 1599 26.07 26.75 -15.51
CA ARG B 1599 25.49 25.56 -14.88
C ARG B 1599 26.58 24.70 -14.24
N SER B 1600 27.74 24.61 -14.90
CA SER B 1600 28.86 23.89 -14.30
C SER B 1600 29.31 24.53 -12.99
N LEU B 1601 29.37 25.87 -12.96
CA LEU B 1601 29.70 26.55 -11.72
C LEU B 1601 28.66 26.29 -10.64
N GLU B 1602 27.38 26.32 -11.01
CA GLU B 1602 26.33 26.09 -10.02
C GLU B 1602 26.42 24.67 -9.46
N ARG B 1603 26.66 23.68 -10.31
CA ARG B 1603 26.78 22.31 -9.83
C ARG B 1603 28.04 22.13 -8.98
N LEU B 1604 29.12 22.81 -9.35
CA LEU B 1604 30.33 22.74 -8.54
C LEU B 1604 30.11 23.35 -7.16
N ALA B 1605 29.43 24.50 -7.11
CA ALA B 1605 29.14 25.14 -5.83
C ALA B 1605 28.25 24.26 -4.97
N ASP B 1606 27.22 23.67 -5.58
CA ASP B 1606 26.33 22.79 -4.83
C ASP B 1606 27.08 21.60 -4.26
N LEU B 1607 27.89 20.93 -5.08
CA LEU B 1607 28.65 19.78 -4.61
C LEU B 1607 29.63 20.18 -3.50
N LEU B 1608 30.36 21.28 -3.70
CA LEU B 1608 31.30 21.73 -2.68
C LEU B 1608 30.59 22.06 -1.38
N GLY B 1609 29.36 22.56 -1.47
CA GLY B 1609 28.56 22.75 -0.27
C GLY B 1609 28.22 21.45 0.41
N LYS B 1610 27.88 20.42 -0.38
CA LYS B 1610 27.58 19.12 0.22
C LYS B 1610 28.81 18.49 0.88
N ILE B 1611 30.01 18.71 0.33
CA ILE B 1611 31.20 18.11 0.93
C ILE B 1611 31.46 18.69 2.31
N GLN B 1612 31.22 20.00 2.48
CA GLN B 1612 31.49 20.62 3.78
C GLN B 1612 30.61 20.04 4.87
N LYS B 1613 29.34 19.80 4.58
CA LYS B 1613 28.41 19.31 5.59
C LYS B 1613 28.76 17.90 6.07
N ALA B 1614 29.55 17.15 5.33
CA ALA B 1614 29.93 15.79 5.71
C ALA B 1614 31.24 15.74 6.49
N LEU B 1615 31.84 16.89 6.81
CA LEU B 1615 33.10 16.95 7.52
C LEU B 1615 32.94 17.36 8.98
N GLY B 1616 31.74 17.24 9.53
CA GLY B 1616 31.53 17.68 10.91
C GLY B 1616 32.33 16.88 11.91
N GLU B 1617 32.30 15.54 11.78
CA GLU B 1617 33.00 14.69 12.74
C GLU B 1617 34.51 14.93 12.68
N TYR B 1618 35.07 15.08 11.49
CA TYR B 1618 36.50 15.33 11.38
C TYR B 1618 36.89 16.64 12.07
N LEU B 1619 36.07 17.67 11.92
CA LEU B 1619 36.31 18.91 12.65
C LEU B 1619 36.19 18.69 14.15
N GLU B 1620 35.26 17.83 14.58
CA GLU B 1620 35.16 17.52 16.01
C GLU B 1620 36.44 16.89 16.53
N ARG B 1621 37.06 16.01 15.74
CA ARG B 1621 38.35 15.46 16.14
C ARG B 1621 39.43 16.54 16.14
N GLU B 1622 39.38 17.47 15.18
CA GLU B 1622 40.36 18.55 15.16
C GLU B 1622 40.21 19.45 16.38
N ARG B 1623 38.97 19.72 16.79
CA ARG B 1623 38.76 20.52 18.00
C ARG B 1623 39.34 19.83 19.22
N SER B 1624 39.30 18.49 19.25
CA SER B 1624 39.88 17.76 20.37
C SER B 1624 41.39 17.92 20.43
N SER B 1625 42.04 18.06 19.28
CA SER B 1625 43.49 18.24 19.25
C SER B 1625 43.89 19.59 19.82
N PHE B 1626 43.40 20.68 19.22
CA PHE B 1626 43.63 22.01 19.74
C PHE B 1626 42.37 22.51 20.42
N PRO B 1627 42.37 22.68 21.75
CA PRO B 1627 41.13 22.99 22.46
C PRO B 1627 40.49 24.31 22.03
N ARG B 1628 41.28 25.30 21.64
CA ARG B 1628 40.72 26.61 21.33
C ARG B 1628 39.93 26.64 20.04
N PHE B 1629 39.98 25.57 19.24
CA PHE B 1629 39.12 25.47 18.06
C PHE B 1629 37.65 25.30 18.42
N TYR B 1630 37.33 25.02 19.69
CA TYR B 1630 35.94 24.89 20.10
C TYR B 1630 35.16 26.19 19.96
N PHE B 1631 35.85 27.34 19.94
CA PHE B 1631 35.22 28.63 19.82
C PHE B 1631 35.18 29.13 18.38
N VAL B 1632 35.52 28.28 17.43
CA VAL B 1632 35.59 28.64 16.01
C VAL B 1632 34.52 27.85 15.27
N GLY B 1633 33.80 28.53 14.37
CA GLY B 1633 32.75 27.89 13.62
C GLY B 1633 33.28 26.85 12.66
N ASP B 1634 32.36 26.04 12.14
CA ASP B 1634 32.74 24.93 11.27
C ASP B 1634 33.40 25.43 9.99
N GLU B 1635 32.79 26.41 9.32
CA GLU B 1635 33.36 26.93 8.09
C GLU B 1635 34.69 27.64 8.36
N ASP B 1636 34.76 28.41 9.44
CA ASP B 1636 36.00 29.09 9.79
C ASP B 1636 37.10 28.08 10.14
N LEU B 1637 36.74 27.00 10.84
CA LEU B 1637 37.72 25.97 11.14
C LEU B 1637 38.19 25.27 9.86
N LEU B 1638 37.27 25.04 8.92
CA LEU B 1638 37.67 24.50 7.62
C LEU B 1638 38.66 25.43 6.92
N GLU B 1639 38.38 26.73 6.95
CA GLU B 1639 39.29 27.68 6.31
C GLU B 1639 40.65 27.70 7.00
N ILE B 1640 40.67 27.60 8.33
CA ILE B 1640 41.94 27.60 9.05
C ILE B 1640 42.75 26.36 8.71
N ILE B 1641 42.12 25.18 8.75
CA ILE B 1641 42.85 23.93 8.55
C ILE B 1641 43.29 23.79 7.09
N GLY B 1642 42.42 24.15 6.15
CA GLY B 1642 42.76 23.98 4.75
C GLY B 1642 43.92 24.85 4.29
N ASN B 1643 44.02 26.06 4.83
CA ASN B 1643 45.07 26.99 4.44
C ASN B 1643 46.11 27.21 5.53
N SER B 1644 46.52 26.15 6.25
CA SER B 1644 47.61 26.30 7.20
C SER B 1644 48.90 26.68 6.49
N LYS B 1645 49.05 26.26 5.23
CA LYS B 1645 50.23 26.64 4.45
C LYS B 1645 50.27 28.15 4.20
N ASN B 1646 49.12 28.73 3.79
CA ASN B 1646 49.03 30.17 3.56
C ASN B 1646 48.57 30.84 4.85
N VAL B 1647 49.55 31.08 5.73
CA VAL B 1647 49.24 31.61 7.06
C VAL B 1647 48.66 33.01 6.97
N ALA B 1648 48.97 33.74 5.89
CA ALA B 1648 48.62 35.16 5.81
C ALA B 1648 47.12 35.43 5.91
N LYS B 1649 46.27 34.48 5.52
CA LYS B 1649 44.83 34.71 5.67
C LYS B 1649 44.28 34.18 6.98
N LEU B 1650 45.11 33.53 7.79
CA LEU B 1650 44.71 33.07 9.11
C LEU B 1650 44.70 34.19 10.13
N GLN B 1651 45.14 35.40 9.75
CA GLN B 1651 45.27 36.49 10.71
C GLN B 1651 43.92 37.00 11.20
N LYS B 1652 42.84 36.75 10.45
CA LYS B 1652 41.53 37.25 10.82
C LYS B 1652 40.80 36.32 11.80
N HIS B 1653 41.34 35.13 12.06
CA HIS B 1653 40.70 34.17 12.94
C HIS B 1653 41.27 34.14 14.34
N PHE B 1654 42.45 34.72 14.57
CA PHE B 1654 43.09 34.65 15.88
C PHE B 1654 42.32 35.38 16.97
N LYS B 1655 41.43 36.31 16.61
CA LYS B 1655 40.65 37.00 17.62
C LYS B 1655 39.61 36.09 18.27
N LYS B 1656 39.23 35.00 17.61
CA LYS B 1656 38.24 34.09 18.15
C LYS B 1656 38.82 33.02 19.05
N MET B 1657 40.14 32.83 19.06
CA MET B 1657 40.77 31.80 19.89
C MET B 1657 41.53 32.36 21.09
N PHE B 1658 41.98 33.60 21.02
CA PHE B 1658 42.78 34.20 22.09
C PHE B 1658 42.11 35.46 22.60
N ALA B 1659 42.41 35.80 23.86
CA ALA B 1659 41.80 36.96 24.48
C ALA B 1659 42.22 38.26 23.79
N GLY B 1660 43.50 38.39 23.46
CA GLY B 1660 44.01 39.63 22.91
C GLY B 1660 44.86 39.50 21.67
N VAL B 1661 45.18 38.27 21.28
CA VAL B 1661 46.02 38.04 20.11
C VAL B 1661 45.18 38.25 18.86
N SER B 1662 45.34 39.41 18.22
CA SER B 1662 44.63 39.71 16.98
C SER B 1662 45.37 39.22 15.74
N SER B 1663 46.70 39.16 15.78
CA SER B 1663 47.48 38.72 14.64
C SER B 1663 48.84 38.26 15.15
N ILE B 1664 49.54 37.51 14.30
CA ILE B 1664 50.86 36.98 14.63
C ILE B 1664 51.89 37.66 13.73
N ILE B 1665 53.11 37.78 14.25
CA ILE B 1665 54.22 38.39 13.54
C ILE B 1665 55.10 37.27 12.98
N LEU B 1666 55.41 37.36 11.69
CA LEU B 1666 56.14 36.32 10.98
C LEU B 1666 57.41 36.90 10.37
N ASN B 1667 58.23 36.01 9.82
CA ASN B 1667 59.43 36.39 9.09
C ASN B 1667 59.06 36.69 7.64
N GLU B 1668 60.06 36.84 6.77
CA GLU B 1668 59.81 37.23 5.39
C GLU B 1668 59.06 36.13 4.63
N ASP B 1669 59.44 34.87 4.84
CA ASP B 1669 58.88 33.76 4.08
C ASP B 1669 57.76 33.04 4.81
N ASN B 1670 57.29 33.59 5.93
CA ASN B 1670 56.18 33.02 6.71
C ASN B 1670 56.48 31.58 7.12
N SER B 1671 57.64 31.39 7.73
CA SER B 1671 58.09 30.07 8.17
C SER B 1671 58.33 29.98 9.67
N VAL B 1672 58.63 31.08 10.34
CA VAL B 1672 58.90 31.09 11.77
C VAL B 1672 58.05 32.16 12.42
N VAL B 1673 57.37 31.80 13.50
CA VAL B 1673 56.51 32.73 14.23
C VAL B 1673 57.37 33.53 15.20
N LEU B 1674 57.52 34.82 14.93
CA LEU B 1674 58.37 35.68 15.75
C LEU B 1674 57.65 36.25 16.97
N GLY B 1675 56.34 36.44 16.88
CA GLY B 1675 55.63 37.01 18.01
C GLY B 1675 54.16 37.17 17.70
N ILE B 1676 53.47 37.91 18.56
CA ILE B 1676 52.03 38.13 18.44
C ILE B 1676 51.76 39.62 18.56
N SER B 1677 50.60 40.03 18.07
CA SER B 1677 50.18 41.42 18.10
C SER B 1677 48.72 41.51 18.54
N SER B 1678 48.38 42.64 19.14
CA SER B 1678 47.00 42.91 19.56
C SER B 1678 46.31 43.76 18.49
N ARG B 1679 45.03 44.05 18.73
CA ARG B 1679 44.27 44.84 17.77
C ARG B 1679 44.75 46.29 17.72
N GLU B 1680 45.16 46.85 18.86
CA GLU B 1680 45.63 48.24 18.89
C GLU B 1680 46.95 48.38 18.14
N GLY B 1681 47.85 47.41 18.28
CA GLY B 1681 49.14 47.48 17.64
C GLY B 1681 50.27 47.04 18.54
N GLU B 1682 49.95 46.80 19.81
CA GLU B 1682 50.94 46.32 20.75
C GLU B 1682 51.44 44.94 20.34
N GLU B 1683 52.73 44.71 20.49
CA GLU B 1683 53.37 43.48 20.04
C GLU B 1683 54.13 42.83 21.19
N VAL B 1684 54.11 41.50 21.21
CA VAL B 1684 54.89 40.71 22.15
C VAL B 1684 55.86 39.87 21.35
N MET B 1685 57.15 40.10 21.55
CA MET B 1685 58.19 39.41 20.80
C MET B 1685 58.60 38.15 21.55
N PHE B 1686 58.47 37.00 20.88
CA PHE B 1686 58.78 35.72 21.51
C PHE B 1686 60.27 35.63 21.83
N LYS B 1687 60.58 35.03 22.98
CA LYS B 1687 61.97 34.82 23.35
C LYS B 1687 62.63 33.78 22.45
N THR B 1688 61.95 32.65 22.25
CA THR B 1688 62.42 31.59 21.35
C THR B 1688 61.38 31.37 20.26
N PRO B 1689 61.54 31.97 19.08
CA PRO B 1689 60.49 31.93 18.07
C PRO B 1689 60.13 30.51 17.66
N VAL B 1690 58.84 30.31 17.35
CA VAL B 1690 58.31 29.02 16.95
C VAL B 1690 58.42 28.90 15.44
N SER B 1691 58.95 27.78 14.97
CA SER B 1691 59.17 27.53 13.55
C SER B 1691 58.03 26.66 13.01
N ILE B 1692 57.34 27.16 11.99
CA ILE B 1692 56.27 26.39 11.37
C ILE B 1692 56.83 25.24 10.56
N THR B 1693 58.03 25.40 10.00
CA THR B 1693 58.62 24.36 9.14
C THR B 1693 58.85 23.07 9.93
N GLU B 1694 59.33 23.17 11.17
CA GLU B 1694 59.59 21.97 11.95
C GLU B 1694 58.30 21.28 12.36
N HIS B 1695 57.20 22.02 12.50
CA HIS B 1695 55.91 21.47 12.91
C HIS B 1695 54.86 21.95 11.91
N PRO B 1696 54.78 21.31 10.73
CA PRO B 1696 53.86 21.80 9.70
C PRO B 1696 52.39 21.76 10.10
N LYS B 1697 52.00 20.82 10.97
CA LYS B 1697 50.59 20.69 11.34
C LYS B 1697 50.13 21.92 12.12
N ILE B 1698 48.90 22.35 11.84
CA ILE B 1698 48.39 23.60 12.38
C ILE B 1698 48.32 23.56 13.91
N ASN B 1699 47.81 22.46 14.47
CA ASN B 1699 47.62 22.38 15.91
C ASN B 1699 48.94 22.37 16.66
N GLU B 1700 49.95 21.69 16.13
CA GLU B 1700 51.24 21.58 16.82
C GLU B 1700 51.87 22.96 17.01
N TRP B 1701 52.01 23.71 15.92
CA TRP B 1701 52.64 25.02 16.06
C TRP B 1701 51.72 26.03 16.71
N LEU B 1702 50.40 25.86 16.64
CA LEU B 1702 49.51 26.73 17.40
C LEU B 1702 49.71 26.54 18.90
N THR B 1703 49.82 25.28 19.34
CA THR B 1703 50.10 25.02 20.75
C THR B 1703 51.47 25.56 21.14
N LEU B 1704 52.45 25.42 20.24
CA LEU B 1704 53.77 26.00 20.52
C LEU B 1704 53.68 27.52 20.68
N VAL B 1705 52.88 28.16 19.82
CA VAL B 1705 52.73 29.62 19.90
C VAL B 1705 52.08 30.02 21.22
N GLU B 1706 51.04 29.32 21.65
CA GLU B 1706 50.38 29.71 22.90
C GLU B 1706 51.29 29.47 24.10
N LYS B 1707 52.02 28.36 24.11
CA LYS B 1707 52.95 28.10 25.20
C LYS B 1707 54.07 29.13 25.24
N GLU B 1708 54.59 29.52 24.07
CA GLU B 1708 55.60 30.55 24.03
C GLU B 1708 55.05 31.90 24.45
N MET B 1709 53.80 32.21 24.09
CA MET B 1709 53.15 33.41 24.59
C MET B 1709 53.17 33.44 26.11
N ARG B 1710 52.77 32.33 26.73
CA ARG B 1710 52.73 32.29 28.19
C ARG B 1710 54.12 32.46 28.80
N VAL B 1711 55.11 31.72 28.30
CA VAL B 1711 56.43 31.77 28.90
C VAL B 1711 57.09 33.13 28.66
N THR B 1712 56.88 33.71 27.47
CA THR B 1712 57.42 35.02 27.17
C THR B 1712 56.81 36.09 28.06
N LEU B 1713 55.49 36.00 28.30
CA LEU B 1713 54.86 36.93 29.21
C LEU B 1713 55.42 36.78 30.62
N ALA B 1714 55.66 35.54 31.05
CA ALA B 1714 56.23 35.33 32.38
C ALA B 1714 57.63 35.95 32.49
N LYS B 1715 58.47 35.73 31.47
CA LYS B 1715 59.83 36.27 31.52
C LYS B 1715 59.83 37.80 31.45
N LEU B 1716 58.97 38.37 30.60
CA LEU B 1716 58.88 39.82 30.52
C LEU B 1716 58.36 40.41 31.83
N LEU B 1717 57.43 39.72 32.48
CA LEU B 1717 56.96 40.17 33.80
C LEU B 1717 58.09 40.12 34.82
N ALA B 1718 58.92 39.08 34.77
CA ALA B 1718 60.06 39.01 35.69
C ALA B 1718 61.01 40.19 35.47
N GLU B 1719 61.32 40.49 34.21
CA GLU B 1719 62.18 41.63 33.91
C GLU B 1719 61.52 42.94 34.34
N SER B 1720 60.22 43.06 34.14
CA SER B 1720 59.49 44.26 34.55
C SER B 1720 59.55 44.45 36.05
N VAL B 1721 59.38 43.36 36.81
CA VAL B 1721 59.48 43.44 38.27
C VAL B 1721 60.89 43.82 38.69
N THR B 1722 61.89 43.27 37.99
CA THR B 1722 63.27 43.64 38.30
C THR B 1722 63.50 45.13 38.08
N GLU B 1723 62.96 45.69 36.99
CA GLU B 1723 63.18 47.11 36.70
C GLU B 1723 62.37 48.01 37.62
N VAL B 1724 61.12 47.66 37.89
CA VAL B 1724 60.22 48.55 38.62
C VAL B 1724 60.61 48.69 40.09
N GLU B 1725 61.38 47.74 40.63
CA GLU B 1725 61.81 47.84 42.01
C GLU B 1725 62.64 49.10 42.27
N ILE B 1726 63.30 49.64 41.24
CA ILE B 1726 64.01 50.89 41.38
C ILE B 1726 63.05 52.03 41.66
N PHE B 1727 61.93 52.08 40.93
CA PHE B 1727 60.92 53.10 41.19
C PHE B 1727 60.31 52.93 42.58
N GLY B 1728 60.15 51.70 43.05
CA GLY B 1728 59.77 51.48 44.41
C GLY B 1728 60.86 51.88 45.37
N LYS B 1729 60.49 51.99 46.65
CA LYS B 1729 61.37 52.43 47.75
C LYS B 1729 62.26 53.60 47.33
N ALA B 1730 61.69 54.53 46.56
CA ALA B 1730 62.44 55.69 46.05
C ALA B 1730 61.77 56.97 46.53
N THR B 1731 62.60 57.94 46.93
CA THR B 1731 62.07 59.22 47.38
C THR B 1731 61.42 59.98 46.24
N SER B 1732 62.03 59.96 45.06
CA SER B 1732 61.53 60.68 43.90
C SER B 1732 61.57 59.78 42.67
N ILE B 1733 60.72 60.09 41.71
CA ILE B 1733 60.62 59.34 40.46
C ILE B 1733 61.00 60.27 39.31
N ASP B 1734 61.99 59.86 38.53
CA ASP B 1734 62.37 60.61 37.35
C ASP B 1734 61.37 60.32 36.24
N PRO B 1735 60.66 61.34 35.72
CA PRO B 1735 59.64 61.07 34.70
C PRO B 1735 60.18 60.38 33.46
N ASN B 1736 61.39 60.71 33.01
CA ASN B 1736 61.92 60.13 31.79
C ASN B 1736 62.09 58.62 31.94
N THR B 1737 62.71 58.18 33.03
CA THR B 1737 62.93 56.76 33.24
C THR B 1737 61.62 56.01 33.40
N TYR B 1738 60.66 56.60 34.13
CA TYR B 1738 59.36 55.96 34.30
C TYR B 1738 58.63 55.81 32.97
N ILE B 1739 58.65 56.85 32.14
CA ILE B 1739 57.98 56.77 30.85
C ILE B 1739 58.68 55.76 29.95
N THR B 1740 60.01 55.69 30.01
CA THR B 1740 60.74 54.68 29.24
C THR B 1740 60.35 53.28 29.67
N TRP B 1741 60.26 53.04 30.97
CA TRP B 1741 59.85 51.72 31.46
C TRP B 1741 58.43 51.40 31.05
N ILE B 1742 57.53 52.39 31.09
CA ILE B 1742 56.14 52.16 30.68
C ILE B 1742 56.09 51.79 29.21
N ASP B 1743 56.83 52.52 28.36
CA ASP B 1743 56.84 52.22 26.93
C ASP B 1743 57.53 50.92 26.61
N LYS B 1744 58.44 50.44 27.47
CA LYS B 1744 59.20 49.25 27.16
C LYS B 1744 58.34 48.00 27.20
N TYR B 1745 57.38 47.94 28.11
CA TYR B 1745 56.65 46.71 28.38
C TYR B 1745 55.16 46.86 28.06
N GLN B 1746 54.47 45.74 28.08
CA GLN B 1746 53.05 45.70 27.76
C GLN B 1746 52.22 46.27 28.90
N ALA B 1747 51.01 46.74 28.56
CA ALA B 1747 50.17 47.45 29.52
C ALA B 1747 49.81 46.54 30.70
N GLN B 1748 49.36 45.32 30.42
CA GLN B 1748 49.01 44.41 31.50
C GLN B 1748 50.22 44.09 32.36
N LEU B 1749 51.39 43.95 31.75
CA LEU B 1749 52.60 43.68 32.51
C LEU B 1749 53.00 44.88 33.35
N VAL B 1750 52.81 46.10 32.85
CA VAL B 1750 53.11 47.29 33.63
C VAL B 1750 52.21 47.37 34.85
N VAL B 1751 50.91 47.15 34.66
CA VAL B 1751 49.97 47.20 35.78
C VAL B 1751 50.30 46.11 36.79
N LEU B 1752 50.59 44.90 36.30
CA LEU B 1752 50.91 43.79 37.19
C LEU B 1752 52.19 44.06 37.97
N SER B 1753 53.19 44.65 37.33
CA SER B 1753 54.44 44.96 38.01
C SER B 1753 54.23 46.03 39.08
N ALA B 1754 53.43 47.06 38.78
CA ALA B 1754 53.13 48.06 39.79
C ALA B 1754 52.41 47.44 40.98
N GLN B 1755 51.46 46.55 40.71
CA GLN B 1755 50.73 45.87 41.78
C GLN B 1755 51.66 45.02 42.62
N ILE B 1756 52.57 44.28 41.98
CA ILE B 1756 53.52 43.45 42.72
C ILE B 1756 54.43 44.31 43.59
N ALA B 1757 54.93 45.42 43.03
CA ALA B 1757 55.82 46.29 43.79
C ALA B 1757 55.10 46.87 45.01
N TRP B 1758 53.87 47.33 44.82
CA TRP B 1758 53.11 47.88 45.95
C TRP B 1758 52.85 46.81 47.00
N SER B 1759 52.47 45.61 46.57
CA SER B 1759 52.19 44.55 47.53
C SER B 1759 53.43 44.18 48.33
N GLU B 1760 54.58 44.06 47.67
CA GLU B 1760 55.81 43.74 48.38
C GLU B 1760 56.21 44.85 49.33
N ASN B 1761 56.06 46.11 48.91
CA ASN B 1761 56.40 47.22 49.80
C ASN B 1761 55.52 47.24 51.03
N VAL B 1762 54.21 47.03 50.85
CA VAL B 1762 53.31 47.03 51.99
C VAL B 1762 53.59 45.85 52.91
N GLU B 1763 53.88 44.67 52.34
CA GLU B 1763 54.21 43.51 53.15
C GLU B 1763 55.47 43.76 53.97
N THR B 1764 56.51 44.33 53.35
CA THR B 1764 57.73 44.63 54.07
C THR B 1764 57.50 45.64 55.18
N ALA B 1765 56.71 46.69 54.88
CA ALA B 1765 56.43 47.70 55.90
C ALA B 1765 55.65 47.12 57.07
N LEU B 1766 54.65 46.26 56.79
CA LEU B 1766 53.89 45.64 57.86
C LEU B 1766 54.75 44.70 58.69
N SER B 1767 55.66 43.96 58.04
CA SER B 1767 56.55 43.07 58.77
C SER B 1767 57.47 43.84 59.71
N SER B 1768 57.83 45.07 59.35
CA SER B 1768 58.69 45.87 60.21
C SER B 1768 57.95 46.31 61.48
N MET B 1769 56.65 46.58 61.37
CA MET B 1769 55.85 47.04 62.49
C MET B 1769 55.34 45.90 63.37
N GLY B 1770 55.97 44.73 63.31
CA GLY B 1770 55.52 43.61 64.12
C GLY B 1770 55.60 43.85 65.62
N GLY B 1771 56.47 44.74 66.06
CA GLY B 1771 56.55 45.05 67.48
C GLY B 1771 55.29 45.70 68.01
N GLY B 1772 54.74 46.65 67.25
CA GLY B 1772 53.52 47.32 67.64
C GLY B 1772 53.70 48.79 67.93
N GLY B 1773 54.80 49.13 68.62
CA GLY B 1773 55.11 50.50 68.95
C GLY B 1773 56.13 51.18 68.07
N ASP B 1774 56.63 50.49 67.05
CA ASP B 1774 57.61 51.08 66.15
C ASP B 1774 56.96 52.14 65.27
N ALA B 1775 57.79 53.05 64.77
CA ALA B 1775 57.31 54.06 63.83
C ALA B 1775 56.83 53.38 62.56
N ALA B 1776 55.78 53.94 61.96
CA ALA B 1776 55.14 53.30 60.82
C ALA B 1776 55.82 53.72 59.53
N PRO B 1777 56.42 52.79 58.78
CA PRO B 1777 56.89 53.10 57.42
C PRO B 1777 55.81 53.03 56.36
N LEU B 1778 54.57 52.74 56.75
CA LEU B 1778 53.46 52.79 55.78
C LEU B 1778 53.30 54.18 55.19
N HIS B 1779 53.67 55.22 55.95
CA HIS B 1779 53.68 56.57 55.39
C HIS B 1779 54.66 56.67 54.23
N SER B 1780 55.81 56.00 54.34
CA SER B 1780 56.76 55.98 53.24
C SER B 1780 56.16 55.32 52.00
N VAL B 1781 55.43 54.21 52.19
CA VAL B 1781 54.76 53.57 51.07
C VAL B 1781 53.70 54.50 50.50
N LEU B 1782 52.91 55.13 51.36
CA LEU B 1782 51.89 56.07 50.89
C LEU B 1782 52.54 57.26 50.18
N SER B 1783 53.65 57.76 50.71
CA SER B 1783 54.34 58.87 50.06
C SER B 1783 54.86 58.47 48.68
N ASN B 1784 55.43 57.27 48.56
CA ASN B 1784 55.91 56.81 47.26
C ASN B 1784 54.76 56.64 46.28
N VAL B 1785 53.63 56.10 46.75
CA VAL B 1785 52.47 55.93 45.88
C VAL B 1785 51.96 57.29 45.41
N GLU B 1786 51.91 58.27 46.31
CA GLU B 1786 51.44 59.60 45.95
C GLU B 1786 52.41 60.27 44.97
N VAL B 1787 53.72 60.06 45.16
CA VAL B 1787 54.70 60.62 44.23
C VAL B 1787 54.52 60.03 42.84
N THR B 1788 54.36 58.71 42.77
CA THR B 1788 54.12 58.06 41.48
C THR B 1788 52.83 58.54 40.84
N LEU B 1789 51.76 58.70 41.64
CA LEU B 1789 50.50 59.20 41.11
C LEU B 1789 50.63 60.62 40.60
N ASN B 1790 51.39 61.46 41.29
CA ASN B 1790 51.61 62.83 40.83
C ASN B 1790 52.40 62.83 39.51
N VAL B 1791 53.40 61.96 39.40
CA VAL B 1791 54.14 61.84 38.14
C VAL B 1791 53.21 61.43 37.00
N LEU B 1792 52.35 60.45 37.26
CA LEU B 1792 51.41 60.00 36.23
C LEU B 1792 50.43 61.10 35.86
N ALA B 1793 49.94 61.85 36.85
CA ALA B 1793 49.01 62.94 36.58
C ALA B 1793 49.66 64.04 35.75
N ASP B 1794 50.93 64.34 36.05
CA ASP B 1794 51.66 65.28 35.20
C ASP B 1794 51.83 64.74 33.79
N SER B 1795 52.07 63.44 33.66
CA SER B 1795 52.29 62.84 32.35
C SER B 1795 51.02 62.88 31.50
N VAL B 1796 49.86 62.67 32.11
CA VAL B 1796 48.62 62.62 31.34
C VAL B 1796 48.08 64.00 30.96
N LEU B 1797 48.66 65.06 31.49
CA LEU B 1797 48.24 66.41 31.10
C LEU B 1797 48.88 66.88 29.79
N MET B 1798 49.84 66.14 29.26
CA MET B 1798 50.48 66.47 27.99
C MET B 1798 50.14 65.40 26.96
N GLU B 1799 50.38 65.72 25.70
CA GLU B 1799 50.05 64.82 24.60
C GLU B 1799 50.95 63.59 24.63
N GLN B 1800 50.35 62.42 24.57
CA GLN B 1800 51.05 61.14 24.62
C GLN B 1800 50.54 60.25 23.49
N PRO B 1801 51.34 59.26 23.09
CA PRO B 1801 50.83 58.26 22.15
C PRO B 1801 49.65 57.52 22.74
N PRO B 1802 48.69 57.10 21.91
CA PRO B 1802 47.48 56.46 22.46
C PRO B 1802 47.76 55.24 23.32
N LEU B 1803 48.70 54.39 22.92
CA LEU B 1803 49.03 53.22 23.73
C LEU B 1803 49.64 53.64 25.06
N ARG B 1804 50.59 54.57 25.03
CA ARG B 1804 51.17 55.08 26.27
C ARG B 1804 50.11 55.78 27.11
N ARG B 1805 49.18 56.49 26.46
CA ARG B 1805 48.11 57.16 27.20
C ARG B 1805 47.23 56.17 27.93
N ARG B 1806 46.88 55.06 27.27
CA ARG B 1806 46.05 54.06 27.93
C ARG B 1806 46.81 53.36 29.05
N LYS B 1807 48.11 53.13 28.85
CA LYS B 1807 48.93 52.59 29.95
C LYS B 1807 48.94 53.54 31.14
N LEU B 1808 49.06 54.85 30.88
CA LEU B 1808 49.03 55.83 31.96
C LEU B 1808 47.69 55.82 32.67
N GLU B 1809 46.59 55.70 31.92
CA GLU B 1809 45.27 55.66 32.54
C GLU B 1809 45.12 54.44 33.45
N HIS B 1810 45.57 53.28 32.97
CA HIS B 1810 45.52 52.08 33.80
C HIS B 1810 46.36 52.24 35.06
N LEU B 1811 47.56 52.80 34.91
CA LEU B 1811 48.43 53.00 36.06
C LEU B 1811 47.81 53.98 37.05
N ILE B 1812 47.18 55.04 36.55
CA ILE B 1812 46.53 56.00 37.44
C ILE B 1812 45.41 55.34 38.22
N THR B 1813 44.59 54.52 37.55
CA THR B 1813 43.52 53.83 38.25
C THR B 1813 44.06 52.92 39.34
N GLU B 1814 45.06 52.11 38.99
CA GLU B 1814 45.60 51.18 39.97
C GLU B 1814 46.26 51.89 41.13
N LEU B 1815 47.00 52.96 40.85
CA LEU B 1815 47.65 53.71 41.92
C LEU B 1815 46.65 54.44 42.80
N VAL B 1816 45.54 54.91 42.23
CA VAL B 1816 44.49 55.50 43.06
C VAL B 1816 43.91 54.46 44.00
N HIS B 1817 43.65 53.25 43.49
CA HIS B 1817 43.15 52.19 44.36
C HIS B 1817 44.15 51.85 45.46
N GLN B 1818 45.43 51.75 45.09
CA GLN B 1818 46.46 51.42 46.08
C GLN B 1818 46.60 52.52 47.13
N ARG B 1819 46.49 53.79 46.71
CA ARG B 1819 46.53 54.90 47.65
C ARG B 1819 45.36 54.83 48.62
N ASP B 1820 44.17 54.53 48.12
CA ASP B 1820 43.02 54.39 49.01
C ASP B 1820 43.21 53.25 49.99
N VAL B 1821 43.72 52.11 49.53
CA VAL B 1821 43.93 50.97 50.41
C VAL B 1821 44.99 51.29 51.47
N THR B 1822 46.08 51.95 51.08
CA THR B 1822 47.12 52.31 52.03
C THR B 1822 46.61 53.32 53.04
N ARG B 1823 45.80 54.28 52.61
CA ARG B 1823 45.20 55.23 53.56
C ARG B 1823 44.30 54.51 54.54
N SER B 1824 43.51 53.54 54.07
CA SER B 1824 42.67 52.76 54.97
C SER B 1824 43.51 51.98 55.99
N LEU B 1825 44.59 51.36 55.52
CA LEU B 1825 45.46 50.61 56.43
C LEU B 1825 46.10 51.53 57.48
N ILE B 1826 46.53 52.72 57.06
CA ILE B 1826 47.13 53.66 58.01
C ILE B 1826 46.10 54.13 59.02
N LYS B 1827 44.88 54.42 58.55
CA LYS B 1827 43.82 54.87 59.46
C LYS B 1827 43.46 53.79 60.46
N SER B 1828 43.42 52.54 60.02
CA SER B 1828 43.02 51.42 60.87
C SER B 1828 44.12 51.00 61.85
N LYS B 1829 45.30 51.61 61.78
CA LYS B 1829 46.42 51.27 62.66
C LYS B 1829 46.79 49.81 62.56
N ILE B 1830 46.81 49.27 61.34
CA ILE B 1830 47.18 47.88 61.12
C ILE B 1830 48.69 47.74 61.21
N ASP B 1831 49.16 46.82 62.05
CA ASP B 1831 50.58 46.62 62.25
C ASP B 1831 51.04 45.18 62.01
N ASN B 1832 50.12 44.25 61.79
CA ASN B 1832 50.46 42.85 61.59
C ASN B 1832 50.15 42.44 60.16
N ALA B 1833 51.08 41.72 59.53
CA ALA B 1833 50.87 41.24 58.18
C ALA B 1833 49.77 40.19 58.11
N LYS B 1834 49.41 39.58 59.22
CA LYS B 1834 48.34 38.57 59.26
C LYS B 1834 46.99 39.16 59.63
N SER B 1835 46.90 40.48 59.84
CA SER B 1835 45.62 41.12 60.10
C SER B 1835 44.72 41.00 58.86
N PHE B 1836 43.43 40.82 59.10
CA PHE B 1836 42.50 40.64 58.00
C PHE B 1836 42.31 41.90 57.17
N GLU B 1837 42.54 43.08 57.74
CA GLU B 1837 42.44 44.30 56.97
C GLU B 1837 43.45 44.35 55.83
N TRP B 1838 44.57 43.63 55.97
CA TRP B 1838 45.52 43.46 54.88
C TRP B 1838 45.32 42.15 54.13
N LEU B 1839 44.87 41.10 54.81
CA LEU B 1839 44.67 39.82 54.15
C LEU B 1839 43.49 39.88 53.18
N SER B 1840 42.44 40.63 53.51
CA SER B 1840 41.29 40.73 52.62
C SER B 1840 41.62 41.44 51.32
N GLN B 1841 42.66 42.27 51.30
CA GLN B 1841 43.08 42.93 50.07
C GLN B 1841 43.71 41.92 49.13
N MET B 1842 43.66 42.25 47.84
CA MET B 1842 44.26 41.40 46.82
C MET B 1842 45.76 41.67 46.76
N ARG B 1843 46.55 40.66 47.14
CA ARG B 1843 48.00 40.80 47.26
C ARG B 1843 48.69 39.94 46.22
N PHE B 1844 49.78 40.47 45.66
CA PHE B 1844 50.54 39.79 44.61
C PHE B 1844 51.95 39.53 45.13
N TYR B 1845 52.38 38.27 45.06
CA TYR B 1845 53.69 37.86 45.58
C TYR B 1845 54.52 37.31 44.43
N PHE B 1846 55.73 37.83 44.27
CA PHE B 1846 56.64 37.42 43.21
C PHE B 1846 57.97 37.01 43.82
N ASP B 1847 58.40 35.79 43.50
CA ASP B 1847 59.69 35.28 43.95
C ASP B 1847 60.50 34.83 42.72
N PRO B 1848 61.64 35.46 42.44
CA PRO B 1848 62.44 35.03 41.29
C PRO B 1848 63.12 33.68 41.48
N LYS B 1849 63.18 33.17 42.71
CA LYS B 1849 63.85 31.90 42.97
C LYS B 1849 63.10 30.69 42.42
N GLN B 1850 61.83 30.86 42.02
CA GLN B 1850 61.07 29.75 41.48
C GLN B 1850 61.61 29.34 40.12
N THR B 1851 61.84 28.04 39.94
CA THR B 1851 62.38 27.54 38.68
C THR B 1851 61.40 27.74 37.53
N ASP B 1852 60.12 27.43 37.77
CA ASP B 1852 59.11 27.53 36.72
C ASP B 1852 58.68 29.00 36.58
N VAL B 1853 58.81 29.54 35.37
CA VAL B 1853 58.44 30.93 35.15
C VAL B 1853 56.93 31.13 35.28
N LEU B 1854 56.13 30.15 34.86
CA LEU B 1854 54.69 30.29 34.94
C LEU B 1854 54.16 30.21 36.36
N GLN B 1855 54.97 29.77 37.32
CA GLN B 1855 54.56 29.69 38.72
C GLN B 1855 55.26 30.71 39.59
N GLN B 1856 55.99 31.66 38.99
CA GLN B 1856 56.69 32.66 39.78
C GLN B 1856 55.72 33.61 40.50
N LEU B 1857 54.62 33.96 39.86
CA LEU B 1857 53.66 34.90 40.42
C LEU B 1857 52.46 34.16 40.99
N SER B 1858 52.15 34.43 42.25
CA SER B 1858 50.98 33.88 42.91
C SER B 1858 50.13 35.02 43.45
N ILE B 1859 48.85 35.02 43.10
CA ILE B 1859 47.92 36.06 43.51
C ILE B 1859 47.06 35.51 44.64
N GLN B 1860 47.01 36.24 45.74
CA GLN B 1860 46.29 35.82 46.93
C GLN B 1860 45.32 36.91 47.37
N MET B 1861 44.15 36.50 47.86
CA MET B 1861 43.20 37.42 48.44
C MET B 1861 42.38 36.67 49.46
N ALA B 1862 42.37 37.17 50.70
CA ALA B 1862 41.78 36.48 51.86
C ALA B 1862 42.51 35.16 52.02
N ASN B 1863 41.83 34.02 51.99
CA ASN B 1863 42.47 32.72 52.16
C ASN B 1863 42.60 31.95 50.85
N ALA B 1864 42.42 32.61 49.71
CA ALA B 1864 42.48 31.98 48.40
C ALA B 1864 43.78 32.34 47.70
N LYS B 1865 44.43 31.34 47.11
CA LYS B 1865 45.66 31.53 46.37
C LYS B 1865 45.42 31.23 44.89
N PHE B 1866 45.86 32.13 44.02
CA PHE B 1866 45.69 31.98 42.58
C PHE B 1866 47.02 32.19 41.87
N ASN B 1867 47.12 31.62 40.68
CA ASN B 1867 48.29 31.77 39.83
C ASN B 1867 47.88 32.51 38.56
N TYR B 1868 48.72 33.44 38.13
CA TYR B 1868 48.45 34.21 36.91
C TYR B 1868 48.45 33.27 35.71
N GLY B 1869 47.42 33.40 34.86
CA GLY B 1869 47.32 32.56 33.69
C GLY B 1869 48.24 32.95 32.55
N PHE B 1870 48.76 34.19 32.58
CA PHE B 1870 49.69 34.68 31.56
C PHE B 1870 49.09 34.59 30.16
N GLU B 1871 47.78 34.82 30.06
CA GLU B 1871 47.14 34.98 28.77
C GLU B 1871 47.30 36.41 28.30
N TYR B 1872 47.75 36.59 27.06
CA TYR B 1872 47.93 37.93 26.52
C TYR B 1872 46.56 38.57 26.33
N LEU B 1873 46.21 39.51 27.20
CA LEU B 1873 44.93 40.18 27.16
C LEU B 1873 44.93 41.41 26.26
N GLY B 1874 46.07 41.77 25.68
CA GLY B 1874 46.14 43.01 24.95
C GLY B 1874 46.02 44.19 25.90
N VAL B 1875 45.34 45.24 25.41
CA VAL B 1875 45.08 46.41 26.25
C VAL B 1875 43.58 46.51 26.46
N GLN B 1876 43.10 45.96 27.57
CA GLN B 1876 41.67 45.94 27.88
C GLN B 1876 41.28 47.20 28.65
N ASP B 1877 40.03 47.60 28.50
CA ASP B 1877 39.49 48.70 29.28
C ASP B 1877 39.46 48.31 30.75
N LYS B 1878 39.98 49.19 31.61
CA LYS B 1878 40.11 48.90 33.02
C LYS B 1878 38.96 49.49 33.81
N LEU B 1879 38.60 48.82 34.89
CA LEU B 1879 37.49 49.23 35.75
C LEU B 1879 38.01 49.95 36.98
N VAL B 1880 37.29 50.99 37.40
CA VAL B 1880 37.60 51.68 38.64
C VAL B 1880 37.28 50.75 39.81
N GLN B 1881 38.23 50.60 40.73
CA GLN B 1881 38.10 49.64 41.82
C GLN B 1881 37.31 50.27 42.97
N THR B 1882 35.99 50.19 42.85
CA THR B 1882 35.08 50.69 43.87
C THR B 1882 34.98 49.70 45.02
N PRO B 1883 34.46 50.15 46.17
CA PRO B 1883 34.21 49.18 47.26
C PRO B 1883 33.30 48.04 46.86
N LEU B 1884 32.31 48.30 46.00
CA LEU B 1884 31.50 47.20 45.47
C LEU B 1884 32.35 46.25 44.64
N THR B 1885 33.31 46.78 43.89
CA THR B 1885 34.21 45.92 43.12
C THR B 1885 35.08 45.08 44.05
N ASP B 1886 35.55 45.66 45.16
CA ASP B 1886 36.31 44.89 46.14
C ASP B 1886 35.46 43.79 46.75
N ARG B 1887 34.21 44.10 47.08
CA ARG B 1887 33.31 43.07 47.62
C ARG B 1887 33.08 41.96 46.61
N CYS B 1888 32.91 42.33 45.33
CA CYS B 1888 32.74 41.32 44.29
C CYS B 1888 33.97 40.45 44.15
N TYR B 1889 35.16 41.06 44.19
CA TYR B 1889 36.40 40.29 44.13
C TYR B 1889 36.48 39.32 45.31
N LEU B 1890 36.17 39.79 46.50
CA LEU B 1890 36.24 38.94 47.68
C LEU B 1890 35.28 37.76 47.55
N THR B 1891 34.03 38.03 47.20
CA THR B 1891 33.03 36.96 47.12
C THR B 1891 33.38 35.96 46.02
N MET B 1892 33.79 36.45 44.85
CA MET B 1892 34.11 35.54 43.75
C MET B 1892 35.37 34.74 44.04
N THR B 1893 36.37 35.34 44.67
CA THR B 1893 37.56 34.57 45.05
C THR B 1893 37.23 33.52 46.10
N GLN B 1894 36.35 33.84 47.06
CA GLN B 1894 35.93 32.84 48.03
C GLN B 1894 35.19 31.70 47.34
N ALA B 1895 34.35 32.03 46.34
CA ALA B 1895 33.67 30.98 45.58
C ALA B 1895 34.66 30.12 44.82
N LEU B 1896 35.67 30.74 44.22
CA LEU B 1896 36.67 29.99 43.46
C LEU B 1896 37.49 29.08 44.36
N GLU B 1897 37.83 29.54 45.56
CA GLU B 1897 38.62 28.74 46.47
C GLU B 1897 37.88 27.47 46.87
N ALA B 1898 36.58 27.58 47.12
CA ALA B 1898 35.74 26.42 47.41
C ALA B 1898 35.35 25.64 46.16
N ARG B 1899 35.97 25.95 45.02
CA ARG B 1899 35.67 25.28 43.74
C ARG B 1899 34.21 25.42 43.35
N LEU B 1900 33.60 26.53 43.74
CA LEU B 1900 32.23 26.84 43.36
C LEU B 1900 32.22 27.89 42.25
N GLY B 1901 31.03 28.19 41.76
CA GLY B 1901 30.86 29.26 40.81
C GLY B 1901 30.43 30.56 41.47
N GLY B 1902 30.47 31.64 40.68
CA GLY B 1902 30.05 32.95 41.13
C GLY B 1902 28.79 33.38 40.42
N SER B 1903 27.85 33.94 41.18
CA SER B 1903 26.54 34.34 40.65
C SER B 1903 26.21 35.75 41.11
N PRO B 1904 26.89 36.76 40.57
CA PRO B 1904 26.50 38.14 40.86
C PRO B 1904 25.14 38.45 40.24
N PHE B 1905 24.26 39.08 41.02
CA PHE B 1905 22.92 39.38 40.59
C PHE B 1905 22.53 40.79 41.00
N GLY B 1906 21.57 41.34 40.27
CA GLY B 1906 21.08 42.68 40.52
C GLY B 1906 20.49 43.30 39.28
N PRO B 1907 20.11 44.58 39.36
CA PRO B 1907 19.56 45.26 38.18
C PRO B 1907 20.61 45.48 37.11
N ALA B 1908 20.17 45.78 35.89
CA ALA B 1908 21.10 45.97 34.79
C ALA B 1908 21.93 47.24 34.97
N GLY B 1909 23.11 47.23 34.38
CA GLY B 1909 24.02 48.37 34.49
C GLY B 1909 24.57 48.60 35.88
N THR B 1910 24.97 47.55 36.57
CA THR B 1910 25.54 47.66 37.92
C THR B 1910 26.98 47.17 38.01
N GLY B 1911 27.57 46.72 36.90
CA GLY B 1911 28.95 46.31 36.90
C GLY B 1911 29.21 44.82 37.02
N LYS B 1912 28.18 43.99 36.91
CA LYS B 1912 28.34 42.56 37.17
C LYS B 1912 29.26 41.90 36.15
N THR B 1913 28.88 41.94 34.87
CA THR B 1913 29.70 41.28 33.84
C THR B 1913 31.08 41.90 33.75
N GLU B 1914 31.15 43.24 33.84
CA GLU B 1914 32.45 43.90 33.79
C GLU B 1914 33.29 43.57 35.01
N SER B 1915 32.69 43.43 36.18
CA SER B 1915 33.46 43.00 37.35
C SER B 1915 34.00 41.59 37.16
N VAL B 1916 33.19 40.70 36.60
CA VAL B 1916 33.67 39.33 36.35
C VAL B 1916 34.83 39.33 35.37
N LYS B 1917 34.69 40.11 34.29
CA LYS B 1917 35.78 40.19 33.30
C LYS B 1917 37.03 40.82 33.91
N ALA B 1918 36.86 41.84 34.74
CA ALA B 1918 38.02 42.49 35.36
C ALA B 1918 38.71 41.55 36.34
N LEU B 1919 37.96 40.74 37.08
CA LEU B 1919 38.58 39.75 37.94
C LEU B 1919 39.31 38.69 37.12
N GLY B 1920 38.72 38.25 36.01
CA GLY B 1920 39.40 37.29 35.16
C GLY B 1920 40.69 37.85 34.57
N HIS B 1921 40.66 39.11 34.16
CA HIS B 1921 41.87 39.74 33.63
C HIS B 1921 42.91 39.99 34.72
N GLN B 1922 42.46 40.22 35.95
CA GLN B 1922 43.39 40.42 37.05
C GLN B 1922 44.22 39.15 37.30
N LEU B 1923 43.61 37.99 37.11
CA LEU B 1923 44.31 36.71 37.20
C LEU B 1923 44.89 36.27 35.87
N GLY B 1924 44.77 37.10 34.83
CA GLY B 1924 45.30 36.74 33.52
C GLY B 1924 44.61 35.54 32.89
N ARG B 1925 43.28 35.47 33.01
CA ARG B 1925 42.52 34.35 32.51
C ARG B 1925 41.76 34.75 31.25
N PHE B 1926 41.61 33.79 30.34
CA PHE B 1926 40.75 33.96 29.17
C PHE B 1926 39.29 33.93 29.63
N VAL B 1927 38.59 35.05 29.48
CA VAL B 1927 37.21 35.18 29.93
C VAL B 1927 36.32 35.26 28.70
N LEU B 1928 35.38 34.33 28.59
CA LEU B 1928 34.42 34.29 27.49
C LEU B 1928 33.06 34.70 28.01
N VAL B 1929 32.44 35.66 27.33
CA VAL B 1929 31.13 36.17 27.69
C VAL B 1929 30.11 35.57 26.73
N PHE B 1930 29.11 34.89 27.28
CA PHE B 1930 28.05 34.27 26.51
C PHE B 1930 26.72 34.94 26.84
N ASN B 1931 26.00 35.37 25.81
CA ASN B 1931 24.69 35.98 25.99
C ASN B 1931 23.66 34.87 25.94
N CYS B 1932 23.32 34.33 27.10
CA CYS B 1932 22.47 33.15 27.18
C CYS B 1932 21.03 33.49 26.81
N ASP B 1933 20.33 32.49 26.28
CA ASP B 1933 18.91 32.62 25.95
C ASP B 1933 18.29 31.23 26.04
N GLU B 1934 17.01 31.14 25.66
CA GLU B 1934 16.29 29.87 25.79
C GLU B 1934 16.77 28.82 24.80
N THR B 1935 17.52 29.22 23.76
CA THR B 1935 18.04 28.27 22.79
C THR B 1935 19.19 27.45 23.37
N PHE B 1936 19.88 27.95 24.39
CA PHE B 1936 20.99 27.24 25.01
C PHE B 1936 20.44 26.02 25.74
N ASP B 1937 20.50 24.85 25.12
CA ASP B 1937 19.95 23.64 25.68
C ASP B 1937 21.05 22.84 26.37
N PHE B 1938 20.73 21.60 26.74
CA PHE B 1938 21.68 20.77 27.47
C PHE B 1938 22.93 20.49 26.65
N GLN B 1939 22.77 20.16 25.37
CA GLN B 1939 23.91 19.77 24.54
C GLN B 1939 24.81 20.96 24.22
N ALA B 1940 24.21 22.11 23.91
CA ALA B 1940 25.02 23.31 23.64
C ALA B 1940 25.81 23.72 24.88
N MET B 1941 25.15 23.67 26.04
CA MET B 1941 25.84 23.98 27.29
C MET B 1941 26.96 22.98 27.56
N GLY B 1942 26.73 21.70 27.28
CA GLY B 1942 27.77 20.71 27.46
C GLY B 1942 28.96 20.93 26.54
N ARG B 1943 28.70 21.30 25.28
CA ARG B 1943 29.77 21.60 24.35
C ARG B 1943 30.58 22.82 24.80
N ILE B 1944 29.89 23.86 25.28
CA ILE B 1944 30.58 25.04 25.77
C ILE B 1944 31.43 24.69 27.00
N PHE B 1945 30.88 23.86 27.88
CA PHE B 1945 31.63 23.45 29.07
C PHE B 1945 32.84 22.61 28.69
N VAL B 1946 32.70 21.74 27.69
CA VAL B 1946 33.84 20.95 27.23
C VAL B 1946 34.94 21.86 26.68
N GLY B 1947 34.54 22.85 25.88
CA GLY B 1947 35.52 23.80 25.36
C GLY B 1947 36.23 24.56 26.47
N LEU B 1948 35.47 25.02 27.47
CA LEU B 1948 36.08 25.74 28.59
C LEU B 1948 36.99 24.83 29.40
N CYS B 1949 36.59 23.58 29.60
CA CYS B 1949 37.41 22.63 30.35
C CYS B 1949 38.74 22.38 29.65
N GLN B 1950 38.69 22.18 28.33
CA GLN B 1950 39.93 21.86 27.61
C GLN B 1950 40.82 23.09 27.45
N VAL B 1951 40.22 24.25 27.15
CA VAL B 1951 41.01 25.47 27.02
C VAL B 1951 41.51 25.93 28.39
N GLY B 1952 40.64 25.89 29.40
CA GLY B 1952 40.98 26.41 30.70
C GLY B 1952 40.64 27.89 30.82
N ALA B 1953 39.47 28.25 30.33
CA ALA B 1953 39.03 29.64 30.26
C ALA B 1953 37.77 29.84 31.09
N TRP B 1954 37.67 31.01 31.71
CA TRP B 1954 36.47 31.33 32.48
C TRP B 1954 35.28 31.51 31.57
N GLY B 1955 34.12 31.09 32.04
CA GLY B 1955 32.89 31.29 31.30
C GLY B 1955 31.89 32.14 32.05
N CYS B 1956 31.65 33.36 31.57
CA CYS B 1956 30.68 34.26 32.17
C CYS B 1956 29.40 34.22 31.35
N PHE B 1957 28.41 33.47 31.82
CA PHE B 1957 27.15 33.29 31.11
C PHE B 1957 26.18 34.36 31.60
N ASP B 1958 26.11 35.46 30.85
CA ASP B 1958 25.17 36.53 31.20
C ASP B 1958 23.74 36.10 30.88
N GLU B 1959 22.79 36.73 31.59
CA GLU B 1959 21.37 36.46 31.40
C GLU B 1959 21.06 34.98 31.56
N PHE B 1960 21.63 34.36 32.59
CA PHE B 1960 21.53 32.92 32.75
C PHE B 1960 20.11 32.45 32.99
N ASN B 1961 19.28 33.28 33.62
CA ASN B 1961 17.91 32.89 33.90
C ASN B 1961 17.02 32.86 32.66
N ARG B 1962 17.55 33.24 31.49
CA ARG B 1962 16.77 33.16 30.27
C ARG B 1962 16.67 31.74 29.71
N LEU B 1963 17.43 30.79 30.27
CA LEU B 1963 17.27 29.41 29.89
C LEU B 1963 15.97 28.84 30.47
N GLU B 1964 15.53 27.72 29.90
CA GLU B 1964 14.38 27.03 30.44
C GLU B 1964 14.73 26.37 31.77
N GLU B 1965 13.74 26.26 32.65
CA GLU B 1965 13.99 25.68 33.97
C GLU B 1965 14.45 24.24 33.85
N ARG B 1966 13.84 23.47 32.94
CA ARG B 1966 14.27 22.10 32.72
C ARG B 1966 15.72 22.05 32.25
N MET B 1967 16.10 22.98 31.36
CA MET B 1967 17.48 23.02 30.90
C MET B 1967 18.43 23.44 32.01
N LEU B 1968 18.00 24.34 32.89
CA LEU B 1968 18.83 24.69 34.04
C LEU B 1968 19.06 23.47 34.93
N SER B 1969 18.00 22.70 35.18
CA SER B 1969 18.14 21.49 35.97
C SER B 1969 19.09 20.51 35.30
N ALA B 1970 18.98 20.36 33.98
CA ALA B 1970 19.86 19.45 33.26
C ALA B 1970 21.32 19.90 33.32
N VAL B 1971 21.57 21.20 33.16
CA VAL B 1971 22.93 21.74 33.22
C VAL B 1971 23.50 21.66 34.63
N SER B 1972 22.64 21.58 35.65
CA SER B 1972 23.14 21.42 37.02
C SER B 1972 24.04 20.21 37.16
N GLN B 1973 23.72 19.10 36.47
CA GLN B 1973 24.56 17.92 36.54
C GLN B 1973 25.95 18.19 35.99
N GLN B 1974 26.02 18.82 34.81
CA GLN B 1974 27.32 19.12 34.22
C GLN B 1974 28.13 20.04 35.11
N VAL B 1975 27.47 21.06 35.69
CA VAL B 1975 28.17 21.96 36.59
C VAL B 1975 28.70 21.20 37.80
N GLN B 1976 27.91 20.27 38.34
CA GLN B 1976 28.34 19.53 39.51
C GLN B 1976 29.52 18.63 39.20
N CYS B 1977 29.50 17.95 38.05
CA CYS B 1977 30.64 17.11 37.67
C CYS B 1977 31.89 17.95 37.44
N ILE B 1978 31.75 19.10 36.79
CA ILE B 1978 32.90 19.98 36.59
C ILE B 1978 33.48 20.43 37.92
N GLN B 1979 32.62 20.81 38.86
CA GLN B 1979 33.10 21.25 40.17
C GLN B 1979 33.76 20.12 40.94
N GLU B 1980 33.21 18.90 40.82
CA GLU B 1980 33.85 17.76 41.49
C GLU B 1980 35.22 17.48 40.90
N ALA B 1981 35.36 17.56 39.57
CA ALA B 1981 36.67 17.37 38.95
C ALA B 1981 37.65 18.45 39.40
N LEU B 1982 37.20 19.70 39.47
CA LEU B 1982 38.06 20.77 39.91
C LEU B 1982 38.47 20.59 41.38
N ARG B 1983 37.56 20.08 42.20
CA ARG B 1983 37.87 19.84 43.60
C ARG B 1983 38.88 18.71 43.77
N GLU B 1984 38.70 17.61 43.03
CA GLU B 1984 39.67 16.53 43.12
C GLU B 1984 41.00 16.89 42.47
N HIS B 1985 41.03 17.90 41.60
CA HIS B 1985 42.28 18.43 41.09
C HIS B 1985 43.06 19.23 42.13
N SER B 1986 42.41 19.65 43.21
CA SER B 1986 43.03 20.54 44.19
C SER B 1986 43.77 19.80 45.30
N ASN B 1987 43.58 18.49 45.44
CA ASN B 1987 44.25 17.77 46.51
C ASN B 1987 45.76 17.73 46.25
N PRO B 1988 46.58 17.87 47.30
CA PRO B 1988 48.03 17.86 47.10
C PRO B 1988 48.59 16.54 46.59
N ASN B 1989 47.89 15.42 46.81
CA ASN B 1989 48.39 14.13 46.38
C ASN B 1989 48.47 13.99 44.86
N TYR B 1990 47.74 14.82 44.12
CA TYR B 1990 47.73 14.76 42.67
C TYR B 1990 48.98 15.46 42.13
N ASP B 1991 49.98 14.67 41.75
CA ASP B 1991 51.15 15.22 41.09
C ASP B 1991 50.80 15.63 39.66
N LYS B 1992 51.41 16.71 39.19
CA LYS B 1992 51.11 17.23 37.86
C LYS B 1992 51.58 16.31 36.74
N THR B 1993 52.43 15.33 37.04
CA THR B 1993 52.94 14.39 36.05
C THR B 1993 52.12 13.10 35.99
N SER B 1994 51.05 13.00 36.78
CA SER B 1994 50.23 11.80 36.81
C SER B 1994 49.15 11.89 35.73
N ALA B 1995 48.17 10.99 35.78
CA ALA B 1995 47.09 10.99 34.80
C ALA B 1995 46.28 12.28 34.93
N PRO B 1996 45.99 12.97 33.83
CA PRO B 1996 45.23 14.22 33.91
C PRO B 1996 43.84 14.01 34.48
N ILE B 1997 43.36 15.02 35.20
CA ILE B 1997 42.03 14.97 35.79
C ILE B 1997 40.99 15.18 34.70
N THR B 1998 39.97 14.32 34.68
CA THR B 1998 38.93 14.37 33.67
C THR B 1998 37.56 14.32 34.34
N CYS B 1999 36.57 14.86 33.63
CA CYS B 1999 35.18 14.86 34.08
C CYS B 1999 34.30 14.28 32.98
N GLU B 2000 33.09 13.88 33.37
CA GLU B 2000 32.16 13.21 32.48
C GLU B 2000 31.24 14.27 31.86
N LEU B 2001 31.48 14.61 30.60
CA LEU B 2001 30.69 15.59 29.88
C LEU B 2001 30.28 15.03 28.53
N LEU B 2002 28.97 15.10 28.24
CA LEU B 2002 28.42 14.69 26.95
C LEU B 2002 28.84 13.26 26.59
N ASN B 2003 28.75 12.37 27.57
CA ASN B 2003 29.05 10.95 27.40
C ASN B 2003 30.50 10.74 26.98
N LYS B 2004 31.36 11.72 27.28
CA LYS B 2004 32.77 11.66 26.92
C LYS B 2004 33.61 12.08 28.12
N GLN B 2005 34.87 11.69 28.09
CA GLN B 2005 35.83 12.07 29.12
C GLN B 2005 36.69 13.21 28.59
N VAL B 2006 36.64 14.35 29.26
CA VAL B 2006 37.34 15.56 28.83
C VAL B 2006 38.25 16.03 29.95
N LYS B 2007 39.45 16.47 29.58
CA LYS B 2007 40.40 16.99 30.56
C LYS B 2007 39.89 18.29 31.16
N VAL B 2008 40.06 18.44 32.47
CA VAL B 2008 39.60 19.61 33.21
C VAL B 2008 40.83 20.42 33.60
N SER B 2009 40.97 21.61 33.01
CA SER B 2009 42.09 22.48 33.35
C SER B 2009 41.82 23.17 34.69
N PRO B 2010 42.85 23.36 35.51
CA PRO B 2010 42.64 24.02 36.81
C PRO B 2010 42.27 25.49 36.70
N ASP B 2011 42.56 26.14 35.58
CA ASP B 2011 42.37 27.58 35.45
C ASP B 2011 40.93 27.98 35.14
N MET B 2012 40.05 27.04 34.85
CA MET B 2012 38.71 27.39 34.40
C MET B 2012 37.84 27.82 35.58
N ALA B 2013 36.75 28.52 35.25
CA ALA B 2013 35.74 28.90 36.23
C ALA B 2013 34.43 29.14 35.51
N ILE B 2014 33.33 29.02 36.24
CA ILE B 2014 32.00 29.24 35.70
C ILE B 2014 31.34 30.36 36.50
N PHE B 2015 30.88 31.39 35.79
CA PHE B 2015 30.16 32.50 36.39
C PHE B 2015 28.85 32.73 35.64
N ILE B 2016 27.80 33.04 36.38
CA ILE B 2016 26.49 33.33 35.79
C ILE B 2016 26.05 34.71 36.24
N THR B 2017 25.54 35.49 35.30
CA THR B 2017 25.06 36.84 35.57
C THR B 2017 23.56 36.87 35.44
N MET B 2018 22.88 37.35 36.48
CA MET B 2018 21.43 37.31 36.54
C MET B 2018 20.88 38.67 36.91
N ASN B 2019 19.64 38.91 36.51
CA ASN B 2019 18.83 40.02 37.00
C ASN B 2019 17.50 39.41 37.42
N PRO B 2020 17.39 38.94 38.67
CA PRO B 2020 16.17 38.24 39.09
C PRO B 2020 14.94 39.13 39.23
N GLY B 2021 15.07 40.43 39.00
CA GLY B 2021 13.95 41.35 39.11
C GLY B 2021 13.06 41.43 37.90
N TYR B 2022 13.33 40.65 36.86
CA TYR B 2022 12.51 40.66 35.65
C TYR B 2022 11.45 39.57 35.73
N ALA B 2023 10.21 39.94 35.44
CA ALA B 2023 9.14 38.95 35.36
C ALA B 2023 9.30 38.11 34.10
N GLY B 2024 8.79 36.88 34.18
CA GLY B 2024 8.92 35.96 33.06
C GLY B 2024 10.27 35.31 32.93
N ARG B 2025 11.12 35.39 33.95
CA ARG B 2025 12.43 34.77 33.94
C ARG B 2025 12.41 33.48 34.74
N SER B 2026 13.12 32.47 34.25
CA SER B 2026 13.10 31.16 34.88
C SER B 2026 13.72 31.22 36.27
N ASN B 2027 13.20 30.39 37.17
CA ASN B 2027 13.73 30.29 38.52
C ASN B 2027 14.69 29.10 38.57
N LEU B 2028 15.91 29.33 39.02
CA LEU B 2028 16.91 28.28 39.07
C LEU B 2028 16.52 27.25 40.14
N PRO B 2029 16.59 25.96 39.82
CA PRO B 2029 16.32 24.95 40.84
C PRO B 2029 17.34 25.00 41.97
N ASP B 2030 16.89 24.58 43.16
CA ASP B 2030 17.72 24.72 44.36
C ASP B 2030 19.00 23.90 44.26
N ASN B 2031 18.96 22.75 43.56
CA ASN B 2031 20.17 21.96 43.40
C ASN B 2031 21.21 22.64 42.52
N LEU B 2032 20.80 23.64 41.74
CA LEU B 2032 21.74 24.42 40.94
C LEU B 2032 22.21 25.69 41.65
N LYS B 2033 21.36 26.30 42.48
CA LYS B 2033 21.76 27.50 43.20
C LYS B 2033 22.78 27.20 44.30
N LYS B 2034 22.85 25.96 44.78
CA LYS B 2034 23.86 25.60 45.76
C LYS B 2034 25.25 25.48 45.16
N LEU B 2035 25.35 25.35 43.83
CA LEU B 2035 26.63 25.25 43.15
C LEU B 2035 27.25 26.62 42.86
N PHE B 2036 26.56 27.71 43.17
CA PHE B 2036 27.04 29.05 42.91
C PHE B 2036 26.96 29.89 44.17
N ARG B 2037 27.94 30.79 44.34
CA ARG B 2037 27.92 31.76 45.42
C ARG B 2037 27.41 33.08 44.86
N SER B 2038 26.35 33.61 45.45
CA SER B 2038 25.67 34.77 44.91
C SER B 2038 26.05 36.04 45.67
N LEU B 2039 26.18 37.13 44.93
CA LEU B 2039 26.42 38.45 45.49
C LEU B 2039 25.44 39.45 44.90
N ALA B 2040 24.93 40.34 45.73
CA ALA B 2040 23.98 41.36 45.30
C ALA B 2040 24.75 42.63 44.95
N MET B 2041 24.86 42.91 43.65
CA MET B 2041 25.47 44.14 43.15
C MET B 2041 24.34 45.04 42.67
N THR B 2042 23.88 45.92 43.57
CA THR B 2042 22.71 46.76 43.33
C THR B 2042 23.06 48.21 43.08
N LYS B 2043 23.90 48.81 43.92
CA LYS B 2043 24.24 50.23 43.82
C LYS B 2043 25.72 50.40 43.53
N PRO B 2044 26.12 50.62 42.27
CA PRO B 2044 27.51 50.94 41.98
C PRO B 2044 27.87 52.31 42.52
N ASP B 2045 29.17 52.47 42.84
CA ASP B 2045 29.68 53.74 43.36
C ASP B 2045 30.01 54.64 42.18
N ARG B 2046 28.98 55.31 41.66
CA ARG B 2046 29.16 56.18 40.51
C ARG B 2046 30.09 57.34 40.80
N GLN B 2047 30.08 57.84 42.04
CA GLN B 2047 30.93 58.98 42.38
C GLN B 2047 32.40 58.65 42.22
N LEU B 2048 32.85 57.53 42.79
CA LEU B 2048 34.25 57.16 42.70
C LEU B 2048 34.65 56.84 41.26
N ILE B 2049 33.76 56.17 40.52
CA ILE B 2049 34.06 55.87 39.13
C ILE B 2049 34.26 57.15 38.33
N ALA B 2050 33.34 58.11 38.49
CA ALA B 2050 33.46 59.37 37.79
C ALA B 2050 34.73 60.10 38.18
N GLN B 2051 35.03 60.15 39.48
CA GLN B 2051 36.23 60.83 39.95
C GLN B 2051 37.49 60.23 39.34
N VAL B 2052 37.60 58.90 39.37
CA VAL B 2052 38.82 58.26 38.90
C VAL B 2052 38.95 58.37 37.38
N MET B 2053 37.85 58.18 36.64
CA MET B 2053 37.93 58.30 35.20
C MET B 2053 38.28 59.73 34.78
N LEU B 2054 37.70 60.73 35.43
CA LEU B 2054 38.01 62.11 35.08
C LEU B 2054 39.44 62.48 35.49
N TYR B 2055 39.93 61.93 36.61
CA TYR B 2055 41.30 62.18 37.01
C TYR B 2055 42.30 61.53 36.06
N SER B 2056 41.99 60.33 35.58
CA SER B 2056 42.89 59.64 34.67
C SER B 2056 42.85 60.22 33.27
N GLN B 2057 41.70 60.73 32.82
CA GLN B 2057 41.62 61.30 31.48
C GLN B 2057 42.37 62.61 31.36
N GLY B 2058 42.70 63.26 32.47
CA GLY B 2058 43.50 64.47 32.42
C GLY B 2058 42.73 65.74 32.73
N PHE B 2059 41.78 65.66 33.66
CA PHE B 2059 41.01 66.81 34.10
C PHE B 2059 41.59 67.33 35.41
N ARG B 2060 41.95 68.61 35.44
CA ARG B 2060 42.53 69.22 36.63
C ARG B 2060 41.51 69.36 37.76
N THR B 2061 40.22 69.44 37.44
CA THR B 2061 39.18 69.61 38.45
C THR B 2061 38.27 68.40 38.48
N ALA B 2062 38.86 67.19 38.46
CA ALA B 2062 38.08 65.97 38.35
C ALA B 2062 37.11 65.81 39.52
N GLU B 2063 37.55 66.15 40.73
CA GLU B 2063 36.69 66.02 41.90
C GLU B 2063 35.44 66.87 41.77
N VAL B 2064 35.61 68.15 41.43
CA VAL B 2064 34.47 69.06 41.30
C VAL B 2064 33.55 68.61 40.17
N LEU B 2065 34.14 68.22 39.04
CA LEU B 2065 33.33 67.80 37.90
C LEU B 2065 32.52 66.55 38.22
N ALA B 2066 33.12 65.58 38.92
CA ALA B 2066 32.38 64.38 39.30
C ALA B 2066 31.28 64.70 40.31
N ASN B 2067 31.61 65.51 41.31
CA ASN B 2067 30.62 65.89 42.32
C ASN B 2067 29.52 66.76 41.76
N LYS B 2068 29.73 67.36 40.59
CA LYS B 2068 28.65 68.07 39.91
C LYS B 2068 27.88 67.18 38.94
N ILE B 2069 28.51 66.17 38.35
CA ILE B 2069 27.88 65.40 37.29
C ILE B 2069 27.09 64.22 37.82
N VAL B 2070 27.51 63.59 38.92
CA VAL B 2070 26.74 62.47 39.45
C VAL B 2070 25.41 62.96 40.01
N PRO B 2071 25.39 63.98 40.87
CA PRO B 2071 24.08 64.54 41.26
C PRO B 2071 23.31 65.10 40.10
N PHE B 2072 24.00 65.60 39.06
CA PHE B 2072 23.30 66.04 37.86
C PHE B 2072 22.55 64.89 37.20
N PHE B 2073 23.17 63.71 37.14
CA PHE B 2073 22.48 62.56 36.55
C PHE B 2073 21.32 62.10 37.43
N LYS B 2074 21.49 62.18 38.76
CA LYS B 2074 20.36 61.87 39.64
C LYS B 2074 19.20 62.82 39.41
N LEU B 2075 19.50 64.12 39.28
CA LEU B 2075 18.47 65.11 39.00
C LEU B 2075 17.84 64.91 37.62
N CYS B 2076 18.63 64.47 36.64
CA CYS B 2076 18.06 64.13 35.34
C CYS B 2076 17.10 62.97 35.46
N ASP B 2077 17.45 61.95 36.25
CA ASP B 2077 16.58 60.81 36.44
C ASP B 2077 15.27 61.21 37.14
N GLU B 2078 15.36 62.09 38.13
CA GLU B 2078 14.20 62.33 38.98
C GLU B 2078 13.37 63.55 38.54
N GLN B 2079 14.01 64.70 38.34
CA GLN B 2079 13.29 65.93 38.02
C GLN B 2079 12.60 65.83 36.66
N LEU B 2080 13.25 65.20 35.68
CA LEU B 2080 12.69 65.14 34.34
C LEU B 2080 11.45 64.24 34.30
N SER B 2081 10.65 64.43 33.26
CA SER B 2081 9.44 63.63 33.09
C SER B 2081 9.79 62.17 32.86
N SER B 2082 8.89 61.29 33.31
CA SER B 2082 9.10 59.86 33.19
C SER B 2082 8.74 59.40 31.79
N GLN B 2083 9.72 58.85 31.08
CA GLN B 2083 9.51 58.31 29.74
C GLN B 2083 10.10 56.91 29.66
N SER B 2084 9.58 56.11 28.74
CA SER B 2084 10.01 54.72 28.61
C SER B 2084 11.41 54.60 28.02
N HIS B 2085 11.88 55.60 27.27
CA HIS B 2085 13.18 55.53 26.62
C HIS B 2085 14.26 56.31 27.36
N TYR B 2086 13.98 56.78 28.58
CA TYR B 2086 14.95 57.53 29.37
C TYR B 2086 15.83 56.58 30.16
N ASP B 2087 17.13 56.86 30.17
CA ASP B 2087 18.08 56.09 30.96
C ASP B 2087 19.18 57.02 31.44
N PHE B 2088 19.35 57.11 32.76
CA PHE B 2088 20.37 57.95 33.37
C PHE B 2088 21.18 57.16 34.38
N GLY B 2089 21.49 55.91 34.06
CA GLY B 2089 22.22 55.03 34.94
C GLY B 2089 23.72 55.13 34.76
N LEU B 2090 24.40 54.05 35.14
CA LEU B 2090 25.86 54.03 35.07
C LEU B 2090 26.36 54.04 33.63
N ARG B 2091 25.65 53.36 32.72
CA ARG B 2091 26.09 53.32 31.34
C ARG B 2091 26.10 54.71 30.71
N ALA B 2092 25.05 55.49 30.95
CA ALA B 2092 25.01 56.85 30.42
C ALA B 2092 26.12 57.70 31.01
N LEU B 2093 26.38 57.55 32.31
CA LEU B 2093 27.44 58.32 32.95
C LEU B 2093 28.81 57.98 32.36
N LYS B 2094 29.09 56.70 32.15
CA LYS B 2094 30.38 56.31 31.60
C LYS B 2094 30.51 56.75 30.14
N SER B 2095 29.42 56.67 29.38
CA SER B 2095 29.45 57.19 28.01
C SER B 2095 29.74 58.68 28.00
N VAL B 2096 29.13 59.42 28.92
CA VAL B 2096 29.39 60.85 29.03
C VAL B 2096 30.84 61.11 29.37
N LEU B 2097 31.41 60.31 30.27
CA LEU B 2097 32.81 60.50 30.65
C LEU B 2097 33.75 60.23 29.49
N VAL B 2098 33.51 59.15 28.73
CA VAL B 2098 34.34 58.85 27.57
C VAL B 2098 34.22 59.94 26.53
N SER B 2099 32.99 60.42 26.30
CA SER B 2099 32.79 61.52 25.37
C SER B 2099 33.53 62.77 25.84
N ALA B 2100 33.53 63.03 27.15
CA ALA B 2100 34.25 64.17 27.69
C ALA B 2100 35.74 64.06 27.43
N GLY B 2101 36.29 62.86 27.64
CA GLY B 2101 37.71 62.67 27.35
C GLY B 2101 38.04 62.90 25.88
N ASN B 2102 37.23 62.33 24.99
CA ASN B 2102 37.46 62.52 23.56
C ASN B 2102 37.32 63.98 23.15
N VAL B 2103 36.34 64.68 23.71
CA VAL B 2103 36.13 66.08 23.37
C VAL B 2103 37.27 66.94 23.90
N LYS B 2104 37.79 66.60 25.10
CA LYS B 2104 38.96 67.32 25.61
C LYS B 2104 40.16 67.13 24.71
N ARG B 2105 40.38 65.89 24.23
CA ARG B 2105 41.48 65.66 23.30
C ARG B 2105 41.30 66.46 22.02
N GLU B 2106 40.07 66.50 21.49
CA GLU B 2106 39.81 67.25 20.27
C GLU B 2106 40.02 68.75 20.47
N ARG B 2107 39.58 69.27 21.62
CA ARG B 2107 39.77 70.70 21.90
C ARG B 2107 41.25 71.04 22.04
N ILE B 2108 42.02 70.18 22.70
CA ILE B 2108 43.46 70.42 22.81
C ILE B 2108 44.12 70.39 21.43
N GLN B 2109 43.71 69.44 20.58
CA GLN B 2109 44.25 69.39 19.23
C GLN B 2109 43.90 70.65 18.45
N LYS B 2110 42.67 71.13 18.58
CA LYS B 2110 42.26 72.34 17.87
C LYS B 2110 43.04 73.56 18.35
N ILE B 2111 43.24 73.67 19.66
CA ILE B 2111 44.03 74.79 20.19
C ILE B 2111 45.46 74.72 19.69
N LYS B 2112 46.04 73.52 19.68
CA LYS B 2112 47.40 73.36 19.15
C LYS B 2112 47.47 73.76 17.69
N ARG B 2113 46.48 73.35 16.89
CA ARG B 2113 46.48 73.68 15.47
C ARG B 2113 46.36 75.19 15.26
N GLU B 2114 45.49 75.86 16.02
CA GLU B 2114 45.33 77.29 15.83
C GLU B 2114 46.54 78.06 16.35
N LYS B 2115 47.27 77.50 17.32
CA LYS B 2115 48.50 78.15 17.77
C LYS B 2115 49.65 77.95 16.79
N GLU B 2116 49.74 76.79 16.14
CA GLU B 2116 50.79 76.59 15.16
C GLU B 2116 50.63 77.50 13.94
N GLU B 2117 49.39 77.68 13.47
CA GLU B 2117 49.17 78.55 12.32
C GLU B 2117 49.38 80.02 12.67
N ARG B 2118 49.00 80.42 13.88
CA ARG B 2118 49.15 81.81 14.32
C ARG B 2118 50.38 81.88 15.21
N GLY B 2119 51.52 82.19 14.61
CA GLY B 2119 52.76 82.25 15.37
C GLY B 2119 53.15 80.87 15.87
N GLU B 2120 53.80 80.85 17.04
CA GLU B 2120 54.15 79.58 17.68
C GLU B 2120 54.24 79.82 19.17
N ALA B 2121 53.20 79.44 19.90
CA ALA B 2121 53.14 79.56 21.36
C ALA B 2121 52.57 78.30 21.97
N VAL B 2122 52.97 77.14 21.43
CA VAL B 2122 52.42 75.85 21.86
C VAL B 2122 53.06 75.51 23.20
N ASP B 2123 52.34 75.75 24.29
CA ASP B 2123 52.77 75.37 25.63
C ASP B 2123 51.69 74.51 26.25
N GLU B 2124 52.07 73.30 26.69
CA GLU B 2124 51.09 72.37 27.22
C GLU B 2124 50.44 72.91 28.50
N GLY B 2125 51.24 73.55 29.36
CA GLY B 2125 50.70 74.07 30.60
C GLY B 2125 49.66 75.15 30.39
N GLU B 2126 49.93 76.08 29.47
CA GLU B 2126 48.97 77.15 29.19
C GLU B 2126 47.68 76.59 28.60
N ILE B 2127 47.79 75.63 27.69
CA ILE B 2127 46.60 75.04 27.07
C ILE B 2127 45.77 74.30 28.12
N ALA B 2128 46.44 73.51 28.97
CA ALA B 2128 45.73 72.76 30.00
C ALA B 2128 45.07 73.69 31.01
N GLU B 2129 45.79 74.73 31.44
CA GLU B 2129 45.24 75.65 32.42
C GLU B 2129 44.06 76.45 31.85
N ASN B 2130 44.23 76.98 30.63
CA ASN B 2130 43.19 77.78 29.99
C ASN B 2130 42.30 76.89 29.11
N LEU B 2131 41.69 75.90 29.75
CA LEU B 2131 40.84 74.93 29.06
C LEU B 2131 39.50 74.85 29.79
N PRO B 2132 38.38 75.07 29.12
CA PRO B 2132 37.05 75.00 29.76
C PRO B 2132 36.56 73.57 29.95
N GLU B 2133 37.01 72.94 31.04
CA GLU B 2133 36.64 71.55 31.32
C GLU B 2133 35.13 71.42 31.55
N GLN B 2134 34.55 72.38 32.26
CA GLN B 2134 33.10 72.34 32.48
C GLN B 2134 32.35 72.45 31.15
N GLU B 2135 32.83 73.29 30.25
CA GLU B 2135 32.19 73.40 28.93
C GLU B 2135 32.32 72.09 28.16
N ILE B 2136 33.46 71.41 28.29
CA ILE B 2136 33.63 70.11 27.63
C ILE B 2136 32.62 69.10 28.18
N LEU B 2137 32.48 69.07 29.51
CA LEU B 2137 31.53 68.14 30.12
C LEU B 2137 30.10 68.45 29.69
N ILE B 2138 29.74 69.74 29.65
CA ILE B 2138 28.40 70.11 29.21
C ILE B 2138 28.17 69.75 27.76
N GLN B 2139 29.20 69.92 26.93
CA GLN B 2139 29.08 69.58 25.51
C GLN B 2139 28.85 68.07 25.33
N SER B 2140 29.57 67.26 26.09
CA SER B 2140 29.34 65.81 26.03
C SER B 2140 27.95 65.46 26.53
N VAL B 2141 27.51 66.08 27.63
CA VAL B 2141 26.19 65.82 28.17
C VAL B 2141 25.11 66.18 27.16
N CYS B 2142 25.29 67.30 26.46
CA CYS B 2142 24.31 67.72 25.46
C CYS B 2142 24.35 66.88 24.20
N GLU B 2143 25.50 66.32 23.84
CA GLU B 2143 25.51 65.38 22.72
C GLU B 2143 24.93 64.02 23.07
N THR B 2144 24.94 63.64 24.35
CA THR B 2144 24.47 62.30 24.71
C THR B 2144 23.04 62.26 25.22
N MET B 2145 22.61 63.23 26.03
CA MET B 2145 21.27 63.28 26.61
C MET B 2145 20.24 63.99 25.75
N VAL B 2146 20.62 65.12 25.13
CA VAL B 2146 19.63 65.96 24.44
C VAL B 2146 18.85 65.21 23.36
N PRO B 2147 19.47 64.40 22.50
CA PRO B 2147 18.67 63.72 21.47
C PRO B 2147 17.54 62.85 22.01
N LYS B 2148 17.70 62.28 23.19
CA LYS B 2148 16.69 61.37 23.74
C LYS B 2148 15.52 62.10 24.39
N LEU B 2149 15.65 63.39 24.66
CA LEU B 2149 14.63 64.09 25.44
C LEU B 2149 13.46 64.52 24.56
N VAL B 2150 12.27 64.51 25.16
CA VAL B 2150 11.06 65.02 24.52
C VAL B 2150 11.14 66.54 24.45
N ALA B 2151 10.21 67.15 23.71
CA ALA B 2151 10.28 68.59 23.48
C ALA B 2151 10.17 69.38 24.78
N GLU B 2152 9.31 68.93 25.69
CA GLU B 2152 9.08 69.68 26.93
C GLU B 2152 10.22 69.56 27.92
N ASP B 2153 11.06 68.53 27.81
CA ASP B 2153 12.11 68.29 28.78
C ASP B 2153 13.41 69.05 28.48
N ILE B 2154 13.59 69.54 27.25
CA ILE B 2154 14.81 70.27 26.93
C ILE B 2154 14.98 71.53 27.78
N PRO B 2155 13.96 72.38 27.95
CA PRO B 2155 14.12 73.51 28.89
C PRO B 2155 14.44 73.06 30.31
N LEU B 2156 13.85 71.94 30.74
CA LEU B 2156 14.16 71.42 32.07
C LEU B 2156 15.63 70.98 32.15
N LEU B 2157 16.13 70.32 31.12
CA LEU B 2157 17.53 69.92 31.10
C LEU B 2157 18.45 71.13 31.17
N PHE B 2158 18.14 72.17 30.38
CA PHE B 2158 19.01 73.35 30.39
C PHE B 2158 18.91 74.12 31.71
N SER B 2159 17.73 74.13 32.33
CA SER B 2159 17.61 74.74 33.65
C SER B 2159 18.45 73.98 34.67
N LEU B 2160 18.41 72.64 34.63
CA LEU B 2160 19.26 71.85 35.53
C LEU B 2160 20.74 72.09 35.25
N LEU B 2161 21.10 72.21 33.97
CA LEU B 2161 22.50 72.46 33.62
C LEU B 2161 22.96 73.81 34.15
N SER B 2162 22.13 74.85 34.02
CA SER B 2162 22.48 76.15 34.58
C SER B 2162 22.55 76.10 36.10
N ASP B 2163 21.65 75.34 36.74
CA ASP B 2163 21.66 75.24 38.19
C ASP B 2163 22.92 74.56 38.70
N VAL B 2164 23.33 73.47 38.06
CA VAL B 2164 24.50 72.71 38.50
C VAL B 2164 25.79 73.30 37.95
N PHE B 2165 25.82 73.64 36.68
CA PHE B 2165 26.98 74.27 36.06
C PHE B 2165 26.64 75.69 35.65
N PRO B 2166 26.74 76.66 36.57
CA PRO B 2166 26.35 78.03 36.22
C PRO B 2166 27.40 78.73 35.36
N GLY B 2167 26.91 79.54 34.43
CA GLY B 2167 27.77 80.38 33.62
C GLY B 2167 28.34 79.74 32.37
N VAL B 2168 28.09 78.46 32.13
CA VAL B 2168 28.61 77.77 30.96
C VAL B 2168 27.47 77.58 29.96
N GLN B 2169 27.76 77.83 28.69
CA GLN B 2169 26.79 77.71 27.61
C GLN B 2169 27.31 76.74 26.56
N TYR B 2170 26.42 75.89 26.05
CA TYR B 2170 26.75 74.89 25.04
C TYR B 2170 26.29 75.39 23.68
N HIS B 2171 27.24 75.57 22.77
CA HIS B 2171 26.95 75.98 21.40
C HIS B 2171 27.33 74.85 20.45
N ARG B 2172 26.36 74.42 19.65
CA ARG B 2172 26.60 73.33 18.71
C ARG B 2172 27.43 73.82 17.54
N GLY B 2173 28.49 73.07 17.22
CA GLY B 2173 29.22 73.35 16.01
C GLY B 2173 28.39 73.03 14.78
N GLU B 2174 28.52 73.86 13.76
CA GLU B 2174 27.76 73.68 12.53
C GLU B 2174 28.58 72.87 11.53
N MET B 2175 28.11 71.67 11.22
CA MET B 2175 28.72 70.84 10.18
C MET B 2175 28.20 71.31 8.84
N THR B 2176 28.80 72.40 8.35
CA THR B 2176 28.29 73.08 7.17
C THR B 2176 28.32 72.18 5.94
N ALA B 2177 29.43 71.46 5.73
CA ALA B 2177 29.50 70.57 4.58
C ALA B 2177 28.44 69.47 4.66
N LEU B 2178 28.25 68.91 5.86
CA LEU B 2178 27.18 67.92 6.05
C LEU B 2178 25.83 68.54 5.77
N ARG B 2179 25.63 69.79 6.15
CA ARG B 2179 24.35 70.45 5.88
C ARG B 2179 24.13 70.65 4.38
N GLU B 2180 25.19 70.99 3.64
CA GLU B 2180 25.06 71.09 2.18
C GLU B 2180 24.72 69.73 1.57
N GLU B 2181 25.37 68.67 2.03
CA GLU B 2181 25.03 67.33 1.53
C GLU B 2181 23.58 66.98 1.86
N LEU B 2182 23.13 67.29 3.07
CA LEU B 2182 21.76 67.04 3.47
C LEU B 2182 20.80 67.82 2.57
N LYS B 2183 21.12 69.07 2.27
CA LYS B 2183 20.27 69.87 1.40
C LYS B 2183 20.18 69.25 0.01
N LYS B 2184 21.32 68.82 -0.53
CA LYS B 2184 21.31 68.22 -1.86
C LYS B 2184 20.48 66.95 -1.91
N VAL B 2185 20.67 66.06 -0.92
CA VAL B 2185 19.93 64.80 -0.93
C VAL B 2185 18.45 65.05 -0.67
N CYS B 2186 18.12 66.08 0.12
CA CYS B 2186 16.72 66.45 0.29
C CYS B 2186 16.11 66.94 -1.01
N GLN B 2187 16.86 67.75 -1.78
CA GLN B 2187 16.36 68.21 -3.07
C GLN B 2187 16.14 67.06 -4.03
N GLU B 2188 17.07 66.10 -4.07
CA GLU B 2188 16.91 64.99 -5.00
C GLU B 2188 15.89 63.97 -4.52
N MET B 2189 15.49 64.02 -3.24
CA MET B 2189 14.48 63.13 -2.70
C MET B 2189 13.14 63.80 -2.51
N TYR B 2190 12.96 65.01 -3.04
CA TYR B 2190 11.70 65.76 -2.94
C TYR B 2190 11.32 66.02 -1.48
N LEU B 2191 12.31 66.14 -0.61
CA LEU B 2191 12.09 66.40 0.79
C LEU B 2191 12.34 67.86 1.12
N THR B 2192 11.77 68.32 2.23
CA THR B 2192 11.86 69.70 2.66
C THR B 2192 13.05 69.84 3.62
N TYR B 2193 14.04 70.61 3.21
CA TYR B 2193 15.20 70.91 4.03
C TYR B 2193 15.08 72.32 4.59
N GLY B 2194 15.52 72.49 5.84
CA GLY B 2194 15.46 73.79 6.47
C GLY B 2194 16.48 73.90 7.58
N ASP B 2195 16.80 75.14 7.93
CA ASP B 2195 17.76 75.43 8.98
C ASP B 2195 17.10 76.29 10.06
N GLY B 2196 17.37 75.97 11.31
CA GLY B 2196 16.83 76.72 12.43
C GLY B 2196 15.32 76.62 12.55
N GLU B 2197 14.64 77.76 12.48
CA GLU B 2197 13.20 77.82 12.64
C GLU B 2197 12.43 77.70 11.33
N GLU B 2198 13.12 77.49 10.21
CA GLU B 2198 12.44 77.32 8.95
C GLU B 2198 11.68 75.99 8.92
N VAL B 2199 10.87 75.82 7.88
CA VAL B 2199 10.09 74.59 7.73
C VAL B 2199 11.07 73.44 7.49
N GLY B 2200 11.15 72.53 8.45
CA GLY B 2200 12.09 71.42 8.38
C GLY B 2200 13.34 71.59 9.19
N GLY B 2201 13.46 72.67 9.97
CA GLY B 2201 14.65 72.87 10.77
C GLY B 2201 14.79 71.83 11.87
N MET B 2202 13.69 71.50 12.54
CA MET B 2202 13.74 70.50 13.61
C MET B 2202 14.13 69.13 13.06
N TRP B 2203 13.63 68.77 11.88
CA TRP B 2203 13.98 67.49 11.28
C TRP B 2203 15.47 67.43 10.95
N VAL B 2204 16.03 68.52 10.41
CA VAL B 2204 17.44 68.55 10.11
C VAL B 2204 18.26 68.48 11.39
N GLU B 2205 17.79 69.16 12.45
CA GLU B 2205 18.46 69.06 13.75
C GLU B 2205 18.44 67.62 14.26
N LYS B 2206 17.33 66.92 14.07
CA LYS B 2206 17.24 65.53 14.48
C LYS B 2206 18.22 64.66 13.68
N VAL B 2207 18.35 64.93 12.38
CA VAL B 2207 19.32 64.19 11.57
C VAL B 2207 20.74 64.44 12.08
N LEU B 2208 21.05 65.69 12.41
CA LEU B 2208 22.38 66.01 12.93
C LEU B 2208 22.65 65.31 14.26
N GLN B 2209 21.65 65.29 15.14
CA GLN B 2209 21.80 64.59 16.41
C GLN B 2209 22.00 63.10 16.19
N LEU B 2210 21.27 62.52 15.23
CA LEU B 2210 21.44 61.11 14.94
C LEU B 2210 22.84 60.83 14.43
N TYR B 2211 23.38 61.74 13.60
CA TYR B 2211 24.76 61.60 13.13
C TYR B 2211 25.75 61.64 14.30
N GLN B 2212 25.55 62.58 15.22
CA GLN B 2212 26.42 62.64 16.39
C GLN B 2212 26.37 61.36 17.20
N ILE B 2213 25.17 60.81 17.41
CA ILE B 2213 25.05 59.60 18.21
C ILE B 2213 25.67 58.41 17.47
N THR B 2214 25.54 58.37 16.14
CA THR B 2214 26.21 57.33 15.37
C THR B 2214 27.71 57.42 15.53
N GLN B 2215 28.26 58.63 15.62
CA GLN B 2215 29.67 58.73 16.03
C GLN B 2215 29.89 58.14 17.41
N ILE B 2216 29.03 58.46 18.38
CA ILE B 2216 29.25 58.03 19.75
C ILE B 2216 28.99 56.53 19.92
N ASN B 2217 27.87 56.03 19.42
CA ASN B 2217 27.42 54.68 19.73
C ASN B 2217 27.39 53.79 18.50
N HIS B 2218 27.52 52.49 18.72
CA HIS B 2218 27.30 51.50 17.68
C HIS B 2218 25.89 50.90 17.74
N GLY B 2219 25.14 51.16 18.80
CA GLY B 2219 23.75 50.76 18.89
C GLY B 2219 22.82 51.94 19.02
N LEU B 2220 21.84 52.04 18.13
CA LEU B 2220 20.98 53.22 18.03
C LEU B 2220 19.51 52.83 17.98
N MET B 2221 18.68 53.69 18.57
CA MET B 2221 17.23 53.59 18.49
C MET B 2221 16.67 54.94 18.07
N MET B 2222 15.80 54.93 17.06
CA MET B 2222 15.00 56.09 16.69
C MET B 2222 13.59 55.83 17.19
N VAL B 2223 13.19 56.52 18.25
CA VAL B 2223 11.91 56.31 18.91
C VAL B 2223 11.04 57.54 18.71
N GLY B 2224 9.81 57.31 18.29
CA GLY B 2224 8.85 58.36 18.10
C GLY B 2224 7.58 57.84 17.47
N PRO B 2225 6.50 58.62 17.54
CA PRO B 2225 5.23 58.19 16.96
C PRO B 2225 5.35 57.92 15.48
N SER B 2226 4.44 57.09 14.97
CA SER B 2226 4.48 56.67 13.58
C SER B 2226 4.44 57.87 12.65
N GLY B 2227 5.31 57.85 11.64
CA GLY B 2227 5.40 58.95 10.70
C GLY B 2227 5.95 60.24 11.29
N SER B 2228 7.05 60.13 12.03
CA SER B 2228 7.74 61.30 12.57
C SER B 2228 9.01 61.63 11.79
N GLY B 2229 9.27 60.92 10.69
CA GLY B 2229 10.41 61.20 9.85
C GLY B 2229 11.66 60.40 10.11
N LYS B 2230 11.57 59.31 10.87
CA LYS B 2230 12.76 58.55 11.24
C LYS B 2230 13.39 57.86 10.03
N SER B 2231 12.58 57.17 9.23
CA SER B 2231 13.10 56.44 8.08
C SER B 2231 13.75 57.40 7.09
N MET B 2232 13.06 58.51 6.78
CA MET B 2232 13.65 59.51 5.91
C MET B 2232 14.90 60.11 6.53
N ALA B 2233 14.89 60.34 7.84
CA ALA B 2233 16.06 60.92 8.50
C ALA B 2233 17.29 60.05 8.29
N TRP B 2234 17.18 58.76 8.59
CA TRP B 2234 18.38 57.93 8.48
C TRP B 2234 18.75 57.62 7.04
N ARG B 2235 17.78 57.50 6.13
CA ARG B 2235 18.13 57.32 4.72
C ARG B 2235 18.86 58.55 4.18
N VAL B 2236 18.36 59.74 4.51
CA VAL B 2236 18.99 60.99 4.09
C VAL B 2236 20.39 61.10 4.67
N LEU B 2237 20.56 60.77 5.96
CA LEU B 2237 21.88 60.84 6.55
C LEU B 2237 22.83 59.84 5.90
N LEU B 2238 22.36 58.64 5.59
CA LEU B 2238 23.21 57.66 4.94
C LEU B 2238 23.69 58.14 3.57
N LYS B 2239 22.76 58.67 2.77
CA LYS B 2239 23.17 59.15 1.45
C LYS B 2239 24.08 60.37 1.55
N ALA B 2240 23.79 61.27 2.49
CA ALA B 2240 24.64 62.44 2.66
C ALA B 2240 26.05 62.05 3.09
N LEU B 2241 26.15 61.08 4.00
CA LEU B 2241 27.47 60.60 4.41
C LEU B 2241 28.20 59.92 3.26
N GLU B 2242 27.47 59.15 2.44
CA GLU B 2242 28.10 58.50 1.29
C GLU B 2242 28.68 59.53 0.34
N ARG B 2243 27.94 60.61 0.08
CA ARG B 2243 28.47 61.64 -0.82
C ARG B 2243 29.56 62.48 -0.16
N LEU B 2244 29.47 62.73 1.14
CA LEU B 2244 30.41 63.61 1.81
C LEU B 2244 31.76 62.93 2.05
N GLU B 2245 31.75 61.65 2.40
CA GLU B 2245 32.98 60.94 2.73
C GLU B 2245 33.47 60.01 1.63
N GLY B 2246 32.61 59.64 0.68
CA GLY B 2246 32.97 58.72 -0.36
C GLY B 2246 32.80 57.26 -0.02
N VAL B 2247 32.46 56.95 1.23
CA VAL B 2247 32.25 55.56 1.66
C VAL B 2247 30.83 55.16 1.29
N GLU B 2248 30.70 54.11 0.49
CA GLU B 2248 29.39 53.64 0.07
C GLU B 2248 28.58 53.17 1.28
N GLY B 2249 27.33 53.61 1.36
CA GLY B 2249 26.47 53.27 2.47
C GLY B 2249 25.49 52.18 2.10
N VAL B 2250 25.52 51.09 2.86
CA VAL B 2250 24.63 49.95 2.67
C VAL B 2250 23.77 49.79 3.91
N ALA B 2251 22.47 49.67 3.72
CA ALA B 2251 21.52 49.51 4.81
C ALA B 2251 20.74 48.22 4.64
N HIS B 2252 20.72 47.39 5.68
CA HIS B 2252 19.93 46.17 5.71
C HIS B 2252 18.79 46.38 6.70
N ILE B 2253 17.57 46.49 6.17
CA ILE B 2253 16.38 46.72 6.98
C ILE B 2253 15.74 45.37 7.26
N ILE B 2254 15.62 45.03 8.54
CA ILE B 2254 15.06 43.76 8.98
C ILE B 2254 13.87 44.05 9.87
N ASP B 2255 12.74 43.39 9.58
CA ASP B 2255 11.60 43.44 10.47
C ASP B 2255 11.70 42.28 11.45
N PRO B 2256 12.17 42.53 12.67
CA PRO B 2256 12.44 41.42 13.60
C PRO B 2256 11.20 40.60 13.96
N LYS B 2257 10.03 41.23 14.04
CA LYS B 2257 8.83 40.54 14.47
C LYS B 2257 8.00 40.00 13.32
N ALA B 2258 8.37 40.29 12.08
CA ALA B 2258 7.70 39.68 10.93
C ALA B 2258 8.15 38.24 10.70
N ILE B 2259 9.21 37.80 11.38
CA ILE B 2259 9.71 36.44 11.30
C ILE B 2259 9.92 35.93 12.71
N SER B 2260 9.97 34.60 12.84
CA SER B 2260 10.23 33.99 14.13
C SER B 2260 11.68 34.21 14.55
N LYS B 2261 11.91 34.13 15.86
CA LYS B 2261 13.27 34.28 16.37
C LYS B 2261 14.20 33.22 15.82
N ASP B 2262 13.68 32.02 15.53
CA ASP B 2262 14.48 30.99 14.90
C ASP B 2262 14.96 31.41 13.52
N HIS B 2263 14.09 32.09 12.76
CA HIS B 2263 14.45 32.60 11.45
C HIS B 2263 15.23 33.91 11.51
N LEU B 2264 15.33 34.52 12.68
CA LEU B 2264 16.06 35.77 12.86
C LEU B 2264 17.49 35.56 13.33
N TYR B 2265 17.71 34.64 14.27
CA TYR B 2265 19.05 34.35 14.77
C TYR B 2265 19.61 33.01 14.32
N GLY B 2266 18.76 32.05 14.01
CA GLY B 2266 19.21 30.75 13.54
C GLY B 2266 18.75 29.63 14.45
N THR B 2267 18.86 28.42 13.92
CA THR B 2267 18.44 27.22 14.61
C THR B 2267 19.62 26.27 14.77
N LEU B 2268 19.64 25.58 15.90
CA LEU B 2268 20.60 24.50 16.15
C LEU B 2268 19.85 23.18 16.09
N ASP B 2269 20.24 22.32 15.18
CA ASP B 2269 19.53 21.07 14.96
C ASP B 2269 19.62 20.18 16.20
N PRO B 2270 18.51 19.78 16.81
CA PRO B 2270 18.59 18.92 17.99
C PRO B 2270 19.19 17.56 17.73
N ASN B 2271 19.21 17.10 16.47
CA ASN B 2271 19.70 15.77 16.13
C ASN B 2271 21.12 15.81 15.59
N THR B 2272 21.34 16.56 14.50
CA THR B 2272 22.65 16.59 13.86
C THR B 2272 23.59 17.61 14.49
N ARG B 2273 23.09 18.46 15.39
CA ARG B 2273 23.88 19.52 16.02
C ARG B 2273 24.55 20.41 14.97
N GLU B 2274 23.78 20.77 13.95
CA GLU B 2274 24.26 21.60 12.86
C GLU B 2274 23.58 22.97 12.92
N TRP B 2275 24.38 24.01 12.74
CA TRP B 2275 23.93 25.39 12.84
C TRP B 2275 23.42 25.88 11.49
N THR B 2276 22.22 26.46 11.50
CA THR B 2276 21.65 27.14 10.34
C THR B 2276 21.56 28.62 10.67
N ASP B 2277 22.18 29.45 9.83
CA ASP B 2277 22.26 30.88 10.12
C ASP B 2277 20.89 31.54 9.98
N GLY B 2278 20.56 32.41 10.94
CA GLY B 2278 19.40 33.25 10.84
C GLY B 2278 19.65 34.47 9.97
N LEU B 2279 18.61 35.27 9.79
CA LEU B 2279 18.71 36.43 8.91
C LEU B 2279 19.72 37.44 9.42
N PHE B 2280 19.60 37.85 10.68
CA PHE B 2280 20.58 38.77 11.25
C PHE B 2280 21.95 38.14 11.31
N THR B 2281 22.02 36.86 11.70
CA THR B 2281 23.30 36.17 11.74
C THR B 2281 23.90 36.06 10.35
N HIS B 2282 23.09 35.78 9.34
CA HIS B 2282 23.60 35.70 7.96
C HIS B 2282 24.15 37.04 7.51
N VAL B 2283 23.43 38.13 7.80
CA VAL B 2283 23.89 39.46 7.40
C VAL B 2283 25.20 39.80 8.09
N LEU B 2284 25.27 39.56 9.40
CA LEU B 2284 26.48 39.90 10.15
C LEU B 2284 27.67 39.06 9.68
N ARG B 2285 27.44 37.76 9.44
CA ARG B 2285 28.53 36.91 8.97
C ARG B 2285 28.99 37.31 7.58
N LYS B 2286 28.06 37.68 6.70
CA LYS B 2286 28.43 38.13 5.36
C LYS B 2286 29.25 39.41 5.43
N ILE B 2287 28.89 40.33 6.33
CA ILE B 2287 29.68 41.54 6.48
C ILE B 2287 31.07 41.22 7.04
N ILE B 2288 31.13 40.32 8.03
CA ILE B 2288 32.42 40.00 8.66
C ILE B 2288 33.35 39.33 7.67
N ASP B 2289 32.84 38.39 6.87
CA ASP B 2289 33.68 37.69 5.91
C ASP B 2289 34.26 38.64 4.88
N SER B 2290 33.45 39.59 4.41
CA SER B 2290 33.88 40.61 3.44
C SER B 2290 34.48 39.97 2.19
N VAL B 2291 33.79 38.95 1.67
CA VAL B 2291 34.23 38.33 0.42
C VAL B 2291 34.16 39.33 -0.72
N ARG B 2292 33.10 40.14 -0.76
CA ARG B 2292 32.90 41.13 -1.80
C ARG B 2292 33.13 42.55 -1.27
N GLY B 2293 34.07 42.70 -0.35
CA GLY B 2293 34.43 44.01 0.18
C GLY B 2293 33.35 44.71 0.99
N GLU B 2294 32.67 43.98 1.86
CA GLU B 2294 31.65 44.59 2.71
C GLU B 2294 32.25 45.33 3.90
N LEU B 2295 33.51 45.10 4.24
CA LEU B 2295 34.14 45.76 5.37
C LEU B 2295 34.63 47.16 5.03
N GLN B 2296 34.64 47.55 3.76
CA GLN B 2296 35.07 48.88 3.35
C GLN B 2296 33.90 49.82 3.12
N LYS B 2297 32.68 49.40 3.44
CA LYS B 2297 31.49 50.21 3.25
C LYS B 2297 30.84 50.48 4.60
N ARG B 2298 29.99 51.51 4.63
CA ARG B 2298 29.26 51.86 5.84
C ARG B 2298 28.02 50.97 5.91
N GLN B 2299 28.06 49.97 6.80
CA GLN B 2299 27.00 48.99 6.92
C GLN B 2299 26.10 49.37 8.10
N TRP B 2300 24.81 49.55 7.82
CA TRP B 2300 23.82 49.85 8.85
C TRP B 2300 22.77 48.74 8.85
N ILE B 2301 22.51 48.17 10.02
CA ILE B 2301 21.51 47.13 10.19
C ILE B 2301 20.35 47.75 10.95
N VAL B 2302 19.28 48.07 10.25
CA VAL B 2302 18.13 48.77 10.82
C VAL B 2302 17.05 47.76 11.14
N PHE B 2303 16.59 47.75 12.39
CA PHE B 2303 15.53 46.87 12.85
C PHE B 2303 14.23 47.66 12.85
N ASP B 2304 13.48 47.56 11.75
CA ASP B 2304 12.23 48.30 11.57
C ASP B 2304 11.09 47.40 12.04
N GLY B 2305 10.72 47.53 13.31
CA GLY B 2305 9.67 46.71 13.88
C GLY B 2305 9.41 47.03 15.34
N ASP B 2306 8.99 46.02 16.10
CA ASP B 2306 8.71 46.17 17.52
C ASP B 2306 9.83 45.52 18.34
N VAL B 2307 10.14 46.11 19.48
CA VAL B 2307 11.19 45.63 20.37
C VAL B 2307 10.53 45.01 21.59
N ASP B 2308 10.79 43.71 21.80
CA ASP B 2308 10.33 43.02 22.99
C ASP B 2308 11.49 42.28 23.63
N PRO B 2309 11.44 42.01 24.93
CA PRO B 2309 12.59 41.37 25.59
C PRO B 2309 12.68 39.88 25.33
N GLU B 2310 12.57 39.48 24.08
CA GLU B 2310 12.75 38.09 23.68
C GLU B 2310 13.70 37.94 22.50
N TRP B 2311 13.67 38.87 21.55
CA TRP B 2311 14.59 38.85 20.43
C TRP B 2311 15.70 39.88 20.56
N VAL B 2312 15.48 40.96 21.30
CA VAL B 2312 16.50 42.00 21.43
C VAL B 2312 17.47 41.71 22.58
N GLU B 2313 17.08 40.87 23.54
CA GLU B 2313 18.00 40.51 24.61
C GLU B 2313 19.16 39.66 24.11
N ASN B 2314 18.99 38.97 22.98
CA ASN B 2314 20.13 38.29 22.34
C ASN B 2314 21.14 39.27 21.80
N LEU B 2315 20.80 40.55 21.71
CA LEU B 2315 21.71 41.60 21.26
C LEU B 2315 22.37 42.34 22.41
N ASN B 2316 22.19 41.86 23.65
CA ASN B 2316 22.74 42.56 24.80
C ASN B 2316 24.26 42.63 24.72
N SER B 2317 24.91 41.54 24.31
CA SER B 2317 26.36 41.56 24.14
C SER B 2317 26.78 42.33 22.90
N VAL B 2318 25.92 42.37 21.88
CA VAL B 2318 26.25 43.13 20.68
C VAL B 2318 26.21 44.64 20.97
N LEU B 2319 25.20 45.07 21.70
CA LEU B 2319 25.03 46.49 22.03
C LEU B 2319 25.92 46.95 23.18
N ASP B 2320 26.54 46.02 23.91
CA ASP B 2320 27.43 46.37 25.01
C ASP B 2320 28.83 46.62 24.47
N ASP B 2321 29.80 46.76 25.38
CA ASP B 2321 31.18 46.95 24.98
C ASP B 2321 31.86 45.67 24.52
N ASN B 2322 31.22 44.51 24.74
CA ASN B 2322 31.76 43.26 24.23
C ASN B 2322 31.75 43.23 22.71
N LYS B 2323 30.68 43.77 22.10
CA LYS B 2323 30.51 43.79 20.65
C LYS B 2323 30.62 42.39 20.05
N LEU B 2324 29.94 41.44 20.70
CA LEU B 2324 29.96 40.05 20.29
C LEU B 2324 28.54 39.50 20.19
N LEU B 2325 28.29 38.68 19.18
CA LEU B 2325 27.03 37.98 19.02
C LEU B 2325 27.30 36.51 19.31
N THR B 2326 26.95 36.08 20.52
CA THR B 2326 27.25 34.72 20.97
C THR B 2326 26.12 33.78 20.57
N LEU B 2327 26.44 32.74 19.84
CA LEU B 2327 25.49 31.76 19.36
C LEU B 2327 25.55 30.50 20.22
N PRO B 2328 24.45 29.74 20.30
CA PRO B 2328 24.44 28.56 21.17
C PRO B 2328 25.47 27.51 20.81
N ASN B 2329 25.94 27.46 19.57
CA ASN B 2329 26.95 26.48 19.17
C ASN B 2329 28.36 26.90 19.56
N GLY B 2330 28.51 27.87 20.45
CA GLY B 2330 29.81 28.32 20.89
C GLY B 2330 30.49 29.33 19.98
N GLU B 2331 29.87 29.66 18.86
CA GLU B 2331 30.45 30.62 17.91
C GLU B 2331 30.15 32.04 18.36
N ARG B 2332 31.16 32.89 18.33
CA ARG B 2332 31.04 34.28 18.70
C ARG B 2332 31.47 35.16 17.53
N LEU B 2333 30.59 36.07 17.13
CA LEU B 2333 30.83 36.95 16.00
C LEU B 2333 31.08 38.36 16.52
N SER B 2334 32.25 38.91 16.20
CA SER B 2334 32.61 40.25 16.66
C SER B 2334 32.02 41.29 15.72
N LEU B 2335 31.45 42.34 16.29
CA LEU B 2335 30.85 43.39 15.48
C LEU B 2335 31.95 44.23 14.84
N PRO B 2336 31.97 44.33 13.51
CA PRO B 2336 32.99 45.16 12.87
C PRO B 2336 32.82 46.63 13.23
N PRO B 2337 33.90 47.41 13.26
CA PRO B 2337 33.77 48.82 13.65
C PRO B 2337 32.93 49.65 12.68
N ASN B 2338 32.72 49.19 11.46
CA ASN B 2338 31.94 49.94 10.47
C ASN B 2338 30.46 49.56 10.47
N VAL B 2339 30.03 48.69 11.37
CA VAL B 2339 28.65 48.23 11.41
C VAL B 2339 27.92 48.93 12.55
N ARG B 2340 26.75 49.49 12.25
CA ARG B 2340 25.90 50.12 13.23
C ARG B 2340 24.60 49.33 13.34
N ILE B 2341 24.15 49.10 14.58
CA ILE B 2341 22.90 48.40 14.83
C ILE B 2341 21.83 49.44 15.12
N MET B 2342 20.80 49.48 14.28
CA MET B 2342 19.80 50.52 14.31
C MET B 2342 18.44 49.92 14.64
N PHE B 2343 17.69 50.60 15.50
CA PHE B 2343 16.31 50.25 15.79
C PHE B 2343 15.42 51.44 15.47
N GLU B 2344 14.41 51.21 14.64
CA GLU B 2344 13.42 52.23 14.29
C GLU B 2344 12.07 51.75 14.82
N VAL B 2345 11.72 52.19 16.02
CA VAL B 2345 10.53 51.73 16.70
C VAL B 2345 9.66 52.92 17.06
N GLN B 2346 8.36 52.66 17.21
CA GLN B 2346 7.40 53.70 17.55
C GLN B 2346 7.21 53.87 19.05
N ASP B 2347 7.58 52.87 19.85
CA ASP B 2347 7.45 52.96 21.30
C ASP B 2347 8.39 51.96 21.95
N LEU B 2348 8.60 52.14 23.25
CA LEU B 2348 9.48 51.27 24.04
C LEU B 2348 8.78 50.87 25.33
N LYS B 2349 7.49 50.58 25.25
CA LYS B 2349 6.72 50.22 26.44
C LYS B 2349 6.93 48.78 26.88
N TYR B 2350 7.63 47.97 26.10
CA TYR B 2350 7.94 46.60 26.48
C TYR B 2350 9.44 46.32 26.59
N ALA B 2351 10.29 47.20 26.07
CA ALA B 2351 11.72 47.01 26.20
C ALA B 2351 12.16 47.20 27.65
N THR B 2352 13.03 46.32 28.11
CA THR B 2352 13.51 46.37 29.49
C THR B 2352 14.59 47.45 29.63
N LEU B 2353 15.02 47.67 30.87
CA LEU B 2353 16.05 48.68 31.12
C LEU B 2353 17.40 48.26 30.55
N ALA B 2354 17.67 46.96 30.49
CA ALA B 2354 18.93 46.49 29.91
C ALA B 2354 19.04 46.88 28.44
N THR B 2355 17.95 46.73 27.68
CA THR B 2355 17.96 47.11 26.28
C THR B 2355 18.05 48.62 26.10
N VAL B 2356 17.33 49.37 26.94
CA VAL B 2356 17.30 50.83 26.79
C VAL B 2356 18.66 51.43 27.12
N SER B 2357 19.32 50.92 28.17
CA SER B 2357 20.57 51.53 28.62
C SER B 2357 21.72 51.26 27.65
N ARG B 2358 21.65 50.18 26.88
CA ARG B 2358 22.74 49.81 26.00
C ARG B 2358 22.77 50.60 24.69
N CYS B 2359 21.69 51.29 24.35
CA CYS B 2359 21.57 51.93 23.05
C CYS B 2359 21.56 53.45 23.20
N GLY B 2360 22.13 54.13 22.20
CA GLY B 2360 21.96 55.56 22.09
C GLY B 2360 20.51 55.85 21.73
N MET B 2361 19.97 56.92 22.28
CA MET B 2361 18.55 57.23 22.15
C MET B 2361 18.35 58.56 21.43
N VAL B 2362 17.56 58.54 20.36
CA VAL B 2362 17.18 59.74 19.63
C VAL B 2362 15.66 59.74 19.51
N TRP B 2363 15.03 60.82 19.96
CA TRP B 2363 13.57 60.91 20.03
C TRP B 2363 13.06 61.78 18.90
N PHE B 2364 12.25 61.18 18.03
CA PHE B 2364 11.60 61.90 16.93
C PHE B 2364 10.15 62.19 17.33
N SER B 2365 9.90 63.40 17.80
CA SER B 2365 8.54 63.80 18.13
C SER B 2365 7.71 63.93 16.85
N GLU B 2366 6.39 63.84 17.00
CA GLU B 2366 5.51 63.99 15.85
C GLU B 2366 5.53 65.41 15.31
N ASP B 2367 5.82 66.39 16.17
CA ASP B 2367 5.95 67.78 15.73
C ASP B 2367 7.20 68.01 14.90
N VAL B 2368 8.15 67.07 14.90
CA VAL B 2368 9.34 67.21 14.07
C VAL B 2368 8.96 67.24 12.60
N LEU B 2369 8.07 66.35 12.18
CA LEU B 2369 7.60 66.31 10.81
C LEU B 2369 6.27 67.06 10.76
N SER B 2370 6.33 68.33 10.40
CA SER B 2370 5.12 69.14 10.32
C SER B 2370 4.29 68.77 9.09
N THR B 2371 3.02 69.15 9.12
CA THR B 2371 2.12 68.83 8.02
C THR B 2371 2.54 69.54 6.74
N ASP B 2372 3.03 70.77 6.86
CA ASP B 2372 3.49 71.52 5.69
C ASP B 2372 4.61 70.77 4.96
N MET B 2373 5.47 70.07 5.70
CA MET B 2373 6.52 69.28 5.08
C MET B 2373 5.94 68.18 4.21
N ILE B 2374 4.92 67.49 4.70
CA ILE B 2374 4.28 66.43 3.92
C ILE B 2374 3.59 67.02 2.70
N PHE B 2375 2.94 68.18 2.86
CA PHE B 2375 2.30 68.82 1.71
C PHE B 2375 3.33 69.19 0.65
N ASN B 2376 4.47 69.75 1.07
CA ASN B 2376 5.51 70.10 0.12
C ASN B 2376 6.06 68.87 -0.58
N ASN B 2377 6.26 67.78 0.15
CA ASN B 2377 6.73 66.54 -0.46
C ASN B 2377 5.74 66.04 -1.50
N PHE B 2378 4.45 66.05 -1.16
CA PHE B 2378 3.43 65.57 -2.09
C PHE B 2378 3.39 66.44 -3.35
N LEU B 2379 3.43 67.76 -3.17
CA LEU B 2379 3.38 68.65 -4.32
C LEU B 2379 4.61 68.50 -5.21
N ALA B 2380 5.79 68.36 -4.61
CA ALA B 2380 7.00 68.16 -5.39
C ALA B 2380 6.94 66.85 -6.18
N ARG B 2381 6.47 65.78 -5.54
CA ARG B 2381 6.36 64.50 -6.23
C ARG B 2381 5.33 64.57 -7.36
N LEU B 2382 4.23 65.28 -7.13
CA LEU B 2382 3.23 65.46 -8.19
C LEU B 2382 3.81 66.24 -9.36
N ARG B 2383 4.58 67.29 -9.08
CA ARG B 2383 5.14 68.11 -10.14
C ARG B 2383 6.28 67.43 -10.89
N SER B 2384 6.98 66.48 -10.25
CA SER B 2384 8.15 65.85 -10.86
C SER B 2384 7.82 64.51 -11.50
N ILE B 2385 7.30 63.56 -10.71
CA ILE B 2385 7.11 62.19 -11.18
C ILE B 2385 5.87 62.10 -12.05
N PRO B 2386 5.97 61.63 -13.29
CA PRO B 2386 4.76 61.36 -14.08
C PRO B 2386 4.02 60.16 -13.52
N LEU B 2387 2.68 60.24 -13.56
CA LEU B 2387 1.87 59.14 -13.06
C LEU B 2387 1.82 57.96 -14.02
N ASP B 2388 2.04 58.21 -15.33
CA ASP B 2388 2.05 57.11 -16.28
C ASP B 2388 3.19 56.14 -16.00
N GLU B 2389 4.37 56.67 -15.68
CA GLU B 2389 5.53 55.85 -15.36
C GLU B 2389 6.55 56.67 -14.59
N SER B 2410 5.82 65.40 -21.62
CA SER B 2410 4.70 64.47 -21.50
C SER B 2410 3.43 65.20 -21.07
N PRO B 2411 2.32 64.91 -21.75
CA PRO B 2411 1.05 65.57 -21.38
C PRO B 2411 0.61 65.27 -19.97
N MET B 2412 0.85 64.04 -19.48
CA MET B 2412 0.48 63.69 -18.11
C MET B 2412 1.23 64.54 -17.11
N LEU B 2413 2.52 64.79 -17.36
CA LEU B 2413 3.28 65.67 -16.47
C LEU B 2413 2.73 67.08 -16.48
N GLN B 2414 2.32 67.58 -17.65
CA GLN B 2414 1.73 68.91 -17.73
C GLN B 2414 0.43 68.99 -16.95
N ILE B 2415 -0.41 67.95 -17.06
CA ILE B 2415 -1.65 67.92 -16.27
C ILE B 2415 -1.34 67.89 -14.79
N GLN B 2416 -0.34 67.11 -14.39
CA GLN B 2416 0.02 67.04 -12.98
C GLN B 2416 0.48 68.40 -12.47
N ARG B 2417 1.33 69.10 -13.25
CA ARG B 2417 1.81 70.41 -12.82
C ARG B 2417 0.67 71.43 -12.73
N ASP B 2418 -0.24 71.41 -13.71
CA ASP B 2418 -1.37 72.32 -13.67
C ASP B 2418 -2.26 72.05 -12.45
N ALA B 2419 -2.53 70.76 -12.18
CA ALA B 2419 -3.35 70.41 -11.03
C ALA B 2419 -2.66 70.84 -9.73
N ALA B 2420 -1.35 70.62 -9.62
CA ALA B 2420 -0.63 71.03 -8.43
C ALA B 2420 -0.66 72.54 -8.25
N THR B 2421 -0.57 73.28 -9.36
CA THR B 2421 -0.71 74.73 -9.28
C THR B 2421 -2.09 75.13 -8.79
N ILE B 2422 -3.13 74.43 -9.26
CA ILE B 2422 -4.49 74.74 -8.85
C ILE B 2422 -4.67 74.47 -7.35
N MET B 2423 -4.16 73.35 -6.87
CA MET B 2423 -4.35 72.95 -5.48
C MET B 2423 -3.28 73.51 -4.55
N GLN B 2424 -2.36 74.33 -5.07
CA GLN B 2424 -1.33 74.93 -4.22
C GLN B 2424 -1.88 75.77 -3.08
N PRO B 2425 -2.85 76.67 -3.29
CA PRO B 2425 -3.32 77.49 -2.14
C PRO B 2425 -3.89 76.67 -1.00
N TYR B 2426 -4.54 75.54 -1.27
CA TYR B 2426 -5.17 74.77 -0.21
C TYR B 2426 -4.16 74.00 0.62
N PHE B 2427 -3.04 73.58 0.02
CA PHE B 2427 -2.03 72.79 0.72
C PHE B 2427 -0.98 73.72 1.35
N THR B 2428 -1.46 74.66 2.16
CA THR B 2428 -0.61 75.61 2.85
C THR B 2428 -0.94 75.60 4.33
N SER B 2429 -0.17 76.36 5.10
CA SER B 2429 -0.41 76.48 6.53
C SER B 2429 -1.77 77.11 6.79
N ASN B 2430 -2.52 76.53 7.72
CA ASN B 2430 -3.86 76.98 8.08
C ASN B 2430 -4.78 77.02 6.86
N GLY B 2431 -4.56 76.12 5.91
CA GLY B 2431 -5.39 76.04 4.73
C GLY B 2431 -6.64 75.20 4.98
N LEU B 2432 -7.36 74.94 3.89
CA LEU B 2432 -8.55 74.11 4.00
C LEU B 2432 -8.21 72.70 4.46
N VAL B 2433 -7.14 72.12 3.89
CA VAL B 2433 -6.76 70.76 4.23
C VAL B 2433 -6.31 70.69 5.69
N THR B 2434 -5.53 71.67 6.15
CA THR B 2434 -5.02 71.65 7.51
C THR B 2434 -6.15 71.79 8.53
N LYS B 2435 -7.06 72.74 8.32
CA LYS B 2435 -8.17 72.90 9.25
C LYS B 2435 -9.11 71.71 9.22
N ALA B 2436 -9.34 71.14 8.02
CA ALA B 2436 -10.19 69.96 7.92
C ALA B 2436 -9.57 68.78 8.67
N LEU B 2437 -8.26 68.59 8.53
CA LEU B 2437 -7.58 67.51 9.24
C LEU B 2437 -7.61 67.74 10.74
N GLU B 2438 -7.46 69.00 11.17
CA GLU B 2438 -7.54 69.30 12.60
C GLU B 2438 -8.92 68.99 13.14
N HIS B 2439 -9.97 69.33 12.39
CA HIS B 2439 -11.33 69.04 12.86
C HIS B 2439 -11.63 67.55 12.82
N ALA B 2440 -11.06 66.83 11.86
CA ALA B 2440 -11.33 65.39 11.75
C ALA B 2440 -10.85 64.62 12.96
N PHE B 2441 -9.90 65.17 13.74
CA PHE B 2441 -9.37 64.47 14.89
C PHE B 2441 -10.34 64.46 16.06
N GLN B 2442 -11.20 65.48 16.19
CA GLN B 2442 -12.20 65.46 17.25
C GLN B 2442 -13.36 64.53 16.94
N LEU B 2443 -13.59 64.20 15.68
CA LEU B 2443 -14.59 63.21 15.33
C LEU B 2443 -14.12 61.82 15.74
N GLU B 2444 -15.09 60.93 15.94
CA GLU B 2444 -14.81 59.54 16.31
C GLU B 2444 -14.88 58.65 15.08
N HIS B 2445 -13.92 57.75 14.96
CA HIS B 2445 -13.80 56.87 13.80
C HIS B 2445 -13.79 55.42 14.26
N ILE B 2446 -14.10 54.53 13.31
CA ILE B 2446 -14.12 53.11 13.62
C ILE B 2446 -12.72 52.59 13.98
N MET B 2447 -11.68 53.25 13.48
CA MET B 2447 -10.30 52.94 13.82
C MET B 2447 -9.59 54.23 14.20
N ASP B 2448 -8.50 54.09 14.95
CA ASP B 2448 -7.76 55.25 15.41
C ASP B 2448 -7.26 56.08 14.22
N LEU B 2449 -7.44 57.39 14.31
CA LEU B 2449 -7.12 58.29 13.21
C LEU B 2449 -5.64 58.68 13.27
N THR B 2450 -4.95 58.48 12.16
CA THR B 2450 -3.56 58.87 12.01
C THR B 2450 -3.45 59.84 10.85
N ARG B 2451 -2.60 60.86 11.02
CA ARG B 2451 -2.49 61.91 10.02
C ARG B 2451 -2.08 61.37 8.65
N LEU B 2452 -1.09 60.48 8.63
CA LEU B 2452 -0.57 60.00 7.35
C LEU B 2452 -1.50 59.03 6.64
N ARG B 2453 -2.36 58.31 7.35
CA ARG B 2453 -3.37 57.50 6.67
C ARG B 2453 -4.29 58.39 5.82
N CYS B 2454 -4.82 59.44 6.44
CA CYS B 2454 -5.68 60.38 5.72
C CYS B 2454 -4.91 61.06 4.60
N LEU B 2455 -3.66 61.46 4.86
CA LEU B 2455 -2.89 62.15 3.85
C LEU B 2455 -2.60 61.24 2.66
N GLY B 2456 -2.26 59.98 2.90
CA GLY B 2456 -2.01 59.06 1.82
C GLY B 2456 -3.25 58.78 1.00
N SER B 2457 -4.39 58.60 1.67
CA SER B 2457 -5.63 58.41 0.93
C SER B 2457 -5.97 59.64 0.08
N LEU B 2458 -5.76 60.83 0.65
CA LEU B 2458 -6.00 62.07 -0.11
C LEU B 2458 -5.09 62.15 -1.32
N PHE B 2459 -3.81 61.82 -1.16
CA PHE B 2459 -2.87 61.90 -2.27
C PHE B 2459 -3.22 60.88 -3.36
N SER B 2460 -3.63 59.68 -2.96
CA SER B 2460 -4.06 58.69 -3.94
C SER B 2460 -5.29 59.16 -4.71
N MET B 2461 -6.23 59.79 -4.00
CA MET B 2461 -7.41 60.34 -4.68
C MET B 2461 -7.02 61.45 -5.65
N LEU B 2462 -6.07 62.30 -5.28
CA LEU B 2462 -5.65 63.37 -6.18
C LEU B 2462 -4.94 62.81 -7.41
N HIS B 2463 -4.14 61.76 -7.22
CA HIS B 2463 -3.54 61.09 -8.38
C HIS B 2463 -4.61 60.49 -9.29
N GLN B 2464 -5.66 59.93 -8.70
CA GLN B 2464 -6.78 59.44 -9.50
C GLN B 2464 -7.46 60.59 -10.24
N ALA B 2465 -7.54 61.77 -9.62
CA ALA B 2465 -8.12 62.92 -10.31
C ALA B 2465 -7.28 63.30 -11.53
N CYS B 2466 -5.96 63.32 -11.37
CA CYS B 2466 -5.09 63.61 -12.51
C CYS B 2466 -5.25 62.56 -13.61
N ARG B 2467 -5.33 61.29 -13.22
CA ARG B 2467 -5.53 60.24 -14.21
C ARG B 2467 -6.88 60.38 -14.92
N ASN B 2468 -7.91 60.79 -14.19
CA ASN B 2468 -9.21 61.02 -14.80
C ASN B 2468 -9.15 62.16 -15.81
N VAL B 2469 -8.44 63.23 -15.48
CA VAL B 2469 -8.29 64.33 -16.42
C VAL B 2469 -7.55 63.86 -17.67
N ALA B 2470 -6.50 63.06 -17.49
CA ALA B 2470 -5.78 62.53 -18.64
C ALA B 2470 -6.68 61.64 -19.50
N GLN B 2471 -7.50 60.81 -18.86
CA GLN B 2471 -8.42 59.95 -19.60
C GLN B 2471 -9.45 60.78 -20.37
N TYR B 2472 -9.94 61.87 -19.75
CA TYR B 2472 -10.88 62.75 -20.45
C TYR B 2472 -10.21 63.39 -21.66
N ASN B 2473 -8.95 63.82 -21.51
CA ASN B 2473 -8.22 64.37 -22.64
C ASN B 2473 -8.04 63.34 -23.74
N ALA B 2474 -7.75 62.08 -23.38
CA ALA B 2474 -7.64 61.03 -24.37
C ALA B 2474 -8.97 60.80 -25.08
N ASN B 2475 -10.08 60.89 -24.34
CA ASN B 2475 -11.40 60.73 -24.94
C ASN B 2475 -11.77 61.89 -25.85
N HIS B 2476 -11.15 63.06 -25.66
CA HIS B 2476 -11.46 64.25 -26.45
C HIS B 2476 -10.17 64.81 -27.03
N PRO B 2477 -9.59 64.14 -28.03
CA PRO B 2477 -8.36 64.67 -28.65
C PRO B 2477 -8.55 66.03 -29.28
N ASP B 2478 -9.74 66.32 -29.84
CA ASP B 2478 -9.94 67.60 -30.51
C ASP B 2478 -10.11 68.74 -29.52
N PHE B 2479 -10.66 68.47 -28.34
CA PHE B 2479 -10.88 69.48 -27.30
C PHE B 2479 -10.30 69.01 -25.98
N PRO B 2480 -8.97 69.14 -25.78
CA PRO B 2480 -8.40 68.89 -24.46
C PRO B 2480 -9.03 69.69 -23.35
N MET B 2481 -8.75 69.32 -22.10
CA MET B 2481 -9.26 70.04 -20.95
C MET B 2481 -8.74 71.47 -20.93
N GLN B 2482 -9.63 72.42 -20.66
CA GLN B 2482 -9.27 73.82 -20.53
C GLN B 2482 -8.94 74.15 -19.07
N ILE B 2483 -8.30 75.30 -18.87
CA ILE B 2483 -7.77 75.65 -17.56
C ILE B 2483 -8.89 75.92 -16.57
N GLU B 2484 -9.94 76.62 -16.99
CA GLU B 2484 -11.03 76.94 -16.07
C GLU B 2484 -11.79 75.67 -15.66
N GLN B 2485 -12.11 74.81 -16.62
CA GLN B 2485 -12.76 73.55 -16.28
C GLN B 2485 -11.85 72.70 -15.42
N LEU B 2486 -10.54 72.73 -15.70
CA LEU B 2486 -9.58 71.99 -14.87
C LEU B 2486 -9.59 72.49 -13.43
N GLU B 2487 -9.58 73.81 -13.21
CA GLU B 2487 -9.53 74.32 -11.85
C GLU B 2487 -10.84 74.04 -11.12
N ARG B 2488 -11.98 74.16 -11.81
CA ARG B 2488 -13.25 73.82 -11.19
C ARG B 2488 -13.27 72.36 -10.76
N TYR B 2489 -12.90 71.46 -11.69
CA TYR B 2489 -12.88 70.04 -11.39
C TYR B 2489 -11.94 69.73 -10.24
N ILE B 2490 -10.75 70.34 -10.22
CA ILE B 2490 -9.77 70.06 -9.19
C ILE B 2490 -10.27 70.53 -7.83
N GLN B 2491 -10.89 71.72 -7.77
CA GLN B 2491 -11.41 72.20 -6.49
C GLN B 2491 -12.52 71.30 -5.97
N ARG B 2492 -13.48 70.96 -6.82
CA ARG B 2492 -14.57 70.09 -6.37
C ARG B 2492 -14.04 68.73 -5.93
N TYR B 2493 -13.11 68.15 -6.71
CA TYR B 2493 -12.58 66.85 -6.35
C TYR B 2493 -11.71 66.93 -5.09
N LEU B 2494 -11.06 68.07 -4.84
CA LEU B 2494 -10.29 68.22 -3.62
C LEU B 2494 -11.22 68.22 -2.41
N VAL B 2495 -12.33 68.95 -2.49
CA VAL B 2495 -13.30 68.92 -1.39
C VAL B 2495 -13.85 67.51 -1.20
N TYR B 2496 -14.21 66.85 -2.31
CA TYR B 2496 -14.75 65.49 -2.24
C TYR B 2496 -13.75 64.52 -1.65
N ALA B 2497 -12.48 64.64 -2.03
CA ALA B 2497 -11.44 63.75 -1.54
C ALA B 2497 -11.16 64.00 -0.07
N ILE B 2498 -11.17 65.26 0.36
CA ILE B 2498 -11.01 65.54 1.79
C ILE B 2498 -12.14 64.90 2.57
N LEU B 2499 -13.37 65.04 2.09
CA LEU B 2499 -14.51 64.45 2.79
C LEU B 2499 -14.41 62.93 2.86
N TRP B 2500 -14.03 62.28 1.76
CA TRP B 2500 -13.98 60.82 1.75
C TRP B 2500 -12.68 60.26 2.33
N SER B 2501 -11.70 61.09 2.62
CA SER B 2501 -10.45 60.63 3.23
C SER B 2501 -10.41 60.87 4.73
N LEU B 2502 -11.00 61.98 5.20
CA LEU B 2502 -10.98 62.30 6.62
C LEU B 2502 -12.18 61.74 7.38
N SER B 2503 -13.17 61.18 6.68
CA SER B 2503 -14.34 60.63 7.35
C SER B 2503 -14.80 59.32 6.73
N GLY B 2504 -14.00 58.69 5.86
CA GLY B 2504 -14.44 57.45 5.25
C GLY B 2504 -14.52 56.30 6.22
N ASP B 2505 -13.82 56.41 7.36
CA ASP B 2505 -13.83 55.37 8.39
C ASP B 2505 -14.67 55.76 9.60
N SER B 2506 -15.75 56.51 9.38
CA SER B 2506 -16.63 56.95 10.46
C SER B 2506 -18.07 56.76 10.02
N ARG B 2507 -18.99 56.98 10.97
CA ARG B 2507 -20.41 56.81 10.72
C ARG B 2507 -20.91 57.91 9.78
N LEU B 2508 -22.19 57.81 9.41
CA LEU B 2508 -22.79 58.80 8.54
C LEU B 2508 -22.88 60.16 9.22
N LYS B 2509 -23.15 60.17 10.53
CA LYS B 2509 -23.27 61.43 11.25
C LYS B 2509 -21.95 62.19 11.28
N MET B 2510 -20.84 61.48 11.48
CA MET B 2510 -19.53 62.13 11.43
C MET B 2510 -19.23 62.67 10.04
N ARG B 2511 -19.60 61.94 8.99
CA ARG B 2511 -19.42 62.44 7.63
C ARG B 2511 -20.22 63.71 7.40
N ALA B 2512 -21.46 63.74 7.89
CA ALA B 2512 -22.28 64.95 7.77
C ALA B 2512 -21.67 66.11 8.53
N GLU B 2513 -21.15 65.85 9.74
CA GLU B 2513 -20.52 66.92 10.51
C GLU B 2513 -19.29 67.47 9.80
N LEU B 2514 -18.46 66.59 9.24
CA LEU B 2514 -17.28 67.05 8.50
C LEU B 2514 -17.70 67.86 7.28
N GLY B 2515 -18.74 67.41 6.57
CA GLY B 2515 -19.22 68.18 5.44
C GLY B 2515 -19.73 69.55 5.85
N GLU B 2516 -20.43 69.64 6.98
CA GLU B 2516 -20.90 70.92 7.47
C GLU B 2516 -19.74 71.84 7.83
N TYR B 2517 -18.70 71.30 8.46
CA TYR B 2517 -17.53 72.12 8.78
C TYR B 2517 -16.84 72.62 7.53
N ILE B 2518 -16.69 71.74 6.53
CA ILE B 2518 -16.11 72.18 5.25
C ILE B 2518 -16.94 73.30 4.65
N ARG B 2519 -18.26 73.11 4.57
CA ARG B 2519 -19.14 74.14 4.03
C ARG B 2519 -18.99 75.45 4.79
N ARG B 2520 -18.76 75.37 6.10
CA ARG B 2520 -18.60 76.57 6.90
C ARG B 2520 -17.26 77.25 6.68
N ILE B 2521 -16.23 76.50 6.26
CA ILE B 2521 -14.89 77.07 6.20
C ILE B 2521 -14.31 77.17 4.78
N THR B 2522 -14.89 76.51 3.78
CA THR B 2522 -14.27 76.54 2.47
C THR B 2522 -14.76 77.75 1.67
N THR B 2523 -14.10 77.97 0.53
CA THR B 2523 -14.54 78.93 -0.47
C THR B 2523 -14.88 78.27 -1.80
N VAL B 2524 -14.64 76.97 -1.92
CA VAL B 2524 -14.96 76.25 -3.17
C VAL B 2524 -16.47 76.23 -3.36
N PRO B 2525 -16.96 76.38 -4.60
CA PRO B 2525 -18.41 76.23 -4.83
C PRO B 2525 -18.89 74.85 -4.38
N LEU B 2526 -20.07 74.83 -3.76
CA LEU B 2526 -20.61 73.65 -3.11
C LEU B 2526 -22.07 73.48 -3.51
N PRO B 2527 -22.61 72.26 -3.39
CA PRO B 2527 -24.01 72.04 -3.75
C PRO B 2527 -24.95 72.91 -2.93
N THR B 2528 -26.03 73.34 -3.58
CA THR B 2528 -26.96 74.31 -3.02
C THR B 2528 -28.05 73.64 -2.16
N ALA B 2529 -28.13 72.31 -2.18
CA ALA B 2529 -29.22 71.62 -1.50
C ALA B 2529 -29.23 71.95 -0.01
N PRO B 2530 -30.35 72.39 0.55
CA PRO B 2530 -30.36 72.82 1.95
C PRO B 2530 -30.04 71.72 2.94
N ASN B 2531 -30.47 70.48 2.68
CA ASN B 2531 -30.34 69.41 3.65
C ASN B 2531 -29.47 68.25 3.21
N ILE B 2532 -29.29 68.04 1.91
CA ILE B 2532 -28.51 66.92 1.41
C ILE B 2532 -27.04 67.18 1.72
N PRO B 2533 -26.36 66.28 2.43
CA PRO B 2533 -24.94 66.51 2.74
C PRO B 2533 -24.07 66.43 1.50
N ILE B 2534 -22.89 67.03 1.61
CA ILE B 2534 -21.99 67.16 0.45
C ILE B 2534 -21.53 65.79 -0.02
N ILE B 2535 -21.34 64.84 0.91
CA ILE B 2535 -20.82 63.52 0.57
C ILE B 2535 -21.74 62.76 -0.36
N ASP B 2536 -23.01 63.15 -0.45
CA ASP B 2536 -23.94 62.56 -1.41
C ASP B 2536 -23.72 63.05 -2.83
N TYR B 2537 -22.84 64.03 -3.03
CA TYR B 2537 -22.57 64.61 -4.33
C TYR B 2537 -21.18 64.20 -4.79
N GLU B 2538 -21.08 63.67 -6.00
CA GLU B 2538 -19.80 63.34 -6.59
C GLU B 2538 -19.30 64.55 -7.38
N VAL B 2539 -18.20 64.37 -8.11
CA VAL B 2539 -17.61 65.43 -8.92
C VAL B 2539 -17.56 64.93 -10.35
N SER B 2540 -18.45 65.45 -11.19
CA SER B 2540 -18.44 65.10 -12.60
C SER B 2540 -17.19 65.65 -13.28
N ILE B 2541 -16.78 64.97 -14.35
CA ILE B 2541 -15.58 65.39 -15.07
C ILE B 2541 -15.75 66.78 -15.67
N SER B 2542 -16.98 67.21 -15.91
CA SER B 2542 -17.22 68.56 -16.40
C SER B 2542 -16.91 69.62 -15.35
N GLY B 2543 -16.84 69.25 -14.08
CA GLY B 2543 -16.47 70.16 -13.03
C GLY B 2543 -17.60 70.69 -12.17
N GLU B 2544 -18.77 70.07 -12.21
CA GLU B 2544 -19.90 70.50 -11.39
C GLU B 2544 -20.33 69.37 -10.47
N TRP B 2545 -20.88 69.75 -9.32
CA TRP B 2545 -21.42 68.77 -8.38
C TRP B 2545 -22.64 68.09 -9.00
N SER B 2546 -22.63 66.75 -8.99
CA SER B 2546 -23.77 65.97 -9.42
C SER B 2546 -24.12 64.96 -8.34
N PRO B 2547 -25.39 64.80 -8.00
CA PRO B 2547 -25.76 63.89 -6.91
C PRO B 2547 -25.44 62.44 -7.25
N TRP B 2548 -25.11 61.68 -6.21
CA TRP B 2548 -24.90 60.24 -6.37
C TRP B 2548 -26.21 59.51 -6.66
N GLN B 2549 -27.35 60.15 -6.41
CA GLN B 2549 -28.65 59.53 -6.65
C GLN B 2549 -28.91 59.31 -8.13
N ALA B 2550 -28.15 59.96 -9.01
CA ALA B 2550 -28.34 59.78 -10.45
C ALA B 2550 -27.82 58.44 -10.93
N LYS B 2551 -26.97 57.77 -10.16
CA LYS B 2551 -26.38 56.49 -10.55
C LYS B 2551 -26.96 55.31 -9.78
N VAL B 2552 -28.17 55.43 -9.26
CA VAL B 2552 -28.82 54.32 -8.57
C VAL B 2552 -30.22 54.09 -9.15
N PRO B 2553 -30.31 53.52 -10.35
CA PRO B 2553 -31.62 53.29 -10.96
C PRO B 2553 -32.36 52.12 -10.34
N GLN B 2554 -33.68 52.20 -10.39
CA GLN B 2554 -34.54 51.13 -9.89
C GLN B 2554 -34.56 50.02 -10.92
N ILE B 2555 -33.58 49.12 -10.84
CA ILE B 2555 -33.44 48.05 -11.82
C ILE B 2555 -34.50 46.99 -11.57
N GLU B 2556 -34.68 46.09 -12.54
CA GLU B 2556 -35.57 44.94 -12.41
C GLU B 2556 -34.73 43.69 -12.58
N VAL B 2557 -34.49 42.99 -11.47
CA VAL B 2557 -33.63 41.81 -11.47
C VAL B 2557 -34.35 40.67 -12.20
N GLU B 2558 -33.58 39.88 -12.94
CA GLU B 2558 -34.15 38.70 -13.58
C GLU B 2558 -34.60 37.70 -12.52
N THR B 2559 -35.67 36.98 -12.84
CA THR B 2559 -36.26 36.06 -11.86
C THR B 2559 -35.29 34.96 -11.47
N HIS B 2560 -34.45 34.51 -12.41
CA HIS B 2560 -33.50 33.44 -12.12
C HIS B 2560 -32.24 33.93 -11.43
N LYS B 2561 -32.09 35.24 -11.23
CA LYS B 2561 -30.95 35.81 -10.51
C LYS B 2561 -31.37 36.49 -9.21
N VAL B 2562 -32.37 35.94 -8.53
CA VAL B 2562 -32.90 36.53 -7.32
C VAL B 2562 -32.00 36.14 -6.14
N ALA B 2563 -31.47 37.13 -5.44
CA ALA B 2563 -30.63 36.91 -4.25
C ALA B 2563 -29.39 36.10 -4.58
N ALA B 2564 -28.95 36.14 -5.83
CA ALA B 2564 -27.73 35.46 -6.21
C ALA B 2564 -26.51 36.15 -5.62
N PRO B 2565 -25.42 35.41 -5.39
CA PRO B 2565 -24.21 36.06 -4.86
C PRO B 2565 -23.66 37.15 -5.76
N ASP B 2566 -23.81 37.02 -7.08
CA ASP B 2566 -23.22 37.98 -7.99
C ASP B 2566 -24.03 39.28 -8.05
N VAL B 2567 -25.36 39.18 -7.99
CA VAL B 2567 -26.21 40.36 -8.21
C VAL B 2567 -26.06 41.33 -7.04
N VAL B 2568 -25.92 42.61 -7.37
CA VAL B 2568 -25.84 43.68 -6.38
C VAL B 2568 -26.85 44.74 -6.76
N VAL B 2569 -27.80 45.00 -5.86
CA VAL B 2569 -28.80 46.04 -6.09
C VAL B 2569 -28.15 47.40 -5.85
N PRO B 2570 -28.15 48.30 -6.83
CA PRO B 2570 -27.48 49.59 -6.63
C PRO B 2570 -28.11 50.39 -5.49
N THR B 2571 -27.26 51.07 -4.75
CA THR B 2571 -27.69 51.88 -3.61
C THR B 2571 -26.69 53.01 -3.45
N LEU B 2572 -27.14 54.10 -2.81
CA LEU B 2572 -26.29 55.27 -2.60
C LEU B 2572 -24.98 54.87 -1.93
N ASP B 2573 -25.06 54.16 -0.81
CA ASP B 2573 -23.86 53.70 -0.14
C ASP B 2573 -23.06 52.76 -1.05
N THR B 2574 -23.76 51.88 -1.77
CA THR B 2574 -23.09 50.93 -2.63
C THR B 2574 -22.27 51.64 -3.71
N VAL B 2575 -22.88 52.60 -4.40
CA VAL B 2575 -22.18 53.27 -5.49
C VAL B 2575 -21.06 54.16 -4.95
N ARG B 2576 -21.29 54.82 -3.82
CA ARG B 2576 -20.23 55.64 -3.24
C ARG B 2576 -19.03 54.79 -2.87
N HIS B 2577 -19.26 53.65 -2.22
CA HIS B 2577 -18.16 52.79 -1.81
C HIS B 2577 -17.47 52.16 -3.01
N GLU B 2578 -18.24 51.80 -4.05
CA GLU B 2578 -17.61 51.25 -5.25
C GLU B 2578 -16.70 52.28 -5.91
N ALA B 2579 -17.15 53.53 -6.00
CA ALA B 2579 -16.30 54.58 -6.56
C ALA B 2579 -15.06 54.79 -5.72
N LEU B 2580 -15.21 54.80 -4.39
CA LEU B 2580 -14.08 54.99 -3.51
C LEU B 2580 -13.05 53.87 -3.66
N LEU B 2581 -13.52 52.62 -3.67
CA LEU B 2581 -12.60 51.49 -3.83
C LEU B 2581 -11.93 51.50 -5.20
N TYR B 2582 -12.68 51.83 -6.26
CA TYR B 2582 -12.06 51.89 -7.58
C TYR B 2582 -11.00 52.98 -7.61
N THR B 2583 -11.24 54.10 -6.93
CA THR B 2583 -10.22 55.13 -6.80
C THR B 2583 -8.98 54.60 -6.08
N TRP B 2584 -9.18 53.90 -4.97
CA TRP B 2584 -8.03 53.42 -4.20
C TRP B 2584 -7.37 52.22 -4.88
N LEU B 2585 -8.17 51.34 -5.49
CA LEU B 2585 -7.60 50.14 -6.11
C LEU B 2585 -6.84 50.47 -7.39
N ALA B 2586 -7.18 51.57 -8.06
CA ALA B 2586 -6.50 51.92 -9.30
C ALA B 2586 -5.04 52.28 -9.07
N GLU B 2587 -4.72 52.84 -7.91
CA GLU B 2587 -3.34 53.14 -7.55
C GLU B 2587 -2.60 51.94 -6.99
N HIS B 2588 -3.25 50.78 -6.90
CA HIS B 2588 -2.68 49.59 -6.27
C HIS B 2588 -2.31 49.85 -4.82
N LYS B 2589 -3.04 50.77 -4.18
CA LYS B 2589 -2.87 51.16 -2.79
C LYS B 2589 -3.61 50.20 -1.89
N PRO B 2590 -2.94 49.58 -0.91
CA PRO B 2590 -3.65 48.68 0.01
C PRO B 2590 -4.71 49.43 0.80
N LEU B 2591 -5.83 48.75 1.04
CA LEU B 2591 -6.97 49.36 1.69
C LEU B 2591 -7.64 48.36 2.62
N VAL B 2592 -8.39 48.87 3.58
CA VAL B 2592 -9.07 48.05 4.58
C VAL B 2592 -10.53 48.48 4.64
N LEU B 2593 -11.44 47.51 4.55
CA LEU B 2593 -12.86 47.75 4.73
C LEU B 2593 -13.27 47.28 6.12
N CYS B 2594 -13.80 48.20 6.92
CA CYS B 2594 -14.21 47.90 8.29
C CYS B 2594 -15.72 48.05 8.43
N GLY B 2595 -16.33 47.15 9.19
CA GLY B 2595 -17.75 47.20 9.43
C GLY B 2595 -18.27 45.94 10.07
N PRO B 2596 -19.54 45.95 10.48
CA PRO B 2596 -20.14 44.76 11.09
C PRO B 2596 -20.21 43.63 10.08
N PRO B 2597 -20.19 42.38 10.54
CA PRO B 2597 -20.25 41.26 9.60
C PRO B 2597 -21.54 41.26 8.80
N GLY B 2598 -21.43 40.91 7.53
CA GLY B 2598 -22.57 40.87 6.65
C GLY B 2598 -23.01 42.21 6.11
N SER B 2599 -22.25 43.28 6.37
CA SER B 2599 -22.65 44.61 5.91
C SER B 2599 -22.46 44.80 4.42
N GLY B 2600 -21.55 44.04 3.80
CA GLY B 2600 -21.36 44.13 2.36
C GLY B 2600 -19.96 44.54 1.94
N LYS B 2601 -18.98 44.26 2.80
CA LYS B 2601 -17.59 44.60 2.47
C LYS B 2601 -17.08 43.78 1.30
N THR B 2602 -17.23 42.45 1.38
CA THR B 2602 -16.79 41.59 0.28
C THR B 2602 -17.60 41.84 -0.98
N MET B 2603 -18.90 42.04 -0.84
CA MET B 2603 -19.75 42.36 -1.98
C MET B 2603 -19.26 43.62 -2.69
N THR B 2604 -19.04 44.69 -1.92
CA THR B 2604 -18.60 45.95 -2.51
C THR B 2604 -17.23 45.81 -3.16
N LEU B 2605 -16.31 45.10 -2.51
CA LEU B 2605 -14.98 44.93 -3.08
C LEU B 2605 -15.04 44.16 -4.39
N PHE B 2606 -15.81 43.08 -4.43
CA PHE B 2606 -15.92 42.30 -5.67
C PHE B 2606 -16.62 43.09 -6.77
N SER B 2607 -17.64 43.88 -6.41
CA SER B 2607 -18.31 44.73 -7.41
C SER B 2607 -17.35 45.76 -7.97
N ALA B 2608 -16.53 46.37 -7.13
CA ALA B 2608 -15.52 47.32 -7.62
C ALA B 2608 -14.48 46.61 -8.49
N LEU B 2609 -14.06 45.41 -8.11
CA LEU B 2609 -13.09 44.66 -8.88
C LEU B 2609 -13.65 44.18 -10.23
N ARG B 2610 -14.97 44.07 -10.36
CA ARG B 2610 -15.54 43.77 -11.67
C ARG B 2610 -15.29 44.90 -12.67
N ALA B 2611 -15.07 46.12 -12.19
CA ALA B 2611 -14.75 47.24 -13.07
C ALA B 2611 -13.28 47.31 -13.42
N LEU B 2612 -12.46 46.39 -12.90
CA LEU B 2612 -11.02 46.36 -13.17
C LEU B 2612 -10.70 44.97 -13.73
N PRO B 2613 -10.81 44.80 -15.06
CA PRO B 2613 -10.59 43.47 -15.65
C PRO B 2613 -9.17 42.96 -15.51
N ASP B 2614 -8.20 43.83 -15.24
CA ASP B 2614 -6.80 43.45 -15.17
C ASP B 2614 -6.36 43.06 -13.76
N MET B 2615 -7.29 42.60 -12.92
CA MET B 2615 -6.98 42.23 -11.55
C MET B 2615 -7.63 40.90 -11.20
N GLU B 2616 -6.84 40.00 -10.62
CA GLU B 2616 -7.33 38.72 -10.11
C GLU B 2616 -7.32 38.76 -8.59
N VAL B 2617 -8.46 38.44 -7.98
CA VAL B 2617 -8.61 38.47 -6.53
C VAL B 2617 -8.43 37.06 -5.99
N VAL B 2618 -7.62 36.93 -4.94
CA VAL B 2618 -7.40 35.67 -4.25
C VAL B 2618 -7.81 35.87 -2.80
N GLY B 2619 -8.74 35.03 -2.33
CA GLY B 2619 -9.31 35.21 -1.01
C GLY B 2619 -8.56 34.42 0.05
N LEU B 2620 -8.16 35.13 1.11
CA LEU B 2620 -7.55 34.51 2.28
C LEU B 2620 -8.38 34.87 3.51
N ASN B 2621 -8.52 33.90 4.41
CA ASN B 2621 -9.34 34.06 5.61
C ASN B 2621 -8.43 33.94 6.83
N PHE B 2622 -8.23 35.04 7.53
CA PHE B 2622 -7.38 35.04 8.71
C PHE B 2622 -8.14 34.52 9.92
N SER B 2623 -7.39 33.97 10.87
CA SER B 2623 -7.96 33.46 12.10
C SER B 2623 -7.01 33.81 13.24
N SER B 2624 -7.31 33.29 14.44
CA SER B 2624 -6.46 33.55 15.58
C SER B 2624 -5.08 32.91 15.43
N ALA B 2625 -4.97 31.85 14.63
CA ALA B 2625 -3.70 31.15 14.46
C ALA B 2625 -3.02 31.48 13.14
N THR B 2626 -3.44 32.55 12.47
CA THR B 2626 -2.89 32.91 11.18
C THR B 2626 -1.47 33.42 11.33
N THR B 2627 -0.58 32.95 10.46
CA THR B 2627 0.83 33.31 10.42
C THR B 2627 1.21 33.63 8.99
N PRO B 2628 2.33 34.33 8.78
CA PRO B 2628 2.78 34.60 7.40
C PRO B 2628 2.93 33.35 6.53
N GLU B 2629 2.89 32.15 7.13
CA GLU B 2629 2.99 30.93 6.34
C GLU B 2629 1.83 30.80 5.37
N LEU B 2630 0.64 31.28 5.74
CA LEU B 2630 -0.49 31.26 4.82
C LEU B 2630 -0.23 32.13 3.60
N LEU B 2631 0.31 33.33 3.82
CA LEU B 2631 0.68 34.19 2.70
C LEU B 2631 1.76 33.55 1.84
N LEU B 2632 2.73 32.87 2.47
CA LEU B 2632 3.78 32.21 1.70
C LEU B 2632 3.22 31.08 0.84
N LYS B 2633 2.29 30.30 1.38
CA LYS B 2633 1.64 29.25 0.59
C LYS B 2633 0.84 29.83 -0.56
N THR B 2634 0.12 30.93 -0.31
CA THR B 2634 -0.63 31.58 -1.38
C THR B 2634 0.31 32.09 -2.47
N PHE B 2635 1.45 32.66 -2.07
CA PHE B 2635 2.44 33.12 -3.05
C PHE B 2635 3.00 31.96 -3.85
N ASP B 2636 3.28 30.83 -3.18
CA ASP B 2636 3.78 29.66 -3.90
C ASP B 2636 2.77 29.16 -4.91
N HIS B 2637 1.48 29.16 -4.54
CA HIS B 2637 0.46 28.66 -5.46
C HIS B 2637 0.24 29.60 -6.63
N TYR B 2638 0.12 30.91 -6.37
CA TYR B 2638 -0.34 31.85 -7.38
C TYR B 2638 0.78 32.71 -7.97
N CYS B 2639 2.00 32.63 -7.44
CA CYS B 2639 3.10 33.44 -7.93
C CYS B 2639 4.34 32.58 -8.09
N GLU B 2640 5.36 33.16 -8.70
CA GLU B 2640 6.62 32.46 -8.93
C GLU B 2640 7.80 33.37 -8.57
N TYR B 2641 8.82 32.78 -7.98
CA TYR B 2641 10.06 33.50 -7.66
C TYR B 2641 11.01 33.36 -8.84
N ARG B 2642 11.31 34.49 -9.49
CA ARG B 2642 12.23 34.49 -10.63
C ARG B 2642 13.44 35.33 -10.29
N ARG B 2643 14.62 34.86 -10.71
CA ARG B 2643 15.87 35.54 -10.43
C ARG B 2643 16.12 36.61 -11.48
N THR B 2644 16.37 37.83 -11.02
CA THR B 2644 16.65 38.97 -11.87
C THR B 2644 17.97 39.60 -11.46
N PRO B 2645 18.63 40.34 -12.35
CA PRO B 2645 19.91 40.98 -11.98
C PRO B 2645 19.80 41.91 -10.78
N ASN B 2646 18.65 42.55 -10.58
CA ASN B 2646 18.46 43.40 -9.41
C ASN B 2646 18.12 42.63 -8.16
N GLY B 2647 17.84 41.34 -8.27
CA GLY B 2647 17.51 40.50 -7.14
C GLY B 2647 16.38 39.56 -7.48
N VAL B 2648 15.85 38.90 -6.47
CA VAL B 2648 14.73 37.98 -6.63
C VAL B 2648 13.43 38.77 -6.60
N VAL B 2649 12.55 38.49 -7.56
CA VAL B 2649 11.29 39.21 -7.70
C VAL B 2649 10.16 38.19 -7.68
N LEU B 2650 9.12 38.49 -6.89
CA LEU B 2650 7.93 37.65 -6.82
C LEU B 2650 6.81 38.33 -7.59
N ALA B 2651 6.28 37.65 -8.61
CA ALA B 2651 5.24 38.16 -9.46
C ALA B 2651 4.24 37.06 -9.75
N PRO B 2652 2.99 37.41 -10.06
CA PRO B 2652 1.99 36.39 -10.38
C PRO B 2652 2.40 35.58 -11.61
N VAL B 2653 1.97 34.32 -11.64
CA VAL B 2653 2.35 33.42 -12.72
C VAL B 2653 1.80 33.92 -14.05
N GLN B 2654 0.61 34.51 -14.03
CA GLN B 2654 0.06 35.09 -15.25
C GLN B 2654 0.57 36.51 -15.44
N LEU B 2655 0.60 36.95 -16.70
CA LEU B 2655 1.22 38.20 -17.09
C LEU B 2655 0.18 39.26 -17.34
N GLY B 2656 0.52 40.50 -16.99
CA GLY B 2656 -0.34 41.65 -17.25
C GLY B 2656 -1.46 41.84 -16.26
N LYS B 2657 -1.57 41.02 -15.23
CA LYS B 2657 -2.64 41.10 -14.25
C LYS B 2657 -2.07 41.34 -12.86
N TRP B 2658 -2.79 42.11 -12.05
CA TRP B 2658 -2.38 42.41 -10.69
C TRP B 2658 -3.12 41.48 -9.73
N LEU B 2659 -2.36 40.71 -8.97
CA LEU B 2659 -2.96 39.83 -7.97
C LEU B 2659 -3.40 40.64 -6.77
N VAL B 2660 -4.66 40.47 -6.38
CA VAL B 2660 -5.24 41.15 -5.22
C VAL B 2660 -5.44 40.13 -4.12
N LEU B 2661 -4.80 40.35 -2.98
CA LEU B 2661 -4.92 39.48 -1.83
C LEU B 2661 -6.00 40.02 -0.91
N PHE B 2662 -7.13 39.33 -0.85
CA PHE B 2662 -8.24 39.74 0.00
C PHE B 2662 -8.17 38.95 1.31
N CYS B 2663 -7.83 39.66 2.39
CA CYS B 2663 -7.72 39.07 3.71
C CYS B 2663 -8.94 39.48 4.50
N ASP B 2664 -9.80 38.51 4.81
CA ASP B 2664 -11.14 38.79 5.32
C ASP B 2664 -11.19 39.12 6.80
N GLU B 2665 -10.19 38.72 7.57
CA GLU B 2665 -10.24 38.86 9.03
C GLU B 2665 -8.90 39.36 9.57
N ILE B 2666 -8.41 40.46 8.99
CA ILE B 2666 -7.04 40.89 9.24
C ILE B 2666 -6.75 41.13 10.72
N ASN B 2667 -7.77 41.47 11.51
CA ASN B 2667 -7.56 41.84 12.91
C ASN B 2667 -7.83 40.71 13.89
N LEU B 2668 -8.08 39.49 13.41
CA LEU B 2668 -8.19 38.34 14.31
C LEU B 2668 -6.86 37.78 14.78
N PRO B 2669 -5.81 37.66 13.91
CA PRO B 2669 -4.52 37.11 14.36
C PRO B 2669 -4.10 37.56 15.75
N ASP B 2670 -3.72 36.61 16.60
CA ASP B 2670 -3.54 36.89 18.01
C ASP B 2670 -2.32 37.79 18.24
N MET B 2671 -2.47 38.73 19.16
CA MET B 2671 -1.34 39.53 19.62
C MET B 2671 -0.61 38.77 20.71
N ASP B 2672 0.72 38.72 20.60
CA ASP B 2672 1.51 38.11 21.65
C ASP B 2672 1.46 38.97 22.91
N LYS B 2673 2.15 38.51 23.95
CA LYS B 2673 2.13 39.26 25.21
C LYS B 2673 2.83 40.60 25.11
N TYR B 2674 3.44 40.91 23.96
CA TYR B 2674 4.09 42.20 23.73
C TYR B 2674 3.35 43.04 22.69
N GLY B 2675 2.09 42.71 22.41
CA GLY B 2675 1.25 43.52 21.55
C GLY B 2675 1.69 43.63 20.11
N THR B 2676 2.04 42.50 19.49
CA THR B 2676 2.45 42.49 18.09
C THR B 2676 1.85 41.28 17.38
N GLN B 2677 1.27 41.51 16.21
CA GLN B 2677 0.79 40.45 15.35
C GLN B 2677 1.82 40.20 14.25
N ARG B 2678 2.29 38.96 14.15
CA ARG B 2678 3.36 38.65 13.21
C ARG B 2678 2.92 38.87 11.77
N VAL B 2679 1.71 38.43 11.43
CA VAL B 2679 1.25 38.57 10.04
C VAL B 2679 1.00 40.03 9.69
N ILE B 2680 0.54 40.83 10.66
CA ILE B 2680 0.33 42.26 10.40
C ILE B 2680 1.67 42.95 10.15
N SER B 2681 2.69 42.61 10.94
CA SER B 2681 4.02 43.16 10.69
C SER B 2681 4.57 42.69 9.35
N PHE B 2682 4.28 41.44 8.99
CA PHE B 2682 4.74 40.91 7.71
C PHE B 2682 4.11 41.69 6.55
N ILE B 2683 2.81 41.94 6.64
CA ILE B 2683 2.11 42.69 5.60
C ILE B 2683 2.61 44.13 5.56
N ARG B 2684 2.86 44.73 6.72
CA ARG B 2684 3.41 46.08 6.75
C ARG B 2684 4.77 46.14 6.09
N GLN B 2685 5.61 45.13 6.34
CA GLN B 2685 6.91 45.08 5.69
C GLN B 2685 6.76 44.95 4.19
N MET B 2686 5.84 44.10 3.72
CA MET B 2686 5.70 43.93 2.28
C MET B 2686 5.12 45.18 1.62
N VAL B 2687 4.33 45.95 2.37
CA VAL B 2687 3.68 47.12 1.79
C VAL B 2687 4.63 48.32 1.77
N GLU B 2688 5.24 48.63 2.91
CA GLU B 2688 6.11 49.80 2.98
C GLU B 2688 7.40 49.58 2.20
N HIS B 2689 8.04 48.43 2.40
CA HIS B 2689 9.34 48.14 1.80
C HIS B 2689 9.23 47.40 0.47
N GLY B 2690 8.01 47.11 0.01
CA GLY B 2690 7.84 46.50 -1.29
C GLY B 2690 8.32 45.07 -1.41
N GLY B 2691 8.48 44.37 -0.29
CA GLY B 2691 8.93 43.00 -0.36
C GLY B 2691 9.19 42.44 1.03
N PHE B 2692 9.73 41.24 1.05
CA PHE B 2692 10.02 40.55 2.30
C PHE B 2692 11.31 39.75 2.14
N TYR B 2693 11.64 38.98 3.18
CA TYR B 2693 12.85 38.17 3.21
C TYR B 2693 12.47 36.70 3.06
N ARG B 2694 13.15 36.00 2.15
CA ARG B 2694 12.93 34.56 1.98
C ARG B 2694 13.78 33.82 3.01
N THR B 2695 13.12 33.24 4.02
CA THR B 2695 13.82 32.67 5.16
C THR B 2695 14.61 31.41 4.82
N SER B 2696 14.39 30.80 3.65
CA SER B 2696 15.13 29.60 3.31
C SER B 2696 16.60 29.92 3.02
N ASP B 2697 16.86 31.03 2.35
CA ASP B 2697 18.23 31.42 2.01
C ASP B 2697 18.54 32.86 2.40
N GLN B 2698 17.70 33.49 3.23
CA GLN B 2698 17.94 34.85 3.72
C GLN B 2698 18.10 35.85 2.58
N THR B 2699 17.29 35.69 1.54
CA THR B 2699 17.36 36.53 0.34
C THR B 2699 16.16 37.46 0.30
N TRP B 2700 16.42 38.74 0.10
CA TRP B 2700 15.35 39.72 -0.04
C TRP B 2700 14.57 39.47 -1.32
N VAL B 2701 13.25 39.42 -1.21
CA VAL B 2701 12.36 39.16 -2.34
C VAL B 2701 11.48 40.38 -2.52
N LYS B 2702 11.43 40.91 -3.74
CA LYS B 2702 10.68 42.12 -4.05
C LYS B 2702 9.37 41.74 -4.72
N LEU B 2703 8.28 42.35 -4.25
CA LEU B 2703 6.96 42.07 -4.81
C LEU B 2703 6.73 42.87 -6.09
N GLU B 2704 6.15 42.19 -7.08
CA GLU B 2704 5.75 42.84 -8.32
C GLU B 2704 4.33 42.42 -8.67
N ARG B 2705 3.48 43.41 -8.99
CA ARG B 2705 2.10 43.15 -9.40
C ARG B 2705 1.33 42.37 -8.34
N ILE B 2706 1.56 42.71 -7.07
CA ILE B 2706 0.86 42.09 -5.95
C ILE B 2706 0.23 43.19 -5.11
N GLN B 2707 -1.06 43.05 -4.82
CA GLN B 2707 -1.81 44.07 -4.11
C GLN B 2707 -2.51 43.45 -2.91
N PHE B 2708 -2.81 44.28 -1.91
CA PHE B 2708 -3.43 43.83 -0.67
C PHE B 2708 -4.73 44.56 -0.44
N VAL B 2709 -5.76 43.82 -0.04
CA VAL B 2709 -7.03 44.40 0.40
C VAL B 2709 -7.46 43.67 1.67
N GLY B 2710 -7.82 44.44 2.69
CA GLY B 2710 -8.22 43.85 3.95
C GLY B 2710 -9.66 44.11 4.33
N ALA B 2711 -10.26 43.18 5.06
CA ALA B 2711 -11.58 43.36 5.63
C ALA B 2711 -11.54 42.94 7.09
N CYS B 2712 -12.37 43.58 7.91
CA CYS B 2712 -12.35 43.29 9.33
C CYS B 2712 -13.59 43.86 10.00
N ASN B 2713 -14.00 43.21 11.08
CA ASN B 2713 -15.00 43.75 11.98
C ASN B 2713 -14.38 44.87 12.82
N PRO B 2714 -15.19 45.71 13.44
CA PRO B 2714 -14.65 46.81 14.26
C PRO B 2714 -13.77 46.26 15.37
N PRO B 2715 -12.70 46.98 15.72
CA PRO B 2715 -11.78 46.47 16.76
C PRO B 2715 -12.43 46.31 18.12
N THR B 2716 -13.56 46.99 18.37
CA THR B 2716 -14.26 46.84 19.64
C THR B 2716 -15.01 45.52 19.76
N ASP B 2717 -15.17 44.78 18.67
CA ASP B 2717 -15.87 43.51 18.73
C ASP B 2717 -15.03 42.47 19.46
N PRO B 2718 -15.66 41.49 20.12
CA PRO B 2718 -14.90 40.46 20.82
C PRO B 2718 -14.02 39.67 19.86
N GLY B 2719 -12.80 39.37 20.31
CA GLY B 2719 -11.85 38.64 19.52
C GLY B 2719 -11.07 39.47 18.53
N ARG B 2720 -11.35 40.76 18.42
CA ARG B 2720 -10.67 41.64 17.48
C ARG B 2720 -9.66 42.51 18.20
N LYS B 2721 -8.50 42.71 17.57
CA LYS B 2721 -7.45 43.52 18.14
C LYS B 2721 -7.20 44.76 17.27
N PRO B 2722 -6.96 45.92 17.87
CA PRO B 2722 -6.67 47.11 17.07
C PRO B 2722 -5.39 46.94 16.26
N LEU B 2723 -5.40 47.49 15.06
CA LEU B 2723 -4.25 47.39 14.17
C LEU B 2723 -3.18 48.39 14.57
N SER B 2724 -1.93 48.05 14.25
CA SER B 2724 -0.80 48.92 14.59
C SER B 2724 -0.87 50.22 13.81
N HIS B 2725 -0.52 51.33 14.48
CA HIS B 2725 -0.53 52.62 13.81
C HIS B 2725 0.50 52.68 12.69
N ARG B 2726 1.60 51.92 12.81
CA ARG B 2726 2.56 51.84 11.72
C ARG B 2726 1.97 51.14 10.50
N PHE B 2727 1.09 50.16 10.70
CA PHE B 2727 0.43 49.50 9.58
C PHE B 2727 -0.68 50.35 8.99
N LEU B 2728 -1.39 51.13 9.82
CA LEU B 2728 -2.55 51.86 9.34
C LEU B 2728 -2.21 53.04 8.45
N ARG B 2729 -0.99 53.58 8.54
CA ARG B 2729 -0.65 54.74 7.74
C ARG B 2729 -0.61 54.41 6.26
N HIS B 2730 -0.30 53.16 5.91
CA HIS B 2730 -0.25 52.76 4.51
C HIS B 2730 -1.60 52.36 3.95
N VAL B 2731 -2.59 52.11 4.80
CA VAL B 2731 -3.88 51.60 4.32
C VAL B 2731 -5.00 52.56 4.70
N PRO B 2732 -5.65 53.20 3.73
CA PRO B 2732 -6.89 53.91 4.03
C PRO B 2732 -7.98 52.94 4.45
N VAL B 2733 -8.87 53.41 5.33
CA VAL B 2733 -9.93 52.59 5.90
C VAL B 2733 -11.27 53.19 5.53
N VAL B 2734 -12.16 52.35 5.02
CA VAL B 2734 -13.53 52.74 4.70
C VAL B 2734 -14.47 51.97 5.63
N TYR B 2735 -15.50 52.64 6.12
CA TYR B 2735 -16.46 52.05 7.05
C TYR B 2735 -17.72 51.70 6.30
N VAL B 2736 -18.02 50.42 6.20
CA VAL B 2736 -19.20 49.91 5.52
C VAL B 2736 -20.17 49.44 6.59
N ASP B 2737 -21.12 50.30 6.94
CA ASP B 2737 -22.08 49.99 7.99
C ASP B 2737 -23.26 49.19 7.42
N TYR B 2738 -24.11 48.72 8.33
CA TYR B 2738 -25.31 48.00 7.92
C TYR B 2738 -26.22 48.92 7.12
N PRO B 2739 -26.84 48.43 6.06
CA PRO B 2739 -27.83 49.23 5.34
C PRO B 2739 -28.98 49.61 6.26
N GLY B 2740 -29.49 50.83 6.09
CA GLY B 2740 -30.58 51.30 6.89
C GLY B 2740 -31.89 50.65 6.51
N PRO B 2741 -32.96 50.90 7.29
CA PRO B 2741 -34.26 50.32 6.94
C PRO B 2741 -34.74 50.72 5.56
N ALA B 2742 -34.46 51.95 5.12
CA ALA B 2742 -34.85 52.35 3.77
C ALA B 2742 -34.04 51.62 2.71
N SER B 2743 -32.72 51.50 2.92
CA SER B 2743 -31.89 50.77 1.96
C SER B 2743 -32.26 49.29 1.92
N LEU B 2744 -32.48 48.69 3.09
CA LEU B 2744 -32.92 47.29 3.13
C LEU B 2744 -34.26 47.12 2.42
N THR B 2745 -35.18 48.05 2.66
CA THR B 2745 -36.48 47.99 2.01
C THR B 2745 -36.34 48.08 0.50
N GLN B 2746 -35.50 48.99 0.01
CA GLN B 2746 -35.30 49.10 -1.44
C GLN B 2746 -34.72 47.81 -2.01
N ILE B 2747 -33.63 47.32 -1.43
CA ILE B 2747 -32.95 46.15 -1.98
C ILE B 2747 -33.88 44.95 -1.99
N TYR B 2748 -34.52 44.67 -0.86
CA TYR B 2748 -35.28 43.43 -0.78
C TYR B 2748 -36.68 43.58 -1.35
N GLY B 2749 -37.19 44.79 -1.53
CA GLY B 2749 -38.37 44.98 -2.34
C GLY B 2749 -38.07 44.71 -3.81
N THR B 2750 -36.91 45.14 -4.29
CA THR B 2750 -36.50 44.78 -5.65
C THR B 2750 -36.37 43.27 -5.78
N PHE B 2751 -35.75 42.62 -4.79
CA PHE B 2751 -35.60 41.17 -4.84
C PHE B 2751 -36.96 40.46 -4.82
N ASN B 2752 -37.88 40.92 -3.97
CA ASN B 2752 -39.20 40.31 -3.90
C ASN B 2752 -39.99 40.53 -5.16
N ARG B 2753 -39.90 41.73 -5.76
CA ARG B 2753 -40.57 42.00 -7.02
C ARG B 2753 -40.05 41.08 -8.11
N ALA B 2754 -38.73 40.87 -8.16
CA ALA B 2754 -38.18 39.90 -9.09
C ALA B 2754 -38.64 38.48 -8.73
N MET B 2755 -38.71 38.18 -7.43
CA MET B 2755 -39.07 36.84 -6.98
C MET B 2755 -40.54 36.54 -7.25
N LEU B 2756 -41.43 37.47 -6.91
CA LEU B 2756 -42.85 37.21 -6.94
C LEU B 2756 -43.45 37.20 -8.34
N ARG B 2757 -42.65 37.49 -9.37
CA ARG B 2757 -43.13 37.36 -10.75
C ARG B 2757 -43.35 35.92 -11.15
N LEU B 2758 -42.88 34.95 -10.36
CA LEU B 2758 -43.17 33.54 -10.63
C LEU B 2758 -44.67 33.27 -10.56
N ILE B 2759 -45.33 33.81 -9.55
CA ILE B 2759 -46.77 33.63 -9.38
C ILE B 2759 -47.46 34.97 -9.61
N PRO B 2760 -48.13 35.17 -10.75
CA PRO B 2760 -48.74 36.47 -11.04
C PRO B 2760 -49.77 36.90 -10.00
N SER B 2761 -50.51 35.97 -9.42
CA SER B 2761 -51.55 36.32 -8.46
C SER B 2761 -50.98 36.90 -7.16
N LEU B 2762 -49.69 36.67 -6.90
CA LEU B 2762 -49.07 37.13 -5.66
C LEU B 2762 -48.28 38.42 -5.84
N ARG B 2763 -48.30 39.04 -7.02
CA ARG B 2763 -47.46 40.20 -7.27
C ARG B 2763 -47.84 41.38 -6.39
N THR B 2764 -49.11 41.47 -5.98
CA THR B 2764 -49.56 42.61 -5.19
C THR B 2764 -49.09 42.54 -3.74
N TYR B 2765 -48.48 41.43 -3.32
CA TYR B 2765 -48.05 41.24 -1.94
C TYR B 2765 -46.56 41.49 -1.75
N ALA B 2766 -45.87 42.05 -2.75
CA ALA B 2766 -44.43 42.25 -2.64
C ALA B 2766 -44.08 43.25 -1.53
N GLU B 2767 -44.75 44.41 -1.54
CA GLU B 2767 -44.44 45.43 -0.56
C GLU B 2767 -44.73 45.01 0.87
N PRO B 2768 -45.91 44.47 1.20
CA PRO B 2768 -46.12 44.00 2.58
C PRO B 2768 -45.18 42.88 2.99
N LEU B 2769 -44.83 41.98 2.05
CA LEU B 2769 -43.89 40.92 2.38
C LEU B 2769 -42.52 41.50 2.73
N THR B 2770 -42.05 42.45 1.92
CA THR B 2770 -40.76 43.08 2.20
C THR B 2770 -40.80 43.84 3.53
N ALA B 2771 -41.91 44.54 3.79
CA ALA B 2771 -42.02 45.27 5.06
C ALA B 2771 -41.99 44.33 6.24
N ALA B 2772 -42.70 43.21 6.16
CA ALA B 2772 -42.68 42.23 7.24
C ALA B 2772 -41.30 41.64 7.45
N MET B 2773 -40.62 41.30 6.35
CA MET B 2773 -39.26 40.78 6.44
C MET B 2773 -38.34 41.78 7.14
N VAL B 2774 -38.39 43.04 6.73
CA VAL B 2774 -37.52 44.05 7.31
C VAL B 2774 -37.84 44.27 8.78
N GLU B 2775 -39.13 44.32 9.12
CA GLU B 2775 -39.52 44.55 10.51
C GLU B 2775 -39.06 43.41 11.41
N PHE B 2776 -39.28 42.16 10.97
CA PHE B 2776 -38.86 41.03 11.79
C PHE B 2776 -37.35 40.98 11.91
N TYR B 2777 -36.63 41.25 10.82
CA TYR B 2777 -35.16 41.27 10.90
C TYR B 2777 -34.68 42.32 11.86
N THR B 2778 -35.28 43.51 11.83
CA THR B 2778 -34.86 44.59 12.72
C THR B 2778 -35.09 44.21 14.18
N MET B 2779 -36.27 43.67 14.49
CA MET B 2779 -36.54 43.31 15.88
C MET B 2779 -35.65 42.15 16.33
N SER B 2780 -35.37 41.18 15.45
CA SER B 2780 -34.48 40.09 15.82
C SER B 2780 -33.07 40.60 16.06
N GLN B 2781 -32.60 41.54 15.25
CA GLN B 2781 -31.28 42.12 15.44
C GLN B 2781 -31.21 42.88 16.76
N GLU B 2782 -32.26 43.62 17.10
CA GLU B 2782 -32.25 44.38 18.34
C GLU B 2782 -32.34 43.47 19.56
N ARG B 2783 -33.18 42.43 19.48
CA ARG B 2783 -33.45 41.60 20.66
C ARG B 2783 -32.26 40.72 21.01
N PHE B 2784 -31.65 40.08 20.02
CA PHE B 2784 -30.55 39.15 20.23
C PHE B 2784 -29.25 39.81 19.79
N THR B 2785 -28.32 39.97 20.73
CA THR B 2785 -27.04 40.60 20.46
C THR B 2785 -25.92 39.68 20.92
N GLN B 2786 -24.68 40.06 20.61
CA GLN B 2786 -23.52 39.28 21.01
C GLN B 2786 -23.28 39.30 22.51
N ASP B 2787 -23.97 40.18 23.24
CA ASP B 2787 -23.85 40.18 24.70
C ASP B 2787 -24.33 38.87 25.30
N THR B 2788 -25.44 38.34 24.78
CA THR B 2788 -26.00 37.10 25.32
C THR B 2788 -25.20 35.89 24.85
N GLN B 2789 -25.12 35.68 23.54
CA GLN B 2789 -24.39 34.56 22.97
C GLN B 2789 -23.49 35.04 21.84
N PRO B 2790 -22.33 34.40 21.66
CA PRO B 2790 -21.42 34.83 20.59
C PRO B 2790 -21.99 34.69 19.20
N HIS B 2791 -22.86 33.71 18.95
CA HIS B 2791 -23.37 33.43 17.61
C HIS B 2791 -24.62 34.24 17.27
N TYR B 2792 -25.06 35.12 18.17
CA TYR B 2792 -26.24 35.94 17.93
C TYR B 2792 -25.89 37.14 17.04
N ILE B 2793 -25.47 36.83 15.82
CA ILE B 2793 -25.11 37.84 14.83
C ILE B 2793 -26.15 37.78 13.72
N TYR B 2794 -26.81 38.91 13.48
CA TYR B 2794 -27.81 39.03 12.43
C TYR B 2794 -27.40 40.12 11.47
N SER B 2795 -27.56 39.86 10.18
CA SER B 2795 -27.05 40.75 9.14
C SER B 2795 -27.95 40.67 7.91
N PRO B 2796 -27.69 41.49 6.87
CA PRO B 2796 -28.42 41.30 5.60
C PRO B 2796 -28.17 39.93 4.96
N ARG B 2797 -27.17 39.17 5.42
CA ARG B 2797 -26.98 37.83 4.90
C ARG B 2797 -28.18 36.94 5.21
N GLU B 2798 -28.74 37.05 6.41
CA GLU B 2798 -29.96 36.32 6.73
C GLU B 2798 -31.13 36.76 5.88
N MET B 2799 -31.23 38.06 5.56
CA MET B 2799 -32.27 38.52 4.66
C MET B 2799 -32.12 37.93 3.26
N THR B 2800 -30.87 37.87 2.76
CA THR B 2800 -30.62 37.26 1.46
C THR B 2800 -30.97 35.78 1.48
N ARG B 2801 -30.62 35.07 2.57
CA ARG B 2801 -31.00 33.67 2.69
C ARG B 2801 -32.50 33.50 2.77
N TRP B 2802 -33.19 34.44 3.41
CA TRP B 2802 -34.65 34.44 3.44
C TRP B 2802 -35.23 34.52 2.04
N VAL B 2803 -34.75 35.51 1.26
CA VAL B 2803 -35.25 35.68 -0.10
C VAL B 2803 -34.95 34.45 -0.94
N ARG B 2804 -33.73 33.92 -0.81
CA ARG B 2804 -33.36 32.73 -1.58
C ARG B 2804 -34.22 31.53 -1.20
N GLY B 2805 -34.49 31.34 0.09
CA GLY B 2805 -35.32 30.22 0.51
C GLY B 2805 -36.73 30.33 -0.01
N ILE B 2806 -37.33 31.52 0.07
CA ILE B 2806 -38.68 31.70 -0.47
C ILE B 2806 -38.68 31.47 -1.98
N PHE B 2807 -37.64 31.94 -2.67
CA PHE B 2807 -37.58 31.77 -4.11
C PHE B 2807 -37.47 30.29 -4.49
N GLU B 2808 -36.62 29.54 -3.80
CA GLU B 2808 -36.50 28.11 -4.08
C GLU B 2808 -37.78 27.36 -3.73
N ALA B 2809 -38.49 27.82 -2.70
CA ALA B 2809 -39.78 27.20 -2.37
C ALA B 2809 -40.88 27.55 -3.38
N LEU B 2810 -40.77 28.68 -4.07
CA LEU B 2810 -41.78 29.10 -5.03
C LEU B 2810 -41.48 28.70 -6.46
N ARG B 2811 -40.28 28.19 -6.75
CA ARG B 2811 -39.93 27.89 -8.14
C ARG B 2811 -40.82 26.83 -8.77
N PRO B 2812 -41.01 25.64 -8.19
CA PRO B 2812 -41.80 24.61 -8.89
C PRO B 2812 -43.30 24.79 -8.78
N LEU B 2813 -43.79 25.75 -8.00
CA LEU B 2813 -45.21 25.91 -7.79
C LEU B 2813 -45.82 26.74 -8.91
N GLU B 2814 -46.77 26.17 -9.64
CA GLU B 2814 -47.46 26.91 -10.68
C GLU B 2814 -48.33 28.01 -10.08
N THR B 2815 -49.03 27.72 -8.99
CA THR B 2815 -49.87 28.70 -8.31
C THR B 2815 -49.82 28.45 -6.82
N LEU B 2816 -50.16 29.49 -6.05
CA LEU B 2816 -50.12 29.40 -4.60
C LEU B 2816 -50.93 30.54 -3.99
N PRO B 2817 -51.81 30.25 -3.04
CA PRO B 2817 -52.56 31.32 -2.37
C PRO B 2817 -51.65 32.13 -1.46
N VAL B 2818 -52.22 33.23 -0.93
CA VAL B 2818 -51.46 34.10 -0.07
C VAL B 2818 -51.07 33.38 1.23
N GLU B 2819 -51.94 32.51 1.72
CA GLU B 2819 -51.64 31.78 2.95
C GLU B 2819 -50.42 30.88 2.79
N GLY B 2820 -50.28 30.26 1.63
CA GLY B 2820 -49.09 29.45 1.37
C GLY B 2820 -47.82 30.28 1.37
N LEU B 2821 -47.88 31.47 0.76
CA LEU B 2821 -46.72 32.36 0.78
C LEU B 2821 -46.37 32.79 2.19
N ILE B 2822 -47.38 33.08 3.02
CA ILE B 2822 -47.13 33.48 4.40
C ILE B 2822 -46.54 32.31 5.19
N ARG B 2823 -47.01 31.08 4.91
CA ARG B 2823 -46.46 29.92 5.59
C ARG B 2823 -45.01 29.69 5.21
N ILE B 2824 -44.66 29.88 3.93
CA ILE B 2824 -43.26 29.77 3.50
C ILE B 2824 -42.42 30.84 4.18
N TRP B 2825 -42.95 32.07 4.24
CA TRP B 2825 -42.24 33.16 4.89
C TRP B 2825 -41.97 32.84 6.36
N ALA B 2826 -42.98 32.33 7.07
CA ALA B 2826 -42.80 31.99 8.48
C ALA B 2826 -41.83 30.82 8.64
N HIS B 2827 -41.89 29.83 7.75
CA HIS B 2827 -40.98 28.71 7.83
C HIS B 2827 -39.54 29.17 7.66
N GLU B 2828 -39.28 30.03 6.68
CA GLU B 2828 -37.91 30.52 6.48
C GLU B 2828 -37.47 31.39 7.65
N ALA B 2829 -38.39 32.19 8.21
CA ALA B 2829 -38.06 32.98 9.39
C ALA B 2829 -37.66 32.08 10.55
N LEU B 2830 -38.40 30.98 10.76
CA LEU B 2830 -38.04 30.05 11.82
C LEU B 2830 -36.70 29.39 11.55
N ARG B 2831 -36.44 29.01 10.30
CA ARG B 2831 -35.20 28.31 10.01
C ARG B 2831 -33.98 29.23 10.10
N LEU B 2832 -34.17 30.53 9.92
CA LEU B 2832 -33.03 31.44 9.99
C LEU B 2832 -32.83 32.07 11.37
N PHE B 2833 -33.91 32.39 12.07
CA PHE B 2833 -33.81 33.17 13.30
C PHE B 2833 -34.02 32.36 14.57
N GLN B 2834 -34.48 31.11 14.48
CA GLN B 2834 -34.76 30.31 15.66
C GLN B 2834 -33.85 29.11 15.82
N ASP B 2835 -33.20 28.64 14.76
CA ASP B 2835 -32.34 27.46 14.87
C ASP B 2835 -31.16 27.69 15.78
N ARG B 2836 -30.58 28.89 15.74
CA ARG B 2836 -29.38 29.20 16.52
C ARG B 2836 -29.68 29.61 17.96
N LEU B 2837 -30.95 29.82 18.31
CA LEU B 2837 -31.29 30.25 19.66
C LEU B 2837 -31.02 29.15 20.67
N VAL B 2838 -30.58 29.54 21.86
CA VAL B 2838 -30.21 28.62 22.92
C VAL B 2838 -31.37 28.33 23.85
N GLU B 2839 -31.90 29.36 24.51
CA GLU B 2839 -32.94 29.19 25.50
C GLU B 2839 -34.30 29.04 24.84
N ASP B 2840 -35.24 28.43 25.59
CA ASP B 2840 -36.58 28.20 25.07
C ASP B 2840 -37.41 29.48 25.02
N GLU B 2841 -37.15 30.41 25.94
CA GLU B 2841 -37.88 31.68 25.94
C GLU B 2841 -37.61 32.47 24.67
N GLU B 2842 -36.38 32.43 24.16
CA GLU B 2842 -36.05 33.12 22.92
C GLU B 2842 -36.83 32.53 21.74
N ARG B 2843 -36.94 31.20 21.69
CA ARG B 2843 -37.70 30.56 20.63
C ARG B 2843 -39.19 30.90 20.73
N ARG B 2844 -39.73 30.93 21.95
CA ARG B 2844 -41.12 31.34 22.12
C ARG B 2844 -41.33 32.77 21.67
N TRP B 2845 -40.39 33.66 22.00
CA TRP B 2845 -40.45 35.04 21.53
C TRP B 2845 -40.45 35.11 20.01
N THR B 2846 -39.58 34.32 19.37
CA THR B 2846 -39.51 34.32 17.91
C THR B 2846 -40.83 33.85 17.30
N ASP B 2847 -41.42 32.79 17.87
CA ASP B 2847 -42.70 32.30 17.37
C ASP B 2847 -43.78 33.37 17.48
N GLU B 2848 -43.93 33.95 18.68
CA GLU B 2848 -44.99 34.92 18.90
C GLU B 2848 -44.81 36.14 18.01
N ASN B 2849 -43.57 36.61 17.86
CA ASN B 2849 -43.34 37.81 17.05
C ASN B 2849 -43.47 37.54 15.57
N ILE B 2850 -43.15 36.33 15.10
CA ILE B 2850 -43.45 35.97 13.72
C ILE B 2850 -44.95 36.04 13.48
N ASP B 2851 -45.73 35.49 14.42
CA ASP B 2851 -47.19 35.53 14.28
C ASP B 2851 -47.69 36.97 14.25
N THR B 2852 -47.19 37.80 15.17
CA THR B 2852 -47.65 39.19 15.24
C THR B 2852 -47.27 39.98 13.99
N VAL B 2853 -46.06 39.77 13.49
CA VAL B 2853 -45.63 40.49 12.28
C VAL B 2853 -46.49 40.09 11.10
N ALA B 2854 -46.75 38.79 10.94
CA ALA B 2854 -47.57 38.34 9.83
C ALA B 2854 -48.99 38.89 9.94
N LEU B 2855 -49.55 38.92 11.15
CA LEU B 2855 -50.87 39.50 11.32
C LEU B 2855 -50.87 40.99 10.99
N LYS B 2856 -49.84 41.70 11.42
CA LYS B 2856 -49.80 43.16 11.24
C LYS B 2856 -49.66 43.52 9.76
N HIS B 2857 -48.74 42.87 9.05
CA HIS B 2857 -48.48 43.24 7.67
C HIS B 2857 -49.34 42.48 6.66
N PHE B 2858 -50.03 41.43 7.09
CA PHE B 2858 -50.91 40.65 6.22
C PHE B 2858 -52.24 40.42 6.92
N PRO B 2859 -53.06 41.45 7.05
CA PRO B 2859 -54.38 41.28 7.67
C PRO B 2859 -55.34 40.59 6.71
N ASN B 2860 -56.48 40.18 7.27
CA ASN B 2860 -57.56 39.55 6.50
C ASN B 2860 -57.07 38.29 5.79
N ILE B 2861 -56.33 37.45 6.50
CA ILE B 2861 -55.89 36.16 5.99
C ILE B 2861 -56.23 35.09 7.02
N ASP B 2862 -56.26 33.84 6.56
CA ASP B 2862 -56.57 32.71 7.43
C ASP B 2862 -55.40 32.48 8.37
N ARG B 2863 -55.58 32.87 9.63
CA ARG B 2863 -54.52 32.71 10.62
C ARG B 2863 -54.18 31.24 10.86
N GLU B 2864 -55.21 30.41 11.02
CA GLU B 2864 -54.97 29.00 11.34
C GLU B 2864 -54.39 28.25 10.14
N LYS B 2865 -54.82 28.59 8.93
CA LYS B 2865 -54.34 27.89 7.75
C LYS B 2865 -52.87 28.18 7.47
N ALA B 2866 -52.40 29.37 7.85
CA ALA B 2866 -51.02 29.76 7.57
C ALA B 2866 -50.06 29.47 8.71
N MET B 2867 -50.51 29.53 9.96
CA MET B 2867 -49.65 29.34 11.12
C MET B 2867 -50.12 28.20 11.99
N SER B 2868 -50.40 27.05 11.39
CA SER B 2868 -50.42 25.82 12.16
C SER B 2868 -49.03 25.57 12.71
N ARG B 2869 -48.91 25.49 14.04
CA ARG B 2869 -47.61 25.58 14.67
C ARG B 2869 -46.57 24.57 14.17
N PRO B 2870 -46.89 23.29 13.93
CA PRO B 2870 -45.87 22.41 13.34
C PRO B 2870 -45.59 22.76 11.89
N ILE B 2871 -44.84 23.84 11.67
CA ILE B 2871 -44.51 24.31 10.33
C ILE B 2871 -43.37 23.44 9.81
N LEU B 2872 -43.70 22.44 9.00
CA LEU B 2872 -42.72 21.53 8.43
C LEU B 2872 -42.77 21.57 6.91
N TYR B 2873 -41.60 21.64 6.29
CA TYR B 2873 -41.47 21.63 4.84
C TYR B 2873 -40.44 20.58 4.45
N SER B 2874 -40.77 19.78 3.44
CA SER B 2874 -39.86 18.73 3.02
C SER B 2874 -40.19 18.31 1.59
N ASN B 2875 -39.16 17.87 0.88
CA ASN B 2875 -39.32 17.25 -0.44
C ASN B 2875 -39.15 15.74 -0.38
N TRP B 2876 -39.29 15.16 0.81
CA TRP B 2876 -39.18 13.71 0.94
C TRP B 2876 -40.43 12.99 0.47
N LEU B 2877 -41.60 13.59 0.65
CA LEU B 2877 -42.87 12.97 0.26
C LEU B 2877 -43.41 13.50 -1.06
N SER B 2878 -42.65 14.33 -1.76
CA SER B 2878 -43.09 14.87 -3.05
C SER B 2878 -41.86 15.31 -3.83
N LYS B 2879 -42.06 15.53 -5.13
CA LYS B 2879 -40.97 15.99 -5.98
C LYS B 2879 -40.54 17.42 -5.65
N ASP B 2880 -41.41 18.19 -5.02
CA ASP B 2880 -41.15 19.61 -4.75
C ASP B 2880 -41.06 19.85 -3.24
N TYR B 2881 -40.70 21.08 -2.89
CA TYR B 2881 -40.58 21.51 -1.50
C TYR B 2881 -41.93 22.05 -1.07
N ILE B 2882 -42.73 21.19 -0.44
CA ILE B 2882 -44.10 21.55 -0.04
C ILE B 2882 -44.26 21.21 1.44
N PRO B 2883 -45.24 21.83 2.10
CA PRO B 2883 -45.49 21.49 3.51
C PRO B 2883 -45.86 20.02 3.68
N VAL B 2884 -45.42 19.44 4.78
CA VAL B 2884 -45.59 18.02 5.07
C VAL B 2884 -46.24 17.87 6.44
N ASP B 2885 -47.17 16.94 6.56
CA ASP B 2885 -47.80 16.64 7.84
C ASP B 2885 -46.83 15.88 8.74
N GLN B 2886 -46.98 16.10 10.05
CA GLN B 2886 -46.05 15.48 11.01
C GLN B 2886 -46.20 13.96 11.05
N GLU B 2887 -47.44 13.46 11.01
CA GLU B 2887 -47.64 12.01 11.11
C GLU B 2887 -47.14 11.29 9.87
N GLU B 2888 -47.44 11.84 8.69
CA GLU B 2888 -46.95 11.25 7.45
C GLU B 2888 -45.42 11.24 7.42
N LEU B 2889 -44.82 12.35 7.84
CA LEU B 2889 -43.36 12.41 7.90
C LEU B 2889 -42.80 11.40 8.88
N ARG B 2890 -43.46 11.23 10.03
CA ARG B 2890 -43.00 10.25 11.01
C ARG B 2890 -43.04 8.83 10.45
N ASP B 2891 -44.13 8.48 9.77
CA ASP B 2891 -44.23 7.16 9.18
C ASP B 2891 -43.17 6.95 8.10
N TYR B 2892 -42.97 7.96 7.25
CA TYR B 2892 -41.96 7.85 6.20
C TYR B 2892 -40.56 7.70 6.78
N VAL B 2893 -40.26 8.47 7.83
CA VAL B 2893 -38.95 8.39 8.46
C VAL B 2893 -38.77 7.03 9.15
N LYS B 2894 -39.84 6.47 9.71
CA LYS B 2894 -39.74 5.13 10.29
C LYS B 2894 -39.40 4.09 9.21
N ALA B 2895 -40.07 4.16 8.07
CA ALA B 2895 -39.75 3.23 6.98
C ALA B 2895 -38.33 3.44 6.46
N ARG B 2896 -37.93 4.70 6.30
CA ARG B 2896 -36.58 4.99 5.84
C ARG B 2896 -35.53 4.53 6.84
N LEU B 2897 -35.84 4.60 8.13
CA LEU B 2897 -34.93 4.07 9.14
C LEU B 2897 -34.85 2.56 9.08
N LYS B 2898 -35.98 1.90 8.78
CA LYS B 2898 -35.96 0.45 8.59
C LYS B 2898 -35.03 0.08 7.44
N VAL B 2899 -35.05 0.85 6.35
CA VAL B 2899 -34.10 0.61 5.26
C VAL B 2899 -32.68 0.98 5.70
N PHE B 2900 -32.55 2.05 6.48
CA PHE B 2900 -31.25 2.55 6.89
C PHE B 2900 -30.50 1.53 7.74
N TYR B 2901 -31.22 0.83 8.62
CA TYR B 2901 -30.58 -0.18 9.46
C TYR B 2901 -29.93 -1.28 8.63
N GLU B 2902 -30.65 -1.78 7.62
CA GLU B 2902 -30.09 -2.86 6.81
C GLU B 2902 -29.06 -2.36 5.82
N GLU B 2903 -29.09 -1.07 5.47
CA GLU B 2903 -28.12 -0.59 4.50
C GLU B 2903 -26.86 0.00 5.14
N GLU B 2904 -27.02 0.91 6.10
CA GLU B 2904 -25.89 1.69 6.58
C GLU B 2904 -25.52 1.44 8.04
N LEU B 2905 -26.49 1.50 8.95
CA LEU B 2905 -26.16 1.43 10.38
C LEU B 2905 -27.36 0.86 11.12
N ASP B 2906 -27.20 -0.32 11.72
CA ASP B 2906 -28.28 -0.98 12.43
C ASP B 2906 -28.22 -0.65 13.93
N VAL B 2907 -28.46 0.62 14.23
CA VAL B 2907 -28.64 1.11 15.59
C VAL B 2907 -30.05 1.69 15.69
N PRO B 2908 -30.98 1.02 16.37
CA PRO B 2908 -32.37 1.50 16.40
C PRO B 2908 -32.47 2.89 17.01
N LEU B 2909 -33.36 3.71 16.45
CA LEU B 2909 -33.56 5.07 16.89
C LEU B 2909 -35.03 5.28 17.23
N VAL B 2910 -35.27 5.98 18.34
CA VAL B 2910 -36.63 6.33 18.76
C VAL B 2910 -36.97 7.69 18.16
N LEU B 2911 -38.12 7.78 17.50
CA LEU B 2911 -38.51 8.97 16.78
C LEU B 2911 -39.40 9.86 17.65
N PHE B 2912 -39.01 11.12 17.78
CA PHE B 2912 -39.86 12.15 18.36
C PHE B 2912 -39.81 13.39 17.48
N ASN B 2913 -40.63 14.38 17.84
CA ASN B 2913 -40.83 15.54 16.98
C ASN B 2913 -39.53 16.29 16.72
N GLU B 2914 -38.69 16.42 17.75
CA GLU B 2914 -37.41 17.11 17.57
C GLU B 2914 -36.52 16.39 16.57
N VAL B 2915 -36.57 15.06 16.53
CA VAL B 2915 -35.79 14.31 15.54
C VAL B 2915 -36.25 14.67 14.14
N LEU B 2916 -37.57 14.72 13.92
CA LEU B 2916 -38.09 15.07 12.61
C LEU B 2916 -37.67 16.48 12.21
N ASP B 2917 -37.79 17.43 13.15
CA ASP B 2917 -37.38 18.80 12.85
C ASP B 2917 -35.89 18.87 12.52
N HIS B 2918 -35.06 18.16 13.28
CA HIS B 2918 -33.62 18.22 13.07
C HIS B 2918 -33.22 17.57 11.74
N VAL B 2919 -33.83 16.45 11.38
CA VAL B 2919 -33.48 15.83 10.11
C VAL B 2919 -33.95 16.69 8.95
N LEU B 2920 -35.09 17.38 9.10
CA LEU B 2920 -35.51 18.32 8.09
C LEU B 2920 -34.51 19.47 7.95
N ARG B 2921 -34.03 20.00 9.08
CA ARG B 2921 -33.06 21.09 9.04
C ARG B 2921 -31.77 20.65 8.36
N ILE B 2922 -31.29 19.44 8.68
CA ILE B 2922 -30.07 18.94 8.07
C ILE B 2922 -30.27 18.71 6.57
N ASP B 2923 -31.42 18.16 6.18
CA ASP B 2923 -31.71 17.94 4.77
C ASP B 2923 -31.78 19.26 4.00
N ARG B 2924 -32.23 20.33 4.67
CA ARG B 2924 -32.22 21.64 4.02
C ARG B 2924 -30.82 22.06 3.64
N ILE B 2925 -29.86 21.88 4.55
CA ILE B 2925 -28.49 22.33 4.30
C ILE B 2925 -27.79 21.42 3.29
N PHE B 2926 -28.03 20.11 3.38
CA PHE B 2926 -27.33 19.18 2.49
C PHE B 2926 -27.69 19.35 1.02
N ARG B 2927 -28.77 20.06 0.71
CA ARG B 2927 -29.15 20.31 -0.68
C ARG B 2927 -28.64 21.63 -1.22
N GLN B 2928 -27.83 22.37 -0.45
CA GLN B 2928 -27.34 23.65 -0.91
C GLN B 2928 -25.88 23.55 -1.33
N PRO B 2929 -25.46 24.34 -2.32
CA PRO B 2929 -24.04 24.37 -2.68
C PRO B 2929 -23.21 25.01 -1.57
N GLN B 2930 -22.10 24.37 -1.24
CA GLN B 2930 -21.23 24.80 -0.15
C GLN B 2930 -22.02 24.93 1.15
N GLY B 2931 -22.91 23.99 1.39
CA GLY B 2931 -23.73 23.99 2.58
C GLY B 2931 -23.11 23.23 3.73
N HIS B 2932 -22.51 23.96 4.67
CA HIS B 2932 -21.85 23.37 5.82
C HIS B 2932 -22.71 23.54 7.07
N LEU B 2933 -22.55 22.62 8.00
CA LEU B 2933 -23.39 22.57 9.20
C LEU B 2933 -22.54 22.68 10.45
N LEU B 2934 -23.15 23.24 11.49
CA LEU B 2934 -22.53 23.33 12.82
C LEU B 2934 -23.56 22.89 13.84
N LEU B 2935 -23.48 21.63 14.27
CA LEU B 2935 -24.42 21.07 15.23
C LEU B 2935 -23.86 21.22 16.63
N ILE B 2936 -24.62 21.86 17.51
CA ILE B 2936 -24.21 22.12 18.88
C ILE B 2936 -25.20 21.42 19.81
N GLY B 2937 -24.70 20.56 20.68
CA GLY B 2937 -25.55 19.85 21.61
C GLY B 2937 -24.73 18.90 22.45
N VAL B 2938 -25.39 18.32 23.45
CA VAL B 2938 -24.74 17.38 24.34
C VAL B 2938 -24.39 16.11 23.59
N SER B 2939 -23.27 15.49 23.98
CA SER B 2939 -22.86 14.25 23.36
C SER B 2939 -23.89 13.15 23.61
N GLY B 2940 -24.06 12.28 22.62
CA GLY B 2940 -25.05 11.23 22.70
C GLY B 2940 -26.47 11.66 22.39
N ALA B 2941 -26.65 12.87 21.87
CA ALA B 2941 -27.98 13.37 21.51
C ALA B 2941 -28.39 12.96 20.11
N GLY B 2942 -27.56 12.25 19.38
CA GLY B 2942 -27.90 11.80 18.04
C GLY B 2942 -27.48 12.71 16.91
N LYS B 2943 -26.58 13.68 17.18
CA LYS B 2943 -26.16 14.60 16.12
C LYS B 2943 -25.49 13.86 14.98
N THR B 2944 -24.49 13.04 15.30
CA THR B 2944 -23.79 12.30 14.25
C THR B 2944 -24.70 11.28 13.59
N THR B 2945 -25.53 10.59 14.37
CA THR B 2945 -26.43 9.59 13.79
C THR B 2945 -27.42 10.23 12.83
N LEU B 2946 -28.02 11.35 13.23
CA LEU B 2946 -28.94 12.05 12.34
C LEU B 2946 -28.22 12.56 11.11
N SER B 2947 -26.99 13.06 11.27
CA SER B 2947 -26.23 13.54 10.11
C SER B 2947 -25.98 12.41 9.11
N ARG B 2948 -25.56 11.24 9.61
CA ARG B 2948 -25.35 10.10 8.71
C ARG B 2948 -26.65 9.65 8.06
N PHE B 2949 -27.75 9.65 8.82
CA PHE B 2949 -29.03 9.23 8.25
C PHE B 2949 -29.45 10.17 7.12
N VAL B 2950 -29.32 11.47 7.33
CA VAL B 2950 -29.72 12.43 6.30
C VAL B 2950 -28.77 12.36 5.11
N ALA B 2951 -27.47 12.16 5.37
CA ALA B 2951 -26.52 12.04 4.26
C ALA B 2951 -26.81 10.81 3.42
N TRP B 2952 -27.15 9.69 4.06
CA TRP B 2952 -27.57 8.50 3.32
C TRP B 2952 -28.84 8.76 2.54
N MET B 2953 -29.77 9.50 3.13
CA MET B 2953 -31.00 9.85 2.42
C MET B 2953 -30.72 10.71 1.20
N ASN B 2954 -29.78 11.65 1.30
CA ASN B 2954 -29.46 12.56 0.22
C ASN B 2954 -28.41 12.02 -0.73
N GLY B 2955 -27.90 10.81 -0.50
CA GLY B 2955 -26.90 10.22 -1.36
C GLY B 2955 -25.48 10.63 -1.08
N LEU B 2956 -25.25 11.47 -0.08
CA LEU B 2956 -23.89 11.86 0.27
C LEU B 2956 -23.14 10.69 0.89
N SER B 2957 -21.83 10.66 0.66
CA SER B 2957 -20.96 9.64 1.23
C SER B 2957 -20.35 10.19 2.51
N VAL B 2958 -20.59 9.50 3.62
CA VAL B 2958 -20.13 9.97 4.93
C VAL B 2958 -18.65 9.66 5.08
N TYR B 2959 -17.87 10.69 5.44
CA TYR B 2959 -16.46 10.53 5.73
C TYR B 2959 -16.18 11.00 7.15
N GLN B 2960 -15.58 10.13 7.96
CA GLN B 2960 -15.17 10.47 9.31
C GLN B 2960 -13.71 10.12 9.48
N ILE B 2961 -12.91 11.07 9.95
CA ILE B 2961 -11.49 10.83 10.15
C ILE B 2961 -11.27 10.01 11.41
N LYS B 2962 -10.42 8.99 11.32
CA LYS B 2962 -10.14 8.10 12.44
C LYS B 2962 -8.91 8.62 13.18
N VAL B 2963 -9.16 9.28 14.31
CA VAL B 2963 -8.06 9.78 15.13
C VAL B 2963 -7.62 8.71 16.13
N HIS B 2964 -6.40 8.88 16.63
CA HIS B 2964 -5.85 7.99 17.64
C HIS B 2964 -4.76 8.75 18.38
N ARG B 2965 -4.00 8.04 19.22
CA ARG B 2965 -2.96 8.70 20.01
C ARG B 2965 -1.84 9.22 19.14
N LYS B 2966 -1.55 8.55 18.02
CA LYS B 2966 -0.48 8.95 17.12
C LYS B 2966 -0.96 9.85 15.99
N TYR B 2967 -2.24 10.24 16.00
CA TYR B 2967 -2.78 11.07 14.92
C TYR B 2967 -2.20 12.48 15.02
N THR B 2968 -1.51 12.90 13.96
CA THR B 2968 -0.83 14.19 13.93
C THR B 2968 -1.27 14.97 12.69
N GLY B 2969 -0.58 16.09 12.43
CA GLY B 2969 -0.99 16.98 11.36
C GLY B 2969 -0.91 16.36 9.97
N GLU B 2970 0.11 15.54 9.73
CA GLU B 2970 0.26 14.95 8.39
C GLU B 2970 -0.88 13.99 8.10
N ASP B 2971 -1.37 13.26 9.10
CA ASP B 2971 -2.50 12.38 8.89
C ASP B 2971 -3.76 13.15 8.54
N PHE B 2972 -4.00 14.28 9.22
CA PHE B 2972 -5.14 15.11 8.88
C PHE B 2972 -4.99 15.69 7.48
N ASP B 2973 -3.78 16.08 7.09
CA ASP B 2973 -3.56 16.56 5.73
C ASP B 2973 -3.85 15.48 4.71
N GLU B 2974 -3.43 14.24 4.99
CA GLU B 2974 -3.71 13.14 4.08
C GLU B 2974 -5.21 12.88 3.97
N ASP B 2975 -5.91 12.92 5.10
CA ASP B 2975 -7.36 12.73 5.07
C ASP B 2975 -8.05 13.84 4.29
N LEU B 2976 -7.61 15.08 4.48
CA LEU B 2976 -8.18 16.20 3.72
C LEU B 2976 -7.90 16.04 2.23
N ARG B 2977 -6.70 15.59 1.88
CA ARG B 2977 -6.38 15.34 0.48
C ARG B 2977 -7.28 14.27 -0.11
N THR B 2978 -7.51 13.19 0.64
CA THR B 2978 -8.40 12.13 0.17
C THR B 2978 -9.80 12.66 -0.06
N VAL B 2979 -10.33 13.42 0.91
CA VAL B 2979 -11.68 13.95 0.78
C VAL B 2979 -11.79 14.89 -0.41
N LEU B 2980 -10.82 15.79 -0.56
CA LEU B 2980 -10.86 16.75 -1.65
C LEU B 2980 -10.72 16.06 -3.01
N ARG B 2981 -9.85 15.05 -3.10
CA ARG B 2981 -9.73 14.29 -4.34
C ARG B 2981 -11.04 13.62 -4.69
N ARG B 2982 -11.67 12.95 -3.72
CA ARG B 2982 -12.92 12.26 -3.99
C ARG B 2982 -14.03 13.23 -4.39
N SER B 2983 -14.10 14.38 -3.73
CA SER B 2983 -15.21 15.30 -3.96
C SER B 2983 -14.96 16.30 -5.09
N GLY B 2984 -13.74 16.38 -5.62
CA GLY B 2984 -13.48 17.32 -6.69
C GLY B 2984 -13.07 16.69 -8.00
N CYS B 2985 -12.37 15.55 -7.93
CA CYS B 2985 -11.92 14.85 -9.13
C CYS B 2985 -12.89 13.75 -9.57
N LYS B 2986 -13.53 13.08 -8.61
CA LYS B 2986 -14.44 11.99 -8.90
C LYS B 2986 -15.90 12.42 -8.87
N ASN B 2987 -16.17 13.70 -8.62
CA ASN B 2987 -17.53 14.24 -8.59
C ASN B 2987 -18.42 13.46 -7.62
N GLU B 2988 -17.87 13.15 -6.45
CA GLU B 2988 -18.56 12.38 -5.43
C GLU B 2988 -19.02 13.32 -4.32
N LYS B 2989 -20.31 13.26 -4.00
CA LYS B 2989 -20.86 14.08 -2.93
C LYS B 2989 -20.50 13.46 -1.59
N ILE B 2990 -19.85 14.25 -0.73
CA ILE B 2990 -19.31 13.76 0.53
C ILE B 2990 -19.83 14.64 1.66
N ALA B 2991 -20.35 14.02 2.72
CA ALA B 2991 -20.74 14.70 3.94
C ALA B 2991 -19.62 14.48 4.96
N PHE B 2992 -18.73 15.46 5.08
CA PHE B 2992 -17.55 15.35 5.93
C PHE B 2992 -17.96 15.65 7.36
N ILE B 2993 -18.25 14.61 8.13
CA ILE B 2993 -18.66 14.76 9.52
C ILE B 2993 -17.42 14.64 10.41
N MET B 2994 -17.19 15.65 11.24
CA MET B 2994 -16.08 15.63 12.18
C MET B 2994 -16.51 16.30 13.48
N ASP B 2995 -15.89 15.88 14.57
CA ASP B 2995 -16.26 16.30 15.91
C ASP B 2995 -15.13 17.13 16.50
N GLU B 2996 -15.48 17.98 17.48
CA GLU B 2996 -14.47 18.83 18.11
C GLU B 2996 -13.40 18.00 18.81
N SER B 2997 -13.73 16.79 19.24
CA SER B 2997 -12.73 15.92 19.84
C SER B 2997 -11.68 15.49 18.82
N ASN B 2998 -12.03 15.48 17.54
CA ASN B 2998 -11.08 15.14 16.49
C ASN B 2998 -10.09 16.26 16.21
N VAL B 2999 -10.32 17.47 16.72
CA VAL B 2999 -9.42 18.61 16.51
C VAL B 2999 -8.37 18.52 17.60
N LEU B 3000 -7.25 17.86 17.28
CA LEU B 3000 -6.16 17.68 18.22
C LEU B 3000 -5.15 18.82 18.17
N ASP B 3001 -5.27 19.74 17.20
CA ASP B 3001 -4.30 20.81 17.06
C ASP B 3001 -4.99 22.00 16.41
N SER B 3002 -4.38 23.18 16.59
CA SER B 3002 -4.91 24.39 15.95
C SER B 3002 -4.73 24.37 14.44
N GLY B 3003 -3.74 23.63 13.93
CA GLY B 3003 -3.59 23.50 12.49
C GLY B 3003 -4.77 22.82 11.84
N PHE B 3004 -5.36 21.84 12.53
CA PHE B 3004 -6.60 21.23 12.03
C PHE B 3004 -7.65 22.29 11.79
N LEU B 3005 -7.85 23.17 12.77
CA LEU B 3005 -8.88 24.20 12.66
C LEU B 3005 -8.51 25.24 11.61
N GLU B 3006 -7.22 25.54 11.44
CA GLU B 3006 -6.82 26.47 10.39
C GLU B 3006 -7.14 25.90 9.00
N ARG B 3007 -6.80 24.64 8.77
CA ARG B 3007 -7.12 24.00 7.49
C ARG B 3007 -8.63 23.94 7.29
N MET B 3008 -9.37 23.62 8.35
CA MET B 3008 -10.83 23.57 8.23
C MET B 3008 -11.40 24.95 7.91
N ASN B 3009 -10.87 25.99 8.55
CA ASN B 3009 -11.32 27.35 8.27
C ASN B 3009 -11.12 27.71 6.81
N THR B 3010 -9.91 27.45 6.29
CA THR B 3010 -9.63 27.76 4.89
C THR B 3010 -10.53 26.95 3.96
N LEU B 3011 -10.71 25.66 4.25
CA LEU B 3011 -11.53 24.81 3.39
C LEU B 3011 -12.99 25.25 3.40
N LEU B 3012 -13.53 25.58 4.56
CA LEU B 3012 -14.91 26.03 4.64
C LEU B 3012 -15.10 27.35 3.90
N ALA B 3013 -14.19 28.29 4.09
CA ALA B 3013 -14.41 29.62 3.52
C ALA B 3013 -14.16 29.65 2.01
N ASN B 3014 -13.11 28.98 1.53
CA ASN B 3014 -12.76 29.07 0.12
C ASN B 3014 -13.12 27.83 -0.68
N GLY B 3015 -13.22 26.67 -0.05
CA GLY B 3015 -13.38 25.44 -0.80
C GLY B 3015 -12.10 24.83 -1.32
N GLU B 3016 -10.96 25.40 -0.98
CA GLU B 3016 -9.67 24.85 -1.39
C GLU B 3016 -8.59 25.36 -0.45
N VAL B 3017 -7.65 24.48 -0.11
CA VAL B 3017 -6.53 24.78 0.77
C VAL B 3017 -5.32 25.08 -0.11
N PRO B 3018 -4.78 26.30 -0.08
CA PRO B 3018 -3.70 26.65 -1.02
C PRO B 3018 -2.45 25.79 -0.89
N GLY B 3019 -2.10 25.38 0.33
CA GLY B 3019 -0.88 24.63 0.56
C GLY B 3019 -1.06 23.15 0.80
N LEU B 3020 -2.24 22.59 0.54
CA LEU B 3020 -2.47 21.18 0.82
C LEU B 3020 -1.75 20.28 -0.17
N PHE B 3021 -1.82 20.60 -1.46
CA PHE B 3021 -1.21 19.80 -2.51
C PHE B 3021 0.09 20.47 -2.95
N GLU B 3022 1.22 19.78 -2.75
CA GLU B 3022 2.52 20.31 -3.10
C GLU B 3022 3.37 19.20 -3.71
N GLY B 3023 4.27 19.59 -4.60
CA GLY B 3023 5.21 18.64 -5.19
C GLY B 3023 4.50 17.63 -6.07
N ASP B 3024 4.80 16.35 -5.84
CA ASP B 3024 4.21 15.29 -6.64
C ASP B 3024 2.70 15.22 -6.45
N GLU B 3025 2.21 15.59 -5.27
CA GLU B 3025 0.77 15.61 -5.04
C GLU B 3025 0.07 16.58 -5.97
N TYR B 3026 0.70 17.72 -6.25
CA TYR B 3026 0.10 18.71 -7.15
C TYR B 3026 -0.02 18.16 -8.56
N ALA B 3027 1.03 17.50 -9.06
CA ALA B 3027 0.98 16.93 -10.41
C ALA B 3027 -0.03 15.79 -10.48
N THR B 3028 -0.08 14.95 -9.45
CA THR B 3028 -1.08 13.87 -9.42
C THR B 3028 -2.49 14.45 -9.42
N LEU B 3029 -2.70 15.52 -8.65
CA LEU B 3029 -4.00 16.18 -8.61
C LEU B 3029 -4.38 16.75 -9.96
N MET B 3030 -3.44 17.39 -10.66
CA MET B 3030 -3.75 17.90 -11.99
C MET B 3030 -4.02 16.79 -13.00
N THR B 3031 -3.31 15.67 -12.92
CA THR B 3031 -3.63 14.54 -13.79
C THR B 3031 -5.05 14.05 -13.52
N GLN B 3032 -5.39 13.88 -12.24
CA GLN B 3032 -6.74 13.40 -11.90
C GLN B 3032 -7.81 14.40 -12.31
N CYS B 3033 -7.55 15.70 -12.17
CA CYS B 3033 -8.50 16.71 -12.63
C CYS B 3033 -8.64 16.74 -14.14
N LYS B 3034 -7.56 16.49 -14.89
CA LYS B 3034 -7.68 16.35 -16.34
C LYS B 3034 -8.60 15.18 -16.68
N GLU B 3035 -8.39 14.04 -16.02
CA GLU B 3035 -9.24 12.87 -16.26
C GLU B 3035 -10.70 13.19 -15.91
N GLY B 3036 -10.92 13.83 -14.76
CA GLY B 3036 -12.27 14.15 -14.35
C GLY B 3036 -12.96 15.13 -15.27
N ALA B 3037 -12.24 16.16 -15.73
CA ALA B 3037 -12.80 17.12 -16.67
C ALA B 3037 -13.15 16.45 -17.99
N GLN B 3038 -12.30 15.55 -18.50
CA GLN B 3038 -12.65 14.79 -19.68
C GLN B 3038 -13.88 13.92 -19.43
N LYS B 3039 -14.02 13.42 -18.21
CA LYS B 3039 -15.18 12.62 -17.84
C LYS B 3039 -16.42 13.48 -17.66
N GLU B 3040 -16.24 14.80 -17.60
CA GLU B 3040 -17.36 15.72 -17.48
C GLU B 3040 -17.59 16.53 -18.74
N GLY B 3041 -16.95 16.18 -19.86
CA GLY B 3041 -17.15 16.91 -21.09
C GLY B 3041 -16.49 18.27 -21.13
N LEU B 3042 -15.42 18.46 -20.35
CA LEU B 3042 -14.67 19.72 -20.32
C LEU B 3042 -13.21 19.43 -20.63
N MET B 3043 -12.63 20.23 -21.52
CA MET B 3043 -11.21 20.09 -21.87
C MET B 3043 -10.46 21.28 -21.29
N LEU B 3044 -9.82 21.07 -20.15
CA LEU B 3044 -8.98 22.08 -19.52
C LEU B 3044 -7.54 21.57 -19.52
N ASP B 3045 -6.61 22.43 -19.93
CA ASP B 3045 -5.21 22.06 -20.07
C ASP B 3045 -4.30 22.76 -19.07
N SER B 3046 -4.42 24.07 -18.92
CA SER B 3046 -3.57 24.80 -17.98
C SER B 3046 -3.87 24.40 -16.55
N HIS B 3047 -2.84 24.40 -15.71
CA HIS B 3047 -2.98 24.02 -14.32
C HIS B 3047 -3.70 25.10 -13.52
N GLU B 3048 -3.89 26.28 -14.12
CA GLU B 3048 -4.63 27.36 -13.48
C GLU B 3048 -6.12 27.23 -13.71
N GLU B 3049 -6.53 26.48 -14.73
CA GLU B 3049 -7.95 26.19 -14.96
C GLU B 3049 -8.40 24.85 -14.41
N LEU B 3050 -7.57 23.81 -14.46
CA LEU B 3050 -7.88 22.53 -13.82
C LEU B 3050 -7.97 22.65 -12.31
N TYR B 3051 -7.34 23.68 -11.72
CA TYR B 3051 -7.47 23.94 -10.29
C TYR B 3051 -8.70 24.76 -9.96
N LYS B 3052 -9.08 25.72 -10.80
CA LYS B 3052 -10.35 26.40 -10.61
C LYS B 3052 -11.54 25.46 -10.78
N TRP B 3053 -11.48 24.55 -11.75
CA TRP B 3053 -12.51 23.53 -11.89
C TRP B 3053 -12.56 22.64 -10.65
N PHE B 3054 -11.39 22.27 -10.13
CA PHE B 3054 -11.31 21.49 -8.90
C PHE B 3054 -11.95 22.22 -7.72
N THR B 3055 -11.66 23.52 -7.59
CA THR B 3055 -12.26 24.30 -6.52
C THR B 3055 -13.77 24.38 -6.66
N SER B 3056 -14.26 24.58 -7.88
CA SER B 3056 -15.70 24.63 -8.09
C SER B 3056 -16.35 23.29 -7.76
N GLN B 3057 -15.73 22.19 -8.16
CA GLN B 3057 -16.27 20.87 -7.86
C GLN B 3057 -16.30 20.61 -6.35
N VAL B 3058 -15.23 21.00 -5.65
CA VAL B 3058 -15.19 20.79 -4.20
C VAL B 3058 -16.25 21.65 -3.52
N ILE B 3059 -16.43 22.88 -3.99
CA ILE B 3059 -17.47 23.75 -3.44
C ILE B 3059 -18.84 23.12 -3.63
N ARG B 3060 -19.10 22.59 -4.83
CA ARG B 3060 -20.43 22.05 -5.12
C ARG B 3060 -20.70 20.73 -4.40
N ASN B 3061 -19.67 19.90 -4.21
CA ASN B 3061 -19.88 18.53 -3.75
C ASN B 3061 -19.63 18.32 -2.26
N LEU B 3062 -18.68 19.04 -1.67
CA LEU B 3062 -18.26 18.77 -0.30
C LEU B 3062 -19.13 19.52 0.69
N HIS B 3063 -19.71 18.79 1.65
CA HIS B 3063 -20.44 19.37 2.77
C HIS B 3063 -19.76 18.95 4.06
N VAL B 3064 -19.55 19.90 4.96
CA VAL B 3064 -18.85 19.67 6.22
C VAL B 3064 -19.84 19.83 7.36
N VAL B 3065 -19.89 18.84 8.25
CA VAL B 3065 -20.72 18.87 9.44
C VAL B 3065 -19.82 18.87 10.65
N PHE B 3066 -19.92 19.90 11.48
CA PHE B 3066 -19.11 20.05 12.68
C PHE B 3066 -20.01 19.90 13.90
N THR B 3067 -19.65 18.99 14.79
CA THR B 3067 -20.42 18.72 16.00
C THR B 3067 -19.57 19.05 17.22
N MET B 3068 -20.15 19.79 18.17
CA MET B 3068 -19.43 20.18 19.37
C MET B 3068 -20.40 20.30 20.53
N ASN B 3069 -19.85 20.22 21.74
CA ASN B 3069 -20.61 20.35 22.97
C ASN B 3069 -20.95 21.82 23.23
N PRO B 3070 -22.10 22.10 23.87
CA PRO B 3070 -22.54 23.48 24.08
C PRO B 3070 -21.82 24.18 25.23
N SER B 3071 -20.52 24.37 25.07
CA SER B 3071 -19.72 25.09 26.05
C SER B 3071 -19.69 26.57 25.70
N SER B 3072 -19.76 27.42 26.73
CA SER B 3072 -19.81 28.86 26.52
C SER B 3072 -18.43 29.41 26.13
N GLU B 3073 -17.44 29.22 27.01
CA GLU B 3073 -16.09 29.70 26.70
C GLU B 3073 -15.51 28.97 25.49
N GLY B 3074 -15.89 27.71 25.30
CA GLY B 3074 -15.46 26.99 24.11
C GLY B 3074 -16.03 27.60 22.84
N LEU B 3075 -17.32 27.96 22.87
CA LEU B 3075 -17.92 28.63 21.73
C LEU B 3075 -17.26 29.98 21.46
N LYS B 3076 -16.99 30.74 22.52
CA LYS B 3076 -16.33 32.04 22.33
C LYS B 3076 -14.93 31.87 21.75
N ASP B 3077 -14.18 30.87 22.22
CA ASP B 3077 -12.85 30.62 21.68
C ASP B 3077 -12.91 30.19 20.22
N ARG B 3078 -13.86 29.31 19.87
CA ARG B 3078 -13.99 28.88 18.49
C ARG B 3078 -14.50 29.99 17.58
N ALA B 3079 -15.19 30.99 18.14
CA ALA B 3079 -15.64 32.12 17.34
C ALA B 3079 -14.46 32.93 16.79
N ALA B 3080 -13.29 32.82 17.42
CA ALA B 3080 -12.08 33.51 16.96
C ALA B 3080 -11.08 32.57 16.31
N THR B 3081 -10.95 31.35 16.82
CA THR B 3081 -10.01 30.39 16.21
C THR B 3081 -10.46 29.98 14.82
N SER B 3082 -11.77 29.80 14.62
CA SER B 3082 -12.33 29.41 13.33
C SER B 3082 -13.50 30.33 13.00
N PRO B 3083 -13.21 31.53 12.48
CA PRO B 3083 -14.31 32.45 12.14
C PRO B 3083 -15.27 31.90 11.10
N ALA B 3084 -14.79 31.10 10.15
CA ALA B 3084 -15.69 30.55 9.12
C ALA B 3084 -16.69 29.57 9.69
N LEU B 3085 -16.45 29.03 10.89
CA LEU B 3085 -17.42 28.15 11.52
C LEU B 3085 -18.71 28.88 11.88
N PHE B 3086 -18.67 30.20 12.00
CA PHE B 3086 -19.84 30.99 12.34
C PHE B 3086 -20.29 31.89 11.20
N ASN B 3087 -19.57 31.91 10.08
CA ASN B 3087 -19.94 32.69 8.91
C ASN B 3087 -20.33 31.84 7.71
N ARG B 3088 -19.66 30.71 7.51
CA ARG B 3088 -19.95 29.83 6.39
C ARG B 3088 -20.79 28.61 6.77
N CYS B 3089 -20.93 28.33 8.06
CA CYS B 3089 -21.63 27.14 8.53
C CYS B 3089 -22.95 27.55 9.18
N VAL B 3090 -24.02 26.86 8.80
CA VAL B 3090 -25.32 27.07 9.41
C VAL B 3090 -25.32 26.43 10.80
N LEU B 3091 -25.66 27.21 11.82
CA LEU B 3091 -25.58 26.75 13.19
C LEU B 3091 -26.95 26.28 13.65
N ASN B 3092 -27.04 25.01 14.06
CA ASN B 3092 -28.25 24.43 14.62
C ASN B 3092 -27.97 24.04 16.06
N TRP B 3093 -28.74 24.58 16.99
CA TRP B 3093 -28.57 24.28 18.41
C TRP B 3093 -29.48 23.11 18.77
N PHE B 3094 -28.90 21.90 18.76
CA PHE B 3094 -29.66 20.73 19.18
C PHE B 3094 -29.86 20.73 20.69
N GLY B 3095 -28.80 21.03 21.45
CA GLY B 3095 -28.89 21.05 22.89
C GLY B 3095 -29.12 19.65 23.45
N ASP B 3096 -29.56 19.62 24.70
CA ASP B 3096 -29.95 18.38 25.35
C ASP B 3096 -31.43 18.10 25.07
N TRP B 3097 -31.81 16.83 25.18
CA TRP B 3097 -33.20 16.46 24.99
C TRP B 3097 -34.06 17.15 26.03
N SER B 3098 -35.16 17.76 25.57
CA SER B 3098 -36.06 18.46 26.45
C SER B 3098 -36.92 17.47 27.22
N THR B 3099 -37.77 17.98 28.11
CA THR B 3099 -38.68 17.12 28.85
C THR B 3099 -39.65 16.41 27.92
N GLU B 3100 -40.13 17.12 26.90
CA GLU B 3100 -41.03 16.51 25.93
C GLU B 3100 -40.35 15.39 25.17
N ALA B 3101 -39.09 15.58 24.78
CA ALA B 3101 -38.37 14.53 24.08
C ALA B 3101 -38.18 13.31 24.96
N LEU B 3102 -37.84 13.51 26.23
CA LEU B 3102 -37.70 12.39 27.16
C LEU B 3102 -39.02 11.66 27.34
N TYR B 3103 -40.12 12.40 27.48
CA TYR B 3103 -41.42 11.77 27.64
C TYR B 3103 -41.81 10.96 26.40
N GLN B 3104 -41.57 11.51 25.21
CA GLN B 3104 -41.91 10.79 23.98
C GLN B 3104 -41.05 9.55 23.83
N VAL B 3105 -39.76 9.63 24.16
CA VAL B 3105 -38.89 8.46 24.10
C VAL B 3105 -39.36 7.39 25.08
N GLY B 3106 -39.75 7.80 26.29
CA GLY B 3106 -40.26 6.84 27.25
C GLY B 3106 -41.55 6.18 26.79
N LYS B 3107 -42.46 6.96 26.21
CA LYS B 3107 -43.70 6.39 25.68
C LYS B 3107 -43.43 5.39 24.57
N GLU B 3108 -42.57 5.77 23.61
CA GLU B 3108 -42.36 4.90 22.45
C GLU B 3108 -41.59 3.64 22.82
N PHE B 3109 -40.57 3.76 23.67
CA PHE B 3109 -39.77 2.60 24.04
C PHE B 3109 -40.55 1.64 24.93
N THR B 3110 -41.22 2.17 25.96
CA THR B 3110 -42.00 1.34 26.88
C THR B 3110 -43.45 1.24 26.43
N SER B 3111 -43.66 0.83 25.18
CA SER B 3111 -44.98 0.64 24.63
C SER B 3111 -45.40 -0.82 24.53
N LYS B 3112 -44.43 -1.75 24.48
CA LYS B 3112 -44.72 -3.17 24.45
C LYS B 3112 -44.72 -3.79 25.84
N MET B 3113 -44.50 -2.97 26.86
CA MET B 3113 -44.61 -3.40 28.26
C MET B 3113 -46.04 -3.19 28.72
N ASP B 3114 -46.48 -3.99 29.70
CA ASP B 3114 -47.86 -3.91 30.16
C ASP B 3114 -48.17 -2.51 30.70
N LEU B 3115 -47.57 -2.16 31.83
CA LEU B 3115 -47.69 -0.82 32.42
C LEU B 3115 -49.13 -0.32 32.49
N GLU B 3116 -50.09 -1.24 32.61
CA GLU B 3116 -51.50 -0.89 32.67
C GLU B 3116 -52.07 -1.32 34.01
N LYS B 3117 -52.60 -0.35 34.76
CA LYS B 3117 -53.25 -0.61 36.05
C LYS B 3117 -54.68 -0.12 35.98
N PRO B 3118 -55.66 -1.01 35.78
CA PRO B 3118 -57.06 -0.54 35.68
C PRO B 3118 -57.55 0.19 36.91
N ASN B 3119 -57.11 -0.22 38.11
CA ASN B 3119 -57.53 0.42 39.36
C ASN B 3119 -56.51 1.44 39.86
N TYR B 3120 -55.80 2.10 38.95
CA TYR B 3120 -54.86 3.14 39.33
C TYR B 3120 -55.62 4.34 39.90
N ILE B 3121 -55.12 4.88 41.01
CA ILE B 3121 -55.73 6.02 41.68
C ILE B 3121 -54.82 7.22 41.47
N VAL B 3122 -55.36 8.25 40.81
CA VAL B 3122 -54.59 9.47 40.55
C VAL B 3122 -54.47 10.26 41.86
N PRO B 3123 -53.25 10.56 42.30
CA PRO B 3123 -53.10 11.35 43.53
C PRO B 3123 -53.61 12.76 43.36
N ASP B 3124 -54.03 13.35 44.48
CA ASP B 3124 -54.57 14.71 44.44
C ASP B 3124 -53.51 15.71 43.98
N TYR B 3125 -52.28 15.58 44.47
CA TYR B 3125 -51.16 16.39 44.02
C TYR B 3125 -50.24 15.46 43.25
N MET B 3126 -50.32 15.53 41.93
CA MET B 3126 -49.47 14.71 41.08
C MET B 3126 -48.18 15.45 40.78
N PRO B 3127 -47.02 14.82 40.96
CA PRO B 3127 -45.75 15.52 40.67
C PRO B 3127 -45.57 15.72 39.17
N VAL B 3128 -46.23 16.74 38.63
CA VAL B 3128 -46.22 16.96 37.19
C VAL B 3128 -44.83 17.38 36.75
N VAL B 3129 -44.15 16.49 36.03
CA VAL B 3129 -42.83 16.76 35.48
C VAL B 3129 -42.92 17.22 34.03
N TYR B 3130 -43.73 16.54 33.22
CA TYR B 3130 -43.97 16.92 31.85
C TYR B 3130 -45.15 17.88 31.81
N ASP B 3131 -44.93 19.07 31.25
CA ASP B 3131 -45.97 20.10 31.28
C ASP B 3131 -47.21 19.71 30.49
N LYS B 3132 -47.03 19.08 29.34
CA LYS B 3132 -48.16 18.63 28.52
C LYS B 3132 -48.69 17.26 28.94
N LEU B 3133 -48.39 16.79 30.15
CA LEU B 3133 -48.99 15.56 30.64
C LEU B 3133 -50.49 15.76 30.84
N PRO B 3134 -51.31 14.80 30.43
CA PRO B 3134 -52.77 14.95 30.60
C PRO B 3134 -53.14 15.10 32.07
N GLN B 3135 -54.20 15.89 32.30
CA GLN B 3135 -54.63 16.15 33.67
C GLN B 3135 -55.04 14.89 34.43
N PRO B 3136 -55.83 13.97 33.86
CA PRO B 3136 -56.01 12.66 34.49
C PRO B 3136 -55.02 11.64 33.93
N PRO B 3137 -53.77 11.62 34.38
CA PRO B 3137 -52.79 10.72 33.77
C PRO B 3137 -53.09 9.26 34.10
N SER B 3138 -52.73 8.39 33.17
CA SER B 3138 -52.88 6.96 33.37
C SER B 3138 -51.63 6.38 34.04
N HIS B 3139 -51.65 5.07 34.29
CA HIS B 3139 -50.51 4.43 34.95
C HIS B 3139 -49.25 4.50 34.08
N ARG B 3140 -49.39 4.22 32.78
CA ARG B 3140 -48.25 4.28 31.88
C ARG B 3140 -47.68 5.69 31.81
N GLU B 3141 -48.56 6.69 31.75
CA GLU B 3141 -48.11 8.08 31.72
C GLU B 3141 -47.40 8.45 33.00
N ALA B 3142 -47.89 7.96 34.14
CA ALA B 3142 -47.20 8.20 35.41
C ALA B 3142 -45.83 7.54 35.42
N ILE B 3143 -45.72 6.35 34.85
CA ILE B 3143 -44.42 5.66 34.79
C ILE B 3143 -43.43 6.47 33.96
N VAL B 3144 -43.87 6.96 32.80
CA VAL B 3144 -42.97 7.73 31.94
C VAL B 3144 -42.60 9.05 32.60
N ASN B 3145 -43.55 9.68 33.29
CA ASN B 3145 -43.25 10.90 34.03
C ASN B 3145 -42.22 10.64 35.13
N SER B 3146 -42.33 9.49 35.80
CA SER B 3146 -41.33 9.13 36.80
C SER B 3146 -39.96 8.93 36.18
N CYS B 3147 -39.92 8.32 34.99
CA CYS B 3147 -38.64 8.15 34.29
C CYS B 3147 -38.01 9.50 33.98
N VAL B 3148 -38.80 10.45 33.47
CA VAL B 3148 -38.29 11.78 33.18
C VAL B 3148 -37.81 12.46 34.46
N PHE B 3149 -38.55 12.27 35.56
CA PHE B 3149 -38.14 12.85 36.82
C PHE B 3149 -36.81 12.28 37.29
N VAL B 3150 -36.59 10.97 37.08
CA VAL B 3150 -35.31 10.36 37.45
C VAL B 3150 -34.18 10.99 36.64
N HIS B 3151 -34.42 11.16 35.33
CA HIS B 3151 -33.38 11.75 34.48
C HIS B 3151 -33.03 13.17 34.95
N GLN B 3152 -34.04 13.96 35.32
CA GLN B 3152 -33.75 15.32 35.79
C GLN B 3152 -33.16 15.31 37.20
N THR B 3153 -33.50 14.31 38.00
CA THR B 3153 -32.90 14.18 39.33
C THR B 3153 -31.40 13.95 39.23
N LEU B 3154 -30.96 13.23 38.19
CA LEU B 3154 -29.52 13.09 37.97
C LEU B 3154 -28.86 14.45 37.71
N HIS B 3155 -29.49 15.30 36.90
CA HIS B 3155 -28.96 16.63 36.67
C HIS B 3155 -28.91 17.44 37.96
N GLN B 3156 -29.96 17.32 38.79
CA GLN B 3156 -29.97 18.04 40.06
C GLN B 3156 -28.84 17.56 40.97
N ALA B 3157 -28.59 16.24 41.01
CA ALA B 3157 -27.51 15.71 41.83
C ALA B 3157 -26.16 16.21 41.33
N ASN B 3158 -25.96 16.23 40.01
CA ASN B 3158 -24.71 16.76 39.47
C ASN B 3158 -24.54 18.23 39.81
N ALA B 3159 -25.62 19.01 39.73
CA ALA B 3159 -25.55 20.42 40.11
C ALA B 3159 -25.18 20.58 41.57
N ARG B 3160 -25.76 19.76 42.44
CA ARG B 3160 -25.43 19.83 43.86
C ARG B 3160 -23.96 19.51 44.11
N LEU B 3161 -23.46 18.44 43.47
CA LEU B 3161 -22.06 18.08 43.65
C LEU B 3161 -21.12 19.16 43.12
N ALA B 3162 -21.47 19.78 41.98
CA ALA B 3162 -20.66 20.87 41.46
C ALA B 3162 -20.68 22.07 42.41
N LYS B 3163 -21.84 22.36 43.00
CA LYS B 3163 -21.92 23.48 43.94
C LYS B 3163 -21.07 23.21 45.18
N ARG B 3164 -21.09 21.99 45.70
CA ARG B 3164 -20.28 21.65 46.86
C ARG B 3164 -18.78 21.62 46.54
N GLY B 3165 -18.42 21.66 45.26
CA GLY B 3165 -17.03 21.57 44.87
C GLY B 3165 -16.58 20.19 44.50
N GLY B 3166 -17.52 19.24 44.43
CA GLY B 3166 -17.22 17.88 44.01
C GLY B 3166 -17.17 17.76 42.50
N ARG B 3167 -16.79 16.57 42.04
CA ARG B 3167 -16.61 16.33 40.62
C ARG B 3167 -17.79 15.55 40.06
N THR B 3168 -18.27 15.97 38.90
CA THR B 3168 -19.47 15.41 38.29
C THR B 3168 -19.15 14.88 36.91
N MET B 3169 -20.01 13.98 36.43
CA MET B 3169 -19.93 13.43 35.09
C MET B 3169 -21.15 13.84 34.29
N ALA B 3170 -20.94 14.16 33.02
CA ALA B 3170 -22.02 14.66 32.19
C ALA B 3170 -23.13 13.63 32.05
N ILE B 3171 -24.37 14.08 32.23
CA ILE B 3171 -25.54 13.25 32.05
C ILE B 3171 -26.08 13.51 30.65
N THR B 3172 -26.09 12.47 29.82
CA THR B 3172 -26.44 12.54 28.42
C THR B 3172 -27.71 11.76 28.15
N PRO B 3173 -28.35 11.98 26.99
CA PRO B 3173 -29.53 11.17 26.64
C PRO B 3173 -29.23 9.69 26.55
N ARG B 3174 -27.98 9.29 26.32
CA ARG B 3174 -27.63 7.87 26.34
C ARG B 3174 -27.87 7.26 27.71
N HIS B 3175 -27.72 8.05 28.78
CA HIS B 3175 -28.07 7.57 30.11
C HIS B 3175 -29.56 7.24 30.19
N TYR B 3176 -30.40 8.11 29.64
CA TYR B 3176 -31.84 7.83 29.62
C TYR B 3176 -32.16 6.60 28.78
N LEU B 3177 -31.47 6.44 27.65
CA LEU B 3177 -31.69 5.27 26.81
C LEU B 3177 -31.31 3.99 27.54
N ASP B 3178 -30.18 4.00 28.25
CA ASP B 3178 -29.81 2.84 29.05
C ASP B 3178 -30.82 2.60 30.16
N PHE B 3179 -31.33 3.67 30.78
CA PHE B 3179 -32.31 3.51 31.84
C PHE B 3179 -33.56 2.81 31.32
N ILE B 3180 -34.10 3.26 30.18
CA ILE B 3180 -35.31 2.64 29.67
C ILE B 3180 -35.04 1.22 29.17
N ASN B 3181 -33.88 0.98 28.56
CA ASN B 3181 -33.53 -0.38 28.14
C ASN B 3181 -33.46 -1.32 29.33
N HIS B 3182 -32.79 -0.88 30.41
CA HIS B 3182 -32.72 -1.68 31.62
C HIS B 3182 -34.10 -1.89 32.21
N TYR B 3183 -34.95 -0.87 32.16
CA TYR B 3183 -36.31 -1.01 32.66
C TYR B 3183 -37.06 -2.11 31.92
N ALA B 3184 -37.00 -2.08 30.59
CA ALA B 3184 -37.70 -3.10 29.81
C ALA B 3184 -37.13 -4.49 30.08
N ASN B 3185 -35.80 -4.61 30.10
CA ASN B 3185 -35.19 -5.92 30.31
C ASN B 3185 -35.51 -6.48 31.69
N LEU B 3186 -35.41 -5.64 32.73
CA LEU B 3186 -35.72 -6.08 34.08
C LEU B 3186 -37.19 -6.43 34.22
N PHE B 3187 -38.08 -5.64 33.61
CA PHE B 3187 -39.51 -5.96 33.65
C PHE B 3187 -39.77 -7.34 33.05
N HIS B 3188 -39.25 -7.58 31.85
CA HIS B 3188 -39.47 -8.87 31.20
C HIS B 3188 -38.88 -10.01 32.02
N GLU B 3189 -37.65 -9.84 32.51
CA GLU B 3189 -36.98 -10.90 33.27
C GLU B 3189 -37.74 -11.23 34.55
N LYS B 3190 -38.10 -10.21 35.33
CA LYS B 3190 -38.79 -10.44 36.60
C LYS B 3190 -40.16 -11.05 36.37
N ARG B 3191 -40.89 -10.56 35.35
CA ARG B 3191 -42.21 -11.13 35.09
C ARG B 3191 -42.11 -12.59 34.67
N SER B 3192 -41.13 -12.92 33.82
CA SER B 3192 -40.96 -14.31 33.40
C SER B 3192 -40.59 -15.20 34.59
N GLU B 3193 -39.67 -14.75 35.44
CA GLU B 3193 -39.28 -15.54 36.60
C GLU B 3193 -40.46 -15.77 37.53
N LEU B 3194 -41.24 -14.72 37.80
CA LEU B 3194 -42.38 -14.86 38.69
C LEU B 3194 -43.42 -15.82 38.11
N GLU B 3195 -43.71 -15.69 36.81
CA GLU B 3195 -44.69 -16.57 36.20
C GLU B 3195 -44.23 -18.03 36.23
N GLU B 3196 -42.95 -18.28 35.93
CA GLU B 3196 -42.45 -19.64 35.96
C GLU B 3196 -42.50 -20.22 37.37
N GLN B 3197 -42.11 -19.43 38.37
CA GLN B 3197 -42.17 -19.89 39.75
C GLN B 3197 -43.60 -20.23 40.15
N GLN B 3198 -44.56 -19.36 39.79
CA GLN B 3198 -45.94 -19.61 40.17
C GLN B 3198 -46.49 -20.84 39.46
N MET B 3199 -46.11 -21.06 38.20
CA MET B 3199 -46.54 -22.28 37.50
C MET B 3199 -46.00 -23.53 38.18
N HIS B 3200 -44.72 -23.50 38.56
CA HIS B 3200 -44.13 -24.66 39.25
C HIS B 3200 -44.84 -24.90 40.57
N LEU B 3201 -45.13 -23.83 41.31
CA LEU B 3201 -45.80 -23.98 42.60
C LEU B 3201 -47.23 -24.52 42.43
N ASN B 3202 -47.93 -24.07 41.39
CA ASN B 3202 -49.27 -24.59 41.13
C ASN B 3202 -49.21 -26.08 40.81
N VAL B 3203 -48.22 -26.50 40.02
CA VAL B 3203 -48.05 -27.92 39.73
C VAL B 3203 -47.79 -28.69 41.02
N GLY B 3204 -46.96 -28.14 41.91
CA GLY B 3204 -46.70 -28.81 43.17
C GLY B 3204 -47.94 -28.97 44.03
N LEU B 3205 -48.75 -27.91 44.14
CA LEU B 3205 -49.98 -28.00 44.91
C LEU B 3205 -50.95 -29.01 44.31
N ARG B 3206 -51.05 -29.04 42.97
CA ARG B 3206 -51.93 -30.03 42.34
C ARG B 3206 -51.45 -31.44 42.62
N LYS B 3207 -50.14 -31.67 42.59
CA LYS B 3207 -49.60 -32.99 42.92
C LYS B 3207 -49.92 -33.36 44.37
N ILE B 3208 -49.79 -32.40 45.30
CA ILE B 3208 -50.05 -32.68 46.70
C ILE B 3208 -51.53 -33.01 46.92
N LYS B 3209 -52.42 -32.28 46.23
CA LYS B 3209 -53.85 -32.57 46.36
C LYS B 3209 -54.19 -33.94 45.79
N GLU B 3210 -53.61 -34.31 44.66
CA GLU B 3210 -53.79 -35.66 44.14
C GLU B 3210 -53.25 -36.69 45.12
N THR B 3211 -52.16 -36.34 45.82
CA THR B 3211 -51.59 -37.24 46.82
C THR B 3211 -52.57 -37.49 47.96
N VAL B 3212 -53.18 -36.43 48.49
CA VAL B 3212 -54.11 -36.62 49.61
C VAL B 3212 -55.35 -37.37 49.15
N ASP B 3213 -55.80 -37.12 47.92
CA ASP B 3213 -56.93 -37.89 47.39
C ASP B 3213 -56.60 -39.37 47.29
N GLN B 3214 -55.39 -39.70 46.81
CA GLN B 3214 -55.01 -41.10 46.72
C GLN B 3214 -54.80 -41.71 48.11
N VAL B 3215 -54.41 -40.90 49.10
CA VAL B 3215 -54.33 -41.39 50.46
C VAL B 3215 -55.71 -41.77 50.99
N GLU B 3216 -56.72 -40.96 50.70
CA GLU B 3216 -58.08 -41.34 51.09
C GLU B 3216 -58.54 -42.59 50.35
N GLU B 3217 -58.16 -42.70 49.07
CA GLU B 3217 -58.46 -43.92 48.32
C GLU B 3217 -57.78 -45.13 48.96
N LEU B 3218 -56.56 -44.96 49.47
CA LEU B 3218 -55.91 -46.03 50.22
C LEU B 3218 -56.64 -46.33 51.52
N ARG B 3219 -57.25 -45.32 52.15
CA ARG B 3219 -58.07 -45.58 53.33
C ARG B 3219 -59.21 -46.54 52.98
N ARG B 3220 -59.93 -46.24 51.89
CA ARG B 3220 -61.08 -47.09 51.55
C ARG B 3220 -60.61 -48.47 51.09
N ASP B 3221 -59.50 -48.54 50.37
CA ASP B 3221 -58.94 -49.84 49.98
C ASP B 3221 -58.56 -50.64 51.22
N LEU B 3222 -57.96 -49.98 52.22
CA LEU B 3222 -57.56 -50.66 53.45
C LEU B 3222 -58.77 -51.21 54.18
N ARG B 3223 -59.85 -50.43 54.29
CA ARG B 3223 -61.03 -50.95 54.98
C ARG B 3223 -61.68 -52.09 54.21
N ILE B 3224 -61.69 -52.02 52.88
CA ILE B 3224 -62.21 -53.13 52.09
C ILE B 3224 -61.39 -54.39 52.32
N LYS B 3225 -60.06 -54.26 52.29
CA LYS B 3225 -59.20 -55.40 52.53
C LYS B 3225 -59.40 -55.97 53.93
N SER B 3226 -59.56 -55.11 54.92
CA SER B 3226 -59.77 -55.58 56.29
C SER B 3226 -61.09 -56.34 56.43
N GLN B 3227 -62.16 -55.84 55.81
CA GLN B 3227 -63.44 -56.55 55.91
C GLN B 3227 -63.38 -57.89 55.18
N GLU B 3228 -62.69 -57.93 54.03
CA GLU B 3228 -62.53 -59.19 53.33
C GLU B 3228 -61.72 -60.18 54.16
N LEU B 3229 -60.67 -59.72 54.83
CA LEU B 3229 -59.92 -60.59 55.73
C LEU B 3229 -60.79 -61.10 56.87
N GLU B 3230 -61.60 -60.22 57.46
CA GLU B 3230 -62.46 -60.65 58.56
C GLU B 3230 -63.40 -61.76 58.11
N VAL B 3231 -64.10 -61.55 56.99
CA VAL B 3231 -65.03 -62.57 56.53
C VAL B 3231 -64.29 -63.85 56.13
N LYS B 3232 -63.09 -63.72 55.57
CA LYS B 3232 -62.35 -64.90 55.13
C LYS B 3232 -61.92 -65.76 56.31
N ASN B 3233 -61.34 -65.14 57.35
CA ASN B 3233 -60.92 -65.97 58.49
C ASN B 3233 -62.11 -66.44 59.30
N ALA B 3234 -63.21 -65.69 59.32
CA ALA B 3234 -64.42 -66.19 59.97
C ALA B 3234 -64.93 -67.45 59.28
N ALA B 3235 -64.96 -67.43 57.94
CA ALA B 3235 -65.36 -68.62 57.20
C ALA B 3235 -64.39 -69.76 57.43
N ALA B 3236 -63.09 -69.47 57.46
CA ALA B 3236 -62.10 -70.52 57.67
C ALA B 3236 -62.29 -71.17 59.04
N ASN B 3237 -62.50 -70.37 60.08
CA ASN B 3237 -62.70 -70.93 61.42
C ASN B 3237 -64.00 -71.70 61.51
N ASP B 3238 -65.07 -71.19 60.88
CA ASP B 3238 -66.35 -71.91 60.91
C ASP B 3238 -66.24 -73.26 60.22
N LYS B 3239 -65.67 -73.28 59.01
CA LYS B 3239 -65.61 -74.51 58.24
C LYS B 3239 -64.56 -75.49 58.75
N LEU B 3240 -63.51 -74.99 59.43
CA LEU B 3240 -62.51 -75.88 60.00
C LEU B 3240 -63.01 -76.60 61.25
N LYS B 3241 -64.13 -76.15 61.80
CA LYS B 3241 -64.64 -76.66 63.07
C LYS B 3241 -65.66 -77.78 62.92
N LYS B 3242 -65.99 -78.19 61.70
CA LYS B 3242 -66.99 -79.23 61.50
C LYS B 3242 -66.51 -80.55 62.07
N GLU B 3449 -58.74 -80.68 53.23
CA GLU B 3449 -57.85 -80.39 52.11
C GLU B 3449 -58.11 -79.00 51.55
N GLU B 3450 -59.34 -78.77 51.07
CA GLU B 3450 -59.72 -77.44 50.63
C GLU B 3450 -59.69 -76.44 51.77
N TYR B 3451 -59.78 -76.91 53.01
CA TYR B 3451 -59.85 -76.01 54.15
C TYR B 3451 -58.48 -75.42 54.44
N ALA B 3452 -57.42 -76.21 54.26
CA ALA B 3452 -56.07 -75.68 54.29
C ALA B 3452 -55.86 -74.65 53.18
N VAL B 3453 -56.47 -74.89 52.02
CA VAL B 3453 -56.41 -73.91 50.94
C VAL B 3453 -57.09 -72.60 51.35
N LEU B 3454 -58.24 -72.71 52.00
CA LEU B 3454 -58.95 -71.51 52.45
C LEU B 3454 -58.14 -70.73 53.46
N ILE B 3455 -57.53 -71.43 54.43
CA ILE B 3455 -56.74 -70.72 55.42
C ILE B 3455 -55.46 -70.16 54.80
N SER B 3456 -54.92 -70.81 53.78
CA SER B 3456 -53.76 -70.26 53.07
C SER B 3456 -54.12 -68.98 52.33
N GLU B 3457 -55.30 -68.95 51.70
CA GLU B 3457 -55.75 -67.71 51.07
C GLU B 3457 -55.97 -66.62 52.13
N ALA B 3458 -56.52 -66.99 53.29
CA ALA B 3458 -56.66 -66.02 54.37
C ALA B 3458 -55.30 -65.46 54.79
N GLN B 3459 -54.30 -66.32 54.90
CA GLN B 3459 -52.96 -65.87 55.24
C GLN B 3459 -52.37 -64.94 54.17
N ALA B 3460 -52.58 -65.27 52.89
CA ALA B 3460 -52.13 -64.39 51.83
C ALA B 3460 -52.81 -63.02 51.91
N ILE B 3461 -54.10 -63.01 52.29
CA ILE B 3461 -54.80 -61.75 52.43
C ILE B 3461 -54.25 -60.95 53.62
N LYS B 3462 -53.88 -61.64 54.71
CA LYS B 3462 -53.23 -60.92 55.81
C LYS B 3462 -51.89 -60.34 55.37
N ALA B 3463 -51.12 -61.08 54.58
CA ALA B 3463 -49.86 -60.55 54.07
C ALA B 3463 -50.08 -59.32 53.19
N ASP B 3464 -51.09 -59.37 52.32
CA ASP B 3464 -51.42 -58.22 51.50
C ASP B 3464 -51.87 -57.05 52.36
N LEU B 3465 -52.61 -57.32 53.42
CA LEU B 3465 -53.03 -56.27 54.34
C LEU B 3465 -51.82 -55.62 55.02
N ALA B 3466 -50.85 -56.44 55.41
CA ALA B 3466 -49.63 -55.89 56.02
C ALA B 3466 -48.85 -55.03 55.05
N ALA B 3467 -48.73 -55.48 53.78
CA ALA B 3467 -48.06 -54.66 52.78
C ALA B 3467 -48.81 -53.35 52.55
N VAL B 3468 -50.14 -53.41 52.49
CA VAL B 3468 -50.93 -52.21 52.32
C VAL B 3468 -50.76 -51.27 53.52
N GLU B 3469 -50.67 -51.83 54.73
CA GLU B 3469 -50.44 -51.00 55.91
C GLU B 3469 -49.07 -50.34 55.88
N ALA B 3470 -48.05 -51.05 55.39
CA ALA B 3470 -46.75 -50.44 55.21
C ALA B 3470 -46.84 -49.27 54.23
N LYS B 3471 -47.57 -49.46 53.13
CA LYS B 3471 -47.80 -48.36 52.19
C LYS B 3471 -48.56 -47.21 52.87
N VAL B 3472 -49.55 -47.54 53.70
CA VAL B 3472 -50.28 -46.54 54.47
C VAL B 3472 -49.32 -45.65 55.24
N ASN B 3473 -48.52 -46.26 56.11
CA ASN B 3473 -47.69 -45.46 57.01
C ASN B 3473 -46.59 -44.74 56.25
N ARG B 3474 -46.07 -45.35 55.18
CA ARG B 3474 -45.03 -44.69 54.40
C ARG B 3474 -45.57 -43.47 53.65
N SER B 3475 -46.74 -43.61 53.01
CA SER B 3475 -47.33 -42.48 52.32
C SER B 3475 -47.79 -41.41 53.30
N THR B 3476 -48.19 -41.80 54.51
CA THR B 3476 -48.56 -40.81 55.51
C THR B 3476 -47.33 -40.06 56.02
N ALA B 3477 -46.21 -40.77 56.19
CA ALA B 3477 -44.97 -40.11 56.59
C ALA B 3477 -44.50 -39.13 55.53
N LEU B 3478 -44.61 -39.51 54.25
CA LEU B 3478 -44.30 -38.55 53.19
C LEU B 3478 -45.27 -37.38 53.19
N LEU B 3479 -46.56 -37.66 53.43
CA LEU B 3479 -47.58 -36.62 53.32
C LEU B 3479 -47.38 -35.55 54.38
N LYS B 3480 -47.03 -35.94 55.60
CA LYS B 3480 -46.81 -34.96 56.66
C LYS B 3480 -45.51 -34.21 56.46
N SER B 3481 -44.53 -34.81 55.77
CA SER B 3481 -43.26 -34.13 55.54
C SER B 3481 -43.44 -32.88 54.68
N LEU B 3482 -44.33 -32.95 53.69
CA LEU B 3482 -44.55 -31.85 52.76
C LEU B 3482 -45.57 -30.84 53.28
N SER B 3483 -45.84 -30.82 54.58
CA SER B 3483 -46.76 -29.84 55.14
C SER B 3483 -46.17 -28.44 55.13
N ALA B 3484 -44.92 -28.29 55.56
CA ALA B 3484 -44.27 -26.99 55.50
C ALA B 3484 -44.15 -26.50 54.07
N GLU B 3485 -43.77 -27.41 53.15
CA GLU B 3485 -43.70 -27.03 51.74
C GLU B 3485 -45.04 -26.56 51.21
N ARG B 3486 -46.11 -27.31 51.53
CA ARG B 3486 -47.41 -26.94 50.98
C ARG B 3486 -47.89 -25.61 51.54
N GLU B 3487 -47.68 -25.36 52.84
CA GLU B 3487 -48.15 -24.10 53.39
C GLU B 3487 -47.35 -22.92 52.85
N ARG B 3488 -46.03 -23.06 52.75
CA ARG B 3488 -45.22 -21.97 52.22
C ARG B 3488 -45.56 -21.71 50.76
N TRP B 3489 -45.80 -22.77 49.97
CA TRP B 3489 -46.20 -22.58 48.59
C TRP B 3489 -47.56 -21.92 48.49
N GLU B 3490 -48.48 -22.26 49.39
CA GLU B 3490 -49.78 -21.60 49.40
C GLU B 3490 -49.66 -20.11 49.71
N LYS B 3491 -48.83 -19.75 50.70
CA LYS B 3491 -48.64 -18.33 50.99
C LYS B 3491 -48.04 -17.60 49.80
N THR B 3492 -47.02 -18.19 49.17
CA THR B 3492 -46.40 -17.55 48.01
C THR B 3492 -47.38 -17.41 46.86
N SER B 3493 -48.20 -18.44 46.60
CA SER B 3493 -49.18 -18.36 45.53
C SER B 3493 -50.25 -17.32 45.82
N GLU B 3494 -50.65 -17.18 47.08
CA GLU B 3494 -51.60 -16.14 47.45
C GLU B 3494 -50.99 -14.76 47.27
N THR B 3495 -49.70 -14.61 47.55
CA THR B 3495 -49.02 -13.33 47.38
C THR B 3495 -48.55 -13.10 45.95
N PHE B 3496 -48.77 -14.04 45.04
CA PHE B 3496 -48.34 -13.88 43.66
C PHE B 3496 -48.97 -12.65 43.01
N LYS B 3497 -50.27 -12.45 43.23
CA LYS B 3497 -50.94 -11.32 42.58
C LYS B 3497 -50.40 -10.00 43.09
N ASN B 3498 -50.05 -9.92 44.37
CA ASN B 3498 -49.46 -8.70 44.91
C ASN B 3498 -48.07 -8.44 44.31
N GLN B 3499 -47.28 -9.49 44.12
CA GLN B 3499 -45.93 -9.32 43.59
C GLN B 3499 -45.96 -8.78 42.16
N MET B 3500 -46.93 -9.23 41.35
CA MET B 3500 -47.05 -8.72 39.99
C MET B 3500 -47.36 -7.23 39.99
N SER B 3501 -48.10 -6.74 40.99
CA SER B 3501 -48.46 -5.33 41.03
C SER B 3501 -47.25 -4.43 41.27
N THR B 3502 -46.20 -4.95 41.91
CA THR B 3502 -45.03 -4.15 42.28
C THR B 3502 -43.86 -4.34 41.34
N ILE B 3503 -44.05 -5.03 40.21
CA ILE B 3503 -42.94 -5.24 39.28
C ILE B 3503 -42.53 -3.94 38.62
N ALA B 3504 -43.50 -3.10 38.25
CA ALA B 3504 -43.20 -1.89 37.51
C ALA B 3504 -42.31 -0.94 38.31
N GLY B 3505 -42.72 -0.63 39.54
CA GLY B 3505 -41.95 0.30 40.36
C GLY B 3505 -40.58 -0.24 40.74
N ASP B 3506 -40.53 -1.51 41.13
CA ASP B 3506 -39.25 -2.12 41.50
C ASP B 3506 -38.29 -2.14 40.32
N CYS B 3507 -38.79 -2.51 39.14
CA CYS B 3507 -37.94 -2.53 37.96
C CYS B 3507 -37.49 -1.12 37.57
N LEU B 3508 -38.37 -0.12 37.73
CA LEU B 3508 -37.98 1.25 37.46
C LEU B 3508 -36.85 1.68 38.39
N LEU B 3509 -36.99 1.41 39.68
CA LEU B 3509 -35.95 1.78 40.65
C LEU B 3509 -34.65 1.07 40.36
N SER B 3510 -34.71 -0.24 40.07
CA SER B 3510 -33.51 -1.00 39.81
C SER B 3510 -32.81 -0.55 38.54
N ALA B 3511 -33.58 -0.28 37.48
CA ALA B 3511 -32.99 0.20 36.23
C ALA B 3511 -32.35 1.57 36.42
N ALA B 3512 -33.02 2.46 37.15
CA ALA B 3512 -32.42 3.77 37.41
C ALA B 3512 -31.12 3.62 38.20
N PHE B 3513 -31.11 2.74 39.20
CA PHE B 3513 -29.91 2.53 39.99
C PHE B 3513 -28.77 1.99 39.14
N ILE B 3514 -29.07 1.02 38.26
CA ILE B 3514 -28.02 0.43 37.43
C ILE B 3514 -27.49 1.44 36.44
N ALA B 3515 -28.38 2.19 35.78
CA ALA B 3515 -27.95 3.08 34.71
C ALA B 3515 -27.29 4.36 35.22
N TYR B 3516 -27.72 4.87 36.39
CA TYR B 3516 -27.34 6.20 36.82
C TYR B 3516 -26.39 6.23 37.99
N ALA B 3517 -26.70 5.52 39.08
CA ALA B 3517 -26.00 5.67 40.34
C ALA B 3517 -24.64 4.97 40.37
N GLY B 3518 -24.11 4.56 39.22
CA GLY B 3518 -22.84 3.85 39.23
C GLY B 3518 -21.67 4.70 39.68
N TYR B 3519 -21.60 5.95 39.20
CA TYR B 3519 -20.43 6.78 39.46
C TYR B 3519 -20.39 7.32 40.88
N PHE B 3520 -21.55 7.53 41.50
CA PHE B 3520 -21.61 8.21 42.78
C PHE B 3520 -21.20 7.28 43.92
N ASP B 3521 -20.92 7.88 45.08
CA ASP B 3521 -20.58 7.13 46.28
C ASP B 3521 -21.85 6.64 46.97
N GLN B 3522 -21.67 5.99 48.12
CA GLN B 3522 -22.80 5.37 48.80
C GLN B 3522 -23.83 6.40 49.24
N GLN B 3523 -23.38 7.54 49.78
CA GLN B 3523 -24.31 8.55 50.27
C GLN B 3523 -25.16 9.11 49.13
N MET B 3524 -24.54 9.45 48.01
CA MET B 3524 -25.29 9.99 46.88
C MET B 3524 -26.18 8.94 46.24
N ARG B 3525 -25.73 7.69 46.21
CA ARG B 3525 -26.59 6.60 45.71
C ARG B 3525 -27.84 6.47 46.56
N GLN B 3526 -27.68 6.50 47.89
CA GLN B 3526 -28.83 6.41 48.77
C GLN B 3526 -29.74 7.62 48.62
N ASN B 3527 -29.17 8.81 48.45
CA ASN B 3527 -29.98 10.01 48.26
C ASN B 3527 -30.82 9.91 46.99
N LEU B 3528 -30.18 9.47 45.90
CA LEU B 3528 -30.91 9.32 44.63
C LEU B 3528 -32.01 8.29 44.75
N PHE B 3529 -31.71 7.15 45.39
CA PHE B 3529 -32.72 6.11 45.55
C PHE B 3529 -33.89 6.62 46.40
N THR B 3530 -33.60 7.36 47.47
CA THR B 3530 -34.65 7.91 48.30
C THR B 3530 -35.50 8.91 47.54
N THR B 3531 -34.88 9.75 46.71
CA THR B 3531 -35.63 10.72 45.91
C THR B 3531 -36.56 9.99 44.94
N TRP B 3532 -36.05 8.97 44.26
CA TRP B 3532 -36.88 8.22 43.32
C TRP B 3532 -38.02 7.51 44.04
N SER B 3533 -37.74 6.92 45.21
CA SER B 3533 -38.78 6.23 45.96
C SER B 3533 -39.86 7.20 46.43
N HIS B 3534 -39.45 8.39 46.89
CA HIS B 3534 -40.43 9.40 47.29
C HIS B 3534 -41.28 9.84 46.11
N HIS B 3535 -40.66 10.02 44.94
CA HIS B 3535 -41.44 10.41 43.77
C HIS B 3535 -42.44 9.33 43.38
N LEU B 3536 -42.01 8.06 43.45
CA LEU B 3536 -42.93 6.97 43.15
C LEU B 3536 -44.07 6.91 44.15
N GLN B 3537 -43.77 7.16 45.43
CA GLN B 3537 -44.83 7.18 46.44
C GLN B 3537 -45.82 8.31 46.18
N GLN B 3538 -45.33 9.49 45.81
CA GLN B 3538 -46.23 10.60 45.51
C GLN B 3538 -47.07 10.36 44.26
N ALA B 3539 -46.61 9.49 43.36
CA ALA B 3539 -47.33 9.19 42.13
C ALA B 3539 -48.21 7.96 42.24
N ASN B 3540 -48.32 7.36 43.44
CA ASN B 3540 -49.14 6.18 43.68
C ASN B 3540 -48.73 5.02 42.77
N ILE B 3541 -47.42 4.78 42.71
CA ILE B 3541 -46.86 3.65 41.97
C ILE B 3541 -46.34 2.64 43.00
N GLN B 3542 -46.89 1.44 42.96
CA GLN B 3542 -46.55 0.43 43.96
C GLN B 3542 -45.15 -0.12 43.73
N PHE B 3543 -44.40 -0.25 44.82
CA PHE B 3543 -43.09 -0.88 44.79
C PHE B 3543 -42.79 -1.45 46.17
N ARG B 3544 -42.01 -2.52 46.21
CA ARG B 3544 -41.65 -3.16 47.47
C ARG B 3544 -40.54 -2.36 48.14
N THR B 3545 -40.80 -1.89 49.36
CA THR B 3545 -39.82 -1.15 50.14
C THR B 3545 -39.12 -2.02 51.18
N ASP B 3546 -39.33 -3.34 51.14
CA ASP B 3546 -38.76 -4.26 52.12
C ASP B 3546 -37.50 -4.96 51.61
N ILE B 3547 -37.44 -5.26 50.33
CA ILE B 3547 -36.30 -5.99 49.76
C ILE B 3547 -35.19 -4.99 49.43
N ALA B 3548 -33.95 -5.48 49.43
CA ALA B 3548 -32.80 -4.67 49.08
C ALA B 3548 -32.52 -4.77 47.59
N ARG B 3549 -31.95 -3.70 47.03
CA ARG B 3549 -31.63 -3.69 45.61
C ARG B 3549 -30.61 -4.76 45.24
N THR B 3550 -29.63 -4.99 46.12
CA THR B 3550 -28.65 -6.05 45.86
C THR B 3550 -29.32 -7.42 45.84
N GLU B 3551 -30.27 -7.65 46.75
CA GLU B 3551 -30.99 -8.92 46.77
C GLU B 3551 -31.93 -9.02 45.58
N TYR B 3552 -32.49 -7.89 45.14
CA TYR B 3552 -33.45 -7.92 44.03
C TYR B 3552 -32.75 -8.17 42.70
N LEU B 3553 -31.56 -7.61 42.51
CA LEU B 3553 -30.88 -7.65 41.22
C LEU B 3553 -29.91 -8.82 41.08
N SER B 3554 -29.79 -9.66 42.10
CA SER B 3554 -28.87 -10.79 42.02
C SER B 3554 -29.39 -11.92 42.90
N ASN B 3555 -28.97 -13.14 42.56
CA ASN B 3555 -29.31 -14.32 43.34
C ASN B 3555 -28.13 -14.72 44.23
N ALA B 3556 -28.43 -15.57 45.22
CA ALA B 3556 -27.42 -15.95 46.19
C ALA B 3556 -26.29 -16.74 45.54
N ASP B 3557 -26.58 -17.51 44.50
CA ASP B 3557 -25.53 -18.25 43.81
C ASP B 3557 -24.52 -17.31 43.17
N GLU B 3558 -25.00 -16.26 42.50
CA GLU B 3558 -24.09 -15.32 41.86
C GLU B 3558 -23.28 -14.55 42.89
N ARG B 3559 -23.91 -14.17 44.01
CA ARG B 3559 -23.18 -13.50 45.07
C ARG B 3559 -22.09 -14.40 45.64
N LEU B 3560 -22.41 -15.67 45.88
CA LEU B 3560 -21.41 -16.61 46.38
C LEU B 3560 -20.27 -16.79 45.38
N ARG B 3561 -20.59 -16.85 44.10
CA ARG B 3561 -19.55 -16.95 43.08
C ARG B 3561 -18.66 -15.72 43.07
N TRP B 3562 -19.25 -14.53 43.27
CA TRP B 3562 -18.46 -13.31 43.31
C TRP B 3562 -17.50 -13.30 44.49
N GLN B 3563 -17.96 -13.74 45.67
CA GLN B 3563 -17.07 -13.79 46.83
C GLN B 3563 -15.92 -14.75 46.58
N ALA B 3564 -16.14 -15.82 45.83
CA ALA B 3564 -15.06 -16.71 45.44
C ALA B 3564 -14.05 -16.02 44.53
N SER B 3565 -14.47 -14.97 43.81
CA SER B 3565 -13.59 -14.20 42.94
C SER B 3565 -12.99 -12.99 43.67
N SER B 3566 -12.85 -13.06 44.99
CA SER B 3566 -12.22 -12.02 45.79
C SER B 3566 -12.98 -10.70 45.73
N LEU B 3567 -14.29 -10.76 45.55
CA LEU B 3567 -15.11 -9.55 45.64
C LEU B 3567 -15.38 -9.22 47.10
N PRO B 3568 -15.08 -8.02 47.56
CA PRO B 3568 -15.32 -7.67 48.96
C PRO B 3568 -16.81 -7.79 49.32
N ALA B 3569 -17.06 -8.23 50.55
CA ALA B 3569 -18.43 -8.43 51.04
C ALA B 3569 -19.00 -7.10 51.50
N ASP B 3570 -19.33 -6.26 50.52
CA ASP B 3570 -19.91 -4.95 50.77
C ASP B 3570 -21.14 -4.76 49.89
N ASP B 3571 -22.08 -3.94 50.37
CA ASP B 3571 -23.26 -3.62 49.58
C ASP B 3571 -22.89 -2.83 48.34
N LEU B 3572 -21.99 -1.85 48.48
CA LEU B 3572 -21.56 -1.08 47.33
C LEU B 3572 -20.78 -1.94 46.34
N CYS B 3573 -19.92 -2.83 46.85
CA CYS B 3573 -19.19 -3.74 45.96
C CYS B 3573 -20.16 -4.69 45.25
N THR B 3574 -21.19 -5.17 45.96
CA THR B 3574 -22.18 -6.02 45.32
C THR B 3574 -22.94 -5.27 44.23
N GLU B 3575 -23.30 -4.01 44.50
CA GLU B 3575 -23.97 -3.20 43.48
C GLU B 3575 -23.07 -2.98 42.27
N ASN B 3576 -21.78 -2.74 42.52
CA ASN B 3576 -20.82 -2.56 41.42
C ASN B 3576 -20.71 -3.83 40.59
N ALA B 3577 -20.67 -5.00 41.25
CA ALA B 3577 -20.63 -6.26 40.51
C ALA B 3577 -21.90 -6.45 39.69
N ILE B 3578 -23.06 -6.11 40.26
CA ILE B 3578 -24.31 -6.21 39.53
C ILE B 3578 -24.28 -5.32 38.29
N MET B 3579 -23.76 -4.09 38.44
CA MET B 3579 -23.64 -3.20 37.29
C MET B 3579 -22.68 -3.77 36.25
N LEU B 3580 -21.58 -4.37 36.70
CA LEU B 3580 -20.65 -5.02 35.77
C LEU B 3580 -21.27 -6.26 35.13
N LYS B 3581 -22.39 -6.76 35.68
CA LYS B 3581 -23.07 -7.90 35.09
C LYS B 3581 -24.20 -7.49 34.15
N ARG B 3582 -24.97 -6.47 34.53
CA ARG B 3582 -26.16 -6.06 33.78
C ARG B 3582 -25.95 -4.78 32.97
N PHE B 3583 -24.71 -4.47 32.60
CA PHE B 3583 -24.44 -3.23 31.89
C PHE B 3583 -24.97 -3.29 30.46
N ASN B 3584 -25.33 -2.12 29.94
CA ASN B 3584 -25.64 -1.97 28.52
C ASN B 3584 -24.47 -1.38 27.75
N ARG B 3585 -23.99 -0.21 28.18
CA ARG B 3585 -22.72 0.29 27.66
C ARG B 3585 -21.57 -0.37 28.41
N TYR B 3586 -20.45 -0.51 27.72
CA TYR B 3586 -19.30 -1.19 28.29
C TYR B 3586 -18.80 -0.42 29.51
N PRO B 3587 -18.54 -1.10 30.63
CA PRO B 3587 -18.27 -0.39 31.88
C PRO B 3587 -16.92 0.29 31.89
N LEU B 3588 -16.84 1.36 32.68
CA LEU B 3588 -15.58 2.02 33.02
C LEU B 3588 -15.37 1.86 34.52
N ILE B 3589 -14.35 1.12 34.91
CA ILE B 3589 -14.11 0.76 36.29
C ILE B 3589 -13.10 1.74 36.90
N ILE B 3590 -13.46 2.33 38.03
CA ILE B 3590 -12.58 3.21 38.77
C ILE B 3590 -12.19 2.47 40.05
N ASP B 3591 -10.98 1.91 40.06
CA ASP B 3591 -10.52 1.04 41.14
C ASP B 3591 -9.15 1.47 41.66
N PRO B 3592 -9.11 2.54 42.47
CA PRO B 3592 -7.83 2.95 43.07
C PRO B 3592 -7.18 1.86 43.91
N SER B 3593 -7.97 1.03 44.58
CA SER B 3593 -7.42 -0.04 45.41
C SER B 3593 -6.95 -1.25 44.61
N GLY B 3594 -7.40 -1.38 43.36
CA GLY B 3594 -6.99 -2.51 42.53
C GLY B 3594 -7.70 -3.80 42.80
N GLN B 3595 -8.73 -3.81 43.64
CA GLN B 3595 -9.47 -5.03 43.89
C GLN B 3595 -10.43 -5.37 42.75
N ALA B 3596 -11.01 -4.35 42.12
CA ALA B 3596 -11.98 -4.60 41.05
C ALA B 3596 -11.32 -5.25 39.85
N THR B 3597 -10.10 -4.84 39.50
CA THR B 3597 -9.44 -5.43 38.35
C THR B 3597 -9.14 -6.91 38.58
N GLU B 3598 -8.68 -7.27 39.79
CA GLU B 3598 -8.42 -8.67 40.07
C GLU B 3598 -9.72 -9.48 40.15
N PHE B 3599 -10.80 -8.86 40.64
CA PHE B 3599 -12.11 -9.51 40.58
C PHE B 3599 -12.52 -9.78 39.15
N ILE B 3600 -12.26 -8.82 38.25
CA ILE B 3600 -12.60 -9.01 36.84
C ILE B 3600 -11.76 -10.13 36.24
N MET B 3601 -10.46 -10.18 36.55
CA MET B 3601 -9.61 -11.24 36.03
C MET B 3601 -10.09 -12.61 36.52
N ASN B 3602 -10.44 -12.72 37.80
CA ASN B 3602 -10.92 -14.00 38.32
C ASN B 3602 -12.26 -14.38 37.70
N GLU B 3603 -13.15 -13.41 37.52
CA GLU B 3603 -14.50 -13.72 37.06
C GLU B 3603 -14.52 -14.23 35.62
N TYR B 3604 -13.72 -13.62 34.74
CA TYR B 3604 -13.70 -13.96 33.34
C TYR B 3604 -12.49 -14.80 32.96
N LYS B 3605 -11.84 -15.42 33.94
CA LYS B 3605 -10.70 -16.28 33.65
C LYS B 3605 -11.12 -17.50 32.83
N ASP B 3606 -12.31 -18.04 33.11
CA ASP B 3606 -12.79 -19.20 32.38
C ASP B 3606 -13.03 -18.90 30.90
N ARG B 3607 -13.23 -17.64 30.55
CA ARG B 3607 -13.44 -17.23 29.16
C ARG B 3607 -12.16 -16.71 28.52
N LYS B 3608 -11.00 -16.91 29.15
CA LYS B 3608 -9.71 -16.48 28.63
C LYS B 3608 -9.66 -14.96 28.45
N ILE B 3609 -9.81 -14.26 29.57
CA ILE B 3609 -9.73 -12.80 29.56
C ILE B 3609 -8.27 -12.37 29.47
N THR B 3610 -8.03 -11.28 28.76
CA THR B 3610 -6.70 -10.73 28.55
C THR B 3610 -6.65 -9.30 29.05
N ARG B 3611 -5.63 -8.99 29.86
CA ARG B 3611 -5.43 -7.64 30.37
C ARG B 3611 -4.46 -6.90 29.45
N THR B 3612 -4.89 -5.73 28.97
CA THR B 3612 -4.04 -4.89 28.13
C THR B 3612 -4.18 -3.43 28.55
N SER B 3613 -3.58 -2.52 27.79
CA SER B 3613 -3.61 -1.10 28.11
C SER B 3613 -3.64 -0.29 26.82
N PHE B 3614 -4.11 0.95 26.95
CA PHE B 3614 -4.13 1.85 25.80
C PHE B 3614 -2.73 2.24 25.36
N LEU B 3615 -1.78 2.31 26.30
CA LEU B 3615 -0.43 2.72 25.96
C LEU B 3615 0.33 1.63 25.21
N ASP B 3616 0.00 0.37 25.44
CA ASP B 3616 0.71 -0.73 24.80
C ASP B 3616 0.49 -0.71 23.29
N ASP B 3617 1.56 -0.99 22.55
CA ASP B 3617 1.48 -1.06 21.10
C ASP B 3617 0.80 -2.33 20.60
N ALA B 3618 0.57 -3.30 21.47
CA ALA B 3618 -0.14 -4.52 21.11
C ALA B 3618 -1.65 -4.39 21.28
N PHE B 3619 -2.14 -3.19 21.61
CA PHE B 3619 -3.57 -3.00 21.82
C PHE B 3619 -4.37 -3.25 20.54
N ARG B 3620 -3.80 -2.90 19.39
CA ARG B 3620 -4.49 -3.10 18.12
C ARG B 3620 -4.80 -4.57 17.88
N LYS B 3621 -3.77 -5.43 17.98
CA LYS B 3621 -3.97 -6.85 17.70
C LYS B 3621 -4.84 -7.51 18.76
N ASN B 3622 -4.71 -7.08 20.02
CA ASN B 3622 -5.55 -7.63 21.08
C ASN B 3622 -7.01 -7.28 20.83
N LEU B 3623 -7.30 -6.04 20.45
CA LEU B 3623 -8.67 -5.63 20.14
C LEU B 3623 -9.20 -6.38 18.92
N GLU B 3624 -8.36 -6.53 17.90
CA GLU B 3624 -8.79 -7.21 16.68
C GLU B 3624 -9.09 -8.68 16.93
N SER B 3625 -8.24 -9.34 17.73
CA SER B 3625 -8.51 -10.72 18.12
C SER B 3625 -9.77 -10.83 18.98
N ALA B 3626 -9.97 -9.90 19.91
CA ALA B 3626 -11.18 -9.92 20.72
C ALA B 3626 -12.42 -9.75 19.85
N LEU B 3627 -12.37 -8.84 18.87
CA LEU B 3627 -13.52 -8.62 18.03
C LEU B 3627 -13.84 -9.83 17.16
N ARG B 3628 -12.84 -10.60 16.72
CA ARG B 3628 -13.19 -11.73 15.87
C ARG B 3628 -13.38 -13.06 16.61
N PHE B 3629 -12.81 -13.23 17.80
CA PHE B 3629 -12.86 -14.54 18.48
C PHE B 3629 -13.36 -14.44 19.92
N GLY B 3630 -14.23 -13.49 20.24
CA GLY B 3630 -14.74 -13.40 21.60
C GLY B 3630 -13.72 -12.80 22.53
N ASN B 3631 -13.11 -13.64 23.38
CA ASN B 3631 -11.94 -13.23 24.17
C ASN B 3631 -12.19 -11.95 24.96
N PRO B 3632 -12.93 -12.00 26.05
CA PRO B 3632 -13.20 -10.78 26.82
C PRO B 3632 -11.91 -10.04 27.18
N LEU B 3633 -11.94 -8.72 27.05
CA LEU B 3633 -10.74 -7.90 27.11
C LEU B 3633 -10.89 -6.86 28.22
N LEU B 3634 -9.81 -6.66 28.97
CA LEU B 3634 -9.72 -5.61 29.97
C LEU B 3634 -8.65 -4.63 29.55
N VAL B 3635 -9.02 -3.36 29.45
CA VAL B 3635 -8.12 -2.31 29.00
C VAL B 3635 -7.91 -1.32 30.14
N GLN B 3636 -6.68 -1.16 30.58
CA GLN B 3636 -6.35 -0.24 31.64
C GLN B 3636 -5.93 1.12 31.06
N ASP B 3637 -5.74 2.09 31.96
CA ASP B 3637 -5.31 3.44 31.62
C ASP B 3637 -6.27 4.08 30.62
N VAL B 3638 -7.54 4.15 31.02
CA VAL B 3638 -8.57 4.71 30.15
C VAL B 3638 -8.42 6.22 30.01
N GLU B 3639 -7.65 6.86 30.89
CA GLU B 3639 -7.40 8.29 30.77
C GLU B 3639 -6.55 8.62 29.54
N SER B 3640 -6.00 7.62 28.86
CA SER B 3640 -5.35 7.81 27.57
C SER B 3640 -6.19 7.12 26.51
N TYR B 3641 -7.50 7.32 26.57
CA TYR B 3641 -8.44 6.63 25.70
C TYR B 3641 -8.08 6.82 24.23
N ASP B 3642 -8.07 5.72 23.49
CA ASP B 3642 -7.75 5.74 22.08
C ASP B 3642 -9.06 5.83 21.30
N PRO B 3643 -9.30 6.90 20.55
CA PRO B 3643 -10.59 7.02 19.84
C PRO B 3643 -10.73 6.06 18.69
N VAL B 3644 -10.50 4.77 18.94
CA VAL B 3644 -10.76 3.73 17.97
C VAL B 3644 -11.90 2.81 18.40
N LEU B 3645 -12.20 2.74 19.70
CA LEU B 3645 -13.32 1.96 20.20
C LEU B 3645 -14.66 2.64 19.99
N ASN B 3646 -14.68 3.84 19.39
CA ASN B 3646 -15.93 4.55 19.20
C ASN B 3646 -16.96 3.72 18.44
N PRO B 3647 -16.65 3.09 17.30
CA PRO B 3647 -17.62 2.15 16.73
C PRO B 3647 -17.92 0.97 17.63
N VAL B 3648 -16.93 0.50 18.39
CA VAL B 3648 -17.16 -0.61 19.30
C VAL B 3648 -18.02 -0.18 20.47
N LEU B 3649 -17.72 0.98 21.06
CA LEU B 3649 -18.46 1.46 22.22
C LEU B 3649 -19.88 1.85 21.84
N ASN B 3650 -20.06 2.41 20.64
CA ASN B 3650 -21.39 2.80 20.18
C ASN B 3650 -22.16 1.66 19.55
N ARG B 3651 -21.53 0.49 19.38
CA ARG B 3651 -22.16 -0.69 18.76
C ARG B 3651 -22.72 -0.35 17.39
N GLU B 3652 -21.89 0.33 16.57
CA GLU B 3652 -22.29 0.75 15.23
C GLU B 3652 -22.09 -0.42 14.26
N VAL B 3653 -22.89 -1.45 14.46
CA VAL B 3653 -22.81 -2.66 13.67
C VAL B 3653 -23.94 -2.67 12.65
N ARG B 3654 -23.80 -3.53 11.63
CA ARG B 3654 -24.86 -3.78 10.67
C ARG B 3654 -25.08 -5.29 10.58
N ARG B 3655 -26.34 -5.69 10.50
CA ARG B 3655 -26.67 -7.10 10.45
C ARG B 3655 -26.73 -7.58 9.00
N THR B 3656 -26.94 -8.89 8.82
CA THR B 3656 -27.03 -9.53 7.51
C THR B 3656 -25.70 -9.47 6.76
N GLY B 3657 -25.49 -10.39 5.84
CA GLY B 3657 -24.22 -10.45 5.13
C GLY B 3657 -23.06 -10.83 6.02
N GLY B 3658 -23.25 -11.82 6.87
CA GLY B 3658 -22.27 -12.20 7.86
C GLY B 3658 -22.68 -12.00 9.30
N ARG B 3659 -23.99 -11.98 9.58
CA ARG B 3659 -24.52 -11.76 10.93
C ARG B 3659 -24.08 -10.37 11.37
N VAL B 3660 -23.33 -10.23 12.47
CA VAL B 3660 -22.96 -8.91 12.97
C VAL B 3660 -21.66 -8.47 12.32
N LEU B 3661 -21.69 -7.30 11.68
CA LEU B 3661 -20.54 -6.74 11.00
C LEU B 3661 -20.19 -5.40 11.64
N ILE B 3662 -18.92 -5.26 12.04
CA ILE B 3662 -18.41 -4.02 12.61
C ILE B 3662 -17.27 -3.51 11.73
N THR B 3663 -17.31 -2.22 11.39
CA THR B 3663 -16.27 -1.60 10.58
C THR B 3663 -15.31 -0.81 11.48
N LEU B 3664 -14.39 -1.54 12.08
CA LEU B 3664 -13.34 -0.94 12.90
C LEU B 3664 -12.34 -0.27 11.98
N GLY B 3665 -12.49 1.04 11.79
CA GLY B 3665 -11.67 1.75 10.84
C GLY B 3665 -12.05 1.46 9.40
N ASP B 3666 -11.13 0.85 8.65
CA ASP B 3666 -11.39 0.50 7.26
C ASP B 3666 -11.62 -0.99 7.02
N GLN B 3667 -11.54 -1.82 8.06
CA GLN B 3667 -11.70 -3.26 7.91
C GLN B 3667 -13.06 -3.70 8.45
N ASP B 3668 -13.80 -4.44 7.65
CA ASP B 3668 -15.14 -4.92 8.04
C ASP B 3668 -14.97 -6.18 8.88
N ILE B 3669 -14.83 -5.97 10.18
CA ILE B 3669 -14.65 -7.09 11.10
C ILE B 3669 -15.99 -7.70 11.46
N ASP B 3670 -16.01 -9.03 11.57
CA ASP B 3670 -17.19 -9.76 12.01
C ASP B 3670 -17.16 -9.87 13.53
N LEU B 3671 -18.11 -9.21 14.19
CA LEU B 3671 -18.11 -9.14 15.65
C LEU B 3671 -18.62 -10.44 16.25
N SER B 3672 -17.87 -10.96 17.22
CA SER B 3672 -18.25 -12.15 17.98
C SER B 3672 -19.24 -11.78 19.07
N PRO B 3673 -20.38 -12.47 19.16
CA PRO B 3673 -21.37 -12.11 20.20
C PRO B 3673 -20.86 -12.27 21.62
N SER B 3674 -19.82 -13.08 21.84
CA SER B 3674 -19.28 -13.29 23.17
C SER B 3674 -18.25 -12.26 23.58
N PHE B 3675 -17.96 -11.28 22.73
CA PHE B 3675 -16.98 -10.25 23.04
C PHE B 3675 -17.53 -9.29 24.09
N VAL B 3676 -16.65 -8.85 24.99
CA VAL B 3676 -16.97 -7.84 25.98
C VAL B 3676 -15.68 -7.17 26.43
N ILE B 3677 -15.73 -5.86 26.59
CA ILE B 3677 -14.55 -5.05 26.93
C ILE B 3677 -14.83 -4.26 28.20
N PHE B 3678 -13.88 -4.30 29.13
CA PHE B 3678 -13.95 -3.52 30.36
C PHE B 3678 -12.83 -2.49 30.36
N LEU B 3679 -13.18 -1.24 30.62
CA LEU B 3679 -12.21 -0.16 30.76
C LEU B 3679 -11.99 0.11 32.24
N SER B 3680 -10.73 0.29 32.62
CA SER B 3680 -10.36 0.45 34.02
C SER B 3680 -9.39 1.60 34.17
N THR B 3681 -9.39 2.19 35.37
CA THR B 3681 -8.44 3.24 35.73
C THR B 3681 -8.24 3.21 37.23
N ARG B 3682 -6.98 3.42 37.65
CA ARG B 3682 -6.63 3.45 39.06
C ARG B 3682 -6.67 4.84 39.65
N ASP B 3683 -6.93 5.87 38.84
CA ASP B 3683 -6.93 7.25 39.31
C ASP B 3683 -8.36 7.71 39.55
N PRO B 3684 -8.77 7.93 40.80
CA PRO B 3684 -10.09 8.51 41.06
C PRO B 3684 -10.18 9.98 40.73
N THR B 3685 -9.06 10.64 40.45
CA THR B 3685 -8.99 12.08 40.26
C THR B 3685 -9.13 12.48 38.79
N VAL B 3686 -9.17 11.53 37.87
CA VAL B 3686 -9.13 11.84 36.45
C VAL B 3686 -10.48 12.36 35.99
N GLU B 3687 -10.44 13.37 35.11
CA GLU B 3687 -11.63 13.85 34.41
C GLU B 3687 -11.77 13.14 33.07
N PHE B 3688 -13.00 13.06 32.59
CA PHE B 3688 -13.24 12.46 31.29
C PHE B 3688 -14.06 13.40 30.41
N PRO B 3689 -13.82 13.41 29.10
CA PRO B 3689 -14.61 14.26 28.22
C PRO B 3689 -16.04 13.76 28.15
N PRO B 3690 -17.00 14.64 27.83
CA PRO B 3690 -18.42 14.21 27.84
C PRO B 3690 -18.73 13.07 26.90
N ASP B 3691 -18.05 12.98 25.74
CA ASP B 3691 -18.34 11.90 24.82
C ASP B 3691 -17.98 10.55 25.42
N LEU B 3692 -16.82 10.46 26.07
CA LEU B 3692 -16.44 9.21 26.72
C LEU B 3692 -17.39 8.86 27.86
N CYS B 3693 -17.82 9.86 28.63
CA CYS B 3693 -18.80 9.61 29.68
C CYS B 3693 -20.11 9.10 29.10
N SER B 3694 -20.49 9.58 27.92
CA SER B 3694 -21.71 9.10 27.29
C SER B 3694 -21.55 7.69 26.72
N ARG B 3695 -20.34 7.34 26.27
CA ARG B 3695 -20.13 6.06 25.62
C ARG B 3695 -20.00 4.89 26.59
N VAL B 3696 -19.71 5.14 27.86
CA VAL B 3696 -19.49 4.08 28.82
C VAL B 3696 -20.31 4.34 30.07
N THR B 3697 -20.52 3.29 30.85
CA THR B 3697 -21.14 3.40 32.16
C THR B 3697 -20.06 3.31 33.24
N PHE B 3698 -20.23 4.11 34.29
CA PHE B 3698 -19.20 4.28 35.32
C PHE B 3698 -19.49 3.37 36.49
N VAL B 3699 -18.49 2.60 36.91
CA VAL B 3699 -18.59 1.71 38.06
C VAL B 3699 -17.49 2.14 39.02
N ASN B 3700 -17.85 2.95 40.01
CA ASN B 3700 -16.89 3.52 40.95
C ASN B 3700 -16.75 2.59 42.14
N PHE B 3701 -15.54 2.05 42.34
CA PHE B 3701 -15.26 1.16 43.47
C PHE B 3701 -14.67 1.99 44.62
N THR B 3702 -15.53 2.81 45.22
CA THR B 3702 -15.12 3.60 46.37
C THR B 3702 -15.04 2.74 47.61
N VAL B 3703 -14.40 3.28 48.64
CA VAL B 3703 -14.24 2.62 49.93
C VAL B 3703 -15.27 3.18 50.90
N THR B 3704 -16.11 2.32 51.44
CA THR B 3704 -17.14 2.71 52.38
C THR B 3704 -16.66 2.50 53.82
N ARG B 3705 -17.35 3.18 54.74
CA ARG B 3705 -17.00 3.06 56.15
C ARG B 3705 -17.24 1.64 56.66
N SER B 3706 -18.36 1.04 56.26
CA SER B 3706 -18.68 -0.31 56.72
C SER B 3706 -17.66 -1.33 56.24
N SER B 3707 -17.27 -1.23 54.97
CA SER B 3707 -16.28 -2.17 54.43
C SER B 3707 -14.95 -2.04 55.14
N LEU B 3708 -14.51 -0.81 55.38
CA LEU B 3708 -13.25 -0.60 56.07
C LEU B 3708 -13.31 -1.11 57.51
N GLN B 3709 -14.43 -0.87 58.20
CA GLN B 3709 -14.58 -1.39 59.56
C GLN B 3709 -14.53 -2.90 59.57
N SER B 3710 -15.21 -3.54 58.62
CA SER B 3710 -15.17 -5.00 58.55
C SER B 3710 -13.76 -5.50 58.27
N GLN B 3711 -13.05 -4.86 57.34
CA GLN B 3711 -11.69 -5.29 57.02
C GLN B 3711 -10.77 -5.13 58.22
N CYS B 3712 -10.88 -4.01 58.93
CA CYS B 3712 -10.03 -3.79 60.10
C CYS B 3712 -10.35 -4.77 61.22
N LEU B 3713 -11.64 -5.08 61.43
CA LEU B 3713 -12.02 -6.06 62.43
C LEU B 3713 -11.47 -7.44 62.07
N ASN B 3714 -11.58 -7.82 60.80
CA ASN B 3714 -11.00 -9.09 60.37
C ASN B 3714 -9.50 -9.12 60.58
N GLU B 3715 -8.82 -8.02 60.26
CA GLU B 3715 -7.36 -7.98 60.41
C GLU B 3715 -6.94 -8.09 61.87
N VAL B 3716 -7.63 -7.37 62.76
CA VAL B 3716 -7.26 -7.42 64.18
C VAL B 3716 -7.59 -8.78 64.77
N LEU B 3717 -8.70 -9.41 64.34
CA LEU B 3717 -8.98 -10.76 64.79
C LEU B 3717 -7.91 -11.73 64.33
N LYS B 3718 -7.48 -11.63 63.07
CA LYS B 3718 -6.44 -12.52 62.57
C LYS B 3718 -5.12 -12.30 63.28
N ALA B 3719 -4.83 -11.05 63.66
CA ALA B 3719 -3.56 -10.74 64.32
C ALA B 3719 -3.56 -11.21 65.77
N GLU B 3720 -4.48 -10.67 66.59
CA GLU B 3720 -4.42 -10.92 68.02
C GLU B 3720 -4.91 -12.32 68.38
N ARG B 3721 -5.99 -12.78 67.74
CA ARG B 3721 -6.63 -14.04 68.08
C ARG B 3721 -6.82 -14.87 66.82
N PRO B 3722 -5.74 -15.46 66.30
CA PRO B 3722 -5.83 -16.18 65.00
C PRO B 3722 -6.82 -17.34 65.02
N ASP B 3723 -6.97 -18.03 66.14
CA ASP B 3723 -7.90 -19.16 66.19
C ASP B 3723 -9.34 -18.70 65.95
N VAL B 3724 -9.73 -17.58 66.54
CA VAL B 3724 -11.07 -17.05 66.33
C VAL B 3724 -11.30 -16.70 64.87
N ASP B 3725 -10.31 -16.07 64.24
CA ASP B 3725 -10.44 -15.70 62.84
C ASP B 3725 -10.55 -16.92 61.94
N GLU B 3726 -9.74 -17.95 62.21
CA GLU B 3726 -9.81 -19.16 61.41
C GLU B 3726 -11.14 -19.86 61.59
N LYS B 3727 -11.65 -19.92 62.83
CA LYS B 3727 -12.97 -20.49 63.08
C LYS B 3727 -14.04 -19.73 62.32
N ARG B 3728 -13.98 -18.40 62.36
CA ARG B 3728 -14.98 -17.59 61.68
C ARG B 3728 -14.94 -17.83 60.17
N SER B 3729 -13.74 -17.88 59.58
CA SER B 3729 -13.64 -18.14 58.15
C SER B 3729 -14.19 -19.51 57.79
N ASP B 3730 -13.82 -20.54 58.57
CA ASP B 3730 -14.28 -21.89 58.27
C ASP B 3730 -15.79 -22.00 58.35
N LEU B 3731 -16.41 -21.41 59.39
CA LEU B 3731 -17.84 -21.54 59.49
C LEU B 3731 -18.60 -20.62 58.55
N LEU B 3732 -18.00 -19.51 58.12
CA LEU B 3732 -18.63 -18.75 57.04
C LEU B 3732 -18.65 -19.57 55.75
N LYS B 3733 -17.55 -20.28 55.47
CA LYS B 3733 -17.54 -21.19 54.33
C LYS B 3733 -18.62 -22.27 54.50
N LEU B 3734 -18.73 -22.82 55.71
CA LEU B 3734 -19.73 -23.86 55.95
C LEU B 3734 -21.15 -23.33 55.79
N GLN B 3735 -21.41 -22.11 56.26
CA GLN B 3735 -22.73 -21.50 56.08
C GLN B 3735 -23.05 -21.29 54.61
N GLY B 3736 -22.08 -20.81 53.84
CA GLY B 3736 -22.30 -20.68 52.41
C GLY B 3736 -22.63 -22.01 51.76
N GLU B 3737 -21.88 -23.05 52.10
CA GLU B 3737 -22.13 -24.37 51.54
C GLU B 3737 -23.50 -24.88 51.95
N PHE B 3738 -23.88 -24.69 53.21
CA PHE B 3738 -25.16 -25.18 53.71
C PHE B 3738 -26.33 -24.45 53.04
N GLN B 3739 -26.21 -23.14 52.86
CA GLN B 3739 -27.27 -22.40 52.18
C GLN B 3739 -27.39 -22.82 50.72
N LEU B 3740 -26.25 -23.03 50.06
CA LEU B 3740 -26.28 -23.54 48.70
C LEU B 3740 -26.97 -24.90 48.65
N ARG B 3741 -26.67 -25.77 49.60
CA ARG B 3741 -27.29 -27.09 49.64
C ARG B 3741 -28.79 -27.01 49.87
N LEU B 3742 -29.21 -26.11 50.76
CA LEU B 3742 -30.65 -25.94 51.00
C LEU B 3742 -31.36 -25.44 49.75
N ARG B 3743 -30.77 -24.48 49.05
CA ARG B 3743 -31.37 -23.99 47.82
C ARG B 3743 -31.45 -25.09 46.77
N GLN B 3744 -30.38 -25.87 46.63
CA GLN B 3744 -30.40 -26.98 45.68
C GLN B 3744 -31.45 -28.01 46.04
N LEU B 3745 -31.60 -28.31 47.34
CA LEU B 3745 -32.60 -29.29 47.76
C LEU B 3745 -34.01 -28.80 47.47
N GLU B 3746 -34.28 -27.51 47.75
CA GLU B 3746 -35.60 -26.98 47.44
C GLU B 3746 -35.89 -27.01 45.95
N LYS B 3747 -34.90 -26.62 45.13
CA LYS B 3747 -35.09 -26.65 43.69
C LYS B 3747 -35.31 -28.06 43.18
N SER B 3748 -34.56 -29.03 43.71
CA SER B 3748 -34.71 -30.42 43.29
C SER B 3748 -36.05 -30.98 43.72
N LEU B 3749 -36.54 -30.60 44.90
CA LEU B 3749 -37.87 -31.04 45.32
C LEU B 3749 -38.94 -30.49 44.40
N LEU B 3750 -38.85 -29.19 44.08
CA LEU B 3750 -39.77 -28.60 43.10
C LEU B 3750 -39.73 -29.38 41.79
N GLN B 3751 -38.53 -29.60 41.26
CA GLN B 3751 -38.39 -30.31 39.98
C GLN B 3751 -39.03 -31.70 40.05
N ALA B 3752 -38.58 -32.52 40.99
CA ALA B 3752 -39.10 -33.88 41.12
C ALA B 3752 -40.62 -33.90 41.29
N LEU B 3753 -41.19 -32.85 41.89
CA LEU B 3753 -42.64 -32.74 41.87
C LEU B 3753 -43.18 -32.29 40.53
N ASN B 3754 -42.35 -31.65 39.70
CA ASN B 3754 -42.83 -31.22 38.39
C ASN B 3754 -42.83 -32.35 37.35
N GLU B 3755 -41.66 -32.92 37.02
CA GLU B 3755 -41.69 -33.88 35.91
C GLU B 3755 -42.19 -35.26 36.32
N VAL B 3756 -42.80 -35.41 37.50
CA VAL B 3756 -43.46 -36.67 37.82
C VAL B 3756 -44.72 -36.79 36.97
N LYS B 3757 -44.89 -37.93 36.32
CA LYS B 3757 -46.00 -38.16 35.41
C LYS B 3757 -47.01 -39.11 36.06
N GLY B 3758 -48.28 -38.95 35.72
CA GLY B 3758 -49.32 -39.77 36.30
C GLY B 3758 -49.64 -39.39 37.73
N ARG B 3759 -49.33 -40.28 38.67
CA ARG B 3759 -49.62 -40.08 40.07
C ARG B 3759 -48.41 -40.46 40.90
N ILE B 3760 -48.22 -39.76 42.02
CA ILE B 3760 -46.96 -39.83 42.75
C ILE B 3760 -46.75 -41.20 43.37
N LEU B 3761 -47.83 -41.83 43.86
CA LEU B 3761 -47.69 -43.11 44.55
C LEU B 3761 -47.55 -44.28 43.60
N ASP B 3762 -47.78 -44.08 42.30
CA ASP B 3762 -47.60 -45.18 41.35
C ASP B 3762 -46.14 -45.58 41.21
N ASP B 3763 -45.21 -44.66 41.47
CA ASP B 3763 -43.79 -44.92 41.39
C ASP B 3763 -43.16 -44.71 42.75
N ASP B 3764 -42.41 -45.71 43.22
CA ASP B 3764 -41.77 -45.66 44.52
C ASP B 3764 -40.44 -44.91 44.50
N THR B 3765 -39.79 -44.82 43.34
CA THR B 3765 -38.53 -44.08 43.26
C THR B 3765 -38.74 -42.61 43.59
N ILE B 3766 -39.86 -42.04 43.13
CA ILE B 3766 -40.18 -40.66 43.50
C ILE B 3766 -40.34 -40.53 45.00
N ILE B 3767 -40.97 -41.53 45.63
CA ILE B 3767 -41.16 -41.50 47.08
C ILE B 3767 -39.80 -41.51 47.78
N THR B 3768 -38.90 -42.40 47.33
CA THR B 3768 -37.58 -42.48 47.92
C THR B 3768 -36.81 -41.16 47.76
N THR B 3769 -36.86 -40.57 46.57
CA THR B 3769 -36.16 -39.31 46.33
C THR B 3769 -36.70 -38.20 47.22
N LEU B 3770 -38.03 -38.13 47.36
CA LEU B 3770 -38.63 -37.11 48.22
C LEU B 3770 -38.21 -37.30 49.67
N GLU B 3771 -38.21 -38.55 50.15
CA GLU B 3771 -37.79 -38.80 51.52
C GLU B 3771 -36.33 -38.40 51.73
N ASN B 3772 -35.47 -38.75 50.77
CA ASN B 3772 -34.06 -38.39 50.88
C ASN B 3772 -33.87 -36.89 50.90
N LEU B 3773 -34.57 -36.17 50.03
CA LEU B 3773 -34.46 -34.71 49.99
C LEU B 3773 -34.92 -34.09 51.31
N LYS B 3774 -36.03 -34.58 51.85
CA LYS B 3774 -36.55 -34.02 53.10
C LYS B 3774 -35.58 -34.27 54.25
N ARG B 3775 -35.04 -35.50 54.36
CA ARG B 3775 -34.14 -35.78 55.47
C ARG B 3775 -32.82 -35.01 55.33
N GLU B 3776 -32.34 -34.82 54.10
CA GLU B 3776 -31.13 -34.04 53.90
C GLU B 3776 -31.36 -32.57 54.24
N ALA B 3777 -32.55 -32.06 53.90
CA ALA B 3777 -32.89 -30.70 54.31
C ALA B 3777 -32.92 -30.57 55.83
N ALA B 3778 -33.46 -31.58 56.52
CA ALA B 3778 -33.49 -31.55 57.98
C ALA B 3778 -32.08 -31.53 58.56
N GLU B 3779 -31.20 -32.40 58.06
CA GLU B 3779 -29.84 -32.44 58.62
C GLU B 3779 -29.10 -31.13 58.33
N VAL B 3780 -29.29 -30.57 57.14
CA VAL B 3780 -28.63 -29.32 56.80
C VAL B 3780 -29.15 -28.20 57.69
N THR B 3781 -30.45 -28.20 57.99
CA THR B 3781 -31.01 -27.19 58.88
C THR B 3781 -30.41 -27.31 60.28
N ARG B 3782 -30.25 -28.53 60.78
CA ARG B 3782 -29.63 -28.72 62.09
C ARG B 3782 -28.19 -28.20 62.09
N LYS B 3783 -27.43 -28.50 61.03
CA LYS B 3783 -26.06 -28.00 60.93
C LYS B 3783 -26.04 -26.48 60.89
N VAL B 3784 -27.00 -25.87 60.19
CA VAL B 3784 -27.09 -24.40 60.15
C VAL B 3784 -27.35 -23.85 61.53
N GLU B 3785 -28.23 -24.50 62.30
CA GLU B 3785 -28.50 -24.04 63.66
C GLU B 3785 -27.24 -24.08 64.52
N GLU B 3786 -26.48 -25.18 64.43
CA GLU B 3786 -25.24 -25.28 65.20
C GLU B 3786 -24.25 -24.19 64.80
N THR B 3787 -24.09 -23.98 63.49
CA THR B 3787 -23.17 -22.94 63.04
C THR B 3787 -23.64 -21.56 63.46
N ASP B 3788 -24.95 -21.34 63.51
CA ASP B 3788 -25.47 -20.06 63.96
C ASP B 3788 -25.18 -19.79 65.43
N ILE B 3789 -25.32 -20.81 66.28
CA ILE B 3789 -25.00 -20.58 67.69
C ILE B 3789 -23.50 -20.35 67.87
N VAL B 3790 -22.67 -21.03 67.06
CA VAL B 3790 -21.24 -20.77 67.15
C VAL B 3790 -20.90 -19.36 66.66
N MET B 3791 -21.59 -18.88 65.62
CA MET B 3791 -21.45 -17.47 65.25
C MET B 3791 -21.89 -16.54 66.36
N GLN B 3792 -22.95 -16.90 67.08
CA GLN B 3792 -23.36 -16.09 68.22
C GLN B 3792 -22.22 -15.93 69.21
N GLU B 3793 -21.58 -17.04 69.58
CA GLU B 3793 -20.48 -16.92 70.54
C GLU B 3793 -19.26 -16.22 69.93
N VAL B 3794 -19.05 -16.37 68.62
CA VAL B 3794 -17.91 -15.70 67.98
C VAL B 3794 -18.10 -14.18 68.00
N GLU B 3795 -19.27 -13.70 67.60
CA GLU B 3795 -19.55 -12.27 67.68
C GLU B 3795 -19.62 -11.79 69.12
N THR B 3796 -19.91 -12.67 70.08
CA THR B 3796 -19.69 -12.32 71.47
C THR B 3796 -18.21 -12.06 71.74
N VAL B 3797 -17.34 -12.90 71.16
CA VAL B 3797 -15.91 -12.70 71.33
C VAL B 3797 -15.45 -11.45 70.59
N SER B 3798 -15.92 -11.26 69.35
CA SER B 3798 -15.41 -10.19 68.49
C SER B 3798 -16.02 -8.84 68.78
N GLN B 3799 -17.01 -8.75 69.68
CA GLN B 3799 -17.62 -7.47 69.99
C GLN B 3799 -16.65 -6.50 70.67
N GLN B 3800 -15.61 -7.02 71.31
CA GLN B 3800 -14.67 -6.17 72.03
C GLN B 3800 -13.88 -5.27 71.10
N TYR B 3801 -13.60 -5.72 69.88
CA TYR B 3801 -12.68 -5.03 68.99
C TYR B 3801 -13.36 -4.03 68.08
N LEU B 3802 -14.68 -3.85 68.20
CA LEU B 3802 -15.39 -2.91 67.34
C LEU B 3802 -14.92 -1.46 67.47
N PRO B 3803 -14.69 -0.91 68.67
CA PRO B 3803 -14.23 0.49 68.73
C PRO B 3803 -12.93 0.73 67.99
N LEU B 3804 -12.02 -0.25 67.99
CA LEU B 3804 -10.78 -0.08 67.22
C LEU B 3804 -11.06 0.04 65.74
N SER B 3805 -11.97 -0.78 65.21
CA SER B 3805 -12.32 -0.68 63.80
C SER B 3805 -13.01 0.64 63.48
N THR B 3806 -13.88 1.11 64.39
CA THR B 3806 -14.52 2.41 64.19
C THR B 3806 -13.49 3.53 64.15
N ALA B 3807 -12.51 3.48 65.07
CA ALA B 3807 -11.45 4.48 65.07
C ALA B 3807 -10.61 4.40 63.80
N CYS B 3808 -10.35 3.18 63.31
CA CYS B 3808 -9.62 3.01 62.06
C CYS B 3808 -10.36 3.68 60.90
N SER B 3809 -11.67 3.43 60.81
CA SER B 3809 -12.45 4.01 59.73
C SER B 3809 -12.47 5.53 59.82
N SER B 3810 -12.65 6.06 61.03
CA SER B 3810 -12.66 7.52 61.20
C SER B 3810 -11.31 8.12 60.83
N ILE B 3811 -10.21 7.48 61.25
CA ILE B 3811 -8.89 8.01 60.94
C ILE B 3811 -8.64 7.99 59.45
N TYR B 3812 -8.97 6.89 58.77
CA TYR B 3812 -8.74 6.82 57.34
C TYR B 3812 -9.58 7.81 56.57
N PHE B 3813 -10.86 7.96 56.95
CA PHE B 3813 -11.69 8.93 56.27
C PHE B 3813 -11.32 10.37 56.60
N THR B 3814 -10.60 10.59 57.70
CA THR B 3814 -9.96 11.89 57.91
C THR B 3814 -8.76 12.06 56.99
N MET B 3815 -8.04 10.95 56.73
CA MET B 3815 -6.88 11.02 55.84
C MET B 3815 -7.26 11.42 54.43
N GLU B 3816 -8.34 10.84 53.89
CA GLU B 3816 -8.78 11.21 52.55
C GLU B 3816 -9.20 12.68 52.50
N SER B 3817 -9.90 13.15 53.53
CA SER B 3817 -10.42 14.49 53.53
C SER B 3817 -9.34 15.55 53.66
N LEU B 3818 -8.09 15.16 53.93
CA LEU B 3818 -7.00 16.13 54.03
C LEU B 3818 -6.70 16.79 52.68
N LYS B 3819 -7.15 16.20 51.57
CA LYS B 3819 -6.89 16.80 50.25
C LYS B 3819 -7.66 18.10 50.04
N GLN B 3820 -8.61 18.42 50.92
CA GLN B 3820 -9.37 19.66 50.75
C GLN B 3820 -8.56 20.89 51.13
N ILE B 3821 -7.61 20.75 52.07
CA ILE B 3821 -6.82 21.88 52.53
C ILE B 3821 -5.52 22.05 51.76
N HIS B 3822 -5.05 21.04 51.04
CA HIS B 3822 -3.83 21.16 50.26
C HIS B 3822 -3.80 20.05 49.22
N PHE B 3823 -3.37 20.39 48.00
CA PHE B 3823 -3.32 19.40 46.93
C PHE B 3823 -2.33 18.29 47.21
N LEU B 3824 -1.31 18.54 48.03
CA LEU B 3824 -0.27 17.56 48.27
C LEU B 3824 -0.70 16.44 49.20
N TYR B 3825 -1.80 16.60 49.92
CA TYR B 3825 -2.20 15.64 50.95
C TYR B 3825 -3.03 14.52 50.32
N GLN B 3826 -2.37 13.78 49.44
CA GLN B 3826 -2.97 12.64 48.75
C GLN B 3826 -2.50 11.36 49.43
N TYR B 3827 -3.40 10.70 50.16
CA TYR B 3827 -3.09 9.47 50.85
C TYR B 3827 -4.03 8.37 50.37
N SER B 3828 -3.46 7.24 49.98
CA SER B 3828 -4.23 6.13 49.45
C SER B 3828 -4.63 5.17 50.57
N LEU B 3829 -5.46 4.19 50.21
CA LEU B 3829 -5.86 3.17 51.18
C LEU B 3829 -4.68 2.29 51.59
N GLN B 3830 -3.76 2.03 50.65
CA GLN B 3830 -2.59 1.20 50.97
C GLN B 3830 -1.73 1.85 52.03
N PHE B 3831 -1.66 3.17 52.06
CA PHE B 3831 -0.87 3.86 53.08
C PHE B 3831 -1.43 3.61 54.47
N PHE B 3832 -2.75 3.77 54.64
CA PHE B 3832 -3.36 3.52 55.94
C PHE B 3832 -3.30 2.04 56.29
N LEU B 3833 -3.43 1.17 55.29
CA LEU B 3833 -3.31 -0.27 55.55
C LEU B 3833 -1.91 -0.62 56.05
N ASP B 3834 -0.88 0.00 55.46
CA ASP B 3834 0.48 -0.22 55.94
C ASP B 3834 0.67 0.32 57.34
N ILE B 3835 0.08 1.48 57.64
CA ILE B 3835 0.16 2.03 58.99
C ILE B 3835 -0.47 1.06 59.99
N TYR B 3836 -1.65 0.55 59.66
CA TYR B 3836 -2.36 -0.38 60.53
C TYR B 3836 -1.60 -1.68 60.70
N HIS B 3837 -1.02 -2.20 59.62
CA HIS B 3837 -0.23 -3.42 59.72
C HIS B 3837 1.02 -3.22 60.57
N ASN B 3838 1.66 -2.05 60.45
CA ASN B 3838 2.81 -1.76 61.28
C ASN B 3838 2.43 -1.66 62.75
N VAL B 3839 1.27 -1.07 63.04
CA VAL B 3839 0.81 -0.97 64.42
C VAL B 3839 0.47 -2.35 64.98
N LEU B 3840 -0.08 -3.23 64.14
CA LEU B 3840 -0.46 -4.56 64.62
C LEU B 3840 0.77 -5.46 64.81
N TYR B 3841 1.50 -5.71 63.73
CA TYR B 3841 2.54 -6.74 63.74
C TYR B 3841 3.91 -6.20 64.17
N GLU B 3842 4.30 -5.02 63.69
CA GLU B 3842 5.64 -4.50 63.91
C GLU B 3842 5.67 -3.49 65.06
N ASN B 3843 4.87 -3.71 66.10
CA ASN B 3843 4.82 -2.80 67.23
C ASN B 3843 5.79 -3.27 68.31
N PRO B 3844 6.81 -2.49 68.66
CA PRO B 3844 7.73 -2.92 69.74
C PRO B 3844 7.08 -2.95 71.11
N ASN B 3845 5.98 -2.22 71.31
CA ASN B 3845 5.33 -2.19 72.62
C ASN B 3845 4.58 -3.49 72.94
N LEU B 3846 4.43 -4.39 71.98
CA LEU B 3846 3.72 -5.64 72.18
C LEU B 3846 4.65 -6.83 72.34
N LYS B 3847 5.90 -6.59 72.75
CA LYS B 3847 6.87 -7.68 72.84
C LYS B 3847 6.61 -8.55 74.08
N GLY B 3848 6.09 -7.96 75.15
CA GLY B 3848 5.96 -8.69 76.39
C GLY B 3848 4.63 -8.53 77.09
N VAL B 3849 3.59 -8.14 76.35
CA VAL B 3849 2.25 -7.96 76.91
C VAL B 3849 1.39 -9.13 76.46
N THR B 3850 0.65 -9.70 77.40
CA THR B 3850 -0.21 -10.86 77.12
C THR B 3850 -1.69 -10.59 77.39
N ASP B 3851 -2.01 -9.67 78.28
CA ASP B 3851 -3.41 -9.38 78.57
C ASP B 3851 -4.08 -8.75 77.35
N HIS B 3852 -5.19 -9.34 76.92
CA HIS B 3852 -5.82 -8.93 75.66
C HIS B 3852 -6.32 -7.49 75.71
N THR B 3853 -6.91 -7.09 76.84
CA THR B 3853 -7.38 -5.71 76.96
C THR B 3853 -6.22 -4.72 76.91
N GLN B 3854 -5.12 -5.05 77.58
CA GLN B 3854 -3.94 -4.18 77.54
C GLN B 3854 -3.38 -4.10 76.13
N ARG B 3855 -3.34 -5.24 75.42
CA ARG B 3855 -2.90 -5.21 74.03
C ARG B 3855 -3.80 -4.35 73.17
N LEU B 3856 -5.13 -4.43 73.37
CA LEU B 3856 -6.04 -3.61 72.59
C LEU B 3856 -5.82 -2.13 72.85
N SER B 3857 -5.65 -1.76 74.12
CA SER B 3857 -5.39 -0.35 74.45
C SER B 3857 -4.08 0.13 73.84
N ILE B 3858 -3.03 -0.69 73.92
CA ILE B 3858 -1.74 -0.31 73.35
C ILE B 3858 -1.86 -0.17 71.84
N ILE B 3859 -2.58 -1.09 71.19
CA ILE B 3859 -2.76 -1.02 69.75
C ILE B 3859 -3.50 0.26 69.36
N THR B 3860 -4.54 0.62 70.11
CA THR B 3860 -5.27 1.85 69.79
C THR B 3860 -4.37 3.08 69.92
N LYS B 3861 -3.66 3.18 71.05
CA LYS B 3861 -2.81 4.35 71.27
C LYS B 3861 -1.70 4.42 70.22
N ASP B 3862 -1.06 3.29 69.93
CA ASP B 3862 0.02 3.29 68.96
C ASP B 3862 -0.50 3.49 67.54
N LEU B 3863 -1.73 3.07 67.26
CA LEU B 3863 -2.35 3.38 65.98
C LEU B 3863 -2.49 4.88 65.80
N PHE B 3864 -3.02 5.56 66.81
CA PHE B 3864 -3.14 7.02 66.72
C PHE B 3864 -1.77 7.66 66.55
N GLN B 3865 -0.80 7.23 67.36
CA GLN B 3865 0.54 7.83 67.33
C GLN B 3865 1.21 7.63 65.98
N VAL B 3866 1.17 6.40 65.45
CA VAL B 3866 1.84 6.09 64.20
C VAL B 3866 1.13 6.77 63.03
N ALA B 3867 -0.20 6.84 63.07
CA ALA B 3867 -0.92 7.57 62.04
C ALA B 3867 -0.49 9.02 61.99
N PHE B 3868 -0.43 9.67 63.16
CA PHE B 3868 0.04 11.06 63.18
C PHE B 3868 1.48 11.17 62.70
N ASN B 3869 2.35 10.25 63.13
CA ASN B 3869 3.76 10.35 62.78
C ASN B 3869 3.96 10.19 61.28
N ARG B 3870 3.29 9.23 60.67
CA ARG B 3870 3.48 8.99 59.24
C ARG B 3870 2.79 10.05 58.39
N VAL B 3871 1.59 10.47 58.76
CA VAL B 3871 0.86 11.42 57.94
C VAL B 3871 1.50 12.80 58.02
N ALA B 3872 1.87 13.24 59.22
CA ALA B 3872 2.39 14.60 59.39
C ALA B 3872 3.80 14.78 58.84
N ARG B 3873 4.50 13.70 58.50
CA ARG B 3873 5.83 13.85 57.93
C ARG B 3873 5.78 14.52 56.56
N GLY B 3874 4.78 14.17 55.76
CA GLY B 3874 4.61 14.79 54.46
C GLY B 3874 3.56 15.87 54.50
N MET B 3875 3.59 16.68 55.56
CA MET B 3875 2.59 17.70 55.80
C MET B 3875 3.26 18.96 56.33
N LEU B 3876 2.72 20.11 55.93
CA LEU B 3876 3.24 21.39 56.40
C LEU B 3876 3.02 21.53 57.90
N HIS B 3877 3.99 22.17 58.56
CA HIS B 3877 3.95 22.30 60.01
C HIS B 3877 2.74 23.10 60.50
N GLN B 3878 2.25 24.03 59.67
CA GLN B 3878 1.07 24.80 60.06
C GLN B 3878 -0.20 23.95 60.07
N ASP B 3879 -0.21 22.83 59.35
CA ASP B 3879 -1.36 21.94 59.33
C ASP B 3879 -1.24 20.78 60.31
N HIS B 3880 -0.09 20.63 60.98
CA HIS B 3880 0.06 19.53 61.93
C HIS B 3880 -0.94 19.64 63.07
N ILE B 3881 -1.19 20.87 63.54
CA ILE B 3881 -2.13 21.08 64.63
C ILE B 3881 -3.54 20.69 64.21
N THR B 3882 -3.90 20.91 62.94
CA THR B 3882 -5.23 20.55 62.47
C THR B 3882 -5.44 19.04 62.52
N PHE B 3883 -4.47 18.28 62.00
CA PHE B 3883 -4.59 16.83 62.01
C PHE B 3883 -4.55 16.29 63.44
N ALA B 3884 -3.73 16.89 64.30
CA ALA B 3884 -3.70 16.47 65.69
C ALA B 3884 -5.04 16.72 66.37
N MET B 3885 -5.67 17.88 66.10
CA MET B 3885 -6.97 18.18 66.66
C MET B 3885 -8.01 17.21 66.17
N LEU B 3886 -7.96 16.85 64.88
CA LEU B 3886 -8.91 15.87 64.35
C LEU B 3886 -8.72 14.50 64.97
N LEU B 3887 -7.47 14.09 65.17
CA LEU B 3887 -7.22 12.82 65.83
C LEU B 3887 -7.71 12.85 67.27
N ALA B 3888 -7.57 14.01 67.94
CA ALA B 3888 -8.12 14.16 69.28
C ALA B 3888 -9.64 14.04 69.26
N ARG B 3889 -10.29 14.64 68.27
CA ARG B 3889 -11.74 14.49 68.15
C ARG B 3889 -12.14 13.04 67.94
N ILE B 3890 -11.40 12.32 67.09
CA ILE B 3890 -11.71 10.92 66.83
C ILE B 3890 -11.56 10.09 68.10
N LYS B 3891 -10.48 10.32 68.86
CA LYS B 3891 -10.30 9.59 70.12
C LYS B 3891 -11.37 9.95 71.12
N LEU B 3892 -11.76 11.23 71.19
CA LEU B 3892 -12.81 11.65 72.12
C LEU B 3892 -14.14 10.98 71.79
N LYS B 3893 -14.46 10.86 70.50
CA LYS B 3893 -15.70 10.19 70.11
C LYS B 3893 -15.67 8.71 70.49
N GLY B 3894 -14.50 8.13 70.62
CA GLY B 3894 -14.34 6.73 70.97
C GLY B 3894 -14.31 6.44 72.46
N THR B 3895 -14.51 7.43 73.31
CA THR B 3895 -14.48 7.25 74.75
C THR B 3895 -15.92 7.13 75.27
N VAL B 3896 -16.19 6.04 75.99
CA VAL B 3896 -17.54 5.80 76.48
C VAL B 3896 -17.91 6.80 77.57
N GLY B 3897 -16.97 7.10 78.47
CA GLY B 3897 -17.24 7.99 79.57
C GLY B 3897 -17.19 9.47 79.26
N GLU B 3898 -16.91 9.83 78.01
CA GLU B 3898 -16.83 11.26 77.71
C GLU B 3898 -18.11 11.75 77.03
N PRO B 3899 -18.54 12.96 77.34
CA PRO B 3899 -19.72 13.53 76.67
C PRO B 3899 -19.43 13.82 75.20
N THR B 3900 -20.51 14.01 74.44
CA THR B 3900 -20.38 14.30 73.02
C THR B 3900 -19.75 15.67 72.79
N TYR B 3901 -20.11 16.66 73.61
CA TYR B 3901 -19.63 18.03 73.47
C TYR B 3901 -19.95 18.59 72.08
N ASP B 3902 -21.07 18.17 71.50
CA ASP B 3902 -21.38 18.57 70.13
C ASP B 3902 -21.62 20.08 70.04
N ALA B 3903 -22.33 20.64 71.01
CA ALA B 3903 -22.60 22.08 70.98
C ALA B 3903 -21.31 22.89 71.11
N GLU B 3904 -20.40 22.48 71.98
CA GLU B 3904 -19.17 23.23 72.19
C GLU B 3904 -18.28 23.23 70.95
N PHE B 3905 -18.08 22.06 70.33
CA PHE B 3905 -17.30 22.07 69.09
C PHE B 3905 -18.04 22.75 67.95
N GLN B 3906 -19.37 22.68 67.95
CA GLN B 3906 -20.13 23.42 66.93
C GLN B 3906 -19.87 24.91 67.05
N HIS B 3907 -19.88 25.43 68.27
CA HIS B 3907 -19.60 26.85 68.48
C HIS B 3907 -18.14 27.17 68.19
N PHE B 3908 -17.23 26.25 68.50
CA PHE B 3908 -15.82 26.47 68.21
C PHE B 3908 -15.57 26.57 66.71
N LEU B 3909 -16.16 25.67 65.93
CA LEU B 3909 -15.94 25.64 64.50
C LEU B 3909 -16.70 26.76 63.79
N ARG B 3910 -17.96 26.99 64.15
CA ARG B 3910 -18.83 27.92 63.44
C ARG B 3910 -19.47 28.91 64.40
N GLY B 3911 -18.71 29.44 65.34
CA GLY B 3911 -19.27 30.45 66.22
C GLY B 3911 -19.36 31.83 65.60
N ASN B 3912 -18.59 32.08 64.53
CA ASN B 3912 -18.50 33.41 63.95
C ASN B 3912 -19.76 33.82 63.18
N GLU B 3913 -20.51 32.87 62.64
CA GLU B 3913 -21.64 33.20 61.77
C GLU B 3913 -22.87 33.67 62.52
N ILE B 3914 -22.86 33.63 63.85
CA ILE B 3914 -24.04 34.05 64.62
C ILE B 3914 -24.30 35.53 64.38
N VAL B 3915 -25.51 35.85 63.93
CA VAL B 3915 -25.86 37.21 63.56
C VAL B 3915 -26.09 38.04 64.81
N LEU B 3916 -25.42 39.19 64.89
CA LEU B 3916 -25.53 40.10 66.02
C LEU B 3916 -25.94 41.48 65.52
N SER B 3917 -26.84 42.13 66.26
CA SER B 3917 -27.25 43.47 65.93
C SER B 3917 -26.25 44.49 66.49
N ALA B 3918 -26.37 45.73 65.99
CA ALA B 3918 -25.44 46.78 66.42
C ALA B 3918 -25.62 47.09 67.91
N GLY B 3919 -26.86 47.22 68.36
CA GLY B 3919 -27.13 47.53 69.76
C GLY B 3919 -27.15 46.35 70.70
N SER B 3920 -27.15 45.12 70.17
CA SER B 3920 -27.20 43.95 71.03
C SER B 3920 -25.93 43.82 71.87
N THR B 3921 -24.77 44.11 71.28
CA THR B 3921 -23.51 43.96 72.00
C THR B 3921 -23.28 45.16 72.90
N PRO B 3922 -23.18 44.99 74.21
CA PRO B 3922 -22.87 46.11 75.10
C PRO B 3922 -21.39 46.42 75.11
N ARG B 3923 -21.06 47.60 75.64
CA ARG B 3923 -19.68 48.05 75.76
C ARG B 3923 -19.17 47.64 77.13
N ILE B 3924 -18.41 46.55 77.18
CA ILE B 3924 -17.83 46.06 78.42
C ILE B 3924 -16.47 46.69 78.62
N GLN B 3925 -16.22 47.23 79.80
CA GLN B 3925 -14.95 47.87 80.10
C GLN B 3925 -13.82 46.84 80.05
N GLY B 3926 -12.71 47.24 79.41
CA GLY B 3926 -11.55 46.37 79.31
C GLY B 3926 -11.60 45.36 78.18
N LEU B 3927 -12.62 45.40 77.33
CA LEU B 3927 -12.77 44.46 76.22
C LEU B 3927 -12.82 45.22 74.90
N THR B 3928 -12.14 44.68 73.90
CA THR B 3928 -12.15 45.25 72.56
C THR B 3928 -13.51 45.01 71.92
N VAL B 3929 -13.84 45.85 70.92
CA VAL B 3929 -15.11 45.72 70.21
C VAL B 3929 -15.26 44.31 69.65
N GLU B 3930 -14.21 43.78 69.02
CA GLU B 3930 -14.23 42.40 68.57
C GLU B 3930 -14.32 41.43 69.74
N GLN B 3931 -13.62 41.70 70.84
CA GLN B 3931 -13.75 40.88 72.03
C GLN B 3931 -15.17 40.94 72.59
N ALA B 3932 -15.78 42.12 72.57
CA ALA B 3932 -17.16 42.24 73.03
C ALA B 3932 -18.11 41.44 72.15
N GLU B 3933 -17.92 41.51 70.83
CA GLU B 3933 -18.74 40.71 69.92
C GLU B 3933 -18.55 39.21 70.19
N ALA B 3934 -17.31 38.80 70.47
CA ALA B 3934 -17.04 37.40 70.74
C ALA B 3934 -17.72 36.95 72.04
N VAL B 3935 -17.63 37.74 73.10
CA VAL B 3935 -18.20 37.32 74.38
C VAL B 3935 -19.72 37.32 74.32
N VAL B 3936 -20.32 38.28 73.61
CA VAL B 3936 -21.76 38.23 73.40
C VAL B 3936 -22.12 36.99 72.58
N ARG B 3937 -21.33 36.70 71.55
CA ARG B 3937 -21.58 35.53 70.72
C ARG B 3937 -21.38 34.23 71.51
N LEU B 3938 -20.38 34.19 72.38
CA LEU B 3938 -20.11 32.99 73.16
C LEU B 3938 -21.21 32.72 74.19
N SER B 3939 -21.88 33.77 74.67
CA SER B 3939 -22.83 33.62 75.77
C SER B 3939 -24.06 32.81 75.39
N CYS B 3940 -24.26 32.52 74.10
CA CYS B 3940 -25.42 31.72 73.69
C CYS B 3940 -25.36 30.31 74.28
N LEU B 3941 -24.16 29.80 74.56
CA LEU B 3941 -24.02 28.47 75.12
C LEU B 3941 -24.57 28.43 76.55
N PRO B 3942 -25.18 27.32 76.95
CA PRO B 3942 -25.69 27.23 78.33
C PRO B 3942 -24.60 27.32 79.39
N ALA B 3943 -23.40 26.84 79.10
CA ALA B 3943 -22.32 26.91 80.09
C ALA B 3943 -21.78 28.32 80.27
N PHE B 3944 -22.19 29.28 79.43
CA PHE B 3944 -21.65 30.63 79.44
C PHE B 3944 -22.75 31.68 79.45
N LYS B 3945 -23.87 31.40 80.11
CA LYS B 3945 -24.98 32.36 80.10
C LYS B 3945 -24.61 33.63 80.87
N ASP B 3946 -23.80 33.50 81.92
CA ASP B 3946 -23.42 34.63 82.77
C ASP B 3946 -21.97 35.04 82.55
N LEU B 3947 -21.51 34.99 81.30
CA LEU B 3947 -20.10 35.31 81.02
C LEU B 3947 -19.79 36.76 81.36
N ILE B 3948 -20.66 37.68 80.96
CA ILE B 3948 -20.40 39.10 81.16
C ILE B 3948 -20.32 39.42 82.65
N ALA B 3949 -21.24 38.88 83.44
CA ALA B 3949 -21.24 39.16 84.88
C ALA B 3949 -19.98 38.63 85.55
N LYS B 3950 -19.56 37.42 85.19
CA LYS B 3950 -18.36 36.86 85.81
C LYS B 3950 -17.09 37.56 85.37
N VAL B 3951 -17.05 38.03 84.11
CA VAL B 3951 -15.90 38.81 83.66
C VAL B 3951 -15.84 40.13 84.42
N GLN B 3952 -16.98 40.80 84.58
CA GLN B 3952 -17.01 42.08 85.28
C GLN B 3952 -16.78 41.93 86.78
N ALA B 3953 -17.06 40.75 87.33
CA ALA B 3953 -16.91 40.54 88.77
C ALA B 3953 -15.48 40.24 89.19
N ASP B 3954 -14.57 40.00 88.24
CA ASP B 3954 -13.19 39.67 88.53
C ASP B 3954 -12.31 40.88 88.21
N GLU B 3955 -11.60 41.37 89.23
CA GLU B 3955 -10.69 42.50 89.04
C GLU B 3955 -9.33 42.08 88.51
N GLN B 3956 -9.02 40.78 88.52
CA GLN B 3956 -7.76 40.27 88.00
C GLN B 3956 -7.87 39.86 86.54
N PHE B 3957 -9.02 40.09 85.91
CA PHE B 3957 -9.19 39.71 84.51
C PHE B 3957 -8.26 40.49 83.60
N GLY B 3958 -8.04 41.78 83.91
CA GLY B 3958 -7.13 42.57 83.11
C GLY B 3958 -5.70 42.05 83.11
N ILE B 3959 -5.26 41.51 84.25
CA ILE B 3959 -3.92 40.93 84.33
C ILE B 3959 -3.82 39.71 83.43
N TRP B 3960 -4.83 38.85 83.46
CA TRP B 3960 -4.82 37.65 82.60
C TRP B 3960 -5.00 38.02 81.14
N LEU B 3961 -5.79 39.05 80.84
CA LEU B 3961 -6.02 39.45 79.45
C LEU B 3961 -4.76 39.98 78.79
N ASP B 3962 -3.79 40.47 79.56
CA ASP B 3962 -2.55 41.01 79.01
C ASP B 3962 -1.34 40.15 79.34
N SER B 3963 -1.54 38.96 79.89
CA SER B 3963 -0.42 38.09 80.24
C SER B 3963 0.22 37.51 78.98
N SER B 3964 1.49 37.14 79.12
CA SER B 3964 2.23 36.59 77.98
C SER B 3964 1.63 35.28 77.51
N SER B 3965 1.24 34.40 78.43
CA SER B 3965 0.68 33.09 78.10
C SER B 3965 -0.63 32.91 78.86
N PRO B 3966 -1.69 33.58 78.42
CA PRO B 3966 -2.99 33.41 79.10
C PRO B 3966 -3.54 32.00 79.03
N GLU B 3967 -3.15 31.22 78.03
CA GLU B 3967 -3.67 29.87 77.87
C GLU B 3967 -3.22 28.95 79.00
N GLN B 3968 -2.09 29.24 79.65
CA GLN B 3968 -1.60 28.38 80.71
C GLN B 3968 -2.38 28.53 82.00
N THR B 3969 -2.98 29.69 82.24
CA THR B 3969 -3.67 30.00 83.48
C THR B 3969 -5.06 30.58 83.18
N VAL B 3970 -5.81 29.90 82.33
CA VAL B 3970 -7.15 30.37 81.97
C VAL B 3970 -8.04 30.35 83.21
N PRO B 3971 -8.71 31.45 83.55
CA PRO B 3971 -9.57 31.44 84.74
C PRO B 3971 -10.81 30.59 84.53
N TYR B 3972 -11.38 30.13 85.65
CA TYR B 3972 -12.56 29.29 85.66
C TYR B 3972 -13.80 30.18 85.53
N LEU B 3973 -14.08 30.62 84.31
CA LEU B 3973 -15.13 31.59 84.05
C LEU B 3973 -16.44 30.97 83.60
N TRP B 3974 -16.54 29.64 83.55
CA TRP B 3974 -17.77 28.98 83.15
C TRP B 3974 -18.44 28.32 84.35
N SER B 3975 -19.77 28.26 84.29
CA SER B 3975 -20.58 27.68 85.37
C SER B 3975 -21.16 26.35 84.91
N GLU B 3976 -20.97 25.32 85.73
CA GLU B 3976 -21.49 23.99 85.46
C GLU B 3976 -22.14 23.44 86.71
N GLU B 3977 -23.14 22.58 86.52
CA GLU B 3977 -23.85 21.98 87.65
C GLU B 3977 -22.97 20.96 88.37
N THR B 3978 -22.13 20.24 87.62
CA THR B 3978 -21.25 19.23 88.18
C THR B 3978 -19.81 19.48 87.73
N PRO B 3979 -18.83 19.09 88.52
CA PRO B 3979 -17.43 19.24 88.09
C PRO B 3979 -17.18 18.46 86.80
N ALA B 3980 -16.39 19.08 85.92
CA ALA B 3980 -16.15 18.53 84.59
C ALA B 3980 -14.81 17.80 84.55
N THR B 3981 -14.74 16.82 83.64
CA THR B 3981 -13.50 16.12 83.39
C THR B 3981 -12.47 17.08 82.79
N PRO B 3982 -11.18 16.79 82.96
CA PRO B 3982 -10.15 17.68 82.38
C PRO B 3982 -10.32 17.93 80.89
N ILE B 3983 -10.83 16.95 80.14
CA ILE B 3983 -11.07 17.16 78.72
C ILE B 3983 -12.14 18.23 78.51
N GLY B 3984 -13.24 18.13 79.25
CA GLY B 3984 -14.29 19.14 79.14
C GLY B 3984 -13.79 20.53 79.50
N GLN B 3985 -12.97 20.61 80.54
CA GLN B 3985 -12.32 21.88 80.86
C GLN B 3985 -11.44 22.36 79.72
N ALA B 3986 -10.79 21.42 79.02
CA ALA B 3986 -9.94 21.80 77.88
C ALA B 3986 -10.77 22.44 76.77
N ILE B 3987 -11.92 21.84 76.45
CA ILE B 3987 -12.81 22.47 75.46
C ILE B 3987 -13.30 23.82 75.95
N HIS B 3988 -13.69 23.91 77.22
CA HIS B 3988 -14.23 25.16 77.73
C HIS B 3988 -13.19 26.28 77.65
N ARG B 3989 -11.96 26.00 78.07
CA ARG B 3989 -10.91 27.00 77.96
C ARG B 3989 -10.48 27.25 76.53
N LEU B 3990 -10.64 26.28 75.63
CA LEU B 3990 -10.38 26.52 74.22
C LEU B 3990 -11.34 27.56 73.65
N LEU B 3991 -12.63 27.37 73.89
CA LEU B 3991 -13.61 28.37 73.46
C LEU B 3991 -13.38 29.70 74.17
N LEU B 3992 -12.96 29.66 75.44
CA LEU B 3992 -12.74 30.89 76.19
C LEU B 3992 -11.58 31.69 75.59
N ILE B 3993 -10.49 31.00 75.26
CA ILE B 3993 -9.34 31.63 74.61
C ILE B 3993 -9.74 32.18 73.24
N GLN B 3994 -10.50 31.40 72.48
CA GLN B 3994 -10.99 31.90 71.19
C GLN B 3994 -11.81 33.17 71.38
N ALA B 3995 -12.55 33.26 72.48
CA ALA B 3995 -13.35 34.45 72.74
C ALA B 3995 -12.45 35.65 73.05
N PHE B 3996 -11.49 35.50 73.95
CA PHE B 3996 -10.67 36.65 74.34
C PHE B 3996 -9.42 36.82 73.46
N ARG B 3997 -8.57 35.80 73.42
CA ARG B 3997 -7.24 35.92 72.83
C ARG B 3997 -7.09 34.93 71.68
N PRO B 3998 -7.54 35.31 70.49
CA PRO B 3998 -7.37 34.41 69.33
C PRO B 3998 -5.92 34.19 68.96
N ASP B 3999 -5.01 35.07 69.38
CA ASP B 3999 -3.58 34.88 69.09
C ASP B 3999 -2.99 33.70 69.84
N ARG B 4000 -3.70 33.14 70.83
CA ARG B 4000 -3.21 32.00 71.59
C ARG B 4000 -3.97 30.72 71.26
N LEU B 4001 -4.66 30.68 70.12
CA LEU B 4001 -5.39 29.48 69.73
C LEU B 4001 -4.45 28.30 69.48
N LEU B 4002 -3.27 28.58 68.91
CA LEU B 4002 -2.35 27.48 68.61
C LEU B 4002 -1.86 26.78 69.87
N ALA B 4003 -1.47 27.55 70.89
CA ALA B 4003 -1.00 26.94 72.13
C ALA B 4003 -2.12 26.22 72.85
N MET B 4004 -3.32 26.81 72.88
CA MET B 4004 -4.45 26.15 73.53
C MET B 4004 -4.82 24.86 72.81
N ALA B 4005 -4.77 24.86 71.48
CA ALA B 4005 -5.03 23.64 70.72
C ALA B 4005 -3.95 22.60 70.98
N HIS B 4006 -2.70 23.03 71.09
CA HIS B 4006 -1.62 22.10 71.42
C HIS B 4006 -1.86 21.44 72.77
N MET B 4007 -2.27 22.23 73.77
CA MET B 4007 -2.55 21.67 75.09
C MET B 4007 -3.78 20.77 75.07
N PHE B 4008 -4.78 21.11 74.25
CA PHE B 4008 -5.95 20.25 74.10
C PHE B 4008 -5.57 18.91 73.48
N VAL B 4009 -4.73 18.93 72.45
CA VAL B 4009 -4.26 17.70 71.84
C VAL B 4009 -3.44 16.88 72.84
N SER B 4010 -2.60 17.55 73.63
CA SER B 4010 -1.83 16.85 74.65
C SER B 4010 -2.73 16.23 75.70
N THR B 4011 -3.80 16.95 76.08
CA THR B 4011 -4.76 16.40 77.05
C THR B 4011 -5.43 15.16 76.52
N ASN B 4012 -5.84 15.18 75.24
CA ASN B 4012 -6.57 14.04 74.70
C ASN B 4012 -5.64 12.85 74.41
N LEU B 4013 -4.43 13.11 73.93
CA LEU B 4013 -3.57 12.07 73.41
C LEU B 4013 -2.24 11.90 74.13
N GLY B 4014 -1.72 12.95 74.78
CA GLY B 4014 -0.45 12.86 75.48
C GLY B 4014 0.46 14.04 75.18
N GLU B 4015 1.30 14.36 76.16
CA GLU B 4015 2.21 15.50 76.00
C GLU B 4015 3.18 15.28 74.86
N SER B 4016 3.72 14.06 74.75
CA SER B 4016 4.71 13.72 73.72
C SER B 4016 4.06 13.24 72.42
N PHE B 4017 2.77 13.54 72.22
CA PHE B 4017 2.11 13.11 70.99
C PHE B 4017 2.70 13.78 69.76
N MET B 4018 2.99 15.07 69.87
CA MET B 4018 3.51 15.86 68.75
C MET B 4018 5.00 16.19 68.90
N SER B 4019 5.71 15.52 69.81
CA SER B 4019 7.12 15.80 70.02
C SER B 4019 7.99 15.27 68.89
N ILE B 4020 7.50 14.32 68.10
CA ILE B 4020 8.31 13.74 67.03
C ILE B 4020 8.55 14.76 65.92
N MET B 4021 7.54 15.58 65.62
CA MET B 4021 7.68 16.60 64.57
C MET B 4021 8.76 17.63 64.88
N GLU B 4022 9.02 17.89 66.16
CA GLU B 4022 10.07 18.83 66.52
C GLU B 4022 11.47 18.28 66.29
N GLN B 4023 11.64 16.96 66.34
CA GLN B 4023 12.94 16.34 66.13
C GLN B 4023 13.27 16.29 64.64
N PRO B 4024 14.56 16.27 64.31
CA PRO B 4024 14.95 16.14 62.90
C PRO B 4024 14.45 14.83 62.30
N LEU B 4025 14.08 14.88 61.03
CA LEU B 4025 13.53 13.71 60.37
C LEU B 4025 14.61 12.64 60.20
N ASP B 4026 14.30 11.42 60.63
CA ASP B 4026 15.23 10.29 60.56
C ASP B 4026 14.94 9.52 59.28
N LEU B 4027 15.71 9.81 58.23
CA LEU B 4027 15.51 9.13 56.96
C LEU B 4027 15.97 7.68 57.01
N THR B 4028 16.94 7.37 57.89
CA THR B 4028 17.53 6.04 57.92
C THR B 4028 16.48 4.97 58.18
N HIS B 4029 15.85 5.03 59.35
CA HIS B 4029 14.90 3.99 59.77
C HIS B 4029 13.72 3.94 58.81
N ILE B 4030 13.20 5.10 58.43
CA ILE B 4030 12.00 5.15 57.60
C ILE B 4030 12.27 4.53 56.23
N VAL B 4031 13.37 4.93 55.60
CA VAL B 4031 13.70 4.38 54.28
C VAL B 4031 14.03 2.89 54.39
N GLY B 4032 14.69 2.49 55.48
CA GLY B 4032 15.06 1.09 55.62
C GLY B 4032 13.88 0.17 55.79
N THR B 4033 12.87 0.59 56.57
CA THR B 4033 11.77 -0.28 56.92
C THR B 4033 10.42 0.15 56.34
N GLU B 4034 9.99 1.38 56.61
CA GLU B 4034 8.63 1.80 56.34
C GLU B 4034 8.33 2.04 54.88
N VAL B 4035 9.34 2.03 54.00
CA VAL B 4035 9.16 2.31 52.58
C VAL B 4035 9.44 1.03 51.81
N LYS B 4036 8.43 0.55 51.08
CA LYS B 4036 8.61 -0.61 50.22
C LYS B 4036 9.43 -0.23 48.99
N PRO B 4037 10.13 -1.19 48.40
CA PRO B 4037 10.89 -0.89 47.17
C PRO B 4037 10.01 -0.42 46.03
N ASN B 4038 8.77 -0.90 45.95
CA ASN B 4038 7.85 -0.49 44.90
C ASN B 4038 7.25 0.89 45.13
N THR B 4039 7.47 1.48 46.31
CA THR B 4039 6.94 2.80 46.62
C THR B 4039 8.02 3.85 46.48
N PRO B 4040 7.91 4.77 45.52
CA PRO B 4040 8.91 5.85 45.42
C PRO B 4040 8.83 6.79 46.61
N VAL B 4041 9.95 7.42 46.92
CA VAL B 4041 10.04 8.38 48.02
C VAL B 4041 9.94 9.77 47.41
N LEU B 4042 8.81 10.43 47.61
CA LEU B 4042 8.57 11.77 47.06
C LEU B 4042 9.10 12.78 48.08
N MET B 4043 10.21 13.42 47.74
CA MET B 4043 10.95 14.23 48.71
C MET B 4043 10.65 15.71 48.47
N CYS B 4044 9.39 16.06 48.69
CA CYS B 4044 8.89 17.40 48.38
C CYS B 4044 9.51 18.43 49.33
N SER B 4045 9.72 19.63 48.80
CA SER B 4045 10.34 20.70 49.58
C SER B 4045 9.83 22.05 49.09
N VAL B 4046 9.71 22.99 50.02
CA VAL B 4046 9.32 24.36 49.70
C VAL B 4046 10.50 25.05 49.03
N PRO B 4047 10.30 26.15 48.31
CA PRO B 4047 11.44 26.82 47.68
C PRO B 4047 12.48 27.25 48.70
N GLY B 4048 13.75 27.16 48.31
CA GLY B 4048 14.86 27.46 49.19
C GLY B 4048 15.44 26.26 49.89
N TYR B 4049 14.79 25.09 49.81
CA TYR B 4049 15.26 23.87 50.44
C TYR B 4049 15.32 22.75 49.41
N ASP B 4050 16.45 22.05 49.37
CA ASP B 4050 16.67 20.95 48.45
C ASP B 4050 17.02 19.71 49.24
N ALA B 4051 16.29 18.62 48.98
CA ALA B 4051 16.46 17.38 49.72
C ALA B 4051 17.49 16.45 49.10
N SER B 4052 18.16 16.87 48.02
CA SER B 4052 19.15 16.02 47.38
C SER B 4052 20.33 15.73 48.31
N GLY B 4053 20.80 16.75 49.03
CA GLY B 4053 21.93 16.56 49.91
C GLY B 4053 21.66 15.55 51.01
N HIS B 4054 20.42 15.54 51.52
CA HIS B 4054 20.06 14.55 52.53
C HIS B 4054 20.17 13.14 51.98
N VAL B 4055 19.73 12.92 50.74
CA VAL B 4055 19.80 11.58 50.16
C VAL B 4055 21.24 11.19 49.89
N GLU B 4056 22.05 12.13 49.41
CA GLU B 4056 23.47 11.81 49.20
C GLU B 4056 24.15 11.45 50.52
N ASP B 4057 23.86 12.20 51.58
CA ASP B 4057 24.40 11.87 52.89
C ASP B 4057 23.94 10.50 53.36
N LEU B 4058 22.65 10.20 53.16
CA LEU B 4058 22.12 8.89 53.56
C LEU B 4058 22.80 7.76 52.80
N ALA B 4059 22.99 7.92 51.49
CA ALA B 4059 23.64 6.90 50.70
C ALA B 4059 25.10 6.73 51.12
N ALA B 4060 25.75 7.83 51.48
CA ALA B 4060 27.12 7.74 52.01
C ALA B 4060 27.14 6.97 53.32
N GLU B 4061 26.16 7.22 54.19
CA GLU B 4061 26.13 6.54 55.49
C GLU B 4061 25.92 5.04 55.33
N GLN B 4062 25.02 4.63 54.43
CA GLN B 4062 24.72 3.22 54.24
C GLN B 4062 25.66 2.54 53.25
N ASN B 4063 26.60 3.27 52.66
CA ASN B 4063 27.56 2.72 51.70
C ASN B 4063 26.84 2.03 50.54
N THR B 4064 25.80 2.69 50.04
CA THR B 4064 25.01 2.19 48.92
C THR B 4064 25.21 3.10 47.73
N GLN B 4065 25.53 2.51 46.58
CA GLN B 4065 25.76 3.29 45.37
C GLN B 4065 24.44 3.87 44.87
N ILE B 4066 24.45 5.17 44.58
CA ILE B 4066 23.26 5.90 44.21
C ILE B 4066 23.50 6.61 42.89
N THR B 4067 22.53 6.55 41.99
CA THR B 4067 22.60 7.24 40.71
C THR B 4067 21.66 8.45 40.77
N SER B 4068 22.25 9.64 40.71
CA SER B 4068 21.50 10.88 40.78
C SER B 4068 21.37 11.48 39.39
N ILE B 4069 20.14 11.75 38.97
CA ILE B 4069 19.84 12.27 37.64
C ILE B 4069 18.92 13.48 37.80
N ALA B 4070 19.23 14.56 37.08
CA ALA B 4070 18.40 15.76 37.09
C ALA B 4070 17.50 15.75 35.86
N ILE B 4071 16.20 15.83 36.10
CA ILE B 4071 15.21 15.75 35.03
C ILE B 4071 15.16 17.07 34.27
N GLY B 4072 14.84 16.98 32.97
CA GLY B 4072 14.72 18.18 32.16
C GLY B 4072 15.15 18.02 30.71
N SER B 4073 15.91 16.97 30.41
CA SER B 4073 16.38 16.71 29.06
C SER B 4073 15.93 15.32 28.61
N ALA B 4074 15.81 15.15 27.29
CA ALA B 4074 15.44 13.85 26.74
C ALA B 4074 16.47 12.79 27.08
N GLU B 4075 17.75 13.13 26.95
CA GLU B 4075 18.80 12.24 27.41
C GLU B 4075 18.67 11.98 28.91
N GLY B 4076 18.20 12.98 29.65
CA GLY B 4076 17.93 12.76 31.07
C GLY B 4076 16.86 11.71 31.30
N PHE B 4077 15.77 11.77 30.52
CA PHE B 4077 14.75 10.73 30.61
C PHE B 4077 15.32 9.36 30.27
N ASN B 4078 16.16 9.30 29.22
CA ASN B 4078 16.74 8.02 28.83
C ASN B 4078 17.62 7.45 29.94
N GLN B 4079 18.48 8.27 30.54
CA GLN B 4079 19.36 7.74 31.58
C GLN B 4079 18.56 7.40 32.84
N ALA B 4080 17.50 8.14 33.12
CA ALA B 4080 16.65 7.79 34.25
C ALA B 4080 15.99 6.44 34.04
N ASP B 4081 15.48 6.21 32.83
CA ASP B 4081 14.86 4.91 32.52
C ASP B 4081 15.88 3.79 32.65
N LYS B 4082 17.09 3.98 32.10
CA LYS B 4082 18.11 2.95 32.20
C LYS B 4082 18.52 2.69 33.64
N ALA B 4083 18.69 3.76 34.42
CA ALA B 4083 19.09 3.60 35.82
C ALA B 4083 18.03 2.86 36.61
N ILE B 4084 16.76 3.18 36.40
CA ILE B 4084 15.69 2.48 37.09
C ILE B 4084 15.68 1.01 36.68
N ASN B 4085 15.85 0.73 35.37
CA ASN B 4085 15.82 -0.64 34.90
C ASN B 4085 16.95 -1.47 35.49
N THR B 4086 18.14 -0.89 35.61
CA THR B 4086 19.25 -1.65 36.21
C THR B 4086 19.10 -1.74 37.73
N ALA B 4087 18.53 -0.73 38.36
CA ALA B 4087 18.45 -0.72 39.82
C ALA B 4087 17.35 -1.64 40.35
N VAL B 4088 16.25 -1.79 39.62
CA VAL B 4088 15.19 -2.69 40.10
C VAL B 4088 15.67 -4.13 40.14
N LYS B 4089 16.71 -4.47 39.37
CA LYS B 4089 17.28 -5.81 39.36
C LYS B 4089 18.52 -5.93 40.24
N SER B 4090 19.41 -4.94 40.20
CA SER B 4090 20.67 -4.99 40.93
C SER B 4090 20.60 -4.40 42.33
N GLY B 4091 19.47 -3.81 42.71
CA GLY B 4091 19.28 -3.34 44.08
C GLY B 4091 19.93 -2.02 44.42
N ARG B 4092 20.38 -1.25 43.44
CA ARG B 4092 20.95 0.06 43.72
C ARG B 4092 19.85 1.09 43.94
N TRP B 4093 20.27 2.30 44.32
CA TRP B 4093 19.36 3.41 44.55
C TRP B 4093 19.42 4.39 43.39
N VAL B 4094 18.27 4.93 43.02
CA VAL B 4094 18.15 5.89 41.92
C VAL B 4094 17.47 7.15 42.43
N MET B 4095 18.05 8.30 42.13
CA MET B 4095 17.48 9.59 42.48
C MET B 4095 17.19 10.38 41.21
N LEU B 4096 16.02 11.03 41.18
CA LEU B 4096 15.63 11.91 40.09
C LEU B 4096 15.24 13.26 40.69
N LYS B 4097 15.98 14.30 40.33
CA LYS B 4097 15.79 15.62 40.90
C LYS B 4097 14.94 16.49 39.99
N ASN B 4098 14.24 17.44 40.59
CA ASN B 4098 13.40 18.41 39.88
C ASN B 4098 12.42 17.71 38.94
N VAL B 4099 11.77 16.66 39.46
CA VAL B 4099 10.81 15.91 38.67
C VAL B 4099 9.53 16.68 38.41
N HIS B 4100 9.31 17.80 39.12
CA HIS B 4100 8.10 18.59 38.91
C HIS B 4100 8.11 19.32 37.56
N LEU B 4101 9.24 19.30 36.85
CA LEU B 4101 9.33 19.95 35.54
C LEU B 4101 8.81 19.08 34.41
N ALA B 4102 8.50 17.80 34.67
CA ALA B 4102 7.99 16.89 33.66
C ALA B 4102 6.80 16.11 34.23
N PRO B 4103 5.64 16.77 34.38
CA PRO B 4103 4.49 16.07 34.95
C PRO B 4103 3.99 14.89 34.11
N GLY B 4104 4.01 15.03 32.78
CA GLY B 4104 3.59 13.92 31.94
C GLY B 4104 4.52 12.72 32.03
N TRP B 4105 5.83 12.99 32.02
CA TRP B 4105 6.77 11.91 32.25
C TRP B 4105 6.63 11.35 33.65
N LEU B 4106 6.21 12.16 34.62
CA LEU B 4106 5.93 11.66 35.96
C LEU B 4106 4.77 10.67 35.95
N MET B 4107 3.71 11.00 35.20
CA MET B 4107 2.59 10.07 35.06
C MET B 4107 3.03 8.77 34.40
N GLN B 4108 3.85 8.89 33.34
CA GLN B 4108 4.37 7.69 32.68
C GLN B 4108 5.22 6.87 33.64
N LEU B 4109 6.04 7.53 34.45
CA LEU B 4109 6.89 6.85 35.41
C LEU B 4109 6.06 6.11 36.45
N GLU B 4110 5.00 6.74 36.94
CA GLU B 4110 4.11 6.05 37.89
C GLU B 4110 3.45 4.84 37.23
N LYS B 4111 2.97 4.99 36.00
CA LYS B 4111 2.35 3.88 35.29
C LYS B 4111 3.33 2.72 35.13
N LYS B 4112 4.59 3.03 34.82
CA LYS B 4112 5.61 1.99 34.74
C LYS B 4112 5.87 1.36 36.11
N LEU B 4113 6.03 2.20 37.15
CA LEU B 4113 6.40 1.70 38.47
C LEU B 4113 5.34 0.80 39.07
N HIS B 4114 4.08 0.97 38.66
CA HIS B 4114 3.03 0.11 39.21
C HIS B 4114 3.28 -1.36 38.89
N SER B 4115 3.65 -1.66 37.66
CA SER B 4115 3.83 -3.05 37.22
C SER B 4115 5.29 -3.50 37.33
N LEU B 4116 5.92 -3.30 38.48
CA LEU B 4116 7.27 -3.77 38.74
C LEU B 4116 7.34 -4.48 40.08
N GLN B 4117 8.26 -5.43 40.17
CA GLN B 4117 8.58 -6.13 41.42
C GLN B 4117 10.10 -6.04 41.60
N PRO B 4118 10.60 -4.93 42.13
CA PRO B 4118 12.03 -4.69 42.15
C PRO B 4118 12.74 -5.46 43.26
N HIS B 4119 14.04 -5.22 43.37
CA HIS B 4119 14.85 -5.85 44.40
C HIS B 4119 14.45 -5.32 45.78
N ALA B 4120 14.71 -6.14 46.80
CA ALA B 4120 14.30 -5.78 48.17
C ALA B 4120 15.01 -4.54 48.67
N CYS B 4121 16.23 -4.28 48.20
CA CYS B 4121 16.99 -3.11 48.63
C CYS B 4121 16.86 -1.93 47.69
N PHE B 4122 16.06 -2.05 46.63
CA PHE B 4122 15.91 -0.95 45.68
C PHE B 4122 15.10 0.18 46.30
N ARG B 4123 15.53 1.41 46.02
CA ARG B 4123 14.85 2.61 46.47
C ARG B 4123 14.87 3.65 45.37
N LEU B 4124 13.76 4.36 45.19
CA LEU B 4124 13.66 5.43 44.21
C LEU B 4124 13.26 6.71 44.92
N PHE B 4125 14.10 7.74 44.81
CA PHE B 4125 13.87 9.03 45.42
C PHE B 4125 13.49 10.03 44.34
N LEU B 4126 12.38 10.73 44.53
CA LEU B 4126 11.93 11.79 43.63
C LEU B 4126 11.95 13.10 44.39
N THR B 4127 12.90 13.97 44.06
CA THR B 4127 13.02 15.27 44.68
C THR B 4127 12.25 16.29 43.86
N MET B 4128 11.33 16.99 44.51
CA MET B 4128 10.45 17.93 43.81
C MET B 4128 10.16 19.12 44.71
N GLU B 4129 9.74 20.21 44.09
CA GLU B 4129 9.21 21.35 44.81
C GLU B 4129 7.70 21.22 44.89
N ILE B 4130 7.13 21.73 45.99
CA ILE B 4130 5.69 21.62 46.20
C ILE B 4130 5.00 22.42 45.10
N ASN B 4131 4.37 21.72 44.16
CA ASN B 4131 3.85 22.34 42.95
C ASN B 4131 2.55 21.65 42.53
N PRO B 4132 1.51 22.41 42.19
CA PRO B 4132 0.23 21.78 41.83
C PRO B 4132 0.30 20.90 40.58
N LYS B 4133 1.30 21.09 39.71
CA LYS B 4133 1.38 20.31 38.49
C LYS B 4133 1.79 18.87 38.72
N VAL B 4134 2.26 18.52 39.92
CA VAL B 4134 2.67 17.15 40.21
C VAL B 4134 1.44 16.24 40.14
N PRO B 4135 1.50 15.11 39.43
CA PRO B 4135 0.31 14.26 39.30
C PRO B 4135 -0.16 13.74 40.65
N VAL B 4136 -1.49 13.65 40.80
CA VAL B 4136 -2.07 13.12 42.02
C VAL B 4136 -1.77 11.63 42.14
N ASN B 4137 -1.74 10.91 41.01
CA ASN B 4137 -1.46 9.48 41.03
C ASN B 4137 -0.08 9.19 41.63
N LEU B 4138 0.93 9.97 41.23
CA LEU B 4138 2.26 9.79 41.80
C LEU B 4138 2.28 10.09 43.29
N LEU B 4139 1.56 11.15 43.71
CA LEU B 4139 1.52 11.49 45.12
C LEU B 4139 0.89 10.38 45.95
N ARG B 4140 -0.18 9.77 45.43
CA ARG B 4140 -0.81 8.65 46.14
C ARG B 4140 0.09 7.42 46.14
N ALA B 4141 0.76 7.15 45.02
CA ALA B 4141 1.56 5.94 44.92
C ALA B 4141 2.76 5.96 45.85
N GLY B 4142 3.46 7.09 45.92
CA GLY B 4142 4.65 7.21 46.74
C GLY B 4142 4.35 7.76 48.13
N ARG B 4143 5.40 7.79 48.95
CA ARG B 4143 5.33 8.35 50.28
C ARG B 4143 5.93 9.75 50.26
N ILE B 4144 5.21 10.71 50.82
CA ILE B 4144 5.55 12.13 50.71
C ILE B 4144 6.28 12.57 51.96
N PHE B 4145 7.39 13.28 51.77
CA PHE B 4145 8.12 13.94 52.84
C PHE B 4145 8.25 15.41 52.49
N VAL B 4146 7.90 16.28 53.43
CA VAL B 4146 7.88 17.72 53.21
C VAL B 4146 9.07 18.34 53.93
N PHE B 4147 9.85 19.14 53.20
CA PHE B 4147 10.99 19.86 53.75
C PHE B 4147 10.72 21.35 53.69
N GLU B 4148 11.00 22.03 54.79
CA GLU B 4148 10.57 23.40 55.02
C GLU B 4148 11.35 23.94 56.20
N PRO B 4149 11.25 25.23 56.48
CA PRO B 4149 11.97 25.79 57.64
C PRO B 4149 11.57 25.07 58.92
N PRO B 4150 12.53 24.75 59.77
CA PRO B 4150 12.19 24.11 61.03
C PRO B 4150 11.31 25.01 61.88
N PRO B 4151 10.45 24.43 62.72
CA PRO B 4151 9.45 25.25 63.42
C PRO B 4151 10.03 26.35 64.29
N GLY B 4152 11.18 26.13 64.90
CA GLY B 4152 11.74 27.12 65.80
C GLY B 4152 13.24 27.09 65.92
N VAL B 4153 13.78 27.87 66.85
CA VAL B 4153 15.23 27.91 67.05
C VAL B 4153 15.74 26.55 67.51
N LYS B 4154 15.01 25.91 68.44
CA LYS B 4154 15.46 24.63 68.98
C LYS B 4154 15.57 23.57 67.87
N ALA B 4155 14.52 23.46 67.05
CA ALA B 4155 14.57 22.49 65.96
C ALA B 4155 15.65 22.84 64.95
N ASN B 4156 15.81 24.13 64.66
CA ASN B 4156 16.84 24.54 63.70
C ASN B 4156 18.22 24.13 64.18
N MET B 4157 18.54 24.39 65.44
CA MET B 4157 19.85 24.01 65.95
C MET B 4157 19.99 22.49 66.07
N LEU B 4158 18.88 21.78 66.35
CA LEU B 4158 18.95 20.33 66.40
C LEU B 4158 19.32 19.75 65.03
N ARG B 4159 18.66 20.22 63.97
CA ARG B 4159 19.01 19.75 62.63
C ARG B 4159 20.40 20.20 62.22
N THR B 4160 20.81 21.41 62.62
CA THR B 4160 22.15 21.88 62.28
C THR B 4160 23.22 20.99 62.92
N PHE B 4161 23.03 20.64 64.20
CA PHE B 4161 23.99 19.77 64.87
C PHE B 4161 23.93 18.34 64.35
N SER B 4162 22.75 17.88 63.94
CA SER B 4162 22.64 16.53 63.40
C SER B 4162 23.29 16.40 62.03
N SER B 4163 23.14 17.41 61.18
CA SER B 4163 23.72 17.34 59.84
C SER B 4163 25.24 17.35 59.88
N ILE B 4164 25.83 18.18 60.73
CA ILE B 4164 27.30 18.26 60.82
C ILE B 4164 27.83 16.97 61.45
N PRO B 4165 28.82 16.32 60.83
CA PRO B 4165 29.36 15.10 61.43
C PRO B 4165 30.03 15.38 62.78
N VAL B 4166 29.99 14.36 63.64
CA VAL B 4166 30.56 14.51 64.98
C VAL B 4166 32.06 14.73 64.90
N SER B 4167 32.74 13.99 64.04
CA SER B 4167 34.20 14.10 63.93
C SER B 4167 34.63 15.49 63.47
N ARG B 4168 33.82 16.13 62.62
CA ARG B 4168 34.19 17.44 62.11
C ARG B 4168 34.20 18.49 63.21
N ILE B 4169 33.24 18.42 64.15
CA ILE B 4169 33.19 19.40 65.23
C ILE B 4169 34.35 19.18 66.20
N CYS B 4170 34.61 17.93 66.56
CA CYS B 4170 35.62 17.61 67.58
C CYS B 4170 36.97 17.35 66.90
N LYS B 4171 37.61 18.45 66.51
CA LYS B 4171 38.97 18.42 65.98
C LYS B 4171 39.95 18.84 67.07
N SER B 4172 41.20 19.07 66.67
CA SER B 4172 42.25 19.39 67.64
C SER B 4172 41.91 20.60 68.51
N PRO B 4173 41.46 21.74 67.98
CA PRO B 4173 41.10 22.85 68.87
C PRO B 4173 39.80 22.56 69.61
N ASN B 4174 39.81 22.83 70.91
CA ASN B 4174 38.61 22.69 71.73
C ASN B 4174 37.61 23.82 71.52
N GLU B 4175 38.06 24.95 70.97
CA GLU B 4175 37.19 26.08 70.67
C GLU B 4175 36.37 25.89 69.41
N ARG B 4176 36.69 24.86 68.61
CA ARG B 4176 35.92 24.60 67.40
C ARG B 4176 34.46 24.28 67.73
N ALA B 4177 34.23 23.53 68.82
CA ALA B 4177 32.87 23.21 69.21
C ALA B 4177 32.08 24.46 69.56
N ARG B 4178 32.70 25.39 70.31
CA ARG B 4178 31.99 26.62 70.67
C ARG B 4178 31.76 27.50 69.46
N LEU B 4179 32.74 27.55 68.54
CA LEU B 4179 32.55 28.30 67.31
C LEU B 4179 31.39 27.72 66.49
N TYR B 4180 31.32 26.39 66.40
CA TYR B 4180 30.21 25.75 65.70
C TYR B 4180 28.88 26.04 66.37
N PHE B 4181 28.85 26.03 67.71
CA PHE B 4181 27.61 26.35 68.41
C PHE B 4181 27.17 27.78 68.15
N LEU B 4182 28.12 28.72 68.17
CA LEU B 4182 27.78 30.11 67.88
C LEU B 4182 27.28 30.26 66.44
N LEU B 4183 27.92 29.56 65.50
CA LEU B 4183 27.48 29.61 64.11
C LEU B 4183 26.07 29.05 63.97
N ALA B 4184 25.79 27.94 64.65
CA ALA B 4184 24.46 27.34 64.59
C ALA B 4184 23.41 28.26 65.18
N TRP B 4185 23.71 28.89 66.32
CA TRP B 4185 22.78 29.83 66.92
C TRP B 4185 22.52 31.01 66.00
N PHE B 4186 23.58 31.54 65.37
CA PHE B 4186 23.41 32.65 64.45
C PHE B 4186 22.55 32.25 63.26
N HIS B 4187 22.78 31.05 62.71
CA HIS B 4187 21.97 30.58 61.59
C HIS B 4187 20.51 30.42 61.99
N ALA B 4188 20.27 29.85 63.18
CA ALA B 4188 18.89 29.68 63.64
C ALA B 4188 18.21 31.01 63.85
N ILE B 4189 18.91 31.98 64.45
CA ILE B 4189 18.32 33.31 64.67
C ILE B 4189 18.00 33.98 63.34
N ILE B 4190 18.92 33.89 62.38
CA ILE B 4190 18.71 34.54 61.09
C ILE B 4190 17.53 33.89 60.35
N GLN B 4191 17.48 32.55 60.34
CA GLN B 4191 16.42 31.87 59.61
C GLN B 4191 15.05 32.11 60.23
N GLU B 4192 14.96 32.09 61.56
CA GLU B 4192 13.68 32.27 62.22
C GLU B 4192 13.14 33.69 62.10
N ARG B 4193 13.97 34.66 61.74
CA ARG B 4193 13.48 36.01 61.50
C ARG B 4193 12.83 36.15 60.12
N LEU B 4194 13.00 35.18 59.23
CA LEU B 4194 12.40 35.26 57.91
C LEU B 4194 10.89 35.07 57.94
N ARG B 4195 10.37 34.41 58.97
CA ARG B 4195 8.92 34.25 59.09
C ARG B 4195 8.23 35.59 59.21
N TYR B 4196 8.80 36.50 60.01
CA TYR B 4196 8.30 37.87 60.13
C TYR B 4196 8.95 38.73 59.06
N ALA B 4197 8.55 38.45 57.81
CA ALA B 4197 9.25 39.00 56.66
C ALA B 4197 9.29 40.52 56.61
N PRO B 4198 8.17 41.25 56.78
CA PRO B 4198 8.27 42.72 56.73
C PRO B 4198 9.12 43.31 57.83
N LEU B 4199 9.15 42.69 59.01
CA LEU B 4199 9.81 43.26 60.17
C LEU B 4199 11.16 42.61 60.49
N GLY B 4200 11.23 41.29 60.47
CA GLY B 4200 12.50 40.62 60.73
C GLY B 4200 13.54 40.93 59.67
N TRP B 4201 13.12 41.09 58.43
CA TRP B 4201 14.00 41.45 57.34
C TRP B 4201 13.24 42.43 56.45
N SER B 4202 13.74 42.63 55.22
CA SER B 4202 13.01 43.40 54.22
C SER B 4202 12.44 42.54 53.10
N LYS B 4203 12.96 41.32 52.92
CA LYS B 4203 12.44 40.40 51.91
C LYS B 4203 12.86 38.99 52.30
N LYS B 4204 12.23 38.01 51.65
CA LYS B 4204 12.48 36.61 51.93
C LYS B 4204 13.82 36.19 51.32
N TYR B 4205 14.89 36.47 52.06
CA TYR B 4205 16.21 36.00 51.66
C TYR B 4205 16.30 34.48 51.82
N GLU B 4206 17.08 33.87 50.95
CA GLU B 4206 17.23 32.41 50.94
C GLU B 4206 18.46 31.98 51.74
N PHE B 4207 18.41 32.22 53.04
CA PHE B 4207 19.45 31.74 53.95
C PHE B 4207 19.22 30.27 54.23
N GLY B 4208 20.01 29.40 53.60
CA GLY B 4208 19.77 27.98 53.69
C GLY B 4208 20.99 27.14 54.06
N GLU B 4209 20.98 25.89 53.61
CA GLU B 4209 22.06 24.96 53.96
C GLU B 4209 23.38 25.34 53.30
N SER B 4210 23.33 25.94 52.11
CA SER B 4210 24.57 26.32 51.42
C SER B 4210 25.34 27.36 52.22
N ASP B 4211 24.65 28.36 52.76
CA ASP B 4211 25.32 29.36 53.60
C ASP B 4211 25.90 28.72 54.85
N LEU B 4212 25.17 27.78 55.46
CA LEU B 4212 25.68 27.09 56.64
C LEU B 4212 26.96 26.31 56.32
N ARG B 4213 26.97 25.59 55.19
CA ARG B 4213 28.15 24.82 54.81
C ARG B 4213 29.33 25.73 54.49
N SER B 4214 29.08 26.84 53.80
CA SER B 4214 30.16 27.77 53.51
C SER B 4214 30.72 28.36 54.81
N ALA B 4215 29.83 28.69 55.76
CA ALA B 4215 30.28 29.22 57.04
C ALA B 4215 31.12 28.20 57.81
N CYS B 4216 30.68 26.93 57.81
CA CYS B 4216 31.44 25.90 58.50
C CYS B 4216 32.81 25.71 57.86
N ASP B 4217 32.88 25.70 56.52
CA ASP B 4217 34.16 25.58 55.84
C ASP B 4217 35.07 26.76 56.15
N THR B 4218 34.51 27.97 56.18
CA THR B 4218 35.29 29.15 56.52
C THR B 4218 35.84 29.05 57.94
N VAL B 4219 35.00 28.65 58.89
CA VAL B 4219 35.43 28.52 60.28
C VAL B 4219 36.55 27.50 60.39
N ASP B 4220 36.38 26.35 59.74
CA ASP B 4220 37.41 25.31 59.78
C ASP B 4220 38.72 25.82 59.19
N THR B 4221 38.65 26.47 58.03
CA THR B 4221 39.87 26.94 57.37
C THR B 4221 40.60 27.95 58.22
N TRP B 4222 39.88 28.93 58.77
CA TRP B 4222 40.55 29.97 59.54
C TRP B 4222 41.05 29.47 60.88
N LEU B 4223 40.32 28.55 61.52
CA LEU B 4223 40.80 27.97 62.77
C LEU B 4223 42.04 27.12 62.55
N ASP B 4224 42.08 26.37 61.44
CA ASP B 4224 43.28 25.61 61.11
C ASP B 4224 44.45 26.54 60.81
N ASP B 4225 44.19 27.65 60.11
CA ASP B 4225 45.25 28.59 59.78
C ASP B 4225 45.82 29.23 61.03
N THR B 4226 44.96 29.66 61.96
CA THR B 4226 45.44 30.34 63.16
C THR B 4226 45.96 29.39 64.23
N ALA B 4227 45.66 28.09 64.14
CA ALA B 4227 46.10 27.10 65.11
C ALA B 4227 46.76 25.95 64.35
N LYS B 4228 48.09 25.90 64.38
CA LYS B 4228 48.86 24.90 63.64
C LYS B 4228 48.78 23.56 64.39
N GLY B 4229 47.57 23.02 64.46
CA GLY B 4229 47.35 21.75 65.11
C GLY B 4229 47.44 21.78 66.62
N ARG B 4230 47.48 22.96 67.22
CA ARG B 4230 47.61 23.06 68.68
C ARG B 4230 46.32 22.58 69.35
N GLN B 4231 46.47 21.92 70.50
CA GLN B 4231 45.31 21.36 71.18
C GLN B 4231 44.39 22.44 71.71
N ASN B 4232 44.94 23.56 72.18
CA ASN B 4232 44.16 24.63 72.76
C ASN B 4232 44.64 25.96 72.22
N ILE B 4233 43.68 26.85 71.94
CA ILE B 4233 43.97 28.20 71.42
C ILE B 4233 43.25 29.21 72.29
N SER B 4234 43.93 30.32 72.57
CA SER B 4234 43.32 31.38 73.37
C SER B 4234 42.18 32.04 72.59
N PRO B 4235 41.11 32.44 73.27
CA PRO B 4235 40.02 33.13 72.57
C PRO B 4235 40.46 34.41 71.89
N ASP B 4236 41.48 35.09 72.43
CA ASP B 4236 41.97 36.31 71.80
C ASP B 4236 42.59 36.05 70.44
N LYS B 4237 43.21 34.88 70.26
CA LYS B 4237 43.89 34.55 69.01
C LYS B 4237 42.93 34.08 67.92
N ILE B 4238 41.67 33.86 68.25
CA ILE B 4238 40.69 33.44 67.24
C ILE B 4238 40.49 34.56 66.23
N PRO B 4239 40.51 34.29 64.93
CA PRO B 4239 40.31 35.36 63.94
C PRO B 4239 38.87 35.86 63.92
N TRP B 4240 38.49 36.63 64.94
CA TRP B 4240 37.14 37.16 65.00
C TRP B 4240 36.85 38.11 63.86
N SER B 4241 37.81 38.98 63.54
CA SER B 4241 37.61 39.94 62.45
C SER B 4241 37.45 39.24 61.12
N ALA B 4242 38.27 38.22 60.85
CA ALA B 4242 38.18 37.50 59.59
C ALA B 4242 36.83 36.82 59.44
N LEU B 4243 36.40 36.10 60.47
CA LEU B 4243 35.11 35.42 60.43
C LEU B 4243 33.97 36.41 60.25
N LYS B 4244 33.97 37.49 61.04
CA LYS B 4244 32.89 38.46 60.97
C LYS B 4244 32.83 39.10 59.58
N THR B 4245 33.98 39.50 59.03
CA THR B 4245 33.98 40.13 57.73
C THR B 4245 33.52 39.16 56.64
N LEU B 4246 33.98 37.90 56.69
CA LEU B 4246 33.57 36.96 55.66
C LEU B 4246 32.07 36.68 55.73
N MET B 4247 31.53 36.46 56.93
CA MET B 4247 30.07 36.29 57.06
C MET B 4247 29.33 37.52 56.55
N ALA B 4248 29.79 38.71 56.89
CA ALA B 4248 29.07 39.92 56.53
C ALA B 4248 29.19 40.27 55.06
N GLN B 4249 30.22 39.78 54.36
CA GLN B 4249 30.46 40.20 52.99
C GLN B 4249 30.17 39.13 51.95
N SER B 4250 30.58 37.88 52.16
CA SER B 4250 30.51 36.88 51.09
C SER B 4250 29.50 35.78 51.36
N ILE B 4251 29.44 35.26 52.59
CA ILE B 4251 28.61 34.08 52.85
C ILE B 4251 27.15 34.48 53.04
N TYR B 4252 26.88 35.28 54.07
CA TYR B 4252 25.51 35.68 54.40
C TYR B 4252 25.13 37.04 53.82
N GLY B 4253 26.08 37.96 53.75
CA GLY B 4253 25.81 39.27 53.17
C GLY B 4253 25.75 39.30 51.67
N GLY B 4254 26.10 38.19 51.00
CA GLY B 4254 26.03 38.16 49.55
C GLY B 4254 24.61 38.28 49.04
N ARG B 4255 23.66 37.60 49.69
CA ARG B 4255 22.27 37.66 49.28
C ARG B 4255 21.61 38.97 49.67
N VAL B 4256 22.21 39.74 50.57
CA VAL B 4256 21.59 40.96 51.09
C VAL B 4256 21.81 42.08 50.09
N ASP B 4257 20.72 42.67 49.59
CA ASP B 4257 20.77 43.77 48.66
C ASP B 4257 20.25 45.08 49.27
N ASN B 4258 20.05 45.11 50.59
CA ASN B 4258 19.56 46.28 51.28
C ASN B 4258 20.59 46.76 52.29
N GLU B 4259 20.77 48.08 52.36
CA GLU B 4259 21.74 48.65 53.29
C GLU B 4259 21.36 48.33 54.72
N PHE B 4260 20.06 48.42 55.04
CA PHE B 4260 19.61 48.22 56.42
C PHE B 4260 19.65 46.76 56.82
N ASP B 4261 19.35 45.84 55.89
CA ASP B 4261 19.50 44.42 56.18
C ASP B 4261 20.97 44.07 56.41
N GLN B 4262 21.87 44.63 55.60
CA GLN B 4262 23.29 44.44 55.84
C GLN B 4262 23.70 44.99 57.20
N ARG B 4263 23.14 46.14 57.58
CA ARG B 4263 23.43 46.72 58.88
C ARG B 4263 22.96 45.81 60.01
N LEU B 4264 21.78 45.22 59.86
CA LEU B 4264 21.27 44.28 60.86
C LEU B 4264 22.14 43.03 60.94
N LEU B 4265 22.57 42.50 59.80
CA LEU B 4265 23.46 41.34 59.81
C LEU B 4265 24.78 41.68 60.49
N ASN B 4266 25.33 42.87 60.23
CA ASN B 4266 26.53 43.30 60.90
C ASN B 4266 26.31 43.43 62.41
N THR B 4267 25.14 43.93 62.80
CA THR B 4267 24.81 44.02 64.22
C THR B 4267 24.82 42.66 64.88
N PHE B 4268 24.16 41.67 64.27
CA PHE B 4268 24.14 40.34 64.85
C PHE B 4268 25.54 39.74 64.90
N LEU B 4269 26.32 39.91 63.83
CA LEU B 4269 27.65 39.32 63.78
C LEU B 4269 28.57 39.95 64.83
N GLU B 4270 28.48 41.27 65.02
CA GLU B 4270 29.30 41.95 66.01
C GLU B 4270 28.85 41.56 67.42
N ARG B 4271 27.55 41.35 67.63
CA ARG B 4271 27.07 40.96 68.94
C ARG B 4271 27.52 39.54 69.30
N LEU B 4272 27.55 38.64 68.31
CA LEU B 4272 27.80 37.23 68.58
C LEU B 4272 29.30 36.88 68.52
N PHE B 4273 29.94 37.15 67.39
CA PHE B 4273 31.30 36.68 67.14
C PHE B 4273 32.31 37.66 67.73
N THR B 4274 32.52 37.52 69.05
CA THR B 4274 33.55 38.28 69.76
C THR B 4274 34.23 37.36 70.76
N THR B 4275 35.30 37.87 71.37
CA THR B 4275 35.96 37.14 72.44
C THR B 4275 35.07 37.00 73.66
N ARG B 4276 34.21 37.99 73.90
CA ARG B 4276 33.27 37.96 75.03
C ARG B 4276 32.32 36.77 74.97
N SER B 4277 32.11 36.19 73.78
CA SER B 4277 31.22 35.04 73.68
C SER B 4277 31.75 33.83 74.43
N PHE B 4278 33.03 33.82 74.78
CA PHE B 4278 33.61 32.74 75.58
C PHE B 4278 33.49 32.98 77.08
N ASP B 4279 33.02 34.15 77.49
CA ASP B 4279 32.78 34.41 78.90
C ASP B 4279 31.61 33.58 79.40
N SER B 4280 31.68 33.17 80.67
CA SER B 4280 30.65 32.32 81.25
C SER B 4280 29.31 33.03 81.41
N GLU B 4281 29.30 34.35 81.37
CA GLU B 4281 28.07 35.12 81.56
C GLU B 4281 27.58 35.79 80.29
N PHE B 4282 27.98 35.30 79.11
CA PHE B 4282 27.54 35.89 77.86
C PHE B 4282 26.06 35.62 77.66
N LYS B 4283 25.34 36.62 77.16
CA LYS B 4283 23.90 36.52 76.91
C LYS B 4283 23.67 36.37 75.41
N LEU B 4284 23.10 35.23 75.00
CA LEU B 4284 22.68 35.07 73.62
C LEU B 4284 21.52 36.01 73.29
N ALA B 4285 20.53 36.08 74.18
CA ALA B 4285 19.41 36.99 74.03
C ALA B 4285 19.17 37.67 75.36
N CYS B 4286 18.72 38.92 75.30
CA CYS B 4286 18.50 39.74 76.48
C CYS B 4286 17.02 40.09 76.58
N LYS B 4287 16.43 39.86 77.75
CA LYS B 4287 15.04 40.20 78.03
C LYS B 4287 14.10 39.50 77.05
N VAL B 4288 14.08 38.17 77.15
CA VAL B 4288 13.26 37.38 76.24
C VAL B 4288 11.78 37.44 76.60
N ASP B 4289 11.47 37.68 77.88
CA ASP B 4289 10.09 37.78 78.32
C ASP B 4289 9.91 38.91 79.33
N GLY B 4290 10.91 39.78 79.45
CA GLY B 4290 10.89 40.86 80.40
C GLY B 4290 11.92 40.74 81.51
N HIS B 4291 12.13 39.53 82.03
CA HIS B 4291 13.05 39.32 83.15
C HIS B 4291 14.21 38.42 82.80
N LYS B 4292 13.96 37.21 82.29
CA LYS B 4292 15.00 36.22 82.10
C LYS B 4292 15.69 36.41 80.75
N ASP B 4293 16.89 35.85 80.64
CA ASP B 4293 17.69 35.93 79.43
C ASP B 4293 18.36 34.58 79.19
N ILE B 4294 18.73 34.33 77.94
CA ILE B 4294 19.35 33.07 77.56
C ILE B 4294 20.84 33.15 77.85
N GLN B 4295 21.41 32.05 78.36
CA GLN B 4295 22.78 32.02 78.82
C GLN B 4295 23.67 31.22 77.89
N MET B 4296 24.90 31.67 77.73
CA MET B 4296 25.93 30.87 77.07
C MET B 4296 26.15 29.58 77.82
N PRO B 4297 26.09 28.42 77.16
CA PRO B 4297 26.53 27.18 77.81
C PRO B 4297 28.00 27.25 78.18
N ASP B 4298 28.33 26.68 79.34
CA ASP B 4298 29.70 26.73 79.84
C ASP B 4298 30.54 25.55 79.37
N GLY B 4299 29.94 24.59 78.67
CA GLY B 4299 30.68 23.43 78.24
C GLY B 4299 31.67 23.74 77.14
N ILE B 4300 32.60 22.80 76.94
CA ILE B 4300 33.64 22.90 75.92
C ILE B 4300 33.59 21.76 74.92
N ARG B 4301 32.57 20.90 74.98
CA ARG B 4301 32.46 19.74 74.11
C ARG B 4301 31.13 19.77 73.38
N ARG B 4302 31.09 19.08 72.24
CA ARG B 4302 29.91 19.12 71.37
C ARG B 4302 28.68 18.58 72.08
N GLU B 4303 28.83 17.48 72.83
CA GLU B 4303 27.68 16.86 73.48
C GLU B 4303 27.04 17.79 74.49
N GLU B 4304 27.84 18.58 75.21
CA GLU B 4304 27.27 19.53 76.16
C GLU B 4304 26.41 20.57 75.45
N PHE B 4305 26.87 21.08 74.31
CA PHE B 4305 26.07 22.02 73.54
C PHE B 4305 24.80 21.37 73.02
N VAL B 4306 24.89 20.12 72.55
CA VAL B 4306 23.70 19.44 72.05
C VAL B 4306 22.68 19.26 73.16
N GLN B 4307 23.12 18.86 74.35
CA GLN B 4307 22.20 18.73 75.48
C GLN B 4307 21.60 20.08 75.86
N TRP B 4308 22.40 21.15 75.89
CA TRP B 4308 21.85 22.47 76.19
C TRP B 4308 20.79 22.86 75.17
N VAL B 4309 21.00 22.50 73.90
CA VAL B 4309 19.98 22.73 72.88
C VAL B 4309 18.72 21.93 73.21
N GLU B 4310 18.89 20.68 73.62
CA GLU B 4310 17.74 19.83 73.91
C GLU B 4310 16.97 20.27 75.16
N LEU B 4311 17.59 21.05 76.04
CA LEU B 4311 16.92 21.55 77.24
C LEU B 4311 16.32 22.94 77.05
N LEU B 4312 16.30 23.45 75.82
CA LEU B 4312 15.69 24.75 75.58
C LEU B 4312 14.19 24.68 75.84
N PRO B 4313 13.61 25.73 76.41
CA PRO B 4313 12.16 25.75 76.65
C PRO B 4313 11.38 25.77 75.33
N ASP B 4314 10.15 25.26 75.40
CA ASP B 4314 9.24 25.21 74.26
C ASP B 4314 8.35 26.43 74.20
N THR B 4315 8.82 27.56 74.72
CA THR B 4315 8.05 28.81 74.78
C THR B 4315 8.77 29.90 74.00
N GLN B 4316 9.21 29.57 72.79
CA GLN B 4316 9.94 30.53 71.98
C GLN B 4316 9.06 31.70 71.58
N THR B 4317 9.62 32.89 71.67
CA THR B 4317 8.97 34.15 71.32
C THR B 4317 9.87 34.93 70.38
N PRO B 4318 9.32 35.88 69.63
CA PRO B 4318 10.18 36.70 68.75
C PRO B 4318 11.24 37.47 69.51
N SER B 4319 11.07 37.70 70.81
CA SER B 4319 12.12 38.34 71.59
C SER B 4319 13.39 37.50 71.68
N TRP B 4320 13.29 36.19 71.42
CA TRP B 4320 14.49 35.38 71.29
C TRP B 4320 15.35 35.87 70.13
N LEU B 4321 14.72 36.18 69.01
CA LEU B 4321 15.43 36.67 67.83
C LEU B 4321 15.87 38.12 67.98
N GLY B 4322 15.26 38.85 68.91
CA GLY B 4322 15.50 40.28 69.06
C GLY B 4322 14.34 41.16 68.63
N LEU B 4323 13.27 40.60 68.10
CA LEU B 4323 12.10 41.32 67.64
C LEU B 4323 11.14 41.58 68.79
N PRO B 4324 10.25 42.57 68.65
CA PRO B 4324 9.24 42.78 69.69
C PRO B 4324 8.31 41.60 69.82
N ASN B 4325 7.80 41.40 71.04
CA ASN B 4325 6.95 40.25 71.33
C ASN B 4325 5.60 40.32 70.63
N ASN B 4326 5.20 41.48 70.14
CA ASN B 4326 3.92 41.62 69.46
C ASN B 4326 4.01 41.34 67.97
N ALA B 4327 5.17 40.94 67.47
CA ALA B 4327 5.34 40.73 66.04
C ALA B 4327 4.58 39.51 65.54
N GLU B 4328 4.42 38.49 66.39
CA GLU B 4328 3.74 37.27 65.98
C GLU B 4328 2.24 37.28 66.26
N ARG B 4329 1.72 38.33 66.89
CA ARG B 4329 0.32 38.35 67.30
C ARG B 4329 -0.60 38.22 66.10
N VAL B 4330 -0.38 39.06 65.07
CA VAL B 4330 -1.22 38.99 63.88
C VAL B 4330 -1.00 37.67 63.15
N LEU B 4331 0.25 37.21 63.08
CA LEU B 4331 0.54 35.94 62.42
C LEU B 4331 -0.14 34.78 63.15
N LEU B 4332 -0.08 34.78 64.48
CA LEU B 4332 -0.72 33.72 65.25
C LEU B 4332 -2.23 33.76 65.11
N THR B 4333 -2.81 34.97 65.11
CA THR B 4333 -4.26 35.08 64.91
C THR B 4333 -4.67 34.56 63.54
N THR B 4334 -3.91 34.92 62.50
CA THR B 4334 -4.20 34.45 61.15
C THR B 4334 -4.06 32.92 61.08
N GLN B 4335 -3.04 32.37 61.73
CA GLN B 4335 -2.86 30.92 61.73
C GLN B 4335 -4.02 30.22 62.43
N GLY B 4336 -4.49 30.80 63.55
CA GLY B 4336 -5.63 30.20 64.24
C GLY B 4336 -6.90 30.25 63.41
N VAL B 4337 -7.17 31.38 62.77
CA VAL B 4337 -8.35 31.48 61.91
C VAL B 4337 -8.24 30.52 60.74
N ASP B 4338 -7.06 30.40 60.15
CA ASP B 4338 -6.85 29.46 59.05
C ASP B 4338 -7.04 28.03 59.50
N MET B 4339 -6.59 27.70 60.71
CA MET B 4339 -6.80 26.36 61.26
C MET B 4339 -8.28 26.08 61.46
N ILE B 4340 -9.02 27.07 61.98
CA ILE B 4340 -10.47 26.91 62.14
C ILE B 4340 -11.13 26.67 60.78
N SER B 4341 -10.74 27.45 59.78
CA SER B 4341 -11.32 27.28 58.44
C SER B 4341 -10.98 25.92 57.85
N LYS B 4342 -9.73 25.47 58.02
CA LYS B 4342 -9.33 24.17 57.49
C LYS B 4342 -10.11 23.04 58.14
N MET B 4343 -10.27 23.10 59.46
CA MET B 4343 -11.06 22.07 60.14
C MET B 4343 -12.54 22.15 59.77
N LEU B 4344 -13.05 23.34 59.46
CA LEU B 4344 -14.45 23.47 59.07
C LEU B 4344 -14.68 22.97 57.65
N LYS B 4345 -13.68 23.06 56.78
CA LYS B 4345 -13.85 22.60 55.41
C LYS B 4345 -13.90 21.07 55.32
N MET B 4346 -13.42 20.36 56.32
CA MET B 4346 -13.31 18.90 56.24
C MET B 4346 -14.32 18.15 57.11
N GLN B 4347 -15.33 18.83 57.64
CA GLN B 4347 -16.38 18.13 58.38
C GLN B 4347 -17.28 17.32 57.44
N PRO B 4374 -29.57 42.42 34.94
CA PRO B 4374 -29.04 41.50 35.95
C PRO B 4374 -28.72 42.21 37.27
N ALA B 4375 -28.63 41.44 38.35
CA ALA B 4375 -28.32 42.02 39.64
C ALA B 4375 -26.92 42.61 39.67
N TRP B 4376 -25.96 41.92 39.07
CA TRP B 4376 -24.58 42.41 39.07
C TRP B 4376 -24.46 43.71 38.29
N MET B 4377 -25.24 43.86 37.21
CA MET B 4377 -25.22 45.11 36.45
C MET B 4377 -25.65 46.28 37.31
N ARG B 4378 -26.76 46.12 38.05
CA ARG B 4378 -27.25 47.20 38.89
C ARG B 4378 -26.30 47.48 40.05
N THR B 4379 -25.73 46.42 40.63
CA THR B 4379 -24.77 46.59 41.71
C THR B 4379 -23.55 47.37 41.23
N LEU B 4380 -23.02 47.03 40.07
CA LEU B 4380 -21.88 47.75 39.51
C LEU B 4380 -22.25 49.18 39.15
N HIS B 4381 -23.47 49.40 38.66
CA HIS B 4381 -23.90 50.77 38.37
C HIS B 4381 -23.91 51.61 39.64
N THR B 4382 -24.48 51.07 40.73
CA THR B 4382 -24.51 51.80 41.98
C THR B 4382 -23.11 52.05 42.51
N THR B 4383 -22.23 51.05 42.44
CA THR B 4383 -20.87 51.21 42.93
C THR B 4383 -20.11 52.26 42.13
N ALA B 4384 -20.25 52.22 40.80
CA ALA B 4384 -19.57 53.19 39.96
C ALA B 4384 -20.10 54.60 40.18
N SER B 4385 -21.42 54.74 40.37
CA SER B 4385 -21.97 56.06 40.68
C SER B 4385 -21.44 56.57 42.01
N ASN B 4386 -21.38 55.71 43.02
CA ASN B 4386 -20.84 56.11 44.32
C ASN B 4386 -19.38 56.55 44.18
N TRP B 4387 -18.59 55.80 43.41
CA TRP B 4387 -17.21 56.19 43.17
C TRP B 4387 -17.12 57.53 42.46
N LEU B 4388 -17.99 57.75 41.46
CA LEU B 4388 -17.97 59.00 40.72
C LEU B 4388 -18.28 60.19 41.63
N HIS B 4389 -19.28 60.04 42.51
CA HIS B 4389 -19.56 61.11 43.46
C HIS B 4389 -18.40 61.30 44.44
N LEU B 4390 -17.80 60.20 44.90
CA LEU B 4390 -16.74 60.29 45.90
C LEU B 4390 -15.46 60.88 45.32
N ILE B 4391 -15.11 60.51 44.09
CA ILE B 4391 -13.90 61.01 43.44
C ILE B 4391 -14.10 62.46 43.03
N PRO B 4392 -13.11 63.33 43.24
CA PRO B 4392 -13.22 64.71 42.77
C PRO B 4392 -13.30 64.79 41.24
N GLN B 4393 -13.68 65.97 40.75
CA GLN B 4393 -13.97 66.16 39.34
C GLN B 4393 -12.80 66.78 38.57
N THR B 4394 -12.33 67.95 38.99
CA THR B 4394 -11.40 68.74 38.20
C THR B 4394 -10.04 68.87 38.90
N LEU B 4395 -9.01 69.08 38.09
CA LEU B 4395 -7.67 69.33 38.60
C LEU B 4395 -6.91 70.11 37.53
N SER B 4396 -6.67 71.40 37.78
CA SER B 4396 -6.01 72.26 36.81
C SER B 4396 -4.50 72.09 36.88
N HIS B 4397 -3.84 72.28 35.73
CA HIS B 4397 -2.40 72.14 35.66
C HIS B 4397 -1.72 73.39 36.22
N LEU B 4398 -0.38 73.38 36.15
CA LEU B 4398 0.43 74.50 36.61
C LEU B 4398 0.98 75.26 35.40
N LYS B 4399 1.01 76.58 35.51
CA LYS B 4399 1.44 77.45 34.41
C LYS B 4399 2.96 77.60 34.44
N ARG B 4400 3.60 77.29 33.31
CA ARG B 4400 5.04 77.43 33.20
C ARG B 4400 5.43 78.90 33.13
N THR B 4401 6.42 79.28 33.92
CA THR B 4401 6.94 80.65 33.94
C THR B 4401 8.46 80.59 33.92
N VAL B 4402 9.08 81.66 33.40
CA VAL B 4402 10.53 81.68 33.23
C VAL B 4402 11.23 81.53 34.57
N GLU B 4403 10.69 82.13 35.63
CA GLU B 4403 11.27 81.98 36.95
C GLU B 4403 10.64 80.85 37.76
N ASN B 4404 9.55 80.24 37.26
CA ASN B 4404 9.00 79.06 37.91
C ASN B 4404 9.81 77.81 37.58
N ILE B 4405 10.38 77.76 36.37
CA ILE B 4405 11.13 76.57 35.95
C ILE B 4405 12.37 76.39 36.82
N LYS B 4406 13.02 77.49 37.20
CA LYS B 4406 14.22 77.42 38.02
C LYS B 4406 13.95 76.87 39.42
N ASP B 4407 12.69 76.78 39.84
CA ASP B 4407 12.35 76.26 41.15
C ASP B 4407 12.17 74.76 41.06
N PRO B 4408 13.02 73.95 41.70
CA PRO B 4408 12.83 72.48 41.65
C PRO B 4408 11.51 72.03 42.26
N LEU B 4409 11.03 72.72 43.31
CA LEU B 4409 9.74 72.37 43.88
C LEU B 4409 8.62 72.52 42.86
N PHE B 4410 8.66 73.60 42.08
CA PHE B 4410 7.63 73.80 41.06
C PHE B 4410 7.71 72.73 39.98
N ARG B 4411 8.91 72.31 39.60
CA ARG B 4411 9.04 71.24 38.60
C ARG B 4411 8.44 69.94 39.12
N PHE B 4412 8.80 69.56 40.35
CA PHE B 4412 8.23 68.36 40.95
C PHE B 4412 6.72 68.44 41.01
N PHE B 4413 6.19 69.59 41.43
CA PHE B 4413 4.75 69.69 41.65
C PHE B 4413 3.99 69.78 40.33
N GLU B 4414 4.58 70.39 39.29
CA GLU B 4414 3.91 70.38 38.00
C GLU B 4414 3.86 68.97 37.42
N ARG B 4415 4.95 68.21 37.57
CA ARG B 4415 4.90 66.82 37.11
C ARG B 4415 3.85 66.02 37.88
N GLU B 4416 3.79 66.21 39.20
CA GLU B 4416 2.83 65.48 40.01
C GLU B 4416 1.40 65.85 39.63
N VAL B 4417 1.10 67.13 39.46
CA VAL B 4417 -0.25 67.53 39.12
C VAL B 4417 -0.61 67.09 37.71
N LYS B 4418 0.35 67.08 36.79
CA LYS B 4418 0.08 66.60 35.44
C LYS B 4418 -0.29 65.12 35.45
N MET B 4419 0.50 64.32 36.17
CA MET B 4419 0.20 62.89 36.27
C MET B 4419 -1.16 62.67 36.94
N GLY B 4420 -1.44 63.42 38.01
CA GLY B 4420 -2.71 63.30 38.69
C GLY B 4420 -3.88 63.67 37.81
N ALA B 4421 -3.74 64.74 37.03
CA ALA B 4421 -4.82 65.15 36.13
C ALA B 4421 -5.06 64.11 35.04
N LYS B 4422 -3.98 63.55 34.48
CA LYS B 4422 -4.14 62.54 33.44
C LYS B 4422 -4.85 61.31 34.02
N LEU B 4423 -4.41 60.85 35.19
CA LEU B 4423 -5.05 59.69 35.80
C LEU B 4423 -6.50 59.97 36.18
N LEU B 4424 -6.78 61.17 36.69
CA LEU B 4424 -8.15 61.53 37.03
C LEU B 4424 -9.04 61.53 35.80
N GLN B 4425 -8.55 62.10 34.70
CA GLN B 4425 -9.34 62.12 33.48
C GLN B 4425 -9.63 60.71 32.99
N ASP B 4426 -8.62 59.84 33.00
CA ASP B 4426 -8.83 58.46 32.56
C ASP B 4426 -9.83 57.74 33.46
N VAL B 4427 -9.69 57.88 34.78
CA VAL B 4427 -10.57 57.17 35.70
C VAL B 4427 -12.00 57.67 35.57
N ARG B 4428 -12.18 58.99 35.48
CA ARG B 4428 -13.53 59.54 35.35
C ARG B 4428 -14.17 59.11 34.04
N GLN B 4429 -13.41 59.12 32.94
CA GLN B 4429 -13.96 58.68 31.67
C GLN B 4429 -14.35 57.21 31.71
N ASP B 4430 -13.52 56.37 32.32
CA ASP B 4430 -13.86 54.95 32.44
C ASP B 4430 -15.10 54.75 33.28
N LEU B 4431 -15.21 55.47 34.40
CA LEU B 4431 -16.38 55.32 35.26
C LEU B 4431 -17.64 55.79 34.56
N ALA B 4432 -17.55 56.89 33.81
CA ALA B 4432 -18.70 57.34 33.02
C ALA B 4432 -19.09 56.31 31.98
N ASP B 4433 -18.10 55.68 31.35
CA ASP B 4433 -18.41 54.62 30.39
C ASP B 4433 -19.11 53.45 31.06
N VAL B 4434 -18.67 53.08 32.26
CA VAL B 4434 -19.33 51.97 32.98
C VAL B 4434 -20.76 52.33 33.33
N VAL B 4435 -21.00 53.54 33.84
CA VAL B 4435 -22.35 53.90 34.23
C VAL B 4435 -23.25 54.04 33.00
N GLN B 4436 -22.67 54.41 31.86
CA GLN B 4436 -23.45 54.42 30.63
C GLN B 4436 -23.77 53.01 30.15
N VAL B 4437 -22.82 52.08 30.29
CA VAL B 4437 -23.05 50.71 29.88
C VAL B 4437 -24.13 50.06 30.73
N CYS B 4438 -24.04 50.24 32.05
CA CYS B 4438 -24.99 49.61 32.96
C CYS B 4438 -26.41 50.12 32.77
N GLU B 4439 -26.59 51.30 32.20
CA GLU B 4439 -27.91 51.84 31.89
C GLU B 4439 -28.41 51.41 30.52
N GLY B 4440 -27.59 50.69 29.75
CA GLY B 4440 -27.97 50.27 28.42
C GLY B 4440 -27.83 51.33 27.35
N LYS B 4441 -27.18 52.46 27.65
CA LYS B 4441 -27.07 53.53 26.67
C LYS B 4441 -26.05 53.22 25.59
N LYS B 4442 -24.97 52.52 25.92
CA LYS B 4442 -23.91 52.22 24.97
C LYS B 4442 -23.54 50.75 25.05
N LYS B 4443 -23.03 50.23 23.94
CA LYS B 4443 -22.66 48.83 23.83
C LYS B 4443 -21.27 48.58 24.41
N GLN B 4444 -21.10 47.42 25.02
CA GLN B 4444 -19.81 47.05 25.60
C GLN B 4444 -18.76 46.87 24.51
N THR B 4445 -17.55 47.33 24.80
CA THR B 4445 -16.39 47.11 23.95
C THR B 4445 -15.41 46.17 24.66
N ASN B 4446 -14.34 45.81 23.96
CA ASN B 4446 -13.35 44.90 24.53
C ASN B 4446 -12.73 45.50 25.78
N TYR B 4447 -12.31 46.77 25.70
CA TYR B 4447 -11.77 47.45 26.88
C TYR B 4447 -12.82 47.58 27.97
N LEU B 4448 -14.05 47.94 27.58
CA LEU B 4448 -15.13 48.05 28.56
C LEU B 4448 -15.44 46.70 29.19
N ARG B 4449 -15.47 45.63 28.38
CA ARG B 4449 -15.72 44.30 28.92
C ARG B 4449 -14.65 43.90 29.92
N THR B 4450 -13.38 44.12 29.57
CA THR B 4450 -12.29 43.77 30.47
C THR B 4450 -12.36 44.58 31.76
N LEU B 4451 -12.63 45.89 31.65
CA LEU B 4451 -12.66 46.74 32.84
C LEU B 4451 -13.84 46.38 33.74
N ILE B 4452 -14.99 46.06 33.14
CA ILE B 4452 -16.14 45.61 33.93
C ILE B 4452 -15.84 44.30 34.63
N ASN B 4453 -15.20 43.37 33.92
CA ASN B 4453 -14.82 42.09 34.53
C ASN B 4453 -13.88 42.32 35.71
N GLU B 4454 -12.91 43.24 35.56
CA GLU B 4454 -12.01 43.55 36.67
C GLU B 4454 -12.77 44.17 37.84
N LEU B 4455 -13.69 45.10 37.57
CA LEU B 4455 -14.40 45.77 38.65
C LEU B 4455 -15.31 44.83 39.41
N VAL B 4456 -16.00 43.92 38.72
CA VAL B 4456 -16.94 43.03 39.38
C VAL B 4456 -16.21 42.12 40.36
N LYS B 4457 -15.06 41.58 39.97
CA LYS B 4457 -14.28 40.70 40.84
C LYS B 4457 -13.47 41.46 41.88
N GLY B 4458 -13.63 42.77 41.98
CA GLY B 4458 -12.92 43.55 42.98
C GLY B 4458 -11.42 43.58 42.78
N ILE B 4459 -10.98 43.65 41.52
CA ILE B 4459 -9.55 43.70 41.19
C ILE B 4459 -9.26 45.06 40.58
N LEU B 4460 -8.20 45.71 41.04
CA LEU B 4460 -7.83 47.02 40.53
C LEU B 4460 -7.43 46.90 39.06
N PRO B 4461 -8.05 47.63 38.16
CA PRO B 4461 -7.67 47.56 36.74
C PRO B 4461 -6.22 48.01 36.54
N ARG B 4462 -5.54 47.34 35.60
CA ARG B 4462 -4.16 47.70 35.31
C ARG B 4462 -4.05 49.05 34.63
N SER B 4463 -5.13 49.56 34.04
CA SER B 4463 -5.09 50.88 33.42
C SER B 4463 -4.94 51.97 34.47
N TRP B 4464 -5.60 51.83 35.62
CA TRP B 4464 -5.59 52.87 36.64
C TRP B 4464 -4.29 52.91 37.43
N SER B 4465 -3.67 51.76 37.67
CA SER B 4465 -2.49 51.68 38.53
C SER B 4465 -1.28 52.23 37.77
N HIS B 4466 -0.78 53.38 38.21
CA HIS B 4466 0.45 53.96 37.65
C HIS B 4466 1.50 54.24 38.71
N TYR B 4467 1.10 54.70 39.89
CA TYR B 4467 2.01 54.98 40.98
C TYR B 4467 2.28 53.72 41.80
N THR B 4468 3.40 53.74 42.52
CA THR B 4468 3.75 52.62 43.39
C THR B 4468 2.68 52.46 44.47
N VAL B 4469 2.23 51.22 44.67
CA VAL B 4469 1.11 50.96 45.56
C VAL B 4469 1.19 49.50 45.98
N PRO B 4470 0.80 49.16 47.22
CA PRO B 4470 0.84 47.74 47.63
C PRO B 4470 0.01 46.85 46.72
N ALA B 4471 0.54 45.67 46.44
CA ALA B 4471 -0.10 44.76 45.49
C ALA B 4471 -1.35 44.12 46.09
N GLY B 4472 -1.26 43.66 47.34
CA GLY B 4472 -2.37 42.94 47.95
C GLY B 4472 -3.46 43.85 48.49
N MET B 4473 -4.28 44.41 47.60
CA MET B 4473 -5.30 45.36 48.00
C MET B 4473 -6.46 45.29 47.01
N THR B 4474 -7.60 45.81 47.45
CA THR B 4474 -8.84 45.78 46.66
C THR B 4474 -8.97 47.07 45.85
N VAL B 4475 -10.16 47.30 45.28
CA VAL B 4475 -10.36 48.45 44.40
C VAL B 4475 -11.03 49.62 45.12
N ILE B 4476 -11.90 49.34 46.10
CA ILE B 4476 -12.59 50.43 46.79
C ILE B 4476 -11.60 51.27 47.58
N GLN B 4477 -10.65 50.63 48.26
CA GLN B 4477 -9.66 51.39 49.02
C GLN B 4477 -8.66 52.08 48.10
N TRP B 4478 -8.38 51.50 46.92
CA TRP B 4478 -7.61 52.25 45.93
C TRP B 4478 -8.35 53.50 45.50
N VAL B 4479 -9.67 53.40 45.31
CA VAL B 4479 -10.45 54.57 44.92
C VAL B 4479 -10.39 55.62 46.03
N SER B 4480 -10.51 55.19 47.28
CA SER B 4480 -10.43 56.14 48.40
C SER B 4480 -9.06 56.83 48.44
N ASP B 4481 -7.99 56.04 48.30
CA ASP B 4481 -6.64 56.62 48.31
C ASP B 4481 -6.45 57.58 47.14
N PHE B 4482 -6.95 57.21 45.96
CA PHE B 4482 -6.85 58.09 44.80
C PHE B 4482 -7.61 59.40 45.03
N SER B 4483 -8.80 59.31 45.63
CA SER B 4483 -9.57 60.51 45.92
C SER B 4483 -8.85 61.42 46.89
N GLU B 4484 -8.24 60.84 47.93
CA GLU B 4484 -7.47 61.65 48.87
C GLU B 4484 -6.28 62.30 48.17
N ARG B 4485 -5.60 61.56 47.29
CA ARG B 4485 -4.47 62.12 46.56
C ARG B 4485 -4.91 63.27 45.66
N ILE B 4486 -6.06 63.13 45.00
CA ILE B 4486 -6.55 64.19 44.13
C ILE B 4486 -6.97 65.41 44.95
N LYS B 4487 -7.58 65.19 46.11
CA LYS B 4487 -7.92 66.32 46.97
C LYS B 4487 -6.67 67.08 47.40
N GLN B 4488 -5.62 66.35 47.79
CA GLN B 4488 -4.37 67.01 48.13
C GLN B 4488 -3.80 67.77 46.94
N LEU B 4489 -3.80 67.14 45.77
CA LEU B 4489 -3.23 67.77 44.58
C LEU B 4489 -3.99 69.03 44.21
N GLN B 4490 -5.32 69.01 44.36
CA GLN B 4490 -6.09 70.21 44.05
C GLN B 4490 -5.89 71.29 45.11
N ASN B 4491 -5.63 70.91 46.36
CA ASN B 4491 -5.29 71.90 47.37
C ASN B 4491 -4.00 72.63 47.00
N ILE B 4492 -2.95 71.88 46.68
CA ILE B 4492 -1.71 72.55 46.25
C ILE B 4492 -1.90 73.29 44.92
N SER B 4493 -2.74 72.78 44.03
CA SER B 4493 -3.01 73.50 42.78
C SER B 4493 -3.63 74.86 43.05
N LEU B 4494 -4.61 74.90 43.96
CA LEU B 4494 -5.22 76.17 44.34
C LEU B 4494 -4.20 77.09 45.01
N ALA B 4495 -3.36 76.52 45.88
CA ALA B 4495 -2.37 77.33 46.58
C ALA B 4495 -1.37 77.95 45.61
N ALA B 4496 -0.93 77.18 44.62
CA ALA B 4496 0.07 77.66 43.67
C ALA B 4496 -0.53 78.62 42.64
N ALA B 4497 -1.80 78.40 42.28
CA ALA B 4497 -2.44 79.27 41.29
C ALA B 4497 -2.54 80.71 41.81
N SER B 4498 -2.62 80.88 43.12
CA SER B 4498 -2.75 82.19 43.74
C SER B 4498 -1.59 82.41 44.71
N GLY B 4499 -0.55 83.10 44.24
CA GLY B 4499 0.55 83.49 45.11
C GLY B 4499 1.93 83.14 44.60
N GLY B 4500 2.08 81.98 43.97
CA GLY B 4500 3.36 81.58 43.41
C GLY B 4500 4.02 80.45 44.17
N ALA B 4501 5.35 80.45 44.12
CA ALA B 4501 6.15 79.39 44.71
C ALA B 4501 6.28 79.51 46.22
N LYS B 4502 5.96 80.67 46.79
CA LYS B 4502 6.02 80.81 48.25
C LYS B 4502 5.03 79.88 48.93
N GLU B 4503 3.81 79.78 48.39
CA GLU B 4503 2.83 78.86 48.94
C GLU B 4503 3.24 77.41 48.71
N LEU B 4504 3.91 77.13 47.59
CA LEU B 4504 4.46 75.79 47.38
C LEU B 4504 5.48 75.44 48.46
N LYS B 4505 6.34 76.40 48.80
CA LYS B 4505 7.31 76.17 49.87
C LYS B 4505 6.63 75.99 51.21
N ASN B 4506 5.59 76.78 51.49
CA ASN B 4506 5.00 76.82 52.82
C ASN B 4506 3.79 75.91 53.00
N ILE B 4507 3.43 75.10 52.00
CA ILE B 4507 2.27 74.22 52.10
C ILE B 4507 2.71 72.89 52.70
N HIS B 4508 1.85 72.31 53.53
CA HIS B 4508 2.09 70.99 54.08
C HIS B 4508 1.63 69.92 53.11
N VAL B 4509 2.44 68.88 52.93
CA VAL B 4509 2.18 67.83 51.96
C VAL B 4509 2.33 66.48 52.65
N CYS B 4510 1.52 65.51 52.24
CA CYS B 4510 1.60 64.15 52.75
C CYS B 4510 2.45 63.32 51.80
N LEU B 4511 3.49 62.68 52.33
CA LEU B 4511 4.38 61.88 51.49
C LEU B 4511 3.66 60.69 50.88
N GLY B 4512 2.70 60.12 51.61
CA GLY B 4512 1.94 59.00 51.06
C GLY B 4512 1.10 59.38 49.86
N GLY B 4513 0.55 60.59 49.86
CA GLY B 4513 -0.26 61.03 48.74
C GLY B 4513 0.54 61.37 47.50
N LEU B 4514 1.82 61.70 47.66
CA LEU B 4514 2.67 61.99 46.50
C LEU B 4514 2.99 60.72 45.74
N PHE B 4515 3.04 60.84 44.41
CA PHE B 4515 3.35 59.68 43.59
C PHE B 4515 4.79 59.22 43.78
N VAL B 4516 5.73 60.17 43.82
CA VAL B 4516 7.14 59.83 44.00
C VAL B 4516 7.69 60.71 45.13
N PRO B 4517 7.55 60.28 46.39
CA PRO B 4517 8.03 61.13 47.50
C PRO B 4517 9.53 61.40 47.48
N GLU B 4518 10.34 60.46 47.01
CA GLU B 4518 11.78 60.71 46.96
C GLU B 4518 12.11 61.86 46.02
N ALA B 4519 11.31 62.04 44.97
CA ALA B 4519 11.47 63.22 44.13
C ALA B 4519 11.17 64.49 44.90
N TYR B 4520 10.17 64.45 45.79
CA TYR B 4520 9.91 65.60 46.64
C TYR B 4520 11.10 65.88 47.56
N ILE B 4521 11.71 64.83 48.11
CA ILE B 4521 12.85 65.02 49.00
C ILE B 4521 14.01 65.67 48.25
N THR B 4522 14.33 65.15 47.07
CA THR B 4522 15.43 65.73 46.30
C THR B 4522 15.09 67.15 45.83
N ALA B 4523 13.82 67.41 45.55
CA ALA B 4523 13.41 68.75 45.15
C ALA B 4523 13.59 69.74 46.30
N THR B 4524 13.23 69.35 47.52
CA THR B 4524 13.44 70.21 48.67
C THR B 4524 14.93 70.44 48.93
N ARG B 4525 15.73 69.38 48.81
CA ARG B 4525 17.18 69.54 48.98
C ARG B 4525 17.76 70.49 47.93
N GLN B 4526 17.31 70.35 46.68
CA GLN B 4526 17.79 71.23 45.62
C GLN B 4526 17.33 72.66 45.85
N TYR B 4527 16.11 72.84 46.35
CA TYR B 4527 15.62 74.19 46.66
C TYR B 4527 16.49 74.84 47.73
N VAL B 4528 16.81 74.10 48.79
CA VAL B 4528 17.67 74.64 49.84
C VAL B 4528 19.04 74.99 49.28
N ALA B 4529 19.61 74.08 48.47
CA ALA B 4529 20.93 74.33 47.90
C ALA B 4529 20.93 75.56 47.00
N GLN B 4530 19.89 75.71 46.16
CA GLN B 4530 19.80 76.87 45.29
C GLN B 4530 19.64 78.15 46.09
N ALA B 4531 18.80 78.13 47.12
CA ALA B 4531 18.61 79.31 47.94
C ALA B 4531 19.89 79.73 48.65
N ASN B 4532 20.67 78.76 49.11
CA ASN B 4532 21.90 79.03 49.84
C ASN B 4532 23.15 78.91 48.99
N SER B 4533 22.99 78.72 47.67
CA SER B 4533 24.11 78.56 46.73
C SER B 4533 25.08 77.46 47.20
N TRP B 4534 24.53 76.28 47.44
CA TRP B 4534 25.27 75.14 47.96
C TRP B 4534 25.12 73.96 47.01
N SER B 4535 25.82 72.87 47.32
CA SER B 4535 25.77 71.64 46.54
C SER B 4535 24.90 70.61 47.25
N LEU B 4536 24.43 69.64 46.47
CA LEU B 4536 23.54 68.61 47.01
C LEU B 4536 24.24 67.78 48.08
N GLU B 4537 25.49 67.41 47.85
CA GLU B 4537 26.23 66.56 48.79
C GLU B 4537 26.68 67.30 50.04
N GLU B 4538 26.66 68.62 50.03
CA GLU B 4538 27.02 69.38 51.23
C GLU B 4538 25.85 69.57 52.17
N LEU B 4539 24.67 69.06 51.82
CA LEU B 4539 23.47 69.24 52.61
C LEU B 4539 23.11 67.92 53.31
N CYS B 4540 22.87 68.00 54.61
CA CYS B 4540 22.42 66.87 55.40
C CYS B 4540 21.02 67.15 55.94
N LEU B 4541 20.23 66.10 56.06
CA LEU B 4541 18.85 66.24 56.50
C LEU B 4541 18.77 66.20 58.02
N GLU B 4542 18.26 67.26 58.61
CA GLU B 4542 17.98 67.33 60.03
C GLU B 4542 16.47 67.22 60.23
N VAL B 4543 16.05 66.28 61.06
CA VAL B 4543 14.64 65.93 61.21
C VAL B 4543 14.20 66.24 62.63
N ASN B 4544 12.99 66.79 62.75
CA ASN B 4544 12.38 67.06 64.04
C ASN B 4544 10.87 66.90 63.94
N VAL B 4545 10.24 66.64 65.08
CA VAL B 4545 8.80 66.38 65.13
C VAL B 4545 8.15 67.38 66.07
N THR B 4546 7.09 68.03 65.58
CA THR B 4546 6.35 69.01 66.35
C THR B 4546 5.17 68.34 67.03
N THR B 4547 4.84 68.80 68.23
CA THR B 4547 3.72 68.23 68.97
C THR B 4547 2.40 68.46 68.23
N SER B 4548 2.20 69.65 67.67
CA SER B 4548 0.98 69.99 66.96
C SER B 4548 1.33 70.55 65.59
N GLN B 4549 0.38 70.40 64.67
CA GLN B 4549 0.57 70.88 63.30
C GLN B 4549 0.46 72.40 63.25
N GLY B 4550 0.89 72.96 62.13
CA GLY B 4550 0.83 74.40 61.91
C GLY B 4550 2.00 75.19 62.45
N ALA B 4551 3.09 74.53 62.83
CA ALA B 4551 4.26 75.22 63.34
C ALA B 4551 4.93 76.02 62.23
N THR B 4552 5.63 77.08 62.63
CA THR B 4552 6.29 77.96 61.67
C THR B 4552 7.45 77.24 60.99
N LEU B 4553 7.68 77.59 59.74
CA LEU B 4553 8.76 77.03 58.93
C LEU B 4553 9.76 78.12 58.58
N ASP B 4554 11.04 77.84 58.80
CA ASP B 4554 12.10 78.78 58.45
C ASP B 4554 12.43 78.63 56.97
N ALA B 4555 13.54 79.23 56.54
CA ALA B 4555 13.89 79.24 55.13
C ALA B 4555 14.13 77.84 54.59
N CYS B 4556 14.80 77.00 55.37
CA CYS B 4556 15.18 75.65 54.94
C CYS B 4556 14.39 74.57 55.68
N SER B 4557 13.10 74.81 55.90
CA SER B 4557 12.23 73.85 56.57
C SER B 4557 11.04 73.54 55.70
N PHE B 4558 10.68 72.26 55.62
CA PHE B 4558 9.52 71.79 54.88
C PHE B 4558 8.75 70.81 55.76
N GLY B 4559 7.43 70.97 55.82
CA GLY B 4559 6.59 70.15 56.67
C GLY B 4559 5.92 69.03 55.89
N VAL B 4560 6.03 67.82 56.41
CA VAL B 4560 5.40 66.64 55.84
C VAL B 4560 4.55 65.97 56.92
N THR B 4561 3.38 65.48 56.52
CA THR B 4561 2.44 64.84 57.43
C THR B 4561 2.12 63.44 56.95
N GLY B 4562 1.50 62.67 57.83
CA GLY B 4562 1.14 61.29 57.54
C GLY B 4562 2.22 60.27 57.81
N LEU B 4563 3.40 60.68 58.24
CA LEU B 4563 4.48 59.75 58.53
C LEU B 4563 4.14 58.92 59.76
N LYS B 4564 4.43 57.63 59.70
CA LYS B 4564 4.12 56.69 60.77
C LYS B 4564 5.41 56.07 61.28
N LEU B 4565 5.55 56.04 62.62
CA LEU B 4565 6.71 55.43 63.25
C LEU B 4565 6.36 54.02 63.69
N GLN B 4566 7.18 53.05 63.32
CA GLN B 4566 6.93 51.64 63.58
C GLN B 4566 7.78 51.17 64.75
N GLY B 4567 7.13 50.63 65.77
CA GLY B 4567 7.85 50.03 66.88
C GLY B 4567 8.53 51.00 67.82
N ALA B 4568 8.23 52.30 67.73
CA ALA B 4568 8.86 53.28 68.59
C ALA B 4568 7.92 54.48 68.77
N THR B 4569 8.18 55.25 69.83
CA THR B 4569 7.42 56.45 70.13
C THR B 4569 8.37 57.64 70.17
N CYS B 4570 7.95 58.75 69.58
CA CYS B 4570 8.77 59.95 69.49
C CYS B 4570 8.33 60.95 70.54
N ASN B 4571 9.21 61.22 71.50
CA ASN B 4571 9.02 62.26 72.51
C ASN B 4571 10.13 63.28 72.38
N ASN B 4572 9.74 64.56 72.25
CA ASN B 4572 10.61 65.73 72.11
C ASN B 4572 11.91 65.40 71.39
N ASN B 4573 11.80 64.88 70.17
CA ASN B 4573 12.92 64.52 69.30
C ASN B 4573 13.78 63.41 69.87
N LYS B 4574 13.24 62.60 70.79
CA LYS B 4574 13.96 61.47 71.36
C LYS B 4574 13.10 60.23 71.22
N LEU B 4575 13.69 59.15 70.71
CA LEU B 4575 12.97 57.91 70.48
C LEU B 4575 12.98 57.03 71.72
N SER B 4576 11.93 56.23 71.86
CA SER B 4576 11.82 55.24 72.92
C SER B 4576 11.23 53.97 72.34
N LEU B 4577 11.81 52.83 72.70
CA LEU B 4577 11.30 51.56 72.23
C LEU B 4577 9.90 51.32 72.80
N SER B 4578 8.98 50.93 71.93
CA SER B 4578 7.58 50.79 72.29
C SER B 4578 7.05 49.44 71.82
N ASN B 4579 6.05 48.95 72.54
CA ASN B 4579 5.35 47.72 72.18
C ASN B 4579 4.15 47.96 71.27
N ALA B 4580 3.88 49.21 70.91
CA ALA B 4580 2.83 49.49 69.95
C ALA B 4580 3.31 49.16 68.53
N ILE B 4581 2.34 48.89 67.66
CA ILE B 4581 2.67 48.52 66.29
C ILE B 4581 3.08 49.74 65.48
N SER B 4582 2.23 50.77 65.46
CA SER B 4582 2.48 51.99 64.70
C SER B 4582 2.19 53.20 65.57
N THR B 4583 3.03 54.22 65.44
CA THR B 4583 2.84 55.50 66.11
C THR B 4583 2.77 56.59 65.06
N ALA B 4584 1.72 57.41 65.11
CA ALA B 4584 1.49 58.44 64.11
C ALA B 4584 2.23 59.71 64.51
N LEU B 4585 3.19 60.11 63.70
CA LEU B 4585 3.91 61.36 63.93
C LEU B 4585 3.00 62.53 63.60
N PRO B 4586 2.81 63.49 64.51
CA PRO B 4586 1.89 64.61 64.23
C PRO B 4586 2.29 65.41 63.00
N LEU B 4587 3.51 65.95 63.00
CA LEU B 4587 4.03 66.68 61.86
C LEU B 4587 5.54 66.60 61.89
N THR B 4588 6.14 66.37 60.73
CA THR B 4588 7.58 66.27 60.59
C THR B 4588 8.10 67.41 59.72
N GLN B 4589 9.07 68.14 60.24
CA GLN B 4589 9.72 69.21 59.50
C GLN B 4589 11.08 68.75 59.02
N LEU B 4590 11.32 68.87 57.71
CA LEU B 4590 12.58 68.46 57.11
C LEU B 4590 13.47 69.69 56.95
N ARG B 4591 14.65 69.64 57.56
CA ARG B 4591 15.59 70.75 57.57
C ARG B 4591 16.89 70.33 56.90
N TRP B 4592 17.36 71.14 55.96
CA TRP B 4592 18.60 70.89 55.23
C TRP B 4592 19.65 71.88 55.69
N VAL B 4593 20.76 71.36 56.23
CA VAL B 4593 21.84 72.19 56.76
C VAL B 4593 23.17 71.63 56.25
N LYS B 4594 24.22 72.41 56.46
CA LYS B 4594 25.55 72.02 56.03
C LYS B 4594 26.02 70.77 56.77
N GLN B 4595 26.80 69.95 56.07
CA GLN B 4595 27.44 68.81 56.70
C GLN B 4595 28.69 69.26 57.44
N THR B 4596 28.73 68.97 58.74
CA THR B 4596 29.84 69.37 59.61
C THR B 4596 30.77 68.21 59.92
N ASN B 4597 30.62 67.09 59.20
CA ASN B 4597 31.44 65.87 59.33
C ASN B 4597 31.79 65.59 60.79
N THR B 4598 30.78 65.65 61.64
CA THR B 4598 30.93 65.40 63.07
C THR B 4598 30.64 63.95 63.45
N GLU B 4599 30.48 63.07 62.46
CA GLU B 4599 30.20 61.65 62.68
C GLU B 4599 28.87 61.54 63.43
N LYS B 4600 28.75 60.56 64.32
CA LYS B 4600 27.54 60.33 65.09
C LYS B 4600 27.82 60.53 66.57
N LYS B 4601 26.81 60.99 67.30
CA LYS B 4601 26.92 61.25 68.72
C LYS B 4601 26.81 60.00 69.58
N ALA B 4602 26.91 58.81 68.98
CA ALA B 4602 26.81 57.52 69.65
C ALA B 4602 25.45 57.30 70.31
N SER B 4603 24.47 58.17 70.05
CA SER B 4603 23.13 58.04 70.58
C SER B 4603 22.08 58.39 69.52
N VAL B 4604 22.42 58.18 68.25
CA VAL B 4604 21.54 58.49 67.15
C VAL B 4604 21.41 57.25 66.27
N VAL B 4605 20.22 57.05 65.72
CA VAL B 4605 19.91 55.89 64.89
C VAL B 4605 19.41 56.38 63.54
N THR B 4606 19.85 55.71 62.48
CA THR B 4606 19.41 56.02 61.12
C THR B 4606 18.24 55.12 60.77
N LEU B 4607 17.03 55.69 60.73
CA LEU B 4607 15.82 54.92 60.49
C LEU B 4607 15.45 54.98 59.01
N PRO B 4608 15.22 53.84 58.37
CA PRO B 4608 14.72 53.85 56.99
C PRO B 4608 13.31 54.41 56.92
N VAL B 4609 12.99 55.02 55.79
CA VAL B 4609 11.66 55.56 55.54
C VAL B 4609 11.10 54.82 54.33
N TYR B 4610 10.28 53.80 54.60
CA TYR B 4610 9.64 53.02 53.55
C TYR B 4610 8.31 53.64 53.17
N LEU B 4611 7.95 53.51 51.89
CA LEU B 4611 6.72 54.11 51.41
C LEU B 4611 5.49 53.46 52.03
N ASN B 4612 5.48 52.14 52.17
CA ASN B 4612 4.33 51.42 52.67
C ASN B 4612 4.80 50.32 53.63
N PHE B 4613 3.84 49.57 54.17
CA PHE B 4613 4.15 48.52 55.14
C PHE B 4613 4.94 47.38 54.52
N THR B 4614 4.84 47.19 53.21
CA THR B 4614 5.58 46.11 52.56
C THR B 4614 7.08 46.30 52.62
N ARG B 4615 7.55 47.54 52.82
CA ARG B 4615 8.97 47.85 52.97
C ARG B 4615 9.77 47.43 51.74
N ALA B 4616 9.14 47.46 50.57
CA ALA B 4616 9.77 47.03 49.34
C ALA B 4616 10.61 48.12 48.67
N ASP B 4617 10.51 49.37 49.14
CA ASP B 4617 11.28 50.45 48.55
C ASP B 4617 11.59 51.48 49.63
N LEU B 4618 12.67 52.22 49.42
CA LEU B 4618 13.16 53.20 50.39
C LEU B 4618 13.05 54.60 49.81
N ILE B 4619 12.43 55.51 50.57
CA ILE B 4619 12.27 56.88 50.11
C ILE B 4619 13.49 57.71 50.47
N PHE B 4620 13.85 57.76 51.74
CA PHE B 4620 15.00 58.51 52.23
C PHE B 4620 15.31 58.01 53.64
N THR B 4621 16.23 58.68 54.32
CA THR B 4621 16.68 58.28 55.64
C THR B 4621 16.58 59.45 56.60
N VAL B 4622 16.39 59.12 57.88
CA VAL B 4622 16.26 60.10 58.95
C VAL B 4622 17.20 59.72 60.07
N ASP B 4623 17.50 60.71 60.93
CA ASP B 4623 18.39 60.52 62.07
C ASP B 4623 17.71 61.04 63.33
N PHE B 4624 17.37 60.14 64.25
CA PHE B 4624 16.73 60.49 65.50
C PHE B 4624 17.62 60.11 66.67
N GLU B 4625 17.69 60.98 67.67
CA GLU B 4625 18.37 60.66 68.92
C GLU B 4625 17.51 59.72 69.74
N ILE B 4626 18.16 58.85 70.51
CA ILE B 4626 17.49 57.87 71.36
C ILE B 4626 17.53 58.35 72.80
N ALA B 4627 16.41 58.19 73.51
CA ALA B 4627 16.27 58.70 74.86
C ALA B 4627 16.90 57.74 75.88
N THR B 4628 17.16 58.29 77.07
CA THR B 4628 17.69 57.54 78.22
C THR B 4628 18.99 56.85 77.80
N LYS B 4629 19.21 55.60 78.17
CA LYS B 4629 20.42 54.86 77.81
C LYS B 4629 20.06 53.59 77.04
N GLU B 4630 19.12 53.71 76.10
CA GLU B 4630 18.75 52.57 75.29
C GLU B 4630 19.87 52.20 74.32
N ASP B 4631 19.83 50.98 73.86
CA ASP B 4631 20.84 50.50 72.92
C ASP B 4631 20.40 50.78 71.49
N PRO B 4632 21.19 51.50 70.69
CA PRO B 4632 20.85 51.62 69.27
C PRO B 4632 20.79 50.27 68.58
N ARG B 4633 21.59 49.30 69.03
CA ARG B 4633 21.49 47.94 68.51
C ARG B 4633 20.12 47.34 68.77
N SER B 4634 19.50 47.68 69.90
CA SER B 4634 18.14 47.21 70.17
C SER B 4634 17.15 47.79 69.16
N PHE B 4635 17.32 49.07 68.81
CA PHE B 4635 16.50 49.64 67.74
C PHE B 4635 16.75 48.93 66.42
N TYR B 4636 18.01 48.60 66.14
CA TYR B 4636 18.36 48.01 64.86
C TYR B 4636 17.77 46.62 64.72
N GLU B 4637 17.77 45.84 65.81
CA GLU B 4637 17.29 44.46 65.76
C GLU B 4637 15.77 44.39 65.69
N ARG B 4638 15.07 45.37 66.26
CA ARG B 4638 13.62 45.33 66.35
C ARG B 4638 12.94 45.84 65.09
N GLY B 4639 13.70 46.23 64.07
CA GLY B 4639 13.12 46.68 62.83
C GLY B 4639 12.34 47.98 62.91
N VAL B 4640 12.84 48.95 63.68
CA VAL B 4640 12.18 50.24 63.76
C VAL B 4640 12.38 50.99 62.45
N ALA B 4641 11.28 51.47 61.87
CA ALA B 4641 11.33 52.16 60.60
C ALA B 4641 10.22 53.21 60.57
N VAL B 4642 10.15 53.94 59.46
CA VAL B 4642 9.15 54.99 59.25
C VAL B 4642 8.40 54.68 57.96
N LEU B 4643 7.08 54.77 58.02
CA LEU B 4643 6.23 54.50 56.87
C LEU B 4643 5.55 55.78 56.41
N CYS B 4644 5.61 56.04 55.10
CA CYS B 4644 4.97 57.23 54.55
C CYS B 4644 3.46 57.15 54.58
N THR B 4645 2.90 55.94 54.49
CA THR B 4645 1.45 55.75 54.53
C THR B 4645 1.09 54.38 55.08
N ARG C 89 -59.92 -3.67 -25.34
CA ARG C 89 -58.61 -4.20 -24.99
C ARG C 89 -57.76 -4.40 -26.23
N ASP C 90 -57.10 -3.32 -26.65
CA ASP C 90 -56.25 -3.37 -27.83
C ASP C 90 -55.05 -4.29 -27.56
N PRO C 91 -54.80 -5.29 -28.41
CA PRO C 91 -53.76 -6.30 -28.11
C PRO C 91 -52.37 -5.77 -27.77
N LYS C 92 -52.12 -4.46 -27.90
CA LYS C 92 -50.84 -3.92 -27.45
C LYS C 92 -50.99 -2.53 -26.86
N GLU C 93 -52.12 -2.23 -26.21
CA GLU C 93 -52.37 -0.90 -25.69
C GLU C 93 -52.92 -0.87 -24.26
N TRP C 94 -53.37 -2.00 -23.70
CA TRP C 94 -53.99 -1.97 -22.39
C TRP C 94 -53.03 -1.43 -21.32
N ILE C 95 -53.60 -0.69 -20.37
CA ILE C 95 -52.86 -0.18 -19.22
C ILE C 95 -53.64 -0.57 -17.97
N PRO C 96 -52.99 -0.71 -16.81
CA PRO C 96 -53.72 -1.12 -15.60
C PRO C 96 -54.72 -0.08 -15.15
N ARG C 97 -55.76 -0.55 -14.45
CA ARG C 97 -56.85 0.31 -14.01
C ARG C 97 -57.02 0.23 -12.49
N PRO C 98 -57.48 1.30 -11.87
CA PRO C 98 -57.48 1.37 -10.39
C PRO C 98 -58.36 0.34 -9.70
N PRO C 99 -59.42 -0.23 -10.34
CA PRO C 99 -60.07 -1.37 -9.67
C PRO C 99 -59.19 -2.61 -9.67
N GLU C 100 -58.66 -2.97 -8.51
CA GLU C 100 -57.79 -4.14 -8.43
C GLU C 100 -58.61 -5.42 -8.59
N LYS C 101 -57.95 -6.46 -9.10
CA LYS C 101 -58.60 -7.76 -9.23
C LYS C 101 -58.54 -8.52 -7.90
N TYR C 102 -57.33 -8.84 -7.44
CA TYR C 102 -57.14 -9.55 -6.19
C TYR C 102 -56.01 -8.88 -5.40
N ALA C 103 -56.08 -9.02 -4.08
CA ALA C 103 -55.04 -8.53 -3.17
C ALA C 103 -54.61 -9.72 -2.32
N LEU C 104 -53.66 -10.50 -2.84
CA LEU C 104 -53.20 -11.70 -2.15
C LEU C 104 -52.24 -11.33 -1.03
N SER C 105 -52.50 -11.87 0.17
CA SER C 105 -51.72 -11.53 1.35
C SER C 105 -51.48 -12.82 2.13
N GLY C 106 -50.28 -13.39 2.00
CA GLY C 106 -49.90 -14.54 2.77
C GLY C 106 -48.52 -14.40 3.37
N HIS C 107 -47.78 -13.39 2.92
CA HIS C 107 -46.41 -13.19 3.37
C HIS C 107 -46.38 -12.55 4.76
N ARG C 108 -45.42 -12.99 5.56
CA ARG C 108 -45.22 -12.47 6.90
C ARG C 108 -44.22 -11.32 6.94
N SER C 109 -43.62 -10.99 5.81
CA SER C 109 -42.59 -9.97 5.70
C SER C 109 -42.80 -9.22 4.40
N PRO C 110 -42.20 -8.04 4.25
CA PRO C 110 -42.39 -7.26 3.02
C PRO C 110 -42.04 -8.07 1.77
N VAL C 111 -42.88 -7.93 0.76
CA VAL C 111 -42.67 -8.62 -0.51
C VAL C 111 -41.53 -7.93 -1.26
N THR C 112 -40.54 -8.71 -1.69
CA THR C 112 -39.40 -8.12 -2.37
C THR C 112 -39.68 -7.94 -3.86
N ARG C 113 -39.97 -9.03 -4.57
CA ARG C 113 -40.20 -8.96 -6.01
C ARG C 113 -41.30 -9.93 -6.42
N VAL C 114 -41.93 -9.63 -7.55
CA VAL C 114 -42.99 -10.45 -8.11
C VAL C 114 -42.71 -10.63 -9.60
N ILE C 115 -42.92 -11.85 -10.10
CA ILE C 115 -42.72 -12.16 -11.51
C ILE C 115 -43.86 -13.03 -12.01
N PHE C 116 -43.94 -13.18 -13.32
CA PHE C 116 -44.94 -14.01 -13.98
C PHE C 116 -44.27 -15.24 -14.57
N HIS C 117 -44.99 -16.35 -14.57
CA HIS C 117 -44.49 -17.55 -15.22
C HIS C 117 -44.63 -17.40 -16.74
N PRO C 118 -43.55 -17.58 -17.50
CA PRO C 118 -43.63 -17.34 -18.95
C PRO C 118 -44.62 -18.23 -19.68
N VAL C 119 -44.82 -19.47 -19.24
CA VAL C 119 -45.66 -20.44 -19.94
C VAL C 119 -46.97 -20.67 -19.21
N PHE C 120 -46.91 -21.14 -17.97
CA PHE C 120 -48.11 -21.38 -17.19
C PHE C 120 -48.75 -20.07 -16.77
N SER C 121 -50.03 -20.15 -16.43
CA SER C 121 -50.77 -18.99 -15.92
C SER C 121 -50.61 -18.87 -14.40
N VAL C 122 -49.36 -18.82 -13.95
CA VAL C 122 -49.00 -18.89 -12.55
C VAL C 122 -48.09 -17.72 -12.23
N MET C 123 -48.14 -17.26 -10.97
CA MET C 123 -47.41 -16.10 -10.53
C MET C 123 -46.60 -16.44 -9.28
N VAL C 124 -45.36 -15.93 -9.23
CA VAL C 124 -44.43 -16.23 -8.15
C VAL C 124 -44.00 -14.92 -7.49
N SER C 125 -44.00 -14.91 -6.16
CA SER C 125 -43.62 -13.74 -5.38
C SER C 125 -42.61 -14.13 -4.32
N ALA C 126 -41.60 -13.29 -4.13
CA ALA C 126 -40.58 -13.49 -3.11
C ALA C 126 -40.67 -12.39 -2.07
N SER C 127 -40.43 -12.74 -0.81
CA SER C 127 -40.57 -11.81 0.30
C SER C 127 -39.36 -11.92 1.22
N GLU C 128 -39.39 -11.13 2.29
CA GLU C 128 -38.28 -11.07 3.24
C GLU C 128 -38.37 -12.12 4.34
N ASP C 129 -39.40 -12.96 4.34
CA ASP C 129 -39.51 -14.03 5.32
C ASP C 129 -38.87 -15.33 4.83
N ALA C 130 -37.92 -15.23 3.90
CA ALA C 130 -37.19 -16.39 3.38
C ALA C 130 -38.11 -17.39 2.70
N THR C 131 -39.24 -16.91 2.17
CA THR C 131 -40.21 -17.77 1.51
C THR C 131 -40.48 -17.24 0.11
N ILE C 132 -40.77 -18.16 -0.81
CA ILE C 132 -41.09 -17.82 -2.19
C ILE C 132 -42.46 -18.46 -2.47
N LYS C 133 -43.52 -17.69 -2.26
CA LYS C 133 -44.87 -18.19 -2.43
C LYS C 133 -45.29 -18.14 -3.89
N VAL C 134 -46.12 -19.11 -4.28
CA VAL C 134 -46.54 -19.30 -5.66
C VAL C 134 -48.05 -19.14 -5.72
N TRP C 135 -48.52 -18.20 -6.55
CA TRP C 135 -49.94 -17.88 -6.64
C TRP C 135 -50.44 -18.12 -8.07
N ASP C 136 -51.75 -18.36 -8.17
CA ASP C 136 -52.44 -18.39 -9.45
C ASP C 136 -53.13 -17.05 -9.66
N TYR C 137 -52.76 -16.37 -10.74
CA TYR C 137 -53.21 -15.00 -10.98
C TYR C 137 -54.55 -14.91 -11.70
N GLU C 138 -55.16 -16.03 -12.10
CA GLU C 138 -56.52 -15.96 -12.64
C GLU C 138 -57.55 -16.03 -11.53
N THR C 139 -57.40 -17.00 -10.62
CA THR C 139 -58.37 -17.21 -9.54
C THR C 139 -57.92 -16.62 -8.22
N GLY C 140 -56.70 -16.10 -8.14
CA GLY C 140 -56.21 -15.51 -6.90
C GLY C 140 -56.13 -16.49 -5.76
N ASP C 141 -55.67 -17.72 -6.03
CA ASP C 141 -55.60 -18.76 -5.03
C ASP C 141 -54.15 -19.14 -4.77
N PHE C 142 -53.76 -19.12 -3.51
CA PHE C 142 -52.42 -19.56 -3.12
C PHE C 142 -52.24 -21.04 -3.42
N GLU C 143 -51.06 -21.40 -3.89
CA GLU C 143 -50.77 -22.78 -4.28
C GLU C 143 -49.76 -23.45 -3.36
N ARG C 144 -48.57 -22.89 -3.20
CA ARG C 144 -47.55 -23.53 -2.38
C ARG C 144 -46.43 -22.54 -2.09
N THR C 145 -45.63 -22.87 -1.08
CA THR C 145 -44.50 -22.05 -0.65
C THR C 145 -43.20 -22.79 -0.91
N LEU C 146 -42.23 -22.08 -1.46
CA LEU C 146 -40.90 -22.64 -1.76
C LEU C 146 -39.93 -22.12 -0.71
N LYS C 147 -39.72 -22.91 0.34
CA LYS C 147 -38.79 -22.53 1.41
C LYS C 147 -37.47 -23.28 1.24
N GLY C 148 -36.49 -22.83 2.01
CA GLY C 148 -35.14 -23.37 1.92
C GLY C 148 -34.09 -22.31 2.11
N HIS C 149 -34.44 -21.06 1.81
CA HIS C 149 -33.54 -19.94 2.06
C HIS C 149 -33.50 -19.62 3.56
N THR C 150 -32.32 -19.20 4.03
CA THR C 150 -32.17 -18.88 5.44
C THR C 150 -32.61 -17.45 5.75
N ASP C 151 -32.27 -16.51 4.88
CA ASP C 151 -32.58 -15.10 5.09
C ASP C 151 -33.50 -14.59 3.98
N SER C 152 -33.71 -13.28 3.96
CA SER C 152 -34.67 -12.68 3.04
C SER C 152 -34.29 -12.94 1.59
N VAL C 153 -35.28 -13.32 0.79
CA VAL C 153 -35.09 -13.52 -0.64
C VAL C 153 -35.16 -12.17 -1.33
N GLN C 154 -34.16 -11.86 -2.15
CA GLN C 154 -34.07 -10.55 -2.77
C GLN C 154 -34.48 -10.52 -4.23
N ASP C 155 -34.30 -11.61 -4.96
CA ASP C 155 -34.66 -11.62 -6.37
C ASP C 155 -34.99 -13.03 -6.82
N ILE C 156 -35.88 -13.13 -7.80
CA ILE C 156 -36.26 -14.40 -8.41
C ILE C 156 -36.41 -14.17 -9.91
N SER C 157 -36.17 -15.22 -10.68
CA SER C 157 -36.28 -15.13 -12.13
C SER C 157 -36.56 -16.51 -12.71
N PHE C 158 -37.16 -16.52 -13.90
CA PHE C 158 -37.43 -17.74 -14.64
C PHE C 158 -36.56 -17.78 -15.89
N ASP C 159 -36.31 -18.99 -16.39
CA ASP C 159 -35.68 -19.15 -17.68
C ASP C 159 -36.74 -19.01 -18.78
N HIS C 160 -36.31 -19.16 -20.04
CA HIS C 160 -37.24 -18.97 -21.15
C HIS C 160 -38.34 -20.02 -21.12
N SER C 161 -38.00 -21.27 -20.83
CA SER C 161 -38.99 -22.34 -20.80
C SER C 161 -39.87 -22.29 -19.56
N GLY C 162 -39.45 -21.59 -18.50
CA GLY C 162 -40.19 -21.59 -17.26
C GLY C 162 -40.03 -22.85 -16.44
N LYS C 163 -39.12 -23.74 -16.82
CA LYS C 163 -38.91 -25.00 -16.12
C LYS C 163 -37.94 -24.88 -14.95
N LEU C 164 -37.27 -23.74 -14.80
CA LEU C 164 -36.32 -23.52 -13.72
C LEU C 164 -36.55 -22.14 -13.13
N LEU C 165 -36.43 -22.05 -11.80
CA LEU C 165 -36.54 -20.81 -11.07
C LEU C 165 -35.27 -20.57 -10.28
N ALA C 166 -34.65 -19.42 -10.49
CA ALA C 166 -33.41 -19.04 -9.82
C ALA C 166 -33.71 -17.94 -8.82
N SER C 167 -33.35 -18.16 -7.55
CA SER C 167 -33.62 -17.23 -6.49
C SER C 167 -32.35 -16.95 -5.71
N CYS C 168 -32.14 -15.69 -5.36
CA CYS C 168 -31.01 -15.27 -4.55
C CYS C 168 -31.53 -14.60 -3.27
N SER C 169 -30.78 -14.78 -2.19
CA SER C 169 -31.23 -14.32 -0.88
C SER C 169 -30.11 -13.56 -0.19
N ALA C 170 -30.39 -13.09 1.02
CA ALA C 170 -29.44 -12.34 1.82
C ALA C 170 -28.42 -13.23 2.52
N ASP C 171 -28.59 -14.55 2.45
CA ASP C 171 -27.64 -15.48 3.06
C ASP C 171 -26.50 -15.85 2.12
N MET C 172 -26.22 -15.01 1.13
CA MET C 172 -25.10 -15.16 0.19
C MET C 172 -25.27 -16.34 -0.75
N THR C 173 -26.45 -16.95 -0.83
CA THR C 173 -26.65 -18.14 -1.62
C THR C 173 -27.64 -17.89 -2.74
N ILE C 174 -27.43 -18.60 -3.85
CA ILE C 174 -28.34 -18.61 -4.98
C ILE C 174 -28.84 -20.05 -5.16
N LYS C 175 -30.15 -20.23 -5.19
CA LYS C 175 -30.75 -21.54 -5.29
C LYS C 175 -31.46 -21.70 -6.62
N LEU C 176 -31.27 -22.85 -7.25
CA LEU C 176 -31.97 -23.21 -8.48
C LEU C 176 -33.10 -24.18 -8.14
N TRP C 177 -34.31 -23.84 -8.56
CA TRP C 177 -35.50 -24.61 -8.23
C TRP C 177 -36.03 -25.31 -9.48
N ASP C 178 -36.29 -26.61 -9.35
CA ASP C 178 -36.97 -27.37 -10.40
C ASP C 178 -38.47 -27.09 -10.25
N PHE C 179 -38.98 -26.17 -11.07
CA PHE C 179 -40.36 -25.71 -10.91
C PHE C 179 -41.38 -26.81 -11.17
N GLN C 180 -41.00 -27.91 -11.82
CA GLN C 180 -41.92 -29.02 -12.00
C GLN C 180 -42.13 -29.76 -10.68
N GLY C 181 -41.04 -30.05 -9.97
CA GLY C 181 -41.12 -30.78 -8.72
C GLY C 181 -41.07 -29.87 -7.50
N PHE C 182 -40.80 -28.58 -7.72
CA PHE C 182 -40.76 -27.59 -6.65
C PHE C 182 -39.75 -27.96 -5.57
N GLU C 183 -38.54 -28.33 -6.00
CA GLU C 183 -37.46 -28.66 -5.08
C GLU C 183 -36.20 -27.91 -5.47
N CYS C 184 -35.36 -27.63 -4.48
CA CYS C 184 -34.09 -26.94 -4.73
C CYS C 184 -33.07 -27.96 -5.21
N ILE C 185 -32.68 -27.86 -6.48
CA ILE C 185 -31.76 -28.83 -7.06
C ILE C 185 -30.30 -28.43 -6.93
N ARG C 186 -30.01 -27.17 -6.60
CA ARG C 186 -28.64 -26.71 -6.52
C ARG C 186 -28.58 -25.43 -5.72
N THR C 187 -27.64 -25.36 -4.78
CA THR C 187 -27.37 -24.16 -4.00
C THR C 187 -25.96 -23.69 -4.31
N MET C 188 -25.82 -22.42 -4.68
CA MET C 188 -24.56 -21.87 -5.14
C MET C 188 -24.06 -20.83 -4.15
N HIS C 189 -22.85 -21.03 -3.64
CA HIS C 189 -22.17 -20.09 -2.78
C HIS C 189 -21.00 -19.46 -3.53
N GLY C 190 -20.45 -18.39 -2.96
CA GLY C 190 -19.33 -17.72 -3.56
C GLY C 190 -19.35 -16.21 -3.42
N HIS C 191 -20.54 -15.63 -3.28
CA HIS C 191 -20.63 -14.21 -3.00
C HIS C 191 -20.27 -13.93 -1.55
N ASP C 192 -19.56 -12.83 -1.33
CA ASP C 192 -19.02 -12.52 -0.01
C ASP C 192 -20.01 -11.77 0.88
N HIS C 193 -21.17 -11.36 0.36
CA HIS C 193 -22.12 -10.60 1.16
C HIS C 193 -23.49 -10.78 0.52
N ASN C 194 -24.44 -9.92 0.90
CA ASN C 194 -25.82 -9.98 0.43
C ASN C 194 -25.88 -9.97 -1.09
N VAL C 195 -26.70 -10.87 -1.64
CA VAL C 195 -26.92 -10.95 -3.08
C VAL C 195 -28.28 -10.32 -3.36
N SER C 196 -28.29 -9.23 -4.11
CA SER C 196 -29.49 -8.43 -4.29
C SER C 196 -30.17 -8.62 -5.63
N SER C 197 -29.59 -9.40 -6.53
CA SER C 197 -30.21 -9.62 -7.84
C SER C 197 -29.74 -10.94 -8.42
N VAL C 198 -30.56 -11.47 -9.32
CA VAL C 198 -30.24 -12.71 -10.03
C VAL C 198 -31.05 -12.73 -11.32
N ALA C 199 -30.49 -13.36 -12.34
CA ALA C 199 -31.16 -13.46 -13.63
C ALA C 199 -30.58 -14.64 -14.39
N ILE C 200 -31.41 -15.30 -15.20
CA ILE C 200 -30.99 -16.41 -16.03
C ILE C 200 -30.78 -15.90 -17.45
N MET C 201 -29.65 -16.26 -18.04
CA MET C 201 -29.33 -15.83 -19.39
C MET C 201 -30.38 -16.35 -20.37
N PRO C 202 -30.63 -15.63 -21.46
CA PRO C 202 -31.66 -16.08 -22.42
C PRO C 202 -31.37 -17.47 -22.99
N ASN C 203 -30.11 -17.84 -23.15
CA ASN C 203 -29.78 -19.20 -23.57
C ASN C 203 -30.16 -20.22 -22.51
N GLY C 204 -30.27 -19.79 -21.26
CA GLY C 204 -30.70 -20.66 -20.18
C GLY C 204 -29.61 -21.52 -19.58
N ASP C 205 -28.38 -21.45 -20.07
CA ASP C 205 -27.29 -22.27 -19.58
C ASP C 205 -26.40 -21.55 -18.57
N HIS C 206 -26.70 -20.29 -18.25
CA HIS C 206 -25.89 -19.54 -17.31
C HIS C 206 -26.80 -18.69 -16.42
N ILE C 207 -26.31 -18.37 -15.23
CA ILE C 207 -27.03 -17.54 -14.28
C ILE C 207 -26.13 -16.37 -13.89
N VAL C 208 -26.66 -15.16 -13.98
CA VAL C 208 -25.93 -13.94 -13.65
C VAL C 208 -26.54 -13.35 -12.38
N SER C 209 -25.68 -12.92 -11.45
CA SER C 209 -26.14 -12.39 -10.18
C SER C 209 -25.26 -11.23 -9.76
N ALA C 210 -25.84 -10.30 -9.00
CA ALA C 210 -25.14 -9.16 -8.45
C ALA C 210 -25.34 -9.13 -6.94
N SER C 211 -24.30 -8.71 -6.22
CA SER C 211 -24.31 -8.77 -4.77
C SER C 211 -23.71 -7.50 -4.19
N ARG C 212 -23.59 -7.47 -2.86
CA ARG C 212 -23.10 -6.30 -2.15
C ARG C 212 -21.58 -6.19 -2.13
N ASP C 213 -20.86 -7.25 -2.52
CA ASP C 213 -19.40 -7.18 -2.56
C ASP C 213 -18.88 -6.55 -3.83
N LYS C 214 -19.71 -5.76 -4.52
CA LYS C 214 -19.33 -4.96 -5.68
C LYS C 214 -18.91 -5.80 -6.87
N THR C 215 -19.39 -7.04 -6.98
CA THR C 215 -19.04 -7.92 -8.07
C THR C 215 -20.29 -8.52 -8.68
N ILE C 216 -20.19 -8.88 -9.96
CA ILE C 216 -21.23 -9.61 -10.68
C ILE C 216 -20.63 -10.92 -11.16
N LYS C 217 -21.26 -12.03 -10.79
CA LYS C 217 -20.73 -13.35 -11.09
C LYS C 217 -21.66 -14.09 -12.04
N MET C 218 -21.07 -14.99 -12.82
CA MET C 218 -21.79 -15.84 -13.77
C MET C 218 -21.63 -17.29 -13.35
N TRP C 219 -22.73 -18.03 -13.31
CA TRP C 219 -22.74 -19.41 -12.86
C TRP C 219 -23.31 -20.31 -13.93
N GLU C 220 -22.71 -21.49 -14.10
CA GLU C 220 -23.30 -22.50 -14.97
C GLU C 220 -24.54 -23.10 -14.31
N VAL C 221 -25.58 -23.33 -15.12
CA VAL C 221 -26.77 -23.98 -14.62
C VAL C 221 -26.49 -25.46 -14.33
N GLN C 222 -25.79 -26.13 -15.24
CA GLN C 222 -25.60 -27.57 -15.12
C GLN C 222 -24.69 -27.92 -13.94
N THR C 223 -23.56 -27.22 -13.81
CA THR C 223 -22.57 -27.57 -12.79
C THR C 223 -22.63 -26.67 -11.57
N GLY C 224 -23.18 -25.48 -11.68
CA GLY C 224 -23.18 -24.56 -10.55
C GLY C 224 -21.85 -23.89 -10.29
N TYR C 225 -20.92 -24.00 -11.23
CA TYR C 225 -19.59 -23.43 -11.06
C TYR C 225 -19.60 -21.96 -11.46
N CYS C 226 -18.92 -21.13 -10.68
CA CYS C 226 -18.70 -19.74 -11.04
C CYS C 226 -17.65 -19.68 -12.14
N VAL C 227 -17.94 -18.95 -13.21
CA VAL C 227 -17.04 -18.89 -14.35
C VAL C 227 -16.54 -17.48 -14.64
N LYS C 228 -17.23 -16.44 -14.18
CA LYS C 228 -16.82 -15.07 -14.44
C LYS C 228 -17.14 -14.22 -13.23
N THR C 229 -16.44 -13.09 -13.10
CA THR C 229 -16.64 -12.17 -11.99
C THR C 229 -16.43 -10.76 -12.53
N PHE C 230 -17.54 -10.11 -12.91
CA PHE C 230 -17.50 -8.77 -13.46
C PHE C 230 -17.23 -7.77 -12.34
N THR C 231 -15.99 -7.29 -12.25
CA THR C 231 -15.60 -6.30 -11.26
C THR C 231 -15.44 -4.94 -11.92
N GLY C 232 -15.54 -3.89 -11.10
CA GLY C 232 -15.45 -2.54 -11.59
C GLY C 232 -16.40 -1.58 -10.89
N HIS C 233 -17.51 -2.11 -10.37
CA HIS C 233 -18.40 -1.30 -9.57
C HIS C 233 -17.75 -0.93 -8.25
N ARG C 234 -17.90 0.32 -7.84
CA ARG C 234 -17.28 0.81 -6.62
C ARG C 234 -18.15 0.65 -5.38
N GLU C 235 -19.41 0.23 -5.54
CA GLU C 235 -20.32 0.11 -4.42
C GLU C 235 -21.23 -1.09 -4.63
N TRP C 236 -22.15 -1.28 -3.70
CA TRP C 236 -23.16 -2.34 -3.72
C TRP C 236 -23.91 -2.34 -5.05
N VAL C 237 -23.81 -3.45 -5.78
CA VAL C 237 -24.52 -3.61 -7.04
C VAL C 237 -25.93 -4.10 -6.74
N ARG C 238 -26.93 -3.32 -7.15
CA ARG C 238 -28.31 -3.60 -6.77
C ARG C 238 -29.02 -4.52 -7.76
N MET C 239 -28.82 -4.31 -9.06
CA MET C 239 -29.53 -5.06 -10.08
C MET C 239 -28.56 -5.51 -11.17
N VAL C 240 -28.92 -6.60 -11.83
CA VAL C 240 -28.25 -7.06 -13.04
C VAL C 240 -29.30 -7.65 -13.96
N ARG C 241 -29.29 -7.24 -15.24
CA ARG C 241 -30.28 -7.68 -16.20
C ARG C 241 -29.63 -7.87 -17.56
N PRO C 242 -29.75 -9.05 -18.16
CA PRO C 242 -29.26 -9.24 -19.53
C PRO C 242 -30.23 -8.71 -20.56
N ASN C 243 -29.69 -8.46 -21.76
CA ASN C 243 -30.51 -8.00 -22.86
C ASN C 243 -31.21 -9.18 -23.54
N GLN C 244 -31.87 -8.91 -24.66
CA GLN C 244 -32.69 -9.92 -25.31
C GLN C 244 -31.85 -11.09 -25.83
N ASP C 245 -30.71 -10.79 -26.46
CA ASP C 245 -29.87 -11.84 -27.02
C ASP C 245 -28.81 -12.36 -26.04
N GLY C 246 -28.69 -11.76 -24.86
CA GLY C 246 -27.79 -12.25 -23.85
C GLY C 246 -26.34 -11.85 -24.00
N THR C 247 -25.99 -11.08 -25.02
CA THR C 247 -24.61 -10.66 -25.21
C THR C 247 -24.21 -9.51 -24.29
N LEU C 248 -25.16 -8.79 -23.72
CA LEU C 248 -24.87 -7.64 -22.86
C LEU C 248 -25.65 -7.78 -21.56
N ILE C 249 -25.01 -7.40 -20.46
CA ILE C 249 -25.66 -7.32 -19.16
C ILE C 249 -25.46 -5.91 -18.61
N ALA C 250 -26.53 -5.33 -18.09
CA ALA C 250 -26.49 -4.02 -17.46
C ALA C 250 -26.62 -4.18 -15.95
N SER C 251 -26.00 -3.26 -15.22
CA SER C 251 -26.04 -3.30 -13.77
C SER C 251 -26.10 -1.88 -13.22
N CYS C 252 -26.77 -1.74 -12.08
CA CYS C 252 -26.85 -0.48 -11.35
C CYS C 252 -26.37 -0.70 -9.93
N SER C 253 -25.73 0.31 -9.36
CA SER C 253 -25.08 0.16 -8.06
C SER C 253 -25.32 1.40 -7.22
N ASN C 254 -24.93 1.30 -5.94
CA ASN C 254 -24.97 2.45 -5.04
C ASN C 254 -23.98 3.53 -5.42
N ASP C 255 -23.04 3.24 -6.31
CA ASP C 255 -22.09 4.24 -6.78
C ASP C 255 -22.70 5.22 -7.77
N GLN C 256 -24.03 5.23 -7.89
CA GLN C 256 -24.79 6.20 -8.66
C GLN C 256 -24.53 6.10 -10.16
N THR C 257 -24.07 4.94 -10.63
CA THR C 257 -23.77 4.73 -12.04
C THR C 257 -24.46 3.46 -12.52
N VAL C 258 -24.68 3.41 -13.83
CA VAL C 258 -25.20 2.22 -14.51
C VAL C 258 -24.16 1.76 -15.52
N ARG C 259 -23.76 0.51 -15.42
CA ARG C 259 -22.71 -0.04 -16.26
C ARG C 259 -23.29 -1.13 -17.16
N VAL C 260 -22.85 -1.14 -18.42
CA VAL C 260 -23.23 -2.17 -19.38
C VAL C 260 -21.99 -2.98 -19.72
N TRP C 261 -22.05 -4.27 -19.48
CA TRP C 261 -20.92 -5.17 -19.69
C TRP C 261 -21.16 -6.03 -20.91
N VAL C 262 -20.07 -6.58 -21.44
CA VAL C 262 -20.12 -7.53 -22.54
C VAL C 262 -19.84 -8.91 -21.95
N VAL C 263 -20.80 -9.82 -22.11
CA VAL C 263 -20.68 -11.14 -21.48
C VAL C 263 -19.50 -11.90 -22.05
N ALA C 264 -19.31 -11.84 -23.37
CA ALA C 264 -18.28 -12.66 -24.01
C ALA C 264 -16.88 -12.24 -23.57
N THR C 265 -16.60 -10.94 -23.51
CA THR C 265 -15.24 -10.46 -23.27
C THR C 265 -15.09 -9.70 -21.96
N LYS C 266 -16.12 -9.65 -21.12
CA LYS C 266 -16.06 -9.17 -19.74
C LYS C 266 -15.82 -7.67 -19.64
N GLU C 267 -15.57 -6.98 -20.75
CA GLU C 267 -15.29 -5.55 -20.70
C GLU C 267 -16.55 -4.75 -20.42
N CYS C 268 -16.36 -3.56 -19.86
CA CYS C 268 -17.45 -2.63 -19.59
C CYS C 268 -17.70 -1.80 -20.85
N LYS C 269 -18.79 -2.07 -21.54
CA LYS C 269 -19.10 -1.36 -22.77
C LYS C 269 -19.33 0.12 -22.52
N ALA C 270 -20.09 0.46 -21.49
CA ALA C 270 -20.39 1.85 -21.18
C ALA C 270 -20.67 2.00 -19.70
N GLU C 271 -20.46 3.21 -19.19
CA GLU C 271 -20.72 3.54 -17.79
C GLU C 271 -21.63 4.76 -17.78
N LEU C 272 -22.91 4.54 -17.55
CA LEU C 272 -23.94 5.58 -17.66
C LEU C 272 -24.06 6.26 -16.29
N ARG C 273 -23.52 7.47 -16.21
CA ARG C 273 -23.47 8.22 -14.95
C ARG C 273 -24.11 9.61 -15.13
N GLU C 274 -25.42 9.68 -14.90
CA GLU C 274 -26.11 10.96 -14.84
C GLU C 274 -27.07 11.08 -13.68
N HIS C 275 -27.44 9.99 -13.01
CA HIS C 275 -28.31 10.07 -11.85
C HIS C 275 -27.57 10.74 -10.69
N GLU C 276 -28.30 11.54 -9.93
CA GLU C 276 -27.74 12.26 -8.80
C GLU C 276 -27.86 11.49 -7.49
N HIS C 277 -28.38 10.27 -7.52
CA HIS C 277 -28.55 9.49 -6.30
C HIS C 277 -28.38 8.01 -6.68
N VAL C 278 -28.56 7.14 -5.69
CA VAL C 278 -28.39 5.71 -5.90
C VAL C 278 -29.41 5.20 -6.90
N VAL C 279 -28.96 4.35 -7.84
CA VAL C 279 -29.83 3.77 -8.86
C VAL C 279 -30.39 2.46 -8.32
N GLU C 280 -31.71 2.32 -8.39
CA GLU C 280 -32.39 1.14 -7.85
C GLU C 280 -32.61 0.06 -8.91
N CYS C 281 -33.29 0.40 -10.00
CA CYS C 281 -33.79 -0.58 -10.94
C CYS C 281 -33.40 -0.23 -12.36
N ILE C 282 -33.30 -1.25 -13.21
CA ILE C 282 -33.00 -1.10 -14.62
C ILE C 282 -33.90 -2.01 -15.43
N SER C 283 -33.99 -1.74 -16.72
CA SER C 283 -34.80 -2.55 -17.63
C SER C 283 -34.36 -2.29 -19.06
N TRP C 284 -34.28 -3.36 -19.84
CA TRP C 284 -33.92 -3.25 -21.25
C TRP C 284 -35.15 -2.97 -22.10
N ALA C 285 -34.91 -2.41 -23.28
CA ALA C 285 -35.98 -2.09 -24.21
C ALA C 285 -36.23 -3.26 -25.15
N PRO C 286 -37.46 -3.77 -25.22
CA PRO C 286 -37.75 -4.85 -26.17
C PRO C 286 -37.67 -4.36 -27.61
N GLU C 287 -37.43 -5.32 -28.52
CA GLU C 287 -37.28 -4.99 -29.93
C GLU C 287 -38.55 -4.36 -30.52
N SER C 288 -39.71 -4.61 -29.92
CA SER C 288 -40.95 -4.05 -30.43
C SER C 288 -41.06 -2.56 -30.19
N SER C 289 -40.22 -1.98 -29.33
CA SER C 289 -40.27 -0.56 -29.01
C SER C 289 -39.15 0.23 -29.64
N TYR C 290 -38.26 -0.40 -30.41
CA TYR C 290 -37.11 0.32 -30.97
C TYR C 290 -37.56 1.43 -31.91
N SER C 291 -38.52 1.14 -32.78
CA SER C 291 -39.04 2.16 -33.68
C SER C 291 -39.75 3.27 -32.90
N SER C 292 -40.53 2.89 -31.90
CA SER C 292 -41.25 3.88 -31.10
C SER C 292 -40.27 4.79 -30.35
N ILE C 293 -39.23 4.21 -29.78
CA ILE C 293 -38.21 5.01 -29.08
C ILE C 293 -37.51 5.93 -30.07
N SER C 294 -37.13 5.40 -31.23
CA SER C 294 -36.40 6.20 -32.22
C SER C 294 -37.25 7.38 -32.69
N GLU C 295 -38.54 7.16 -32.93
CA GLU C 295 -39.39 8.25 -33.37
C GLU C 295 -39.77 9.21 -32.25
N ALA C 296 -39.81 8.74 -31.00
CA ALA C 296 -40.14 9.62 -29.89
C ALA C 296 -38.97 10.53 -29.55
N THR C 297 -37.75 10.00 -29.56
CA THR C 297 -36.56 10.78 -29.26
C THR C 297 -36.14 11.67 -30.42
N GLY C 298 -36.75 11.50 -31.60
CA GLY C 298 -36.28 12.21 -32.77
C GLY C 298 -34.99 11.69 -33.36
N SER C 299 -34.52 10.53 -32.91
CA SER C 299 -33.27 9.98 -33.39
C SER C 299 -33.40 9.58 -34.85
N GLU C 300 -32.46 10.04 -35.67
CA GLU C 300 -32.46 9.69 -37.09
C GLU C 300 -32.13 8.21 -37.27
N THR C 301 -32.77 7.61 -38.28
CA THR C 301 -32.57 6.19 -38.53
C THR C 301 -31.13 5.91 -38.95
N LYS C 302 -30.48 5.00 -38.22
CA LYS C 302 -29.12 4.63 -38.56
C LYS C 302 -29.08 3.82 -39.84
N LYS C 303 -28.00 4.00 -40.61
CA LYS C 303 -27.83 3.26 -41.85
C LYS C 303 -27.62 1.77 -41.61
N SER C 304 -27.26 1.37 -40.39
CA SER C 304 -27.11 -0.05 -40.08
C SER C 304 -28.47 -0.73 -39.99
N GLY C 305 -29.51 0.01 -39.58
CA GLY C 305 -30.83 -0.53 -39.39
C GLY C 305 -31.18 -0.86 -37.96
N LYS C 306 -30.18 -0.99 -37.09
CA LYS C 306 -30.41 -1.27 -35.68
C LYS C 306 -30.31 0.03 -34.90
N PRO C 307 -31.38 0.50 -34.27
CA PRO C 307 -31.29 1.76 -33.50
C PRO C 307 -30.34 1.67 -32.32
N GLY C 308 -29.97 0.47 -31.89
CA GLY C 308 -29.09 0.30 -30.75
C GLY C 308 -29.89 0.01 -29.49
N PRO C 309 -29.35 -0.83 -28.62
CA PRO C 309 -30.07 -1.19 -27.39
C PRO C 309 -30.35 0.04 -26.53
N PHE C 310 -31.56 0.08 -25.99
CA PHE C 310 -31.98 1.17 -25.11
C PHE C 310 -32.19 0.63 -23.70
N LEU C 311 -31.78 1.42 -22.71
CA LEU C 311 -31.81 1.01 -21.32
C LEU C 311 -32.52 2.07 -20.48
N LEU C 312 -33.25 1.60 -19.48
CA LEU C 312 -33.89 2.48 -18.50
C LEU C 312 -33.29 2.21 -17.13
N SER C 313 -33.29 3.24 -16.29
CA SER C 313 -32.66 3.17 -14.98
C SER C 313 -33.44 4.06 -14.01
N GLY C 314 -34.34 3.45 -13.24
CA GLY C 314 -34.98 4.17 -12.16
C GLY C 314 -34.03 4.29 -10.98
N SER C 315 -34.05 5.46 -10.34
CA SER C 315 -33.11 5.76 -9.27
C SER C 315 -33.85 6.47 -8.15
N ARG C 316 -33.13 6.74 -7.06
CA ARG C 316 -33.74 7.33 -5.88
C ARG C 316 -33.92 8.84 -5.96
N ASP C 317 -33.46 9.47 -7.04
CA ASP C 317 -33.73 10.90 -7.23
C ASP C 317 -35.08 11.15 -7.88
N LYS C 318 -35.99 10.17 -7.80
CA LYS C 318 -37.37 10.32 -8.25
C LYS C 318 -37.46 10.57 -9.75
N THR C 319 -36.50 10.07 -10.52
CA THR C 319 -36.48 10.26 -11.96
C THR C 319 -36.21 8.94 -12.67
N ILE C 320 -36.71 8.83 -13.90
CA ILE C 320 -36.46 7.69 -14.78
C ILE C 320 -35.78 8.22 -16.03
N LYS C 321 -34.67 7.58 -16.41
CA LYS C 321 -33.89 8.03 -17.56
C LYS C 321 -33.76 6.89 -18.56
N MET C 322 -34.03 7.19 -19.83
CA MET C 322 -33.84 6.27 -20.93
C MET C 322 -32.50 6.54 -21.59
N TRP C 323 -31.71 5.49 -21.79
CA TRP C 323 -30.36 5.62 -22.31
C TRP C 323 -30.23 4.91 -23.65
N ASP C 324 -29.23 5.37 -24.42
CA ASP C 324 -28.80 4.70 -25.64
C ASP C 324 -27.46 4.04 -25.34
N VAL C 325 -27.46 2.71 -25.25
CA VAL C 325 -26.25 1.98 -24.87
C VAL C 325 -25.15 2.16 -25.91
N SER C 326 -25.52 2.21 -27.19
CA SER C 326 -24.52 2.34 -28.24
C SER C 326 -23.74 3.64 -28.13
N THR C 327 -24.44 4.74 -27.83
CA THR C 327 -23.80 6.05 -27.75
C THR C 327 -23.53 6.51 -26.32
N GLY C 328 -24.19 5.93 -25.33
CA GLY C 328 -24.01 6.35 -23.96
C GLY C 328 -24.69 7.65 -23.58
N MET C 329 -25.72 8.05 -24.33
CA MET C 329 -26.42 9.30 -24.09
C MET C 329 -27.80 9.04 -23.50
N CYS C 330 -28.23 9.94 -22.62
CA CYS C 330 -29.55 9.84 -22.00
C CYS C 330 -30.59 10.42 -22.96
N LEU C 331 -31.47 9.57 -23.47
CA LEU C 331 -32.45 10.02 -24.45
C LEU C 331 -33.48 10.94 -23.82
N MET C 332 -34.04 10.56 -22.68
CA MET C 332 -35.00 11.42 -21.99
C MET C 332 -34.92 11.17 -20.50
N THR C 333 -35.46 12.10 -19.73
CA THR C 333 -35.60 11.97 -18.29
C THR C 333 -37.07 12.08 -17.94
N LEU C 334 -37.59 11.08 -17.22
CA LEU C 334 -38.99 11.04 -16.83
C LEU C 334 -39.11 11.49 -15.38
N VAL C 335 -39.86 12.56 -15.15
CA VAL C 335 -40.02 13.15 -13.84
C VAL C 335 -41.49 13.08 -13.45
N GLY C 336 -41.75 12.88 -12.16
CA GLY C 336 -43.12 12.77 -11.70
C GLY C 336 -43.36 11.85 -10.51
N HIS C 337 -42.46 10.92 -10.23
CA HIS C 337 -42.55 10.19 -8.97
C HIS C 337 -42.25 11.10 -7.80
N ASP C 338 -42.93 10.85 -6.68
CA ASP C 338 -42.75 11.62 -5.46
C ASP C 338 -41.75 10.99 -4.50
N ASN C 339 -41.12 9.89 -4.88
CA ASN C 339 -40.20 9.19 -4.00
C ASN C 339 -39.28 8.32 -4.85
N TRP C 340 -38.51 7.46 -4.18
CA TRP C 340 -37.52 6.63 -4.86
C TRP C 340 -38.21 5.64 -5.80
N VAL C 341 -37.70 5.54 -7.02
CA VAL C 341 -38.24 4.59 -7.99
C VAL C 341 -37.70 3.21 -7.69
N ARG C 342 -38.60 2.23 -7.57
CA ARG C 342 -38.22 0.87 -7.21
C ARG C 342 -38.24 -0.09 -8.40
N GLY C 343 -39.10 0.15 -9.37
CA GLY C 343 -39.17 -0.70 -10.55
C GLY C 343 -39.55 0.09 -11.78
N VAL C 344 -39.11 -0.40 -12.92
CA VAL C 344 -39.42 0.23 -14.21
C VAL C 344 -39.35 -0.84 -15.30
N LEU C 345 -40.23 -0.72 -16.28
CA LEU C 345 -40.29 -1.67 -17.39
C LEU C 345 -41.17 -1.10 -18.50
N PHE C 346 -41.05 -1.68 -19.68
CA PHE C 346 -41.89 -1.34 -20.81
C PHE C 346 -43.15 -2.18 -20.85
N HIS C 347 -44.21 -1.61 -21.45
CA HIS C 347 -45.33 -2.40 -21.90
C HIS C 347 -44.86 -3.39 -22.95
N SER C 348 -45.40 -4.61 -22.90
CA SER C 348 -45.00 -5.63 -23.87
C SER C 348 -45.22 -5.17 -25.30
N GLY C 349 -46.20 -4.30 -25.52
CA GLY C 349 -46.41 -3.70 -26.82
C GLY C 349 -45.44 -2.60 -27.18
N GLY C 350 -44.59 -2.18 -26.24
CA GLY C 350 -43.61 -1.15 -26.50
C GLY C 350 -44.17 0.22 -26.78
N LYS C 351 -45.26 0.60 -26.11
CA LYS C 351 -45.85 1.91 -26.28
C LYS C 351 -45.87 2.74 -25.00
N PHE C 352 -45.74 2.11 -23.83
CA PHE C 352 -45.80 2.80 -22.56
C PHE C 352 -44.71 2.27 -21.64
N ILE C 353 -44.43 3.04 -20.59
CA ILE C 353 -43.46 2.65 -19.56
C ILE C 353 -44.20 2.50 -18.25
N LEU C 354 -44.10 1.33 -17.64
CA LEU C 354 -44.71 1.04 -16.35
C LEU C 354 -43.63 1.09 -15.28
N SER C 355 -43.88 1.85 -14.22
CA SER C 355 -42.90 2.03 -13.17
C SER C 355 -43.60 2.19 -11.82
N CYS C 356 -42.97 1.65 -10.78
CA CYS C 356 -43.46 1.76 -9.42
C CYS C 356 -42.38 2.36 -8.55
N ALA C 357 -42.80 3.11 -7.54
CA ALA C 357 -41.87 3.83 -6.67
C ALA C 357 -42.33 3.70 -5.23
N ASP C 358 -41.60 4.36 -4.33
CA ASP C 358 -41.95 4.37 -2.92
C ASP C 358 -42.99 5.43 -2.57
N ASP C 359 -43.49 6.17 -3.55
CA ASP C 359 -44.56 7.13 -3.33
C ASP C 359 -45.93 6.47 -3.24
N LYS C 360 -45.97 5.15 -3.07
CA LYS C 360 -47.18 4.35 -2.92
C LYS C 360 -48.00 4.27 -4.20
N THR C 361 -47.43 4.66 -5.33
CA THR C 361 -48.18 4.76 -6.58
C THR C 361 -47.50 3.96 -7.69
N LEU C 362 -48.33 3.50 -8.63
CA LEU C 362 -47.87 2.87 -9.86
C LEU C 362 -48.25 3.79 -11.02
N ARG C 363 -47.27 4.17 -11.83
CA ARG C 363 -47.45 5.18 -12.85
C ARG C 363 -47.21 4.59 -14.24
N VAL C 364 -47.98 5.06 -15.20
CA VAL C 364 -47.84 4.68 -16.60
C VAL C 364 -47.34 5.90 -17.36
N TRP C 365 -46.20 5.77 -18.02
CA TRP C 365 -45.54 6.89 -18.68
C TRP C 365 -45.71 6.79 -20.19
N ASP C 366 -45.99 7.93 -20.81
CA ASP C 366 -46.05 8.03 -22.27
C ASP C 366 -44.75 8.69 -22.72
N TYR C 367 -43.74 7.87 -22.99
CA TYR C 367 -42.44 8.39 -23.40
C TYR C 367 -42.48 9.01 -24.79
N LYS C 368 -43.57 8.82 -25.54
CA LYS C 368 -43.75 9.53 -26.80
C LYS C 368 -43.81 11.05 -26.55
N ASN C 369 -44.54 11.45 -25.51
CA ASN C 369 -44.64 12.86 -25.13
C ASN C 369 -43.86 13.17 -23.86
N LYS C 370 -43.12 12.19 -23.32
CA LYS C 370 -42.31 12.38 -22.12
C LYS C 370 -43.16 12.88 -20.95
N ARG C 371 -44.36 12.32 -20.80
CA ARG C 371 -45.27 12.72 -19.74
C ARG C 371 -45.97 11.49 -19.19
N CYS C 372 -46.51 11.65 -17.98
CA CYS C 372 -47.20 10.56 -17.29
C CYS C 372 -48.70 10.61 -17.57
N MET C 373 -49.25 9.48 -18.01
CA MET C 373 -50.67 9.41 -18.32
C MET C 373 -51.50 9.17 -17.07
N LYS C 374 -51.29 8.02 -16.42
CA LYS C 374 -52.16 7.53 -15.37
C LYS C 374 -51.35 7.17 -14.14
N THR C 375 -51.88 7.52 -12.97
CA THR C 375 -51.25 7.21 -11.69
C THR C 375 -52.21 6.37 -10.87
N LEU C 376 -51.73 5.22 -10.39
CA LEU C 376 -52.55 4.29 -9.62
C LEU C 376 -52.06 4.25 -8.17
N ASN C 377 -52.98 4.47 -7.24
CA ASN C 377 -52.68 4.32 -5.82
C ASN C 377 -52.62 2.82 -5.52
N ALA C 378 -51.46 2.23 -5.83
CA ALA C 378 -51.35 0.77 -5.85
C ALA C 378 -51.49 0.17 -4.46
N HIS C 379 -50.75 0.66 -3.48
CA HIS C 379 -50.69 0.05 -2.17
C HIS C 379 -50.75 1.12 -1.09
N GLU C 380 -50.85 0.65 0.16
CA GLU C 380 -50.90 1.52 1.32
C GLU C 380 -49.52 1.79 1.90
N HIS C 381 -48.46 1.27 1.30
CA HIS C 381 -47.10 1.54 1.75
C HIS C 381 -46.20 1.49 0.51
N PHE C 382 -44.90 1.36 0.72
CA PHE C 382 -43.96 1.38 -0.40
C PHE C 382 -44.22 0.22 -1.35
N VAL C 383 -44.04 0.49 -2.65
CA VAL C 383 -44.18 -0.52 -3.69
C VAL C 383 -42.78 -0.95 -4.10
N THR C 384 -42.47 -2.23 -3.93
CA THR C 384 -41.11 -2.71 -4.13
C THR C 384 -40.83 -3.12 -5.57
N SER C 385 -41.80 -3.71 -6.27
CA SER C 385 -41.53 -4.21 -7.61
C SER C 385 -42.84 -4.35 -8.38
N LEU C 386 -42.72 -4.49 -9.69
CA LEU C 386 -43.86 -4.74 -10.56
C LEU C 386 -43.43 -5.66 -11.68
N ASP C 387 -44.41 -6.31 -12.29
CA ASP C 387 -44.19 -7.11 -13.48
C ASP C 387 -45.36 -6.96 -14.42
N PHE C 388 -45.09 -7.13 -15.71
CA PHE C 388 -46.09 -6.99 -16.76
C PHE C 388 -46.10 -8.27 -17.58
N HIS C 389 -47.25 -8.93 -17.64
CA HIS C 389 -47.33 -10.20 -18.33
C HIS C 389 -47.17 -9.99 -19.83
N LYS C 390 -46.44 -10.91 -20.48
CA LYS C 390 -46.08 -10.72 -21.88
C LYS C 390 -47.30 -10.67 -22.79
N THR C 391 -48.25 -11.56 -22.57
CA THR C 391 -49.42 -11.67 -23.44
C THR C 391 -50.73 -11.29 -22.75
N ALA C 392 -51.03 -11.89 -21.61
CA ALA C 392 -52.27 -11.59 -20.90
C ALA C 392 -52.25 -10.15 -20.38
N PRO C 393 -53.42 -9.50 -20.33
CA PRO C 393 -53.49 -8.11 -19.83
C PRO C 393 -53.56 -8.02 -18.31
N TYR C 394 -52.41 -8.17 -17.66
CA TYR C 394 -52.34 -8.25 -16.21
C TYR C 394 -51.04 -7.64 -15.71
N VAL C 395 -51.15 -6.89 -14.61
CA VAL C 395 -50.00 -6.27 -13.96
C VAL C 395 -50.02 -6.67 -12.49
N VAL C 396 -48.85 -7.05 -11.97
CA VAL C 396 -48.71 -7.44 -10.57
C VAL C 396 -47.68 -6.52 -9.92
N THR C 397 -47.99 -6.07 -8.71
CA THR C 397 -47.10 -5.19 -7.95
C THR C 397 -46.95 -5.73 -6.52
N GLY C 398 -45.70 -5.95 -6.11
CA GLY C 398 -45.43 -6.27 -4.72
C GLY C 398 -45.21 -5.03 -3.89
N SER C 399 -45.29 -5.17 -2.57
CA SER C 399 -45.20 -4.01 -1.70
C SER C 399 -44.71 -4.43 -0.32
N VAL C 400 -44.30 -3.42 0.46
CA VAL C 400 -43.81 -3.64 1.81
C VAL C 400 -44.94 -3.95 2.77
N ASP C 401 -46.19 -3.66 2.40
CA ASP C 401 -47.32 -3.96 3.27
C ASP C 401 -47.69 -5.45 3.25
N GLN C 402 -46.81 -6.31 2.73
CA GLN C 402 -46.98 -7.75 2.70
C GLN C 402 -48.16 -8.20 1.87
N THR C 403 -48.54 -7.42 0.86
CA THR C 403 -49.67 -7.73 0.00
C THR C 403 -49.24 -7.69 -1.46
N VAL C 404 -49.62 -8.71 -2.21
CA VAL C 404 -49.36 -8.80 -3.64
C VAL C 404 -50.69 -8.61 -4.36
N LYS C 405 -50.72 -7.66 -5.31
CA LYS C 405 -51.95 -7.27 -5.97
C LYS C 405 -51.87 -7.56 -7.47
N VAL C 406 -52.99 -7.95 -8.05
CA VAL C 406 -53.12 -8.21 -9.47
C VAL C 406 -54.07 -7.17 -10.06
N TRP C 407 -53.66 -6.52 -11.13
CA TRP C 407 -54.42 -5.45 -11.75
C TRP C 407 -54.92 -5.88 -13.13
N GLU C 408 -56.23 -5.81 -13.32
CA GLU C 408 -56.81 -5.97 -14.65
C GLU C 408 -56.51 -4.73 -15.49
N CYS C 409 -56.26 -4.93 -16.77
CA CYS C 409 -55.95 -3.85 -17.68
C CYS C 409 -57.04 -3.71 -18.74
N ARG C 410 -57.52 -2.49 -18.92
CA ARG C 410 -58.61 -2.22 -19.85
C ARG C 410 -58.35 -0.96 -20.66
N LYS D 92 -63.69 -26.30 -1.00
CA LYS D 92 -65.04 -26.35 -1.62
C LYS D 92 -65.78 -27.59 -1.10
N GLU D 93 -65.49 -28.77 -1.66
CA GLU D 93 -66.10 -30.04 -1.17
C GLU D 93 -65.03 -30.73 -0.34
N TRP D 94 -64.01 -30.00 0.11
CA TRP D 94 -62.89 -30.61 0.86
C TRP D 94 -63.35 -31.63 1.90
N ILE D 95 -62.64 -32.76 2.02
CA ILE D 95 -62.92 -33.78 3.07
C ILE D 95 -61.59 -34.41 3.49
N PRO D 96 -61.23 -34.34 4.77
CA PRO D 96 -59.99 -34.96 5.29
C PRO D 96 -59.92 -36.44 4.94
N ARG D 97 -58.68 -36.91 4.74
CA ARG D 97 -58.41 -38.29 4.35
C ARG D 97 -57.69 -39.03 5.46
N PRO D 98 -57.85 -40.35 5.54
CA PRO D 98 -57.24 -41.12 6.65
C PRO D 98 -55.73 -40.94 6.74
N PRO D 99 -54.99 -40.89 5.63
CA PRO D 99 -53.55 -40.60 5.75
C PRO D 99 -53.30 -39.22 6.32
N GLU D 100 -52.25 -39.13 7.12
CA GLU D 100 -51.82 -37.88 7.73
C GLU D 100 -50.56 -37.37 7.04
N LYS D 101 -50.26 -36.09 7.27
CA LYS D 101 -49.06 -35.47 6.73
C LYS D 101 -47.97 -35.36 7.79
N TYR D 102 -48.26 -34.72 8.91
CA TYR D 102 -47.32 -34.60 10.02
C TYR D 102 -48.04 -34.84 11.34
N ALA D 103 -47.33 -35.41 12.31
CA ALA D 103 -47.83 -35.62 13.66
C ALA D 103 -47.01 -34.72 14.57
N LEU D 104 -47.55 -33.53 14.86
CA LEU D 104 -46.81 -32.51 15.59
C LEU D 104 -46.92 -32.76 17.08
N SER D 105 -45.78 -33.07 17.72
CA SER D 105 -45.74 -33.41 19.14
C SER D 105 -44.64 -32.58 19.80
N GLY D 106 -45.02 -31.49 20.46
CA GLY D 106 -44.07 -30.67 21.19
C GLY D 106 -44.54 -30.31 22.57
N HIS D 107 -45.82 -30.56 22.85
CA HIS D 107 -46.42 -30.16 24.12
C HIS D 107 -46.14 -31.21 25.19
N ARG D 108 -45.86 -30.75 26.41
CA ARG D 108 -45.67 -31.64 27.55
C ARG D 108 -46.91 -31.72 28.44
N SER D 109 -48.10 -31.50 27.88
CA SER D 109 -49.37 -31.56 28.59
C SER D 109 -50.49 -31.51 27.55
N PRO D 110 -51.67 -32.08 27.84
CA PRO D 110 -52.69 -32.25 26.80
C PRO D 110 -53.06 -30.95 26.08
N VAL D 111 -53.20 -31.05 24.76
CA VAL D 111 -53.56 -29.92 23.92
C VAL D 111 -55.05 -29.63 24.10
N THR D 112 -55.39 -28.35 24.27
CA THR D 112 -56.76 -27.95 24.57
C THR D 112 -57.48 -27.33 23.38
N ARG D 113 -56.78 -26.56 22.55
CA ARG D 113 -57.43 -25.99 21.37
C ARG D 113 -56.38 -25.67 20.31
N VAL D 114 -56.79 -25.77 19.05
CA VAL D 114 -55.94 -25.48 17.90
C VAL D 114 -56.71 -24.59 16.95
N ILE D 115 -56.04 -23.56 16.42
CA ILE D 115 -56.66 -22.60 15.52
C ILE D 115 -55.72 -22.34 14.34
N PHE D 116 -56.27 -21.67 13.33
CA PHE D 116 -55.53 -21.29 12.13
C PHE D 116 -55.35 -19.79 12.10
N HIS D 117 -54.17 -19.34 11.66
CA HIS D 117 -53.96 -17.92 11.49
C HIS D 117 -54.80 -17.40 10.33
N PRO D 118 -55.43 -16.22 10.47
CA PRO D 118 -56.32 -15.74 9.41
C PRO D 118 -55.64 -15.55 8.06
N VAL D 119 -54.38 -15.09 8.04
CA VAL D 119 -53.70 -14.76 6.80
C VAL D 119 -52.43 -15.56 6.60
N PHE D 120 -51.61 -15.71 7.65
CA PHE D 120 -50.34 -16.39 7.50
C PHE D 120 -50.53 -17.91 7.50
N SER D 121 -49.50 -18.61 7.02
CA SER D 121 -49.48 -20.07 7.06
C SER D 121 -48.95 -20.54 8.42
N VAL D 122 -49.71 -20.21 9.46
CA VAL D 122 -49.30 -20.42 10.84
C VAL D 122 -50.41 -21.15 11.58
N MET D 123 -50.04 -22.17 12.35
CA MET D 123 -50.96 -22.86 13.24
C MET D 123 -50.58 -22.54 14.68
N VAL D 124 -51.58 -22.22 15.49
CA VAL D 124 -51.38 -21.89 16.89
C VAL D 124 -52.15 -22.89 17.74
N SER D 125 -51.46 -23.53 18.68
CA SER D 125 -52.04 -24.55 19.53
C SER D 125 -51.85 -24.17 21.00
N ALA D 126 -52.93 -24.28 21.77
CA ALA D 126 -52.91 -23.99 23.20
C ALA D 126 -53.08 -25.30 23.97
N SER D 127 -52.21 -25.50 24.97
CA SER D 127 -52.18 -26.75 25.72
C SER D 127 -52.37 -26.47 27.21
N GLU D 128 -52.21 -27.52 28.01
CA GLU D 128 -52.43 -27.44 29.45
C GLU D 128 -51.15 -27.21 30.24
N ASP D 129 -50.00 -27.03 29.59
CA ASP D 129 -48.75 -26.75 30.27
C ASP D 129 -48.47 -25.25 30.35
N ALA D 130 -49.51 -24.42 30.30
CA ALA D 130 -49.40 -22.98 30.37
C ALA D 130 -48.57 -22.40 29.23
N THR D 131 -48.52 -23.09 28.09
CA THR D 131 -47.74 -22.63 26.94
C THR D 131 -48.61 -22.66 25.69
N ILE D 132 -48.37 -21.70 24.81
CA ILE D 132 -49.02 -21.62 23.51
C ILE D 132 -47.94 -21.78 22.45
N LYS D 133 -48.07 -22.79 21.61
CA LYS D 133 -47.05 -23.11 20.62
C LYS D 133 -47.51 -22.71 19.23
N VAL D 134 -46.54 -22.29 18.41
CA VAL D 134 -46.78 -21.79 17.07
C VAL D 134 -46.14 -22.76 16.08
N TRP D 135 -46.92 -23.24 15.12
CA TRP D 135 -46.46 -24.21 14.14
C TRP D 135 -46.71 -23.68 12.73
N ASP D 136 -46.04 -24.32 11.78
CA ASP D 136 -46.22 -24.05 10.35
C ASP D 136 -46.85 -25.30 9.74
N TYR D 137 -48.16 -25.25 9.50
CA TYR D 137 -48.88 -26.45 9.10
C TYR D 137 -48.46 -26.94 7.71
N GLU D 138 -47.96 -26.05 6.86
CA GLU D 138 -47.55 -26.46 5.52
C GLU D 138 -46.37 -27.43 5.58
N THR D 139 -45.39 -27.17 6.44
CA THR D 139 -44.21 -28.01 6.55
C THR D 139 -44.02 -28.64 7.92
N GLY D 140 -44.92 -28.38 8.87
CA GLY D 140 -44.84 -29.04 10.17
C GLY D 140 -43.60 -28.74 10.97
N ASP D 141 -43.15 -27.48 10.97
CA ASP D 141 -41.96 -27.08 11.72
C ASP D 141 -42.38 -26.26 12.93
N PHE D 142 -41.87 -26.62 14.10
CA PHE D 142 -42.08 -25.82 15.29
C PHE D 142 -41.43 -24.45 15.12
N GLU D 143 -42.17 -23.40 15.47
CA GLU D 143 -41.71 -22.03 15.29
C GLU D 143 -41.28 -21.39 16.59
N ARG D 144 -42.17 -21.34 17.59
CA ARG D 144 -41.89 -20.65 18.84
C ARG D 144 -42.97 -21.03 19.84
N THR D 145 -42.75 -20.63 21.09
CA THR D 145 -43.71 -20.85 22.15
C THR D 145 -43.96 -19.55 22.90
N LEU D 146 -45.16 -19.41 23.45
CA LEU D 146 -45.56 -18.24 24.22
C LEU D 146 -45.87 -18.73 25.64
N LYS D 147 -44.89 -18.60 26.53
CA LYS D 147 -44.96 -19.17 27.87
C LYS D 147 -45.27 -18.13 28.95
N GLY D 148 -46.07 -17.12 28.61
CA GLY D 148 -46.41 -16.11 29.60
C GLY D 148 -47.46 -16.55 30.60
N HIS D 149 -48.26 -17.56 30.28
CA HIS D 149 -49.37 -17.96 31.14
C HIS D 149 -48.86 -18.75 32.34
N THR D 150 -49.63 -18.71 33.42
CA THR D 150 -49.29 -19.41 34.66
C THR D 150 -49.88 -20.82 34.70
N ASP D 151 -51.20 -20.92 34.56
CA ASP D 151 -51.89 -22.20 34.60
C ASP D 151 -52.25 -22.63 33.18
N SER D 152 -52.97 -23.75 33.09
CA SER D 152 -53.29 -24.35 31.80
C SER D 152 -54.06 -23.38 30.91
N VAL D 153 -53.60 -23.26 29.66
CA VAL D 153 -54.26 -22.40 28.69
C VAL D 153 -55.44 -23.15 28.09
N GLN D 154 -56.61 -22.50 28.08
CA GLN D 154 -57.84 -23.15 27.65
C GLN D 154 -58.21 -22.80 26.22
N ASP D 155 -58.38 -21.51 25.91
CA ASP D 155 -58.88 -21.12 24.60
C ASP D 155 -58.07 -19.94 24.08
N ILE D 156 -57.86 -19.92 22.77
CA ILE D 156 -57.14 -18.86 22.08
C ILE D 156 -57.97 -18.43 20.88
N SER D 157 -57.81 -17.16 20.49
CA SER D 157 -58.58 -16.63 19.37
C SER D 157 -57.83 -15.48 18.73
N PHE D 158 -57.87 -15.43 17.41
CA PHE D 158 -57.32 -14.33 16.64
C PHE D 158 -58.41 -13.30 16.34
N ASP D 159 -58.00 -12.20 15.72
CA ASP D 159 -58.94 -11.20 15.23
C ASP D 159 -59.04 -11.33 13.71
N HIS D 160 -59.81 -10.42 13.10
CA HIS D 160 -59.99 -10.48 11.65
C HIS D 160 -58.67 -10.27 10.92
N SER D 161 -57.83 -9.35 11.40
CA SER D 161 -56.55 -9.08 10.78
C SER D 161 -55.47 -10.06 11.18
N GLY D 162 -55.70 -10.86 12.22
CA GLY D 162 -54.67 -11.76 12.70
C GLY D 162 -53.51 -11.07 13.36
N LYS D 163 -53.66 -9.79 13.70
CA LYS D 163 -52.58 -8.99 14.26
C LYS D 163 -52.46 -9.14 15.77
N LEU D 164 -53.45 -9.76 16.42
CA LEU D 164 -53.45 -9.95 17.87
C LEU D 164 -53.94 -11.34 18.20
N LEU D 165 -53.49 -11.86 19.34
CA LEU D 165 -53.91 -13.17 19.81
C LEU D 165 -54.36 -13.05 21.25
N ALA D 166 -55.64 -13.35 21.49
CA ALA D 166 -56.22 -13.30 22.82
C ALA D 166 -56.27 -14.72 23.39
N SER D 167 -55.78 -14.87 24.61
CA SER D 167 -55.69 -16.18 25.24
C SER D 167 -56.26 -16.12 26.65
N CYS D 168 -56.85 -17.24 27.08
CA CYS D 168 -57.41 -17.36 28.41
C CYS D 168 -56.87 -18.64 29.05
N SER D 169 -56.77 -18.64 30.38
CA SER D 169 -56.17 -19.75 31.10
C SER D 169 -56.92 -19.95 32.41
N ALA D 170 -56.48 -20.95 33.17
CA ALA D 170 -57.05 -21.28 34.47
C ALA D 170 -56.52 -20.38 35.57
N ASP D 171 -55.57 -19.50 35.27
CA ASP D 171 -55.02 -18.57 36.25
C ASP D 171 -55.84 -17.30 36.39
N MET D 172 -57.11 -17.32 35.99
CA MET D 172 -58.07 -16.25 36.22
C MET D 172 -57.75 -14.98 35.43
N THR D 173 -56.95 -15.06 34.37
CA THR D 173 -56.57 -13.88 33.63
C THR D 173 -56.64 -14.12 32.13
N ILE D 174 -56.73 -13.02 31.39
CA ILE D 174 -56.76 -13.03 29.93
C ILE D 174 -55.52 -12.27 29.45
N LYS D 175 -54.73 -12.90 28.60
CA LYS D 175 -53.52 -12.29 28.08
C LYS D 175 -53.69 -11.96 26.60
N LEU D 176 -53.34 -10.73 26.24
CA LEU D 176 -53.38 -10.25 24.86
C LEU D 176 -51.97 -10.35 24.29
N TRP D 177 -51.83 -11.10 23.20
CA TRP D 177 -50.53 -11.33 22.58
C TRP D 177 -50.40 -10.52 21.30
N ASP D 178 -49.28 -9.80 21.18
CA ASP D 178 -48.98 -9.04 19.98
C ASP D 178 -48.19 -9.94 19.04
N PHE D 179 -48.84 -10.36 17.95
CA PHE D 179 -48.29 -11.43 17.11
C PHE D 179 -47.09 -10.98 16.28
N GLN D 180 -46.84 -9.69 16.16
CA GLN D 180 -45.61 -9.27 15.47
C GLN D 180 -44.37 -9.49 16.33
N GLY D 181 -44.45 -9.17 17.61
CA GLY D 181 -43.32 -9.37 18.50
C GLY D 181 -43.46 -10.60 19.37
N PHE D 182 -44.63 -11.24 19.35
CA PHE D 182 -44.92 -12.42 20.16
C PHE D 182 -44.64 -12.19 21.63
N GLU D 183 -45.06 -11.02 22.13
CA GLU D 183 -44.89 -10.66 23.53
C GLU D 183 -46.24 -10.25 24.11
N CYS D 184 -46.49 -10.65 25.35
CA CYS D 184 -47.71 -10.27 26.03
C CYS D 184 -47.72 -8.76 26.28
N ILE D 185 -48.80 -8.10 25.89
CA ILE D 185 -48.87 -6.66 25.96
C ILE D 185 -49.95 -6.15 26.91
N ARG D 186 -50.90 -7.00 27.32
CA ARG D 186 -51.95 -6.57 28.24
C ARG D 186 -52.51 -7.80 28.92
N THR D 187 -52.52 -7.79 30.25
CA THR D 187 -52.98 -8.92 31.05
C THR D 187 -54.18 -8.47 31.88
N MET D 188 -55.37 -8.81 31.40
CA MET D 188 -56.61 -8.39 32.05
C MET D 188 -56.92 -9.33 33.20
N HIS D 189 -57.22 -8.76 34.37
CA HIS D 189 -57.49 -9.51 35.58
C HIS D 189 -58.97 -9.42 35.93
N GLY D 190 -59.37 -10.19 36.94
CA GLY D 190 -60.76 -10.36 37.28
C GLY D 190 -61.36 -11.61 36.66
N HIS D 191 -62.68 -11.60 36.50
CA HIS D 191 -63.41 -12.68 35.84
C HIS D 191 -63.13 -14.01 36.53
N ASP D 192 -63.63 -14.08 37.77
CA ASP D 192 -63.12 -14.99 38.79
C ASP D 192 -63.17 -16.45 38.35
N HIS D 193 -62.19 -17.21 38.84
CA HIS D 193 -62.05 -18.66 38.70
C HIS D 193 -61.70 -19.01 37.26
N ASN D 194 -61.48 -20.29 36.98
CA ASN D 194 -61.01 -20.80 35.70
C ASN D 194 -61.76 -20.21 34.52
N VAL D 195 -61.05 -19.52 33.65
CA VAL D 195 -61.61 -18.94 32.43
C VAL D 195 -61.58 -20.01 31.34
N SER D 196 -62.72 -20.23 30.70
CA SER D 196 -62.89 -21.35 29.79
C SER D 196 -62.70 -20.97 28.31
N SER D 197 -63.33 -19.89 27.87
CA SER D 197 -63.31 -19.52 26.46
C SER D 197 -62.98 -18.04 26.31
N VAL D 198 -62.51 -17.68 25.11
CA VAL D 198 -62.20 -16.30 24.76
C VAL D 198 -62.38 -16.13 23.27
N ALA D 199 -62.90 -14.97 22.86
CA ALA D 199 -63.15 -14.72 21.45
C ALA D 199 -63.14 -13.23 21.20
N ILE D 200 -62.76 -12.86 19.97
CA ILE D 200 -62.71 -11.47 19.54
C ILE D 200 -63.71 -11.27 18.41
N MET D 201 -64.58 -10.29 18.55
CA MET D 201 -65.56 -10.00 17.51
C MET D 201 -64.88 -9.46 16.27
N PRO D 202 -65.51 -9.61 15.10
CA PRO D 202 -64.89 -9.09 13.86
C PRO D 202 -64.64 -7.59 13.89
N ASN D 203 -65.32 -6.84 14.76
CA ASN D 203 -64.98 -5.44 14.96
C ASN D 203 -63.53 -5.27 15.40
N GLY D 204 -63.00 -6.22 16.17
CA GLY D 204 -61.62 -6.15 16.61
C GLY D 204 -61.34 -5.13 17.68
N ASP D 205 -62.36 -4.70 18.42
CA ASP D 205 -62.19 -3.72 19.48
C ASP D 205 -62.58 -4.24 20.86
N HIS D 206 -63.28 -5.37 20.95
CA HIS D 206 -63.76 -5.87 22.23
C HIS D 206 -63.62 -7.38 22.27
N ILE D 207 -63.54 -7.93 23.48
CA ILE D 207 -63.29 -9.35 23.70
C ILE D 207 -64.33 -9.92 24.67
N VAL D 208 -64.64 -11.20 24.50
CA VAL D 208 -65.65 -11.89 25.28
C VAL D 208 -65.04 -13.17 25.85
N SER D 209 -65.38 -13.47 27.11
CA SER D 209 -64.77 -14.62 27.78
C SER D 209 -65.79 -15.27 28.72
N ALA D 210 -65.60 -16.58 28.97
CA ALA D 210 -66.46 -17.37 29.83
C ALA D 210 -65.63 -18.06 30.90
N SER D 211 -66.27 -18.39 32.02
CA SER D 211 -65.56 -19.00 33.13
C SER D 211 -66.54 -19.77 34.03
N ARG D 212 -65.98 -20.34 35.10
CA ARG D 212 -66.75 -21.08 36.10
C ARG D 212 -67.68 -20.17 36.92
N ASP D 213 -67.41 -18.87 36.96
CA ASP D 213 -68.15 -17.96 37.82
C ASP D 213 -69.52 -17.61 37.27
N LYS D 214 -70.02 -18.40 36.31
CA LYS D 214 -71.39 -18.31 35.82
C LYS D 214 -71.70 -16.93 35.27
N THR D 215 -70.73 -16.31 34.60
CA THR D 215 -70.97 -15.02 33.98
C THR D 215 -70.01 -14.86 32.81
N ILE D 216 -70.36 -13.93 31.92
CA ILE D 216 -69.60 -13.61 30.73
C ILE D 216 -69.22 -12.14 30.79
N LYS D 217 -67.94 -11.84 30.59
CA LYS D 217 -67.45 -10.48 30.70
C LYS D 217 -67.05 -9.94 29.33
N MET D 218 -67.07 -8.61 29.24
CA MET D 218 -66.85 -7.89 28.00
C MET D 218 -65.72 -6.90 28.21
N TRP D 219 -64.68 -7.00 27.40
CA TRP D 219 -63.44 -6.26 27.60
C TRP D 219 -63.14 -5.37 26.41
N GLU D 220 -62.34 -4.33 26.65
CA GLU D 220 -61.82 -3.49 25.59
C GLU D 220 -60.36 -3.84 25.32
N VAL D 221 -60.06 -4.13 24.05
CA VAL D 221 -58.69 -4.47 23.68
C VAL D 221 -57.77 -3.26 23.85
N GLN D 222 -58.29 -2.06 23.58
CA GLN D 222 -57.47 -0.85 23.66
C GLN D 222 -57.09 -0.54 25.11
N THR D 223 -58.05 -0.54 26.02
CA THR D 223 -57.83 -0.12 27.40
C THR D 223 -57.67 -1.31 28.35
N GLY D 224 -58.63 -2.22 28.36
CA GLY D 224 -58.62 -3.35 29.25
C GLY D 224 -59.58 -3.27 30.44
N TYR D 225 -60.69 -2.55 30.30
CA TYR D 225 -61.65 -2.37 31.37
C TYR D 225 -62.91 -3.17 31.05
N CYS D 226 -63.36 -3.97 32.02
CA CYS D 226 -64.63 -4.66 31.87
C CYS D 226 -65.77 -3.66 32.05
N VAL D 227 -66.39 -3.27 30.96
CA VAL D 227 -67.40 -2.21 30.96
C VAL D 227 -68.79 -2.76 31.28
N LYS D 228 -69.11 -3.96 30.79
CA LYS D 228 -70.40 -4.57 31.05
C LYS D 228 -70.22 -6.06 31.29
N THR D 229 -70.93 -6.57 32.29
CA THR D 229 -70.84 -7.97 32.69
C THR D 229 -72.16 -8.65 32.39
N PHE D 230 -72.09 -9.81 31.74
CA PHE D 230 -73.26 -10.55 31.32
C PHE D 230 -73.59 -11.61 32.37
N THR D 231 -74.86 -11.67 32.78
CA THR D 231 -75.30 -12.62 33.79
C THR D 231 -76.54 -13.36 33.28
N GLY D 232 -76.79 -14.53 33.88
CA GLY D 232 -77.94 -15.33 33.51
C GLY D 232 -77.66 -16.82 33.51
N HIS D 233 -76.42 -17.21 33.30
CA HIS D 233 -76.04 -18.62 33.37
C HIS D 233 -75.95 -19.05 34.83
N ARG D 234 -76.52 -20.21 35.13
CA ARG D 234 -76.55 -20.72 36.50
C ARG D 234 -75.44 -21.71 36.80
N GLU D 235 -74.55 -21.98 35.86
CA GLU D 235 -73.46 -22.93 36.07
C GLU D 235 -72.25 -22.49 35.26
N TRP D 236 -71.25 -23.36 35.22
CA TRP D 236 -70.02 -23.09 34.47
C TRP D 236 -70.31 -22.94 32.98
N VAL D 237 -69.81 -21.85 32.39
CA VAL D 237 -69.95 -21.61 30.97
C VAL D 237 -68.70 -22.13 30.26
N ARG D 238 -68.90 -22.94 29.23
CA ARG D 238 -67.78 -23.64 28.58
C ARG D 238 -67.22 -22.87 27.39
N MET D 239 -68.07 -22.54 26.42
CA MET D 239 -67.61 -21.91 25.18
C MET D 239 -68.51 -20.73 24.85
N VAL D 240 -67.91 -19.70 24.26
CA VAL D 240 -68.61 -18.50 23.83
C VAL D 240 -68.12 -18.11 22.44
N ARG D 241 -69.05 -17.73 21.56
CA ARG D 241 -68.72 -17.39 20.17
C ARG D 241 -69.58 -16.22 19.69
N PRO D 242 -68.97 -15.20 19.07
CA PRO D 242 -69.75 -14.08 18.53
C PRO D 242 -70.20 -14.32 17.08
N ASN D 243 -70.83 -13.32 16.49
CA ASN D 243 -71.32 -13.40 15.12
C ASN D 243 -70.28 -12.87 14.13
N GLN D 244 -70.70 -12.66 12.90
CA GLN D 244 -69.83 -12.16 11.83
C GLN D 244 -69.75 -10.65 11.79
N ASP D 245 -70.51 -9.94 12.64
CA ASP D 245 -70.46 -8.49 12.66
C ASP D 245 -70.45 -7.90 14.07
N GLY D 246 -70.13 -8.68 15.09
CA GLY D 246 -69.98 -8.15 16.44
C GLY D 246 -71.25 -7.64 17.09
N THR D 247 -72.36 -8.35 16.94
CA THR D 247 -73.61 -7.96 17.58
C THR D 247 -74.27 -9.06 18.40
N LEU D 248 -74.18 -10.32 17.97
CA LEU D 248 -74.84 -11.43 18.63
C LEU D 248 -73.81 -12.37 19.24
N ILE D 249 -74.09 -12.82 20.46
CA ILE D 249 -73.20 -13.70 21.20
C ILE D 249 -74.02 -14.82 21.82
N ALA D 250 -73.55 -16.06 21.67
CA ALA D 250 -74.14 -17.20 22.37
C ALA D 250 -73.09 -17.83 23.28
N SER D 251 -73.55 -18.38 24.40
CA SER D 251 -72.69 -19.03 25.36
C SER D 251 -73.32 -20.37 25.75
N CYS D 252 -72.50 -21.42 25.79
CA CYS D 252 -72.92 -22.74 26.19
C CYS D 252 -72.36 -23.08 27.56
N SER D 253 -73.17 -23.72 28.39
CA SER D 253 -72.83 -23.92 29.79
C SER D 253 -73.28 -25.30 30.26
N ASN D 254 -72.81 -25.68 31.45
CA ASN D 254 -73.22 -26.93 32.07
C ASN D 254 -74.68 -26.92 32.48
N ASP D 255 -75.33 -25.75 32.52
CA ASP D 255 -76.70 -25.65 32.99
C ASP D 255 -77.74 -26.04 31.95
N GLN D 256 -77.33 -26.77 30.91
CA GLN D 256 -78.20 -27.29 29.85
C GLN D 256 -78.79 -26.18 28.98
N THR D 257 -78.24 -24.97 29.02
CA THR D 257 -78.80 -23.85 28.29
C THR D 257 -77.79 -23.30 27.29
N VAL D 258 -78.25 -23.08 26.07
CA VAL D 258 -77.50 -22.38 25.03
C VAL D 258 -78.29 -21.12 24.70
N ARG D 259 -77.88 -20.00 25.28
CA ARG D 259 -78.66 -18.78 25.27
C ARG D 259 -77.92 -17.67 24.52
N VAL D 260 -78.62 -17.02 23.60
CA VAL D 260 -78.02 -16.07 22.67
C VAL D 260 -78.29 -14.65 23.16
N TRP D 261 -77.28 -13.80 23.04
CA TRP D 261 -77.26 -12.49 23.67
C TRP D 261 -76.96 -11.40 22.66
N VAL D 262 -77.24 -10.16 23.05
CA VAL D 262 -77.10 -9.00 22.19
C VAL D 262 -76.19 -7.98 22.85
N VAL D 263 -75.38 -7.30 22.03
CA VAL D 263 -74.46 -6.28 22.55
C VAL D 263 -75.23 -5.07 23.06
N ALA D 264 -76.26 -4.64 22.31
CA ALA D 264 -76.90 -3.36 22.59
C ALA D 264 -77.70 -3.39 23.89
N THR D 265 -78.76 -4.20 23.94
CA THR D 265 -79.66 -4.19 25.08
C THR D 265 -79.30 -5.21 26.15
N LYS D 266 -78.25 -6.01 25.94
CA LYS D 266 -77.74 -6.95 26.95
C LYS D 266 -78.83 -7.89 27.44
N GLU D 267 -79.67 -8.38 26.54
CA GLU D 267 -80.79 -9.24 26.90
C GLU D 267 -80.71 -10.56 26.14
N CYS D 268 -81.11 -11.64 26.82
CA CYS D 268 -81.15 -12.95 26.20
C CYS D 268 -82.36 -13.07 25.28
N LYS D 269 -82.16 -12.82 23.98
CA LYS D 269 -83.28 -12.87 23.05
C LYS D 269 -83.78 -14.30 22.86
N ALA D 270 -82.87 -15.27 22.84
CA ALA D 270 -83.23 -16.67 22.67
C ALA D 270 -82.55 -17.50 23.75
N GLU D 271 -83.32 -18.31 24.46
CA GLU D 271 -82.81 -19.20 25.50
C GLU D 271 -83.24 -20.62 25.14
N LEU D 272 -82.27 -21.53 25.08
CA LEU D 272 -82.51 -22.90 24.63
C LEU D 272 -82.05 -23.86 25.71
N ARG D 273 -83.01 -24.54 26.35
CA ARG D 273 -82.73 -25.57 27.36
C ARG D 273 -83.49 -26.83 26.95
N GLU D 274 -82.85 -27.65 26.10
CA GLU D 274 -83.46 -28.88 25.62
C GLU D 274 -82.49 -30.01 25.36
N HIS D 275 -81.20 -29.85 25.65
CA HIS D 275 -80.25 -30.92 25.43
C HIS D 275 -80.36 -31.96 26.53
N GLU D 276 -80.09 -33.22 26.16
CA GLU D 276 -80.17 -34.32 27.13
C GLU D 276 -79.12 -34.20 28.23
N HIS D 277 -77.91 -33.77 27.88
CA HIS D 277 -76.87 -33.56 28.89
C HIS D 277 -76.09 -32.32 28.48
N VAL D 278 -74.97 -32.08 29.18
CA VAL D 278 -74.29 -30.78 29.12
C VAL D 278 -73.83 -30.46 27.71
N VAL D 279 -74.10 -29.24 27.28
CA VAL D 279 -73.58 -28.70 26.02
C VAL D 279 -72.18 -28.14 26.26
N GLU D 280 -71.29 -28.33 25.30
CA GLU D 280 -69.88 -28.01 25.48
C GLU D 280 -69.28 -27.14 24.38
N CYS D 281 -69.70 -27.30 23.13
CA CYS D 281 -69.10 -26.60 22.01
C CYS D 281 -70.15 -25.99 21.10
N ILE D 282 -69.88 -24.78 20.60
CA ILE D 282 -70.79 -24.07 19.71
C ILE D 282 -69.99 -23.38 18.62
N SER D 283 -70.66 -23.17 17.48
CA SER D 283 -70.10 -22.44 16.34
C SER D 283 -71.22 -22.14 15.35
N TRP D 284 -71.26 -20.92 14.81
CA TRP D 284 -72.40 -20.54 14.01
C TRP D 284 -72.13 -20.75 12.51
N ALA D 285 -73.06 -20.29 11.68
CA ALA D 285 -73.05 -20.56 10.25
C ALA D 285 -72.52 -19.37 9.48
N PRO D 286 -71.54 -19.55 8.60
CA PRO D 286 -71.12 -18.48 7.71
C PRO D 286 -72.20 -18.19 6.67
N GLU D 287 -72.08 -17.03 6.02
CA GLU D 287 -73.08 -16.62 5.05
C GLU D 287 -73.12 -17.53 3.83
N SER D 288 -72.09 -18.35 3.63
CA SER D 288 -72.07 -19.27 2.50
C SER D 288 -73.04 -20.44 2.67
N SER D 289 -73.64 -20.62 3.85
CA SER D 289 -74.49 -21.77 4.12
C SER D 289 -75.93 -21.40 4.49
N TYR D 290 -76.30 -20.12 4.45
CA TYR D 290 -77.68 -19.75 4.75
C TYR D 290 -78.65 -20.34 3.73
N SER D 291 -78.29 -20.29 2.45
CA SER D 291 -79.17 -20.84 1.42
C SER D 291 -79.21 -22.36 1.47
N SER D 292 -78.11 -22.99 1.86
CA SER D 292 -78.04 -24.45 1.92
C SER D 292 -78.93 -25.05 2.99
N ILE D 293 -79.38 -24.26 3.97
CA ILE D 293 -80.24 -24.80 5.02
C ILE D 293 -81.67 -24.97 4.53
N SER D 294 -82.10 -24.14 3.56
CA SER D 294 -83.51 -24.10 3.17
C SER D 294 -83.98 -25.44 2.63
N GLU D 295 -83.21 -26.04 1.71
CA GLU D 295 -83.60 -27.33 1.16
C GLU D 295 -83.24 -28.49 2.08
N ALA D 296 -82.36 -28.27 3.06
CA ALA D 296 -82.02 -29.30 4.03
C ALA D 296 -83.10 -29.51 5.08
N THR D 297 -83.80 -28.45 5.48
CA THR D 297 -84.79 -28.53 6.53
C THR D 297 -86.20 -28.17 6.09
N GLY D 298 -86.36 -27.48 4.96
CA GLY D 298 -87.68 -27.04 4.54
C GLY D 298 -88.20 -25.84 5.29
N SER D 299 -87.32 -25.09 5.95
CA SER D 299 -87.76 -23.92 6.70
C SER D 299 -88.35 -22.87 5.78
N GLU D 300 -89.36 -22.16 6.27
CA GLU D 300 -90.05 -21.15 5.48
C GLU D 300 -89.45 -19.77 5.77
N THR D 301 -89.17 -19.03 4.72
CA THR D 301 -88.61 -17.68 4.86
C THR D 301 -89.66 -16.73 5.42
N LYS D 302 -89.20 -15.76 6.20
CA LYS D 302 -90.09 -14.77 6.81
C LYS D 302 -90.43 -13.70 5.78
N LYS D 303 -91.06 -12.61 6.25
CA LYS D 303 -91.45 -11.53 5.34
C LYS D 303 -90.22 -10.88 4.70
N SER D 304 -89.18 -10.65 5.49
CA SER D 304 -87.95 -10.06 4.95
C SER D 304 -87.26 -10.98 3.95
N GLY D 305 -87.45 -12.30 4.06
CA GLY D 305 -86.83 -13.26 3.18
C GLY D 305 -85.54 -13.87 3.69
N LYS D 306 -84.90 -13.24 4.67
CA LYS D 306 -83.68 -13.81 5.23
C LYS D 306 -84.03 -15.00 6.13
N PRO D 307 -83.31 -16.11 6.00
CA PRO D 307 -83.56 -17.26 6.89
C PRO D 307 -83.25 -16.97 8.35
N GLY D 308 -82.46 -15.96 8.64
CA GLY D 308 -82.12 -15.61 10.01
C GLY D 308 -80.87 -16.33 10.47
N PRO D 309 -80.21 -15.80 11.51
CA PRO D 309 -79.01 -16.45 12.03
C PRO D 309 -79.31 -17.85 12.54
N PHE D 310 -78.34 -18.75 12.36
CA PHE D 310 -78.46 -20.12 12.81
C PHE D 310 -77.52 -20.38 13.98
N LEU D 311 -77.77 -21.50 14.66
CA LEU D 311 -77.05 -21.89 15.85
C LEU D 311 -76.65 -23.36 15.75
N LEU D 312 -75.46 -23.66 16.26
CA LEU D 312 -75.01 -25.04 16.37
C LEU D 312 -74.41 -25.25 17.74
N SER D 313 -74.67 -26.42 18.32
CA SER D 313 -74.24 -26.73 19.68
C SER D 313 -74.06 -28.22 19.84
N GLY D 314 -72.85 -28.65 20.16
CA GLY D 314 -72.60 -30.03 20.52
C GLY D 314 -72.64 -30.23 22.03
N SER D 315 -73.25 -31.33 22.45
CA SER D 315 -73.47 -31.58 23.87
C SER D 315 -72.94 -32.96 24.23
N ARG D 316 -72.54 -33.11 25.49
CA ARG D 316 -71.92 -34.35 25.96
C ARG D 316 -72.85 -35.55 25.83
N ASP D 317 -74.11 -35.35 25.44
CA ASP D 317 -75.05 -36.43 25.20
C ASP D 317 -74.86 -37.09 23.84
N LYS D 318 -73.69 -36.92 23.22
CA LYS D 318 -73.31 -37.55 21.96
C LYS D 318 -74.19 -37.10 20.79
N THR D 319 -74.81 -35.93 20.89
CA THR D 319 -75.68 -35.42 19.85
C THR D 319 -75.25 -34.03 19.43
N ILE D 320 -75.25 -33.79 18.12
CA ILE D 320 -75.00 -32.48 17.54
C ILE D 320 -76.30 -31.96 16.95
N LYS D 321 -76.70 -30.76 17.34
CA LYS D 321 -77.99 -30.21 16.96
C LYS D 321 -77.81 -28.78 16.46
N MET D 322 -78.40 -28.48 15.31
CA MET D 322 -78.25 -27.19 14.65
C MET D 322 -79.56 -26.42 14.77
N TRP D 323 -79.47 -25.18 15.26
CA TRP D 323 -80.64 -24.45 15.71
C TRP D 323 -80.83 -23.18 14.90
N ASP D 324 -81.98 -22.53 15.11
CA ASP D 324 -82.28 -21.25 14.50
C ASP D 324 -82.28 -20.17 15.59
N VAL D 325 -81.42 -19.16 15.41
CA VAL D 325 -81.31 -18.10 16.42
C VAL D 325 -82.56 -17.23 16.43
N SER D 326 -83.12 -16.94 15.25
CA SER D 326 -84.25 -16.02 15.17
C SER D 326 -85.47 -16.57 15.91
N THR D 327 -85.77 -17.86 15.75
CA THR D 327 -86.94 -18.46 16.37
C THR D 327 -86.58 -19.22 17.64
N GLY D 328 -85.69 -20.19 17.55
CA GLY D 328 -85.30 -21.00 18.69
C GLY D 328 -85.77 -22.43 18.66
N MET D 329 -86.17 -22.96 17.50
CA MET D 329 -86.68 -24.32 17.38
C MET D 329 -85.62 -25.22 16.75
N CYS D 330 -85.75 -26.51 17.02
CA CYS D 330 -84.85 -27.51 16.45
C CYS D 330 -85.13 -27.68 14.96
N LEU D 331 -84.06 -27.92 14.20
CA LEU D 331 -84.18 -28.16 12.77
C LEU D 331 -83.80 -29.60 12.41
N MET D 332 -82.73 -30.12 13.01
CA MET D 332 -82.37 -31.51 12.82
C MET D 332 -81.39 -31.91 13.93
N THR D 333 -81.46 -33.18 14.31
CA THR D 333 -80.58 -33.76 15.31
C THR D 333 -79.66 -34.77 14.65
N LEU D 334 -78.35 -34.62 14.87
CA LEU D 334 -77.35 -35.51 14.29
C LEU D 334 -76.87 -36.46 15.38
N VAL D 335 -77.15 -37.76 15.19
CA VAL D 335 -76.87 -38.78 16.19
C VAL D 335 -75.95 -39.82 15.57
N GLY D 336 -75.00 -40.31 16.37
CA GLY D 336 -74.06 -41.30 15.88
C GLY D 336 -72.67 -41.19 16.49
N HIS D 337 -72.41 -40.13 17.25
CA HIS D 337 -71.15 -40.02 17.96
C HIS D 337 -71.10 -41.04 19.09
N ASP D 338 -70.00 -41.80 19.16
CA ASP D 338 -69.89 -42.84 20.17
C ASP D 338 -69.76 -42.26 21.57
N ASN D 339 -68.91 -41.26 21.75
CA ASN D 339 -68.63 -40.70 23.07
C ASN D 339 -68.80 -39.18 23.02
N TRP D 340 -68.34 -38.52 24.08
CA TRP D 340 -68.60 -37.10 24.29
C TRP D 340 -68.04 -36.26 23.15
N VAL D 341 -68.85 -35.32 22.67
CA VAL D 341 -68.42 -34.41 21.60
C VAL D 341 -67.64 -33.26 22.24
N ARG D 342 -66.63 -32.77 21.53
CA ARG D 342 -65.78 -31.72 22.05
C ARG D 342 -65.74 -30.45 21.21
N GLY D 343 -65.86 -30.56 19.89
CA GLY D 343 -65.82 -29.39 19.03
C GLY D 343 -66.59 -29.57 17.73
N VAL D 344 -67.33 -28.54 17.33
CA VAL D 344 -68.13 -28.57 16.11
C VAL D 344 -67.90 -27.29 15.34
N LEU D 345 -67.96 -27.39 14.01
CA LEU D 345 -67.88 -26.23 13.14
C LEU D 345 -68.36 -26.65 11.75
N PHE D 346 -68.52 -25.65 10.88
CA PHE D 346 -69.02 -25.88 9.54
C PHE D 346 -67.89 -25.85 8.52
N HIS D 347 -68.05 -26.64 7.46
CA HIS D 347 -67.12 -26.61 6.34
C HIS D 347 -67.12 -25.23 5.71
N SER D 348 -65.94 -24.78 5.27
CA SER D 348 -65.82 -23.45 4.66
C SER D 348 -66.78 -23.27 3.49
N GLY D 349 -67.04 -24.34 2.74
CA GLY D 349 -68.03 -24.29 1.68
C GLY D 349 -69.47 -24.35 2.14
N GLY D 350 -69.69 -24.64 3.43
CA GLY D 350 -71.03 -24.69 3.97
C GLY D 350 -71.90 -25.79 3.40
N LYS D 351 -71.35 -26.99 3.22
CA LYS D 351 -72.09 -28.11 2.66
C LYS D 351 -72.05 -29.36 3.51
N PHE D 352 -70.96 -29.61 4.23
CA PHE D 352 -70.86 -30.76 5.12
C PHE D 352 -70.70 -30.32 6.56
N ILE D 353 -70.79 -31.29 7.46
CA ILE D 353 -70.61 -31.08 8.90
C ILE D 353 -69.36 -31.85 9.31
N LEU D 354 -68.41 -31.16 9.94
CA LEU D 354 -67.14 -31.75 10.33
C LEU D 354 -66.90 -31.45 11.79
N SER D 355 -66.79 -32.50 12.60
CA SER D 355 -66.68 -32.34 14.05
C SER D 355 -65.89 -33.50 14.64
N CYS D 356 -65.33 -33.26 15.82
CA CYS D 356 -64.60 -34.29 16.56
C CYS D 356 -65.32 -34.57 17.88
N ALA D 357 -64.86 -35.63 18.56
CA ALA D 357 -65.48 -36.04 19.80
C ALA D 357 -64.48 -36.87 20.60
N ASP D 358 -64.87 -37.20 21.83
CA ASP D 358 -64.08 -38.08 22.68
C ASP D 358 -64.13 -39.53 22.25
N ASP D 359 -64.73 -39.83 21.10
CA ASP D 359 -64.73 -41.16 20.51
C ASP D 359 -63.42 -41.51 19.83
N LYS D 360 -62.38 -40.70 20.03
CA LYS D 360 -61.04 -40.89 19.47
C LYS D 360 -61.03 -40.81 17.94
N THR D 361 -62.12 -40.39 17.32
CA THR D 361 -62.22 -40.38 15.87
C THR D 361 -62.79 -39.05 15.40
N LEU D 362 -62.43 -38.69 14.17
CA LEU D 362 -62.96 -37.50 13.50
C LEU D 362 -64.03 -37.93 12.51
N ARG D 363 -65.24 -37.38 12.66
CA ARG D 363 -66.39 -37.79 11.87
C ARG D 363 -66.87 -36.59 11.07
N VAL D 364 -66.99 -36.76 9.75
CA VAL D 364 -67.49 -35.74 8.85
C VAL D 364 -68.84 -36.21 8.32
N TRP D 365 -69.85 -35.35 8.45
CA TRP D 365 -71.23 -35.71 8.19
C TRP D 365 -71.86 -34.76 7.18
N ASP D 366 -72.78 -35.30 6.38
CA ASP D 366 -73.61 -34.50 5.50
C ASP D 366 -75.00 -34.33 6.11
N TYR D 367 -75.50 -33.10 6.10
CA TYR D 367 -76.80 -32.79 6.69
C TYR D 367 -77.88 -32.56 5.65
N LYS D 368 -77.53 -32.08 4.46
CA LYS D 368 -78.54 -31.87 3.41
C LYS D 368 -79.13 -33.19 2.93
N ASN D 369 -78.30 -34.22 2.77
CA ASN D 369 -78.76 -35.48 2.22
C ASN D 369 -78.38 -36.70 3.06
N LYS D 370 -77.69 -36.51 4.19
CA LYS D 370 -77.34 -37.61 5.10
C LYS D 370 -76.52 -38.69 4.38
N ARG D 371 -75.66 -38.26 3.46
CA ARG D 371 -74.93 -39.19 2.59
C ARG D 371 -73.54 -39.53 3.12
N CYS D 372 -72.70 -38.51 3.33
CA CYS D 372 -71.29 -38.74 3.66
C CYS D 372 -71.13 -38.94 5.16
N MET D 373 -71.01 -40.19 5.59
CA MET D 373 -70.93 -40.55 7.00
C MET D 373 -69.55 -41.12 7.32
N LYS D 374 -68.51 -40.49 6.78
CA LYS D 374 -67.16 -40.98 6.96
C LYS D 374 -66.72 -40.86 8.42
N THR D 375 -66.17 -41.93 8.96
CA THR D 375 -65.57 -41.94 10.29
C THR D 375 -64.08 -42.13 10.14
N LEU D 376 -63.30 -41.25 10.76
CA LEU D 376 -61.85 -41.21 10.57
C LEU D 376 -61.18 -41.26 11.94
N ASN D 377 -60.42 -42.33 12.19
CA ASN D 377 -59.63 -42.39 13.41
C ASN D 377 -58.50 -41.37 13.33
N ALA D 378 -58.41 -40.54 14.36
CA ALA D 378 -57.44 -39.44 14.38
C ALA D 378 -56.36 -39.60 15.44
N HIS D 379 -56.72 -39.97 16.65
CA HIS D 379 -55.79 -40.02 17.75
C HIS D 379 -55.99 -41.28 18.57
N GLU D 380 -54.91 -41.74 19.21
CA GLU D 380 -54.98 -42.92 20.06
C GLU D 380 -55.69 -42.63 21.38
N HIS D 381 -55.96 -41.37 21.68
CA HIS D 381 -56.57 -41.00 22.95
C HIS D 381 -57.65 -39.97 22.65
N PHE D 382 -58.24 -39.34 23.67
CA PHE D 382 -59.36 -38.44 23.45
C PHE D 382 -58.94 -37.25 22.58
N VAL D 383 -59.83 -36.87 21.65
CA VAL D 383 -59.62 -35.73 20.77
C VAL D 383 -60.30 -34.51 21.36
N THR D 384 -59.59 -33.39 21.42
CA THR D 384 -60.03 -32.24 22.20
C THR D 384 -60.61 -31.12 21.34
N SER D 385 -59.91 -30.68 20.30
CA SER D 385 -60.38 -29.55 19.51
C SER D 385 -59.97 -29.75 18.05
N LEU D 386 -60.46 -28.86 17.20
CA LEU D 386 -60.25 -28.97 15.75
C LEU D 386 -60.55 -27.62 15.11
N ASP D 387 -60.08 -27.46 13.87
CA ASP D 387 -60.32 -26.23 13.13
C ASP D 387 -60.27 -26.52 11.63
N PHE D 388 -60.91 -25.64 10.86
CA PHE D 388 -60.97 -25.75 9.40
C PHE D 388 -60.38 -24.49 8.78
N HIS D 389 -59.44 -24.67 7.87
CA HIS D 389 -58.84 -23.54 7.18
C HIS D 389 -59.84 -22.90 6.22
N LYS D 390 -59.87 -21.57 6.19
CA LYS D 390 -60.86 -20.87 5.38
C LYS D 390 -60.67 -21.12 3.91
N THR D 391 -59.43 -21.13 3.43
CA THR D 391 -59.13 -21.32 2.02
C THR D 391 -58.27 -22.54 1.73
N ALA D 392 -57.24 -22.78 2.54
CA ALA D 392 -56.35 -23.90 2.30
C ALA D 392 -57.07 -25.22 2.59
N PRO D 393 -56.69 -26.29 1.89
CA PRO D 393 -57.30 -27.61 2.15
C PRO D 393 -56.60 -28.35 3.29
N TYR D 394 -56.65 -27.77 4.48
CA TYR D 394 -56.02 -28.33 5.66
C TYR D 394 -56.98 -28.27 6.85
N VAL D 395 -56.97 -29.33 7.65
CA VAL D 395 -57.68 -29.36 8.92
C VAL D 395 -56.72 -29.89 9.98
N VAL D 396 -56.81 -29.33 11.19
CA VAL D 396 -55.93 -29.69 12.29
C VAL D 396 -56.79 -30.06 13.49
N THR D 397 -56.33 -31.06 14.24
CA THR D 397 -57.04 -31.54 15.42
C THR D 397 -56.08 -31.61 16.61
N GLY D 398 -56.56 -31.17 17.77
CA GLY D 398 -55.81 -31.25 19.00
C GLY D 398 -56.40 -32.31 19.90
N SER D 399 -55.52 -33.07 20.56
CA SER D 399 -55.94 -34.20 21.37
C SER D 399 -55.21 -34.18 22.71
N VAL D 400 -55.59 -35.13 23.57
CA VAL D 400 -54.97 -35.26 24.88
C VAL D 400 -53.66 -36.04 24.80
N ASP D 401 -53.42 -36.75 23.70
CA ASP D 401 -52.22 -37.57 23.55
C ASP D 401 -50.97 -36.75 23.25
N GLN D 402 -50.99 -35.46 23.58
CA GLN D 402 -49.82 -34.58 23.55
C GLN D 402 -49.45 -34.18 22.12
N THR D 403 -50.34 -34.45 21.17
CA THR D 403 -50.00 -34.29 19.76
C THR D 403 -51.03 -33.46 19.02
N VAL D 404 -50.55 -32.76 17.99
CA VAL D 404 -51.39 -32.05 17.03
C VAL D 404 -51.16 -32.66 15.66
N LYS D 405 -52.25 -32.99 14.96
CA LYS D 405 -52.18 -33.66 13.68
C LYS D 405 -52.80 -32.81 12.58
N VAL D 406 -52.22 -32.89 11.39
CA VAL D 406 -52.64 -32.13 10.21
C VAL D 406 -53.08 -33.09 9.13
N TRP D 407 -54.29 -32.89 8.61
CA TRP D 407 -54.87 -33.73 7.57
C TRP D 407 -55.01 -32.95 6.27
N GLU D 408 -54.65 -33.59 5.16
CA GLU D 408 -55.00 -33.02 3.86
C GLU D 408 -56.51 -33.06 3.66
N CYS D 409 -57.00 -32.16 2.82
CA CYS D 409 -58.39 -32.16 2.41
C CYS D 409 -58.48 -32.48 0.92
N ARG D 410 -59.37 -33.40 0.57
CA ARG D 410 -59.52 -33.82 -0.82
C ARG D 410 -60.98 -34.07 -1.16
PB ADP E . 7.76 -19.57 -56.79
O1B ADP E . 6.72 -20.54 -57.30
O2B ADP E . 7.18 -18.31 -56.20
O3B ADP E . 8.86 -20.20 -55.96
PA ADP E . 8.08 -17.73 -58.87
O1A ADP E . 6.63 -17.84 -59.30
O2A ADP E . 8.52 -16.58 -58.01
O3A ADP E . 8.51 -19.08 -58.12
O5' ADP E . 9.02 -17.77 -60.18
C5' ADP E . 10.32 -17.18 -60.12
C4' ADP E . 10.71 -16.61 -61.47
O4' ADP E . 10.62 -17.60 -62.49
C3' ADP E . 9.79 -15.47 -61.86
O3' ADP E . 10.50 -14.23 -61.83
C2' ADP E . 9.33 -15.78 -63.28
O2' ADP E . 9.62 -14.67 -64.13
C1' ADP E . 10.13 -17.01 -63.70
N9 ADP E . 9.27 -17.95 -64.44
C8 ADP E . 8.60 -18.99 -63.92
N7 ADP E . 7.90 -19.65 -64.88
C5 ADP E . 8.12 -19.01 -66.04
C6 ADP E . 7.69 -19.18 -67.45
N6 ADP E . 6.86 -20.19 -67.81
N1 ADP E . 8.15 -18.30 -68.36
C2 ADP E . 8.97 -17.29 -68.01
N3 ADP E . 9.41 -17.08 -66.76
C4 ADP E . 9.02 -17.89 -65.75
PG ATP F . 31.16 -7.75 -40.04
O1G ATP F . 30.43 -8.56 -41.06
O2G ATP F . 30.28 -6.74 -39.31
O3G ATP F . 31.91 -8.60 -39.01
PB ATP F . 32.70 -6.33 -42.17
O1B ATP F . 33.08 -7.43 -43.08
O2B ATP F . 31.55 -5.43 -42.65
O3B ATP F . 32.29 -6.87 -40.74
PA ATP F . 34.19 -3.82 -41.69
O1A ATP F . 33.04 -3.13 -41.06
O2A ATP F . 34.57 -3.31 -43.08
O3A ATP F . 33.93 -5.39 -41.82
O5' ATP F . 35.46 -3.75 -40.76
C5' ATP F . 36.76 -4.17 -41.24
C4' ATP F . 37.83 -3.43 -40.47
O4' ATP F . 38.90 -3.08 -41.37
C3' ATP F . 37.38 -2.11 -39.87
O3' ATP F . 38.20 -1.76 -38.76
C2' ATP F . 37.56 -1.14 -41.03
O2' ATP F . 37.83 0.18 -40.58
C1' ATP F . 38.78 -1.72 -41.76
N9 ATP F . 38.68 -1.67 -43.21
C8 ATP F . 37.61 -2.06 -43.98
N7 ATP F . 37.80 -1.90 -45.27
C5 ATP F . 39.08 -1.39 -45.35
C6 ATP F . 39.89 -1.01 -46.45
N6 ATP F . 39.48 -1.09 -47.72
N1 ATP F . 41.12 -0.53 -46.19
C2 ATP F . 41.52 -0.45 -44.92
N3 ATP F . 40.86 -0.78 -43.81
C4 ATP F . 39.64 -1.25 -44.09
PB ADP G . 34.00 -14.48 -10.55
O1B ADP G . 34.94 -13.38 -10.97
O2B ADP G . 32.60 -14.02 -10.23
O3B ADP G . 34.06 -15.71 -11.42
PA ADP G . 34.79 -13.96 -7.90
O1A ADP G . 35.78 -12.91 -8.31
O2A ADP G . 33.43 -13.52 -7.37
O3A ADP G . 34.58 -14.98 -9.13
O5' ADP G . 35.49 -14.89 -6.80
C5' ADP G . 36.89 -14.77 -6.55
C4' ADP G . 37.19 -15.06 -5.09
O4' ADP G . 38.55 -15.48 -4.97
C3' ADP G . 37.01 -13.81 -4.25
O3' ADP G . 36.06 -14.06 -3.21
C2' ADP G . 38.36 -13.52 -3.65
O2' ADP G . 38.24 -13.39 -2.23
C1' ADP G . 39.25 -14.71 -3.99
N9 ADP G . 40.53 -14.25 -4.58
C8 ADP G . 41.02 -14.67 -5.78
N7 ADP G . 42.21 -14.07 -6.04
C5 ADP G . 42.50 -13.26 -5.01
C6 ADP G . 43.61 -12.34 -4.66
N6 ADP G . 44.67 -12.17 -5.48
N1 ADP G . 43.52 -11.67 -3.49
C2 ADP G . 42.47 -11.84 -2.66
N3 ADP G . 41.44 -12.66 -2.91
C4 ADP G . 41.39 -13.38 -4.05
PB ADP H . 9.10 -29.55 2.63
O1B ADP H . 10.35 -29.83 3.42
O2B ADP H . 8.75 -28.10 2.51
O3B ADP H . 8.98 -30.34 1.34
PA ADP H . 7.39 -29.33 4.83
O1A ADP H . 8.58 -28.92 5.66
O2A ADP H . 6.43 -28.28 4.32
O3A ADP H . 7.93 -30.16 3.56
O5' ADP H . 6.56 -30.46 5.62
C5' ADP H . 5.78 -30.10 6.76
C4' ADP H . 5.20 -31.38 7.37
O4' ADP H . 6.22 -32.36 7.49
C3' ADP H . 4.62 -31.12 8.74
O3' ADP H . 3.20 -31.29 8.73
C2' ADP H . 5.26 -32.14 9.66
O2' ADP H . 4.25 -32.97 10.25
C1' ADP H . 6.16 -32.98 8.78
N9 ADP H . 7.53 -33.01 9.35
C8 ADP H . 8.62 -32.47 8.78
N7 ADP H . 9.73 -32.66 9.55
C5 ADP H . 9.34 -33.33 10.65
C6 ADP H . 9.99 -33.85 11.87
N6 ADP H . 11.32 -33.67 12.07
N1 ADP H . 9.22 -34.49 12.77
C2 ADP H . 7.90 -34.67 12.58
N3 ADP H . 7.24 -34.23 11.50
C4 ADP H . 7.88 -33.56 10.52
MG MG I . 5.95 -17.81 -54.69
MG MG J . 30.56 -5.61 -40.95
PB ADP K . 25.38 44.25 33.41
O1B ADP K . 25.12 45.01 34.69
O2B ADP K . 26.48 43.22 33.52
O3B ADP K . 24.14 43.76 32.70
PA ADP K . 27.50 45.88 32.65
O1A ADP K . 27.78 45.80 34.12
O2A ADP K . 28.42 45.18 31.68
O3A ADP K . 25.99 45.36 32.43
O5' ADP K . 27.42 47.44 32.26
C5' ADP K . 27.83 48.41 33.22
C4' ADP K . 28.63 49.52 32.56
O4' ADP K . 29.21 50.32 33.58
C3' ADP K . 29.74 48.94 31.71
O3' ADP K . 29.76 49.56 30.43
C2' ADP K . 31.02 49.27 32.46
O2' ADP K . 32.00 49.77 31.54
C1' ADP K . 30.64 50.32 33.48
N9 ADP K . 31.21 49.94 34.80
C8 ADP K . 30.66 49.08 35.66
N7 ADP K . 31.43 48.94 36.78
C5 ADP K . 32.49 49.75 36.63
C6 ADP K . 33.68 50.09 37.44
N6 ADP K . 33.89 49.53 38.65
N1 ADP K . 34.56 50.98 36.92
C2 ADP K . 34.36 51.55 35.71
N3 ADP K . 33.30 51.28 34.93
C4 ADP K . 32.34 50.41 35.32
PG ATP L . 7.07 54.80 10.72
O1G ATP L . 7.68 54.60 12.06
O2G ATP L . 7.63 53.86 9.64
O3G ATP L . 5.55 54.71 10.72
PB ATP L . 8.59 57.29 10.07
O1B ATP L . 8.70 58.11 11.28
O2B ATP L . 9.83 56.49 9.69
O3B ATP L . 7.38 56.27 10.16
PA ATP L . 8.68 58.33 7.31
O1A ATP L . 9.06 57.03 6.71
O2A ATP L . 9.79 59.38 7.32
O3A ATP L . 8.18 58.15 8.80
O5' ATP L . 7.43 58.94 6.57
C5' ATP L . 6.86 60.19 6.98
C4' ATP L . 6.09 60.79 5.83
O4' ATP L . 6.50 62.17 5.65
C3' ATP L . 6.34 60.13 4.48
O3' ATP L . 5.22 60.30 3.62
C2' ATP L . 7.57 60.89 3.97
O2' ATP L . 7.62 60.89 2.54
C1' ATP L . 7.31 62.30 4.50
N9 ATP L . 8.53 63.01 4.89
C8 ATP L . 9.50 62.58 5.75
N7 ATP L . 10.49 63.41 5.91
C5 ATP L . 10.16 64.48 5.09
C6 ATP L . 10.80 65.70 4.80
N6 ATP L . 11.97 66.06 5.33
N1 ATP L . 10.20 66.53 3.93
C2 ATP L . 9.03 66.17 3.38
N3 ATP L . 8.33 65.05 3.59
C4 ATP L . 8.95 64.24 4.46
PB ADP M . -18.84 40.58 4.69
O1B ADP M . -18.20 41.27 3.51
O2B ADP M . -18.46 39.12 4.84
O3B ADP M . -18.80 41.37 5.97
PA ADP M . -20.88 40.02 2.86
O1A ADP M . -20.58 41.08 1.83
O2A ADP M . -20.40 38.61 2.63
O3A ADP M . -20.40 40.54 4.30
O5' ADP M . -22.49 39.98 3.04
C5' ADP M . -23.30 40.97 2.44
C4' ADP M . -24.71 40.44 2.20
O4' ADP M . -25.65 41.51 2.21
C3' ADP M . -24.78 39.76 0.84
O3' ADP M . -25.12 38.38 1.00
C2' ADP M . -25.86 40.48 0.08
O2' ADP M . -26.84 39.54 -0.38
C1' ADP M . -26.50 41.45 1.07
N9 ADP M . -26.60 42.81 0.49
C8 ADP M . -26.25 43.94 1.13
N7 ADP M . -26.46 45.04 0.34
C5 ADP M . -26.96 44.61 -0.82
C6 ADP M . -27.39 45.23 -2.09
N6 ADP M . -27.33 46.57 -2.26
N1 ADP M . -27.84 44.43 -3.08
C2 ADP M . -27.90 43.10 -2.92
N3 ADP M . -27.53 42.46 -1.80
C4 ADP M . -27.06 43.14 -0.73
PB ADP N . -23.23 12.53 19.09
O1B ADP N . -24.55 13.07 18.58
O2B ADP N . -22.20 12.29 18.02
O3B ADP N . -22.70 13.24 20.31
PA ADP N . -23.97 9.89 18.58
O1A ADP N . -25.09 10.37 17.69
O2A ADP N . -22.70 9.38 17.96
O3A ADP N . -23.61 11.06 19.62
O5' ADP N . -24.57 8.74 19.54
C5' ADP N . -24.91 7.47 19.01
C4' ADP N . -25.78 6.72 19.98
O4' ADP N . -26.84 7.55 20.45
C3' ADP N . -26.42 5.51 19.32
O3' ADP N . -25.89 4.30 19.88
C2' ADP N . -27.90 5.60 19.62
O2' ADP N . -28.33 4.44 20.33
C1' ADP N . -28.07 6.83 20.49
N9 ADP N . -29.15 7.69 19.95
C8 ADP N . -29.00 8.93 19.45
N7 ADP N . -30.18 9.45 19.04
C5 ADP N . -31.13 8.52 19.27
C6 ADP N . -32.59 8.42 19.08
N6 ADP N . -33.29 9.44 18.53
N1 ADP N . -33.20 7.28 19.45
C2 ADP N . -32.51 6.26 20.01
N3 ADP N . -31.18 6.28 20.20
C4 ADP N . -30.45 7.36 19.88
MG MG O . 25.54 41.79 31.86
MG MG P . 9.44 54.29 8.79
#